data_1MX9
#
_entry.id   1MX9
#
_cell.length_a   91.174
_cell.length_b   120.711
_cell.length_c   177.017
_cell.angle_alpha   90.28
_cell.angle_beta   89.32
_cell.angle_gamma   99.22
#
_symmetry.space_group_name_H-M   'P 1'
#
loop_
_entity.id
_entity.type
_entity.pdbx_description
1 polymer 'liver Carboxylesterase I'
2 non-polymer 2-acetamido-2-deoxy-beta-D-glucopyranose
3 non-polymer (5A,17R)-4,5-EPOXY-3,14-DIHYDROXY-17-METHYL-6-OXO-17-(2-PROPENYL)-MORPHINANIUM
4 water water
#
_entity_poly.entity_id   1
_entity_poly.type   'polypeptide(L)'
_entity_poly.pdbx_seq_one_letter_code
;HPSSPPVVDTVHGKVLGKFVSLEGFAQPVAIFLGIPFAKPPLGPLRFTPPQPAEPWSFVKNATSYPPMCTQDPKAGQLLS
ELFTNRKENIPLKLSEDCLYLNIYTPADLTKKNRLPVMVWIHGGGLMVGAASTYDGLALAAHENVVVVTIQYRLGIWGFF
STGDEHSRGNWGHLDQVAALRWVQDNIASFGGNPGSVTIFGESAGGESVSVLVLSPLAKNLFHRAISESGVALTSVLVKK
GDVKPLAEQIAITAGCKTTTSAVMVHCLRQKTEEELLETTLKMKFLSLDLQGDPRESQPLLGTVIDGMLLLKTPEELQAE
RNFHTVPYMVGINKQEFGWLIPMLMSYPLSEGQLDQKTAMSLLWKSYPLVCIAKELIPEATEKYLGGTDDTVKKKDLFLD
LIADVMFGVPSVIVARNHRDAGAPTYMYEFQYRPSFSSDMKPKTVIGDHGDELFSVFGAPFLKEGASEEEIRLSKMVMKF
WANFARNGNPNGEGLPHWPEYNQKEGYLQIGANTQAAQKLKDKEVAFWTNLFAKKAVEKPPQTEHIEL
;
_entity_poly.pdbx_strand_id   A,B,C,D,E,F,G,H,I,J,K,L
#
loop_
_chem_comp.id
_chem_comp.type
_chem_comp.name
_chem_comp.formula
NAG D-saccharide, beta linking 2-acetamido-2-deoxy-beta-D-glucopyranose 'C8 H15 N O6'
NLX non-polymer (5A,17R)-4,5-EPOXY-3,14-DIHYDROXY-17-METHYL-6-OXO-17-(2-PROPENYL)-MORPHINANIUM 'C20 H24 N O4 1'
#
# COMPACT_ATOMS: atom_id res chain seq x y z
N SER A 3 4.43 -30.95 5.02
CA SER A 3 3.81 -29.79 4.29
C SER A 3 2.62 -30.21 3.43
N SER A 4 1.69 -30.95 4.05
CA SER A 4 0.49 -31.44 3.38
C SER A 4 -0.75 -30.73 3.95
N PRO A 5 -1.82 -30.64 3.15
CA PRO A 5 -3.07 -29.99 3.56
C PRO A 5 -3.76 -30.52 4.82
N PRO A 6 -4.36 -29.61 5.61
CA PRO A 6 -5.07 -29.94 6.84
C PRO A 6 -6.44 -30.52 6.57
N VAL A 7 -6.66 -31.74 7.06
CA VAL A 7 -7.91 -32.44 6.91
C VAL A 7 -8.48 -32.63 8.30
N VAL A 8 -9.73 -32.22 8.50
CA VAL A 8 -10.35 -32.37 9.81
C VAL A 8 -11.62 -33.18 9.68
N ASP A 9 -11.91 -34.01 10.68
CA ASP A 9 -13.12 -34.80 10.62
C ASP A 9 -14.21 -34.19 11.48
N THR A 10 -15.29 -33.78 10.82
CA THR A 10 -16.43 -33.18 11.49
C THR A 10 -17.43 -34.32 11.77
N VAL A 11 -18.60 -33.98 12.30
CA VAL A 11 -19.61 -34.98 12.59
C VAL A 11 -20.14 -35.62 11.30
N HIS A 12 -20.34 -34.79 10.27
CA HIS A 12 -20.84 -35.26 8.98
C HIS A 12 -19.79 -35.66 7.96
N GLY A 13 -18.53 -35.80 8.37
CA GLY A 13 -17.50 -36.20 7.42
C GLY A 13 -16.26 -35.34 7.43
N LYS A 14 -15.21 -35.83 6.79
CA LYS A 14 -13.95 -35.10 6.74
C LYS A 14 -14.01 -33.89 5.82
N VAL A 15 -13.27 -32.84 6.18
CA VAL A 15 -13.20 -31.63 5.37
C VAL A 15 -11.72 -31.34 5.12
N LEU A 16 -11.43 -30.72 3.96
CA LEU A 16 -10.05 -30.40 3.56
C LEU A 16 -9.84 -28.93 3.20
N GLY A 17 -9.08 -28.21 4.04
CA GLY A 17 -8.81 -26.81 3.78
C GLY A 17 -7.42 -26.55 3.21
N LYS A 18 -6.83 -25.41 3.57
CA LYS A 18 -5.49 -25.05 3.12
C LYS A 18 -4.77 -24.18 4.13
N PHE A 19 -3.47 -24.43 4.29
CA PHE A 19 -2.66 -23.65 5.22
C PHE A 19 -2.22 -22.37 4.53
N VAL A 20 -2.29 -21.28 5.26
CA VAL A 20 -1.91 -19.98 4.75
C VAL A 20 -1.27 -19.26 5.93
N SER A 21 -0.21 -18.51 5.67
CA SER A 21 0.46 -17.79 6.73
C SER A 21 0.57 -16.30 6.43
N LEU A 22 0.34 -15.51 7.46
CA LEU A 22 0.39 -14.06 7.40
C LEU A 22 1.84 -13.66 7.70
N GLU A 23 2.27 -12.52 7.19
CA GLU A 23 3.64 -12.08 7.44
C GLU A 23 3.91 -11.87 8.94
N GLY A 24 5.14 -12.16 9.36
CA GLY A 24 5.49 -11.96 10.74
C GLY A 24 4.95 -13.01 11.70
N PHE A 25 4.30 -14.04 11.18
CA PHE A 25 3.77 -15.09 12.02
C PHE A 25 4.17 -16.49 11.60
N ALA A 26 4.97 -17.13 12.45
CA ALA A 26 5.49 -18.49 12.20
C ALA A 26 4.40 -19.54 12.13
N GLN A 27 3.45 -19.45 13.06
CA GLN A 27 2.32 -20.37 13.15
C GLN A 27 1.38 -20.04 12.01
N PRO A 28 1.24 -20.93 11.02
CA PRO A 28 0.36 -20.69 9.88
C PRO A 28 -1.11 -20.84 10.28
N VAL A 29 -2.01 -20.34 9.44
CA VAL A 29 -3.44 -20.43 9.72
C VAL A 29 -4.10 -21.47 8.82
N ALA A 30 -4.82 -22.42 9.42
CA ALA A 30 -5.53 -23.44 8.66
C ALA A 30 -6.88 -22.84 8.29
N ILE A 31 -7.18 -22.77 7.00
CA ILE A 31 -8.43 -22.17 6.56
C ILE A 31 -9.39 -23.09 5.81
N PHE A 32 -10.68 -22.97 6.11
CA PHE A 32 -11.69 -23.79 5.43
C PHE A 32 -12.79 -22.92 4.85
N LEU A 33 -13.04 -23.09 3.54
CA LEU A 33 -14.07 -22.32 2.88
C LEU A 33 -15.27 -23.17 2.47
N GLY A 34 -16.47 -22.65 2.75
CA GLY A 34 -17.69 -23.30 2.36
C GLY A 34 -18.07 -24.61 2.98
N ILE A 35 -18.08 -24.70 4.31
CA ILE A 35 -18.51 -25.95 4.91
C ILE A 35 -20.00 -25.74 5.12
N PRO A 36 -20.83 -26.74 4.77
CA PRO A 36 -22.28 -26.64 4.94
C PRO A 36 -22.73 -26.93 6.39
N PHE A 37 -23.50 -26.02 7.00
CA PHE A 37 -23.98 -26.26 8.35
C PHE A 37 -25.45 -26.63 8.36
N ALA A 38 -26.03 -26.79 7.17
CA ALA A 38 -27.43 -27.15 7.05
C ALA A 38 -27.77 -27.66 5.64
N LYS A 39 -28.87 -28.39 5.54
CA LYS A 39 -29.31 -28.90 4.25
C LYS A 39 -29.77 -27.71 3.42
N PRO A 40 -29.30 -27.61 2.17
CA PRO A 40 -29.69 -26.49 1.29
C PRO A 40 -31.19 -26.31 1.33
N PRO A 41 -31.65 -25.07 1.63
CA PRO A 41 -33.07 -24.77 1.72
C PRO A 41 -33.69 -24.54 0.35
N LEU A 42 -33.80 -25.62 -0.41
CA LEU A 42 -34.35 -25.56 -1.76
C LEU A 42 -35.79 -26.09 -1.80
N GLY A 43 -36.53 -25.65 -2.81
CA GLY A 43 -37.92 -26.09 -2.99
C GLY A 43 -38.77 -26.07 -1.74
N PRO A 44 -39.21 -27.25 -1.29
CA PRO A 44 -40.04 -27.34 -0.09
C PRO A 44 -39.38 -26.70 1.13
N LEU A 45 -38.06 -26.64 1.13
CA LEU A 45 -37.37 -26.07 2.28
C LEU A 45 -37.37 -24.53 2.34
N ARG A 46 -37.76 -23.88 1.24
CA ARG A 46 -37.84 -22.42 1.22
C ARG A 46 -38.89 -22.04 2.26
N PHE A 47 -38.66 -20.94 3.00
CA PHE A 47 -39.61 -20.49 4.02
C PHE A 47 -39.84 -21.47 5.16
N THR A 48 -38.83 -22.24 5.52
CA THR A 48 -38.97 -23.19 6.62
C THR A 48 -37.66 -23.31 7.37
N PRO A 49 -37.72 -23.68 8.67
CA PRO A 49 -36.54 -23.85 9.52
C PRO A 49 -35.45 -24.65 8.83
N PRO A 50 -34.19 -24.31 9.08
CA PRO A 50 -33.12 -25.06 8.43
C PRO A 50 -32.97 -26.44 9.05
N GLN A 51 -32.52 -27.41 8.26
CA GLN A 51 -32.33 -28.77 8.78
C GLN A 51 -30.88 -29.21 8.65
N PRO A 52 -30.48 -30.18 9.46
CA PRO A 52 -29.11 -30.71 9.46
C PRO A 52 -28.57 -31.03 8.07
N ALA A 53 -27.30 -30.76 7.86
CA ALA A 53 -26.70 -31.07 6.57
C ALA A 53 -26.60 -32.60 6.48
N GLU A 54 -26.52 -33.10 5.25
CA GLU A 54 -26.41 -34.54 5.00
C GLU A 54 -24.96 -34.96 5.10
N PRO A 55 -24.66 -36.00 5.88
CA PRO A 55 -23.27 -36.43 5.99
C PRO A 55 -22.72 -36.96 4.65
N TRP A 56 -21.41 -36.83 4.46
CA TRP A 56 -20.74 -37.27 3.24
C TRP A 56 -19.73 -38.41 3.47
N SER A 57 -19.52 -39.20 2.44
CA SER A 57 -18.64 -40.37 2.53
C SER A 57 -17.13 -40.24 2.55
N PHE A 58 -16.55 -39.33 1.78
CA PHE A 58 -15.11 -39.22 1.72
C PHE A 58 -14.53 -37.93 2.27
N VAL A 59 -13.83 -37.18 1.42
CA VAL A 59 -13.29 -35.93 1.87
C VAL A 59 -13.81 -34.80 0.99
N LYS A 60 -14.49 -33.87 1.67
CA LYS A 60 -15.08 -32.69 1.07
C LYS A 60 -13.99 -31.65 0.90
N ASN A 61 -14.00 -30.99 -0.25
CA ASN A 61 -13.01 -29.98 -0.54
C ASN A 61 -13.53 -28.63 -0.06
N ALA A 62 -12.96 -28.12 1.01
CA ALA A 62 -13.39 -26.83 1.53
C ALA A 62 -12.36 -25.76 1.20
N THR A 63 -11.90 -25.77 -0.04
CA THR A 63 -10.87 -24.84 -0.49
C THR A 63 -11.37 -23.74 -1.41
N SER A 64 -12.67 -23.75 -1.71
CA SER A 64 -13.24 -22.74 -2.59
C SER A 64 -14.33 -21.95 -1.86
N TYR A 65 -14.50 -20.69 -2.26
CA TYR A 65 -15.49 -19.81 -1.64
C TYR A 65 -16.90 -20.23 -2.00
N PRO A 66 -17.85 -20.16 -1.04
CA PRO A 66 -19.24 -20.52 -1.28
C PRO A 66 -20.07 -19.37 -1.84
N PRO A 67 -21.19 -19.69 -2.50
CA PRO A 67 -22.03 -18.63 -3.05
C PRO A 67 -22.55 -17.79 -1.90
N MET A 68 -23.05 -16.60 -2.23
CA MET A 68 -23.64 -15.73 -1.23
C MET A 68 -25.12 -15.89 -1.54
N CYS A 69 -25.97 -15.80 -0.51
CA CYS A 69 -27.40 -15.96 -0.71
C CYS A 69 -27.96 -14.96 -1.71
N THR A 70 -28.89 -15.43 -2.54
CA THR A 70 -29.50 -14.58 -3.54
C THR A 70 -29.78 -13.22 -2.92
N GLN A 71 -29.38 -12.18 -3.65
CA GLN A 71 -29.58 -10.82 -3.22
C GLN A 71 -29.35 -10.00 -4.47
N ASP A 72 -29.50 -8.69 -4.38
CA ASP A 72 -29.28 -7.83 -5.53
C ASP A 72 -27.82 -7.97 -5.92
N PRO A 73 -27.54 -8.59 -7.07
CA PRO A 73 -26.14 -8.76 -7.49
C PRO A 73 -25.29 -7.49 -7.38
N LYS A 74 -25.69 -6.44 -8.09
CA LYS A 74 -24.97 -5.17 -8.08
C LYS A 74 -24.91 -4.54 -6.68
N ALA A 75 -25.97 -4.67 -5.91
CA ALA A 75 -26.04 -4.10 -4.58
C ALA A 75 -25.15 -4.82 -3.56
N GLY A 76 -24.99 -6.13 -3.73
CA GLY A 76 -24.18 -6.88 -2.81
C GLY A 76 -22.69 -6.73 -3.06
N GLN A 77 -22.31 -6.78 -4.33
CA GLN A 77 -20.92 -6.64 -4.74
C GLN A 77 -20.41 -5.26 -4.31
N LEU A 78 -21.25 -4.25 -4.51
CA LEU A 78 -20.91 -2.89 -4.14
C LEU A 78 -20.61 -2.81 -2.64
N LEU A 79 -21.48 -3.41 -1.84
CA LEU A 79 -21.27 -3.40 -0.41
C LEU A 79 -20.03 -4.22 -0.04
N SER A 80 -19.73 -5.23 -0.84
CA SER A 80 -18.57 -6.09 -0.57
C SER A 80 -17.24 -5.41 -0.86
N GLU A 81 -17.21 -4.49 -1.83
CA GLU A 81 -15.97 -3.80 -2.17
C GLU A 81 -15.65 -2.74 -1.10
N LEU A 82 -16.70 -2.11 -0.58
CA LEU A 82 -16.60 -1.06 0.44
C LEU A 82 -16.30 -1.58 1.85
N PHE A 83 -16.51 -2.87 2.09
CA PHE A 83 -16.29 -3.44 3.41
C PHE A 83 -15.20 -4.51 3.50
N THR A 84 -14.88 -5.12 2.38
CA THR A 84 -13.87 -6.18 2.36
C THR A 84 -12.55 -5.70 2.92
N ASN A 85 -11.90 -6.54 3.71
CA ASN A 85 -10.61 -6.20 4.31
C ASN A 85 -9.51 -6.88 3.52
N ARG A 86 -9.86 -7.40 2.34
CA ARG A 86 -8.91 -8.09 1.47
C ARG A 86 -8.31 -7.09 0.49
N LYS A 87 -7.12 -7.38 -0.02
CA LYS A 87 -6.47 -6.48 -0.97
C LYS A 87 -7.29 -6.34 -2.24
N GLU A 88 -7.86 -7.44 -2.71
CA GLU A 88 -8.67 -7.43 -3.91
C GLU A 88 -9.96 -8.18 -3.63
N ASN A 89 -11.08 -7.49 -3.85
CA ASN A 89 -12.39 -8.08 -3.60
C ASN A 89 -12.61 -9.40 -4.33
N ILE A 90 -13.30 -10.31 -3.66
CA ILE A 90 -13.61 -11.61 -4.24
C ILE A 90 -15.00 -11.52 -4.87
N PRO A 91 -15.10 -11.64 -6.20
CA PRO A 91 -16.41 -11.56 -6.86
C PRO A 91 -17.17 -12.84 -6.53
N LEU A 92 -18.39 -12.73 -6.02
CA LEU A 92 -19.13 -13.93 -5.64
C LEU A 92 -20.32 -14.30 -6.53
N LYS A 93 -20.77 -15.54 -6.40
CA LYS A 93 -21.91 -16.04 -7.16
C LYS A 93 -23.14 -16.17 -6.27
N LEU A 94 -24.32 -15.98 -6.86
CA LEU A 94 -25.60 -16.06 -6.16
C LEU A 94 -26.21 -17.48 -6.15
N SER A 95 -26.80 -17.88 -5.02
CA SER A 95 -27.41 -19.19 -4.94
C SER A 95 -28.27 -19.36 -3.68
N GLU A 96 -29.36 -20.12 -3.81
CA GLU A 96 -30.26 -20.36 -2.68
C GLU A 96 -29.54 -21.35 -1.77
N ASP A 97 -28.63 -22.11 -2.37
CA ASP A 97 -27.80 -23.07 -1.67
C ASP A 97 -26.66 -22.17 -1.20
N CYS A 98 -26.86 -21.51 -0.08
CA CYS A 98 -25.88 -20.57 0.46
C CYS A 98 -25.51 -20.71 1.93
N LEU A 99 -26.13 -21.63 2.65
CA LEU A 99 -25.83 -21.78 4.07
C LEU A 99 -24.51 -22.47 4.39
N TYR A 100 -23.43 -21.71 4.20
CA TYR A 100 -22.11 -22.22 4.48
C TYR A 100 -21.44 -21.38 5.56
N LEU A 101 -20.23 -21.77 5.93
CA LEU A 101 -19.50 -21.01 6.91
C LEU A 101 -18.03 -21.24 6.64
N ASN A 102 -17.24 -20.19 6.80
CA ASN A 102 -15.80 -20.27 6.58
C ASN A 102 -15.12 -20.29 7.93
N ILE A 103 -14.04 -21.07 8.04
CA ILE A 103 -13.34 -21.18 9.30
C ILE A 103 -11.86 -20.82 9.15
N TYR A 104 -11.36 -20.02 10.08
CA TYR A 104 -9.96 -19.62 10.10
C TYR A 104 -9.44 -19.90 11.51
N THR A 105 -8.59 -20.92 11.66
CA THR A 105 -8.04 -21.25 12.98
C THR A 105 -6.52 -21.35 13.03
N PRO A 106 -5.89 -20.57 13.92
CA PRO A 106 -4.43 -20.57 14.08
C PRO A 106 -3.97 -21.71 15.01
N ALA A 107 -4.93 -22.49 15.48
CA ALA A 107 -4.65 -23.60 16.37
C ALA A 107 -3.84 -24.69 15.66
N ASP A 108 -2.91 -25.30 16.39
CA ASP A 108 -2.09 -26.36 15.86
C ASP A 108 -2.96 -27.61 15.90
N LEU A 109 -3.58 -27.93 14.78
CA LEU A 109 -4.48 -29.07 14.66
C LEU A 109 -3.94 -30.40 15.19
N THR A 110 -2.62 -30.58 15.18
CA THR A 110 -2.02 -31.83 15.65
C THR A 110 -2.22 -32.01 17.14
N LYS A 111 -1.93 -30.96 17.90
CA LYS A 111 -2.07 -30.97 19.35
C LYS A 111 -3.50 -30.55 19.67
N LYS A 112 -4.03 -31.04 20.79
CA LYS A 112 -5.40 -30.71 21.19
C LYS A 112 -5.52 -29.28 21.74
N ASN A 113 -5.99 -28.36 20.89
CA ASN A 113 -6.18 -26.96 21.27
C ASN A 113 -7.64 -26.67 21.64
N ARG A 114 -7.85 -25.53 22.31
CA ARG A 114 -9.18 -25.10 22.71
C ARG A 114 -9.11 -23.60 22.86
N LEU A 115 -9.05 -22.92 21.72
CA LEU A 115 -8.95 -21.47 21.70
C LEU A 115 -10.34 -20.84 21.69
N PRO A 116 -10.40 -19.52 21.92
CA PRO A 116 -11.70 -18.85 21.92
C PRO A 116 -12.22 -18.80 20.49
N VAL A 117 -13.54 -18.83 20.32
CA VAL A 117 -14.11 -18.78 18.98
C VAL A 117 -14.91 -17.51 18.73
N MET A 118 -14.51 -16.74 17.73
CA MET A 118 -15.26 -15.53 17.42
C MET A 118 -16.05 -15.81 16.15
N VAL A 119 -17.37 -15.80 16.27
CA VAL A 119 -18.25 -16.05 15.14
C VAL A 119 -18.85 -14.73 14.65
N TRP A 120 -18.51 -14.37 13.42
CA TRP A 120 -18.98 -13.15 12.77
C TRP A 120 -20.38 -13.32 12.16
N ILE A 121 -21.05 -12.20 11.91
CA ILE A 121 -22.38 -12.20 11.31
C ILE A 121 -22.42 -10.91 10.51
N HIS A 122 -22.19 -11.04 9.20
CA HIS A 122 -22.14 -9.90 8.31
C HIS A 122 -23.37 -9.01 8.34
N GLY A 123 -23.17 -7.76 7.95
CA GLY A 123 -24.27 -6.82 7.92
C GLY A 123 -24.76 -6.69 6.50
N GLY A 124 -25.60 -5.69 6.25
CA GLY A 124 -26.14 -5.50 4.91
C GLY A 124 -27.65 -5.43 4.88
N GLY A 125 -28.23 -4.87 5.94
CA GLY A 125 -29.68 -4.73 6.01
C GLY A 125 -30.49 -6.00 5.86
N LEU A 126 -29.89 -7.15 6.15
CA LEU A 126 -30.59 -8.42 6.04
C LEU A 126 -31.09 -8.61 4.63
N MET A 127 -30.51 -7.84 3.70
CA MET A 127 -30.88 -7.89 2.29
C MET A 127 -29.73 -8.23 1.36
N VAL A 128 -28.52 -7.93 1.81
CA VAL A 128 -27.33 -8.21 1.02
C VAL A 128 -26.22 -8.72 1.92
N GLY A 129 -25.02 -8.89 1.37
CA GLY A 129 -23.93 -9.34 2.20
C GLY A 129 -23.60 -10.81 2.02
N ALA A 130 -22.34 -11.14 2.29
CA ALA A 130 -21.83 -12.48 2.17
C ALA A 130 -20.77 -12.62 3.25
N ALA A 131 -20.44 -13.85 3.61
CA ALA A 131 -19.45 -14.07 4.66
C ALA A 131 -18.06 -13.97 4.09
N SER A 132 -17.90 -14.40 2.84
CA SER A 132 -16.60 -14.39 2.20
C SER A 132 -15.96 -13.02 2.04
N THR A 133 -16.70 -11.97 2.36
CA THR A 133 -16.18 -10.60 2.26
C THR A 133 -15.19 -10.25 3.38
N TYR A 134 -15.48 -10.74 4.58
CA TYR A 134 -14.65 -10.47 5.73
C TYR A 134 -13.65 -11.60 5.95
N ASP A 135 -12.46 -11.47 5.36
CA ASP A 135 -11.41 -12.47 5.51
C ASP A 135 -10.98 -12.48 6.96
N GLY A 136 -10.92 -13.66 7.57
CA GLY A 136 -10.57 -13.77 8.98
C GLY A 136 -9.13 -14.08 9.36
N LEU A 137 -8.26 -14.23 8.36
CA LEU A 137 -6.86 -14.54 8.61
C LEU A 137 -6.19 -13.62 9.65
N ALA A 138 -5.91 -12.38 9.25
CA ALA A 138 -5.29 -11.40 10.13
C ALA A 138 -5.69 -11.51 11.60
N LEU A 139 -6.97 -11.37 11.89
CA LEU A 139 -7.43 -11.42 13.27
C LEU A 139 -7.08 -12.71 14.01
N ALA A 140 -7.16 -13.84 13.32
CA ALA A 140 -6.86 -15.12 13.96
C ALA A 140 -5.39 -15.18 14.30
N ALA A 141 -4.58 -14.93 13.27
CA ALA A 141 -3.15 -14.92 13.38
C ALA A 141 -2.69 -13.99 14.49
N HIS A 142 -3.19 -12.76 14.47
CA HIS A 142 -2.81 -11.74 15.45
C HIS A 142 -3.31 -11.90 16.86
N GLU A 143 -4.36 -12.68 17.07
CA GLU A 143 -4.86 -12.82 18.43
C GLU A 143 -5.06 -14.25 18.89
N ASN A 144 -4.65 -15.19 18.04
CA ASN A 144 -4.76 -16.61 18.34
C ASN A 144 -6.19 -16.92 18.73
N VAL A 145 -7.10 -16.69 17.80
CA VAL A 145 -8.51 -16.95 18.03
C VAL A 145 -9.11 -17.58 16.79
N VAL A 146 -9.97 -18.58 17.00
CA VAL A 146 -10.59 -19.23 15.87
C VAL A 146 -11.68 -18.28 15.39
N VAL A 147 -11.60 -17.87 14.13
CA VAL A 147 -12.59 -16.95 13.57
C VAL A 147 -13.46 -17.69 12.59
N VAL A 148 -14.77 -17.63 12.83
CA VAL A 148 -15.74 -18.27 11.96
C VAL A 148 -16.64 -17.20 11.37
N THR A 149 -16.80 -17.23 10.06
CA THR A 149 -17.68 -16.29 9.40
C THR A 149 -18.81 -17.14 8.81
N ILE A 150 -20.05 -16.75 9.09
CA ILE A 150 -21.22 -17.52 8.63
C ILE A 150 -22.19 -16.78 7.71
N GLN A 151 -22.91 -17.54 6.90
CA GLN A 151 -23.89 -16.95 6.01
C GLN A 151 -25.27 -17.29 6.52
N TYR A 152 -26.28 -16.62 5.99
CA TYR A 152 -27.65 -16.88 6.41
C TYR A 152 -28.62 -16.36 5.39
N ARG A 153 -29.73 -17.06 5.21
CA ARG A 153 -30.73 -16.64 4.24
C ARG A 153 -31.07 -15.15 4.41
N LEU A 154 -31.08 -14.43 3.29
CA LEU A 154 -31.37 -13.00 3.26
C LEU A 154 -32.64 -12.69 2.48
N GLY A 155 -33.06 -11.42 2.54
CA GLY A 155 -34.23 -10.95 1.83
C GLY A 155 -35.48 -11.79 2.01
N ILE A 156 -36.20 -12.02 0.91
CA ILE A 156 -37.42 -12.82 0.96
C ILE A 156 -37.10 -14.22 1.46
N TRP A 157 -36.13 -14.86 0.81
CA TRP A 157 -35.71 -16.21 1.20
C TRP A 157 -35.55 -16.36 2.71
N GLY A 158 -34.92 -15.41 3.37
CA GLY A 158 -34.73 -15.55 4.79
C GLY A 158 -35.63 -14.77 5.72
N PHE A 159 -36.56 -13.97 5.17
CA PHE A 159 -37.41 -13.17 6.03
C PHE A 159 -38.90 -13.03 5.72
N PHE A 160 -39.39 -13.67 4.67
CA PHE A 160 -40.81 -13.60 4.34
C PHE A 160 -41.69 -14.12 5.49
N SER A 161 -42.79 -13.43 5.75
CA SER A 161 -43.70 -13.78 6.84
C SER A 161 -45.17 -13.53 6.49
N THR A 162 -46.05 -14.41 6.92
CA THR A 162 -47.47 -14.22 6.66
C THR A 162 -48.11 -13.83 7.97
N GLY A 163 -47.26 -13.74 8.99
CA GLY A 163 -47.73 -13.36 10.33
C GLY A 163 -48.47 -14.41 11.11
N ASP A 164 -48.41 -15.65 10.65
CA ASP A 164 -49.07 -16.77 11.31
C ASP A 164 -48.23 -18.01 11.05
N GLU A 165 -48.71 -19.18 11.45
CA GLU A 165 -47.93 -20.40 11.28
C GLU A 165 -47.44 -20.72 9.88
N HIS A 166 -48.27 -20.47 8.87
CA HIS A 166 -47.89 -20.80 7.50
C HIS A 166 -46.55 -20.27 7.00
N SER A 167 -45.97 -19.33 7.72
CA SER A 167 -44.68 -18.73 7.38
C SER A 167 -44.35 -17.70 8.45
N ARG A 168 -44.05 -18.18 9.64
CA ARG A 168 -43.74 -17.28 10.74
C ARG A 168 -42.73 -16.26 10.28
N GLY A 169 -41.50 -16.70 10.02
CA GLY A 169 -40.47 -15.79 9.57
C GLY A 169 -39.13 -16.03 10.25
N ASN A 170 -38.30 -15.00 10.27
CA ASN A 170 -36.97 -15.08 10.89
C ASN A 170 -36.07 -16.18 10.33
N TRP A 171 -36.46 -16.79 9.23
CA TRP A 171 -35.66 -17.86 8.64
C TRP A 171 -34.18 -17.60 8.82
N GLY A 172 -33.71 -16.45 8.35
CA GLY A 172 -32.30 -16.09 8.46
C GLY A 172 -31.79 -16.19 9.88
N HIS A 173 -32.55 -15.65 10.82
CA HIS A 173 -32.12 -15.71 12.22
C HIS A 173 -31.97 -17.18 12.68
N LEU A 174 -32.81 -18.07 12.17
CA LEU A 174 -32.73 -19.49 12.52
C LEU A 174 -31.49 -20.13 11.90
N ASP A 175 -31.12 -19.70 10.70
CA ASP A 175 -29.92 -20.21 10.06
C ASP A 175 -28.78 -19.81 10.98
N GLN A 176 -28.83 -18.58 11.47
CA GLN A 176 -27.81 -18.06 12.37
C GLN A 176 -27.71 -18.94 13.59
N VAL A 177 -28.85 -19.31 14.16
CA VAL A 177 -28.84 -20.21 15.31
C VAL A 177 -28.22 -21.53 14.85
N ALA A 178 -28.77 -22.08 13.78
CA ALA A 178 -28.29 -23.35 13.23
C ALA A 178 -26.77 -23.37 13.15
N ALA A 179 -26.20 -22.25 12.69
CA ALA A 179 -24.74 -22.11 12.56
C ALA A 179 -24.04 -22.16 13.91
N LEU A 180 -24.61 -21.47 14.89
CA LEU A 180 -24.03 -21.48 16.23
C LEU A 180 -24.11 -22.90 16.77
N ARG A 181 -25.23 -23.56 16.54
CA ARG A 181 -25.38 -24.93 16.97
C ARG A 181 -24.25 -25.76 16.36
N TRP A 182 -23.98 -25.57 15.07
CA TRP A 182 -22.92 -26.32 14.38
C TRP A 182 -21.57 -26.18 15.09
N VAL A 183 -21.17 -24.93 15.34
CA VAL A 183 -19.90 -24.63 16.02
C VAL A 183 -19.76 -25.42 17.30
N GLN A 184 -20.85 -25.48 18.06
CA GLN A 184 -20.87 -26.21 19.32
C GLN A 184 -20.46 -27.65 19.14
N ASP A 185 -21.04 -28.30 18.13
CA ASP A 185 -20.77 -29.71 17.90
C ASP A 185 -19.57 -30.06 17.05
N ASN A 186 -18.96 -29.08 16.39
CA ASN A 186 -17.83 -29.39 15.52
C ASN A 186 -16.57 -28.57 15.74
N ILE A 187 -16.69 -27.41 16.37
CA ILE A 187 -15.54 -26.54 16.54
C ILE A 187 -14.29 -27.14 17.17
N ALA A 188 -14.45 -28.03 18.14
CA ALA A 188 -13.27 -28.63 18.79
C ALA A 188 -12.36 -29.25 17.74
N SER A 189 -12.94 -29.87 16.72
CA SER A 189 -12.16 -30.46 15.64
C SER A 189 -11.26 -29.44 14.96
N PHE A 190 -11.58 -28.16 15.08
CA PHE A 190 -10.79 -27.10 14.47
C PHE A 190 -9.94 -26.34 15.46
N GLY A 191 -9.82 -26.88 16.67
CA GLY A 191 -9.02 -26.23 17.69
C GLY A 191 -9.72 -25.20 18.54
N GLY A 192 -11.03 -25.05 18.38
CA GLY A 192 -11.75 -24.08 19.18
C GLY A 192 -12.30 -24.70 20.44
N ASN A 193 -12.76 -23.85 21.36
CA ASN A 193 -13.34 -24.30 22.60
C ASN A 193 -14.81 -23.89 22.59
N PRO A 194 -15.73 -24.88 22.46
CA PRO A 194 -17.17 -24.58 22.44
C PRO A 194 -17.72 -24.01 23.74
N GLY A 195 -16.84 -23.70 24.67
CA GLY A 195 -17.27 -23.12 25.93
C GLY A 195 -16.98 -21.63 25.94
N SER A 196 -16.40 -21.15 24.85
CA SER A 196 -16.06 -19.75 24.71
C SER A 196 -16.38 -19.23 23.30
N VAL A 197 -17.66 -19.08 23.02
CA VAL A 197 -18.07 -18.59 21.72
C VAL A 197 -18.58 -17.16 21.83
N THR A 198 -17.97 -16.27 21.05
CA THR A 198 -18.36 -14.88 21.05
C THR A 198 -18.98 -14.52 19.71
N ILE A 199 -20.23 -14.12 19.72
CA ILE A 199 -20.85 -13.70 18.47
C ILE A 199 -20.72 -12.19 18.40
N PHE A 200 -20.46 -11.68 17.20
CA PHE A 200 -20.31 -10.26 16.99
C PHE A 200 -20.63 -9.97 15.54
N GLY A 201 -21.24 -8.81 15.30
CA GLY A 201 -21.61 -8.42 13.95
C GLY A 201 -21.82 -6.93 13.87
N GLU A 202 -21.78 -6.40 12.65
CA GLU A 202 -21.95 -4.97 12.42
C GLU A 202 -23.24 -4.64 11.66
N SER A 203 -24.06 -3.80 12.26
CA SER A 203 -25.33 -3.34 11.68
C SER A 203 -26.44 -4.39 11.71
N ALA A 204 -26.81 -4.91 10.54
CA ALA A 204 -27.83 -5.94 10.48
C ALA A 204 -27.20 -7.10 11.25
N GLY A 205 -25.89 -7.28 11.06
CA GLY A 205 -25.19 -8.32 11.77
C GLY A 205 -25.29 -8.03 13.24
N GLY A 206 -25.18 -6.75 13.59
CA GLY A 206 -25.24 -6.32 14.97
C GLY A 206 -26.62 -6.49 15.61
N GLU A 207 -27.66 -6.18 14.84
CA GLU A 207 -29.03 -6.29 15.33
C GLU A 207 -29.34 -7.76 15.56
N SER A 208 -28.75 -8.62 14.72
CA SER A 208 -28.93 -10.06 14.79
C SER A 208 -28.34 -10.59 16.09
N VAL A 209 -27.22 -10.01 16.50
CA VAL A 209 -26.56 -10.41 17.74
C VAL A 209 -27.41 -10.01 18.95
N SER A 210 -28.00 -8.82 18.90
CA SER A 210 -28.83 -8.33 19.99
C SER A 210 -30.13 -9.14 20.04
N VAL A 211 -30.53 -9.69 18.90
CA VAL A 211 -31.73 -10.52 18.83
C VAL A 211 -31.43 -11.84 19.50
N LEU A 212 -30.41 -12.52 19.02
CA LEU A 212 -30.04 -13.80 19.58
C LEU A 212 -29.89 -13.66 21.09
N VAL A 213 -29.30 -12.56 21.54
CA VAL A 213 -29.12 -12.34 22.98
C VAL A 213 -30.48 -12.34 23.64
N LEU A 214 -31.48 -11.96 22.88
CA LEU A 214 -32.83 -11.91 23.38
C LEU A 214 -33.60 -13.20 23.13
N SER A 215 -33.03 -14.09 22.32
CA SER A 215 -33.70 -15.34 21.96
C SER A 215 -33.41 -16.55 22.84
N PRO A 216 -34.45 -17.36 23.12
CA PRO A 216 -34.34 -18.57 23.94
C PRO A 216 -33.64 -19.67 23.13
N LEU A 217 -33.93 -19.73 21.83
CA LEU A 217 -33.34 -20.73 20.94
C LEU A 217 -31.84 -20.54 20.80
N ALA A 218 -31.30 -19.47 21.38
CA ALA A 218 -29.87 -19.22 21.29
C ALA A 218 -29.20 -19.56 22.62
N LYS A 219 -30.02 -19.84 23.62
CA LYS A 219 -29.58 -20.20 24.95
C LYS A 219 -28.47 -21.22 24.88
N ASN A 220 -27.43 -21.01 25.67
CA ASN A 220 -26.27 -21.90 25.74
C ASN A 220 -25.49 -22.09 24.44
N LEU A 221 -25.67 -21.19 23.47
CA LEU A 221 -24.98 -21.33 22.20
C LEU A 221 -23.82 -20.35 22.00
N PHE A 222 -23.84 -19.22 22.71
CA PHE A 222 -22.77 -18.24 22.62
C PHE A 222 -22.47 -17.82 24.04
N HIS A 223 -21.35 -17.14 24.25
CA HIS A 223 -20.99 -16.74 25.61
C HIS A 223 -20.71 -15.24 25.75
N ARG A 224 -20.07 -14.64 24.75
CA ARG A 224 -19.79 -13.21 24.78
C ARG A 224 -20.53 -12.67 23.57
N ALA A 225 -20.89 -11.39 23.62
CA ALA A 225 -21.61 -10.77 22.51
C ALA A 225 -21.15 -9.35 22.19
N ILE A 226 -20.98 -9.07 20.90
CA ILE A 226 -20.58 -7.74 20.46
C ILE A 226 -21.46 -7.20 19.32
N SER A 227 -22.20 -6.14 19.60
CA SER A 227 -23.05 -5.50 18.60
C SER A 227 -22.45 -4.20 18.07
N GLU A 228 -21.83 -4.27 16.90
CA GLU A 228 -21.20 -3.12 16.27
C GLU A 228 -22.13 -2.30 15.37
N SER A 229 -22.70 -1.24 15.94
CA SER A 229 -23.57 -0.35 15.17
C SER A 229 -24.83 -1.00 14.62
N GLY A 230 -25.66 -1.52 15.52
CA GLY A 230 -26.91 -2.15 15.13
C GLY A 230 -27.40 -2.94 16.33
N VAL A 231 -28.66 -2.75 16.74
CA VAL A 231 -29.21 -3.48 17.87
C VAL A 231 -30.68 -3.82 17.67
N ALA A 232 -31.19 -4.68 18.56
CA ALA A 232 -32.57 -5.15 18.55
C ALA A 232 -33.61 -4.03 18.60
N LEU A 233 -33.13 -2.80 18.72
CA LEU A 233 -34.02 -1.64 18.80
C LEU A 233 -33.82 -0.69 17.62
N THR A 234 -33.04 -1.13 16.64
CA THR A 234 -32.82 -0.30 15.47
C THR A 234 -34.13 -0.33 14.70
N SER A 235 -35.00 0.60 15.07
CA SER A 235 -36.30 0.79 14.49
C SER A 235 -36.59 0.16 13.11
N VAL A 236 -35.65 0.26 12.17
CA VAL A 236 -35.87 -0.25 10.81
C VAL A 236 -35.71 -1.75 10.50
N LEU A 237 -35.03 -2.51 11.35
CA LEU A 237 -34.84 -3.94 11.08
C LEU A 237 -35.88 -4.83 11.75
N VAL A 238 -36.49 -4.35 12.83
CA VAL A 238 -37.51 -5.11 13.55
C VAL A 238 -38.88 -4.56 13.17
N LYS A 239 -39.69 -5.41 12.55
CA LYS A 239 -41.01 -4.99 12.11
C LYS A 239 -42.12 -5.39 13.10
N LYS A 240 -42.63 -4.41 13.84
CA LYS A 240 -43.71 -4.65 14.78
C LYS A 240 -45.01 -4.22 14.10
N GLY A 241 -46.14 -4.76 14.54
CA GLY A 241 -47.41 -4.42 13.95
C GLY A 241 -47.88 -5.50 12.98
N ASP A 242 -48.92 -5.23 12.21
CA ASP A 242 -49.42 -6.20 11.26
C ASP A 242 -48.51 -6.25 10.05
N VAL A 243 -48.03 -7.45 9.74
CA VAL A 243 -47.11 -7.70 8.64
C VAL A 243 -47.82 -8.17 7.37
N LYS A 244 -49.03 -8.70 7.56
CA LYS A 244 -49.84 -9.21 6.47
C LYS A 244 -49.81 -8.32 5.23
N PRO A 245 -49.93 -7.00 5.40
CA PRO A 245 -49.91 -6.09 4.25
C PRO A 245 -48.67 -6.19 3.38
N LEU A 246 -47.51 -6.32 4.02
CA LEU A 246 -46.27 -6.42 3.28
C LEU A 246 -46.23 -7.73 2.49
N ALA A 247 -46.48 -8.84 3.18
CA ALA A 247 -46.49 -10.15 2.55
C ALA A 247 -47.32 -10.09 1.26
N GLU A 248 -48.53 -9.58 1.37
CA GLU A 248 -49.42 -9.46 0.21
C GLU A 248 -48.87 -8.58 -0.90
N GLN A 249 -48.23 -7.47 -0.54
CA GLN A 249 -47.69 -6.59 -1.56
C GLN A 249 -46.65 -7.39 -2.34
N ILE A 250 -45.88 -8.20 -1.60
CA ILE A 250 -44.85 -9.04 -2.18
C ILE A 250 -45.44 -10.20 -2.94
N ALA A 251 -46.43 -10.87 -2.36
CA ALA A 251 -47.07 -11.99 -3.04
C ALA A 251 -47.49 -11.46 -4.40
N ILE A 252 -48.33 -10.44 -4.34
CA ILE A 252 -48.90 -9.75 -5.48
C ILE A 252 -47.89 -9.34 -6.55
N THR A 253 -46.70 -8.95 -6.14
CA THR A 253 -45.69 -8.55 -7.11
C THR A 253 -45.17 -9.78 -7.87
N ALA A 254 -44.98 -10.88 -7.15
CA ALA A 254 -44.48 -12.11 -7.74
C ALA A 254 -45.58 -12.77 -8.56
N GLY A 255 -46.75 -12.15 -8.56
CA GLY A 255 -47.89 -12.68 -9.29
C GLY A 255 -48.42 -13.90 -8.59
N CYS A 256 -48.98 -13.68 -7.40
CA CYS A 256 -49.56 -14.72 -6.56
C CYS A 256 -50.87 -14.23 -5.97
N LYS A 257 -51.77 -15.14 -5.64
CA LYS A 257 -53.03 -14.74 -5.03
C LYS A 257 -52.75 -14.44 -3.57
N THR A 258 -53.75 -13.92 -2.87
CA THR A 258 -53.61 -13.60 -1.45
C THR A 258 -54.76 -14.25 -0.70
N THR A 259 -55.46 -15.15 -1.38
CA THR A 259 -56.61 -15.86 -0.83
C THR A 259 -56.46 -16.18 0.66
N THR A 260 -55.38 -16.87 1.02
CA THR A 260 -55.08 -17.22 2.41
C THR A 260 -53.57 -17.14 2.56
N SER A 261 -53.07 -17.30 3.78
CA SER A 261 -51.62 -17.27 4.01
C SER A 261 -51.05 -18.49 3.34
N ALA A 262 -51.75 -19.61 3.56
CA ALA A 262 -51.37 -20.89 3.01
C ALA A 262 -51.12 -20.78 1.51
N VAL A 263 -52.08 -20.19 0.81
CA VAL A 263 -51.96 -20.01 -0.63
C VAL A 263 -50.75 -19.17 -1.02
N MET A 264 -50.64 -17.95 -0.46
CA MET A 264 -49.50 -17.10 -0.79
C MET A 264 -48.17 -17.85 -0.69
N VAL A 265 -47.95 -18.49 0.47
CA VAL A 265 -46.74 -19.25 0.73
C VAL A 265 -46.45 -20.33 -0.31
N HIS A 266 -47.46 -21.15 -0.59
CA HIS A 266 -47.34 -22.21 -1.56
C HIS A 266 -47.01 -21.63 -2.93
N CYS A 267 -47.72 -20.57 -3.31
CA CYS A 267 -47.48 -19.93 -4.59
C CYS A 267 -46.02 -19.52 -4.72
N LEU A 268 -45.55 -18.75 -3.75
CA LEU A 268 -44.17 -18.28 -3.74
C LEU A 268 -43.14 -19.41 -3.74
N ARG A 269 -43.51 -20.57 -3.16
CA ARG A 269 -42.56 -21.69 -3.11
C ARG A 269 -42.30 -22.31 -4.45
N GLN A 270 -43.18 -22.06 -5.42
CA GLN A 270 -42.99 -22.59 -6.77
C GLN A 270 -42.28 -21.61 -7.71
N LYS A 271 -42.12 -20.37 -7.26
CA LYS A 271 -41.44 -19.37 -8.05
C LYS A 271 -39.97 -19.77 -8.11
N THR A 272 -39.33 -19.54 -9.24
CA THR A 272 -37.91 -19.88 -9.41
C THR A 272 -37.05 -18.88 -8.66
N GLU A 273 -35.77 -19.18 -8.48
CA GLU A 273 -34.89 -18.26 -7.76
C GLU A 273 -34.92 -16.93 -8.50
N GLU A 274 -34.77 -17.01 -9.82
CA GLU A 274 -34.77 -15.84 -10.68
C GLU A 274 -36.00 -14.97 -10.45
N GLU A 275 -37.17 -15.60 -10.46
CA GLU A 275 -38.44 -14.90 -10.27
C GLU A 275 -38.46 -14.07 -8.99
N LEU A 276 -38.08 -14.69 -7.87
CA LEU A 276 -38.08 -13.97 -6.61
C LEU A 276 -37.09 -12.82 -6.67
N LEU A 277 -35.97 -13.04 -7.36
CA LEU A 277 -34.95 -12.02 -7.53
C LEU A 277 -35.51 -10.82 -8.29
N GLU A 278 -36.36 -11.08 -9.27
CA GLU A 278 -36.97 -10.01 -10.07
C GLU A 278 -38.00 -9.27 -9.22
N THR A 279 -38.60 -10.01 -8.29
CA THR A 279 -39.59 -9.42 -7.40
C THR A 279 -38.85 -8.53 -6.41
N THR A 280 -37.67 -8.97 -5.99
CA THR A 280 -36.88 -8.18 -5.05
C THR A 280 -36.52 -6.85 -5.70
N LEU A 281 -36.06 -6.91 -6.95
CA LEU A 281 -35.69 -5.69 -7.68
C LEU A 281 -36.89 -4.78 -7.78
N LYS A 282 -38.02 -5.32 -8.26
CA LYS A 282 -39.23 -4.53 -8.40
C LYS A 282 -39.63 -3.83 -7.10
N MET A 283 -39.56 -4.54 -5.98
CA MET A 283 -39.91 -3.92 -4.71
C MET A 283 -38.98 -2.73 -4.48
N LYS A 284 -37.85 -2.75 -5.18
CA LYS A 284 -36.83 -1.71 -5.09
C LYS A 284 -36.46 -1.44 -3.63
N PHE A 285 -36.04 -2.49 -2.91
CA PHE A 285 -35.65 -2.42 -1.50
C PHE A 285 -34.38 -1.65 -1.22
N LEU A 286 -34.18 -1.35 0.05
CA LEU A 286 -32.99 -0.66 0.51
C LEU A 286 -32.69 0.64 -0.20
N SER A 287 -33.75 1.31 -0.65
CA SER A 287 -33.64 2.60 -1.33
C SER A 287 -34.79 3.44 -0.78
N LEU A 288 -34.56 4.72 -0.54
CA LEU A 288 -35.59 5.60 0.00
C LEU A 288 -36.66 6.02 -1.01
N ASP A 289 -37.90 5.62 -0.72
CA ASP A 289 -39.06 5.92 -1.56
C ASP A 289 -39.46 7.39 -1.35
N LEU A 290 -39.26 8.20 -2.37
CA LEU A 290 -39.59 9.63 -2.30
C LEU A 290 -40.97 9.92 -2.84
N GLN A 291 -41.65 8.88 -3.30
CA GLN A 291 -42.99 9.05 -3.86
C GLN A 291 -43.99 8.28 -3.01
N GLY A 292 -45.26 8.69 -3.07
CA GLY A 292 -46.29 8.01 -2.28
C GLY A 292 -46.29 8.42 -0.82
N ASP A 293 -46.79 7.55 0.04
CA ASP A 293 -46.85 7.83 1.47
C ASP A 293 -45.70 7.12 2.18
N PRO A 294 -44.84 7.88 2.88
CA PRO A 294 -43.67 7.40 3.62
C PRO A 294 -43.99 6.26 4.60
N ARG A 295 -45.19 6.29 5.16
CA ARG A 295 -45.62 5.26 6.09
C ARG A 295 -45.89 3.93 5.40
N GLU A 296 -46.30 3.97 4.15
CA GLU A 296 -46.59 2.74 3.43
C GLU A 296 -45.29 2.16 2.88
N SER A 297 -44.27 3.01 2.79
CA SER A 297 -42.96 2.59 2.29
C SER A 297 -42.42 1.43 3.12
N GLN A 298 -41.77 0.48 2.46
CA GLN A 298 -41.20 -0.66 3.16
C GLN A 298 -39.83 -0.98 2.54
N PRO A 299 -38.77 -0.35 3.06
CA PRO A 299 -37.38 -0.47 2.60
C PRO A 299 -36.73 -1.85 2.69
N LEU A 300 -37.23 -2.72 3.56
CA LEU A 300 -36.65 -4.04 3.71
C LEU A 300 -37.45 -4.96 4.64
N LEU A 301 -37.45 -6.26 4.33
CA LEU A 301 -38.14 -7.21 5.18
C LEU A 301 -37.17 -7.41 6.33
N GLY A 302 -37.70 -7.59 7.54
CA GLY A 302 -36.83 -7.76 8.68
C GLY A 302 -37.40 -8.67 9.74
N THR A 303 -36.71 -8.70 10.87
CA THR A 303 -37.07 -9.51 12.04
C THR A 303 -38.53 -9.28 12.41
N VAL A 304 -39.17 -10.30 12.98
CA VAL A 304 -40.56 -10.18 13.41
C VAL A 304 -40.76 -11.00 14.67
N ILE A 305 -41.80 -10.68 15.42
CA ILE A 305 -42.07 -11.44 16.62
C ILE A 305 -42.87 -12.65 16.13
N ASP A 306 -42.18 -13.78 15.99
CA ASP A 306 -42.79 -15.01 15.48
C ASP A 306 -43.35 -15.94 16.55
N GLY A 307 -42.76 -15.93 17.75
CA GLY A 307 -43.23 -16.81 18.80
C GLY A 307 -42.33 -18.03 18.95
N MET A 308 -41.24 -18.05 18.19
CA MET A 308 -40.28 -19.14 18.23
C MET A 308 -38.92 -18.55 18.58
N LEU A 309 -38.49 -17.55 17.81
CA LEU A 309 -37.23 -16.88 18.05
C LEU A 309 -37.48 -15.77 19.07
N LEU A 310 -38.48 -14.93 18.76
CA LEU A 310 -38.88 -13.81 19.61
C LEU A 310 -40.33 -13.96 20.07
N LEU A 311 -40.52 -14.12 21.38
CA LEU A 311 -41.85 -14.30 21.97
C LEU A 311 -42.59 -13.02 22.30
N LYS A 312 -41.88 -11.90 22.36
CA LYS A 312 -42.47 -10.60 22.65
C LYS A 312 -41.60 -9.56 21.95
N THR A 313 -42.02 -8.30 21.94
CA THR A 313 -41.23 -7.27 21.27
C THR A 313 -39.92 -7.05 22.02
N PRO A 314 -38.84 -6.75 21.27
CA PRO A 314 -37.54 -6.52 21.88
C PRO A 314 -37.69 -5.65 23.11
N GLU A 315 -38.51 -4.62 22.96
CA GLU A 315 -38.79 -3.67 24.03
C GLU A 315 -39.34 -4.34 25.29
N GLU A 316 -40.25 -5.29 25.11
CA GLU A 316 -40.87 -6.02 26.21
C GLU A 316 -39.90 -6.99 26.85
N LEU A 317 -39.18 -7.72 26.01
CA LEU A 317 -38.22 -8.70 26.52
C LEU A 317 -37.14 -8.09 27.40
N GLN A 318 -36.51 -7.03 26.92
CA GLN A 318 -35.46 -6.38 27.70
C GLN A 318 -36.13 -5.58 28.81
N ALA A 319 -37.44 -5.36 28.68
CA ALA A 319 -38.18 -4.62 29.67
C ALA A 319 -38.22 -5.46 30.94
N GLU A 320 -38.39 -6.77 30.75
CA GLU A 320 -38.41 -7.72 31.84
C GLU A 320 -37.00 -8.30 31.81
N ARG A 321 -36.72 -9.32 32.61
CA ARG A 321 -35.38 -9.90 32.60
C ARG A 321 -35.34 -11.12 31.69
N ASN A 322 -36.03 -11.05 30.56
CA ASN A 322 -36.08 -12.18 29.62
C ASN A 322 -35.01 -12.19 28.51
N PHE A 323 -33.75 -12.10 28.94
CA PHE A 323 -32.60 -12.16 28.05
C PHE A 323 -31.47 -12.74 28.87
N HIS A 324 -30.36 -13.07 28.21
CA HIS A 324 -29.26 -13.70 28.92
C HIS A 324 -28.14 -12.78 29.39
N THR A 325 -27.80 -12.93 30.67
CA THR A 325 -26.78 -12.12 31.32
C THR A 325 -25.37 -12.54 30.97
N VAL A 326 -24.98 -12.32 29.72
CA VAL A 326 -23.63 -12.65 29.28
C VAL A 326 -22.91 -11.37 28.91
N PRO A 327 -21.57 -11.35 29.05
CA PRO A 327 -20.82 -10.14 28.70
C PRO A 327 -21.25 -9.67 27.31
N TYR A 328 -21.69 -8.42 27.22
CA TYR A 328 -22.17 -7.85 25.96
C TYR A 328 -21.49 -6.50 25.68
N MET A 329 -20.89 -6.38 24.51
CA MET A 329 -20.21 -5.16 24.13
C MET A 329 -20.98 -4.41 23.03
N VAL A 330 -21.65 -3.32 23.39
CA VAL A 330 -22.40 -2.54 22.41
C VAL A 330 -21.59 -1.31 22.02
N GLY A 331 -21.62 -0.93 20.74
CA GLY A 331 -20.86 0.23 20.29
C GLY A 331 -21.39 0.93 19.06
N ILE A 332 -20.96 2.16 18.83
CA ILE A 332 -21.41 2.94 17.68
C ILE A 332 -20.31 3.81 17.09
N ASN A 333 -20.54 4.27 15.86
CA ASN A 333 -19.59 5.13 15.16
C ASN A 333 -20.00 6.60 15.22
N LYS A 334 -19.00 7.48 15.12
CA LYS A 334 -19.19 8.93 15.19
C LYS A 334 -20.21 9.51 14.23
N GLN A 335 -20.22 9.01 13.00
CA GLN A 335 -21.15 9.48 11.98
C GLN A 335 -21.79 8.31 11.26
N GLU A 336 -22.67 7.59 11.95
CA GLU A 336 -23.35 6.45 11.34
C GLU A 336 -24.00 6.87 10.03
N PHE A 337 -24.68 8.01 10.04
CA PHE A 337 -25.34 8.47 8.84
C PHE A 337 -24.46 9.39 8.01
N GLY A 338 -23.15 9.23 8.16
CA GLY A 338 -22.20 10.05 7.42
C GLY A 338 -22.31 10.02 5.92
N TRP A 339 -21.69 9.01 5.30
CA TRP A 339 -21.68 8.89 3.84
C TRP A 339 -22.26 7.60 3.29
N LEU A 340 -21.86 6.48 3.87
CA LEU A 340 -22.28 5.16 3.40
C LEU A 340 -23.77 4.94 3.19
N ILE A 341 -24.48 4.76 4.29
CA ILE A 341 -25.91 4.51 4.24
C ILE A 341 -26.68 5.43 3.29
N PRO A 342 -26.56 6.75 3.47
CA PRO A 342 -27.28 7.70 2.61
C PRO A 342 -26.95 7.50 1.15
N MET A 343 -25.66 7.37 0.86
CA MET A 343 -25.17 7.16 -0.50
C MET A 343 -25.86 5.95 -1.11
N LEU A 344 -25.94 4.91 -0.29
CA LEU A 344 -26.52 3.63 -0.68
C LEU A 344 -28.03 3.50 -0.59
N MET A 345 -28.72 4.58 -0.27
CA MET A 345 -30.16 4.55 -0.19
C MET A 345 -30.73 5.59 -1.15
N SER A 346 -29.84 6.19 -1.93
CA SER A 346 -30.19 7.20 -2.92
C SER A 346 -30.68 8.50 -2.32
N TYR A 347 -30.18 8.85 -1.14
CA TYR A 347 -30.61 10.09 -0.50
C TYR A 347 -30.40 11.34 -1.36
N PRO A 348 -31.38 12.24 -1.38
CA PRO A 348 -31.27 13.47 -2.17
C PRO A 348 -30.57 14.56 -1.37
N LEU A 349 -29.34 14.90 -1.73
CA LEU A 349 -28.62 15.94 -1.01
C LEU A 349 -27.62 16.68 -1.90
N SER A 350 -27.88 16.68 -3.19
CA SER A 350 -27.01 17.34 -4.15
C SER A 350 -26.47 18.67 -3.65
N GLU A 351 -27.36 19.54 -3.17
CA GLU A 351 -26.94 20.85 -2.69
C GLU A 351 -26.06 20.76 -1.45
N GLY A 352 -26.15 19.65 -0.74
CA GLY A 352 -25.33 19.48 0.46
C GLY A 352 -25.63 20.45 1.58
N GLN A 353 -26.70 21.22 1.43
CA GLN A 353 -27.08 22.17 2.46
C GLN A 353 -28.60 22.21 2.53
N LEU A 354 -29.14 22.22 3.75
CA LEU A 354 -30.58 22.22 3.94
C LEU A 354 -31.08 23.32 4.88
N ASP A 355 -32.25 23.85 4.55
CA ASP A 355 -32.90 24.88 5.33
C ASP A 355 -34.08 24.25 6.06
N GLN A 356 -34.26 24.61 7.33
CA GLN A 356 -35.33 24.10 8.16
C GLN A 356 -36.46 23.41 7.41
N LYS A 357 -37.07 24.14 6.47
CA LYS A 357 -38.17 23.60 5.69
C LYS A 357 -37.83 22.26 5.05
N THR A 358 -36.97 22.29 4.04
CA THR A 358 -36.56 21.09 3.34
C THR A 358 -36.11 20.01 4.34
N ALA A 359 -35.68 20.44 5.52
CA ALA A 359 -35.21 19.53 6.56
C ALA A 359 -36.34 18.67 7.14
N MET A 360 -37.42 19.32 7.57
CA MET A 360 -38.55 18.60 8.14
C MET A 360 -39.20 17.75 7.06
N SER A 361 -39.13 18.25 5.83
CA SER A 361 -39.67 17.56 4.67
C SER A 361 -39.02 16.19 4.52
N LEU A 362 -37.72 16.19 4.28
CA LEU A 362 -37.00 14.94 4.11
C LEU A 362 -37.10 14.04 5.33
N LEU A 363 -37.08 14.62 6.53
CA LEU A 363 -37.18 13.78 7.72
C LEU A 363 -38.48 12.97 7.69
N TRP A 364 -39.47 13.46 6.95
CA TRP A 364 -40.75 12.80 6.82
C TRP A 364 -40.63 11.62 5.87
N LYS A 365 -40.05 11.86 4.70
CA LYS A 365 -39.87 10.80 3.71
C LYS A 365 -39.07 9.68 4.34
N SER A 366 -38.38 10.02 5.43
CA SER A 366 -37.54 9.08 6.15
C SER A 366 -38.28 8.37 7.28
N TYR A 367 -39.59 8.25 7.15
CA TYR A 367 -40.36 7.60 8.19
C TYR A 367 -39.91 6.17 8.47
N PRO A 368 -39.66 5.38 7.41
CA PRO A 368 -39.23 3.98 7.58
C PRO A 368 -37.88 3.81 8.29
N LEU A 369 -37.05 4.85 8.25
CA LEU A 369 -35.74 4.79 8.88
C LEU A 369 -35.69 5.40 10.27
N VAL A 370 -36.64 6.27 10.60
CA VAL A 370 -36.65 6.92 11.92
C VAL A 370 -37.96 6.84 12.70
N CYS A 371 -39.07 6.55 12.03
CA CYS A 371 -40.37 6.43 12.68
C CYS A 371 -40.75 7.63 13.54
N ILE A 372 -40.86 8.79 12.90
CA ILE A 372 -41.25 9.99 13.62
C ILE A 372 -42.51 10.52 12.96
N ALA A 373 -43.57 10.63 13.75
CA ALA A 373 -44.86 11.13 13.26
C ALA A 373 -44.69 12.49 12.61
N LYS A 374 -45.63 12.86 11.76
CA LYS A 374 -45.53 14.13 11.06
C LYS A 374 -45.57 15.32 12.03
N GLU A 375 -46.33 15.21 13.12
CA GLU A 375 -46.42 16.30 14.08
C GLU A 375 -45.16 16.46 14.92
N LEU A 376 -44.45 15.36 15.15
CA LEU A 376 -43.23 15.43 15.93
C LEU A 376 -42.07 16.00 15.12
N ILE A 377 -42.12 15.79 13.81
CA ILE A 377 -41.09 16.25 12.88
C ILE A 377 -40.63 17.69 13.10
N PRO A 378 -41.57 18.63 13.25
CA PRO A 378 -41.18 20.02 13.45
C PRO A 378 -40.34 20.23 14.73
N GLU A 379 -40.88 19.77 15.83
CA GLU A 379 -40.22 19.89 17.13
C GLU A 379 -38.84 19.25 17.19
N ALA A 380 -38.70 18.11 16.53
CA ALA A 380 -37.43 17.39 16.53
C ALA A 380 -36.41 18.12 15.66
N THR A 381 -36.87 18.57 14.48
CA THR A 381 -36.03 19.29 13.54
C THR A 381 -35.41 20.54 14.14
N GLU A 382 -36.14 21.16 15.07
CA GLU A 382 -35.67 22.37 15.71
C GLU A 382 -34.69 22.03 16.84
N LYS A 383 -34.95 20.92 17.52
CA LYS A 383 -34.08 20.48 18.60
C LYS A 383 -32.74 20.07 18.02
N TYR A 384 -32.60 20.18 16.70
CA TYR A 384 -31.35 19.82 16.05
C TYR A 384 -30.80 20.86 15.10
N LEU A 385 -31.67 21.45 14.27
CA LEU A 385 -31.23 22.43 13.29
C LEU A 385 -31.47 23.89 13.65
N GLY A 386 -31.87 24.15 14.90
CA GLY A 386 -32.11 25.52 15.31
C GLY A 386 -30.88 26.31 15.73
N GLY A 387 -30.20 25.83 16.76
CA GLY A 387 -29.01 26.48 17.27
C GLY A 387 -28.29 27.40 16.31
N THR A 388 -27.94 26.89 15.14
CA THR A 388 -27.25 27.70 14.15
C THR A 388 -28.14 27.97 12.94
N ASP A 389 -27.79 29.01 12.20
CA ASP A 389 -28.55 29.37 11.02
C ASP A 389 -27.66 29.16 9.81
N ASP A 390 -26.75 28.19 9.91
CA ASP A 390 -25.83 27.88 8.82
C ASP A 390 -26.42 26.79 7.94
N THR A 391 -26.52 27.08 6.65
CA THR A 391 -27.09 26.16 5.67
C THR A 391 -26.49 24.75 5.65
N VAL A 392 -25.16 24.64 5.67
CA VAL A 392 -24.51 23.34 5.64
C VAL A 392 -24.40 22.68 7.02
N LYS A 393 -24.35 23.50 8.07
CA LYS A 393 -24.27 22.96 9.44
C LYS A 393 -25.58 22.27 9.78
N LYS A 394 -26.65 22.66 9.12
CA LYS A 394 -27.93 22.03 9.37
C LYS A 394 -27.89 20.66 8.71
N LYS A 395 -27.34 20.60 7.51
CA LYS A 395 -27.23 19.33 6.80
C LYS A 395 -26.44 18.36 7.67
N ASP A 396 -25.31 18.83 8.21
CA ASP A 396 -24.47 18.00 9.08
C ASP A 396 -25.26 17.58 10.31
N LEU A 397 -25.76 18.58 11.04
CA LEU A 397 -26.53 18.34 12.23
C LEU A 397 -27.80 17.54 11.93
N PHE A 398 -28.17 17.48 10.65
CA PHE A 398 -29.36 16.74 10.24
C PHE A 398 -29.10 15.25 10.13
N LEU A 399 -27.87 14.90 9.80
CA LEU A 399 -27.49 13.50 9.69
C LEU A 399 -27.36 12.96 11.11
N ASP A 400 -26.83 13.77 12.02
CA ASP A 400 -26.68 13.37 13.42
C ASP A 400 -28.04 12.88 13.91
N LEU A 401 -29.05 13.68 13.61
CA LEU A 401 -30.43 13.39 13.96
C LEU A 401 -30.75 11.92 13.63
N ILE A 402 -30.71 11.58 12.35
CA ILE A 402 -30.98 10.22 11.89
C ILE A 402 -30.11 9.21 12.63
N ALA A 403 -28.82 9.49 12.72
CA ALA A 403 -27.90 8.57 13.37
C ALA A 403 -28.27 8.29 14.81
N ASP A 404 -28.55 9.35 15.57
CA ASP A 404 -28.91 9.17 16.97
C ASP A 404 -30.16 8.33 17.08
N VAL A 405 -31.13 8.61 16.22
CA VAL A 405 -32.38 7.87 16.25
C VAL A 405 -32.17 6.41 15.84
N MET A 406 -31.47 6.21 14.73
CA MET A 406 -31.24 4.85 14.24
C MET A 406 -30.33 4.00 15.11
N PHE A 407 -29.13 4.47 15.39
CA PHE A 407 -28.21 3.68 16.18
C PHE A 407 -27.87 4.22 17.56
N GLY A 408 -27.51 5.51 17.62
CA GLY A 408 -27.12 6.14 18.88
C GLY A 408 -27.96 5.83 20.11
N VAL A 409 -29.21 6.28 20.08
CA VAL A 409 -30.14 6.10 21.18
C VAL A 409 -30.37 4.60 21.44
N PRO A 410 -30.82 3.85 20.41
CA PRO A 410 -31.07 2.41 20.57
C PRO A 410 -29.96 1.72 21.34
N SER A 411 -28.73 1.92 20.89
CA SER A 411 -27.56 1.31 21.50
C SER A 411 -27.47 1.58 22.99
N VAL A 412 -27.57 2.85 23.38
CA VAL A 412 -27.48 3.19 24.79
C VAL A 412 -28.56 2.47 25.59
N ILE A 413 -29.80 2.51 25.10
CA ILE A 413 -30.91 1.84 25.79
C ILE A 413 -30.69 0.34 25.90
N VAL A 414 -30.28 -0.29 24.81
CA VAL A 414 -30.01 -1.73 24.83
C VAL A 414 -28.92 -1.99 25.85
N ALA A 415 -27.94 -1.08 25.89
CA ALA A 415 -26.81 -1.18 26.82
C ALA A 415 -27.19 -0.91 28.27
N ARG A 416 -27.95 0.15 28.50
CA ARG A 416 -28.35 0.47 29.85
C ARG A 416 -29.10 -0.70 30.44
N ASN A 417 -30.06 -1.22 29.69
CA ASN A 417 -30.85 -2.34 30.18
C ASN A 417 -29.98 -3.53 30.57
N HIS A 418 -29.17 -4.01 29.63
CA HIS A 418 -28.29 -5.14 29.91
C HIS A 418 -27.60 -4.85 31.22
N ARG A 419 -27.08 -3.64 31.34
CA ARG A 419 -26.39 -3.21 32.54
C ARG A 419 -27.30 -3.40 33.75
N ASP A 420 -28.52 -2.88 33.64
CA ASP A 420 -29.52 -2.96 34.70
C ASP A 420 -30.00 -4.38 34.94
N ALA A 421 -29.47 -5.32 34.15
CA ALA A 421 -29.84 -6.72 34.26
C ALA A 421 -28.81 -7.48 35.07
N GLY A 422 -27.72 -6.80 35.39
CA GLY A 422 -26.66 -7.42 36.17
C GLY A 422 -25.54 -7.99 35.33
N ALA A 423 -25.73 -8.02 34.02
CA ALA A 423 -24.71 -8.57 33.13
C ALA A 423 -23.65 -7.51 32.82
N PRO A 424 -22.40 -7.94 32.64
CA PRO A 424 -21.29 -7.04 32.34
C PRO A 424 -21.49 -6.38 30.98
N THR A 425 -21.44 -5.06 30.95
CA THR A 425 -21.63 -4.34 29.70
C THR A 425 -20.45 -3.41 29.41
N TYR A 426 -20.20 -3.17 28.13
CA TYR A 426 -19.11 -2.31 27.67
C TYR A 426 -19.51 -1.50 26.44
N MET A 427 -19.29 -0.19 26.45
CA MET A 427 -19.64 0.59 25.27
C MET A 427 -18.48 1.27 24.62
N TYR A 428 -18.66 1.72 23.39
CA TYR A 428 -17.61 2.45 22.68
C TYR A 428 -18.14 3.31 21.55
N GLU A 429 -17.33 4.27 21.13
CA GLU A 429 -17.69 5.13 20.02
C GLU A 429 -16.50 5.29 19.09
N PHE A 430 -16.59 4.69 17.92
CA PHE A 430 -15.51 4.73 16.95
C PHE A 430 -15.48 6.05 16.19
N GLN A 431 -14.36 6.74 16.30
CA GLN A 431 -14.18 7.99 15.63
C GLN A 431 -12.82 7.89 14.97
N TYR A 432 -12.82 7.74 13.64
CA TYR A 432 -11.59 7.62 12.89
C TYR A 432 -11.94 7.44 11.42
N ARG A 433 -11.15 8.02 10.54
CA ARG A 433 -11.39 7.87 9.12
C ARG A 433 -10.28 6.99 8.56
N PRO A 434 -10.65 5.78 8.10
CA PRO A 434 -9.68 4.84 7.54
C PRO A 434 -9.16 5.27 6.18
N SER A 435 -7.94 4.83 5.87
CA SER A 435 -7.32 5.14 4.61
C SER A 435 -7.99 4.40 3.47
N PHE A 436 -8.57 3.23 3.78
CA PHE A 436 -9.25 2.39 2.79
C PHE A 436 -10.66 2.84 2.42
N SER A 437 -11.03 4.04 2.85
CA SER A 437 -12.37 4.58 2.56
C SER A 437 -12.59 4.76 1.07
N SER A 438 -13.86 4.71 0.67
CA SER A 438 -14.21 4.90 -0.72
C SER A 438 -13.64 6.22 -1.21
N ASP A 439 -13.10 6.24 -2.42
CA ASP A 439 -12.55 7.47 -2.96
C ASP A 439 -13.63 8.54 -3.13
N MET A 440 -14.83 8.10 -3.47
CA MET A 440 -15.95 9.02 -3.67
C MET A 440 -16.39 9.61 -2.32
N LYS A 441 -15.66 9.27 -1.25
CA LYS A 441 -16.00 9.76 0.08
C LYS A 441 -15.20 11.01 0.47
N PRO A 442 -15.90 12.05 0.96
CA PRO A 442 -15.24 13.29 1.35
C PRO A 442 -14.32 13.14 2.56
N LYS A 443 -13.15 13.77 2.50
CA LYS A 443 -12.18 13.69 3.59
C LYS A 443 -12.83 14.14 4.89
N THR A 444 -13.96 14.81 4.75
CA THR A 444 -14.69 15.35 5.89
C THR A 444 -15.46 14.32 6.71
N VAL A 445 -15.69 13.14 6.15
CA VAL A 445 -16.45 12.13 6.88
C VAL A 445 -15.58 11.27 7.76
N ILE A 446 -15.77 11.41 9.06
CA ILE A 446 -14.99 10.64 10.01
C ILE A 446 -15.88 9.75 10.85
N GLY A 447 -15.51 8.48 10.96
CA GLY A 447 -16.30 7.56 11.75
C GLY A 447 -17.62 7.18 11.11
N ASP A 448 -17.63 7.10 9.78
CA ASP A 448 -18.82 6.73 9.03
C ASP A 448 -19.14 5.28 9.36
N HIS A 449 -20.33 4.83 8.96
CA HIS A 449 -20.77 3.48 9.21
C HIS A 449 -19.72 2.44 8.78
N GLY A 450 -19.51 1.44 9.62
CA GLY A 450 -18.56 0.38 9.33
C GLY A 450 -17.12 0.79 9.14
N ASP A 451 -16.76 2.02 9.52
CA ASP A 451 -15.37 2.46 9.38
C ASP A 451 -14.53 1.71 10.39
N GLU A 452 -15.20 1.11 11.38
CA GLU A 452 -14.49 0.36 12.40
C GLU A 452 -14.18 -1.06 11.96
N LEU A 453 -14.82 -1.51 10.88
CA LEU A 453 -14.61 -2.86 10.39
C LEU A 453 -13.19 -3.10 9.95
N PHE A 454 -12.54 -2.07 9.43
CA PHE A 454 -11.16 -2.20 8.97
C PHE A 454 -10.17 -2.43 10.11
N SER A 455 -10.55 -2.05 11.33
CA SER A 455 -9.69 -2.30 12.46
C SER A 455 -10.04 -3.69 12.95
N VAL A 456 -11.27 -3.86 13.37
CA VAL A 456 -11.73 -5.15 13.87
C VAL A 456 -11.16 -6.35 13.09
N PHE A 457 -11.12 -6.26 11.77
CA PHE A 457 -10.60 -7.37 11.00
C PHE A 457 -9.14 -7.24 10.54
N GLY A 458 -8.47 -6.21 11.03
CA GLY A 458 -7.07 -6.00 10.68
C GLY A 458 -6.75 -5.88 9.21
N ALA A 459 -7.43 -4.99 8.52
CA ALA A 459 -7.20 -4.79 7.09
C ALA A 459 -5.80 -4.22 6.86
N PRO A 460 -5.29 -3.40 7.79
CA PRO A 460 -3.96 -2.81 7.64
C PRO A 460 -2.85 -3.84 7.48
N PHE A 461 -3.19 -5.11 7.60
CA PHE A 461 -2.20 -6.17 7.49
C PHE A 461 -2.32 -6.99 6.21
N LEU A 462 -3.41 -6.73 5.47
CA LEU A 462 -3.68 -7.42 4.22
C LEU A 462 -3.65 -6.39 3.10
N LYS A 463 -4.34 -5.28 3.32
CA LYS A 463 -4.39 -4.22 2.32
C LYS A 463 -3.14 -3.37 2.42
N GLU A 464 -2.70 -2.81 1.30
CA GLU A 464 -1.49 -2.01 1.28
C GLU A 464 -1.68 -0.52 1.45
N GLY A 465 -0.61 0.16 1.83
CA GLY A 465 -0.65 1.60 2.01
C GLY A 465 -1.32 2.10 3.28
N ALA A 466 -0.78 1.72 4.44
CA ALA A 466 -1.36 2.17 5.71
C ALA A 466 -0.28 2.76 6.59
N SER A 467 -0.64 3.80 7.33
CA SER A 467 0.28 4.49 8.23
C SER A 467 0.52 3.75 9.53
N GLU A 468 1.48 4.22 10.29
CA GLU A 468 1.82 3.62 11.57
C GLU A 468 0.65 3.78 12.52
N GLU A 469 -0.13 4.83 12.27
CA GLU A 469 -1.29 5.14 13.10
C GLU A 469 -2.33 4.06 12.98
N GLU A 470 -2.87 3.94 11.76
CA GLU A 470 -3.89 2.94 11.43
C GLU A 470 -3.45 1.56 11.94
N ILE A 471 -2.30 1.10 11.45
CA ILE A 471 -1.75 -0.20 11.85
C ILE A 471 -1.81 -0.39 13.36
N ARG A 472 -1.52 0.67 14.11
CA ARG A 472 -1.53 0.58 15.57
C ARG A 472 -2.96 0.49 16.09
N LEU A 473 -3.88 1.15 15.39
CA LEU A 473 -5.28 1.15 15.79
C LEU A 473 -5.90 -0.22 15.57
N SER A 474 -5.69 -0.80 14.40
CA SER A 474 -6.23 -2.13 14.17
C SER A 474 -5.71 -3.04 15.28
N LYS A 475 -4.40 -3.00 15.49
CA LYS A 475 -3.74 -3.80 16.52
C LYS A 475 -4.38 -3.63 17.89
N MET A 476 -4.80 -2.41 18.20
CA MET A 476 -5.42 -2.16 19.50
C MET A 476 -6.84 -2.70 19.53
N VAL A 477 -7.61 -2.42 18.48
CA VAL A 477 -8.98 -2.89 18.39
C VAL A 477 -9.02 -4.41 18.49
N MET A 478 -8.32 -5.08 17.56
CA MET A 478 -8.30 -6.55 17.56
C MET A 478 -7.96 -7.09 18.94
N LYS A 479 -7.01 -6.45 19.61
CA LYS A 479 -6.59 -6.85 20.95
C LYS A 479 -7.75 -6.65 21.94
N PHE A 480 -8.49 -5.58 21.76
CA PHE A 480 -9.61 -5.32 22.65
C PHE A 480 -10.69 -6.39 22.41
N TRP A 481 -11.04 -6.60 21.15
CA TRP A 481 -12.06 -7.59 20.80
C TRP A 481 -11.69 -8.97 21.30
N ALA A 482 -10.51 -9.45 20.92
CA ALA A 482 -10.05 -10.77 21.34
C ALA A 482 -10.05 -10.94 22.85
N ASN A 483 -9.55 -9.94 23.57
CA ASN A 483 -9.53 -10.03 25.03
C ASN A 483 -10.96 -10.20 25.48
N PHE A 484 -11.84 -9.41 24.90
CA PHE A 484 -13.25 -9.50 25.27
C PHE A 484 -13.73 -10.93 25.07
N ALA A 485 -13.42 -11.50 23.91
CA ALA A 485 -13.82 -12.86 23.55
C ALA A 485 -13.16 -13.92 24.43
N ARG A 486 -12.19 -13.52 25.24
CA ARG A 486 -11.49 -14.44 26.12
C ARG A 486 -11.90 -14.35 27.59
N ASN A 487 -12.11 -13.14 28.08
CA ASN A 487 -12.48 -12.97 29.48
C ASN A 487 -13.82 -12.27 29.63
N GLY A 488 -14.39 -11.83 28.52
CA GLY A 488 -15.66 -11.13 28.58
C GLY A 488 -15.37 -9.73 29.08
N ASN A 489 -14.08 -9.39 29.13
CA ASN A 489 -13.59 -8.08 29.57
C ASN A 489 -12.46 -7.68 28.60
N PRO A 490 -12.67 -6.62 27.82
CA PRO A 490 -11.70 -6.14 26.83
C PRO A 490 -10.35 -5.69 27.38
N ASN A 491 -10.33 -5.28 28.64
CA ASN A 491 -9.11 -4.78 29.29
C ASN A 491 -7.94 -5.78 29.36
N GLY A 492 -6.76 -5.34 28.92
CA GLY A 492 -5.60 -6.19 28.93
C GLY A 492 -4.29 -5.44 29.09
N GLU A 493 -3.19 -6.19 29.11
CA GLU A 493 -1.88 -5.59 29.29
C GLU A 493 -1.41 -4.75 28.11
N GLY A 494 -1.12 -3.49 28.38
CA GLY A 494 -0.66 -2.60 27.33
C GLY A 494 -1.80 -2.08 26.46
N LEU A 495 -2.86 -1.62 27.12
CA LEU A 495 -4.04 -1.11 26.42
C LEU A 495 -4.74 -0.08 27.30
N PRO A 496 -5.29 1.00 26.68
CA PRO A 496 -5.99 2.02 27.46
C PRO A 496 -6.98 1.32 28.36
N HIS A 497 -7.35 1.96 29.45
CA HIS A 497 -8.30 1.36 30.36
C HIS A 497 -9.70 1.53 29.82
N TRP A 498 -10.43 0.43 29.71
CA TRP A 498 -11.80 0.51 29.20
C TRP A 498 -12.73 0.35 30.40
N PRO A 499 -13.39 1.43 30.80
CA PRO A 499 -14.29 1.35 31.95
C PRO A 499 -15.54 0.55 31.61
N GLU A 500 -16.06 -0.17 32.60
CA GLU A 500 -17.27 -0.94 32.37
C GLU A 500 -18.45 0.02 32.31
N TYR A 501 -19.41 -0.28 31.43
CA TYR A 501 -20.57 0.58 31.31
C TYR A 501 -21.52 0.32 32.47
N ASN A 502 -21.18 0.88 33.64
CA ASN A 502 -22.03 0.72 34.81
C ASN A 502 -22.77 2.03 35.07
N GLN A 503 -23.22 2.25 36.30
CA GLN A 503 -23.97 3.46 36.62
C GLN A 503 -23.29 4.77 36.23
N LYS A 504 -21.97 4.80 36.23
CA LYS A 504 -21.26 6.01 35.87
C LYS A 504 -21.24 6.19 34.34
N GLU A 505 -21.75 5.19 33.64
CA GLU A 505 -21.82 5.19 32.19
C GLU A 505 -20.50 5.50 31.46
N GLY A 506 -19.45 4.79 31.86
CA GLY A 506 -18.16 4.97 31.23
C GLY A 506 -18.08 4.12 29.98
N TYR A 507 -17.44 4.65 28.93
CA TYR A 507 -17.30 3.95 27.67
C TYR A 507 -15.98 4.38 27.03
N LEU A 508 -15.60 3.71 25.95
CA LEU A 508 -14.36 4.03 25.29
C LEU A 508 -14.52 4.74 23.94
N GLN A 509 -13.87 5.87 23.79
CA GLN A 509 -13.91 6.60 22.52
C GLN A 509 -12.69 6.09 21.80
N ILE A 510 -12.91 5.24 20.81
CA ILE A 510 -11.81 4.69 20.05
C ILE A 510 -11.47 5.60 18.88
N GLY A 511 -10.18 5.66 18.54
CA GLY A 511 -9.74 6.48 17.42
C GLY A 511 -8.25 6.72 17.51
N ALA A 512 -7.76 7.78 16.87
CA ALA A 512 -6.35 8.10 16.93
C ALA A 512 -6.00 8.29 18.39
N ASN A 513 -6.84 9.03 19.12
CA ASN A 513 -6.63 9.26 20.55
C ASN A 513 -7.72 8.46 21.24
N THR A 514 -7.31 7.37 21.87
CA THR A 514 -8.27 6.51 22.54
C THR A 514 -8.20 6.60 24.07
N GLN A 515 -9.23 7.20 24.65
CA GLN A 515 -9.33 7.35 26.10
C GLN A 515 -10.80 7.25 26.52
N ALA A 516 -11.01 6.85 27.78
CA ALA A 516 -12.35 6.70 28.30
C ALA A 516 -13.14 7.99 28.44
N ALA A 517 -14.46 7.85 28.47
CA ALA A 517 -15.38 8.97 28.62
C ALA A 517 -16.63 8.44 29.33
N GLN A 518 -17.58 9.32 29.64
CA GLN A 518 -18.80 8.91 30.33
C GLN A 518 -20.06 9.54 29.72
N LYS A 519 -21.21 8.93 30.01
CA LYS A 519 -22.49 9.41 29.50
C LYS A 519 -22.39 9.66 28.00
N LEU A 520 -22.54 8.58 27.24
CA LEU A 520 -22.44 8.59 25.78
C LEU A 520 -23.38 9.50 25.01
N LYS A 521 -24.65 9.14 24.99
CA LYS A 521 -25.64 9.93 24.28
C LYS A 521 -26.78 10.25 25.24
N ASP A 522 -26.41 10.42 26.50
CA ASP A 522 -27.35 10.71 27.57
C ASP A 522 -28.41 11.77 27.26
N LYS A 523 -28.02 12.88 26.63
CA LYS A 523 -28.97 13.93 26.31
C LYS A 523 -29.84 13.59 25.11
N GLU A 524 -29.30 12.77 24.20
CA GLU A 524 -30.06 12.34 23.03
C GLU A 524 -31.08 11.30 23.50
N VAL A 525 -30.67 10.46 24.45
CA VAL A 525 -31.57 9.43 24.99
C VAL A 525 -32.78 10.12 25.62
N ALA A 526 -32.51 11.17 26.40
CA ALA A 526 -33.57 11.93 27.06
C ALA A 526 -34.60 12.50 26.06
N PHE A 527 -34.16 13.38 25.17
CA PHE A 527 -35.04 14.01 24.18
C PHE A 527 -35.89 13.05 23.40
N TRP A 528 -35.27 11.96 22.92
CA TRP A 528 -36.01 10.99 22.12
C TRP A 528 -36.94 10.15 22.96
N THR A 529 -36.45 9.65 24.08
CA THR A 529 -37.27 8.86 25.00
C THR A 529 -38.51 9.71 25.28
N ASN A 530 -38.27 11.00 25.44
CA ASN A 530 -39.30 11.98 25.72
C ASN A 530 -40.25 12.20 24.53
N LEU A 531 -39.70 12.58 23.38
CA LEU A 531 -40.50 12.85 22.17
C LEU A 531 -41.39 11.69 21.70
N PHE A 532 -40.89 10.46 21.78
CA PHE A 532 -41.68 9.31 21.35
C PHE A 532 -42.70 8.90 22.43
N ALA A 533 -42.80 9.71 23.48
CA ALA A 533 -43.74 9.45 24.56
C ALA A 533 -44.98 10.33 24.35
N LYS A 534 -45.03 10.98 23.19
CA LYS A 534 -46.12 11.89 22.81
C LYS A 534 -46.14 13.14 23.66
N SER B 3 -57.84 -74.40 -13.56
CA SER B 3 -58.94 -74.45 -12.55
C SER B 3 -59.35 -73.03 -12.16
N SER B 4 -58.37 -72.22 -11.76
CA SER B 4 -58.61 -70.84 -11.35
C SER B 4 -57.28 -70.15 -11.18
N PRO B 5 -57.16 -68.90 -11.69
CA PRO B 5 -55.93 -68.09 -11.61
C PRO B 5 -55.29 -68.10 -10.23
N PRO B 6 -53.95 -68.10 -10.18
CA PRO B 6 -53.25 -68.11 -8.89
C PRO B 6 -53.35 -66.75 -8.18
N VAL B 7 -53.43 -66.80 -6.85
CA VAL B 7 -53.48 -65.59 -6.04
C VAL B 7 -52.53 -65.78 -4.87
N VAL B 8 -51.49 -64.95 -4.78
CA VAL B 8 -50.51 -65.10 -3.72
C VAL B 8 -50.46 -63.94 -2.75
N ASP B 9 -50.11 -64.24 -1.51
CA ASP B 9 -50.01 -63.24 -0.45
C ASP B 9 -48.58 -62.75 -0.28
N THR B 10 -48.35 -61.47 -0.53
CA THR B 10 -47.02 -60.91 -0.37
C THR B 10 -47.17 -60.03 0.84
N VAL B 11 -46.07 -59.53 1.39
CA VAL B 11 -46.13 -58.65 2.54
C VAL B 11 -47.02 -57.41 2.30
N HIS B 12 -46.91 -56.84 1.10
CA HIS B 12 -47.65 -55.64 0.75
C HIS B 12 -49.06 -55.82 0.20
N GLY B 13 -49.48 -57.06 0.00
CA GLY B 13 -50.83 -57.27 -0.51
C GLY B 13 -50.93 -58.51 -1.37
N LYS B 14 -52.12 -58.83 -1.85
CA LYS B 14 -52.31 -59.99 -2.69
C LYS B 14 -52.03 -59.69 -4.15
N VAL B 15 -51.59 -60.70 -4.90
CA VAL B 15 -51.31 -60.54 -6.32
C VAL B 15 -52.00 -61.67 -7.11
N LEU B 16 -52.41 -61.34 -8.33
CA LEU B 16 -53.10 -62.27 -9.19
C LEU B 16 -52.27 -62.52 -10.45
N GLY B 17 -51.96 -63.78 -10.70
CA GLY B 17 -51.19 -64.16 -11.88
C GLY B 17 -52.00 -64.95 -12.89
N LYS B 18 -51.34 -65.84 -13.62
CA LYS B 18 -52.03 -66.66 -14.60
C LYS B 18 -51.17 -67.89 -14.86
N PHE B 19 -51.82 -69.04 -14.99
CA PHE B 19 -51.11 -70.28 -15.26
C PHE B 19 -50.86 -70.37 -16.75
N VAL B 20 -49.67 -70.82 -17.12
CA VAL B 20 -49.32 -71.00 -18.52
C VAL B 20 -48.58 -72.29 -18.61
N SER B 21 -48.99 -73.16 -19.52
CA SER B 21 -48.33 -74.45 -19.66
C SER B 21 -47.30 -74.48 -20.77
N LEU B 22 -46.28 -75.31 -20.60
CA LEU B 22 -45.24 -75.46 -21.60
C LEU B 22 -45.40 -76.85 -22.18
N GLU B 23 -45.29 -76.96 -23.50
CA GLU B 23 -45.45 -78.23 -24.20
C GLU B 23 -44.70 -79.41 -23.58
N GLY B 24 -45.44 -80.34 -22.99
CA GLY B 24 -44.82 -81.51 -22.39
C GLY B 24 -44.68 -81.53 -20.89
N PHE B 25 -45.01 -80.43 -20.23
CA PHE B 25 -44.89 -80.41 -18.78
C PHE B 25 -46.25 -80.37 -18.12
N ALA B 26 -46.48 -81.33 -17.23
CA ALA B 26 -47.74 -81.42 -16.51
C ALA B 26 -48.10 -80.16 -15.74
N GLN B 27 -47.44 -79.93 -14.61
CA GLN B 27 -47.72 -78.75 -13.80
C GLN B 27 -47.54 -77.46 -14.60
N PRO B 28 -48.54 -76.58 -14.60
CA PRO B 28 -48.38 -75.34 -15.36
C PRO B 28 -47.53 -74.39 -14.51
N VAL B 29 -46.95 -73.40 -15.15
CA VAL B 29 -46.12 -72.43 -14.45
C VAL B 29 -46.99 -71.22 -14.11
N ALA B 30 -46.84 -70.69 -12.89
CA ALA B 30 -47.60 -69.51 -12.47
C ALA B 30 -46.77 -68.25 -12.75
N ILE B 31 -47.27 -67.42 -13.67
CA ILE B 31 -46.60 -66.20 -14.07
C ILE B 31 -47.23 -64.92 -13.51
N PHE B 32 -46.41 -64.10 -12.86
CA PHE B 32 -46.87 -62.85 -12.29
C PHE B 32 -46.03 -61.76 -12.91
N LEU B 33 -46.68 -60.91 -13.68
CA LEU B 33 -46.03 -59.80 -14.38
C LEU B 33 -46.19 -58.44 -13.70
N GLY B 34 -45.06 -57.75 -13.52
CA GLY B 34 -45.09 -56.43 -12.95
C GLY B 34 -45.49 -56.25 -11.49
N ILE B 35 -44.78 -56.91 -10.58
CA ILE B 35 -45.07 -56.73 -9.17
C ILE B 35 -44.09 -55.66 -8.71
N PRO B 36 -44.58 -54.61 -8.04
CA PRO B 36 -43.76 -53.51 -7.53
C PRO B 36 -42.94 -53.91 -6.30
N PHE B 37 -41.63 -53.66 -6.33
CA PHE B 37 -40.76 -53.98 -5.21
C PHE B 37 -40.18 -52.72 -4.57
N ALA B 38 -40.76 -51.57 -4.92
CA ALA B 38 -40.28 -50.31 -4.40
C ALA B 38 -41.25 -49.21 -4.79
N LYS B 39 -41.16 -48.09 -4.07
CA LYS B 39 -42.03 -46.96 -4.35
C LYS B 39 -41.59 -46.34 -5.68
N PRO B 40 -42.55 -45.98 -6.55
CA PRO B 40 -42.19 -45.36 -7.84
C PRO B 40 -41.28 -44.16 -7.61
N PRO B 41 -40.06 -44.21 -8.14
CA PRO B 41 -39.04 -43.17 -8.03
C PRO B 41 -39.38 -41.89 -8.76
N LEU B 42 -40.51 -41.29 -8.41
CA LEU B 42 -40.92 -40.06 -9.08
C LEU B 42 -40.73 -38.82 -8.22
N GLY B 43 -40.70 -37.66 -8.88
CA GLY B 43 -40.55 -36.38 -8.21
C GLY B 43 -39.35 -36.20 -7.29
N PRO B 44 -39.59 -36.06 -5.98
CA PRO B 44 -38.58 -35.89 -4.94
C PRO B 44 -37.71 -37.12 -4.76
N LEU B 45 -38.23 -38.27 -5.17
CA LEU B 45 -37.50 -39.51 -5.03
C LEU B 45 -36.48 -39.80 -6.13
N ARG B 46 -36.53 -39.04 -7.22
CA ARG B 46 -35.59 -39.26 -8.31
C ARG B 46 -34.20 -38.99 -7.77
N PHE B 47 -33.25 -39.84 -8.14
CA PHE B 47 -31.87 -39.73 -7.67
C PHE B 47 -31.81 -39.95 -6.18
N THR B 48 -32.52 -40.94 -5.68
CA THR B 48 -32.46 -41.23 -4.26
C THR B 48 -32.69 -42.72 -4.09
N PRO B 49 -32.16 -43.30 -3.00
CA PRO B 49 -32.31 -44.75 -2.76
C PRO B 49 -33.78 -45.13 -2.88
N PRO B 50 -34.07 -46.34 -3.35
CA PRO B 50 -35.46 -46.76 -3.50
C PRO B 50 -36.15 -47.02 -2.17
N GLN B 51 -37.35 -46.46 -2.02
CA GLN B 51 -38.13 -46.63 -0.81
C GLN B 51 -39.13 -47.79 -1.00
N PRO B 52 -39.61 -48.38 0.10
CA PRO B 52 -40.57 -49.49 0.10
C PRO B 52 -41.90 -49.27 -0.61
N ALA B 53 -42.34 -50.28 -1.36
CA ALA B 53 -43.61 -50.17 -2.06
C ALA B 53 -44.69 -50.02 -1.01
N GLU B 54 -45.68 -49.15 -1.28
CA GLU B 54 -46.77 -48.95 -0.34
C GLU B 54 -47.68 -50.16 -0.42
N PRO B 55 -48.26 -50.59 0.70
CA PRO B 55 -49.14 -51.75 0.73
C PRO B 55 -50.50 -51.47 0.05
N TRP B 56 -51.05 -52.50 -0.60
CA TRP B 56 -52.32 -52.36 -1.31
C TRP B 56 -53.47 -53.18 -0.71
N SER B 57 -54.70 -52.75 -0.98
CA SER B 57 -55.89 -53.36 -0.39
C SER B 57 -56.54 -54.66 -0.85
N PHE B 58 -56.66 -54.91 -2.14
CA PHE B 58 -57.33 -56.15 -2.50
C PHE B 58 -56.43 -57.08 -3.22
N VAL B 59 -56.75 -57.38 -4.47
CA VAL B 59 -55.90 -58.25 -5.24
C VAL B 59 -55.36 -57.47 -6.44
N LYS B 60 -54.06 -57.21 -6.40
CA LYS B 60 -53.37 -56.49 -7.45
C LYS B 60 -53.17 -57.46 -8.59
N ASN B 61 -53.83 -57.17 -9.69
CA ASN B 61 -53.76 -57.97 -10.88
C ASN B 61 -52.38 -57.82 -11.51
N ALA B 62 -51.57 -58.87 -11.47
CA ALA B 62 -50.23 -58.80 -12.04
C ALA B 62 -50.11 -59.60 -13.33
N THR B 63 -50.90 -59.24 -14.34
CA THR B 63 -50.86 -60.01 -15.57
C THR B 63 -50.61 -59.21 -16.84
N SER B 64 -49.86 -58.12 -16.70
CA SER B 64 -49.50 -57.32 -17.85
C SER B 64 -48.10 -56.80 -17.59
N TYR B 65 -47.24 -56.91 -18.59
CA TYR B 65 -45.86 -56.45 -18.48
C TYR B 65 -45.78 -55.02 -18.00
N PRO B 66 -44.82 -54.73 -17.11
CA PRO B 66 -44.69 -53.36 -16.62
C PRO B 66 -43.98 -52.51 -17.66
N PRO B 67 -43.77 -51.24 -17.35
CA PRO B 67 -43.08 -50.41 -18.33
C PRO B 67 -41.57 -50.66 -18.14
N MET B 68 -40.77 -50.37 -19.15
CA MET B 68 -39.34 -50.53 -19.02
C MET B 68 -38.90 -49.14 -18.60
N CYS B 69 -37.83 -49.02 -17.83
CA CYS B 69 -37.38 -47.68 -17.41
C CYS B 69 -37.03 -46.83 -18.62
N THR B 70 -37.28 -45.52 -18.51
CA THR B 70 -37.00 -44.58 -19.60
C THR B 70 -35.65 -44.88 -20.23
N GLN B 71 -35.58 -44.65 -21.54
CA GLN B 71 -34.35 -44.92 -22.27
C GLN B 71 -34.65 -44.66 -23.72
N ASP B 72 -33.59 -44.55 -24.53
CA ASP B 72 -33.78 -44.31 -25.95
C ASP B 72 -34.75 -45.38 -26.41
N PRO B 73 -35.98 -44.97 -26.74
CA PRO B 73 -36.97 -45.94 -27.19
C PRO B 73 -36.41 -46.82 -28.31
N LYS B 74 -35.96 -46.19 -29.40
CA LYS B 74 -35.42 -46.91 -30.56
C LYS B 74 -34.33 -47.90 -30.19
N ALA B 75 -33.35 -47.45 -29.43
CA ALA B 75 -32.23 -48.31 -29.04
C ALA B 75 -32.71 -49.39 -28.08
N GLY B 76 -33.66 -49.04 -27.21
CA GLY B 76 -34.14 -50.00 -26.25
C GLY B 76 -34.81 -51.19 -26.88
N GLN B 77 -35.67 -50.94 -27.86
CA GLN B 77 -36.39 -52.01 -28.52
C GLN B 77 -35.53 -52.85 -29.43
N LEU B 78 -34.53 -52.23 -30.05
CA LEU B 78 -33.66 -52.96 -30.93
C LEU B 78 -32.95 -54.03 -30.11
N LEU B 79 -32.55 -53.66 -28.90
CA LEU B 79 -31.87 -54.62 -28.06
C LEU B 79 -32.85 -55.70 -27.60
N SER B 80 -34.07 -55.30 -27.25
CA SER B 80 -35.03 -56.30 -26.82
C SER B 80 -35.20 -57.38 -27.89
N GLU B 81 -35.37 -56.97 -29.14
CA GLU B 81 -35.56 -57.95 -30.20
C GLU B 81 -34.36 -58.88 -30.31
N LEU B 82 -33.16 -58.31 -30.26
CA LEU B 82 -31.95 -59.12 -30.38
C LEU B 82 -31.67 -60.07 -29.22
N PHE B 83 -32.33 -59.90 -28.10
CA PHE B 83 -32.08 -60.78 -26.97
C PHE B 83 -33.29 -61.60 -26.51
N THR B 84 -34.49 -61.14 -26.78
CA THR B 84 -35.67 -61.89 -26.33
C THR B 84 -35.59 -63.35 -26.75
N ASN B 85 -36.22 -64.21 -25.97
CA ASN B 85 -36.25 -65.64 -26.26
C ASN B 85 -37.70 -66.02 -26.57
N ARG B 86 -38.54 -65.00 -26.72
CA ARG B 86 -39.95 -65.20 -27.03
C ARG B 86 -40.13 -65.40 -28.53
N LYS B 87 -41.21 -66.05 -28.92
CA LYS B 87 -41.50 -66.29 -30.32
C LYS B 87 -41.59 -64.92 -30.99
N GLU B 88 -42.27 -64.00 -30.33
CA GLU B 88 -42.42 -62.66 -30.85
C GLU B 88 -42.18 -61.63 -29.75
N ASN B 89 -41.17 -60.80 -29.96
CA ASN B 89 -40.80 -59.75 -29.01
C ASN B 89 -41.99 -58.90 -28.53
N ILE B 90 -42.02 -58.59 -27.24
CA ILE B 90 -43.12 -57.78 -26.69
C ILE B 90 -42.80 -56.29 -26.66
N PRO B 91 -43.52 -55.48 -27.45
CA PRO B 91 -43.22 -54.05 -27.41
C PRO B 91 -43.58 -53.52 -26.03
N LEU B 92 -42.71 -52.70 -25.45
CA LEU B 92 -42.95 -52.15 -24.12
C LEU B 92 -43.17 -50.64 -24.07
N LYS B 93 -43.52 -50.15 -22.89
CA LYS B 93 -43.74 -48.72 -22.68
C LYS B 93 -42.64 -48.16 -21.78
N LEU B 94 -42.35 -46.86 -21.93
CA LEU B 94 -41.31 -46.19 -21.14
C LEU B 94 -41.95 -45.56 -19.92
N SER B 95 -41.17 -45.40 -18.86
CA SER B 95 -41.70 -44.80 -17.65
C SER B 95 -40.72 -44.79 -16.49
N GLU B 96 -40.72 -43.71 -15.72
CA GLU B 96 -39.84 -43.60 -14.56
C GLU B 96 -40.41 -44.53 -13.49
N ASP B 97 -41.71 -44.79 -13.57
CA ASP B 97 -42.38 -45.69 -12.67
C ASP B 97 -42.00 -47.03 -13.27
N CYS B 98 -40.88 -47.60 -12.86
CA CYS B 98 -40.45 -48.86 -13.46
C CYS B 98 -39.86 -49.92 -12.52
N LEU B 99 -39.89 -49.69 -11.21
CA LEU B 99 -39.34 -50.69 -10.32
C LEU B 99 -40.27 -51.89 -10.08
N TYR B 100 -40.35 -52.77 -11.08
CA TYR B 100 -41.16 -53.99 -11.02
C TYR B 100 -40.29 -55.23 -11.17
N LEU B 101 -40.87 -56.39 -11.01
CA LEU B 101 -40.15 -57.65 -11.16
C LEU B 101 -41.15 -58.71 -11.60
N ASN B 102 -40.70 -59.62 -12.45
CA ASN B 102 -41.59 -60.66 -12.94
C ASN B 102 -41.16 -61.97 -12.35
N ILE B 103 -42.15 -62.78 -11.97
CA ILE B 103 -41.91 -64.09 -11.37
C ILE B 103 -42.46 -65.23 -12.22
N TYR B 104 -41.69 -66.31 -12.34
CA TYR B 104 -42.16 -67.47 -13.07
C TYR B 104 -41.91 -68.67 -12.15
N THR B 105 -42.95 -69.16 -11.48
CA THR B 105 -42.77 -70.27 -10.57
C THR B 105 -43.38 -71.61 -10.99
N PRO B 106 -42.55 -72.66 -11.04
CA PRO B 106 -42.98 -74.02 -11.42
C PRO B 106 -43.63 -74.76 -10.25
N ALA B 107 -43.60 -74.14 -9.08
CA ALA B 107 -44.15 -74.74 -7.89
C ALA B 107 -45.64 -74.98 -7.98
N ASP B 108 -46.14 -75.82 -7.08
CA ASP B 108 -47.55 -76.12 -7.00
C ASP B 108 -47.96 -75.26 -5.81
N LEU B 109 -48.34 -74.02 -6.10
CA LEU B 109 -48.70 -73.08 -5.06
C LEU B 109 -49.68 -73.62 -4.03
N THR B 110 -50.36 -74.72 -4.35
CA THR B 110 -51.32 -75.31 -3.43
C THR B 110 -50.61 -76.17 -2.39
N LYS B 111 -49.28 -76.18 -2.45
CA LYS B 111 -48.47 -76.94 -1.52
C LYS B 111 -47.34 -76.07 -1.03
N LYS B 112 -46.43 -76.65 -0.26
CA LYS B 112 -45.31 -75.89 0.28
C LYS B 112 -44.02 -76.31 -0.39
N ASN B 113 -43.60 -75.51 -1.36
CA ASN B 113 -42.37 -75.77 -2.10
C ASN B 113 -41.34 -74.71 -1.68
N ARG B 114 -40.07 -75.11 -1.64
CA ARG B 114 -38.98 -74.20 -1.29
C ARG B 114 -37.92 -74.38 -2.37
N LEU B 115 -38.31 -74.14 -3.61
CA LEU B 115 -37.43 -74.29 -4.76
C LEU B 115 -36.33 -73.24 -4.83
N PRO B 116 -35.22 -73.57 -5.50
CA PRO B 116 -34.12 -72.61 -5.61
C PRO B 116 -34.55 -71.43 -6.52
N VAL B 117 -34.13 -70.21 -6.14
CA VAL B 117 -34.51 -68.99 -6.86
C VAL B 117 -33.40 -68.39 -7.71
N MET B 118 -33.69 -68.09 -8.98
CA MET B 118 -32.70 -67.46 -9.84
C MET B 118 -33.18 -66.06 -10.18
N VAL B 119 -32.38 -65.07 -9.80
CA VAL B 119 -32.75 -63.69 -10.07
C VAL B 119 -31.89 -63.14 -11.19
N TRP B 120 -32.55 -62.88 -12.31
CA TRP B 120 -31.91 -62.36 -13.51
C TRP B 120 -31.80 -60.83 -13.52
N ILE B 121 -30.60 -60.36 -13.86
CA ILE B 121 -30.33 -58.93 -13.96
C ILE B 121 -29.94 -58.65 -15.41
N HIS B 122 -30.89 -58.13 -16.17
CA HIS B 122 -30.67 -57.84 -17.58
C HIS B 122 -29.54 -56.86 -17.83
N GLY B 123 -29.08 -56.83 -19.08
CA GLY B 123 -28.02 -55.94 -19.48
C GLY B 123 -28.50 -54.88 -20.44
N GLY B 124 -27.54 -54.15 -21.02
CA GLY B 124 -27.85 -53.07 -21.94
C GLY B 124 -26.99 -51.85 -21.60
N GLY B 125 -25.88 -52.08 -20.93
CA GLY B 125 -25.00 -50.99 -20.57
C GLY B 125 -25.48 -50.05 -19.49
N LEU B 126 -26.52 -50.45 -18.76
CA LEU B 126 -27.08 -49.62 -17.71
C LEU B 126 -27.76 -48.39 -18.29
N MET B 127 -27.94 -48.40 -19.61
CA MET B 127 -28.58 -47.31 -20.36
C MET B 127 -29.92 -47.75 -20.95
N VAL B 128 -30.01 -49.01 -21.34
CA VAL B 128 -31.22 -49.55 -21.97
C VAL B 128 -31.51 -50.94 -21.44
N GLY B 129 -32.60 -51.52 -21.92
CA GLY B 129 -32.95 -52.87 -21.50
C GLY B 129 -34.16 -52.92 -20.59
N ALA B 130 -34.75 -54.11 -20.54
CA ALA B 130 -35.96 -54.38 -19.74
C ALA B 130 -35.94 -55.80 -19.19
N ALA B 131 -36.84 -56.10 -18.26
CA ALA B 131 -36.91 -57.44 -17.69
C ALA B 131 -37.83 -58.33 -18.52
N SER B 132 -38.94 -57.75 -18.97
CA SER B 132 -39.92 -58.46 -19.77
C SER B 132 -39.36 -59.12 -21.02
N THR B 133 -38.25 -58.59 -21.54
CA THR B 133 -37.62 -59.16 -22.72
C THR B 133 -37.32 -60.64 -22.50
N TYR B 134 -37.01 -60.99 -21.25
CA TYR B 134 -36.65 -62.35 -20.89
C TYR B 134 -37.75 -63.19 -20.30
N ASP B 135 -38.27 -64.10 -21.11
CA ASP B 135 -39.34 -65.00 -20.70
C ASP B 135 -38.73 -66.16 -19.90
N GLY B 136 -39.21 -66.36 -18.67
CA GLY B 136 -38.65 -67.42 -17.82
C GLY B 136 -39.41 -68.73 -17.69
N LEU B 137 -40.48 -68.86 -18.47
CA LEU B 137 -41.35 -70.05 -18.48
C LEU B 137 -40.58 -71.33 -18.84
N ALA B 138 -39.70 -71.25 -19.82
CA ALA B 138 -38.91 -72.40 -20.29
C ALA B 138 -37.90 -72.92 -19.27
N LEU B 139 -37.18 -72.02 -18.60
CA LEU B 139 -36.19 -72.44 -17.62
C LEU B 139 -36.88 -72.98 -16.39
N ALA B 140 -37.75 -72.17 -15.81
CA ALA B 140 -38.49 -72.55 -14.64
C ALA B 140 -39.12 -73.96 -14.82
N ALA B 141 -39.84 -74.17 -15.92
CA ALA B 141 -40.50 -75.46 -16.18
C ALA B 141 -39.56 -76.66 -16.37
N HIS B 142 -38.41 -76.41 -16.98
CA HIS B 142 -37.43 -77.44 -17.25
C HIS B 142 -36.56 -77.79 -16.05
N GLU B 143 -36.16 -76.77 -15.30
CA GLU B 143 -35.28 -77.03 -14.17
C GLU B 143 -35.93 -77.03 -12.80
N ASN B 144 -37.23 -76.74 -12.77
CA ASN B 144 -37.97 -76.71 -11.52
C ASN B 144 -37.35 -75.67 -10.61
N VAL B 145 -37.11 -74.49 -11.16
CA VAL B 145 -36.56 -73.39 -10.38
C VAL B 145 -37.44 -72.16 -10.59
N VAL B 146 -37.62 -71.38 -9.54
CA VAL B 146 -38.40 -70.16 -9.63
C VAL B 146 -37.50 -69.13 -10.29
N VAL B 147 -37.94 -68.57 -11.42
CA VAL B 147 -37.16 -67.58 -12.13
C VAL B 147 -37.79 -66.24 -11.87
N VAL B 148 -36.96 -65.24 -11.60
CA VAL B 148 -37.43 -63.88 -11.35
C VAL B 148 -36.60 -62.95 -12.20
N THR B 149 -37.23 -62.03 -12.92
CA THR B 149 -36.48 -61.07 -13.74
C THR B 149 -36.72 -59.69 -13.12
N ILE B 150 -35.64 -58.97 -12.80
CA ILE B 150 -35.80 -57.65 -12.19
C ILE B 150 -35.44 -56.47 -13.07
N GLN B 151 -36.01 -55.32 -12.74
CA GLN B 151 -35.74 -54.09 -13.44
C GLN B 151 -35.17 -53.09 -12.46
N TYR B 152 -34.25 -52.27 -12.95
CA TYR B 152 -33.59 -51.26 -12.13
C TYR B 152 -33.46 -49.98 -12.94
N ARG B 153 -33.45 -48.83 -12.25
CA ARG B 153 -33.33 -47.55 -12.92
C ARG B 153 -32.09 -47.53 -13.82
N LEU B 154 -32.28 -47.06 -15.07
CA LEU B 154 -31.19 -46.97 -16.05
C LEU B 154 -30.66 -45.55 -16.26
N GLY B 155 -29.59 -45.46 -17.05
CA GLY B 155 -28.97 -44.18 -17.38
C GLY B 155 -28.99 -43.07 -16.36
N ILE B 156 -29.34 -41.87 -16.82
CA ILE B 156 -29.38 -40.67 -15.97
C ILE B 156 -30.13 -40.89 -14.65
N TRP B 157 -31.37 -41.33 -14.74
CA TRP B 157 -32.19 -41.56 -13.55
C TRP B 157 -31.53 -42.62 -12.66
N GLY B 158 -30.77 -43.51 -13.30
CA GLY B 158 -30.16 -44.59 -12.58
C GLY B 158 -28.77 -44.40 -12.03
N PHE B 159 -27.94 -43.59 -12.69
CA PHE B 159 -26.58 -43.43 -12.22
C PHE B 159 -25.96 -42.04 -12.17
N PHE B 160 -26.77 -41.00 -12.29
CA PHE B 160 -26.22 -39.64 -12.25
C PHE B 160 -25.51 -39.50 -10.91
N SER B 161 -24.37 -38.81 -10.92
CA SER B 161 -23.62 -38.63 -9.68
C SER B 161 -22.95 -37.27 -9.66
N THR B 162 -22.92 -36.63 -8.50
CA THR B 162 -22.27 -35.34 -8.37
C THR B 162 -20.95 -35.55 -7.67
N GLY B 163 -20.65 -36.81 -7.37
CA GLY B 163 -19.42 -37.12 -6.68
C GLY B 163 -19.50 -36.86 -5.18
N ASP B 164 -20.66 -36.44 -4.68
CA ASP B 164 -20.84 -36.15 -3.27
C ASP B 164 -22.24 -36.53 -2.77
N GLU B 165 -22.49 -36.27 -1.47
CA GLU B 165 -23.75 -36.62 -0.81
C GLU B 165 -25.07 -36.11 -1.41
N HIS B 166 -25.02 -35.12 -2.28
CA HIS B 166 -26.24 -34.59 -2.87
C HIS B 166 -26.78 -35.53 -3.94
N SER B 167 -25.89 -36.32 -4.52
CA SER B 167 -26.24 -37.30 -5.56
C SER B 167 -25.10 -38.31 -5.66
N ARG B 168 -25.01 -39.19 -4.67
CA ARG B 168 -23.96 -40.19 -4.65
C ARG B 168 -23.94 -41.01 -5.91
N GLY B 169 -25.08 -41.54 -6.31
CA GLY B 169 -25.14 -42.34 -7.53
C GLY B 169 -25.36 -43.82 -7.28
N ASN B 170 -25.34 -44.61 -8.34
CA ASN B 170 -25.54 -46.07 -8.28
C ASN B 170 -26.97 -46.45 -7.86
N TRP B 171 -27.91 -45.53 -8.10
CA TRP B 171 -29.32 -45.75 -7.76
C TRP B 171 -29.80 -47.05 -8.34
N GLY B 172 -29.38 -47.31 -9.59
CA GLY B 172 -29.75 -48.53 -10.28
C GLY B 172 -29.32 -49.78 -9.52
N HIS B 173 -28.11 -49.73 -8.95
CA HIS B 173 -27.59 -50.86 -8.18
C HIS B 173 -28.36 -51.00 -6.84
N LEU B 174 -28.78 -49.89 -6.26
CA LEU B 174 -29.54 -49.93 -5.03
C LEU B 174 -30.91 -50.56 -5.22
N ASP B 175 -31.47 -50.42 -6.42
CA ASP B 175 -32.75 -51.03 -6.74
C ASP B 175 -32.58 -52.58 -6.79
N GLN B 176 -31.52 -53.02 -7.46
CA GLN B 176 -31.19 -54.44 -7.56
C GLN B 176 -31.19 -55.01 -6.14
N VAL B 177 -30.43 -54.38 -5.25
CA VAL B 177 -30.42 -54.82 -3.87
C VAL B 177 -31.85 -54.80 -3.31
N ALA B 178 -32.55 -53.68 -3.51
CA ALA B 178 -33.92 -53.54 -3.04
C ALA B 178 -34.74 -54.74 -3.50
N ALA B 179 -34.64 -55.07 -4.79
CA ALA B 179 -35.37 -56.22 -5.31
C ALA B 179 -34.93 -57.49 -4.61
N LEU B 180 -33.62 -57.67 -4.46
CA LEU B 180 -33.12 -58.86 -3.79
C LEU B 180 -33.63 -58.98 -2.35
N ARG B 181 -33.95 -57.86 -1.73
CA ARG B 181 -34.46 -57.88 -0.38
C ARG B 181 -35.94 -58.24 -0.46
N TRP B 182 -36.61 -57.79 -1.51
CA TRP B 182 -38.01 -58.12 -1.68
C TRP B 182 -38.10 -59.63 -1.80
N VAL B 183 -37.16 -60.21 -2.54
CA VAL B 183 -37.11 -61.66 -2.74
C VAL B 183 -36.96 -62.38 -1.39
N GLN B 184 -36.12 -61.85 -0.51
CA GLN B 184 -35.93 -62.45 0.81
C GLN B 184 -37.20 -62.46 1.66
N ASP B 185 -38.04 -61.43 1.49
CA ASP B 185 -39.24 -61.36 2.30
C ASP B 185 -40.50 -61.95 1.68
N ASN B 186 -40.49 -62.18 0.38
CA ASN B 186 -41.68 -62.68 -0.28
C ASN B 186 -41.61 -63.98 -1.07
N ILE B 187 -40.48 -64.28 -1.67
CA ILE B 187 -40.39 -65.47 -2.50
C ILE B 187 -41.01 -66.74 -1.89
N ALA B 188 -41.01 -66.82 -0.57
CA ALA B 188 -41.55 -67.99 0.12
C ALA B 188 -42.97 -68.28 -0.31
N SER B 189 -43.71 -67.26 -0.71
CA SER B 189 -45.10 -67.45 -1.13
C SER B 189 -45.24 -67.82 -2.58
N PHE B 190 -44.14 -68.01 -3.30
CA PHE B 190 -44.24 -68.38 -4.71
C PHE B 190 -43.59 -69.73 -4.93
N GLY B 191 -43.14 -70.35 -3.84
CA GLY B 191 -42.53 -71.66 -3.97
C GLY B 191 -41.04 -71.56 -3.90
N GLY B 192 -40.57 -70.37 -3.53
CA GLY B 192 -39.15 -70.15 -3.44
C GLY B 192 -38.58 -70.28 -2.04
N ASN B 193 -37.30 -70.63 -1.99
CA ASN B 193 -36.60 -70.77 -0.74
C ASN B 193 -35.64 -69.60 -0.69
N PRO B 194 -36.00 -68.55 0.05
CA PRO B 194 -35.14 -67.36 0.16
C PRO B 194 -33.72 -67.72 0.62
N GLY B 195 -33.53 -68.97 1.02
CA GLY B 195 -32.21 -69.39 1.47
C GLY B 195 -31.33 -69.94 0.36
N SER B 196 -31.80 -69.82 -0.88
CA SER B 196 -31.05 -70.33 -2.02
C SER B 196 -31.27 -69.42 -3.23
N VAL B 197 -30.95 -68.14 -3.08
CA VAL B 197 -31.14 -67.22 -4.20
C VAL B 197 -29.86 -67.14 -5.01
N THR B 198 -30.01 -67.24 -6.33
CA THR B 198 -28.84 -67.19 -7.21
C THR B 198 -28.99 -65.97 -8.08
N ILE B 199 -27.98 -65.10 -8.06
CA ILE B 199 -28.05 -63.91 -8.89
C ILE B 199 -27.20 -64.08 -10.15
N PHE B 200 -27.85 -64.08 -11.31
CA PHE B 200 -27.10 -64.17 -12.56
C PHE B 200 -27.59 -63.09 -13.50
N GLY B 201 -26.69 -62.64 -14.39
CA GLY B 201 -27.02 -61.62 -15.37
C GLY B 201 -25.95 -61.57 -16.45
N GLU B 202 -26.17 -60.76 -17.48
CA GLU B 202 -25.19 -60.69 -18.56
C GLU B 202 -24.82 -59.26 -18.96
N SER B 203 -23.64 -59.09 -19.55
CA SER B 203 -23.16 -57.77 -19.95
C SER B 203 -23.16 -56.87 -18.73
N ALA B 204 -23.96 -55.80 -18.80
CA ALA B 204 -24.08 -54.87 -17.70
C ALA B 204 -24.78 -55.58 -16.53
N GLY B 205 -25.50 -56.66 -16.84
CA GLY B 205 -26.18 -57.41 -15.81
C GLY B 205 -25.16 -58.29 -15.11
N GLY B 206 -24.14 -58.68 -15.86
CA GLY B 206 -23.07 -59.49 -15.31
C GLY B 206 -22.19 -58.60 -14.45
N GLU B 207 -21.92 -57.39 -14.94
CA GLU B 207 -21.10 -56.47 -14.15
C GLU B 207 -21.82 -56.19 -12.82
N SER B 208 -23.14 -56.00 -12.87
CA SER B 208 -23.89 -55.74 -11.66
C SER B 208 -23.71 -56.92 -10.71
N VAL B 209 -23.82 -58.12 -11.23
CA VAL B 209 -23.65 -59.29 -10.39
C VAL B 209 -22.26 -59.25 -9.72
N SER B 210 -21.24 -58.88 -10.49
CA SER B 210 -19.87 -58.79 -9.99
C SER B 210 -19.77 -57.71 -8.91
N VAL B 211 -20.53 -56.64 -9.10
CA VAL B 211 -20.55 -55.52 -8.16
C VAL B 211 -21.27 -55.86 -6.85
N LEU B 212 -22.36 -56.61 -6.96
CA LEU B 212 -23.10 -57.00 -5.78
C LEU B 212 -22.26 -57.95 -4.95
N VAL B 213 -21.52 -58.82 -5.64
CA VAL B 213 -20.67 -59.81 -4.99
C VAL B 213 -19.62 -59.14 -4.10
N LEU B 214 -19.27 -57.91 -4.45
CA LEU B 214 -18.29 -57.14 -3.70
C LEU B 214 -18.89 -56.14 -2.74
N SER B 215 -20.13 -55.71 -2.99
CA SER B 215 -20.80 -54.72 -2.13
C SER B 215 -21.32 -55.23 -0.79
N PRO B 216 -20.93 -54.58 0.31
CA PRO B 216 -21.37 -54.98 1.65
C PRO B 216 -22.88 -55.01 1.78
N LEU B 217 -23.54 -54.08 1.10
CA LEU B 217 -25.00 -53.96 1.11
C LEU B 217 -25.76 -55.22 0.71
N ALA B 218 -25.09 -56.10 -0.04
CA ALA B 218 -25.69 -57.35 -0.49
C ALA B 218 -25.26 -58.57 0.33
N LYS B 219 -24.38 -58.35 1.31
CA LYS B 219 -23.85 -59.42 2.19
C LYS B 219 -24.57 -60.77 2.17
N ASN B 220 -25.76 -60.83 2.73
CA ASN B 220 -26.48 -62.09 2.79
C ASN B 220 -27.77 -62.12 1.99
N LEU B 221 -27.74 -61.60 0.77
CA LEU B 221 -28.94 -61.59 -0.04
C LEU B 221 -28.93 -62.57 -1.19
N PHE B 222 -27.84 -63.33 -1.32
CA PHE B 222 -27.73 -64.35 -2.37
C PHE B 222 -26.70 -65.39 -1.97
N HIS B 223 -26.72 -66.55 -2.64
CA HIS B 223 -25.81 -67.64 -2.30
C HIS B 223 -25.06 -68.23 -3.50
N ARG B 224 -25.42 -67.78 -4.69
CA ARG B 224 -24.76 -68.28 -5.89
C ARG B 224 -24.64 -67.06 -6.77
N ALA B 225 -23.68 -67.07 -7.67
CA ALA B 225 -23.50 -65.91 -8.51
C ALA B 225 -23.00 -66.31 -9.90
N ILE B 226 -23.60 -65.73 -10.92
CA ILE B 226 -23.20 -66.03 -12.27
C ILE B 226 -23.06 -64.75 -13.09
N SER B 227 -21.89 -64.55 -13.67
CA SER B 227 -21.68 -63.39 -14.51
C SER B 227 -21.41 -63.87 -15.93
N GLU B 228 -22.25 -63.48 -16.86
CA GLU B 228 -22.09 -63.84 -18.26
C GLU B 228 -21.51 -62.64 -19.02
N SER B 229 -20.32 -62.80 -19.60
CA SER B 229 -19.69 -61.72 -20.35
C SER B 229 -19.76 -60.35 -19.66
N GLY B 230 -19.05 -60.16 -18.55
CA GLY B 230 -19.09 -58.89 -17.86
C GLY B 230 -18.81 -58.98 -16.37
N VAL B 231 -17.86 -58.17 -15.89
CA VAL B 231 -17.50 -58.14 -14.48
C VAL B 231 -17.17 -56.73 -14.07
N ALA B 232 -16.94 -56.52 -12.77
CA ALA B 232 -16.65 -55.21 -12.23
C ALA B 232 -15.35 -54.58 -12.77
N LEU B 233 -14.56 -55.36 -13.49
CA LEU B 233 -13.33 -54.85 -14.07
C LEU B 233 -13.53 -54.47 -15.54
N THR B 234 -14.77 -54.49 -16.02
CA THR B 234 -15.07 -54.11 -17.40
C THR B 234 -15.20 -52.59 -17.34
N SER B 235 -14.04 -51.95 -17.17
CA SER B 235 -13.89 -50.51 -17.05
C SER B 235 -14.86 -49.58 -17.74
N VAL B 236 -15.32 -49.94 -18.93
CA VAL B 236 -16.26 -49.08 -19.65
C VAL B 236 -17.56 -48.82 -18.88
N LEU B 237 -17.89 -49.72 -17.96
CA LEU B 237 -19.09 -49.62 -17.13
C LEU B 237 -18.86 -49.01 -15.74
N VAL B 238 -17.61 -48.74 -15.38
CA VAL B 238 -17.30 -48.19 -14.06
C VAL B 238 -16.45 -46.92 -14.12
N LYS B 239 -17.02 -45.81 -13.60
CA LYS B 239 -16.31 -44.53 -13.60
C LYS B 239 -15.45 -44.35 -12.35
N LYS B 240 -14.16 -44.19 -12.59
CA LYS B 240 -13.23 -43.98 -11.49
C LYS B 240 -12.71 -42.56 -11.66
N GLY B 241 -12.34 -41.94 -10.54
CA GLY B 241 -11.83 -40.59 -10.59
C GLY B 241 -12.96 -39.60 -10.53
N ASP B 242 -12.64 -38.31 -10.53
CA ASP B 242 -13.65 -37.28 -10.46
C ASP B 242 -14.78 -37.55 -11.45
N VAL B 243 -16.01 -37.47 -10.95
CA VAL B 243 -17.16 -37.71 -11.78
C VAL B 243 -17.98 -36.44 -11.95
N LYS B 244 -17.47 -35.35 -11.38
CA LYS B 244 -18.16 -34.08 -11.45
C LYS B 244 -18.21 -33.45 -12.86
N PRO B 245 -17.16 -33.63 -13.66
CA PRO B 245 -17.20 -33.05 -15.02
C PRO B 245 -18.36 -33.62 -15.84
N LEU B 246 -18.59 -34.93 -15.69
CA LEU B 246 -19.66 -35.59 -16.43
C LEU B 246 -20.99 -35.17 -15.84
N ALA B 247 -21.02 -34.99 -14.53
CA ALA B 247 -22.25 -34.55 -13.91
C ALA B 247 -22.61 -33.18 -14.52
N GLU B 248 -21.67 -32.24 -14.46
CA GLU B 248 -21.89 -30.90 -15.00
C GLU B 248 -22.24 -30.91 -16.49
N GLN B 249 -21.56 -31.79 -17.23
CA GLN B 249 -21.78 -31.91 -18.65
C GLN B 249 -23.27 -32.20 -18.91
N ILE B 250 -23.87 -32.97 -18.02
CA ILE B 250 -25.28 -33.32 -18.14
C ILE B 250 -26.19 -32.14 -17.82
N ALA B 251 -25.95 -31.48 -16.68
CA ALA B 251 -26.75 -30.33 -16.27
C ALA B 251 -26.76 -29.25 -17.37
N ILE B 252 -25.59 -28.93 -17.92
CA ILE B 252 -25.53 -27.92 -18.97
C ILE B 252 -26.43 -28.31 -20.13
N THR B 253 -26.42 -29.59 -20.49
CA THR B 253 -27.23 -30.09 -21.58
C THR B 253 -28.73 -30.10 -21.22
N ALA B 254 -29.04 -30.46 -19.97
CA ALA B 254 -30.42 -30.47 -19.51
C ALA B 254 -30.86 -29.01 -19.34
N GLY B 255 -29.91 -28.10 -19.54
CA GLY B 255 -30.17 -26.67 -19.43
C GLY B 255 -30.26 -26.23 -17.99
N CYS B 256 -29.31 -26.69 -17.19
CA CYS B 256 -29.28 -26.37 -15.77
C CYS B 256 -28.03 -25.63 -15.33
N LYS B 257 -28.18 -24.80 -14.30
CA LYS B 257 -27.04 -24.06 -13.76
C LYS B 257 -26.14 -25.06 -13.02
N THR B 258 -24.84 -24.77 -12.97
CA THR B 258 -23.88 -25.63 -12.29
C THR B 258 -23.17 -24.91 -11.15
N THR B 259 -23.91 -24.13 -10.37
CA THR B 259 -23.29 -23.41 -9.28
C THR B 259 -22.73 -24.36 -8.23
N THR B 260 -23.58 -25.26 -7.72
CA THR B 260 -23.17 -26.24 -6.71
C THR B 260 -23.78 -27.60 -7.04
N SER B 261 -23.37 -28.64 -6.31
CA SER B 261 -23.93 -29.97 -6.54
C SER B 261 -25.43 -29.94 -6.30
N ALA B 262 -25.81 -29.38 -5.14
CA ALA B 262 -27.21 -29.26 -4.73
C ALA B 262 -28.09 -28.54 -5.77
N VAL B 263 -27.56 -27.48 -6.37
CA VAL B 263 -28.32 -26.75 -7.37
C VAL B 263 -28.50 -27.56 -8.66
N MET B 264 -27.54 -28.42 -8.96
CA MET B 264 -27.67 -29.24 -10.15
C MET B 264 -28.74 -30.32 -9.95
N VAL B 265 -28.58 -31.10 -8.88
CA VAL B 265 -29.51 -32.17 -8.55
C VAL B 265 -30.91 -31.63 -8.49
N HIS B 266 -31.04 -30.48 -7.85
CA HIS B 266 -32.34 -29.83 -7.71
C HIS B 266 -32.91 -29.50 -9.07
N CYS B 267 -32.12 -28.83 -9.90
CA CYS B 267 -32.58 -28.47 -11.23
C CYS B 267 -32.97 -29.72 -12.01
N LEU B 268 -32.08 -30.72 -11.97
CA LEU B 268 -32.30 -31.98 -12.68
C LEU B 268 -33.52 -32.71 -12.17
N ARG B 269 -33.89 -32.50 -10.90
CA ARG B 269 -35.08 -33.18 -10.37
C ARG B 269 -36.35 -32.54 -10.87
N GLN B 270 -36.29 -31.26 -11.23
CA GLN B 270 -37.45 -30.52 -11.72
C GLN B 270 -37.71 -30.68 -13.19
N LYS B 271 -36.80 -31.36 -13.89
CA LYS B 271 -36.98 -31.58 -15.31
C LYS B 271 -37.97 -32.74 -15.46
N THR B 272 -38.65 -32.77 -16.58
CA THR B 272 -39.63 -33.81 -16.85
C THR B 272 -38.91 -35.02 -17.42
N GLU B 273 -39.60 -36.16 -17.48
CA GLU B 273 -39.02 -37.37 -18.02
C GLU B 273 -38.58 -37.09 -19.45
N GLU B 274 -39.46 -36.46 -20.22
CA GLU B 274 -39.16 -36.14 -21.60
C GLU B 274 -37.94 -35.24 -21.72
N GLU B 275 -37.85 -34.22 -20.88
CA GLU B 275 -36.71 -33.31 -20.92
C GLU B 275 -35.40 -34.04 -20.62
N LEU B 276 -35.41 -35.02 -19.73
CA LEU B 276 -34.19 -35.75 -19.42
C LEU B 276 -33.90 -36.76 -20.54
N LEU B 277 -34.94 -37.27 -21.16
CA LEU B 277 -34.77 -38.22 -22.26
C LEU B 277 -34.09 -37.51 -23.45
N GLU B 278 -34.32 -36.20 -23.59
CA GLU B 278 -33.70 -35.45 -24.68
C GLU B 278 -32.27 -35.12 -24.28
N THR B 279 -32.02 -35.08 -22.97
CA THR B 279 -30.69 -34.81 -22.52
C THR B 279 -29.86 -36.06 -22.79
N THR B 280 -30.41 -37.23 -22.46
CA THR B 280 -29.69 -38.48 -22.71
C THR B 280 -29.40 -38.57 -24.21
N LEU B 281 -30.43 -38.29 -25.02
CA LEU B 281 -30.32 -38.32 -26.47
C LEU B 281 -29.27 -37.37 -27.05
N LYS B 282 -29.23 -36.13 -26.59
CA LYS B 282 -28.24 -35.18 -27.09
C LYS B 282 -26.85 -35.67 -26.75
N MET B 283 -26.68 -36.26 -25.57
CA MET B 283 -25.38 -36.79 -25.13
C MET B 283 -24.90 -37.85 -26.11
N LYS B 284 -25.85 -38.51 -26.77
CA LYS B 284 -25.52 -39.55 -27.72
C LYS B 284 -24.72 -40.67 -27.06
N PHE B 285 -25.24 -41.19 -25.96
CA PHE B 285 -24.59 -42.29 -25.25
C PHE B 285 -24.63 -43.51 -26.16
N LEU B 286 -24.05 -44.62 -25.71
CA LEU B 286 -24.06 -45.85 -26.48
C LEU B 286 -23.49 -45.75 -27.88
N SER B 287 -22.57 -44.81 -28.09
CA SER B 287 -21.95 -44.59 -29.39
C SER B 287 -20.48 -44.23 -29.29
N LEU B 288 -19.72 -44.64 -30.28
CA LEU B 288 -18.30 -44.36 -30.34
C LEU B 288 -18.05 -42.99 -30.94
N ASP B 289 -17.92 -41.98 -30.08
CA ASP B 289 -17.70 -40.62 -30.54
C ASP B 289 -16.40 -40.53 -31.33
N LEU B 290 -16.49 -40.20 -32.61
CA LEU B 290 -15.30 -40.11 -33.43
C LEU B 290 -14.71 -38.71 -33.49
N GLN B 291 -15.53 -37.74 -33.09
CA GLN B 291 -15.12 -36.36 -33.14
C GLN B 291 -14.53 -35.89 -31.81
N GLY B 292 -13.40 -35.20 -31.89
CA GLY B 292 -12.77 -34.68 -30.70
C GLY B 292 -11.79 -35.64 -30.05
N ASP B 293 -11.50 -35.38 -28.77
CA ASP B 293 -10.58 -36.21 -28.02
C ASP B 293 -11.29 -37.38 -27.33
N PRO B 294 -10.79 -38.61 -27.56
CA PRO B 294 -11.33 -39.84 -26.97
C PRO B 294 -11.38 -39.78 -25.46
N ARG B 295 -10.32 -39.24 -24.86
CA ARG B 295 -10.25 -39.15 -23.41
C ARG B 295 -11.37 -38.30 -22.82
N GLU B 296 -11.96 -37.46 -23.66
CA GLU B 296 -13.06 -36.59 -23.23
C GLU B 296 -14.41 -37.14 -23.67
N SER B 297 -14.53 -38.46 -23.78
CA SER B 297 -15.77 -39.06 -24.22
C SER B 297 -16.36 -40.02 -23.18
N GLN B 298 -17.61 -39.75 -22.81
CA GLN B 298 -18.32 -40.58 -21.84
C GLN B 298 -19.46 -41.33 -22.53
N PRO B 299 -19.18 -42.51 -23.08
CA PRO B 299 -20.20 -43.29 -23.77
C PRO B 299 -21.25 -43.84 -22.81
N LEU B 300 -20.91 -43.85 -21.52
CA LEU B 300 -21.81 -44.38 -20.49
C LEU B 300 -22.08 -43.55 -19.26
N LEU B 301 -23.01 -44.08 -18.48
CA LEU B 301 -23.42 -43.52 -17.21
C LEU B 301 -23.32 -44.77 -16.35
N GLY B 302 -22.14 -45.06 -15.83
CA GLY B 302 -21.99 -46.27 -15.05
C GLY B 302 -21.96 -46.25 -13.54
N THR B 303 -21.33 -47.28 -12.99
CA THR B 303 -21.17 -47.47 -11.55
C THR B 303 -20.13 -46.51 -11.04
N VAL B 304 -20.29 -46.03 -9.81
CA VAL B 304 -19.33 -45.10 -9.24
C VAL B 304 -18.97 -45.58 -7.83
N ILE B 305 -17.83 -45.16 -7.32
CA ILE B 305 -17.46 -45.57 -5.97
C ILE B 305 -18.18 -44.62 -5.01
N ASP B 306 -19.49 -44.83 -4.87
CA ASP B 306 -20.34 -43.98 -4.03
C ASP B 306 -20.07 -43.97 -2.53
N GLY B 307 -19.53 -45.07 -2.00
CA GLY B 307 -19.27 -45.10 -0.57
C GLY B 307 -20.40 -45.70 0.25
N MET B 308 -21.39 -46.28 -0.44
CA MET B 308 -22.51 -46.94 0.20
C MET B 308 -22.56 -48.36 -0.36
N LEU B 309 -22.63 -48.47 -1.69
CA LEU B 309 -22.65 -49.77 -2.35
C LEU B 309 -21.22 -50.28 -2.46
N LEU B 310 -20.31 -49.40 -2.87
CA LEU B 310 -18.90 -49.73 -3.00
C LEU B 310 -18.06 -48.75 -2.20
N LEU B 311 -17.33 -49.27 -1.22
CA LEU B 311 -16.50 -48.43 -0.38
C LEU B 311 -15.17 -48.11 -1.02
N LYS B 312 -14.79 -48.88 -2.03
CA LYS B 312 -13.52 -48.66 -2.74
C LYS B 312 -13.68 -49.13 -4.18
N THR B 313 -12.62 -49.03 -4.99
CA THR B 313 -12.68 -49.49 -6.39
C THR B 313 -12.67 -51.02 -6.41
N PRO B 314 -13.27 -51.62 -7.44
CA PRO B 314 -13.26 -53.08 -7.46
C PRO B 314 -11.87 -53.64 -7.24
N GLU B 315 -10.90 -53.13 -7.99
CA GLU B 315 -9.50 -53.57 -7.89
C GLU B 315 -9.03 -53.61 -6.44
N GLU B 316 -9.33 -52.54 -5.70
CA GLU B 316 -8.94 -52.45 -4.30
C GLU B 316 -9.72 -53.45 -3.43
N LEU B 317 -11.04 -53.44 -3.57
CA LEU B 317 -11.90 -54.34 -2.80
C LEU B 317 -11.50 -55.79 -3.00
N GLN B 318 -10.81 -56.09 -4.09
CA GLN B 318 -10.39 -57.47 -4.33
C GLN B 318 -9.14 -57.79 -3.53
N ALA B 319 -8.29 -56.79 -3.32
CA ALA B 319 -7.06 -56.98 -2.56
C ALA B 319 -7.44 -57.49 -1.17
N GLU B 320 -8.08 -56.63 -0.36
CA GLU B 320 -8.52 -57.07 0.96
C GLU B 320 -9.41 -58.24 0.57
N ARG B 321 -9.38 -59.33 1.32
CA ARG B 321 -10.17 -60.48 0.87
C ARG B 321 -11.44 -60.99 1.52
N ASN B 322 -11.38 -61.49 2.75
CA ASN B 322 -12.58 -62.07 3.36
C ASN B 322 -13.84 -61.20 3.55
N PHE B 323 -14.73 -61.16 2.55
CA PHE B 323 -15.98 -60.39 2.73
C PHE B 323 -17.06 -61.35 3.26
N HIS B 324 -17.50 -62.25 2.38
CA HIS B 324 -18.51 -63.27 2.66
C HIS B 324 -18.67 -63.88 1.27
N THR B 325 -17.73 -64.76 0.94
CA THR B 325 -17.67 -65.41 -0.37
C THR B 325 -18.71 -66.49 -0.67
N VAL B 326 -19.09 -66.56 -1.96
CA VAL B 326 -20.08 -67.52 -2.45
C VAL B 326 -19.63 -68.14 -3.76
N PRO B 327 -20.27 -69.24 -4.18
CA PRO B 327 -19.87 -69.85 -5.45
C PRO B 327 -20.18 -68.86 -6.56
N TYR B 328 -19.16 -68.57 -7.36
CA TYR B 328 -19.26 -67.60 -8.44
C TYR B 328 -18.80 -68.22 -9.75
N MET B 329 -19.71 -68.22 -10.73
CA MET B 329 -19.45 -68.74 -12.06
C MET B 329 -19.21 -67.51 -12.92
N VAL B 330 -18.09 -67.49 -13.63
CA VAL B 330 -17.77 -66.34 -14.48
C VAL B 330 -17.45 -66.84 -15.89
N GLY B 331 -18.11 -66.26 -16.89
CA GLY B 331 -17.84 -66.70 -18.24
C GLY B 331 -17.82 -65.63 -19.32
N ILE B 332 -17.19 -65.96 -20.44
CA ILE B 332 -17.08 -65.08 -21.59
C ILE B 332 -17.48 -65.88 -22.82
N ASN B 333 -17.65 -65.18 -23.94
CA ASN B 333 -18.03 -65.81 -25.19
C ASN B 333 -16.88 -65.70 -26.19
N LYS B 334 -16.76 -66.71 -27.03
CA LYS B 334 -15.70 -66.77 -28.03
C LYS B 334 -15.44 -65.44 -28.72
N GLN B 335 -16.46 -64.82 -29.32
CA GLN B 335 -16.24 -63.54 -30.02
C GLN B 335 -16.99 -62.34 -29.44
N GLU B 336 -16.69 -61.98 -28.19
CA GLU B 336 -17.35 -60.86 -27.51
C GLU B 336 -17.60 -59.57 -28.28
N PHE B 337 -16.68 -59.18 -29.15
CA PHE B 337 -16.83 -57.94 -29.92
C PHE B 337 -16.92 -58.26 -31.42
N GLY B 338 -17.50 -59.43 -31.75
CA GLY B 338 -17.60 -59.83 -33.14
C GLY B 338 -18.60 -59.13 -34.05
N TRP B 339 -19.78 -58.86 -33.53
CA TRP B 339 -20.81 -58.19 -34.33
C TRP B 339 -21.77 -57.30 -33.54
N LEU B 340 -22.40 -57.87 -32.50
CA LEU B 340 -23.39 -57.13 -31.70
C LEU B 340 -22.90 -55.80 -31.17
N ILE B 341 -21.76 -55.80 -30.50
CA ILE B 341 -21.17 -54.58 -29.94
C ILE B 341 -20.97 -53.44 -30.94
N PRO B 342 -19.98 -53.56 -31.84
CA PRO B 342 -19.73 -52.50 -32.82
C PRO B 342 -20.96 -52.01 -33.57
N MET B 343 -21.82 -52.95 -33.97
CA MET B 343 -23.04 -52.61 -34.70
C MET B 343 -23.88 -51.60 -33.91
N LEU B 344 -24.04 -51.85 -32.63
CA LEU B 344 -24.81 -50.96 -31.78
C LEU B 344 -24.08 -49.65 -31.50
N MET B 345 -22.77 -49.72 -31.39
CA MET B 345 -21.95 -48.55 -31.08
C MET B 345 -21.56 -47.76 -32.33
N SER B 346 -22.05 -48.22 -33.48
CA SER B 346 -21.72 -47.57 -34.73
C SER B 346 -20.21 -47.52 -34.98
N TYR B 347 -19.55 -48.65 -34.79
CA TYR B 347 -18.12 -48.77 -35.00
C TYR B 347 -17.84 -48.64 -36.50
N PRO B 348 -16.78 -47.91 -36.87
CA PRO B 348 -16.39 -47.68 -38.27
C PRO B 348 -15.62 -48.82 -38.94
N LEU B 349 -16.22 -50.00 -39.09
CA LEU B 349 -15.51 -51.10 -39.75
C LEU B 349 -16.25 -51.62 -40.98
N SER B 350 -16.36 -50.77 -41.98
CA SER B 350 -17.05 -51.11 -43.23
C SER B 350 -16.10 -51.59 -44.31
N GLU B 351 -15.13 -52.42 -43.95
CA GLU B 351 -14.18 -52.91 -44.92
C GLU B 351 -13.51 -54.23 -44.55
N GLY B 352 -13.34 -54.48 -43.26
CA GLY B 352 -12.72 -55.71 -42.81
C GLY B 352 -11.40 -56.10 -43.45
N GLN B 353 -10.64 -55.10 -43.87
CA GLN B 353 -9.34 -55.33 -44.49
C GLN B 353 -8.31 -54.56 -43.67
N LEU B 354 -8.76 -54.08 -42.51
CA LEU B 354 -7.97 -53.28 -41.57
C LEU B 354 -6.45 -53.49 -41.57
N ASP B 355 -5.72 -52.37 -41.62
CA ASP B 355 -4.26 -52.36 -41.62
C ASP B 355 -3.78 -51.77 -40.30
N GLN B 356 -2.62 -52.21 -39.84
CA GLN B 356 -2.06 -51.77 -38.57
C GLN B 356 -2.11 -50.27 -38.25
N LYS B 357 -1.81 -49.44 -39.24
CA LYS B 357 -1.85 -47.99 -39.04
C LYS B 357 -3.28 -47.57 -38.72
N THR B 358 -4.22 -48.02 -39.54
CA THR B 358 -5.64 -47.72 -39.36
C THR B 358 -6.16 -48.31 -38.04
N ALA B 359 -5.62 -49.46 -37.65
CA ALA B 359 -6.00 -50.12 -36.41
C ALA B 359 -5.67 -49.24 -35.19
N MET B 360 -4.47 -48.66 -35.17
CA MET B 360 -4.03 -47.79 -34.08
C MET B 360 -4.86 -46.52 -33.97
N SER B 361 -5.32 -46.02 -35.11
CA SER B 361 -6.14 -44.82 -35.16
C SER B 361 -7.47 -45.13 -34.52
N LEU B 362 -7.97 -46.34 -34.74
CA LEU B 362 -9.24 -46.74 -34.16
C LEU B 362 -9.07 -47.10 -32.69
N LEU B 363 -8.18 -48.05 -32.41
CA LEU B 363 -7.96 -48.45 -31.04
C LEU B 363 -7.80 -47.21 -30.17
N TRP B 364 -7.29 -46.14 -30.74
CA TRP B 364 -7.12 -44.91 -29.96
C TRP B 364 -8.48 -44.26 -29.76
N LYS B 365 -9.29 -44.24 -30.82
CA LYS B 365 -10.61 -43.66 -30.74
C LYS B 365 -11.49 -44.50 -29.82
N SER B 366 -11.00 -45.69 -29.45
CA SER B 366 -11.74 -46.59 -28.59
C SER B 366 -11.39 -46.44 -27.10
N TYR B 367 -10.58 -45.43 -26.78
CA TYR B 367 -10.16 -45.22 -25.41
C TYR B 367 -11.27 -45.44 -24.38
N PRO B 368 -12.47 -44.87 -24.59
CA PRO B 368 -13.56 -45.06 -23.63
C PRO B 368 -13.93 -46.50 -23.32
N LEU B 369 -13.46 -47.44 -24.12
CA LEU B 369 -13.79 -48.86 -23.90
C LEU B 369 -12.62 -49.70 -23.34
N VAL B 370 -11.43 -49.55 -23.93
CA VAL B 370 -10.26 -50.32 -23.50
C VAL B 370 -9.30 -49.58 -22.58
N CYS B 371 -9.37 -48.25 -22.58
CA CYS B 371 -8.52 -47.42 -21.73
C CYS B 371 -7.02 -47.57 -21.90
N ILE B 372 -6.55 -47.76 -23.13
CA ILE B 372 -5.12 -47.90 -23.36
C ILE B 372 -4.53 -46.54 -23.72
N ALA B 373 -3.56 -46.10 -22.92
CA ALA B 373 -2.88 -44.81 -23.14
C ALA B 373 -2.38 -44.76 -24.57
N LYS B 374 -2.47 -43.60 -25.20
CA LYS B 374 -2.04 -43.48 -26.59
C LYS B 374 -0.68 -44.15 -26.82
N GLU B 375 0.31 -43.75 -26.03
CA GLU B 375 1.66 -44.32 -26.16
C GLU B 375 1.72 -45.84 -26.27
N LEU B 376 0.83 -46.54 -25.59
CA LEU B 376 0.83 -48.00 -25.62
C LEU B 376 0.18 -48.61 -26.85
N ILE B 377 -0.70 -47.85 -27.52
CA ILE B 377 -1.39 -48.37 -28.70
C ILE B 377 -0.53 -49.19 -29.65
N PRO B 378 0.60 -48.63 -30.13
CA PRO B 378 1.44 -49.39 -31.05
C PRO B 378 1.84 -50.77 -30.52
N GLU B 379 2.19 -50.83 -29.24
CA GLU B 379 2.59 -52.09 -28.62
C GLU B 379 1.44 -53.10 -28.56
N ALA B 380 0.25 -52.63 -28.18
CA ALA B 380 -0.90 -53.49 -28.09
C ALA B 380 -1.31 -53.95 -29.47
N THR B 381 -1.12 -53.08 -30.46
CA THR B 381 -1.49 -53.38 -31.83
C THR B 381 -0.58 -54.40 -32.51
N GLU B 382 0.73 -54.33 -32.25
CA GLU B 382 1.68 -55.25 -32.84
C GLU B 382 1.64 -56.61 -32.17
N LYS B 383 1.24 -56.63 -30.91
CA LYS B 383 1.15 -57.87 -30.17
C LYS B 383 -0.01 -58.71 -30.75
N TYR B 384 -1.06 -58.06 -31.23
CA TYR B 384 -2.19 -58.78 -31.80
C TYR B 384 -2.16 -58.91 -33.32
N LEU B 385 -1.89 -57.83 -34.03
CA LEU B 385 -1.88 -57.89 -35.49
C LEU B 385 -0.52 -58.15 -36.14
N GLY B 386 0.55 -57.74 -35.46
CA GLY B 386 1.89 -57.88 -36.01
C GLY B 386 2.41 -59.28 -36.33
N GLY B 387 1.59 -60.30 -36.08
CA GLY B 387 2.04 -61.65 -36.36
C GLY B 387 1.45 -62.23 -37.64
N THR B 388 1.12 -61.36 -38.58
CA THR B 388 0.55 -61.79 -39.85
C THR B 388 0.54 -60.63 -40.84
N ASP B 389 0.04 -60.89 -42.05
CA ASP B 389 -0.04 -59.87 -43.09
C ASP B 389 -1.43 -59.81 -43.71
N ASP B 390 -2.24 -60.83 -43.46
CA ASP B 390 -3.60 -60.90 -43.99
C ASP B 390 -4.47 -59.77 -43.40
N THR B 391 -4.80 -58.81 -44.24
CA THR B 391 -5.61 -57.67 -43.82
C THR B 391 -6.93 -58.13 -43.21
N VAL B 392 -7.37 -59.34 -43.59
CA VAL B 392 -8.61 -59.90 -43.08
C VAL B 392 -8.41 -60.36 -41.65
N LYS B 393 -7.42 -61.23 -41.44
CA LYS B 393 -7.12 -61.76 -40.12
C LYS B 393 -6.71 -60.64 -39.16
N LYS B 394 -5.98 -59.65 -39.67
CA LYS B 394 -5.56 -58.52 -38.84
C LYS B 394 -6.79 -57.80 -38.29
N LYS B 395 -7.89 -57.84 -39.02
CA LYS B 395 -9.12 -57.20 -38.57
C LYS B 395 -9.77 -58.07 -37.49
N ASP B 396 -9.59 -59.38 -37.61
CA ASP B 396 -10.15 -60.33 -36.66
C ASP B 396 -9.34 -60.35 -35.38
N LEU B 397 -8.03 -60.24 -35.52
CA LEU B 397 -7.14 -60.20 -34.36
C LEU B 397 -7.39 -58.86 -33.65
N PHE B 398 -7.86 -57.89 -34.41
CA PHE B 398 -8.14 -56.58 -33.84
C PHE B 398 -9.36 -56.66 -32.92
N LEU B 399 -10.33 -57.50 -33.30
CA LEU B 399 -11.54 -57.68 -32.50
C LEU B 399 -11.22 -58.45 -31.20
N ASP B 400 -10.40 -59.50 -31.34
CA ASP B 400 -9.97 -60.29 -30.17
C ASP B 400 -9.34 -59.33 -29.19
N LEU B 401 -8.52 -58.45 -29.72
CA LEU B 401 -7.85 -57.45 -28.92
C LEU B 401 -8.84 -56.75 -28.01
N ILE B 402 -9.82 -56.08 -28.60
CA ILE B 402 -10.83 -55.33 -27.85
C ILE B 402 -11.60 -56.20 -26.86
N ALA B 403 -12.06 -57.37 -27.32
CA ALA B 403 -12.82 -58.30 -26.46
C ALA B 403 -11.98 -58.76 -25.28
N ASP B 404 -10.68 -58.91 -25.49
CA ASP B 404 -9.80 -59.34 -24.42
C ASP B 404 -9.74 -58.27 -23.35
N VAL B 405 -9.62 -57.03 -23.78
CA VAL B 405 -9.54 -55.94 -22.82
C VAL B 405 -10.86 -55.69 -22.06
N MET B 406 -12.00 -55.94 -22.71
CA MET B 406 -13.30 -55.70 -22.07
C MET B 406 -13.91 -56.86 -21.28
N PHE B 407 -13.81 -58.07 -21.82
CA PHE B 407 -14.39 -59.23 -21.16
C PHE B 407 -13.39 -60.33 -20.79
N GLY B 408 -12.55 -60.69 -21.76
CA GLY B 408 -11.57 -61.73 -21.55
C GLY B 408 -10.72 -61.60 -20.32
N VAL B 409 -9.81 -60.62 -20.33
CA VAL B 409 -8.90 -60.41 -19.22
C VAL B 409 -9.53 -59.97 -17.90
N PRO B 410 -10.48 -59.04 -17.93
CA PRO B 410 -11.06 -58.65 -16.65
C PRO B 410 -11.70 -59.86 -15.96
N SER B 411 -12.32 -60.74 -16.75
CA SER B 411 -12.97 -61.94 -16.24
C SER B 411 -12.05 -62.97 -15.56
N VAL B 412 -11.00 -63.38 -16.25
CA VAL B 412 -10.05 -64.33 -15.67
C VAL B 412 -9.44 -63.72 -14.40
N ILE B 413 -9.29 -62.41 -14.39
CA ILE B 413 -8.73 -61.80 -13.20
C ILE B 413 -9.69 -61.96 -12.04
N VAL B 414 -10.93 -61.51 -12.24
CA VAL B 414 -11.94 -61.61 -11.18
C VAL B 414 -12.14 -63.03 -10.75
N ALA B 415 -12.10 -63.95 -11.72
CA ALA B 415 -12.26 -65.35 -11.41
C ALA B 415 -11.12 -65.77 -10.50
N ARG B 416 -9.90 -65.41 -10.89
CA ARG B 416 -8.73 -65.75 -10.12
C ARG B 416 -8.76 -65.24 -8.67
N ASN B 417 -9.02 -63.94 -8.51
CA ASN B 417 -9.09 -63.39 -7.17
C ASN B 417 -10.15 -64.09 -6.33
N HIS B 418 -11.27 -64.48 -6.94
CA HIS B 418 -12.33 -65.17 -6.21
C HIS B 418 -11.80 -66.52 -5.75
N ARG B 419 -11.18 -67.25 -6.67
CA ARG B 419 -10.60 -68.52 -6.34
C ARG B 419 -9.65 -68.31 -5.16
N ASP B 420 -8.66 -67.44 -5.37
CA ASP B 420 -7.67 -67.16 -4.35
C ASP B 420 -8.27 -66.74 -3.02
N ALA B 421 -9.43 -66.08 -3.08
CA ALA B 421 -10.12 -65.64 -1.88
C ALA B 421 -10.58 -66.89 -1.12
N GLY B 422 -10.41 -68.03 -1.79
CA GLY B 422 -10.81 -69.31 -1.22
C GLY B 422 -12.31 -69.36 -1.33
N ALA B 423 -12.82 -69.87 -2.44
CA ALA B 423 -14.27 -69.94 -2.66
C ALA B 423 -14.61 -70.65 -3.98
N PRO B 424 -15.67 -71.45 -4.01
CA PRO B 424 -16.06 -72.15 -5.24
C PRO B 424 -16.08 -71.19 -6.44
N THR B 425 -15.39 -71.57 -7.52
CA THR B 425 -15.34 -70.74 -8.72
C THR B 425 -15.39 -71.56 -9.99
N TYR B 426 -16.08 -71.03 -11.00
CA TYR B 426 -16.19 -71.72 -12.28
C TYR B 426 -16.09 -70.74 -13.42
N MET B 427 -15.61 -71.22 -14.56
CA MET B 427 -15.49 -70.38 -15.75
C MET B 427 -15.89 -71.16 -16.98
N TYR B 428 -16.17 -70.43 -18.04
CA TYR B 428 -16.55 -71.06 -19.28
C TYR B 428 -16.34 -70.12 -20.44
N GLU B 429 -16.24 -70.70 -21.63
CA GLU B 429 -16.12 -69.92 -22.85
C GLU B 429 -17.22 -70.51 -23.70
N PHE B 430 -18.12 -69.67 -24.20
CA PHE B 430 -19.23 -70.14 -25.01
C PHE B 430 -18.94 -69.88 -26.48
N GLN B 431 -18.97 -70.93 -27.29
CA GLN B 431 -18.67 -70.80 -28.71
C GLN B 431 -19.73 -71.49 -29.55
N TYR B 432 -20.81 -70.76 -29.86
CA TYR B 432 -21.89 -71.30 -30.65
C TYR B 432 -22.62 -70.14 -31.32
N ARG B 433 -23.12 -70.35 -32.54
CA ARG B 433 -23.88 -69.30 -33.23
C ARG B 433 -25.35 -69.73 -33.32
N PRO B 434 -26.21 -69.21 -32.45
CA PRO B 434 -27.62 -69.59 -32.47
C PRO B 434 -28.39 -69.16 -33.70
N SER B 435 -29.27 -70.03 -34.16
CA SER B 435 -30.09 -69.75 -35.33
C SER B 435 -31.08 -68.63 -35.00
N PHE B 436 -30.95 -68.03 -33.83
CA PHE B 436 -31.85 -66.96 -33.41
C PHE B 436 -31.18 -65.62 -33.62
N SER B 437 -30.00 -65.65 -34.23
CA SER B 437 -29.26 -64.42 -34.48
C SER B 437 -29.89 -63.60 -35.62
N SER B 438 -29.54 -62.33 -35.69
CA SER B 438 -30.05 -61.43 -36.71
C SER B 438 -29.66 -61.94 -38.09
N ASP B 439 -30.37 -61.49 -39.12
CA ASP B 439 -30.06 -61.90 -40.49
C ASP B 439 -28.88 -61.13 -41.02
N MET B 440 -28.62 -60.00 -40.39
CA MET B 440 -27.54 -59.10 -40.78
C MET B 440 -26.20 -59.51 -40.19
N LYS B 441 -26.21 -60.57 -39.40
CA LYS B 441 -24.99 -61.08 -38.77
C LYS B 441 -24.43 -62.17 -39.68
N PRO B 442 -23.25 -61.90 -40.29
CA PRO B 442 -22.66 -62.92 -41.18
C PRO B 442 -22.50 -64.28 -40.49
N LYS B 443 -22.82 -65.33 -41.25
CA LYS B 443 -22.77 -66.71 -40.75
C LYS B 443 -21.44 -67.11 -40.13
N THR B 444 -20.41 -66.29 -40.33
CA THR B 444 -19.09 -66.60 -39.79
C THR B 444 -18.86 -66.22 -38.35
N VAL B 445 -19.72 -65.38 -37.77
CA VAL B 445 -19.55 -64.95 -36.38
C VAL B 445 -20.11 -65.97 -35.40
N ILE B 446 -19.21 -66.67 -34.72
CA ILE B 446 -19.57 -67.71 -33.76
C ILE B 446 -19.33 -67.23 -32.34
N GLY B 447 -20.28 -67.48 -31.44
CA GLY B 447 -20.12 -67.06 -30.06
C GLY B 447 -20.07 -65.55 -29.83
N ASP B 448 -20.88 -64.81 -30.57
CA ASP B 448 -20.93 -63.35 -30.43
C ASP B 448 -21.50 -63.01 -29.04
N HIS B 449 -21.52 -61.72 -28.74
CA HIS B 449 -22.01 -61.27 -27.46
C HIS B 449 -23.49 -61.58 -27.29
N GLY B 450 -23.83 -62.13 -26.12
CA GLY B 450 -25.21 -62.45 -25.81
C GLY B 450 -25.74 -63.72 -26.43
N ASP B 451 -24.89 -64.41 -27.19
CA ASP B 451 -25.31 -65.64 -27.85
C ASP B 451 -25.72 -66.73 -26.89
N GLU B 452 -25.10 -66.75 -25.70
CA GLU B 452 -25.41 -67.78 -24.71
C GLU B 452 -26.74 -67.54 -24.01
N LEU B 453 -27.40 -66.43 -24.31
CA LEU B 453 -28.68 -66.11 -23.71
C LEU B 453 -29.80 -67.01 -24.24
N PHE B 454 -29.74 -67.33 -25.52
CA PHE B 454 -30.76 -68.20 -26.09
C PHE B 454 -30.73 -69.58 -25.44
N SER B 455 -29.53 -70.06 -25.08
CA SER B 455 -29.41 -71.37 -24.42
C SER B 455 -29.91 -71.31 -22.97
N VAL B 456 -29.48 -70.29 -22.25
CA VAL B 456 -29.88 -70.13 -20.85
C VAL B 456 -31.38 -70.08 -20.64
N PHE B 457 -32.10 -69.32 -21.47
CA PHE B 457 -33.54 -69.19 -21.30
C PHE B 457 -34.39 -70.10 -22.16
N GLY B 458 -33.78 -71.16 -22.66
CA GLY B 458 -34.50 -72.12 -23.48
C GLY B 458 -35.27 -71.52 -24.63
N ALA B 459 -34.61 -70.65 -25.40
CA ALA B 459 -35.28 -70.05 -26.55
C ALA B 459 -35.85 -71.18 -27.42
N PRO B 460 -35.13 -72.31 -27.53
CA PRO B 460 -35.55 -73.46 -28.35
C PRO B 460 -36.90 -74.15 -28.05
N PHE B 461 -37.59 -73.71 -27.01
CA PHE B 461 -38.88 -74.32 -26.69
C PHE B 461 -39.93 -73.24 -26.75
N LEU B 462 -39.52 -72.05 -27.11
CA LEU B 462 -40.47 -70.93 -27.21
C LEU B 462 -40.56 -70.48 -28.65
N LYS B 463 -39.43 -70.50 -29.33
CA LYS B 463 -39.38 -70.15 -30.73
C LYS B 463 -39.37 -71.47 -31.49
N GLU B 464 -39.39 -71.39 -32.82
CA GLU B 464 -39.38 -72.60 -33.62
C GLU B 464 -38.18 -72.55 -34.53
N GLY B 465 -37.96 -73.64 -35.26
CA GLY B 465 -36.87 -73.72 -36.19
C GLY B 465 -35.52 -74.01 -35.58
N ALA B 466 -35.50 -74.35 -34.30
CA ALA B 466 -34.25 -74.68 -33.64
C ALA B 466 -33.85 -76.08 -34.07
N SER B 467 -32.55 -76.30 -34.25
CA SER B 467 -32.04 -77.60 -34.66
C SER B 467 -32.09 -78.52 -33.46
N GLU B 468 -31.88 -79.81 -33.69
CA GLU B 468 -31.89 -80.74 -32.58
C GLU B 468 -30.62 -80.51 -31.76
N GLU B 469 -29.59 -80.01 -32.42
CA GLU B 469 -28.30 -79.70 -31.80
C GLU B 469 -28.48 -78.54 -30.82
N GLU B 470 -29.14 -77.50 -31.30
CA GLU B 470 -29.40 -76.31 -30.51
C GLU B 470 -30.31 -76.65 -29.33
N ILE B 471 -31.21 -77.62 -29.52
CA ILE B 471 -32.11 -78.00 -28.45
C ILE B 471 -31.40 -78.69 -27.29
N ARG B 472 -30.43 -79.55 -27.61
CA ARG B 472 -29.67 -80.22 -26.58
C ARG B 472 -28.96 -79.11 -25.84
N LEU B 473 -28.11 -78.40 -26.57
CA LEU B 473 -27.33 -77.31 -26.01
C LEU B 473 -28.08 -76.59 -24.90
N SER B 474 -29.22 -76.02 -25.28
CA SER B 474 -30.05 -75.29 -24.35
C SER B 474 -30.39 -76.11 -23.09
N LYS B 475 -30.76 -77.38 -23.26
CA LYS B 475 -31.09 -78.21 -22.10
C LYS B 475 -29.86 -78.43 -21.23
N MET B 476 -28.72 -78.55 -21.87
CA MET B 476 -27.46 -78.79 -21.17
C MET B 476 -27.10 -77.58 -20.32
N VAL B 477 -27.11 -76.40 -20.95
CA VAL B 477 -26.77 -75.17 -20.26
C VAL B 477 -27.76 -74.95 -19.12
N MET B 478 -29.04 -75.05 -19.44
CA MET B 478 -30.06 -74.86 -18.40
C MET B 478 -29.82 -75.78 -17.21
N LYS B 479 -29.53 -77.04 -17.47
CA LYS B 479 -29.27 -77.97 -16.38
C LYS B 479 -28.00 -77.57 -15.61
N PHE B 480 -26.98 -77.12 -16.33
CA PHE B 480 -25.72 -76.68 -15.69
C PHE B 480 -26.02 -75.50 -14.77
N TRP B 481 -26.65 -74.46 -15.34
CA TRP B 481 -27.04 -73.24 -14.63
C TRP B 481 -27.92 -73.53 -13.41
N ALA B 482 -28.91 -74.40 -13.58
CA ALA B 482 -29.81 -74.75 -12.49
C ALA B 482 -29.18 -75.65 -11.42
N ASN B 483 -28.30 -76.55 -11.82
CA ASN B 483 -27.65 -77.41 -10.84
C ASN B 483 -26.74 -76.52 -10.07
N PHE B 484 -26.18 -75.53 -10.74
CA PHE B 484 -25.30 -74.61 -10.03
C PHE B 484 -26.11 -73.88 -8.98
N ALA B 485 -27.30 -73.44 -9.40
CA ALA B 485 -28.20 -72.70 -8.53
C ALA B 485 -28.53 -73.43 -7.23
N ARG B 486 -28.73 -74.74 -7.30
CA ARG B 486 -29.08 -75.46 -6.09
C ARG B 486 -27.92 -76.11 -5.35
N ASN B 487 -26.75 -76.14 -5.97
CA ASN B 487 -25.59 -76.77 -5.34
C ASN B 487 -24.35 -75.91 -5.25
N GLY B 488 -24.26 -74.88 -6.08
CA GLY B 488 -23.06 -74.06 -6.10
C GLY B 488 -21.98 -74.84 -6.85
N ASN B 489 -22.42 -75.88 -7.57
CA ASN B 489 -21.58 -76.77 -8.36
C ASN B 489 -22.48 -77.22 -9.50
N PRO B 490 -22.08 -76.91 -10.74
CA PRO B 490 -22.85 -77.28 -11.93
C PRO B 490 -22.89 -78.74 -12.37
N ASN B 491 -21.90 -79.52 -11.98
CA ASN B 491 -21.84 -80.91 -12.40
C ASN B 491 -23.05 -81.77 -12.06
N GLY B 492 -23.34 -82.71 -12.95
CA GLY B 492 -24.48 -83.60 -12.75
C GLY B 492 -24.42 -84.83 -13.63
N GLU B 493 -25.22 -85.82 -13.28
CA GLU B 493 -25.29 -87.07 -14.02
C GLU B 493 -25.73 -86.88 -15.49
N GLY B 494 -24.95 -87.39 -16.43
CA GLY B 494 -25.32 -87.26 -17.82
C GLY B 494 -24.65 -86.07 -18.48
N LEU B 495 -24.22 -85.12 -17.68
CA LEU B 495 -23.56 -83.92 -18.17
C LEU B 495 -22.04 -84.06 -18.21
N PRO B 496 -21.39 -83.39 -19.17
CA PRO B 496 -19.93 -83.44 -19.29
C PRO B 496 -19.33 -82.88 -17.98
N HIS B 497 -18.12 -83.28 -17.65
CA HIS B 497 -17.53 -82.79 -16.41
C HIS B 497 -17.06 -81.35 -16.57
N TRP B 498 -17.30 -80.55 -15.55
CA TRP B 498 -16.91 -79.17 -15.54
C TRP B 498 -15.89 -79.02 -14.40
N PRO B 499 -14.61 -78.85 -14.72
CA PRO B 499 -13.61 -78.72 -13.67
C PRO B 499 -13.71 -77.44 -12.84
N GLU B 500 -13.47 -77.55 -11.52
CA GLU B 500 -13.50 -76.37 -10.67
C GLU B 500 -12.37 -75.44 -11.12
N TYR B 501 -12.55 -74.13 -10.98
CA TYR B 501 -11.48 -73.22 -11.39
C TYR B 501 -10.46 -73.09 -10.27
N ASN B 502 -9.73 -74.17 -10.03
CA ASN B 502 -8.71 -74.19 -9.00
C ASN B 502 -7.41 -73.61 -9.53
N GLN B 503 -6.29 -74.11 -9.01
CA GLN B 503 -4.99 -73.63 -9.44
C GLN B 503 -4.59 -74.11 -10.84
N LYS B 504 -5.30 -75.12 -11.34
CA LYS B 504 -5.03 -75.67 -12.66
C LYS B 504 -5.82 -74.90 -13.70
N GLU B 505 -6.73 -74.05 -13.21
CA GLU B 505 -7.56 -73.21 -14.06
C GLU B 505 -8.28 -73.94 -15.16
N GLY B 506 -9.09 -74.91 -14.76
CA GLY B 506 -9.86 -75.65 -15.72
C GLY B 506 -11.20 -74.98 -15.88
N TYR B 507 -11.58 -74.73 -17.13
CA TYR B 507 -12.85 -74.08 -17.42
C TYR B 507 -13.55 -74.97 -18.44
N LEU B 508 -14.83 -74.72 -18.70
CA LEU B 508 -15.57 -75.54 -19.65
C LEU B 508 -15.76 -74.81 -20.97
N GLN B 509 -15.60 -75.55 -22.06
CA GLN B 509 -15.80 -75.00 -23.39
C GLN B 509 -17.19 -75.46 -23.81
N ILE B 510 -18.12 -74.52 -23.84
CA ILE B 510 -19.52 -74.79 -24.17
C ILE B 510 -19.84 -74.49 -25.64
N GLY B 511 -20.48 -75.45 -26.29
CA GLY B 511 -20.87 -75.31 -27.68
C GLY B 511 -21.23 -76.69 -28.19
N ALA B 512 -21.33 -76.83 -29.50
CA ALA B 512 -21.66 -78.13 -30.10
C ALA B 512 -20.85 -79.24 -29.42
N ASN B 513 -19.59 -78.93 -29.12
CA ASN B 513 -18.72 -79.88 -28.45
C ASN B 513 -18.23 -79.28 -27.15
N THR B 514 -18.83 -79.72 -26.06
CA THR B 514 -18.53 -79.21 -24.75
C THR B 514 -17.60 -80.05 -23.89
N GLN B 515 -16.33 -79.67 -23.79
CA GLN B 515 -15.38 -80.40 -22.95
C GLN B 515 -14.53 -79.44 -22.17
N ALA B 516 -13.92 -79.94 -21.09
CA ALA B 516 -13.07 -79.13 -20.25
C ALA B 516 -11.82 -78.64 -20.99
N ALA B 517 -11.02 -77.87 -20.28
CA ALA B 517 -9.79 -77.31 -20.83
C ALA B 517 -9.08 -76.62 -19.66
N GLN B 518 -8.03 -75.87 -19.95
CA GLN B 518 -7.29 -75.19 -18.89
C GLN B 518 -6.58 -73.93 -19.37
N LYS B 519 -6.26 -73.06 -18.41
CA LYS B 519 -5.56 -71.80 -18.65
C LYS B 519 -6.23 -70.83 -19.60
N LEU B 520 -7.52 -70.61 -19.41
CA LEU B 520 -8.28 -69.69 -20.25
C LEU B 520 -7.65 -68.28 -20.20
N LYS B 521 -7.39 -67.72 -21.39
CA LYS B 521 -6.82 -66.37 -21.55
C LYS B 521 -5.54 -66.11 -20.77
N ASP B 522 -4.82 -67.16 -20.37
CA ASP B 522 -3.60 -66.99 -19.59
C ASP B 522 -2.58 -65.99 -20.19
N LYS B 523 -2.18 -66.21 -21.44
CA LYS B 523 -1.22 -65.34 -22.11
C LYS B 523 -1.68 -63.89 -22.21
N GLU B 524 -2.90 -63.69 -22.71
CA GLU B 524 -3.44 -62.35 -22.84
C GLU B 524 -3.32 -61.59 -21.51
N VAL B 525 -3.84 -62.19 -20.44
CA VAL B 525 -3.81 -61.58 -19.11
C VAL B 525 -2.41 -61.18 -18.72
N ALA B 526 -1.46 -62.09 -18.93
CA ALA B 526 -0.07 -61.84 -18.59
C ALA B 526 0.44 -60.63 -19.36
N PHE B 527 -0.04 -60.51 -20.59
CA PHE B 527 0.37 -59.42 -21.47
C PHE B 527 -0.20 -58.07 -21.04
N TRP B 528 -1.51 -58.01 -20.85
CA TRP B 528 -2.13 -56.76 -20.47
C TRP B 528 -1.73 -56.28 -19.10
N THR B 529 -1.71 -57.20 -18.14
CA THR B 529 -1.35 -56.81 -16.79
C THR B 529 -0.06 -56.02 -16.80
N ASN B 530 0.92 -56.55 -17.53
CA ASN B 530 2.21 -55.92 -17.64
C ASN B 530 2.07 -54.60 -18.40
N LEU B 531 1.69 -54.69 -19.66
CA LEU B 531 1.53 -53.50 -20.48
C LEU B 531 0.88 -52.41 -19.66
N PHE B 532 -0.22 -52.76 -18.99
CA PHE B 532 -0.93 -51.78 -18.18
C PHE B 532 -0.18 -51.30 -16.96
N ALA B 533 0.75 -52.10 -16.46
CA ALA B 533 1.54 -51.75 -15.29
C ALA B 533 2.34 -50.47 -15.55
N LYS B 534 2.52 -50.15 -16.83
CA LYS B 534 3.26 -48.96 -17.25
C LYS B 534 2.47 -47.67 -16.98
N SER C 4 -66.55 -7.44 25.41
CA SER C 4 -65.35 -7.80 24.60
C SER C 4 -65.52 -9.14 23.90
N PRO C 5 -64.90 -9.31 22.72
CA PRO C 5 -64.97 -10.55 21.93
C PRO C 5 -64.62 -11.83 22.70
N PRO C 6 -65.04 -12.98 22.15
CA PRO C 6 -64.79 -14.29 22.75
C PRO C 6 -63.45 -14.89 22.27
N VAL C 7 -62.63 -15.32 23.22
CA VAL C 7 -61.36 -15.90 22.86
C VAL C 7 -61.24 -17.27 23.52
N VAL C 8 -61.30 -18.32 22.71
CA VAL C 8 -61.21 -19.69 23.19
C VAL C 8 -59.88 -20.32 22.86
N ASP C 9 -59.45 -21.24 23.70
CA ASP C 9 -58.20 -21.94 23.50
C ASP C 9 -58.51 -23.26 22.81
N THR C 10 -57.53 -23.79 22.10
CA THR C 10 -57.69 -25.06 21.41
C THR C 10 -56.36 -25.73 21.57
N VAL C 11 -56.27 -27.00 21.19
CA VAL C 11 -55.02 -27.68 21.32
C VAL C 11 -53.94 -26.92 20.57
N HIS C 12 -54.28 -26.51 19.34
CA HIS C 12 -53.34 -25.80 18.49
C HIS C 12 -53.15 -24.32 18.78
N GLY C 13 -53.95 -23.75 19.67
CA GLY C 13 -53.79 -22.33 19.97
C GLY C 13 -55.08 -21.61 20.35
N LYS C 14 -55.03 -20.29 20.38
CA LYS C 14 -56.20 -19.48 20.74
C LYS C 14 -56.97 -19.00 19.53
N VAL C 15 -58.29 -18.92 19.65
CA VAL C 15 -59.13 -18.45 18.54
C VAL C 15 -60.00 -17.27 18.98
N LEU C 16 -60.03 -16.23 18.15
CA LEU C 16 -60.82 -15.03 18.44
C LEU C 16 -62.10 -15.05 17.63
N GLY C 17 -63.24 -15.04 18.32
CA GLY C 17 -64.50 -15.06 17.61
C GLY C 17 -65.23 -13.73 17.70
N LYS C 18 -66.55 -13.81 17.66
CA LYS C 18 -67.39 -12.62 17.75
C LYS C 18 -68.75 -13.00 18.30
N PHE C 19 -69.34 -12.08 19.05
CA PHE C 19 -70.64 -12.30 19.65
C PHE C 19 -71.75 -11.83 18.75
N VAL C 20 -72.80 -12.63 18.62
CA VAL C 20 -73.94 -12.27 17.81
C VAL C 20 -75.19 -12.52 18.64
N SER C 21 -76.14 -11.59 18.58
CA SER C 21 -77.37 -11.74 19.36
C SER C 21 -78.58 -12.14 18.53
N LEU C 22 -79.47 -12.93 19.12
CA LEU C 22 -80.68 -13.35 18.45
C LEU C 22 -81.90 -12.94 19.27
N GLU C 23 -82.95 -12.49 18.59
CA GLU C 23 -84.18 -12.06 19.25
C GLU C 23 -84.80 -13.13 20.14
N GLY C 24 -84.98 -12.78 21.42
CA GLY C 24 -85.59 -13.70 22.35
C GLY C 24 -84.61 -14.42 23.25
N PHE C 25 -83.32 -14.23 23.00
CA PHE C 25 -82.30 -14.89 23.80
C PHE C 25 -81.29 -13.91 24.38
N ALA C 26 -81.17 -13.92 25.69
CA ALA C 26 -80.26 -13.03 26.39
C ALA C 26 -78.81 -13.42 26.20
N GLN C 27 -78.54 -14.72 26.17
CA GLN C 27 -77.17 -15.24 26.00
C GLN C 27 -76.66 -15.13 24.58
N PRO C 28 -75.80 -14.13 24.30
CA PRO C 28 -75.25 -13.94 22.95
C PRO C 28 -74.58 -15.22 22.49
N VAL C 29 -74.74 -15.55 21.21
CA VAL C 29 -74.11 -16.76 20.68
C VAL C 29 -72.70 -16.41 20.26
N ALA C 30 -71.74 -17.23 20.68
CA ALA C 30 -70.34 -17.03 20.32
C ALA C 30 -70.09 -17.69 18.97
N ILE C 31 -69.48 -16.95 18.04
CA ILE C 31 -69.20 -17.48 16.72
C ILE C 31 -67.71 -17.48 16.36
N PHE C 32 -67.26 -18.59 15.74
CA PHE C 32 -65.88 -18.73 15.30
C PHE C 32 -65.98 -19.21 13.86
N LEU C 33 -65.58 -18.34 12.93
CA LEU C 33 -65.67 -18.64 11.51
C LEU C 33 -64.33 -18.91 10.85
N GLY C 34 -64.20 -20.12 10.27
CA GLY C 34 -62.99 -20.47 9.58
C GLY C 34 -61.88 -21.13 10.37
N ILE C 35 -62.21 -21.91 11.41
CA ILE C 35 -61.15 -22.60 12.16
C ILE C 35 -60.65 -23.80 11.35
N PRO C 36 -59.31 -23.92 11.20
CA PRO C 36 -58.70 -25.03 10.46
C PRO C 36 -58.67 -26.31 11.29
N PHE C 37 -58.91 -27.43 10.64
CA PHE C 37 -58.89 -28.68 11.33
C PHE C 37 -57.93 -29.64 10.64
N ALA C 38 -57.04 -29.09 9.84
CA ALA C 38 -56.06 -29.90 9.14
C ALA C 38 -55.15 -29.02 8.30
N LYS C 39 -53.94 -29.51 8.05
CA LYS C 39 -52.98 -28.78 7.24
C LYS C 39 -53.59 -28.68 5.85
N PRO C 40 -53.36 -27.55 5.14
CA PRO C 40 -53.89 -27.34 3.78
C PRO C 40 -53.35 -28.39 2.83
N PRO C 41 -54.25 -29.13 2.18
CA PRO C 41 -53.93 -30.19 1.24
C PRO C 41 -53.33 -29.67 -0.05
N LEU C 42 -52.20 -28.96 0.08
CA LEU C 42 -51.54 -28.39 -1.08
C LEU C 42 -50.32 -29.17 -1.58
N GLY C 43 -49.91 -28.84 -2.81
CA GLY C 43 -48.76 -29.47 -3.45
C GLY C 43 -48.72 -30.99 -3.34
N PRO C 44 -47.74 -31.52 -2.59
CA PRO C 44 -47.59 -32.96 -2.42
C PRO C 44 -48.73 -33.59 -1.62
N LEU C 45 -49.41 -32.79 -0.80
CA LEU C 45 -50.50 -33.32 0.02
C LEU C 45 -51.81 -33.53 -0.75
N ARG C 46 -51.91 -32.98 -1.94
CA ARG C 46 -53.12 -33.16 -2.74
C ARG C 46 -53.26 -34.66 -3.02
N PHE C 47 -54.50 -35.17 -2.96
CA PHE C 47 -54.74 -36.60 -3.16
C PHE C 47 -54.05 -37.44 -2.08
N THR C 48 -54.29 -37.11 -0.83
CA THR C 48 -53.70 -37.85 0.26
C THR C 48 -54.59 -37.66 1.48
N PRO C 49 -54.46 -38.53 2.48
CA PRO C 49 -55.35 -38.28 3.61
C PRO C 49 -54.93 -36.98 4.30
N PRO C 50 -55.88 -36.32 4.96
CA PRO C 50 -55.59 -35.06 5.65
C PRO C 50 -54.58 -35.24 6.76
N GLN C 51 -53.81 -34.22 7.05
CA GLN C 51 -52.83 -34.29 8.12
C GLN C 51 -53.20 -33.26 9.14
N PRO C 52 -52.81 -33.48 10.40
CA PRO C 52 -53.14 -32.51 11.45
C PRO C 52 -52.73 -31.11 11.08
N ALA C 53 -53.38 -30.13 11.66
CA ALA C 53 -53.04 -28.76 11.35
C ALA C 53 -51.84 -28.38 12.22
N GLU C 54 -51.05 -27.45 11.70
CA GLU C 54 -49.88 -26.98 12.41
C GLU C 54 -50.34 -25.97 13.48
N PRO C 55 -49.67 -25.94 14.64
CA PRO C 55 -50.06 -25.01 15.71
C PRO C 55 -49.57 -23.57 15.49
N TRP C 56 -50.38 -22.61 15.95
CA TRP C 56 -50.07 -21.19 15.82
C TRP C 56 -49.75 -20.56 17.17
N SER C 57 -48.95 -19.50 17.16
CA SER C 57 -48.48 -18.81 18.39
C SER C 57 -49.28 -17.71 19.08
N PHE C 58 -50.25 -17.08 18.43
CA PHE C 58 -50.98 -16.05 19.15
C PHE C 58 -52.48 -16.29 19.15
N VAL C 59 -53.27 -15.28 18.81
CA VAL C 59 -54.70 -15.45 18.79
C VAL C 59 -55.19 -15.44 17.34
N LYS C 60 -55.54 -16.62 16.85
CA LYS C 60 -56.00 -16.77 15.48
C LYS C 60 -57.37 -16.12 15.32
N ASN C 61 -57.37 -14.93 14.69
CA ASN C 61 -58.58 -14.16 14.45
C ASN C 61 -59.54 -14.95 13.58
N ALA C 62 -60.48 -15.64 14.23
CA ALA C 62 -61.48 -16.47 13.55
C ALA C 62 -62.80 -15.74 13.30
N THR C 63 -62.77 -14.65 12.55
CA THR C 63 -64.00 -13.89 12.30
C THR C 63 -64.29 -13.64 10.82
N SER C 64 -63.48 -14.23 9.95
CA SER C 64 -63.67 -14.11 8.49
C SER C 64 -64.06 -15.48 7.96
N TYR C 65 -65.00 -15.50 7.02
CA TYR C 65 -65.45 -16.76 6.44
C TYR C 65 -64.37 -17.38 5.57
N PRO C 66 -64.17 -18.71 5.71
CA PRO C 66 -63.16 -19.44 4.92
C PRO C 66 -63.58 -19.53 3.47
N PRO C 67 -62.66 -19.93 2.58
CA PRO C 67 -63.07 -20.03 1.18
C PRO C 67 -63.74 -21.38 1.07
N MET C 68 -64.16 -21.75 -0.14
CA MET C 68 -64.77 -23.06 -0.32
C MET C 68 -63.85 -23.89 -1.24
N CYS C 69 -63.81 -25.21 -1.05
CA CYS C 69 -62.95 -26.02 -1.90
C CYS C 69 -63.22 -25.78 -3.37
N THR C 70 -62.15 -25.78 -4.15
CA THR C 70 -62.25 -25.56 -5.58
C THR C 70 -63.41 -26.35 -6.14
N GLN C 71 -64.32 -25.62 -6.76
CA GLN C 71 -65.50 -26.20 -7.38
C GLN C 71 -65.90 -25.23 -8.47
N ASP C 72 -66.94 -25.57 -9.21
CA ASP C 72 -67.42 -24.69 -10.24
C ASP C 72 -67.97 -23.51 -9.47
N PRO C 73 -67.41 -22.31 -9.65
CA PRO C 73 -67.90 -21.12 -8.92
C PRO C 73 -69.33 -20.68 -9.22
N LYS C 74 -69.79 -20.97 -10.44
CA LYS C 74 -71.14 -20.59 -10.83
C LYS C 74 -72.17 -21.46 -10.14
N ALA C 75 -72.08 -22.78 -10.34
CA ALA C 75 -73.02 -23.72 -9.73
C ALA C 75 -72.88 -23.68 -8.23
N GLY C 76 -71.65 -23.45 -7.76
CA GLY C 76 -71.42 -23.37 -6.34
C GLY C 76 -72.27 -22.28 -5.74
N GLN C 77 -72.16 -21.08 -6.30
CA GLN C 77 -72.93 -19.96 -5.80
C GLN C 77 -74.44 -20.15 -5.95
N LEU C 78 -74.87 -20.72 -7.07
CA LEU C 78 -76.29 -20.94 -7.30
C LEU C 78 -76.86 -21.85 -6.23
N LEU C 79 -76.04 -22.77 -5.75
CA LEU C 79 -76.48 -23.71 -4.73
C LEU C 79 -76.48 -23.07 -3.36
N SER C 80 -75.50 -22.22 -3.11
CA SER C 80 -75.41 -21.54 -1.83
C SER C 80 -76.70 -20.73 -1.66
N GLU C 81 -77.02 -19.94 -2.66
CA GLU C 81 -78.22 -19.11 -2.64
C GLU C 81 -79.47 -19.94 -2.36
N LEU C 82 -79.71 -20.94 -3.21
CA LEU C 82 -80.86 -21.81 -3.09
C LEU C 82 -81.02 -22.46 -1.74
N PHE C 83 -79.92 -22.70 -1.01
CA PHE C 83 -79.98 -23.36 0.29
C PHE C 83 -79.76 -22.55 1.58
N THR C 84 -79.11 -21.40 1.46
CA THR C 84 -78.80 -20.60 2.64
C THR C 84 -80.03 -20.11 3.42
N ASN C 85 -79.84 -19.93 4.71
CA ASN C 85 -80.90 -19.49 5.62
C ASN C 85 -80.66 -18.06 6.12
N ARG C 86 -79.71 -17.37 5.48
CA ARG C 86 -79.36 -15.99 5.82
C ARG C 86 -80.24 -15.04 5.04
N LYS C 87 -80.36 -13.80 5.50
CA LYS C 87 -81.20 -12.83 4.80
C LYS C 87 -80.50 -12.36 3.52
N GLU C 88 -79.24 -12.75 3.35
CA GLU C 88 -78.47 -12.40 2.16
C GLU C 88 -77.35 -13.41 1.99
N ASN C 89 -77.20 -13.98 0.80
CA ASN C 89 -76.14 -14.96 0.59
C ASN C 89 -74.77 -14.37 0.81
N ILE C 90 -73.81 -15.24 1.15
CA ILE C 90 -72.43 -14.82 1.40
C ILE C 90 -71.52 -15.22 0.24
N PRO C 91 -70.99 -14.24 -0.50
CA PRO C 91 -70.10 -14.54 -1.63
C PRO C 91 -68.82 -15.18 -1.11
N LEU C 92 -68.53 -16.40 -1.54
CA LEU C 92 -67.32 -17.06 -1.07
C LEU C 92 -66.22 -17.03 -2.12
N LYS C 93 -65.01 -17.30 -1.65
CA LYS C 93 -63.83 -17.33 -2.49
C LYS C 93 -63.42 -18.80 -2.68
N LEU C 94 -62.82 -19.10 -3.81
CA LEU C 94 -62.38 -20.48 -4.10
C LEU C 94 -60.98 -20.74 -3.57
N SER C 95 -60.64 -22.00 -3.34
CA SER C 95 -59.30 -22.35 -2.82
C SER C 95 -59.16 -23.82 -2.41
N GLU C 96 -58.00 -24.39 -2.68
CA GLU C 96 -57.76 -25.77 -2.30
C GLU C 96 -57.60 -25.73 -0.80
N ASP C 97 -57.18 -24.57 -0.30
CA ASP C 97 -57.00 -24.35 1.13
C ASP C 97 -58.38 -24.11 1.71
N CYS C 98 -59.13 -25.19 1.88
CA CYS C 98 -60.50 -25.12 2.37
C CYS C 98 -60.84 -26.01 3.57
N LEU C 99 -59.86 -26.66 4.19
CA LEU C 99 -60.20 -27.51 5.32
C LEU C 99 -60.41 -26.77 6.63
N TYR C 100 -61.53 -26.05 6.73
CA TYR C 100 -61.85 -25.30 7.93
C TYR C 100 -63.26 -25.67 8.37
N LEU C 101 -63.61 -25.32 9.59
CA LEU C 101 -64.95 -25.57 10.09
C LEU C 101 -65.47 -24.33 10.82
N ASN C 102 -66.79 -24.19 10.90
CA ASN C 102 -67.34 -23.05 11.61
C ASN C 102 -68.08 -23.49 12.88
N ILE C 103 -67.85 -22.76 13.97
CA ILE C 103 -68.48 -23.09 15.24
C ILE C 103 -69.51 -22.07 15.68
N TYR C 104 -70.60 -22.59 16.27
CA TYR C 104 -71.66 -21.77 16.79
C TYR C 104 -72.02 -22.35 18.15
N THR C 105 -71.51 -21.73 19.21
CA THR C 105 -71.82 -22.21 20.55
C THR C 105 -72.58 -21.15 21.37
N PRO C 106 -73.74 -21.52 21.93
CA PRO C 106 -74.57 -20.61 22.73
C PRO C 106 -74.24 -20.71 24.22
N ALA C 107 -73.25 -21.53 24.55
CA ALA C 107 -72.85 -21.73 25.93
C ALA C 107 -72.14 -20.51 26.50
N ASP C 108 -72.09 -20.43 27.83
CA ASP C 108 -71.40 -19.33 28.51
C ASP C 108 -69.97 -19.79 28.73
N LEU C 109 -69.11 -19.42 27.80
CA LEU C 109 -67.71 -19.82 27.85
C LEU C 109 -66.98 -19.46 29.14
N THR C 110 -67.69 -18.83 30.08
CA THR C 110 -67.09 -18.46 31.36
C THR C 110 -67.39 -19.54 32.40
N LYS C 111 -68.27 -20.46 32.05
CA LYS C 111 -68.63 -21.56 32.94
C LYS C 111 -68.43 -22.84 32.15
N LYS C 112 -68.32 -23.97 32.85
CA LYS C 112 -68.16 -25.25 32.15
C LYS C 112 -69.50 -25.74 31.66
N ASN C 113 -69.60 -25.95 30.36
CA ASN C 113 -70.83 -26.43 29.76
C ASN C 113 -70.48 -27.66 28.97
N ARG C 114 -71.48 -28.48 28.66
CA ARG C 114 -71.25 -29.69 27.89
C ARG C 114 -72.48 -29.96 27.06
N LEU C 115 -72.80 -28.99 26.20
CA LEU C 115 -73.97 -29.08 25.33
C LEU C 115 -73.77 -30.11 24.25
N PRO C 116 -74.87 -30.64 23.69
CA PRO C 116 -74.81 -31.63 22.62
C PRO C 116 -74.28 -30.95 21.34
N VAL C 117 -73.50 -31.67 20.55
CA VAL C 117 -72.97 -31.05 19.37
C VAL C 117 -73.53 -31.68 18.11
N MET C 118 -73.89 -30.81 17.17
CA MET C 118 -74.44 -31.23 15.89
C MET C 118 -73.50 -30.80 14.80
N VAL C 119 -72.83 -31.76 14.18
CA VAL C 119 -71.86 -31.47 13.13
C VAL C 119 -72.53 -31.60 11.78
N TRP C 120 -72.67 -30.48 11.06
CA TRP C 120 -73.32 -30.47 9.76
C TRP C 120 -72.39 -30.66 8.57
N ILE C 121 -72.80 -31.51 7.64
CA ILE C 121 -72.03 -31.78 6.44
C ILE C 121 -72.91 -31.41 5.26
N HIS C 122 -72.55 -30.36 4.53
CA HIS C 122 -73.37 -29.89 3.39
C HIS C 122 -73.47 -30.89 2.24
N GLY C 123 -74.52 -30.73 1.44
CA GLY C 123 -74.69 -31.59 0.28
C GLY C 123 -74.11 -30.85 -0.92
N GLY C 124 -74.43 -31.30 -2.12
CA GLY C 124 -73.88 -30.63 -3.28
C GLY C 124 -73.25 -31.66 -4.19
N GLY C 125 -73.60 -32.93 -3.96
CA GLY C 125 -73.10 -34.03 -4.75
C GLY C 125 -71.62 -34.28 -4.73
N LEU C 126 -70.95 -33.83 -3.68
CA LEU C 126 -69.51 -34.00 -3.58
C LEU C 126 -68.79 -33.32 -4.72
N MET C 127 -69.43 -32.33 -5.33
CA MET C 127 -68.83 -31.58 -6.44
C MET C 127 -68.79 -30.11 -6.12
N VAL C 128 -69.79 -29.64 -5.37
CA VAL C 128 -69.89 -28.23 -5.01
C VAL C 128 -70.54 -28.13 -3.66
N GLY C 129 -70.23 -27.07 -2.92
CA GLY C 129 -70.82 -26.90 -1.61
C GLY C 129 -69.91 -26.13 -0.67
N ALA C 130 -70.49 -25.58 0.39
CA ALA C 130 -69.73 -24.80 1.38
C ALA C 130 -70.36 -24.90 2.76
N ALA C 131 -69.60 -24.59 3.80
CA ALA C 131 -70.16 -24.66 5.15
C ALA C 131 -70.69 -23.30 5.54
N SER C 132 -70.09 -22.24 5.02
CA SER C 132 -70.52 -20.89 5.35
C SER C 132 -71.92 -20.56 4.85
N THR C 133 -72.47 -21.46 4.03
CA THR C 133 -73.81 -21.31 3.47
C THR C 133 -74.89 -21.44 4.54
N TYR C 134 -74.64 -22.32 5.51
CA TYR C 134 -75.58 -22.59 6.59
C TYR C 134 -75.13 -21.95 7.88
N ASP C 135 -75.93 -20.98 8.34
CA ASP C 135 -75.69 -20.24 9.58
C ASP C 135 -76.41 -20.96 10.74
N GLY C 136 -75.64 -21.39 11.74
CA GLY C 136 -76.20 -22.12 12.86
C GLY C 136 -76.67 -21.26 14.03
N LEU C 137 -76.66 -19.95 13.85
CA LEU C 137 -77.09 -19.02 14.90
C LEU C 137 -78.42 -19.47 15.48
N ALA C 138 -79.44 -19.53 14.61
CA ALA C 138 -80.79 -19.92 14.97
C ALA C 138 -80.89 -21.24 15.74
N LEU C 139 -80.48 -22.32 15.08
CA LEU C 139 -80.53 -23.64 15.69
C LEU C 139 -79.79 -23.65 17.02
N ALA C 140 -78.56 -23.14 17.01
CA ALA C 140 -77.76 -23.10 18.22
C ALA C 140 -78.44 -22.35 19.37
N ALA C 141 -78.90 -21.13 19.11
CA ALA C 141 -79.57 -20.36 20.16
C ALA C 141 -80.94 -20.97 20.54
N HIS C 142 -81.71 -21.39 19.55
CA HIS C 142 -83.02 -21.96 19.76
C HIS C 142 -83.10 -23.32 20.47
N GLU C 143 -82.21 -24.26 20.17
CA GLU C 143 -82.26 -25.54 20.83
C GLU C 143 -81.16 -25.72 21.87
N ASN C 144 -80.31 -24.72 21.99
CA ASN C 144 -79.22 -24.78 22.96
C ASN C 144 -78.22 -25.90 22.68
N VAL C 145 -77.91 -26.11 21.41
CA VAL C 145 -76.96 -27.12 21.01
C VAL C 145 -75.79 -26.37 20.40
N VAL C 146 -74.64 -27.04 20.26
CA VAL C 146 -73.51 -26.36 19.64
C VAL C 146 -73.49 -26.82 18.21
N VAL C 147 -73.67 -25.87 17.29
CA VAL C 147 -73.66 -26.21 15.88
C VAL C 147 -72.27 -26.02 15.29
N VAL C 148 -71.84 -27.02 14.51
CA VAL C 148 -70.54 -27.01 13.86
C VAL C 148 -70.72 -27.31 12.38
N THR C 149 -70.20 -26.46 11.50
CA THR C 149 -70.33 -26.74 10.06
C THR C 149 -68.93 -27.00 9.52
N ILE C 150 -68.75 -28.16 8.89
CA ILE C 150 -67.42 -28.53 8.36
C ILE C 150 -67.41 -28.56 6.84
N GLN C 151 -66.21 -28.39 6.27
CA GLN C 151 -66.02 -28.43 4.83
C GLN C 151 -65.08 -29.58 4.55
N TYR C 152 -64.97 -29.94 3.27
CA TYR C 152 -64.09 -31.04 2.86
C TYR C 152 -63.83 -30.95 1.38
N ARG C 153 -62.70 -31.50 0.92
CA ARG C 153 -62.37 -31.48 -0.49
C ARG C 153 -63.48 -32.07 -1.35
N LEU C 154 -63.78 -31.41 -2.46
CA LEU C 154 -64.83 -31.86 -3.38
C LEU C 154 -64.29 -32.27 -4.75
N GLY C 155 -65.15 -32.88 -5.56
CA GLY C 155 -64.73 -33.33 -6.87
C GLY C 155 -63.35 -33.96 -6.96
N ILE C 156 -62.68 -33.69 -8.08
CA ILE C 156 -61.36 -34.19 -8.37
C ILE C 156 -60.48 -34.19 -7.13
N TRP C 157 -60.35 -33.04 -6.50
CA TRP C 157 -59.54 -32.89 -5.30
C TRP C 157 -59.92 -33.89 -4.21
N GLY C 158 -61.20 -33.98 -3.88
CA GLY C 158 -61.61 -34.88 -2.82
C GLY C 158 -61.99 -36.33 -3.10
N PHE C 159 -62.13 -36.72 -4.37
CA PHE C 159 -62.55 -38.10 -4.65
C PHE C 159 -61.89 -38.80 -5.85
N PHE C 160 -60.79 -38.26 -6.36
CA PHE C 160 -60.12 -38.89 -7.48
C PHE C 160 -59.48 -40.18 -7.01
N SER C 161 -59.71 -41.25 -7.77
CA SER C 161 -59.18 -42.58 -7.43
C SER C 161 -58.62 -43.32 -8.64
N THR C 162 -57.62 -44.17 -8.39
CA THR C 162 -57.02 -44.96 -9.46
C THR C 162 -57.38 -46.43 -9.28
N GLY C 163 -58.15 -46.71 -8.23
CA GLY C 163 -58.56 -48.08 -7.95
C GLY C 163 -57.50 -48.87 -7.22
N ASP C 164 -56.36 -48.23 -6.91
CA ASP C 164 -55.26 -48.89 -6.21
C ASP C 164 -54.55 -47.98 -5.18
N GLU C 165 -53.49 -48.52 -4.57
CA GLU C 165 -52.73 -47.82 -3.54
C GLU C 165 -52.18 -46.43 -3.86
N HIS C 166 -51.99 -46.16 -5.15
CA HIS C 166 -51.45 -44.87 -5.57
C HIS C 166 -52.42 -43.69 -5.42
N SER C 167 -53.69 -44.00 -5.16
CA SER C 167 -54.75 -43.00 -4.96
C SER C 167 -56.07 -43.74 -4.65
N ARG C 168 -56.19 -44.22 -3.41
CA ARG C 168 -57.39 -44.95 -3.00
C ARG C 168 -58.62 -44.15 -3.29
N GLY C 169 -58.61 -42.89 -2.86
CA GLY C 169 -59.74 -42.00 -3.06
C GLY C 169 -60.37 -41.62 -1.73
N ASN C 170 -61.62 -41.14 -1.79
CA ASN C 170 -62.39 -40.73 -0.61
C ASN C 170 -61.66 -39.67 0.24
N TRP C 171 -60.82 -38.87 -0.40
CA TRP C 171 -60.10 -37.84 0.31
C TRP C 171 -61.09 -36.99 1.06
N GLY C 172 -62.24 -36.75 0.45
CA GLY C 172 -63.27 -35.93 1.08
C GLY C 172 -63.82 -36.49 2.37
N HIS C 173 -64.17 -37.77 2.36
CA HIS C 173 -64.73 -38.43 3.52
C HIS C 173 -63.67 -38.51 4.62
N LEU C 174 -62.41 -38.61 4.21
CA LEU C 174 -61.35 -38.67 5.19
C LEU C 174 -61.28 -37.31 5.91
N ASP C 175 -61.49 -36.23 5.14
CA ASP C 175 -61.49 -34.89 5.72
C ASP C 175 -62.64 -34.80 6.72
N GLN C 176 -63.78 -35.38 6.35
CA GLN C 176 -64.97 -35.34 7.20
C GLN C 176 -64.64 -36.00 8.53
N VAL C 177 -63.89 -37.11 8.46
CA VAL C 177 -63.48 -37.84 9.67
C VAL C 177 -62.45 -37.03 10.44
N ALA C 178 -61.44 -36.55 9.73
CA ALA C 178 -60.40 -35.74 10.36
C ALA C 178 -61.05 -34.63 11.17
N ALA C 179 -62.16 -34.10 10.64
CA ALA C 179 -62.89 -33.03 11.30
C ALA C 179 -63.52 -33.50 12.61
N LEU C 180 -64.16 -34.67 12.56
CA LEU C 180 -64.80 -35.22 13.76
C LEU C 180 -63.78 -35.57 14.83
N ARG C 181 -62.52 -35.73 14.43
CA ARG C 181 -61.47 -36.03 15.40
C ARG C 181 -61.14 -34.71 16.04
N TRP C 182 -61.23 -33.64 15.24
CA TRP C 182 -60.95 -32.30 15.75
C TRP C 182 -61.93 -32.02 16.89
N VAL C 183 -63.22 -32.21 16.60
CA VAL C 183 -64.28 -31.98 17.56
C VAL C 183 -64.03 -32.71 18.88
N GLN C 184 -63.71 -34.00 18.84
CA GLN C 184 -63.47 -34.75 20.06
C GLN C 184 -62.38 -34.12 20.92
N ASP C 185 -61.37 -33.56 20.26
CA ASP C 185 -60.24 -32.97 20.97
C ASP C 185 -60.30 -31.50 21.31
N ASN C 186 -61.32 -30.78 20.84
CA ASN C 186 -61.38 -29.36 21.10
C ASN C 186 -62.77 -28.85 21.40
N ILE C 187 -63.78 -29.60 20.99
CA ILE C 187 -65.13 -29.12 21.18
C ILE C 187 -65.46 -28.76 22.62
N ALA C 188 -64.84 -29.45 23.59
CA ALA C 188 -65.11 -29.13 25.00
C ALA C 188 -64.85 -27.64 25.31
N SER C 189 -63.82 -27.07 24.70
CA SER C 189 -63.46 -25.68 24.91
C SER C 189 -64.52 -24.68 24.48
N PHE C 190 -65.49 -25.12 23.69
CA PHE C 190 -66.54 -24.23 23.25
C PHE C 190 -67.84 -24.49 24.00
N GLY C 191 -67.77 -25.23 25.10
CA GLY C 191 -68.95 -25.52 25.89
C GLY C 191 -69.69 -26.78 25.45
N GLY C 192 -69.14 -27.50 24.49
CA GLY C 192 -69.81 -28.69 23.99
C GLY C 192 -69.30 -30.02 24.51
N ASN C 193 -70.20 -31.00 24.60
CA ASN C 193 -69.83 -32.32 25.11
C ASN C 193 -69.37 -33.30 24.03
N PRO C 194 -68.07 -33.61 24.04
CA PRO C 194 -67.51 -34.55 23.07
C PRO C 194 -68.10 -35.95 23.19
N GLY C 195 -68.65 -36.26 24.36
CA GLY C 195 -69.25 -37.56 24.57
C GLY C 195 -70.64 -37.71 23.95
N SER C 196 -71.06 -36.68 23.22
CA SER C 196 -72.37 -36.70 22.57
C SER C 196 -72.33 -35.83 21.31
N VAL C 197 -71.87 -36.44 20.22
CA VAL C 197 -71.76 -35.75 18.94
C VAL C 197 -72.68 -36.31 17.86
N THR C 198 -73.51 -35.45 17.30
CA THR C 198 -74.42 -35.86 16.26
C THR C 198 -74.00 -35.33 14.89
N ILE C 199 -73.87 -36.23 13.92
CA ILE C 199 -73.53 -35.81 12.57
C ILE C 199 -74.83 -35.83 11.79
N PHE C 200 -74.94 -34.95 10.79
CA PHE C 200 -76.13 -34.91 9.95
C PHE C 200 -75.87 -34.02 8.74
N GLY C 201 -76.59 -34.27 7.68
CA GLY C 201 -76.45 -33.48 6.48
C GLY C 201 -77.49 -33.95 5.49
N GLU C 202 -77.63 -33.22 4.38
CA GLU C 202 -78.60 -33.60 3.38
C GLU C 202 -77.91 -33.88 2.04
N SER C 203 -78.50 -34.76 1.23
CA SER C 203 -77.96 -35.09 -0.09
C SER C 203 -76.60 -35.79 0.03
N ALA C 204 -75.57 -35.25 -0.60
CA ALA C 204 -74.24 -35.81 -0.53
C ALA C 204 -73.78 -35.80 0.94
N GLY C 205 -74.38 -34.92 1.73
CA GLY C 205 -74.06 -34.84 3.15
C GLY C 205 -74.87 -35.94 3.82
N GLY C 206 -75.98 -36.29 3.19
CA GLY C 206 -76.81 -37.35 3.69
C GLY C 206 -76.20 -38.71 3.36
N GLU C 207 -75.48 -38.76 2.24
CA GLU C 207 -74.82 -39.99 1.82
C GLU C 207 -73.56 -40.16 2.68
N SER C 208 -72.92 -39.05 3.02
CA SER C 208 -71.70 -39.06 3.83
C SER C 208 -71.96 -39.58 5.23
N VAL C 209 -72.97 -39.02 5.87
CA VAL C 209 -73.32 -39.42 7.21
C VAL C 209 -73.58 -40.91 7.16
N SER C 210 -74.22 -41.37 6.09
CA SER C 210 -74.52 -42.78 5.91
C SER C 210 -73.21 -43.59 5.80
N VAL C 211 -72.31 -43.12 4.94
CA VAL C 211 -71.02 -43.77 4.74
C VAL C 211 -70.28 -43.86 6.08
N LEU C 212 -70.14 -42.73 6.77
CA LEU C 212 -69.44 -42.71 8.06
C LEU C 212 -70.04 -43.72 9.08
N VAL C 213 -71.35 -43.94 9.00
CA VAL C 213 -72.00 -44.86 9.90
C VAL C 213 -71.54 -46.30 9.63
N LEU C 214 -71.01 -46.55 8.44
CA LEU C 214 -70.54 -47.88 8.09
C LEU C 214 -69.01 -48.00 8.11
N SER C 215 -68.32 -46.89 8.26
CA SER C 215 -66.87 -46.91 8.25
C SER C 215 -66.24 -47.12 9.61
N PRO C 216 -65.32 -48.09 9.73
CA PRO C 216 -64.65 -48.37 11.00
C PRO C 216 -63.80 -47.19 11.47
N LEU C 217 -63.37 -46.36 10.52
CA LEU C 217 -62.54 -45.20 10.85
C LEU C 217 -63.25 -44.15 11.68
N ALA C 218 -64.58 -44.16 11.66
CA ALA C 218 -65.32 -43.13 12.39
C ALA C 218 -65.96 -43.60 13.66
N LYS C 219 -65.65 -44.82 14.06
CA LYS C 219 -66.24 -45.35 15.28
C LYS C 219 -65.79 -44.48 16.44
N ASN C 220 -66.75 -44.16 17.30
CA ASN C 220 -66.52 -43.35 18.50
C ASN C 220 -66.31 -41.87 18.25
N LEU C 221 -66.56 -41.44 17.01
CA LEU C 221 -66.41 -40.04 16.65
C LEU C 221 -67.76 -39.31 16.71
N PHE C 222 -68.83 -40.10 16.79
CA PHE C 222 -70.18 -39.55 16.91
C PHE C 222 -71.06 -40.58 17.63
N HIS C 223 -72.18 -40.13 18.19
CA HIS C 223 -73.06 -41.01 18.95
C HIS C 223 -74.47 -41.08 18.43
N ARG C 224 -74.78 -40.30 17.40
CA ARG C 224 -76.10 -40.26 16.79
C ARG C 224 -75.94 -39.77 15.36
N ALA C 225 -76.72 -40.33 14.44
CA ALA C 225 -76.63 -39.95 13.03
C ALA C 225 -78.00 -39.61 12.47
N ILE C 226 -78.03 -38.65 11.53
CA ILE C 226 -79.25 -38.22 10.84
C ILE C 226 -78.92 -38.03 9.38
N SER C 227 -79.67 -38.66 8.48
CA SER C 227 -79.45 -38.50 7.03
C SER C 227 -80.66 -37.78 6.44
N GLU C 228 -80.43 -36.86 5.51
CA GLU C 228 -81.56 -36.14 4.91
C GLU C 228 -81.51 -36.19 3.39
N SER C 229 -82.49 -36.87 2.77
CA SER C 229 -82.53 -36.97 1.32
C SER C 229 -81.17 -37.45 0.81
N GLY C 230 -80.75 -38.64 1.23
CA GLY C 230 -79.47 -39.14 0.79
C GLY C 230 -78.91 -40.17 1.75
N VAL C 231 -78.42 -41.28 1.20
CA VAL C 231 -77.84 -42.35 2.01
C VAL C 231 -76.74 -43.06 1.23
N ALA C 232 -76.11 -44.05 1.85
CA ALA C 232 -75.03 -44.80 1.21
C ALA C 232 -75.52 -45.63 0.02
N LEU C 233 -76.82 -45.90 -0.03
CA LEU C 233 -77.39 -46.68 -1.12
C LEU C 233 -77.85 -45.81 -2.28
N THR C 234 -77.49 -44.52 -2.28
CA THR C 234 -77.88 -43.63 -3.39
C THR C 234 -76.91 -43.80 -4.57
N SER C 235 -77.09 -44.89 -5.31
CA SER C 235 -76.26 -45.23 -6.45
C SER C 235 -75.36 -44.18 -7.12
N VAL C 236 -75.88 -43.00 -7.43
CA VAL C 236 -75.04 -42.03 -8.13
C VAL C 236 -73.90 -41.43 -7.34
N LEU C 237 -73.95 -41.48 -6.02
CA LEU C 237 -72.88 -40.92 -5.19
C LEU C 237 -71.78 -41.95 -4.93
N VAL C 238 -72.10 -43.23 -5.11
CA VAL C 238 -71.14 -44.31 -4.89
C VAL C 238 -70.71 -44.99 -6.18
N LYS C 239 -69.41 -45.18 -6.34
CA LYS C 239 -68.90 -45.83 -7.53
C LYS C 239 -68.45 -47.22 -7.14
N LYS C 240 -69.19 -48.21 -7.59
CA LYS C 240 -68.83 -49.59 -7.32
C LYS C 240 -68.33 -50.12 -8.65
N GLY C 241 -67.28 -50.93 -8.59
CA GLY C 241 -66.70 -51.48 -9.81
C GLY C 241 -65.39 -50.84 -10.21
N ASP C 242 -64.95 -51.14 -11.41
CA ASP C 242 -63.71 -50.62 -11.96
C ASP C 242 -63.74 -49.10 -12.13
N VAL C 243 -63.05 -48.38 -11.24
CA VAL C 243 -63.04 -46.90 -11.33
C VAL C 243 -61.92 -46.40 -12.25
N LYS C 244 -60.98 -47.29 -12.53
CA LYS C 244 -59.85 -46.97 -13.39
C LYS C 244 -60.25 -46.20 -14.65
N PRO C 245 -61.23 -46.70 -15.42
CA PRO C 245 -61.67 -46.03 -16.64
C PRO C 245 -61.88 -44.53 -16.46
N LEU C 246 -62.58 -44.16 -15.40
CA LEU C 246 -62.84 -42.75 -15.14
C LEU C 246 -61.55 -41.96 -14.95
N ALA C 247 -60.68 -42.46 -14.08
CA ALA C 247 -59.43 -41.78 -13.80
C ALA C 247 -58.67 -41.44 -15.07
N GLU C 248 -58.62 -42.36 -16.02
CA GLU C 248 -57.90 -42.09 -17.24
C GLU C 248 -58.62 -41.01 -18.04
N GLN C 249 -59.95 -41.04 -18.00
CA GLN C 249 -60.76 -40.06 -18.71
C GLN C 249 -60.40 -38.69 -18.15
N ILE C 250 -60.31 -38.63 -16.83
CA ILE C 250 -59.97 -37.40 -16.15
C ILE C 250 -58.55 -37.00 -16.55
N ALA C 251 -57.60 -37.91 -16.31
CA ALA C 251 -56.21 -37.68 -16.63
C ALA C 251 -56.05 -37.25 -18.09
N ILE C 252 -56.54 -38.06 -19.03
CA ILE C 252 -56.44 -37.68 -20.42
C ILE C 252 -56.96 -36.25 -20.67
N THR C 253 -58.01 -35.89 -19.94
CA THR C 253 -58.58 -34.57 -20.08
C THR C 253 -57.64 -33.49 -19.52
N ALA C 254 -56.88 -33.84 -18.48
CA ALA C 254 -55.95 -32.90 -17.86
C ALA C 254 -54.62 -32.90 -18.60
N GLY C 255 -54.62 -33.50 -19.79
CA GLY C 255 -53.42 -33.58 -20.60
C GLY C 255 -52.30 -34.42 -20.02
N CYS C 256 -52.67 -35.48 -19.31
CA CYS C 256 -51.71 -36.38 -18.70
C CYS C 256 -51.54 -37.64 -19.51
N LYS C 257 -50.59 -38.47 -19.07
CA LYS C 257 -50.36 -39.75 -19.71
C LYS C 257 -51.01 -40.72 -18.75
N THR C 258 -51.37 -41.89 -19.28
CA THR C 258 -52.04 -42.91 -18.50
C THR C 258 -51.21 -44.21 -18.42
N THR C 259 -49.92 -44.08 -18.70
CA THR C 259 -49.00 -45.20 -18.70
C THR C 259 -49.13 -46.07 -17.47
N THR C 260 -49.28 -45.44 -16.31
CA THR C 260 -49.45 -46.19 -15.06
C THR C 260 -50.19 -45.36 -14.02
N SER C 261 -50.77 -46.07 -13.07
CA SER C 261 -51.51 -45.45 -11.99
C SER C 261 -50.72 -44.33 -11.33
N ALA C 262 -49.53 -44.66 -10.81
CA ALA C 262 -48.67 -43.69 -10.13
C ALA C 262 -48.30 -42.52 -11.03
N VAL C 263 -48.09 -42.79 -12.31
CA VAL C 263 -47.76 -41.75 -13.29
C VAL C 263 -48.93 -40.77 -13.45
N MET C 264 -50.15 -41.29 -13.50
CA MET C 264 -51.31 -40.42 -13.62
C MET C 264 -51.37 -39.45 -12.44
N VAL C 265 -51.25 -39.99 -11.23
CA VAL C 265 -51.31 -39.19 -10.01
C VAL C 265 -50.23 -38.12 -9.94
N HIS C 266 -49.02 -38.50 -10.31
CA HIS C 266 -47.89 -37.58 -10.31
C HIS C 266 -48.20 -36.42 -11.25
N CYS C 267 -48.57 -36.71 -12.49
CA CYS C 267 -48.88 -35.66 -13.44
C CYS C 267 -49.95 -34.71 -12.92
N LEU C 268 -51.00 -35.27 -12.33
CA LEU C 268 -52.09 -34.44 -11.81
C LEU C 268 -51.70 -33.65 -10.57
N ARG C 269 -50.72 -34.14 -9.82
CA ARG C 269 -50.32 -33.40 -8.64
C ARG C 269 -49.49 -32.17 -9.01
N GLN C 270 -49.09 -32.10 -10.28
CA GLN C 270 -48.28 -30.99 -10.79
C GLN C 270 -49.12 -29.95 -11.51
N LYS C 271 -50.39 -30.26 -11.77
CA LYS C 271 -51.26 -29.32 -12.46
C LYS C 271 -51.71 -28.26 -11.46
N THR C 272 -51.91 -27.03 -11.93
CA THR C 272 -52.33 -25.95 -11.03
C THR C 272 -53.77 -26.13 -10.61
N GLU C 273 -54.19 -25.33 -9.64
CA GLU C 273 -55.56 -25.41 -9.19
C GLU C 273 -56.45 -25.16 -10.40
N GLU C 274 -56.26 -24.00 -11.04
CA GLU C 274 -57.08 -23.66 -12.18
C GLU C 274 -56.94 -24.65 -13.34
N GLU C 275 -55.77 -25.29 -13.43
CA GLU C 275 -55.57 -26.28 -14.48
C GLU C 275 -56.56 -27.42 -14.25
N LEU C 276 -56.77 -27.79 -12.99
CA LEU C 276 -57.70 -28.86 -12.62
C LEU C 276 -59.14 -28.38 -12.72
N LEU C 277 -59.33 -27.10 -12.43
CA LEU C 277 -60.66 -26.52 -12.49
C LEU C 277 -61.15 -26.53 -13.94
N GLU C 278 -60.22 -26.32 -14.87
CA GLU C 278 -60.53 -26.30 -16.30
C GLU C 278 -60.97 -27.69 -16.70
N THR C 279 -60.36 -28.68 -16.05
CA THR C 279 -60.67 -30.08 -16.31
C THR C 279 -62.06 -30.36 -15.79
N THR C 280 -62.31 -29.99 -14.55
CA THR C 280 -63.61 -30.22 -13.96
C THR C 280 -64.68 -29.65 -14.86
N LEU C 281 -64.38 -28.53 -15.50
CA LEU C 281 -65.33 -27.91 -16.40
C LEU C 281 -65.55 -28.70 -17.69
N LYS C 282 -64.49 -28.89 -18.49
CA LYS C 282 -64.58 -29.63 -19.74
C LYS C 282 -65.30 -30.96 -19.57
N MET C 283 -65.12 -31.58 -18.41
CA MET C 283 -65.76 -32.85 -18.10
C MET C 283 -67.28 -32.71 -18.01
N LYS C 284 -67.73 -31.55 -17.55
CA LYS C 284 -69.15 -31.27 -17.42
C LYS C 284 -69.88 -32.10 -16.38
N PHE C 285 -69.35 -32.15 -15.16
CA PHE C 285 -70.00 -32.89 -14.09
C PHE C 285 -71.33 -32.20 -13.78
N LEU C 286 -72.14 -32.80 -12.90
CA LEU C 286 -73.42 -32.22 -12.51
C LEU C 286 -74.34 -31.88 -13.67
N SER C 287 -74.39 -32.75 -14.67
CA SER C 287 -75.27 -32.52 -15.81
C SER C 287 -75.56 -33.84 -16.50
N LEU C 288 -76.58 -33.86 -17.34
CA LEU C 288 -76.94 -35.08 -18.02
C LEU C 288 -76.46 -35.05 -19.47
N ASP C 289 -75.61 -36.02 -19.83
CA ASP C 289 -75.07 -36.10 -21.19
C ASP C 289 -76.05 -36.81 -22.13
N LEU C 290 -76.67 -36.03 -23.01
CA LEU C 290 -77.64 -36.54 -23.96
C LEU C 290 -76.99 -37.25 -25.15
N GLN C 291 -75.68 -37.05 -25.30
CA GLN C 291 -74.93 -37.64 -26.40
C GLN C 291 -74.04 -38.78 -25.91
N GLY C 292 -74.06 -39.90 -26.63
CA GLY C 292 -73.22 -41.03 -26.27
C GLY C 292 -73.90 -42.15 -25.51
N ASP C 293 -73.09 -42.95 -24.83
CA ASP C 293 -73.63 -44.05 -24.05
C ASP C 293 -73.81 -43.61 -22.61
N PRO C 294 -75.04 -43.78 -22.08
CA PRO C 294 -75.38 -43.39 -20.70
C PRO C 294 -74.57 -44.10 -19.60
N ARG C 295 -74.03 -45.27 -19.91
CA ARG C 295 -73.24 -46.02 -18.93
C ARG C 295 -71.79 -45.56 -18.90
N GLU C 296 -71.41 -44.75 -19.87
CA GLU C 296 -70.05 -44.26 -19.92
C GLU C 296 -69.95 -42.83 -19.41
N SER C 297 -71.07 -42.23 -19.06
CA SER C 297 -71.05 -40.87 -18.56
C SER C 297 -71.06 -40.89 -17.04
N GLN C 298 -69.98 -40.36 -16.46
CA GLN C 298 -69.85 -40.29 -15.01
C GLN C 298 -70.08 -38.84 -14.61
N PRO C 299 -71.34 -38.47 -14.33
CA PRO C 299 -71.77 -37.11 -13.93
C PRO C 299 -71.28 -36.65 -12.57
N LEU C 300 -70.79 -37.59 -11.78
CA LEU C 300 -70.27 -37.30 -10.45
C LEU C 300 -69.04 -38.11 -10.09
N LEU C 301 -68.17 -37.51 -9.29
CA LEU C 301 -66.98 -38.20 -8.81
C LEU C 301 -67.35 -38.53 -7.37
N GLY C 302 -67.66 -39.78 -7.07
CA GLY C 302 -68.09 -40.11 -5.73
C GLY C 302 -67.25 -41.00 -4.84
N THR C 303 -67.94 -41.66 -3.92
CA THR C 303 -67.33 -42.57 -2.97
C THR C 303 -66.91 -43.87 -3.66
N VAL C 304 -65.84 -44.50 -3.16
CA VAL C 304 -65.41 -45.78 -3.71
C VAL C 304 -65.04 -46.69 -2.56
N ILE C 305 -65.04 -47.98 -2.84
CA ILE C 305 -64.68 -48.95 -1.83
C ILE C 305 -63.14 -48.85 -1.77
N ASP C 306 -62.61 -47.91 -1.00
CA ASP C 306 -61.17 -47.73 -0.94
C ASP C 306 -60.39 -48.79 -0.18
N GLY C 307 -61.03 -49.43 0.79
CA GLY C 307 -60.34 -50.46 1.55
C GLY C 307 -59.92 -49.98 2.93
N MET C 308 -60.02 -48.66 3.12
CA MET C 308 -59.68 -48.01 4.39
C MET C 308 -60.94 -47.41 5.03
N LEU C 309 -61.66 -46.59 4.28
CA LEU C 309 -62.91 -45.99 4.76
C LEU C 309 -63.98 -47.07 4.72
N LEU C 310 -64.19 -47.61 3.52
CA LEU C 310 -65.16 -48.67 3.31
C LEU C 310 -64.39 -49.96 2.97
N LEU C 311 -64.67 -51.02 3.72
CA LEU C 311 -63.99 -52.28 3.50
C LEU C 311 -64.70 -53.13 2.45
N LYS C 312 -65.90 -52.72 2.05
CA LYS C 312 -66.69 -53.40 1.01
C LYS C 312 -67.91 -52.56 0.63
N THR C 313 -68.70 -53.02 -0.34
CA THR C 313 -69.87 -52.25 -0.76
C THR C 313 -70.82 -52.02 0.41
N PRO C 314 -71.38 -50.79 0.52
CA PRO C 314 -72.29 -50.46 1.61
C PRO C 314 -73.34 -51.55 1.85
N GLU C 315 -73.76 -52.19 0.77
CA GLU C 315 -74.77 -53.24 0.81
C GLU C 315 -74.33 -54.45 1.66
N GLU C 316 -73.06 -54.85 1.54
CA GLU C 316 -72.55 -55.99 2.31
C GLU C 316 -72.38 -55.63 3.78
N LEU C 317 -71.92 -54.40 4.03
CA LEU C 317 -71.68 -53.92 5.39
C LEU C 317 -72.93 -53.76 6.24
N GLN C 318 -74.08 -53.66 5.59
CA GLN C 318 -75.33 -53.52 6.33
C GLN C 318 -75.82 -54.88 6.79
N ALA C 319 -75.85 -55.84 5.85
CA ALA C 319 -76.31 -57.19 6.15
C ALA C 319 -75.37 -57.71 7.23
N GLU C 320 -74.16 -57.18 7.19
CA GLU C 320 -73.12 -57.51 8.13
C GLU C 320 -73.56 -56.88 9.44
N ARG C 321 -73.12 -57.43 10.57
CA ARG C 321 -73.55 -56.86 11.82
C ARG C 321 -72.40 -56.49 12.75
N ASN C 322 -72.50 -55.28 13.31
CA ASN C 322 -71.50 -54.74 14.21
C ASN C 322 -72.06 -54.52 15.60
N PHE C 323 -71.15 -54.48 16.57
CA PHE C 323 -71.53 -54.30 17.96
C PHE C 323 -71.71 -52.85 18.34
N HIS C 324 -71.01 -51.96 17.67
CA HIS C 324 -71.19 -50.56 17.98
C HIS C 324 -72.21 -50.00 17.02
N THR C 325 -73.39 -49.72 17.57
CA THR C 325 -74.50 -49.16 16.81
C THR C 325 -74.90 -47.86 17.47
N VAL C 326 -75.56 -46.99 16.70
CA VAL C 326 -76.00 -45.70 17.22
C VAL C 326 -77.35 -45.30 16.63
N PRO C 327 -78.07 -44.41 17.31
CA PRO C 327 -79.38 -43.98 16.80
C PRO C 327 -79.19 -43.37 15.42
N TYR C 328 -80.09 -43.68 14.50
CA TYR C 328 -80.00 -43.17 13.14
C TYR C 328 -81.35 -42.70 12.66
N MET C 329 -81.40 -41.47 12.18
CA MET C 329 -82.63 -40.89 11.65
C MET C 329 -82.43 -40.77 10.15
N VAL C 330 -83.28 -41.44 9.37
CA VAL C 330 -83.20 -41.40 7.91
C VAL C 330 -84.51 -40.91 7.29
N GLY C 331 -84.45 -39.78 6.59
CA GLY C 331 -85.66 -39.23 6.01
C GLY C 331 -85.53 -38.81 4.56
N ILE C 332 -86.67 -38.47 3.95
CA ILE C 332 -86.73 -38.04 2.56
C ILE C 332 -87.85 -37.03 2.40
N ASN C 333 -87.76 -36.22 1.35
CA ASN C 333 -88.75 -35.20 1.04
C ASN C 333 -89.78 -35.76 0.08
N LYS C 334 -90.97 -35.19 0.09
CA LYS C 334 -92.07 -35.65 -0.75
C LYS C 334 -91.75 -35.76 -2.24
N GLN C 335 -91.08 -34.74 -2.79
CA GLN C 335 -90.72 -34.72 -4.20
C GLN C 335 -89.22 -34.46 -4.37
N GLU C 336 -88.40 -35.50 -4.18
CA GLU C 336 -86.96 -35.32 -4.30
C GLU C 336 -86.53 -34.87 -5.68
N PHE C 337 -87.17 -35.38 -6.72
CA PHE C 337 -86.82 -35.00 -8.08
C PHE C 337 -87.83 -34.00 -8.56
N GLY C 338 -88.34 -33.20 -7.62
CA GLY C 338 -89.34 -32.22 -7.97
C GLY C 338 -88.83 -31.14 -8.89
N TRP C 339 -87.89 -30.35 -8.43
CA TRP C 339 -87.41 -29.26 -9.27
C TRP C 339 -85.92 -28.92 -9.16
N LEU C 340 -85.46 -28.59 -7.95
CA LEU C 340 -84.07 -28.24 -7.74
C LEU C 340 -83.07 -29.11 -8.49
N ILE C 341 -83.14 -30.43 -8.29
CA ILE C 341 -82.23 -31.36 -8.93
C ILE C 341 -82.24 -31.32 -10.45
N PRO C 342 -83.40 -31.54 -11.10
CA PRO C 342 -83.45 -31.51 -12.57
C PRO C 342 -82.93 -30.17 -13.06
N MET C 343 -83.35 -29.12 -12.38
CA MET C 343 -82.94 -27.78 -12.72
C MET C 343 -81.43 -27.71 -12.84
N LEU C 344 -80.73 -27.98 -11.73
CA LEU C 344 -79.27 -27.96 -11.68
C LEU C 344 -78.57 -28.86 -12.68
N MET C 345 -79.23 -29.94 -13.06
CA MET C 345 -78.64 -30.89 -13.99
C MET C 345 -78.96 -30.71 -15.45
N SER C 346 -79.70 -29.66 -15.78
CA SER C 346 -80.05 -29.41 -17.17
C SER C 346 -80.82 -30.60 -17.75
N TYR C 347 -81.71 -31.14 -16.93
CA TYR C 347 -82.54 -32.26 -17.31
C TYR C 347 -83.43 -31.80 -18.48
N PRO C 348 -83.56 -32.65 -19.52
CA PRO C 348 -84.36 -32.37 -20.72
C PRO C 348 -85.87 -32.47 -20.56
N LEU C 349 -86.47 -31.60 -19.76
CA LEU C 349 -87.92 -31.63 -19.60
C LEU C 349 -88.49 -30.23 -19.71
N SER C 350 -89.46 -30.05 -20.60
CA SER C 350 -90.11 -28.76 -20.78
C SER C 350 -91.51 -28.97 -21.33
N GLU C 351 -92.11 -30.09 -20.94
CA GLU C 351 -93.45 -30.45 -21.38
C GLU C 351 -94.22 -31.18 -20.28
N GLY C 352 -95.38 -30.63 -19.93
CA GLY C 352 -96.21 -31.24 -18.91
C GLY C 352 -96.74 -32.59 -19.33
N GLN C 353 -96.47 -32.97 -20.59
CA GLN C 353 -96.90 -34.26 -21.12
C GLN C 353 -95.66 -35.14 -21.28
N LEU C 354 -95.88 -36.44 -21.38
CA LEU C 354 -94.79 -37.37 -21.52
C LEU C 354 -95.34 -38.73 -21.90
N ASP C 355 -95.08 -39.15 -23.14
CA ASP C 355 -95.54 -40.45 -23.62
C ASP C 355 -94.60 -41.51 -23.09
N GLN C 356 -95.02 -42.78 -23.14
CA GLN C 356 -94.19 -43.86 -22.63
C GLN C 356 -92.93 -44.09 -23.46
N LYS C 357 -92.94 -43.62 -24.71
CA LYS C 357 -91.79 -43.80 -25.57
C LYS C 357 -90.68 -42.84 -25.14
N THR C 358 -91.05 -41.59 -24.92
CA THR C 358 -90.09 -40.57 -24.50
C THR C 358 -89.60 -40.80 -23.07
N ALA C 359 -90.43 -41.47 -22.27
CA ALA C 359 -90.10 -41.77 -20.88
C ALA C 359 -89.00 -42.81 -20.86
N MET C 360 -89.09 -43.77 -21.76
CA MET C 360 -88.12 -44.85 -21.86
C MET C 360 -86.78 -44.36 -22.36
N SER C 361 -86.79 -43.32 -23.20
CA SER C 361 -85.56 -42.74 -23.74
C SER C 361 -84.83 -41.94 -22.67
N LEU C 362 -85.60 -41.20 -21.89
CA LEU C 362 -85.08 -40.37 -20.82
C LEU C 362 -84.56 -41.21 -19.66
N LEU C 363 -85.28 -42.27 -19.33
CA LEU C 363 -84.86 -43.13 -18.24
C LEU C 363 -83.55 -43.79 -18.59
N TRP C 364 -83.34 -44.03 -19.87
CA TRP C 364 -82.09 -44.63 -20.32
C TRP C 364 -80.98 -43.60 -20.18
N LYS C 365 -81.21 -42.40 -20.71
CA LYS C 365 -80.21 -41.33 -20.63
C LYS C 365 -79.89 -41.01 -19.18
N SER C 366 -80.83 -41.30 -18.29
CA SER C 366 -80.67 -41.04 -16.86
C SER C 366 -79.97 -42.17 -16.16
N TYR C 367 -79.46 -43.12 -16.94
CA TYR C 367 -78.77 -44.28 -16.39
C TYR C 367 -77.87 -43.94 -15.20
N PRO C 368 -76.97 -42.96 -15.35
CA PRO C 368 -76.10 -42.63 -14.23
C PRO C 368 -76.85 -42.22 -12.95
N LEU C 369 -78.09 -41.77 -13.10
CA LEU C 369 -78.94 -41.35 -11.97
C LEU C 369 -79.65 -42.53 -11.31
N VAL C 370 -80.25 -43.38 -12.12
CA VAL C 370 -81.00 -44.51 -11.60
C VAL C 370 -80.34 -45.86 -11.75
N CYS C 371 -79.48 -45.99 -12.76
CA CYS C 371 -78.78 -47.25 -13.03
C CYS C 371 -79.78 -48.35 -13.33
N ILE C 372 -80.58 -48.18 -14.36
CA ILE C 372 -81.52 -49.21 -14.71
C ILE C 372 -81.10 -49.84 -16.03
N ALA C 373 -80.86 -51.14 -16.00
CA ALA C 373 -80.44 -51.86 -17.19
C ALA C 373 -81.47 -51.58 -18.27
N LYS C 374 -81.00 -51.46 -19.50
CA LYS C 374 -81.89 -51.18 -20.61
C LYS C 374 -83.02 -52.20 -20.72
N GLU C 375 -82.74 -53.44 -20.31
CA GLU C 375 -83.74 -54.52 -20.39
C GLU C 375 -84.92 -54.41 -19.44
N LEU C 376 -84.74 -53.66 -18.37
CA LEU C 376 -85.80 -53.48 -17.38
C LEU C 376 -86.67 -52.25 -17.67
N ILE C 377 -86.09 -51.24 -18.31
CA ILE C 377 -86.79 -49.98 -18.64
C ILE C 377 -88.26 -50.11 -19.03
N PRO C 378 -88.55 -50.91 -20.08
CA PRO C 378 -89.96 -51.05 -20.48
C PRO C 378 -90.85 -51.42 -19.29
N GLU C 379 -90.41 -52.42 -18.53
CA GLU C 379 -91.15 -52.91 -17.37
C GLU C 379 -91.33 -51.86 -16.27
N ALA C 380 -90.25 -51.15 -15.96
CA ALA C 380 -90.28 -50.11 -14.94
C ALA C 380 -91.16 -48.94 -15.34
N THR C 381 -91.08 -48.54 -16.62
CA THR C 381 -91.87 -47.42 -17.13
C THR C 381 -93.37 -47.69 -17.12
N GLU C 382 -93.75 -48.91 -17.52
CA GLU C 382 -95.15 -49.31 -17.54
C GLU C 382 -95.67 -49.31 -16.11
N LYS C 383 -94.92 -49.93 -15.21
CA LYS C 383 -95.29 -50.00 -13.80
C LYS C 383 -95.73 -48.64 -13.25
N TYR C 384 -95.08 -47.55 -13.68
CA TYR C 384 -95.42 -46.22 -13.19
C TYR C 384 -96.38 -45.42 -14.07
N LEU C 385 -96.04 -45.25 -15.34
CA LEU C 385 -96.87 -44.48 -16.27
C LEU C 385 -98.13 -45.18 -16.75
N GLY C 386 -97.98 -46.43 -17.20
CA GLY C 386 -99.12 -47.20 -17.68
C GLY C 386 -100.29 -47.35 -16.72
N GLY C 387 -100.33 -46.47 -15.71
CA GLY C 387 -101.41 -46.51 -14.74
C GLY C 387 -102.58 -45.71 -15.27
N THR C 388 -102.29 -44.53 -15.80
CA THR C 388 -103.34 -43.66 -16.34
C THR C 388 -103.03 -43.29 -17.79
N ASP C 389 -104.05 -42.78 -18.48
CA ASP C 389 -103.89 -42.36 -19.86
C ASP C 389 -103.42 -40.92 -19.87
N ASP C 390 -103.76 -40.20 -18.81
CA ASP C 390 -103.38 -38.80 -18.67
C ASP C 390 -101.89 -38.65 -18.89
N THR C 391 -101.50 -38.05 -20.02
CA THR C 391 -100.10 -37.88 -20.33
C THR C 391 -99.36 -36.91 -19.40
N VAL C 392 -100.08 -35.92 -18.85
CA VAL C 392 -99.45 -34.97 -17.95
C VAL C 392 -99.23 -35.63 -16.60
N LYS C 393 -100.12 -36.55 -16.26
CA LYS C 393 -100.02 -37.29 -15.03
C LYS C 393 -98.94 -38.34 -15.21
N LYS C 394 -98.67 -38.70 -16.46
CA LYS C 394 -97.64 -39.69 -16.80
C LYS C 394 -96.23 -39.19 -16.51
N LYS C 395 -96.02 -37.88 -16.58
CA LYS C 395 -94.68 -37.35 -16.32
C LYS C 395 -94.46 -37.20 -14.83
N ASP C 396 -95.46 -36.70 -14.11
CA ASP C 396 -95.31 -36.54 -12.67
C ASP C 396 -94.91 -37.86 -12.04
N LEU C 397 -95.37 -38.95 -12.64
CA LEU C 397 -95.06 -40.30 -12.17
C LEU C 397 -93.62 -40.62 -12.52
N PHE C 398 -93.19 -40.20 -13.70
CA PHE C 398 -91.82 -40.44 -14.14
C PHE C 398 -90.90 -39.83 -13.10
N LEU C 399 -91.21 -38.58 -12.73
CA LEU C 399 -90.45 -37.87 -11.73
C LEU C 399 -90.53 -38.59 -10.38
N ASP C 400 -91.56 -39.41 -10.20
CA ASP C 400 -91.70 -40.14 -8.95
C ASP C 400 -90.81 -41.38 -8.97
N LEU C 401 -90.69 -42.03 -10.12
CA LEU C 401 -89.85 -43.21 -10.16
C LEU C 401 -88.39 -42.80 -9.87
N ILE C 402 -87.92 -41.75 -10.54
CA ILE C 402 -86.56 -41.26 -10.32
C ILE C 402 -86.33 -41.08 -8.83
N ALA C 403 -87.21 -40.31 -8.17
CA ALA C 403 -87.05 -40.05 -6.74
C ALA C 403 -87.08 -41.33 -5.90
N ASP C 404 -87.87 -42.30 -6.33
CA ASP C 404 -87.95 -43.55 -5.62
C ASP C 404 -86.64 -44.31 -5.76
N VAL C 405 -86.13 -44.34 -6.97
CA VAL C 405 -84.88 -45.02 -7.25
C VAL C 405 -83.64 -44.33 -6.66
N MET C 406 -83.72 -43.03 -6.41
CA MET C 406 -82.55 -42.31 -5.88
C MET C 406 -82.53 -42.14 -4.38
N PHE C 407 -83.66 -41.76 -3.81
CA PHE C 407 -83.70 -41.53 -2.37
C PHE C 407 -84.66 -42.43 -1.63
N GLY C 408 -85.90 -42.52 -2.10
CA GLY C 408 -86.89 -43.34 -1.45
C GLY C 408 -86.40 -44.74 -1.13
N VAL C 409 -86.56 -45.64 -2.08
CA VAL C 409 -86.15 -47.03 -1.90
C VAL C 409 -84.86 -47.11 -1.12
N PRO C 410 -83.82 -46.44 -1.61
CA PRO C 410 -82.54 -46.50 -0.88
C PRO C 410 -82.69 -46.14 0.60
N SER C 411 -83.38 -45.04 0.88
CA SER C 411 -83.58 -44.60 2.25
C SER C 411 -84.27 -45.63 3.13
N VAL C 412 -85.42 -46.12 2.69
CA VAL C 412 -86.14 -47.11 3.48
C VAL C 412 -85.36 -48.39 3.69
N ILE C 413 -84.57 -48.81 2.71
CA ILE C 413 -83.79 -50.03 2.87
C ILE C 413 -82.78 -49.86 4.00
N VAL C 414 -81.97 -48.81 3.91
CA VAL C 414 -80.97 -48.46 4.92
C VAL C 414 -81.64 -48.41 6.28
N ALA C 415 -82.81 -47.78 6.31
CA ALA C 415 -83.60 -47.67 7.53
C ALA C 415 -83.93 -49.06 8.06
N ARG C 416 -84.23 -49.97 7.14
CA ARG C 416 -84.59 -51.33 7.54
C ARG C 416 -83.45 -52.14 8.15
N ASN C 417 -82.31 -52.12 7.50
CA ASN C 417 -81.16 -52.86 8.01
C ASN C 417 -80.65 -52.30 9.33
N HIS C 418 -80.69 -50.98 9.49
CA HIS C 418 -80.24 -50.40 10.74
C HIS C 418 -81.17 -50.96 11.83
N ARG C 419 -82.46 -50.95 11.53
CA ARG C 419 -83.48 -51.46 12.44
C ARG C 419 -83.19 -52.88 12.82
N ASP C 420 -83.09 -53.73 11.81
CA ASP C 420 -82.85 -55.15 12.03
C ASP C 420 -81.51 -55.52 12.60
N ALA C 421 -80.59 -54.57 12.62
CA ALA C 421 -79.27 -54.83 13.16
C ALA C 421 -79.37 -54.54 14.65
N GLY C 422 -80.55 -54.15 15.11
CA GLY C 422 -80.77 -53.89 16.52
C GLY C 422 -80.68 -52.47 17.03
N ALA C 423 -80.13 -51.57 16.23
CA ALA C 423 -80.00 -50.19 16.70
C ALA C 423 -81.28 -49.36 16.52
N PRO C 424 -81.43 -48.27 17.29
CA PRO C 424 -82.62 -47.44 17.16
C PRO C 424 -82.67 -46.67 15.82
N THR C 425 -83.85 -46.62 15.19
CA THR C 425 -83.98 -45.93 13.92
C THR C 425 -85.25 -45.09 13.93
N TYR C 426 -85.30 -44.10 13.03
CA TYR C 426 -86.44 -43.21 12.89
C TYR C 426 -86.42 -42.77 11.45
N MET C 427 -87.59 -42.50 10.90
CA MET C 427 -87.72 -42.03 9.52
C MET C 427 -88.71 -40.88 9.50
N TYR C 428 -88.81 -40.22 8.35
CA TYR C 428 -89.74 -39.12 8.16
C TYR C 428 -89.79 -38.76 6.69
N GLU C 429 -90.89 -38.17 6.27
CA GLU C 429 -91.04 -37.73 4.91
C GLU C 429 -91.47 -36.29 5.05
N PHE C 430 -90.61 -35.37 4.62
CA PHE C 430 -90.90 -33.95 4.70
C PHE C 430 -91.74 -33.55 3.48
N GLN C 431 -92.91 -32.95 3.74
CA GLN C 431 -93.81 -32.54 2.68
C GLN C 431 -94.35 -31.13 2.95
N TYR C 432 -93.58 -30.13 2.51
CA TYR C 432 -93.92 -28.74 2.70
C TYR C 432 -93.25 -27.87 1.63
N ARG C 433 -93.74 -26.64 1.44
CA ARG C 433 -93.14 -25.75 0.45
C ARG C 433 -92.76 -24.41 1.07
N PRO C 434 -91.49 -24.28 1.49
CA PRO C 434 -91.04 -23.02 2.10
C PRO C 434 -91.33 -21.79 1.25
N SER C 435 -91.52 -20.67 1.92
CA SER C 435 -91.78 -19.41 1.25
C SER C 435 -90.44 -18.85 0.79
N PHE C 436 -89.38 -19.61 1.03
CA PHE C 436 -88.03 -19.20 0.67
C PHE C 436 -87.59 -19.82 -0.65
N SER C 437 -88.49 -20.54 -1.31
CA SER C 437 -88.18 -21.17 -2.59
C SER C 437 -87.83 -20.16 -3.67
N SER C 438 -87.14 -20.62 -4.70
CA SER C 438 -86.77 -19.79 -5.85
C SER C 438 -88.06 -19.36 -6.54
N ASP C 439 -88.09 -18.15 -7.09
CA ASP C 439 -89.27 -17.68 -7.78
C ASP C 439 -89.45 -18.53 -9.02
N MET C 440 -88.36 -19.12 -9.47
CA MET C 440 -88.37 -19.95 -10.66
C MET C 440 -89.00 -21.34 -10.46
N LYS C 441 -89.18 -21.71 -9.20
CA LYS C 441 -89.77 -22.98 -8.85
C LYS C 441 -91.30 -22.80 -8.82
N PRO C 442 -92.04 -23.61 -9.59
CA PRO C 442 -93.51 -23.54 -9.65
C PRO C 442 -94.19 -23.67 -8.29
N LYS C 443 -95.32 -22.98 -8.15
CA LYS C 443 -96.07 -23.02 -6.90
C LYS C 443 -96.55 -24.42 -6.52
N THR C 444 -96.66 -25.30 -7.51
CA THR C 444 -97.14 -26.65 -7.24
C THR C 444 -96.11 -27.68 -6.78
N VAL C 445 -94.83 -27.30 -6.72
CA VAL C 445 -93.78 -28.23 -6.27
C VAL C 445 -93.68 -28.24 -4.76
N ILE C 446 -94.06 -29.35 -4.15
CA ILE C 446 -94.01 -29.45 -2.70
C ILE C 446 -93.11 -30.60 -2.24
N GLY C 447 -92.21 -30.31 -1.29
CA GLY C 447 -91.29 -31.31 -0.80
C GLY C 447 -90.15 -31.56 -1.77
N ASP C 448 -89.70 -30.48 -2.40
CA ASP C 448 -88.62 -30.53 -3.37
C ASP C 448 -87.36 -30.84 -2.57
N HIS C 449 -86.29 -31.17 -3.27
CA HIS C 449 -85.04 -31.49 -2.59
C HIS C 449 -84.56 -30.28 -1.76
N GLY C 450 -84.17 -30.55 -0.51
CA GLY C 450 -83.67 -29.47 0.34
C GLY C 450 -84.68 -28.59 1.07
N ASP C 451 -85.96 -28.76 0.76
CA ASP C 451 -86.99 -27.95 1.39
C ASP C 451 -86.97 -27.99 2.89
N GLU C 452 -86.48 -29.07 3.48
CA GLU C 452 -86.43 -29.17 4.94
C GLU C 452 -85.32 -28.35 5.56
N LEU C 453 -84.36 -27.92 4.75
CA LEU C 453 -83.24 -27.15 5.26
C LEU C 453 -83.60 -25.84 5.96
N PHE C 454 -84.75 -25.25 5.61
CA PHE C 454 -85.16 -23.99 6.22
C PHE C 454 -85.80 -24.20 7.60
N SER C 455 -86.38 -25.37 7.79
CA SER C 455 -86.99 -25.70 9.06
C SER C 455 -85.90 -26.12 10.02
N VAL C 456 -85.04 -27.03 9.56
CA VAL C 456 -83.96 -27.51 10.40
C VAL C 456 -83.01 -26.38 10.79
N PHE C 457 -82.76 -25.47 9.87
CA PHE C 457 -81.86 -24.37 10.18
C PHE C 457 -82.54 -23.07 10.56
N GLY C 458 -83.79 -23.16 10.98
CA GLY C 458 -84.54 -21.99 11.39
C GLY C 458 -84.36 -20.76 10.53
N ALA C 459 -84.66 -20.87 9.24
CA ALA C 459 -84.55 -19.71 8.36
C ALA C 459 -85.69 -18.75 8.72
N PRO C 460 -86.76 -19.25 9.35
CA PRO C 460 -87.84 -18.33 9.70
C PRO C 460 -87.48 -17.34 10.81
N PHE C 461 -86.33 -17.53 11.44
CA PHE C 461 -85.89 -16.64 12.51
C PHE C 461 -84.68 -15.80 12.05
N LEU C 462 -84.30 -15.95 10.78
CA LEU C 462 -83.17 -15.21 10.22
C LEU C 462 -83.57 -14.39 9.01
N LYS C 463 -84.37 -14.98 8.14
CA LYS C 463 -84.84 -14.28 6.94
C LYS C 463 -86.19 -13.66 7.26
N GLU C 464 -86.84 -13.09 6.25
CA GLU C 464 -88.12 -12.44 6.45
C GLU C 464 -89.21 -13.05 5.57
N GLY C 465 -90.45 -12.68 5.83
CA GLY C 465 -91.58 -13.17 5.06
C GLY C 465 -92.23 -14.48 5.48
N ALA C 466 -91.79 -15.04 6.59
CA ALA C 466 -92.33 -16.30 7.07
C ALA C 466 -93.69 -16.16 7.73
N SER C 467 -94.61 -17.05 7.37
CA SER C 467 -95.94 -17.04 7.94
C SER C 467 -95.85 -17.50 9.39
N GLU C 468 -97.02 -17.64 10.03
CA GLU C 468 -97.07 -18.10 11.40
C GLU C 468 -97.09 -19.62 11.41
N GLU C 469 -97.39 -20.20 10.24
CA GLU C 469 -97.41 -21.65 10.09
C GLU C 469 -96.01 -22.17 9.86
N GLU C 470 -95.22 -21.38 9.12
CA GLU C 470 -93.84 -21.76 8.80
C GLU C 470 -92.90 -21.67 9.99
N ILE C 471 -93.17 -20.74 10.89
CA ILE C 471 -92.35 -20.56 12.08
C ILE C 471 -92.57 -21.76 13.00
N ARG C 472 -93.83 -22.10 13.23
CA ARG C 472 -94.19 -23.21 14.08
C ARG C 472 -93.55 -24.50 13.59
N LEU C 473 -93.61 -24.73 12.28
CA LEU C 473 -93.04 -25.93 11.69
C LEU C 473 -91.53 -25.97 11.89
N SER C 474 -90.89 -24.82 11.78
CA SER C 474 -89.45 -24.72 11.96
C SER C 474 -89.04 -24.94 13.41
N LYS C 475 -89.81 -24.41 14.34
CA LYS C 475 -89.47 -24.60 15.73
C LYS C 475 -89.74 -26.08 16.06
N MET C 476 -90.66 -26.69 15.33
CA MET C 476 -91.00 -28.08 15.56
C MET C 476 -89.90 -29.04 15.08
N VAL C 477 -89.39 -28.82 13.87
CA VAL C 477 -88.31 -29.67 13.36
C VAL C 477 -87.07 -29.43 14.22
N MET C 478 -86.77 -28.15 14.45
CA MET C 478 -85.60 -27.85 15.27
C MET C 478 -85.66 -28.58 16.62
N LYS C 479 -86.82 -28.59 17.28
CA LYS C 479 -86.96 -29.28 18.58
C LYS C 479 -86.71 -30.78 18.40
N PHE C 480 -87.28 -31.33 17.34
CA PHE C 480 -87.12 -32.75 17.02
C PHE C 480 -85.66 -33.11 16.84
N TRP C 481 -85.00 -32.42 15.92
CA TRP C 481 -83.58 -32.68 15.63
C TRP C 481 -82.68 -32.62 16.85
N ALA C 482 -82.95 -31.68 17.76
CA ALA C 482 -82.15 -31.51 18.96
C ALA C 482 -82.44 -32.53 20.04
N ASN C 483 -83.70 -32.89 20.21
CA ASN C 483 -84.01 -33.88 21.22
C ASN C 483 -83.24 -35.13 20.86
N PHE C 484 -83.12 -35.36 19.55
CA PHE C 484 -82.41 -36.53 19.04
C PHE C 484 -80.95 -36.34 19.32
N ALA C 485 -80.46 -35.13 19.09
CA ALA C 485 -79.06 -34.81 19.32
C ALA C 485 -78.66 -35.23 20.73
N ARG C 486 -79.60 -35.16 21.67
CA ARG C 486 -79.29 -35.52 23.05
C ARG C 486 -79.87 -36.83 23.59
N ASN C 487 -81.07 -37.23 23.16
CA ASN C 487 -81.65 -38.47 23.68
C ASN C 487 -81.67 -39.65 22.74
N GLY C 488 -81.21 -39.45 21.51
CA GLY C 488 -81.23 -40.55 20.55
C GLY C 488 -82.66 -40.90 20.21
N ASN C 489 -83.57 -40.08 20.71
CA ASN C 489 -85.01 -40.21 20.50
C ASN C 489 -85.58 -38.78 20.31
N PRO C 490 -86.10 -38.47 19.12
CA PRO C 490 -86.68 -37.16 18.76
C PRO C 490 -87.86 -36.64 19.60
N ASN C 491 -88.71 -37.56 20.05
CA ASN C 491 -89.87 -37.19 20.85
C ASN C 491 -89.53 -36.31 22.03
N GLY C 492 -90.52 -35.57 22.50
CA GLY C 492 -90.33 -34.68 23.63
C GLY C 492 -91.62 -33.96 23.92
N GLU C 493 -91.76 -33.39 25.11
CA GLU C 493 -93.01 -32.69 25.43
C GLU C 493 -93.34 -31.60 24.42
N GLY C 494 -94.63 -31.47 24.12
CA GLY C 494 -95.09 -30.46 23.19
C GLY C 494 -94.89 -30.71 21.70
N LEU C 495 -94.74 -31.97 21.30
CA LEU C 495 -94.56 -32.30 19.89
C LEU C 495 -95.29 -33.59 19.52
N PRO C 496 -95.86 -33.65 18.31
CA PRO C 496 -96.58 -34.86 17.87
C PRO C 496 -95.69 -36.07 18.08
N HIS C 497 -96.30 -37.22 18.29
CA HIS C 497 -95.53 -38.43 18.51
C HIS C 497 -94.83 -38.90 17.26
N TRP C 498 -93.60 -39.37 17.45
CA TRP C 498 -92.80 -39.87 16.34
C TRP C 498 -92.45 -41.32 16.66
N PRO C 499 -93.20 -42.26 16.08
CA PRO C 499 -92.93 -43.67 16.31
C PRO C 499 -91.54 -44.15 15.88
N GLU C 500 -91.01 -45.10 16.64
CA GLU C 500 -89.71 -45.70 16.33
C GLU C 500 -89.94 -46.53 15.07
N TYR C 501 -88.92 -46.63 14.22
CA TYR C 501 -89.06 -47.40 13.01
C TYR C 501 -88.82 -48.89 13.24
N ASN C 502 -89.74 -49.53 13.98
CA ASN C 502 -89.63 -50.96 14.24
C ASN C 502 -90.36 -51.72 13.14
N GLN C 503 -90.64 -53.00 13.36
CA GLN C 503 -91.31 -53.83 12.36
C GLN C 503 -92.63 -53.29 11.79
N LYS C 504 -93.33 -52.47 12.56
CA LYS C 504 -94.60 -51.89 12.11
C LYS C 504 -94.31 -50.76 11.11
N GLU C 505 -93.04 -50.34 11.07
CA GLU C 505 -92.56 -49.29 10.18
C GLU C 505 -93.22 -47.91 10.26
N GLY C 506 -93.33 -47.42 11.50
CA GLY C 506 -93.92 -46.12 11.75
C GLY C 506 -92.93 -45.00 11.43
N TYR C 507 -93.42 -43.98 10.74
CA TYR C 507 -92.58 -42.86 10.35
C TYR C 507 -93.40 -41.60 10.46
N LEU C 508 -92.74 -40.52 10.84
CA LEU C 508 -93.41 -39.24 10.97
C LEU C 508 -93.53 -38.51 9.62
N GLN C 509 -94.72 -38.01 9.34
CA GLN C 509 -95.00 -37.25 8.13
C GLN C 509 -94.90 -35.82 8.63
N ILE C 510 -93.84 -35.14 8.26
CA ILE C 510 -93.61 -33.78 8.70
C ILE C 510 -94.09 -32.78 7.66
N GLY C 511 -94.90 -31.83 8.09
CA GLY C 511 -95.41 -30.84 7.17
C GLY C 511 -96.29 -29.85 7.90
N ALA C 512 -97.17 -29.18 7.15
CA ALA C 512 -98.08 -28.21 7.73
C ALA C 512 -98.82 -28.97 8.82
N ASN C 513 -99.07 -30.24 8.54
CA ASN C 513 -99.71 -31.15 9.48
C ASN C 513 -98.71 -32.25 9.78
N THR C 514 -98.56 -32.61 11.04
CA THR C 514 -97.61 -33.66 11.39
C THR C 514 -98.27 -34.77 12.18
N GLN C 515 -98.41 -35.92 11.53
CA GLN C 515 -99.00 -37.10 12.13
C GLN C 515 -98.22 -38.34 11.72
N ALA C 516 -98.08 -39.29 12.65
CA ALA C 516 -97.38 -40.53 12.36
C ALA C 516 -98.10 -41.28 11.25
N ALA C 517 -97.38 -42.19 10.61
CA ALA C 517 -97.91 -43.02 9.52
C ALA C 517 -97.14 -44.34 9.57
N GLN C 518 -97.37 -45.24 8.60
CA GLN C 518 -96.66 -46.52 8.59
C GLN C 518 -96.34 -46.99 7.19
N LYS C 519 -95.38 -47.91 7.13
CA LYS C 519 -94.95 -48.51 5.87
C LYS C 519 -94.65 -47.50 4.77
N LEU C 520 -93.58 -46.72 4.96
CA LEU C 520 -93.16 -45.70 3.99
C LEU C 520 -92.46 -46.31 2.77
N LYS C 521 -93.02 -46.09 1.58
CA LYS C 521 -92.45 -46.59 0.34
C LYS C 521 -92.35 -48.12 0.33
N ASP C 522 -93.18 -48.77 1.15
CA ASP C 522 -93.17 -50.23 1.26
C ASP C 522 -93.37 -50.96 -0.08
N LYS C 523 -94.30 -50.45 -0.87
CA LYS C 523 -94.61 -51.06 -2.16
C LYS C 523 -93.50 -50.86 -3.19
N GLU C 524 -92.94 -49.65 -3.26
CA GLU C 524 -91.89 -49.40 -4.23
C GLU C 524 -90.68 -50.26 -3.92
N VAL C 525 -90.34 -50.36 -2.65
CA VAL C 525 -89.21 -51.16 -2.24
C VAL C 525 -89.37 -52.58 -2.78
N ALA C 526 -90.51 -53.18 -2.52
CA ALA C 526 -90.76 -54.54 -3.00
C ALA C 526 -90.62 -54.63 -4.52
N PHE C 527 -91.15 -53.64 -5.24
CA PHE C 527 -91.07 -53.64 -6.70
C PHE C 527 -89.67 -53.46 -7.25
N TRP C 528 -88.91 -52.56 -6.63
CA TRP C 528 -87.57 -52.31 -7.09
C TRP C 528 -86.63 -53.42 -6.68
N THR C 529 -86.71 -53.84 -5.42
CA THR C 529 -85.83 -54.91 -4.97
C THR C 529 -85.95 -56.07 -5.95
N ASN C 530 -87.19 -56.43 -6.26
CA ASN C 530 -87.46 -57.52 -7.17
C ASN C 530 -86.95 -57.24 -8.58
N LEU C 531 -87.50 -56.22 -9.22
CA LEU C 531 -87.09 -55.86 -10.59
C LEU C 531 -85.58 -55.83 -10.80
N PHE C 532 -84.85 -55.21 -9.89
CA PHE C 532 -83.40 -55.13 -10.00
C PHE C 532 -82.73 -56.49 -9.91
N ALA C 533 -83.54 -57.53 -9.68
CA ALA C 533 -83.01 -58.88 -9.58
C ALA C 533 -83.26 -59.69 -10.85
N LYS C 534 -83.07 -59.06 -12.01
CA LYS C 534 -83.27 -59.71 -13.29
C LYS C 534 -82.14 -59.35 -14.25
N SER D 3 -66.10 -45.34 -64.35
CA SER D 3 -66.26 -45.03 -62.90
C SER D 3 -65.37 -43.86 -62.53
N SER D 4 -64.44 -43.54 -63.43
CA SER D 4 -63.48 -42.47 -63.21
C SER D 4 -64.06 -41.24 -62.49
N PRO D 5 -63.52 -40.92 -61.30
CA PRO D 5 -63.96 -39.80 -60.48
C PRO D 5 -63.96 -38.46 -61.23
N PRO D 6 -64.88 -37.57 -60.88
CA PRO D 6 -64.94 -36.27 -61.55
C PRO D 6 -63.78 -35.34 -61.12
N VAL D 7 -63.31 -34.54 -62.07
CA VAL D 7 -62.22 -33.60 -61.81
C VAL D 7 -62.60 -32.24 -62.39
N VAL D 8 -62.77 -31.26 -61.52
CA VAL D 8 -63.17 -29.93 -61.96
C VAL D 8 -62.01 -28.95 -61.90
N ASP D 9 -62.06 -27.93 -62.76
CA ASP D 9 -61.04 -26.91 -62.79
C ASP D 9 -61.61 -25.66 -62.18
N THR D 10 -60.92 -25.12 -61.19
CA THR D 10 -61.37 -23.91 -60.51
C THR D 10 -60.29 -22.86 -60.68
N VAL D 11 -60.59 -21.65 -60.25
CA VAL D 11 -59.62 -20.56 -60.34
C VAL D 11 -58.27 -20.91 -59.72
N HIS D 12 -58.31 -21.53 -58.54
CA HIS D 12 -57.07 -21.86 -57.85
C HIS D 12 -56.44 -23.20 -58.21
N GLY D 13 -57.12 -24.02 -59.01
CA GLY D 13 -56.53 -25.29 -59.36
C GLY D 13 -57.54 -26.40 -59.57
N LYS D 14 -57.06 -27.62 -59.78
CA LYS D 14 -57.93 -28.78 -60.03
C LYS D 14 -58.42 -29.52 -58.79
N VAL D 15 -59.72 -29.80 -58.74
CA VAL D 15 -60.27 -30.51 -57.61
C VAL D 15 -60.83 -31.86 -58.05
N LEU D 16 -60.57 -32.86 -57.23
CA LEU D 16 -61.02 -34.21 -57.49
C LEU D 16 -62.16 -34.54 -56.53
N GLY D 17 -63.19 -35.21 -57.05
CA GLY D 17 -64.30 -35.53 -56.18
C GLY D 17 -64.67 -36.99 -56.28
N LYS D 18 -65.95 -37.27 -56.06
CA LYS D 18 -66.44 -38.62 -56.16
C LYS D 18 -67.90 -38.64 -56.58
N PHE D 19 -68.29 -39.75 -57.20
CA PHE D 19 -69.66 -39.92 -57.65
C PHE D 19 -70.44 -40.75 -56.62
N VAL D 20 -71.67 -40.35 -56.37
CA VAL D 20 -72.50 -41.06 -55.42
C VAL D 20 -73.87 -41.24 -56.06
N SER D 21 -74.35 -42.48 -56.06
CA SER D 21 -75.64 -42.79 -56.65
C SER D 21 -76.79 -42.62 -55.68
N LEU D 22 -77.99 -42.44 -56.20
CA LEU D 22 -79.18 -42.28 -55.39
C LEU D 22 -80.26 -43.21 -55.96
N GLU D 23 -80.70 -44.18 -55.15
CA GLU D 23 -81.72 -45.14 -55.56
C GLU D 23 -82.69 -44.57 -56.58
N GLY D 24 -82.87 -45.27 -57.68
CA GLY D 24 -83.79 -44.80 -58.70
C GLY D 24 -83.43 -43.50 -59.38
N PHE D 25 -82.17 -43.35 -59.75
CA PHE D 25 -81.72 -42.15 -60.46
C PHE D 25 -80.60 -42.52 -61.43
N ALA D 26 -80.85 -42.28 -62.71
CA ALA D 26 -79.91 -42.60 -63.76
C ALA D 26 -78.55 -41.92 -63.62
N GLN D 27 -78.56 -40.60 -63.49
CA GLN D 27 -77.32 -39.86 -63.36
C GLN D 27 -76.96 -39.63 -61.89
N PRO D 28 -75.75 -40.03 -61.50
CA PRO D 28 -75.24 -39.87 -60.13
C PRO D 28 -74.81 -38.44 -59.92
N VAL D 29 -74.69 -38.02 -58.67
CA VAL D 29 -74.28 -36.67 -58.35
C VAL D 29 -72.79 -36.55 -58.00
N ALA D 30 -72.18 -35.43 -58.41
CA ALA D 30 -70.77 -35.17 -58.17
C ALA D 30 -70.62 -34.39 -56.89
N ILE D 31 -70.01 -35.03 -55.90
CA ILE D 31 -69.82 -34.43 -54.60
C ILE D 31 -68.35 -34.02 -54.39
N PHE D 32 -68.14 -32.80 -53.91
CA PHE D 32 -66.80 -32.31 -53.62
C PHE D 32 -66.86 -31.82 -52.19
N LEU D 33 -65.99 -32.35 -51.34
CA LEU D 33 -66.00 -31.92 -49.94
C LEU D 33 -64.72 -31.17 -49.58
N GLY D 34 -64.86 -30.17 -48.72
CA GLY D 34 -63.70 -29.43 -48.28
C GLY D 34 -62.86 -28.64 -49.26
N ILE D 35 -63.50 -27.88 -50.14
CA ILE D 35 -62.77 -27.04 -51.08
C ILE D 35 -62.54 -25.76 -50.33
N PRO D 36 -61.29 -25.29 -50.25
CA PRO D 36 -61.09 -24.06 -49.51
C PRO D 36 -61.55 -22.85 -50.33
N PHE D 37 -62.20 -21.89 -49.68
CA PHE D 37 -62.64 -20.71 -50.40
C PHE D 37 -61.91 -19.46 -49.93
N ALA D 38 -60.99 -19.62 -48.98
CA ALA D 38 -60.21 -18.49 -48.48
C ALA D 38 -58.93 -18.97 -47.80
N LYS D 39 -58.00 -18.06 -47.53
CA LYS D 39 -56.76 -18.44 -46.85
C LYS D 39 -57.13 -18.70 -45.38
N PRO D 40 -56.51 -19.72 -44.75
CA PRO D 40 -56.81 -20.03 -43.34
C PRO D 40 -56.58 -18.85 -42.42
N PRO D 41 -57.56 -18.54 -41.55
CA PRO D 41 -57.38 -17.40 -40.64
C PRO D 41 -56.55 -17.77 -39.41
N LEU D 42 -55.30 -18.14 -39.64
CA LEU D 42 -54.42 -18.51 -38.55
C LEU D 42 -53.40 -17.42 -38.17
N GLY D 43 -53.09 -17.37 -36.87
CA GLY D 43 -52.14 -16.39 -36.38
C GLY D 43 -52.53 -14.95 -36.64
N PRO D 44 -51.77 -14.25 -37.47
CA PRO D 44 -52.03 -12.85 -37.79
C PRO D 44 -53.33 -12.64 -38.57
N LEU D 45 -53.80 -13.68 -39.24
CA LEU D 45 -55.03 -13.60 -40.02
C LEU D 45 -56.27 -13.75 -39.14
N ARG D 46 -56.07 -13.94 -37.83
CA ARG D 46 -57.20 -14.06 -36.91
C ARG D 46 -57.78 -12.69 -36.63
N PHE D 47 -59.11 -12.63 -36.53
CA PHE D 47 -59.81 -11.37 -36.28
C PHE D 47 -59.53 -10.36 -37.40
N THR D 48 -59.47 -10.86 -38.63
CA THR D 48 -59.25 -10.02 -39.82
C THR D 48 -60.04 -10.59 -40.98
N PRO D 49 -60.34 -9.78 -41.98
CA PRO D 49 -61.11 -10.23 -43.15
C PRO D 49 -60.45 -11.42 -43.83
N PRO D 50 -61.26 -12.29 -44.45
CA PRO D 50 -60.75 -13.48 -45.13
C PRO D 50 -59.96 -13.12 -46.38
N GLN D 51 -58.80 -13.74 -46.52
CA GLN D 51 -57.90 -13.50 -47.64
C GLN D 51 -58.21 -14.54 -48.69
N PRO D 52 -57.74 -14.33 -49.92
CA PRO D 52 -58.03 -15.34 -50.94
C PRO D 52 -57.15 -16.58 -50.74
N ALA D 53 -57.61 -17.73 -51.24
CA ALA D 53 -56.83 -18.95 -51.12
C ALA D 53 -55.63 -18.92 -52.06
N GLU D 54 -54.53 -19.54 -51.63
CA GLU D 54 -53.31 -19.62 -52.44
C GLU D 54 -53.49 -20.70 -53.48
N PRO D 55 -53.27 -20.39 -54.76
CA PRO D 55 -53.44 -21.43 -55.77
C PRO D 55 -52.56 -22.64 -55.46
N TRP D 56 -52.93 -23.79 -56.00
CA TRP D 56 -52.17 -25.02 -55.77
C TRP D 56 -51.86 -25.75 -57.08
N SER D 57 -50.81 -26.57 -57.03
CA SER D 57 -50.38 -27.33 -58.18
C SER D 57 -50.97 -28.73 -58.11
N PHE D 58 -51.16 -29.34 -59.27
CA PHE D 58 -51.71 -30.70 -59.34
C PHE D 58 -53.17 -30.79 -58.93
N VAL D 59 -53.64 -32.01 -58.71
CA VAL D 59 -55.04 -32.20 -58.35
C VAL D 59 -55.30 -32.34 -56.86
N LYS D 60 -56.04 -31.38 -56.31
CA LYS D 60 -56.41 -31.35 -54.89
C LYS D 60 -57.54 -32.35 -54.63
N ASN D 61 -57.32 -33.27 -53.70
CA ASN D 61 -58.37 -34.26 -53.41
C ASN D 61 -59.45 -33.69 -52.50
N ALA D 62 -60.67 -33.65 -53.00
CA ALA D 62 -61.80 -33.12 -52.27
C ALA D 62 -62.81 -34.20 -51.98
N THR D 63 -62.39 -35.23 -51.24
CA THR D 63 -63.29 -36.32 -50.89
C THR D 63 -63.27 -36.61 -49.40
N SER D 64 -62.90 -35.61 -48.61
CA SER D 64 -62.86 -35.75 -47.16
C SER D 64 -63.54 -34.54 -46.55
N TYR D 65 -64.51 -34.75 -45.67
CA TYR D 65 -65.19 -33.63 -45.04
C TYR D 65 -64.18 -32.73 -44.35
N PRO D 66 -64.32 -31.41 -44.48
CA PRO D 66 -63.34 -30.55 -43.82
C PRO D 66 -63.68 -30.50 -42.33
N PRO D 67 -62.81 -29.90 -41.51
CA PRO D 67 -63.05 -29.79 -40.07
C PRO D 67 -64.14 -28.76 -39.86
N MET D 68 -64.64 -28.61 -38.64
CA MET D 68 -65.62 -27.56 -38.40
C MET D 68 -64.88 -26.54 -37.54
N CYS D 69 -65.24 -25.26 -37.66
CA CYS D 69 -64.57 -24.22 -36.89
C CYS D 69 -64.63 -24.52 -35.41
N THR D 70 -63.60 -24.08 -34.71
CA THR D 70 -63.52 -24.28 -33.29
C THR D 70 -64.82 -23.85 -32.62
N GLN D 71 -65.33 -24.73 -31.76
CA GLN D 71 -66.57 -24.49 -31.05
C GLN D 71 -66.64 -25.53 -29.95
N ASP D 72 -67.63 -25.41 -29.07
CA ASP D 72 -67.82 -26.36 -27.99
C ASP D 72 -68.00 -27.69 -28.71
N PRO D 73 -67.02 -28.59 -28.58
CA PRO D 73 -67.06 -29.90 -29.24
C PRO D 73 -68.30 -30.71 -28.88
N LYS D 74 -68.72 -30.63 -27.63
CA LYS D 74 -69.90 -31.36 -27.15
C LYS D 74 -71.21 -30.82 -27.77
N ALA D 75 -71.46 -29.53 -27.64
CA ALA D 75 -72.66 -28.90 -28.18
C ALA D 75 -72.69 -29.02 -29.70
N GLY D 76 -71.53 -28.87 -30.32
CA GLY D 76 -71.48 -28.98 -31.77
C GLY D 76 -71.98 -30.35 -32.20
N GLN D 77 -71.37 -31.39 -31.65
CA GLN D 77 -71.75 -32.77 -31.97
C GLN D 77 -73.23 -33.02 -31.72
N LEU D 78 -73.74 -32.47 -30.62
CA LEU D 78 -75.13 -32.64 -30.26
C LEU D 78 -76.01 -32.00 -31.31
N LEU D 79 -75.73 -30.75 -31.65
CA LEU D 79 -76.54 -30.07 -32.66
C LEU D 79 -76.46 -30.80 -33.97
N SER D 80 -75.26 -31.16 -34.40
CA SER D 80 -75.09 -31.86 -35.68
C SER D 80 -75.98 -33.10 -35.72
N GLU D 81 -75.98 -33.87 -34.64
CA GLU D 81 -76.81 -35.06 -34.51
C GLU D 81 -78.29 -34.75 -34.73
N LEU D 82 -78.78 -33.78 -33.97
CA LEU D 82 -80.17 -33.36 -34.03
C LEU D 82 -80.61 -32.76 -35.35
N PHE D 83 -79.68 -32.27 -36.18
CA PHE D 83 -80.09 -31.65 -37.42
C PHE D 83 -79.68 -32.36 -38.69
N THR D 84 -78.90 -33.42 -38.58
CA THR D 84 -78.45 -34.08 -39.78
C THR D 84 -79.49 -34.91 -40.53
N ASN D 85 -79.31 -34.95 -41.84
CA ASN D 85 -80.22 -35.68 -42.69
C ASN D 85 -79.58 -36.93 -43.30
N ARG D 86 -78.46 -37.37 -42.74
CA ARG D 86 -77.79 -38.58 -43.23
C ARG D 86 -78.16 -39.71 -42.26
N LYS D 87 -77.75 -40.94 -42.56
CA LYS D 87 -78.05 -42.08 -41.71
C LYS D 87 -77.22 -42.06 -40.43
N GLU D 88 -75.91 -42.01 -40.58
CA GLU D 88 -75.01 -41.97 -39.43
C GLU D 88 -74.38 -40.59 -39.37
N ASN D 89 -74.26 -40.02 -38.18
CA ASN D 89 -73.66 -38.70 -38.07
C ASN D 89 -72.16 -38.83 -38.33
N ILE D 90 -71.62 -37.87 -39.06
CA ILE D 90 -70.20 -37.84 -39.37
C ILE D 90 -69.45 -37.25 -38.18
N PRO D 91 -68.60 -38.04 -37.51
CA PRO D 91 -67.87 -37.49 -36.36
C PRO D 91 -66.81 -36.48 -36.89
N LEU D 92 -67.08 -35.18 -36.72
CA LEU D 92 -66.18 -34.14 -37.21
C LEU D 92 -65.10 -33.71 -36.22
N LYS D 93 -64.09 -33.00 -36.73
CA LYS D 93 -62.98 -32.49 -35.91
C LYS D 93 -62.98 -30.97 -35.92
N LEU D 94 -62.49 -30.39 -34.83
CA LEU D 94 -62.42 -28.94 -34.69
C LEU D 94 -61.13 -28.39 -35.23
N SER D 95 -61.19 -27.19 -35.77
CA SER D 95 -60.02 -26.52 -36.32
C SER D 95 -60.24 -25.05 -36.63
N GLU D 96 -59.19 -24.25 -36.49
CA GLU D 96 -59.27 -22.82 -36.79
C GLU D 96 -59.26 -22.75 -38.32
N ASP D 97 -58.68 -23.78 -38.93
CA ASP D 97 -58.64 -23.90 -40.37
C ASP D 97 -59.92 -24.61 -40.74
N CYS D 98 -60.97 -23.82 -40.99
CA CYS D 98 -62.27 -24.36 -41.31
C CYS D 98 -63.00 -23.64 -42.46
N LEU D 99 -62.36 -22.70 -43.14
CA LEU D 99 -63.07 -22.01 -44.21
C LEU D 99 -63.19 -22.83 -45.48
N TYR D 100 -64.11 -23.78 -45.49
CA TYR D 100 -64.32 -24.63 -46.66
C TYR D 100 -65.78 -24.69 -47.05
N LEU D 101 -66.04 -25.33 -48.19
CA LEU D 101 -67.39 -25.51 -48.67
C LEU D 101 -67.50 -26.87 -49.35
N ASN D 102 -68.72 -27.40 -49.42
CA ASN D 102 -68.98 -28.68 -50.06
C ASN D 102 -69.94 -28.38 -51.20
N ILE D 103 -69.81 -29.13 -52.29
CA ILE D 103 -70.65 -28.92 -53.46
C ILE D 103 -71.32 -30.21 -53.92
N TYR D 104 -72.63 -30.18 -54.07
CA TYR D 104 -73.33 -31.37 -54.56
C TYR D 104 -73.90 -30.96 -55.91
N THR D 105 -73.44 -31.57 -56.99
CA THR D 105 -73.96 -31.18 -58.29
C THR D 105 -74.43 -32.33 -59.15
N PRO D 106 -75.67 -32.26 -59.61
CA PRO D 106 -76.27 -33.30 -60.46
C PRO D 106 -75.93 -33.13 -61.92
N ALA D 107 -75.32 -31.99 -62.25
CA ALA D 107 -74.97 -31.67 -63.62
C ALA D 107 -74.08 -32.69 -64.31
N ASP D 108 -74.02 -32.61 -65.62
CA ASP D 108 -73.19 -33.48 -66.44
C ASP D 108 -71.96 -32.69 -66.80
N LEU D 109 -70.96 -32.76 -65.91
CA LEU D 109 -69.70 -32.04 -66.04
C LEU D 109 -68.96 -32.18 -67.38
N THR D 110 -69.37 -33.15 -68.20
CA THR D 110 -68.74 -33.35 -69.50
C THR D 110 -69.34 -32.33 -70.47
N LYS D 111 -70.63 -32.07 -70.32
CA LYS D 111 -71.34 -31.09 -71.13
C LYS D 111 -71.36 -29.79 -70.33
N LYS D 112 -72.08 -28.79 -70.85
CA LYS D 112 -72.18 -27.55 -70.12
C LYS D 112 -73.52 -27.62 -69.39
N ASN D 113 -73.60 -26.98 -68.23
CA ASN D 113 -74.81 -26.96 -67.44
C ASN D 113 -74.87 -25.69 -66.62
N ARG D 114 -75.95 -24.94 -66.76
CA ARG D 114 -76.10 -23.70 -66.00
C ARG D 114 -77.26 -23.84 -65.03
N LEU D 115 -77.14 -24.81 -64.13
CA LEU D 115 -78.17 -25.09 -63.15
C LEU D 115 -78.26 -24.03 -62.08
N PRO D 116 -79.44 -23.90 -61.47
CA PRO D 116 -79.61 -22.90 -60.40
C PRO D 116 -78.84 -23.34 -59.17
N VAL D 117 -78.23 -22.38 -58.49
CA VAL D 117 -77.43 -22.68 -57.33
C VAL D 117 -78.05 -22.21 -56.03
N MET D 118 -78.01 -23.07 -55.03
CA MET D 118 -78.56 -22.72 -53.73
C MET D 118 -77.46 -22.91 -52.73
N VAL D 119 -77.12 -21.85 -51.99
CA VAL D 119 -76.06 -21.94 -50.99
C VAL D 119 -76.62 -21.94 -49.57
N TRP D 120 -76.33 -23.00 -48.83
CA TRP D 120 -76.80 -23.16 -47.46
C TRP D 120 -75.87 -22.63 -46.39
N ILE D 121 -76.34 -21.68 -45.57
CA ILE D 121 -75.52 -21.14 -44.49
C ILE D 121 -76.14 -21.78 -43.26
N HIS D 122 -75.40 -22.64 -42.57
CA HIS D 122 -75.97 -23.32 -41.42
C HIS D 122 -76.23 -22.40 -40.22
N GLY D 123 -76.99 -22.93 -39.28
CA GLY D 123 -77.31 -22.19 -38.08
C GLY D 123 -76.51 -22.77 -36.93
N GLY D 124 -76.78 -22.29 -35.72
CA GLY D 124 -76.05 -22.76 -34.56
C GLY D 124 -75.67 -21.58 -33.67
N GLY D 125 -76.52 -20.54 -33.68
CA GLY D 125 -76.29 -19.37 -32.86
C GLY D 125 -74.93 -18.74 -33.05
N LEU D 126 -74.38 -18.88 -34.26
CA LEU D 126 -73.09 -18.31 -34.58
C LEU D 126 -72.02 -18.78 -33.60
N MET D 127 -72.37 -19.71 -32.73
CA MET D 127 -71.43 -20.26 -31.76
C MET D 127 -70.97 -21.67 -32.12
N VAL D 128 -71.88 -22.49 -32.67
CA VAL D 128 -71.55 -23.86 -33.06
C VAL D 128 -72.17 -24.16 -34.43
N GLY D 129 -71.93 -25.37 -34.96
CA GLY D 129 -72.50 -25.71 -36.25
C GLY D 129 -71.49 -26.00 -37.34
N ALA D 130 -71.90 -26.82 -38.31
CA ALA D 130 -71.03 -27.21 -39.41
C ALA D 130 -71.77 -27.38 -40.75
N ALA D 131 -71.03 -27.33 -41.87
CA ALA D 131 -71.64 -27.47 -43.19
C ALA D 131 -71.86 -28.94 -43.54
N SER D 132 -70.89 -29.76 -43.15
CA SER D 132 -70.95 -31.19 -43.43
C SER D 132 -72.08 -31.91 -42.72
N THR D 133 -72.78 -31.20 -41.83
CA THR D 133 -73.89 -31.80 -41.12
C THR D 133 -75.05 -31.97 -42.11
N TYR D 134 -75.09 -31.11 -43.12
CA TYR D 134 -76.17 -31.20 -44.10
C TYR D 134 -75.65 -31.78 -45.42
N ASP D 135 -76.37 -32.77 -45.95
CA ASP D 135 -76.00 -33.44 -47.18
C ASP D 135 -76.88 -32.98 -48.33
N GLY D 136 -76.27 -32.50 -49.40
CA GLY D 136 -77.03 -32.00 -50.53
C GLY D 136 -77.37 -33.02 -51.62
N LEU D 137 -77.06 -34.28 -51.39
CA LEU D 137 -77.32 -35.33 -52.38
C LEU D 137 -78.76 -35.39 -52.90
N ALA D 138 -79.74 -35.45 -52.00
CA ALA D 138 -81.12 -35.54 -52.41
C ALA D 138 -81.61 -34.28 -53.14
N LEU D 139 -81.57 -33.14 -52.45
CA LEU D 139 -82.02 -31.89 -53.06
C LEU D 139 -81.48 -31.74 -54.48
N ALA D 140 -80.16 -31.78 -54.61
CA ALA D 140 -79.53 -31.63 -55.91
C ALA D 140 -80.13 -32.63 -56.87
N ALA D 141 -79.99 -33.92 -56.58
CA ALA D 141 -80.53 -34.94 -57.47
C ALA D 141 -82.03 -34.77 -57.76
N HIS D 142 -82.80 -34.56 -56.71
CA HIS D 142 -84.24 -34.41 -56.83
C HIS D 142 -84.75 -33.18 -57.60
N GLU D 143 -84.10 -32.04 -57.46
CA GLU D 143 -84.60 -30.87 -58.16
C GLU D 143 -83.64 -30.33 -59.21
N ASN D 144 -82.62 -31.13 -59.53
CA ASN D 144 -81.61 -30.74 -60.51
C ASN D 144 -81.11 -29.31 -60.26
N VAL D 145 -80.45 -29.14 -59.12
CA VAL D 145 -79.89 -27.86 -58.67
C VAL D 145 -78.53 -28.07 -57.96
N VAL D 146 -77.67 -27.05 -57.92
CA VAL D 146 -76.37 -27.22 -57.29
C VAL D 146 -76.41 -26.82 -55.84
N VAL D 147 -76.14 -27.77 -54.95
CA VAL D 147 -76.15 -27.49 -53.53
C VAL D 147 -74.73 -27.29 -53.03
N VAL D 148 -74.55 -26.17 -52.35
CA VAL D 148 -73.27 -25.82 -51.78
C VAL D 148 -73.48 -25.48 -50.32
N THR D 149 -72.78 -26.18 -49.42
CA THR D 149 -72.85 -25.90 -47.98
C THR D 149 -71.54 -25.18 -47.59
N ILE D 150 -71.62 -24.04 -46.92
CA ILE D 150 -70.42 -23.28 -46.54
C ILE D 150 -70.17 -23.18 -45.03
N GLN D 151 -68.93 -22.87 -44.66
CA GLN D 151 -68.60 -22.71 -43.25
C GLN D 151 -68.09 -21.28 -43.04
N TYR D 152 -68.08 -20.85 -41.78
CA TYR D 152 -67.64 -19.50 -41.46
C TYR D 152 -67.27 -19.44 -39.98
N ARG D 153 -66.27 -18.64 -39.64
CA ARG D 153 -65.76 -18.51 -38.27
C ARG D 153 -66.83 -18.24 -37.21
N LEU D 154 -66.95 -19.13 -36.25
CA LEU D 154 -67.95 -18.98 -35.20
C LEU D 154 -67.38 -18.43 -33.90
N GLY D 155 -68.27 -18.14 -32.95
CA GLY D 155 -67.86 -17.63 -31.66
C GLY D 155 -66.80 -16.55 -31.67
N ILE D 156 -65.89 -16.61 -30.70
CA ILE D 156 -64.84 -15.62 -30.62
C ILE D 156 -64.17 -15.42 -31.99
N TRP D 157 -63.58 -16.49 -32.53
CA TRP D 157 -62.89 -16.44 -33.82
C TRP D 157 -63.62 -15.66 -34.90
N GLY D 158 -64.94 -15.79 -34.94
CA GLY D 158 -65.68 -15.11 -35.99
C GLY D 158 -66.50 -13.88 -35.66
N PHE D 159 -66.63 -13.56 -34.38
CA PHE D 159 -67.45 -12.41 -34.04
C PHE D 159 -66.93 -11.48 -32.97
N PHE D 160 -65.68 -11.69 -32.55
CA PHE D 160 -65.10 -10.85 -31.54
C PHE D 160 -65.01 -9.43 -32.04
N SER D 161 -65.49 -8.49 -31.21
CA SER D 161 -65.48 -7.10 -31.61
C SER D 161 -65.10 -6.21 -30.45
N THR D 162 -64.32 -5.17 -30.74
CA THR D 162 -63.88 -4.23 -29.72
C THR D 162 -64.58 -2.89 -29.91
N GLY D 163 -65.45 -2.82 -30.89
CA GLY D 163 -66.15 -1.57 -31.13
C GLY D 163 -65.42 -0.64 -32.08
N ASP D 164 -64.14 -0.88 -32.31
CA ASP D 164 -63.37 -0.01 -33.19
C ASP D 164 -62.63 -0.68 -34.34
N GLU D 165 -61.75 0.08 -34.98
CA GLU D 165 -61.00 -0.39 -36.13
C GLU D 165 -59.96 -1.44 -35.79
N HIS D 166 -59.65 -1.59 -34.51
CA HIS D 166 -58.65 -2.56 -34.07
C HIS D 166 -59.12 -4.00 -34.12
N SER D 167 -60.41 -4.17 -34.45
CA SER D 167 -61.06 -5.47 -34.58
C SER D 167 -62.54 -5.21 -34.74
N ARG D 168 -62.94 -4.76 -35.94
CA ARG D 168 -64.33 -4.44 -36.20
C ARG D 168 -65.30 -5.49 -35.74
N GLY D 169 -65.27 -6.65 -36.39
CA GLY D 169 -66.19 -7.70 -36.03
C GLY D 169 -66.89 -8.24 -37.26
N ASN D 170 -67.85 -9.14 -37.07
CA ASN D 170 -68.59 -9.74 -38.18
C ASN D 170 -67.67 -10.58 -39.08
N TRP D 171 -66.58 -11.08 -38.51
CA TRP D 171 -65.64 -11.89 -39.28
C TRP D 171 -66.35 -13.06 -39.93
N GLY D 172 -67.20 -13.73 -39.16
CA GLY D 172 -67.94 -14.86 -39.67
C GLY D 172 -68.71 -14.49 -40.91
N HIS D 173 -69.43 -13.38 -40.84
CA HIS D 173 -70.22 -12.89 -41.97
C HIS D 173 -69.36 -12.53 -43.20
N LEU D 174 -68.24 -11.85 -42.98
CA LEU D 174 -67.40 -11.50 -44.10
C LEU D 174 -67.03 -12.78 -44.86
N ASP D 175 -66.82 -13.88 -44.11
CA ASP D 175 -66.50 -15.19 -44.69
C ASP D 175 -67.65 -15.65 -45.59
N GLN D 176 -68.88 -15.50 -45.10
CA GLN D 176 -70.04 -15.91 -45.88
C GLN D 176 -70.01 -15.18 -47.21
N VAL D 177 -69.67 -13.89 -47.20
CA VAL D 177 -69.58 -13.12 -48.44
C VAL D 177 -68.41 -13.64 -49.26
N ALA D 178 -67.28 -13.86 -48.60
CA ALA D 178 -66.11 -14.35 -49.32
C ALA D 178 -66.44 -15.66 -50.07
N ALA D 179 -67.25 -16.52 -49.44
CA ALA D 179 -67.63 -17.77 -50.05
C ALA D 179 -68.57 -17.47 -51.21
N LEU D 180 -69.45 -16.50 -50.99
CA LEU D 180 -70.40 -16.11 -52.02
C LEU D 180 -69.68 -15.64 -53.28
N ARG D 181 -68.57 -14.94 -53.09
CA ARG D 181 -67.82 -14.47 -54.24
C ARG D 181 -67.09 -15.64 -54.90
N TRP D 182 -66.50 -16.52 -54.09
CA TRP D 182 -65.82 -17.69 -54.64
C TRP D 182 -66.78 -18.42 -55.59
N VAL D 183 -68.04 -18.54 -55.18
CA VAL D 183 -69.05 -19.20 -55.99
C VAL D 183 -69.28 -18.48 -57.33
N GLN D 184 -69.19 -17.15 -57.31
CA GLN D 184 -69.37 -16.37 -58.52
C GLN D 184 -68.35 -16.68 -59.60
N ASP D 185 -67.12 -17.01 -59.22
CA ASP D 185 -66.11 -17.25 -60.21
C ASP D 185 -65.84 -18.71 -60.47
N ASN D 186 -66.44 -19.57 -59.67
CA ASN D 186 -66.18 -20.99 -59.81
C ASN D 186 -67.38 -21.89 -60.08
N ILE D 187 -68.50 -21.65 -59.41
CA ILE D 187 -69.65 -22.53 -59.59
C ILE D 187 -69.97 -22.84 -61.03
N ALA D 188 -69.70 -21.90 -61.94
CA ALA D 188 -69.98 -22.11 -63.36
C ALA D 188 -69.27 -23.36 -63.85
N SER D 189 -68.08 -23.59 -63.35
CA SER D 189 -67.31 -24.75 -63.77
C SER D 189 -67.74 -26.02 -63.06
N PHE D 190 -68.88 -25.95 -62.35
CA PHE D 190 -69.41 -27.11 -61.64
C PHE D 190 -70.79 -27.50 -62.13
N GLY D 191 -71.23 -26.89 -63.22
CA GLY D 191 -72.56 -27.21 -63.74
C GLY D 191 -73.57 -26.22 -63.20
N GLY D 192 -73.09 -25.15 -62.58
CA GLY D 192 -73.97 -24.15 -62.04
C GLY D 192 -74.02 -22.90 -62.89
N ASN D 193 -74.86 -21.95 -62.48
CA ASN D 193 -75.01 -20.70 -63.19
C ASN D 193 -74.86 -19.57 -62.17
N PRO D 194 -73.67 -18.94 -62.12
CA PRO D 194 -73.40 -17.84 -61.18
C PRO D 194 -74.42 -16.72 -61.26
N GLY D 195 -75.25 -16.76 -62.30
CA GLY D 195 -76.26 -15.73 -62.49
C GLY D 195 -77.57 -16.09 -61.83
N SER D 196 -77.57 -17.20 -61.10
CA SER D 196 -78.76 -17.67 -60.40
C SER D 196 -78.37 -18.35 -59.10
N VAL D 197 -78.06 -17.57 -58.08
CA VAL D 197 -77.66 -18.12 -56.79
C VAL D 197 -78.61 -17.74 -55.67
N THR D 198 -79.15 -18.77 -55.01
CA THR D 198 -80.08 -18.55 -53.91
C THR D 198 -79.40 -18.85 -52.58
N ILE D 199 -79.42 -17.89 -51.66
CA ILE D 199 -78.82 -18.15 -50.37
C ILE D 199 -79.94 -18.46 -49.41
N PHE D 200 -79.77 -19.49 -48.58
CA PHE D 200 -80.80 -19.85 -47.62
C PHE D 200 -80.12 -20.49 -46.43
N GLY D 201 -80.75 -20.35 -45.27
CA GLY D 201 -80.18 -20.92 -44.08
C GLY D 201 -81.24 -20.92 -43.00
N GLU D 202 -80.91 -21.58 -41.90
CA GLU D 202 -81.84 -21.70 -40.79
C GLU D 202 -81.30 -21.07 -39.53
N SER D 203 -82.19 -20.43 -38.77
CA SER D 203 -81.86 -19.76 -37.51
C SER D 203 -80.75 -18.74 -37.72
N ALA D 204 -79.61 -18.93 -37.07
CA ALA D 204 -78.51 -17.97 -37.22
C ALA D 204 -78.22 -17.88 -38.71
N GLY D 205 -78.54 -18.94 -39.43
CA GLY D 205 -78.33 -18.97 -40.87
C GLY D 205 -79.30 -18.05 -41.59
N GLY D 206 -80.58 -18.16 -41.23
CA GLY D 206 -81.56 -17.30 -41.85
C GLY D 206 -81.16 -15.88 -41.50
N GLU D 207 -80.81 -15.68 -40.24
CA GLU D 207 -80.38 -14.37 -39.78
C GLU D 207 -79.25 -13.85 -40.67
N SER D 208 -78.26 -14.68 -40.93
CA SER D 208 -77.14 -14.30 -41.77
C SER D 208 -77.63 -13.89 -43.15
N VAL D 209 -78.57 -14.66 -43.69
CA VAL D 209 -79.13 -14.38 -45.00
C VAL D 209 -79.81 -13.02 -44.96
N SER D 210 -80.64 -12.83 -43.95
CA SER D 210 -81.36 -11.58 -43.75
C SER D 210 -80.35 -10.43 -43.70
N VAL D 211 -79.18 -10.71 -43.12
CA VAL D 211 -78.13 -9.71 -43.02
C VAL D 211 -77.47 -9.44 -44.38
N LEU D 212 -77.08 -10.48 -45.09
CA LEU D 212 -76.45 -10.27 -46.39
C LEU D 212 -77.41 -9.46 -47.25
N VAL D 213 -78.70 -9.73 -47.10
CA VAL D 213 -79.73 -9.03 -47.85
C VAL D 213 -79.69 -7.52 -47.65
N LEU D 214 -79.16 -7.11 -46.51
CA LEU D 214 -79.07 -5.70 -46.13
C LEU D 214 -77.67 -5.16 -46.28
N SER D 215 -76.71 -6.02 -46.57
CA SER D 215 -75.33 -5.55 -46.70
C SER D 215 -74.95 -5.08 -48.10
N PRO D 216 -74.18 -4.00 -48.20
CA PRO D 216 -73.74 -3.46 -49.49
C PRO D 216 -72.73 -4.43 -50.08
N LEU D 217 -71.88 -4.96 -49.21
CA LEU D 217 -70.84 -5.92 -49.58
C LEU D 217 -71.33 -7.15 -50.36
N ALA D 218 -72.52 -7.63 -50.02
CA ALA D 218 -73.08 -8.80 -50.68
C ALA D 218 -73.82 -8.46 -51.94
N LYS D 219 -74.01 -7.17 -52.18
CA LYS D 219 -74.71 -6.68 -53.36
C LYS D 219 -74.32 -7.45 -54.62
N ASN D 220 -75.32 -7.92 -55.36
CA ASN D 220 -75.08 -8.65 -56.59
C ASN D 220 -74.32 -9.96 -56.45
N LEU D 221 -74.41 -10.59 -55.28
CA LEU D 221 -73.75 -11.87 -55.03
C LEU D 221 -74.75 -13.02 -54.97
N PHE D 222 -76.03 -12.69 -54.86
CA PHE D 222 -77.13 -13.67 -54.83
C PHE D 222 -78.35 -13.06 -55.52
N HIS D 223 -79.24 -13.91 -56.04
CA HIS D 223 -80.42 -13.42 -56.76
C HIS D 223 -81.77 -13.67 -56.09
N ARG D 224 -81.79 -14.55 -55.10
CA ARG D 224 -83.02 -14.90 -54.39
C ARG D 224 -82.53 -15.28 -53.01
N ALA D 225 -83.42 -15.26 -52.01
CA ALA D 225 -83.00 -15.56 -50.64
C ALA D 225 -84.12 -16.12 -49.78
N ILE D 226 -83.75 -16.99 -48.84
CA ILE D 226 -84.72 -17.60 -47.94
C ILE D 226 -84.21 -17.65 -46.52
N SER D 227 -84.95 -17.05 -45.59
CA SER D 227 -84.59 -17.06 -44.17
C SER D 227 -85.53 -18.05 -43.50
N GLU D 228 -84.99 -19.00 -42.74
CA GLU D 228 -85.85 -19.97 -42.07
C GLU D 228 -85.74 -19.82 -40.56
N SER D 229 -86.79 -19.34 -39.91
CA SER D 229 -86.75 -19.16 -38.46
C SER D 229 -85.63 -18.23 -38.03
N GLY D 230 -85.38 -17.18 -38.80
CA GLY D 230 -84.31 -16.27 -38.43
C GLY D 230 -84.28 -15.06 -39.33
N VAL D 231 -84.12 -13.89 -38.71
CA VAL D 231 -84.08 -12.64 -39.45
C VAL D 231 -83.16 -11.65 -38.72
N ALA D 232 -82.72 -10.60 -39.42
CA ALA D 232 -81.83 -9.61 -38.82
C ALA D 232 -82.47 -8.86 -37.67
N LEU D 233 -83.75 -9.08 -37.45
CA LEU D 233 -84.46 -8.42 -36.36
C LEU D 233 -84.64 -9.32 -35.14
N THR D 234 -83.87 -10.41 -35.08
CA THR D 234 -83.91 -11.37 -33.96
C THR D 234 -83.01 -10.87 -32.82
N SER D 235 -83.56 -9.97 -32.04
CA SER D 235 -82.89 -9.37 -30.89
C SER D 235 -81.55 -9.95 -30.41
N VAL D 236 -81.50 -11.23 -30.07
CA VAL D 236 -80.25 -11.81 -29.55
C VAL D 236 -79.06 -11.97 -30.49
N LEU D 237 -79.31 -12.25 -31.76
CA LEU D 237 -78.22 -12.43 -32.70
C LEU D 237 -77.51 -11.14 -33.10
N VAL D 238 -78.11 -9.99 -32.80
CA VAL D 238 -77.49 -8.70 -33.13
C VAL D 238 -77.12 -7.87 -31.90
N LYS D 239 -75.84 -7.62 -31.71
CA LYS D 239 -75.36 -6.82 -30.58
C LYS D 239 -75.44 -5.33 -30.93
N LYS D 240 -76.23 -4.60 -30.17
CA LYS D 240 -76.39 -3.17 -30.40
C LYS D 240 -75.90 -2.39 -29.19
N GLY D 241 -75.36 -1.21 -29.44
CA GLY D 241 -74.87 -0.38 -28.35
C GLY D 241 -73.39 -0.61 -28.22
N ASP D 242 -72.79 -0.13 -27.13
CA ASP D 242 -71.36 -0.31 -26.91
C ASP D 242 -71.03 -1.79 -26.65
N VAL D 243 -70.33 -2.42 -27.58
CA VAL D 243 -69.98 -3.83 -27.44
C VAL D 243 -68.70 -3.99 -26.62
N LYS D 244 -67.93 -2.90 -26.52
CA LYS D 244 -66.67 -2.89 -25.79
C LYS D 244 -66.71 -3.70 -24.50
N PRO D 245 -67.71 -3.47 -23.63
CA PRO D 245 -67.86 -4.19 -22.36
C PRO D 245 -67.72 -5.70 -22.48
N LEU D 246 -68.34 -6.29 -23.48
CA LEU D 246 -68.23 -7.73 -23.65
C LEU D 246 -66.79 -8.11 -24.00
N ALA D 247 -66.18 -7.29 -24.86
CA ALA D 247 -64.81 -7.52 -25.29
C ALA D 247 -63.87 -7.65 -24.10
N GLU D 248 -63.94 -6.71 -23.18
CA GLU D 248 -63.09 -6.74 -22.01
C GLU D 248 -63.36 -8.00 -21.22
N GLN D 249 -64.62 -8.38 -21.09
CA GLN D 249 -64.95 -9.58 -20.35
C GLN D 249 -64.30 -10.82 -20.96
N ILE D 250 -64.26 -10.86 -22.29
CA ILE D 250 -63.65 -11.97 -23.00
C ILE D 250 -62.15 -11.93 -22.79
N ALA D 251 -61.56 -10.74 -22.89
CA ALA D 251 -60.12 -10.59 -22.71
C ALA D 251 -59.71 -10.91 -21.26
N ILE D 252 -60.45 -10.34 -20.32
CA ILE D 252 -60.20 -10.57 -18.91
C ILE D 252 -60.22 -12.05 -18.63
N THR D 253 -61.21 -12.75 -19.19
CA THR D 253 -61.32 -14.19 -18.98
C THR D 253 -60.13 -14.92 -19.58
N ALA D 254 -59.79 -14.56 -20.81
CA ALA D 254 -58.68 -15.20 -21.51
C ALA D 254 -57.34 -14.87 -20.89
N GLY D 255 -57.36 -14.05 -19.84
CA GLY D 255 -56.13 -13.67 -19.16
C GLY D 255 -55.35 -12.64 -19.95
N CYS D 256 -56.08 -11.67 -20.48
CA CYS D 256 -55.49 -10.59 -21.26
C CYS D 256 -55.70 -9.28 -20.53
N LYS D 257 -54.93 -8.26 -20.89
CA LYS D 257 -55.12 -6.97 -20.26
C LYS D 257 -56.04 -6.16 -21.17
N THR D 258 -56.80 -5.23 -20.57
CA THR D 258 -57.74 -4.43 -21.32
C THR D 258 -57.33 -2.97 -21.38
N THR D 259 -56.03 -2.73 -21.33
CA THR D 259 -55.51 -1.37 -21.37
C THR D 259 -56.03 -0.56 -22.56
N THR D 260 -55.91 -1.12 -23.75
CA THR D 260 -56.39 -0.46 -24.96
C THR D 260 -57.07 -1.53 -25.77
N SER D 261 -57.63 -1.15 -26.91
CA SER D 261 -58.28 -2.10 -27.80
C SER D 261 -57.27 -2.98 -28.51
N ALA D 262 -56.17 -2.38 -28.98
CA ALA D 262 -55.14 -3.12 -29.70
C ALA D 262 -54.41 -4.13 -28.82
N VAL D 263 -54.23 -3.77 -27.54
CA VAL D 263 -53.55 -4.67 -26.62
C VAL D 263 -54.46 -5.88 -26.38
N MET D 264 -55.77 -5.65 -26.41
CA MET D 264 -56.71 -6.75 -26.24
C MET D 264 -56.61 -7.69 -27.44
N VAL D 265 -56.73 -7.12 -28.63
CA VAL D 265 -56.69 -7.91 -29.85
C VAL D 265 -55.34 -8.60 -30.00
N HIS D 266 -54.26 -7.92 -29.64
CA HIS D 266 -52.93 -8.52 -29.77
C HIS D 266 -52.71 -9.67 -28.79
N CYS D 267 -53.18 -9.50 -27.56
CA CYS D 267 -53.03 -10.56 -26.59
C CYS D 267 -53.84 -11.77 -27.02
N LEU D 268 -55.00 -11.53 -27.62
CA LEU D 268 -55.87 -12.62 -28.08
C LEU D 268 -55.31 -13.38 -29.27
N ARG D 269 -54.69 -12.67 -30.21
CA ARG D 269 -54.14 -13.35 -31.38
C ARG D 269 -53.03 -14.31 -31.01
N GLN D 270 -52.44 -14.13 -29.83
CA GLN D 270 -51.37 -15.02 -29.41
C GLN D 270 -51.84 -16.20 -28.59
N LYS D 271 -53.09 -16.15 -28.16
CA LYS D 271 -53.63 -17.25 -27.42
C LYS D 271 -53.73 -18.41 -28.39
N THR D 272 -53.68 -19.63 -27.88
CA THR D 272 -53.76 -20.81 -28.72
C THR D 272 -55.22 -21.12 -28.98
N GLU D 273 -55.47 -22.02 -29.92
CA GLU D 273 -56.83 -22.41 -30.22
C GLU D 273 -57.46 -22.87 -28.93
N GLU D 274 -56.82 -23.84 -28.29
CA GLU D 274 -57.31 -24.42 -27.05
C GLU D 274 -57.43 -23.43 -25.90
N GLU D 275 -56.57 -22.42 -25.88
CA GLU D 275 -56.66 -21.42 -24.83
C GLU D 275 -57.97 -20.65 -25.01
N LEU D 276 -58.30 -20.30 -26.25
CA LEU D 276 -59.52 -19.55 -26.56
C LEU D 276 -60.79 -20.38 -26.40
N LEU D 277 -60.66 -21.68 -26.63
CA LEU D 277 -61.78 -22.59 -26.50
C LEU D 277 -62.13 -22.66 -25.02
N GLU D 278 -61.10 -22.71 -24.17
CA GLU D 278 -61.35 -22.76 -22.73
C GLU D 278 -62.08 -21.48 -22.29
N THR D 279 -61.87 -20.39 -23.01
CA THR D 279 -62.55 -19.13 -22.68
C THR D 279 -64.04 -19.27 -23.04
N THR D 280 -64.29 -19.79 -24.23
CA THR D 280 -65.66 -19.98 -24.69
C THR D 280 -66.43 -20.85 -23.72
N LEU D 281 -65.78 -21.90 -23.20
CA LEU D 281 -66.43 -22.78 -22.24
C LEU D 281 -66.70 -22.14 -20.89
N LYS D 282 -65.93 -21.11 -20.54
CA LYS D 282 -66.14 -20.43 -19.27
C LYS D 282 -67.22 -19.36 -19.41
N MET D 283 -67.25 -18.68 -20.55
CA MET D 283 -68.26 -17.65 -20.80
C MET D 283 -69.62 -18.29 -20.71
N LYS D 284 -69.65 -19.62 -20.87
CA LYS D 284 -70.85 -20.40 -20.85
C LYS D 284 -71.85 -19.80 -21.81
N PHE D 285 -71.38 -19.56 -23.04
CA PHE D 285 -72.24 -19.02 -24.08
C PHE D 285 -73.29 -20.09 -24.35
N LEU D 286 -74.41 -19.70 -24.95
CA LEU D 286 -75.43 -20.68 -25.29
C LEU D 286 -76.24 -21.20 -24.09
N SER D 287 -76.24 -20.46 -22.99
CA SER D 287 -76.98 -20.88 -21.81
C SER D 287 -77.77 -19.75 -21.20
N LEU D 288 -78.57 -20.09 -20.20
CA LEU D 288 -79.41 -19.11 -19.51
C LEU D 288 -78.87 -18.87 -18.09
N ASP D 289 -78.21 -17.74 -17.89
CA ASP D 289 -77.66 -17.41 -16.59
C ASP D 289 -78.81 -17.19 -15.61
N LEU D 290 -78.99 -18.14 -14.69
CA LEU D 290 -80.07 -18.04 -13.71
C LEU D 290 -79.67 -17.22 -12.51
N GLN D 291 -78.45 -16.73 -12.52
CA GLN D 291 -77.94 -15.92 -11.43
C GLN D 291 -77.44 -14.59 -11.99
N GLY D 292 -77.48 -13.56 -11.16
CA GLY D 292 -77.01 -12.26 -11.58
C GLY D 292 -78.02 -11.44 -12.35
N ASP D 293 -77.66 -10.19 -12.60
CA ASP D 293 -78.50 -9.25 -13.34
C ASP D 293 -78.71 -9.82 -14.74
N PRO D 294 -79.96 -10.14 -15.09
CA PRO D 294 -80.28 -10.70 -16.41
C PRO D 294 -79.82 -9.81 -17.56
N ARG D 295 -79.64 -8.53 -17.26
CA ARG D 295 -79.22 -7.56 -18.28
C ARG D 295 -77.74 -7.61 -18.65
N GLU D 296 -76.94 -8.31 -17.87
CA GLU D 296 -75.51 -8.38 -18.15
C GLU D 296 -75.10 -9.61 -18.94
N SER D 297 -75.75 -10.74 -18.67
CA SER D 297 -75.43 -11.98 -19.37
C SER D 297 -75.44 -11.81 -20.90
N GLN D 298 -74.46 -12.42 -21.54
CA GLN D 298 -74.34 -12.36 -22.99
C GLN D 298 -74.39 -13.81 -23.48
N PRO D 299 -75.59 -14.30 -23.81
CA PRO D 299 -75.78 -15.67 -24.29
C PRO D 299 -74.90 -16.09 -25.47
N LEU D 300 -74.37 -15.11 -26.20
CA LEU D 300 -73.52 -15.41 -27.35
C LEU D 300 -72.95 -14.19 -28.08
N LEU D 301 -71.90 -14.42 -28.88
CA LEU D 301 -71.27 -13.35 -29.65
C LEU D 301 -71.93 -13.28 -31.01
N GLY D 302 -72.67 -12.21 -31.27
CA GLY D 302 -73.34 -12.09 -32.55
C GLY D 302 -72.93 -10.97 -33.48
N THR D 303 -73.80 -10.69 -34.44
CA THR D 303 -73.59 -9.65 -35.45
C THR D 303 -73.45 -8.29 -34.79
N VAL D 304 -72.60 -7.45 -35.35
CA VAL D 304 -72.45 -6.11 -34.80
C VAL D 304 -72.53 -5.14 -35.96
N ILE D 305 -72.70 -3.86 -35.68
CA ILE D 305 -72.75 -2.86 -36.73
C ILE D 305 -71.34 -2.29 -36.89
N ASP D 306 -70.61 -2.81 -37.89
CA ASP D 306 -69.23 -2.42 -38.15
C ASP D 306 -68.97 -1.30 -39.15
N GLY D 307 -69.92 -0.99 -40.01
CA GLY D 307 -69.67 0.08 -40.97
C GLY D 307 -69.01 -0.40 -42.26
N MET D 308 -68.66 -1.68 -42.29
CA MET D 308 -68.06 -2.28 -43.48
C MET D 308 -69.10 -3.21 -44.10
N LEU D 309 -69.89 -3.87 -43.26
CA LEU D 309 -70.94 -4.79 -43.73
C LEU D 309 -72.33 -4.22 -43.39
N LEU D 310 -72.42 -3.55 -42.24
CA LEU D 310 -73.67 -2.92 -41.83
C LEU D 310 -73.36 -1.52 -41.35
N LEU D 311 -73.74 -0.54 -42.15
CA LEU D 311 -73.46 0.88 -41.83
C LEU D 311 -74.42 1.50 -40.83
N LYS D 312 -75.44 0.76 -40.42
CA LYS D 312 -76.42 1.23 -39.44
C LYS D 312 -77.24 0.02 -39.02
N THR D 313 -77.93 0.09 -37.88
CA THR D 313 -78.70 -1.07 -37.44
C THR D 313 -79.69 -1.57 -38.50
N PRO D 314 -80.04 -2.86 -38.44
CA PRO D 314 -80.98 -3.37 -39.44
C PRO D 314 -82.31 -2.61 -39.41
N GLU D 315 -82.76 -2.27 -38.21
CA GLU D 315 -84.02 -1.55 -38.05
C GLU D 315 -84.02 -0.26 -38.87
N GLU D 316 -82.88 0.44 -38.87
CA GLU D 316 -82.77 1.68 -39.62
C GLU D 316 -82.44 1.43 -41.09
N LEU D 317 -81.88 0.25 -41.39
CA LEU D 317 -81.52 -0.08 -42.76
C LEU D 317 -82.69 -0.47 -43.63
N GLN D 318 -83.76 -0.98 -43.02
CA GLN D 318 -84.93 -1.35 -43.81
C GLN D 318 -85.92 -0.21 -43.82
N ALA D 319 -85.66 0.78 -42.97
CA ALA D 319 -86.53 1.94 -42.86
C ALA D 319 -86.51 2.67 -44.20
N GLU D 320 -85.49 3.49 -44.44
CA GLU D 320 -85.39 4.22 -45.68
C GLU D 320 -85.36 3.23 -46.85
N ARG D 321 -86.08 3.58 -47.90
CA ARG D 321 -86.19 2.75 -49.09
C ARG D 321 -84.82 2.42 -49.69
N ASN D 322 -84.50 1.12 -49.74
CA ASN D 322 -83.21 0.66 -50.26
C ASN D 322 -83.18 0.24 -51.72
N PHE D 323 -82.00 -0.23 -52.13
CA PHE D 323 -81.73 -0.63 -53.50
C PHE D 323 -82.01 -2.05 -53.96
N HIS D 324 -81.14 -2.99 -53.59
CA HIS D 324 -81.35 -4.36 -54.05
C HIS D 324 -82.42 -5.21 -53.40
N THR D 325 -83.50 -5.35 -54.16
CA THR D 325 -84.67 -6.10 -53.75
C THR D 325 -84.81 -7.40 -54.51
N VAL D 326 -84.34 -8.49 -53.90
CA VAL D 326 -84.43 -9.80 -54.50
C VAL D 326 -85.59 -10.52 -53.85
N PRO D 327 -86.22 -11.45 -54.57
CA PRO D 327 -87.35 -12.18 -54.01
C PRO D 327 -86.87 -12.81 -52.71
N TYR D 328 -87.58 -12.55 -51.64
CA TYR D 328 -87.22 -13.02 -50.31
C TYR D 328 -88.26 -13.97 -49.72
N MET D 329 -87.83 -15.11 -49.21
CA MET D 329 -88.78 -16.02 -48.59
C MET D 329 -88.49 -16.07 -47.08
N VAL D 330 -89.44 -15.65 -46.26
CA VAL D 330 -89.22 -15.69 -44.81
C VAL D 330 -90.19 -16.65 -44.14
N GLY D 331 -89.65 -17.66 -43.45
CA GLY D 331 -90.53 -18.62 -42.79
C GLY D 331 -90.25 -18.88 -41.31
N ILE D 332 -91.24 -19.45 -40.64
CA ILE D 332 -91.12 -19.78 -39.22
C ILE D 332 -91.88 -21.08 -38.98
N ASN D 333 -91.61 -21.74 -37.87
CA ASN D 333 -92.29 -22.97 -37.53
C ASN D 333 -93.32 -22.71 -36.44
N LYS D 334 -94.29 -23.59 -36.33
CA LYS D 334 -95.37 -23.46 -35.36
C LYS D 334 -94.88 -23.28 -33.91
N GLN D 335 -93.89 -24.07 -33.52
CA GLN D 335 -93.33 -24.01 -32.19
C GLN D 335 -91.82 -23.83 -32.22
N GLU D 336 -91.38 -22.59 -32.40
CA GLU D 336 -89.95 -22.29 -32.47
C GLU D 336 -89.23 -22.52 -31.15
N PHE D 337 -89.87 -22.19 -30.04
CA PHE D 337 -89.24 -22.36 -28.74
C PHE D 337 -89.87 -23.56 -28.07
N GLY D 338 -90.45 -24.44 -28.88
CA GLY D 338 -91.13 -25.62 -28.39
C GLY D 338 -90.39 -26.58 -27.48
N TRP D 339 -89.28 -27.11 -27.95
CA TRP D 339 -88.55 -28.06 -27.14
C TRP D 339 -87.04 -27.94 -27.23
N LEU D 340 -86.55 -27.94 -28.47
CA LEU D 340 -85.12 -27.88 -28.81
C LEU D 340 -84.30 -26.79 -28.15
N ILE D 341 -84.67 -25.53 -28.38
CA ILE D 341 -83.92 -24.44 -27.81
C ILE D 341 -83.85 -24.51 -26.30
N PRO D 342 -85.02 -24.59 -25.61
CA PRO D 342 -85.10 -24.66 -24.15
C PRO D 342 -84.23 -25.78 -23.59
N MET D 343 -84.21 -26.91 -24.29
CA MET D 343 -83.41 -28.04 -23.84
C MET D 343 -81.93 -27.71 -24.00
N LEU D 344 -81.56 -27.14 -25.14
CA LEU D 344 -80.18 -26.77 -25.38
C LEU D 344 -79.69 -25.58 -24.54
N MET D 345 -80.59 -24.69 -24.15
CA MET D 345 -80.20 -23.54 -23.32
C MET D 345 -80.25 -23.84 -21.83
N SER D 346 -80.63 -25.06 -21.47
CA SER D 346 -80.73 -25.45 -20.06
C SER D 346 -81.73 -24.60 -19.31
N TYR D 347 -82.92 -24.47 -19.89
CA TYR D 347 -84.02 -23.72 -19.32
C TYR D 347 -84.61 -24.55 -18.19
N PRO D 348 -85.17 -23.90 -17.14
CA PRO D 348 -85.77 -24.60 -15.99
C PRO D 348 -87.26 -24.91 -16.13
N LEU D 349 -87.61 -25.92 -16.93
CA LEU D 349 -89.03 -26.24 -17.14
C LEU D 349 -89.42 -27.69 -16.88
N SER D 350 -88.86 -28.31 -15.85
CA SER D 350 -89.16 -29.71 -15.56
C SER D 350 -90.61 -30.00 -15.11
N GLU D 351 -91.20 -29.10 -14.33
CA GLU D 351 -92.55 -29.31 -13.83
C GLU D 351 -93.67 -29.30 -14.86
N GLY D 352 -93.36 -28.91 -16.09
CA GLY D 352 -94.37 -28.87 -17.14
C GLY D 352 -95.55 -27.95 -16.90
N GLN D 353 -95.61 -27.33 -15.71
CA GLN D 353 -96.68 -26.40 -15.35
C GLN D 353 -96.09 -25.03 -15.06
N LEU D 354 -96.90 -23.98 -15.18
CA LEU D 354 -96.40 -22.64 -14.95
C LEU D 354 -97.48 -21.65 -14.54
N ASP D 355 -97.25 -20.98 -13.42
CA ASP D 355 -98.16 -19.97 -12.90
C ASP D 355 -97.60 -18.60 -13.25
N GLN D 356 -98.43 -17.56 -13.21
CA GLN D 356 -97.97 -16.22 -13.56
C GLN D 356 -96.76 -15.64 -12.85
N LYS D 357 -96.60 -15.90 -11.55
CA LYS D 357 -95.45 -15.38 -10.82
C LYS D 357 -94.14 -16.05 -11.28
N THR D 358 -94.20 -17.36 -11.50
CA THR D 358 -93.02 -18.08 -11.96
C THR D 358 -92.67 -17.59 -13.36
N ALA D 359 -93.66 -17.60 -14.25
CA ALA D 359 -93.48 -17.14 -15.62
C ALA D 359 -92.85 -15.75 -15.62
N MET D 360 -93.40 -14.84 -14.83
CA MET D 360 -92.84 -13.50 -14.80
C MET D 360 -91.34 -13.52 -14.51
N SER D 361 -90.92 -14.19 -13.44
CA SER D 361 -89.50 -14.23 -13.11
C SER D 361 -88.68 -14.97 -14.17
N LEU D 362 -89.29 -15.95 -14.84
CA LEU D 362 -88.57 -16.66 -15.90
C LEU D 362 -88.48 -15.79 -17.15
N LEU D 363 -89.51 -15.01 -17.45
CA LEU D 363 -89.42 -14.15 -18.62
C LEU D 363 -88.41 -13.04 -18.33
N TRP D 364 -88.27 -12.69 -17.06
CA TRP D 364 -87.30 -11.66 -16.67
C TRP D 364 -85.89 -12.19 -16.94
N LYS D 365 -85.61 -13.39 -16.43
CA LYS D 365 -84.30 -14.01 -16.60
C LYS D 365 -83.89 -14.19 -18.06
N SER D 366 -84.88 -14.41 -18.93
CA SER D 366 -84.58 -14.60 -20.34
C SER D 366 -84.43 -13.29 -21.11
N TYR D 367 -84.15 -12.21 -20.37
CA TYR D 367 -83.97 -10.89 -20.95
C TYR D 367 -83.02 -10.86 -22.15
N PRO D 368 -81.92 -11.63 -22.09
CA PRO D 368 -81.00 -11.63 -23.21
C PRO D 368 -81.61 -12.19 -24.49
N LEU D 369 -82.75 -12.88 -24.37
CA LEU D 369 -83.38 -13.44 -25.56
C LEU D 369 -84.56 -12.63 -26.05
N VAL D 370 -85.35 -12.12 -25.11
CA VAL D 370 -86.54 -11.36 -25.42
C VAL D 370 -86.47 -9.84 -25.25
N CYS D 371 -85.45 -9.36 -24.53
CA CYS D 371 -85.30 -7.92 -24.28
C CYS D 371 -86.58 -7.22 -23.84
N ILE D 372 -87.30 -7.83 -22.89
CA ILE D 372 -88.54 -7.26 -22.35
C ILE D 372 -88.20 -6.59 -21.03
N ALA D 373 -88.17 -5.26 -21.02
CA ALA D 373 -87.86 -4.51 -19.81
C ALA D 373 -88.70 -4.99 -18.63
N LYS D 374 -88.13 -4.95 -17.42
CA LYS D 374 -88.83 -5.39 -16.22
C LYS D 374 -90.25 -4.82 -16.09
N GLU D 375 -90.40 -3.57 -16.53
CA GLU D 375 -91.69 -2.87 -16.45
C GLU D 375 -92.79 -3.50 -17.28
N LEU D 376 -92.44 -4.01 -18.45
CA LEU D 376 -93.44 -4.59 -19.32
C LEU D 376 -93.67 -6.07 -19.05
N ILE D 377 -92.77 -6.68 -18.27
CA ILE D 377 -92.86 -8.10 -17.94
C ILE D 377 -94.25 -8.51 -17.49
N PRO D 378 -94.89 -7.70 -16.63
CA PRO D 378 -96.23 -8.05 -16.15
C PRO D 378 -97.31 -8.01 -17.24
N GLU D 379 -97.42 -6.89 -17.94
CA GLU D 379 -98.41 -6.79 -19.01
C GLU D 379 -98.17 -7.89 -20.06
N ALA D 380 -96.90 -8.11 -20.40
CA ALA D 380 -96.51 -9.12 -21.37
C ALA D 380 -97.02 -10.50 -20.97
N THR D 381 -96.62 -10.95 -19.78
CA THR D 381 -97.01 -12.24 -19.26
C THR D 381 -98.53 -12.41 -19.22
N GLU D 382 -99.22 -11.38 -18.74
CA GLU D 382 -100.67 -11.38 -18.63
C GLU D 382 -101.36 -11.45 -19.99
N LYS D 383 -100.81 -10.71 -20.97
CA LYS D 383 -101.39 -10.69 -22.30
C LYS D 383 -101.48 -12.09 -22.85
N TYR D 384 -100.51 -12.93 -22.47
CA TYR D 384 -100.48 -14.31 -22.94
C TYR D 384 -101.05 -15.38 -21.99
N LEU D 385 -100.63 -15.37 -20.73
CA LEU D 385 -101.08 -16.39 -19.80
C LEU D 385 -102.44 -16.16 -19.14
N GLY D 386 -102.77 -14.90 -18.86
CA GLY D 386 -104.05 -14.62 -18.21
C GLY D 386 -105.28 -15.20 -18.90
N GLY D 387 -105.08 -15.76 -20.09
CA GLY D 387 -106.21 -16.34 -20.81
C GLY D 387 -106.86 -17.50 -20.07
N THR D 388 -106.07 -18.51 -19.72
CA THR D 388 -106.59 -19.68 -19.01
C THR D 388 -106.20 -19.75 -17.54
N ASP D 389 -106.67 -20.81 -16.89
CA ASP D 389 -106.39 -21.08 -15.48
C ASP D 389 -105.67 -22.41 -15.44
N ASP D 390 -105.35 -22.92 -16.64
CA ASP D 390 -104.67 -24.20 -16.77
C ASP D 390 -103.16 -24.11 -16.64
N THR D 391 -102.65 -24.44 -15.45
CA THR D 391 -101.22 -24.39 -15.19
C THR D 391 -100.35 -24.90 -16.34
N VAL D 392 -100.82 -25.93 -17.03
CA VAL D 392 -100.07 -26.51 -18.14
C VAL D 392 -100.21 -25.67 -19.38
N LYS D 393 -101.43 -25.19 -19.64
CA LYS D 393 -101.66 -24.37 -20.82
C LYS D 393 -100.87 -23.07 -20.74
N LYS D 394 -100.58 -22.61 -19.53
CA LYS D 394 -99.81 -21.39 -19.36
C LYS D 394 -98.37 -21.64 -19.77
N LYS D 395 -97.81 -22.74 -19.27
CA LYS D 395 -96.43 -23.07 -19.60
C LYS D 395 -96.28 -23.19 -21.11
N ASP D 396 -97.37 -23.51 -21.79
CA ASP D 396 -97.31 -23.62 -23.25
C ASP D 396 -97.35 -22.21 -23.83
N LEU D 397 -98.37 -21.45 -23.45
CA LEU D 397 -98.50 -20.08 -23.93
C LEU D 397 -97.20 -19.33 -23.68
N PHE D 398 -96.60 -19.54 -22.51
CA PHE D 398 -95.35 -18.87 -22.15
C PHE D 398 -94.28 -19.08 -23.21
N LEU D 399 -94.39 -20.19 -23.94
CA LEU D 399 -93.44 -20.50 -24.98
C LEU D 399 -93.85 -19.81 -26.29
N ASP D 400 -95.15 -19.68 -26.55
CA ASP D 400 -95.56 -18.99 -27.76
C ASP D 400 -95.02 -17.59 -27.62
N LEU D 401 -95.08 -17.10 -26.37
CA LEU D 401 -94.57 -15.77 -26.03
C LEU D 401 -93.12 -15.67 -26.47
N ILE D 402 -92.25 -16.44 -25.83
CA ILE D 402 -90.84 -16.39 -26.18
C ILE D 402 -90.58 -16.62 -27.68
N ALA D 403 -91.41 -17.42 -28.34
CA ALA D 403 -91.23 -17.67 -29.77
C ALA D 403 -91.69 -16.50 -30.64
N ASP D 404 -92.83 -15.90 -30.29
CA ASP D 404 -93.33 -14.77 -31.06
C ASP D 404 -92.32 -13.61 -31.10
N VAL D 405 -91.69 -13.39 -29.96
CA VAL D 405 -90.72 -12.33 -29.79
C VAL D 405 -89.40 -12.56 -30.52
N MET D 406 -88.95 -13.80 -30.58
CA MET D 406 -87.69 -14.07 -31.24
C MET D 406 -87.77 -14.30 -32.75
N PHE D 407 -88.82 -14.97 -33.20
CA PHE D 407 -88.92 -15.24 -34.62
C PHE D 407 -90.19 -14.73 -35.29
N GLY D 408 -91.34 -15.18 -34.80
CA GLY D 408 -92.60 -14.77 -35.36
C GLY D 408 -92.72 -13.28 -35.68
N VAL D 409 -92.76 -12.46 -34.64
CA VAL D 409 -92.91 -11.01 -34.82
C VAL D 409 -91.81 -10.42 -35.70
N PRO D 410 -90.55 -10.56 -35.29
CA PRO D 410 -89.43 -10.02 -36.07
C PRO D 410 -89.56 -10.40 -37.55
N SER D 411 -89.80 -11.69 -37.79
CA SER D 411 -89.95 -12.24 -39.14
C SER D 411 -91.02 -11.54 -39.95
N VAL D 412 -92.18 -11.32 -39.34
CA VAL D 412 -93.26 -10.66 -40.05
C VAL D 412 -92.85 -9.26 -40.48
N ILE D 413 -92.32 -8.51 -39.53
CA ILE D 413 -91.89 -7.16 -39.83
C ILE D 413 -90.90 -7.19 -40.97
N VAL D 414 -89.83 -7.95 -40.81
CA VAL D 414 -88.81 -8.04 -41.86
C VAL D 414 -89.53 -8.27 -43.18
N ALA D 415 -90.41 -9.28 -43.20
CA ALA D 415 -91.16 -9.60 -44.41
C ALA D 415 -92.02 -8.42 -44.88
N ARG D 416 -92.68 -7.72 -43.96
CA ARG D 416 -93.51 -6.60 -44.34
C ARG D 416 -92.72 -5.50 -45.04
N ASN D 417 -91.55 -5.15 -44.50
CA ASN D 417 -90.74 -4.11 -45.12
C ASN D 417 -90.23 -4.51 -46.48
N HIS D 418 -90.06 -5.82 -46.70
CA HIS D 418 -89.59 -6.26 -48.01
C HIS D 418 -90.75 -6.07 -49.01
N ARG D 419 -91.95 -6.37 -48.54
CA ARG D 419 -93.12 -6.21 -49.38
C ARG D 419 -93.27 -4.73 -49.70
N ASP D 420 -93.21 -3.90 -48.67
CA ASP D 420 -93.37 -2.47 -48.86
C ASP D 420 -92.28 -1.76 -49.64
N ALA D 421 -91.19 -2.47 -49.96
CA ALA D 421 -90.09 -1.86 -50.70
C ALA D 421 -90.09 -2.24 -52.18
N GLY D 422 -91.04 -3.09 -52.59
CA GLY D 422 -91.14 -3.46 -53.99
C GLY D 422 -90.85 -4.90 -54.35
N ALA D 423 -89.91 -5.52 -53.65
CA ALA D 423 -89.53 -6.90 -53.96
C ALA D 423 -90.57 -7.95 -53.62
N PRO D 424 -90.59 -9.05 -54.39
CA PRO D 424 -91.53 -10.16 -54.19
C PRO D 424 -91.23 -10.85 -52.85
N THR D 425 -92.23 -10.95 -51.99
CA THR D 425 -92.01 -11.56 -50.70
C THR D 425 -92.94 -12.73 -50.53
N TYR D 426 -92.49 -13.76 -49.81
CA TYR D 426 -93.29 -14.95 -49.55
C TYR D 426 -93.13 -15.37 -48.10
N MET D 427 -94.13 -16.04 -47.56
CA MET D 427 -94.06 -16.50 -46.18
C MET D 427 -94.70 -17.85 -45.98
N TYR D 428 -94.39 -18.49 -44.85
CA TYR D 428 -94.94 -19.79 -44.52
C TYR D 428 -94.82 -20.09 -43.04
N GLU D 429 -95.66 -20.98 -42.53
CA GLU D 429 -95.53 -21.39 -41.15
C GLU D 429 -95.41 -22.90 -41.29
N PHE D 430 -94.37 -23.48 -40.70
CA PHE D 430 -94.20 -24.93 -40.81
C PHE D 430 -94.87 -25.58 -39.62
N GLN D 431 -95.60 -26.66 -39.86
CA GLN D 431 -96.33 -27.32 -38.77
C GLN D 431 -96.40 -28.83 -38.94
N TYR D 432 -95.28 -29.49 -38.69
CA TYR D 432 -95.23 -30.93 -38.84
C TYR D 432 -94.26 -31.43 -37.79
N ARG D 433 -94.38 -32.69 -37.38
CA ARG D 433 -93.47 -33.28 -36.41
C ARG D 433 -92.69 -34.37 -37.11
N PRO D 434 -91.44 -34.09 -37.54
CA PRO D 434 -90.65 -35.11 -38.22
C PRO D 434 -90.37 -36.37 -37.40
N SER D 435 -90.34 -37.51 -38.08
CA SER D 435 -90.08 -38.78 -37.44
C SER D 435 -88.62 -38.90 -37.00
N PHE D 436 -87.80 -37.98 -37.47
CA PHE D 436 -86.40 -38.04 -37.13
C PHE D 436 -86.09 -37.18 -35.92
N SER D 437 -87.12 -36.75 -35.20
CA SER D 437 -86.94 -35.92 -34.02
C SER D 437 -86.27 -36.74 -32.94
N SER D 438 -85.58 -36.06 -32.02
CA SER D 438 -84.91 -36.76 -30.94
C SER D 438 -85.92 -37.66 -30.20
N ASP D 439 -85.44 -38.70 -29.56
CA ASP D 439 -86.32 -39.60 -28.83
C ASP D 439 -86.79 -38.95 -27.55
N MET D 440 -85.95 -38.05 -27.02
CA MET D 440 -86.19 -37.36 -25.76
C MET D 440 -87.22 -36.22 -25.87
N LYS D 441 -87.65 -35.97 -27.10
CA LYS D 441 -88.62 -34.92 -27.39
C LYS D 441 -90.02 -35.52 -27.37
N PRO D 442 -90.87 -35.04 -26.44
CA PRO D 442 -92.22 -35.60 -26.39
C PRO D 442 -92.94 -35.56 -27.76
N LYS D 443 -93.94 -36.41 -27.92
CA LYS D 443 -94.67 -36.49 -29.16
C LYS D 443 -95.62 -35.33 -29.41
N THR D 444 -95.95 -34.58 -28.36
CA THR D 444 -96.85 -33.45 -28.50
C THR D 444 -96.21 -32.20 -29.11
N VAL D 445 -94.89 -32.12 -29.11
CA VAL D 445 -94.21 -30.97 -29.69
C VAL D 445 -94.35 -31.08 -31.21
N ILE D 446 -94.96 -30.09 -31.83
CA ILE D 446 -95.15 -30.11 -33.27
C ILE D 446 -94.61 -28.84 -33.92
N GLY D 447 -93.74 -29.02 -34.93
CA GLY D 447 -93.14 -27.89 -35.62
C GLY D 447 -92.16 -27.17 -34.71
N ASP D 448 -91.26 -27.93 -34.10
CA ASP D 448 -90.25 -27.42 -33.19
C ASP D 448 -89.17 -26.68 -33.95
N HIS D 449 -88.41 -25.84 -33.29
CA HIS D 449 -87.37 -25.11 -33.99
C HIS D 449 -86.53 -26.03 -34.86
N GLY D 450 -86.54 -25.76 -36.16
CA GLY D 450 -85.73 -26.55 -37.08
C GLY D 450 -86.27 -27.87 -37.58
N ASP D 451 -87.58 -28.09 -37.53
CA ASP D 451 -88.11 -29.37 -37.98
C ASP D 451 -88.34 -29.37 -39.49
N GLU D 452 -88.19 -28.20 -40.10
CA GLU D 452 -88.40 -28.07 -41.53
C GLU D 452 -87.17 -28.50 -42.32
N LEU D 453 -86.04 -28.62 -41.63
CA LEU D 453 -84.79 -28.98 -42.28
C LEU D 453 -84.84 -30.33 -42.95
N PHE D 454 -85.50 -31.28 -42.30
CA PHE D 454 -85.58 -32.63 -42.83
C PHE D 454 -86.28 -32.71 -44.17
N SER D 455 -87.32 -31.90 -44.35
CA SER D 455 -88.07 -31.90 -45.59
C SER D 455 -87.30 -31.11 -46.66
N VAL D 456 -86.78 -29.95 -46.27
CA VAL D 456 -86.01 -29.10 -47.16
C VAL D 456 -84.80 -29.86 -47.74
N PHE D 457 -84.23 -30.75 -46.95
CA PHE D 457 -83.06 -31.51 -47.39
C PHE D 457 -83.30 -32.97 -47.76
N GLY D 458 -84.56 -33.32 -47.92
CA GLY D 458 -84.89 -34.69 -48.28
C GLY D 458 -84.32 -35.74 -47.34
N ALA D 459 -84.39 -35.49 -46.04
CA ALA D 459 -83.90 -36.44 -45.06
C ALA D 459 -84.61 -37.79 -45.29
N PRO D 460 -85.90 -37.76 -45.70
CA PRO D 460 -86.67 -38.98 -45.96
C PRO D 460 -86.17 -39.82 -47.14
N PHE D 461 -85.17 -39.34 -47.84
CA PHE D 461 -84.60 -40.07 -48.97
C PHE D 461 -83.17 -40.52 -48.64
N LEU D 462 -82.75 -40.28 -47.40
CA LEU D 462 -81.40 -40.65 -46.97
C LEU D 462 -81.40 -41.43 -45.67
N LYS D 463 -82.46 -41.29 -44.89
CA LYS D 463 -82.58 -42.01 -43.64
C LYS D 463 -83.61 -43.12 -43.86
N GLU D 464 -83.78 -43.97 -42.86
CA GLU D 464 -84.73 -45.06 -42.99
C GLU D 464 -86.07 -44.78 -42.37
N GLY D 465 -87.09 -45.44 -42.92
CA GLY D 465 -88.45 -45.33 -42.42
C GLY D 465 -89.13 -43.98 -42.31
N ALA D 466 -89.53 -43.44 -43.44
CA ALA D 466 -90.22 -42.17 -43.44
C ALA D 466 -91.66 -42.50 -43.82
N SER D 467 -92.62 -41.91 -43.10
CA SER D 467 -94.02 -42.16 -43.38
C SER D 467 -94.20 -41.92 -44.86
N GLU D 468 -95.08 -42.68 -45.49
CA GLU D 468 -95.31 -42.49 -46.91
C GLU D 468 -95.67 -41.03 -47.09
N GLU D 469 -96.31 -40.46 -46.07
CA GLU D 469 -96.73 -39.07 -46.07
C GLU D 469 -95.55 -38.14 -45.91
N GLU D 470 -94.66 -38.44 -44.96
CA GLU D 470 -93.48 -37.62 -44.73
C GLU D 470 -92.66 -37.48 -46.02
N ILE D 471 -92.71 -38.50 -46.86
CA ILE D 471 -91.99 -38.47 -48.11
C ILE D 471 -92.70 -37.52 -49.08
N ARG D 472 -94.03 -37.48 -49.02
CA ARG D 472 -94.79 -36.58 -49.88
C ARG D 472 -94.39 -35.16 -49.49
N LEU D 473 -94.49 -34.89 -48.19
CA LEU D 473 -94.16 -33.57 -47.65
C LEU D 473 -92.80 -33.03 -48.04
N SER D 474 -91.85 -33.91 -48.27
CA SER D 474 -90.51 -33.46 -48.64
C SER D 474 -90.47 -33.18 -50.13
N LYS D 475 -91.10 -34.03 -50.92
CA LYS D 475 -91.12 -33.79 -52.36
C LYS D 475 -91.72 -32.41 -52.53
N MET D 476 -92.73 -32.11 -51.72
CA MET D 476 -93.39 -30.82 -51.82
C MET D 476 -92.45 -29.67 -51.45
N VAL D 477 -91.93 -29.69 -50.23
CA VAL D 477 -91.04 -28.63 -49.77
C VAL D 477 -89.86 -28.38 -50.70
N MET D 478 -89.22 -29.44 -51.19
CA MET D 478 -88.09 -29.29 -52.10
C MET D 478 -88.44 -28.62 -53.43
N LYS D 479 -89.60 -28.95 -53.99
CA LYS D 479 -90.07 -28.33 -55.23
C LYS D 479 -90.26 -26.86 -54.94
N PHE D 480 -91.06 -26.56 -53.92
CA PHE D 480 -91.30 -25.17 -53.53
C PHE D 480 -89.98 -24.42 -53.43
N TRP D 481 -89.05 -24.98 -52.66
CA TRP D 481 -87.74 -24.37 -52.47
C TRP D 481 -86.94 -24.18 -53.77
N ALA D 482 -86.86 -25.23 -54.59
CA ALA D 482 -86.12 -25.15 -55.85
C ALA D 482 -86.90 -24.35 -56.88
N ASN D 483 -88.21 -24.26 -56.69
CA ASN D 483 -89.02 -23.50 -57.62
C ASN D 483 -88.72 -22.06 -57.39
N PHE D 484 -88.43 -21.74 -56.14
CA PHE D 484 -88.11 -20.37 -55.77
C PHE D 484 -86.71 -20.05 -56.32
N ALA D 485 -85.79 -21.00 -56.16
CA ALA D 485 -84.42 -20.84 -56.63
C ALA D 485 -84.40 -20.53 -58.14
N ARG D 486 -85.41 -21.03 -58.84
CA ARG D 486 -85.53 -20.86 -60.28
C ARG D 486 -86.10 -19.54 -60.75
N ASN D 487 -87.23 -19.10 -60.18
CA ASN D 487 -87.85 -17.87 -60.65
C ASN D 487 -88.35 -16.90 -59.60
N GLY D 488 -87.79 -16.92 -58.40
CA GLY D 488 -88.24 -16.01 -57.37
C GLY D 488 -89.72 -16.15 -57.10
N ASN D 489 -90.19 -17.38 -57.23
CA ASN D 489 -91.58 -17.74 -57.00
C ASN D 489 -91.62 -19.25 -56.82
N PRO D 490 -92.12 -19.72 -55.68
CA PRO D 490 -92.20 -21.15 -55.39
C PRO D 490 -93.23 -21.98 -56.17
N ASN D 491 -94.23 -21.31 -56.70
CA ASN D 491 -95.31 -21.98 -57.42
C ASN D 491 -94.93 -22.84 -58.62
N GLY D 492 -95.72 -23.89 -58.81
CA GLY D 492 -95.53 -24.82 -59.91
C GLY D 492 -96.69 -25.79 -59.98
N GLU D 493 -96.77 -26.56 -61.07
CA GLU D 493 -97.83 -27.54 -61.24
C GLU D 493 -97.63 -28.70 -60.28
N GLY D 494 -98.74 -29.16 -59.70
CA GLY D 494 -98.68 -30.25 -58.75
C GLY D 494 -98.42 -29.81 -57.32
N LEU D 495 -98.49 -28.50 -57.09
CA LEU D 495 -98.24 -27.93 -55.76
C LEU D 495 -99.32 -26.93 -55.37
N PRO D 496 -99.72 -26.93 -54.09
CA PRO D 496 -100.74 -26.02 -53.58
C PRO D 496 -100.38 -24.57 -53.90
N HIS D 497 -101.35 -23.74 -54.20
CA HIS D 497 -101.03 -22.36 -54.51
C HIS D 497 -100.44 -21.67 -53.29
N TRP D 498 -99.39 -20.90 -53.52
CA TRP D 498 -98.73 -20.17 -52.45
C TRP D 498 -98.86 -18.72 -52.85
N PRO D 499 -99.68 -17.96 -52.12
CA PRO D 499 -99.88 -16.55 -52.43
C PRO D 499 -98.69 -15.68 -52.03
N GLU D 500 -98.39 -14.67 -52.84
CA GLU D 500 -97.30 -13.76 -52.57
C GLU D 500 -97.72 -12.90 -51.38
N TYR D 501 -96.78 -12.67 -50.46
CA TYR D 501 -97.06 -11.87 -49.27
C TYR D 501 -97.18 -10.41 -49.65
N ASN D 502 -98.35 -10.03 -50.11
CA ASN D 502 -98.62 -8.67 -50.53
C ASN D 502 -99.42 -7.97 -49.44
N GLN D 503 -100.19 -6.95 -49.82
CA GLN D 503 -100.98 -6.21 -48.84
C GLN D 503 -102.01 -7.08 -48.15
N LYS D 504 -102.38 -8.20 -48.78
CA LYS D 504 -103.34 -9.13 -48.19
C LYS D 504 -102.64 -10.02 -47.17
N GLU D 505 -101.31 -10.04 -47.21
CA GLU D 505 -100.50 -10.82 -46.29
C GLU D 505 -100.83 -12.31 -46.31
N GLY D 506 -101.02 -12.84 -47.51
CA GLY D 506 -101.30 -14.26 -47.66
C GLY D 506 -100.00 -15.02 -47.44
N TYR D 507 -100.10 -16.27 -47.04
CA TYR D 507 -98.91 -17.07 -46.77
C TYR D 507 -99.28 -18.52 -46.81
N LEU D 508 -98.27 -19.37 -46.79
CA LEU D 508 -98.54 -20.78 -46.83
C LEU D 508 -98.40 -21.45 -45.47
N GLN D 509 -99.29 -22.39 -45.21
CA GLN D 509 -99.25 -23.14 -43.97
C GLN D 509 -98.78 -24.50 -44.44
N ILE D 510 -97.56 -24.84 -44.07
CA ILE D 510 -96.97 -26.09 -44.51
C ILE D 510 -96.99 -27.16 -43.44
N GLY D 511 -97.52 -28.32 -43.82
CA GLY D 511 -97.60 -29.45 -42.91
C GLY D 511 -98.26 -30.62 -43.60
N ALA D 512 -98.90 -31.48 -42.82
CA ALA D 512 -99.57 -32.65 -43.38
C ALA D 512 -100.69 -32.14 -44.26
N ASN D 513 -101.26 -31.00 -43.86
CA ASN D 513 -102.32 -30.35 -44.61
C ASN D 513 -101.78 -28.97 -44.96
N THR D 514 -101.41 -28.81 -46.23
CA THR D 514 -100.81 -27.59 -46.73
C THR D 514 -101.73 -26.71 -47.58
N GLN D 515 -101.95 -25.48 -47.13
CA GLN D 515 -102.80 -24.54 -47.87
C GLN D 515 -102.55 -23.09 -47.46
N ALA D 516 -102.92 -22.16 -48.34
CA ALA D 516 -102.73 -20.73 -48.08
C ALA D 516 -103.54 -20.24 -46.89
N ALA D 517 -103.18 -19.07 -46.38
CA ALA D 517 -103.85 -18.46 -45.24
C ALA D 517 -103.58 -16.96 -45.30
N GLN D 518 -103.94 -16.22 -44.25
CA GLN D 518 -103.72 -14.78 -44.28
C GLN D 518 -103.41 -14.11 -42.96
N LYS D 519 -102.61 -13.06 -43.04
CA LYS D 519 -102.19 -12.29 -41.88
C LYS D 519 -101.58 -13.16 -40.81
N LEU D 520 -100.32 -13.55 -41.03
CA LEU D 520 -99.57 -14.37 -40.10
C LEU D 520 -99.14 -13.55 -38.89
N LYS D 521 -99.36 -14.09 -37.70
CA LYS D 521 -98.99 -13.40 -36.46
C LYS D 521 -99.37 -11.91 -36.47
N ASP D 522 -100.43 -11.56 -37.18
CA ASP D 522 -100.88 -10.18 -37.27
C ASP D 522 -101.09 -9.47 -35.92
N LYS D 523 -101.90 -10.04 -35.04
CA LYS D 523 -102.16 -9.43 -33.73
C LYS D 523 -100.92 -9.32 -32.83
N GLU D 524 -100.07 -10.35 -32.90
CA GLU D 524 -98.85 -10.42 -32.12
C GLU D 524 -97.93 -9.27 -32.48
N VAL D 525 -97.79 -9.01 -33.78
CA VAL D 525 -96.94 -7.91 -34.23
C VAL D 525 -97.47 -6.61 -33.66
N ALA D 526 -98.77 -6.35 -33.84
CA ALA D 526 -99.35 -5.14 -33.30
C ALA D 526 -99.09 -5.09 -31.79
N PHE D 527 -99.37 -6.17 -31.08
CA PHE D 527 -99.17 -6.15 -29.65
C PHE D 527 -97.74 -5.82 -29.19
N TRP D 528 -96.74 -6.47 -29.78
CA TRP D 528 -95.35 -6.22 -29.37
C TRP D 528 -94.76 -4.92 -29.87
N THR D 529 -95.05 -4.56 -31.12
CA THR D 529 -94.54 -3.32 -31.68
C THR D 529 -94.92 -2.18 -30.75
N ASN D 530 -96.12 -2.30 -30.21
CA ASN D 530 -96.67 -1.31 -29.32
C ASN D 530 -96.09 -1.32 -27.90
N LEU D 531 -95.93 -2.52 -27.33
CA LEU D 531 -95.37 -2.63 -25.98
C LEU D 531 -93.97 -2.05 -25.91
N PHE D 532 -93.06 -2.62 -26.70
CA PHE D 532 -91.67 -2.15 -26.72
C PHE D 532 -91.64 -0.64 -26.88
N ALA D 533 -92.26 -0.18 -27.96
CA ALA D 533 -92.32 1.24 -28.30
C ALA D 533 -92.99 2.12 -27.25
N LYS D 534 -93.13 1.62 -26.02
CA LYS D 534 -93.74 2.41 -24.96
C LYS D 534 -92.66 3.17 -24.19
N LYS D 535 -91.39 2.90 -24.49
CA LYS D 535 -90.29 3.56 -23.82
C LYS D 535 -90.41 5.08 -23.91
N SER E 4 -4.45 -1.51 -47.47
CA SER E 4 -5.87 -1.20 -47.07
C SER E 4 -6.83 -2.26 -47.60
N PRO E 5 -7.65 -2.85 -46.71
CA PRO E 5 -8.60 -3.88 -47.14
C PRO E 5 -9.48 -3.42 -48.31
N PRO E 6 -9.92 -4.38 -49.15
CA PRO E 6 -10.77 -4.16 -50.34
C PRO E 6 -12.23 -3.88 -49.99
N VAL E 7 -12.81 -2.91 -50.69
CA VAL E 7 -14.20 -2.54 -50.45
C VAL E 7 -14.95 -2.42 -51.76
N VAL E 8 -16.03 -3.20 -51.84
CA VAL E 8 -16.88 -3.27 -53.02
C VAL E 8 -18.29 -2.83 -52.73
N ASP E 9 -18.92 -2.23 -53.72
CA ASP E 9 -20.30 -1.75 -53.59
C ASP E 9 -21.23 -2.73 -54.29
N THR E 10 -22.08 -3.38 -53.51
CA THR E 10 -23.04 -4.30 -54.08
C THR E 10 -24.37 -3.57 -54.11
N VAL E 11 -25.34 -4.07 -54.85
CA VAL E 11 -26.65 -3.43 -54.95
C VAL E 11 -27.22 -3.03 -53.59
N HIS E 12 -26.88 -3.79 -52.54
CA HIS E 12 -27.38 -3.51 -51.21
C HIS E 12 -26.44 -2.75 -50.26
N GLY E 13 -25.22 -2.42 -50.72
CA GLY E 13 -24.29 -1.70 -49.88
C GLY E 13 -22.84 -2.16 -49.86
N LYS E 14 -21.97 -1.26 -49.39
CA LYS E 14 -20.55 -1.53 -49.33
C LYS E 14 -20.20 -2.72 -48.46
N VAL E 15 -19.32 -3.58 -48.95
CA VAL E 15 -18.86 -4.75 -48.18
C VAL E 15 -17.35 -4.62 -47.98
N LEU E 16 -16.89 -4.95 -46.78
CA LEU E 16 -15.48 -4.86 -46.45
C LEU E 16 -14.91 -6.25 -46.24
N GLY E 17 -14.01 -6.65 -47.13
CA GLY E 17 -13.42 -7.98 -47.02
C GLY E 17 -11.96 -7.95 -46.63
N LYS E 18 -11.22 -8.99 -47.00
CA LYS E 18 -9.79 -9.09 -46.68
C LYS E 18 -8.93 -9.69 -47.79
N PHE E 19 -7.70 -9.18 -47.91
CA PHE E 19 -6.75 -9.66 -48.92
C PHE E 19 -5.90 -10.81 -48.41
N VAL E 20 -5.87 -11.91 -49.14
CA VAL E 20 -5.06 -13.03 -48.70
C VAL E 20 -4.22 -13.52 -49.86
N SER E 21 -2.92 -13.27 -49.78
CA SER E 21 -2.01 -13.70 -50.82
C SER E 21 -1.69 -15.18 -50.69
N LEU E 22 -1.48 -15.81 -51.83
CA LEU E 22 -1.16 -17.24 -51.89
C LEU E 22 0.23 -17.38 -52.48
N GLU E 23 0.91 -18.45 -52.08
CA GLU E 23 2.26 -18.71 -52.56
C GLU E 23 2.37 -18.74 -54.09
N GLY E 24 3.39 -18.08 -54.62
CA GLY E 24 3.59 -18.07 -56.05
C GLY E 24 2.71 -17.15 -56.87
N PHE E 25 1.75 -16.48 -56.22
CA PHE E 25 0.86 -15.59 -56.95
C PHE E 25 0.85 -14.17 -56.37
N ALA E 26 1.17 -13.21 -57.23
CA ALA E 26 1.23 -11.80 -56.86
C ALA E 26 -0.11 -11.25 -56.35
N GLN E 27 -0.97 -10.89 -57.29
CA GLN E 27 -2.30 -10.36 -56.97
C GLN E 27 -2.95 -11.13 -55.83
N PRO E 28 -2.98 -10.54 -54.62
CA PRO E 28 -3.60 -11.25 -53.50
C PRO E 28 -5.07 -11.48 -53.83
N VAL E 29 -5.67 -12.48 -53.19
CA VAL E 29 -7.09 -12.79 -53.40
C VAL E 29 -7.95 -11.90 -52.50
N ALA E 30 -9.09 -11.45 -53.01
CA ALA E 30 -9.99 -10.63 -52.21
C ALA E 30 -11.02 -11.60 -51.64
N ILE E 31 -11.00 -11.79 -50.33
CA ILE E 31 -11.94 -12.72 -49.73
C ILE E 31 -13.04 -11.99 -48.97
N PHE E 32 -14.29 -12.34 -49.28
CA PHE E 32 -15.46 -11.75 -48.64
C PHE E 32 -16.23 -12.88 -47.98
N LEU E 33 -16.36 -12.82 -46.65
CA LEU E 33 -17.05 -13.85 -45.88
C LEU E 33 -18.38 -13.41 -45.25
N GLY E 34 -19.39 -14.24 -45.45
CA GLY E 34 -20.71 -13.97 -44.86
C GLY E 34 -21.51 -12.83 -45.46
N ILE E 35 -21.74 -12.89 -46.76
CA ILE E 35 -22.50 -11.85 -47.44
C ILE E 35 -23.93 -12.35 -47.59
N PRO E 36 -24.91 -11.60 -47.07
CA PRO E 36 -26.31 -11.99 -47.16
C PRO E 36 -26.86 -11.88 -48.58
N PHE E 37 -27.54 -12.94 -49.00
CA PHE E 37 -28.15 -12.91 -50.31
C PHE E 37 -29.67 -12.98 -50.19
N ALA E 38 -30.16 -13.03 -48.95
CA ALA E 38 -31.59 -13.11 -48.69
C ALA E 38 -32.00 -12.70 -47.26
N LYS E 39 -33.23 -12.25 -47.12
CA LYS E 39 -33.77 -11.85 -45.83
C LYS E 39 -33.84 -13.11 -44.98
N PRO E 40 -33.25 -13.10 -43.77
CA PRO E 40 -33.23 -14.24 -42.84
C PRO E 40 -34.59 -14.91 -42.66
N PRO E 41 -34.66 -16.21 -43.00
CA PRO E 41 -35.89 -17.00 -42.89
C PRO E 41 -36.23 -17.31 -41.45
N LEU E 42 -36.77 -16.32 -40.76
CA LEU E 42 -37.14 -16.49 -39.37
C LEU E 42 -38.63 -16.28 -39.18
N GLY E 43 -39.15 -16.82 -38.08
CA GLY E 43 -40.56 -16.69 -37.77
C GLY E 43 -41.45 -16.91 -38.97
N PRO E 44 -42.23 -15.90 -39.37
CA PRO E 44 -43.15 -15.96 -40.50
C PRO E 44 -42.54 -16.66 -41.69
N LEU E 45 -41.37 -16.18 -42.05
CA LEU E 45 -40.59 -16.65 -43.19
C LEU E 45 -40.10 -18.11 -43.17
N ARG E 46 -40.27 -18.82 -42.05
CA ARG E 46 -39.84 -20.21 -41.98
C ARG E 46 -40.78 -21.06 -42.83
N PHE E 47 -40.23 -21.91 -43.68
CA PHE E 47 -41.02 -22.73 -44.59
C PHE E 47 -41.63 -21.90 -45.73
N THR E 48 -40.91 -20.91 -46.25
CA THR E 48 -41.43 -20.08 -47.36
C THR E 48 -40.31 -19.68 -48.34
N PRO E 49 -40.68 -19.21 -49.55
CA PRO E 49 -39.65 -18.81 -50.51
C PRO E 49 -38.64 -17.85 -49.93
N PRO E 50 -37.38 -17.94 -50.39
CA PRO E 50 -36.35 -17.03 -49.87
C PRO E 50 -36.61 -15.61 -50.38
N GLN E 51 -36.28 -14.61 -49.58
CA GLN E 51 -36.52 -13.22 -49.98
C GLN E 51 -35.33 -12.27 -50.01
N PRO E 52 -35.43 -11.23 -50.86
CA PRO E 52 -34.35 -10.24 -51.00
C PRO E 52 -33.95 -9.71 -49.65
N ALA E 53 -32.66 -9.47 -49.46
CA ALA E 53 -32.17 -8.94 -48.20
C ALA E 53 -32.38 -7.43 -48.17
N GLU E 54 -32.48 -6.88 -46.97
CA GLU E 54 -32.68 -5.44 -46.78
C GLU E 54 -31.36 -4.70 -46.98
N PRO E 55 -31.34 -3.71 -47.86
CA PRO E 55 -30.10 -2.96 -48.08
C PRO E 55 -29.59 -2.37 -46.75
N TRP E 56 -28.28 -2.18 -46.64
CA TRP E 56 -27.74 -1.63 -45.40
C TRP E 56 -27.14 -0.24 -45.63
N SER E 57 -26.86 0.48 -44.55
CA SER E 57 -26.38 1.86 -44.66
C SER E 57 -24.92 2.27 -44.75
N PHE E 58 -23.99 1.51 -44.19
CA PHE E 58 -22.64 1.99 -44.33
C PHE E 58 -21.75 0.98 -45.03
N VAL E 59 -20.81 0.41 -44.29
CA VAL E 59 -19.95 -0.59 -44.89
C VAL E 59 -20.08 -1.88 -44.11
N LYS E 60 -20.75 -2.86 -44.73
CA LYS E 60 -20.96 -4.16 -44.10
C LYS E 60 -19.63 -4.87 -44.12
N ASN E 61 -19.06 -4.99 -42.94
CA ASN E 61 -17.75 -5.61 -42.78
C ASN E 61 -17.93 -7.11 -42.76
N ALA E 62 -17.49 -7.74 -43.86
CA ALA E 62 -17.60 -9.19 -44.06
C ALA E 62 -16.27 -9.93 -43.95
N THR E 63 -15.75 -10.02 -42.74
CA THR E 63 -14.47 -10.69 -42.52
C THR E 63 -14.53 -11.72 -41.38
N SER E 64 -15.57 -12.54 -41.40
CA SER E 64 -15.77 -13.59 -40.43
C SER E 64 -16.87 -14.52 -40.94
N TYR E 65 -16.57 -15.81 -40.88
CA TYR E 65 -17.45 -16.90 -41.34
C TYR E 65 -18.87 -16.89 -40.79
N PRO E 66 -19.87 -17.07 -41.66
CA PRO E 66 -21.28 -17.08 -41.24
C PRO E 66 -21.67 -18.35 -40.50
N PRO E 67 -22.87 -18.36 -39.91
CA PRO E 67 -23.25 -19.59 -39.22
C PRO E 67 -23.59 -20.60 -40.32
N MET E 68 -23.84 -21.83 -39.94
CA MET E 68 -24.25 -22.83 -40.91
C MET E 68 -25.69 -23.13 -40.51
N CYS E 69 -26.56 -23.35 -41.49
CA CYS E 69 -27.97 -23.63 -41.19
C CYS E 69 -28.14 -24.72 -40.15
N THR E 70 -29.01 -24.46 -39.18
CA THR E 70 -29.23 -25.43 -38.13
C THR E 70 -29.27 -26.84 -38.70
N GLN E 71 -28.52 -27.73 -38.06
CA GLN E 71 -28.41 -29.13 -38.45
C GLN E 71 -27.83 -29.81 -37.22
N ASP E 72 -27.70 -31.14 -37.26
CA ASP E 72 -27.10 -31.85 -36.14
C ASP E 72 -25.64 -31.39 -36.07
N PRO E 73 -25.26 -30.68 -34.99
CA PRO E 73 -23.90 -30.17 -34.81
C PRO E 73 -22.80 -31.19 -35.05
N LYS E 74 -22.93 -32.32 -34.38
CA LYS E 74 -21.96 -33.40 -34.48
C LYS E 74 -21.74 -33.81 -35.94
N ALA E 75 -22.82 -34.23 -36.60
CA ALA E 75 -22.77 -34.65 -38.00
C ALA E 75 -22.17 -33.55 -38.85
N GLY E 76 -22.59 -32.33 -38.59
CA GLY E 76 -22.05 -31.21 -39.34
C GLY E 76 -20.55 -31.13 -39.22
N GLN E 77 -20.07 -30.99 -37.98
CA GLN E 77 -18.65 -30.86 -37.73
C GLN E 77 -17.78 -32.04 -38.20
N LEU E 78 -18.28 -33.27 -38.06
CA LEU E 78 -17.52 -34.42 -38.50
C LEU E 78 -17.34 -34.35 -40.01
N LEU E 79 -18.40 -33.96 -40.71
CA LEU E 79 -18.35 -33.86 -42.16
C LEU E 79 -17.44 -32.74 -42.62
N SER E 80 -17.59 -31.56 -42.01
CA SER E 80 -16.75 -30.44 -42.39
C SER E 80 -15.30 -30.88 -42.25
N GLU E 81 -15.03 -31.64 -41.21
CA GLU E 81 -13.69 -32.14 -40.94
C GLU E 81 -13.16 -33.02 -42.07
N LEU E 82 -13.97 -33.97 -42.50
CA LEU E 82 -13.56 -34.90 -43.53
C LEU E 82 -13.49 -34.28 -44.94
N PHE E 83 -14.35 -33.32 -45.23
CA PHE E 83 -14.36 -32.70 -46.55
C PHE E 83 -13.56 -31.41 -46.65
N THR E 84 -13.26 -30.80 -45.50
CA THR E 84 -12.53 -29.55 -45.51
C THR E 84 -11.19 -29.65 -46.24
N ASN E 85 -10.83 -28.56 -46.94
CA ASN E 85 -9.56 -28.51 -47.67
C ASN E 85 -8.64 -27.46 -47.05
N ARG E 86 -9.06 -26.92 -45.92
CA ARG E 86 -8.28 -25.93 -45.18
C ARG E 86 -7.24 -26.62 -44.31
N LYS E 87 -6.18 -25.90 -43.95
CA LYS E 87 -5.15 -26.47 -43.09
C LYS E 87 -5.83 -26.84 -41.77
N GLU E 88 -6.73 -25.98 -41.31
CA GLU E 88 -7.46 -26.23 -40.08
C GLU E 88 -8.96 -26.20 -40.32
N ASN E 89 -9.72 -27.00 -39.59
CA ASN E 89 -11.17 -26.96 -39.77
C ASN E 89 -11.78 -25.94 -38.80
N ILE E 90 -12.45 -24.96 -39.38
CA ILE E 90 -13.09 -23.89 -38.62
C ILE E 90 -14.42 -24.28 -37.99
N PRO E 91 -14.49 -24.27 -36.65
CA PRO E 91 -15.75 -24.64 -36.01
C PRO E 91 -16.77 -23.55 -36.36
N LEU E 92 -18.04 -23.91 -36.43
CA LEU E 92 -19.06 -22.93 -36.78
C LEU E 92 -20.22 -22.90 -35.79
N LYS E 93 -21.10 -21.95 -36.01
CA LYS E 93 -22.28 -21.81 -35.18
C LYS E 93 -23.51 -22.17 -36.02
N LEU E 94 -24.50 -22.82 -35.40
CA LEU E 94 -25.71 -23.18 -36.10
C LEU E 94 -26.68 -22.03 -35.95
N SER E 95 -27.50 -21.82 -36.97
CA SER E 95 -28.47 -20.75 -36.92
C SER E 95 -29.42 -20.83 -38.08
N GLU E 96 -30.64 -20.34 -37.86
CA GLU E 96 -31.64 -20.34 -38.91
C GLU E 96 -31.23 -19.17 -39.81
N ASP E 97 -30.57 -18.19 -39.21
CA ASP E 97 -30.06 -17.04 -39.95
C ASP E 97 -28.78 -17.57 -40.58
N CYS E 98 -28.91 -18.18 -41.75
CA CYS E 98 -27.76 -18.78 -42.40
C CYS E 98 -27.65 -18.55 -43.91
N LEU E 99 -28.57 -17.79 -44.49
CA LEU E 99 -28.50 -17.59 -45.93
C LEU E 99 -27.39 -16.64 -46.41
N TYR E 100 -26.14 -17.08 -46.24
CA TYR E 100 -24.99 -16.29 -46.65
C TYR E 100 -24.21 -17.00 -47.74
N LEU E 101 -23.16 -16.35 -48.24
CA LEU E 101 -22.29 -16.95 -49.23
C LEU E 101 -20.92 -16.27 -49.22
N ASN E 102 -19.87 -17.05 -49.46
CA ASN E 102 -18.53 -16.49 -49.46
C ASN E 102 -18.00 -16.28 -50.89
N ILE E 103 -17.19 -15.25 -51.07
CA ILE E 103 -16.64 -14.97 -52.39
C ILE E 103 -15.12 -14.90 -52.40
N TYR E 104 -14.50 -15.53 -53.39
CA TYR E 104 -13.05 -15.49 -53.50
C TYR E 104 -12.71 -14.98 -54.88
N THR E 105 -12.46 -13.68 -54.99
CA THR E 105 -12.13 -13.08 -56.27
C THR E 105 -10.68 -12.65 -56.41
N PRO E 106 -9.96 -13.24 -57.40
CA PRO E 106 -8.56 -12.94 -57.67
C PRO E 106 -8.39 -11.73 -58.59
N ALA E 107 -9.50 -11.17 -59.05
CA ALA E 107 -9.44 -10.02 -59.93
C ALA E 107 -8.85 -8.79 -59.23
N ASP E 108 -8.47 -7.79 -60.02
CA ASP E 108 -7.91 -6.56 -59.47
C ASP E 108 -9.07 -5.54 -59.47
N LEU E 109 -9.89 -5.62 -58.44
CA LEU E 109 -11.06 -4.77 -58.29
C LEU E 109 -10.89 -3.31 -58.71
N THR E 110 -9.65 -2.84 -58.79
CA THR E 110 -9.37 -1.46 -59.19
C THR E 110 -9.53 -1.27 -60.70
N LYS E 111 -9.40 -2.36 -61.43
CA LYS E 111 -9.54 -2.36 -62.89
C LYS E 111 -10.82 -3.15 -63.16
N LYS E 112 -11.36 -3.03 -64.36
CA LYS E 112 -12.55 -3.80 -64.72
C LYS E 112 -12.12 -5.24 -65.02
N ASN E 113 -12.91 -6.20 -64.55
CA ASN E 113 -12.62 -7.62 -64.78
C ASN E 113 -13.90 -8.38 -65.06
N ARG E 114 -13.78 -9.47 -65.81
CA ARG E 114 -14.92 -10.31 -66.13
C ARG E 114 -14.39 -11.73 -66.17
N LEU E 115 -14.06 -12.26 -64.99
CA LEU E 115 -13.53 -13.61 -64.88
C LEU E 115 -14.69 -14.56 -64.70
N PRO E 116 -14.53 -15.83 -65.13
CA PRO E 116 -15.60 -16.81 -64.98
C PRO E 116 -15.92 -17.06 -63.49
N VAL E 117 -17.19 -17.30 -63.20
CA VAL E 117 -17.67 -17.50 -61.83
C VAL E 117 -18.07 -18.95 -61.57
N MET E 118 -17.50 -19.54 -60.53
CA MET E 118 -17.85 -20.90 -60.19
C MET E 118 -18.54 -20.91 -58.84
N VAL E 119 -19.81 -21.24 -58.86
CA VAL E 119 -20.62 -21.30 -57.66
C VAL E 119 -20.63 -22.74 -57.17
N TRP E 120 -20.22 -22.93 -55.92
CA TRP E 120 -20.17 -24.24 -55.33
C TRP E 120 -21.34 -24.45 -54.41
N ILE E 121 -21.97 -25.61 -54.55
CA ILE E 121 -23.10 -25.99 -53.71
C ILE E 121 -22.66 -27.21 -52.92
N HIS E 122 -22.44 -27.02 -51.63
CA HIS E 122 -21.99 -28.09 -50.76
C HIS E 122 -22.97 -29.23 -50.61
N GLY E 123 -22.40 -30.43 -50.40
CA GLY E 123 -23.19 -31.62 -50.20
C GLY E 123 -23.46 -31.75 -48.70
N GLY E 124 -24.04 -32.87 -48.29
CA GLY E 124 -24.38 -33.08 -46.90
C GLY E 124 -25.73 -33.79 -46.80
N GLY E 125 -26.20 -34.34 -47.92
CA GLY E 125 -27.49 -35.01 -47.94
C GLY E 125 -28.65 -34.04 -47.82
N LEU E 126 -28.36 -32.74 -47.83
CA LEU E 126 -29.38 -31.69 -47.70
C LEU E 126 -29.80 -31.58 -46.24
N MET E 127 -29.17 -32.39 -45.38
CA MET E 127 -29.44 -32.41 -43.94
C MET E 127 -28.38 -31.63 -43.16
N VAL E 128 -27.15 -31.66 -43.65
CA VAL E 128 -26.06 -30.96 -43.00
C VAL E 128 -25.09 -30.46 -44.04
N GLY E 129 -24.13 -29.67 -43.63
CA GLY E 129 -23.16 -29.14 -44.57
C GLY E 129 -23.04 -27.65 -44.36
N ALA E 130 -22.01 -27.05 -44.94
CA ALA E 130 -21.75 -25.63 -44.81
C ALA E 130 -20.81 -25.14 -45.94
N ALA E 131 -21.01 -23.91 -46.40
CA ALA E 131 -20.17 -23.37 -47.47
C ALA E 131 -18.77 -23.05 -46.97
N SER E 132 -18.69 -22.54 -45.74
CA SER E 132 -17.41 -22.16 -45.15
C SER E 132 -16.39 -23.29 -45.11
N THR E 133 -16.88 -24.53 -45.21
CA THR E 133 -16.02 -25.71 -45.17
C THR E 133 -15.02 -25.71 -46.31
N TYR E 134 -15.39 -25.10 -47.42
CA TYR E 134 -14.52 -25.08 -48.60
C TYR E 134 -13.85 -23.74 -48.86
N ASP E 135 -12.53 -23.70 -48.69
CA ASP E 135 -11.74 -22.51 -48.92
C ASP E 135 -11.40 -22.42 -50.42
N GLY E 136 -11.88 -21.37 -51.07
CA GLY E 136 -11.63 -21.23 -52.50
C GLY E 136 -10.37 -20.48 -52.89
N LEU E 137 -9.45 -20.31 -51.94
CA LEU E 137 -8.23 -19.57 -52.22
C LEU E 137 -7.44 -20.13 -53.39
N ALA E 138 -7.00 -21.37 -53.24
CA ALA E 138 -6.23 -22.09 -54.24
C ALA E 138 -6.83 -22.06 -55.64
N LEU E 139 -8.08 -22.50 -55.76
CA LEU E 139 -8.74 -22.52 -57.06
C LEU E 139 -8.86 -21.14 -57.69
N ALA E 140 -9.40 -20.19 -56.95
CA ALA E 140 -9.57 -18.83 -57.45
C ALA E 140 -8.24 -18.25 -57.94
N ALA E 141 -7.17 -18.52 -57.23
CA ALA E 141 -5.84 -18.01 -57.60
C ALA E 141 -5.16 -18.82 -58.72
N HIS E 142 -5.08 -20.14 -58.56
CA HIS E 142 -4.44 -21.00 -59.56
C HIS E 142 -5.05 -20.91 -60.95
N GLU E 143 -6.39 -20.97 -61.03
CA GLU E 143 -7.06 -20.91 -62.33
C GLU E 143 -7.60 -19.53 -62.62
N ASN E 144 -7.46 -18.65 -61.65
CA ASN E 144 -7.91 -17.29 -61.80
C ASN E 144 -9.39 -17.16 -62.23
N VAL E 145 -10.27 -17.79 -61.46
CA VAL E 145 -11.72 -17.72 -61.69
C VAL E 145 -12.29 -17.23 -60.37
N VAL E 146 -13.54 -16.84 -60.35
CA VAL E 146 -14.12 -16.37 -59.10
C VAL E 146 -14.94 -17.51 -58.51
N VAL E 147 -14.53 -17.95 -57.34
CA VAL E 147 -15.21 -19.03 -56.64
C VAL E 147 -16.22 -18.45 -55.67
N VAL E 148 -17.44 -18.95 -55.72
CA VAL E 148 -18.47 -18.49 -54.78
C VAL E 148 -19.01 -19.69 -54.01
N THR E 149 -19.00 -19.63 -52.69
CA THR E 149 -19.57 -20.74 -51.93
C THR E 149 -20.87 -20.25 -51.32
N ILE E 150 -21.96 -20.95 -51.62
CA ILE E 150 -23.26 -20.55 -51.11
C ILE E 150 -23.84 -21.52 -50.10
N GLN E 151 -24.81 -21.03 -49.32
CA GLN E 151 -25.49 -21.85 -48.35
C GLN E 151 -26.98 -21.83 -48.64
N TYR E 152 -27.70 -22.82 -48.13
CA TYR E 152 -29.14 -22.91 -48.32
C TYR E 152 -29.70 -23.68 -47.13
N ARG E 153 -30.98 -23.50 -46.83
CA ARG E 153 -31.59 -24.17 -45.69
C ARG E 153 -31.41 -25.68 -45.79
N LEU E 154 -31.35 -26.34 -44.63
CA LEU E 154 -31.17 -27.78 -44.57
C LEU E 154 -32.18 -28.48 -43.68
N GLY E 155 -32.27 -29.80 -43.85
CA GLY E 155 -33.19 -30.59 -43.06
C GLY E 155 -34.61 -30.11 -43.14
N ILE E 156 -35.31 -30.17 -42.00
CA ILE E 156 -36.70 -29.75 -41.89
C ILE E 156 -36.87 -28.34 -42.45
N TRP E 157 -35.97 -27.45 -42.05
CA TRP E 157 -36.00 -26.06 -42.48
C TRP E 157 -36.05 -25.84 -43.99
N GLY E 158 -35.31 -26.64 -44.74
CA GLY E 158 -35.27 -26.43 -46.17
C GLY E 158 -36.04 -27.40 -47.02
N PHE E 159 -36.55 -28.49 -46.44
CA PHE E 159 -37.25 -29.45 -47.29
C PHE E 159 -38.58 -30.00 -46.79
N PHE E 160 -39.13 -29.40 -45.75
CA PHE E 160 -40.40 -29.87 -45.25
C PHE E 160 -41.51 -29.50 -46.20
N SER E 161 -42.39 -30.45 -46.48
CA SER E 161 -43.53 -30.20 -47.36
C SER E 161 -44.71 -31.11 -47.01
N THR E 162 -45.92 -30.64 -47.32
CA THR E 162 -47.14 -31.39 -47.06
C THR E 162 -47.74 -31.83 -48.38
N GLY E 163 -47.00 -31.58 -49.46
CA GLY E 163 -47.47 -31.97 -50.77
C GLY E 163 -48.59 -31.14 -51.34
N ASP E 164 -48.68 -29.88 -50.92
CA ASP E 164 -49.71 -28.95 -51.40
C ASP E 164 -49.31 -27.50 -51.09
N GLU E 165 -50.11 -26.57 -51.56
CA GLU E 165 -49.84 -25.14 -51.38
C GLU E 165 -49.34 -24.63 -50.01
N HIS E 166 -49.83 -25.19 -48.91
CA HIS E 166 -49.45 -24.74 -47.58
C HIS E 166 -47.97 -24.90 -47.22
N SER E 167 -47.26 -25.71 -47.99
CA SER E 167 -45.82 -25.95 -47.81
C SER E 167 -45.31 -26.85 -48.93
N ARG E 168 -45.17 -26.25 -50.11
CA ARG E 168 -44.71 -26.96 -51.30
C ARG E 168 -43.44 -27.79 -51.09
N GLY E 169 -42.46 -27.18 -50.43
CA GLY E 169 -41.20 -27.87 -50.17
C GLY E 169 -40.09 -27.34 -51.07
N ASN E 170 -38.89 -27.91 -50.95
CA ASN E 170 -37.77 -27.47 -51.77
C ASN E 170 -37.31 -26.06 -51.43
N TRP E 171 -37.37 -25.68 -50.17
CA TRP E 171 -36.93 -24.35 -49.76
C TRP E 171 -35.46 -24.12 -49.99
N GLY E 172 -34.69 -25.20 -49.84
CA GLY E 172 -33.25 -25.13 -50.00
C GLY E 172 -32.87 -24.79 -51.42
N HIS E 173 -33.50 -25.47 -52.38
CA HIS E 173 -33.21 -25.23 -53.78
C HIS E 173 -33.60 -23.80 -54.21
N LEU E 174 -34.65 -23.29 -53.57
CA LEU E 174 -35.10 -21.93 -53.85
C LEU E 174 -34.03 -20.99 -53.30
N ASP E 175 -33.42 -21.38 -52.19
CA ASP E 175 -32.34 -20.58 -51.62
C ASP E 175 -31.16 -20.59 -52.60
N GLN E 176 -30.87 -21.77 -53.15
CA GLN E 176 -29.77 -21.89 -54.09
C GLN E 176 -30.07 -21.02 -55.31
N VAL E 177 -31.27 -21.13 -55.87
CA VAL E 177 -31.61 -20.30 -57.03
C VAL E 177 -31.52 -18.83 -56.65
N ALA E 178 -31.83 -18.53 -55.40
CA ALA E 178 -31.79 -17.16 -54.92
C ALA E 178 -30.34 -16.65 -54.93
N ALA E 179 -29.41 -17.53 -54.60
CA ALA E 179 -28.02 -17.14 -54.57
C ALA E 179 -27.54 -16.89 -56.00
N LEU E 180 -28.02 -17.70 -56.93
CA LEU E 180 -27.64 -17.54 -58.33
C LEU E 180 -28.17 -16.23 -58.89
N ARG E 181 -29.30 -15.78 -58.37
CA ARG E 181 -29.88 -14.52 -58.81
C ARG E 181 -29.01 -13.38 -58.27
N TRP E 182 -28.54 -13.52 -57.04
CA TRP E 182 -27.68 -12.51 -56.43
C TRP E 182 -26.43 -12.38 -57.28
N VAL E 183 -25.83 -13.53 -57.58
CA VAL E 183 -24.61 -13.57 -58.38
C VAL E 183 -24.84 -12.92 -59.75
N GLN E 184 -26.08 -12.95 -60.23
CA GLN E 184 -26.31 -12.34 -61.53
C GLN E 184 -26.25 -10.84 -61.42
N ASP E 185 -26.71 -10.32 -60.30
CA ASP E 185 -26.76 -8.88 -60.09
C ASP E 185 -25.64 -8.31 -59.27
N ASN E 186 -24.64 -9.10 -58.93
CA ASN E 186 -23.59 -8.53 -58.09
C ASN E 186 -22.14 -8.87 -58.42
N ILE E 187 -21.91 -10.14 -58.80
CA ILE E 187 -20.56 -10.59 -59.06
C ILE E 187 -19.75 -9.71 -59.97
N ALA E 188 -20.43 -8.91 -60.78
CA ALA E 188 -19.72 -8.01 -61.68
C ALA E 188 -18.80 -7.12 -60.83
N SER E 189 -19.32 -6.64 -59.71
CA SER E 189 -18.56 -5.79 -58.80
C SER E 189 -17.39 -6.51 -58.15
N PHE E 190 -17.19 -7.78 -58.47
CA PHE E 190 -16.09 -8.56 -57.88
C PHE E 190 -15.20 -9.16 -58.98
N GLY E 191 -15.18 -8.52 -60.15
CA GLY E 191 -14.34 -8.99 -61.25
C GLY E 191 -14.86 -10.21 -61.98
N GLY E 192 -16.11 -10.59 -61.67
CA GLY E 192 -16.68 -11.77 -62.30
C GLY E 192 -17.69 -11.51 -63.39
N ASN E 193 -17.70 -12.38 -64.39
CA ASN E 193 -18.61 -12.27 -65.52
C ASN E 193 -19.92 -12.99 -65.29
N PRO E 194 -21.02 -12.23 -65.15
CA PRO E 194 -22.36 -12.78 -64.93
C PRO E 194 -22.92 -13.46 -66.18
N GLY E 195 -22.11 -13.48 -67.22
CA GLY E 195 -22.49 -14.11 -68.46
C GLY E 195 -21.81 -15.47 -68.60
N SER E 196 -21.06 -15.84 -67.57
CA SER E 196 -20.38 -17.13 -67.55
C SER E 196 -20.28 -17.61 -66.11
N VAL E 197 -21.43 -18.02 -65.59
CA VAL E 197 -21.53 -18.53 -64.23
C VAL E 197 -21.67 -20.05 -64.33
N THR E 198 -20.83 -20.78 -63.60
CA THR E 198 -20.87 -22.23 -63.61
C THR E 198 -21.20 -22.72 -62.21
N ILE E 199 -22.15 -23.64 -62.11
CA ILE E 199 -22.54 -24.20 -60.82
C ILE E 199 -22.01 -25.62 -60.65
N PHE E 200 -21.48 -25.93 -59.47
CA PHE E 200 -21.00 -27.28 -59.23
C PHE E 200 -21.13 -27.67 -57.77
N GLY E 201 -21.30 -28.96 -57.54
CA GLY E 201 -21.42 -29.44 -56.18
C GLY E 201 -21.30 -30.92 -56.23
N GLU E 202 -21.08 -31.56 -55.08
CA GLU E 202 -20.95 -33.00 -55.04
C GLU E 202 -21.97 -33.58 -54.05
N SER E 203 -22.33 -34.86 -54.22
CA SER E 203 -23.31 -35.51 -53.37
C SER E 203 -24.65 -34.76 -53.51
N ALA E 204 -25.26 -34.36 -52.40
CA ALA E 204 -26.53 -33.63 -52.46
C ALA E 204 -26.38 -32.34 -53.28
N GLY E 205 -25.16 -31.80 -53.30
CA GLY E 205 -24.90 -30.59 -54.08
C GLY E 205 -24.96 -30.93 -55.55
N GLY E 206 -24.41 -32.09 -55.92
CA GLY E 206 -24.43 -32.51 -57.30
C GLY E 206 -25.84 -32.80 -57.73
N GLU E 207 -26.67 -33.24 -56.79
CA GLU E 207 -28.06 -33.54 -57.10
C GLU E 207 -28.82 -32.23 -57.32
N SER E 208 -28.48 -31.24 -56.52
CA SER E 208 -29.10 -29.91 -56.60
C SER E 208 -28.75 -29.28 -57.92
N VAL E 209 -27.47 -29.32 -58.28
CA VAL E 209 -27.03 -28.76 -59.54
C VAL E 209 -27.85 -29.48 -60.60
N SER E 210 -27.98 -30.79 -60.41
CA SER E 210 -28.75 -31.62 -61.34
C SER E 210 -30.21 -31.18 -61.37
N VAL E 211 -30.72 -30.68 -60.26
CA VAL E 211 -32.11 -30.22 -60.20
C VAL E 211 -32.26 -28.85 -60.87
N LEU E 212 -31.30 -27.96 -60.60
CA LEU E 212 -31.36 -26.62 -61.19
C LEU E 212 -31.33 -26.76 -62.71
N VAL E 213 -30.56 -27.73 -63.18
CA VAL E 213 -30.41 -28.01 -64.60
C VAL E 213 -31.76 -28.34 -65.25
N LEU E 214 -32.64 -29.02 -64.50
CA LEU E 214 -33.95 -29.41 -65.00
C LEU E 214 -35.08 -28.42 -64.69
N SER E 215 -34.82 -27.38 -63.91
CA SER E 215 -35.88 -26.44 -63.54
C SER E 215 -35.98 -25.09 -64.25
N PRO E 216 -37.18 -24.75 -64.73
CA PRO E 216 -37.41 -23.48 -65.42
C PRO E 216 -37.06 -22.26 -64.57
N LEU E 217 -37.05 -22.45 -63.25
CA LEU E 217 -36.74 -21.35 -62.35
C LEU E 217 -35.30 -20.87 -62.45
N ALA E 218 -34.42 -21.71 -62.97
CA ALA E 218 -33.01 -21.32 -63.08
C ALA E 218 -32.56 -20.98 -64.51
N LYS E 219 -33.48 -21.16 -65.47
CA LYS E 219 -33.22 -20.94 -66.89
C LYS E 219 -32.01 -20.11 -67.28
N ASN E 220 -31.85 -18.91 -66.73
CA ASN E 220 -30.69 -18.11 -67.11
C ASN E 220 -29.80 -17.65 -65.98
N LEU E 221 -29.61 -18.52 -64.99
CA LEU E 221 -28.78 -18.16 -63.87
C LEU E 221 -27.41 -18.85 -63.93
N PHE E 222 -27.25 -19.74 -64.91
CA PHE E 222 -25.98 -20.43 -65.08
C PHE E 222 -25.83 -20.84 -66.55
N HIS E 223 -24.59 -21.07 -66.98
CA HIS E 223 -24.34 -21.43 -68.37
C HIS E 223 -23.49 -22.70 -68.48
N ARG E 224 -23.10 -23.27 -67.34
CA ARG E 224 -22.32 -24.50 -67.27
C ARG E 224 -22.62 -25.21 -65.95
N ALA E 225 -22.78 -26.52 -66.00
CA ALA E 225 -23.09 -27.31 -64.81
C ALA E 225 -22.13 -28.49 -64.64
N ILE E 226 -21.89 -28.86 -63.38
CA ILE E 226 -21.01 -29.95 -63.02
C ILE E 226 -21.54 -30.70 -61.79
N SER E 227 -21.94 -31.95 -61.96
CA SER E 227 -22.42 -32.75 -60.84
C SER E 227 -21.35 -33.75 -60.48
N GLU E 228 -20.94 -33.77 -59.21
CA GLU E 228 -19.95 -34.73 -58.73
C GLU E 228 -20.59 -35.72 -57.75
N SER E 229 -20.64 -37.00 -58.10
CA SER E 229 -21.24 -38.03 -57.22
C SER E 229 -22.62 -37.65 -56.72
N GLY E 230 -23.60 -37.61 -57.62
CA GLY E 230 -24.93 -37.24 -57.22
C GLY E 230 -25.66 -36.49 -58.33
N VAL E 231 -26.83 -37.01 -58.70
CA VAL E 231 -27.66 -36.43 -59.74
C VAL E 231 -29.12 -36.56 -59.36
N ALA E 232 -29.98 -35.88 -60.13
CA ALA E 232 -31.43 -35.85 -59.90
C ALA E 232 -32.11 -37.22 -59.87
N LEU E 233 -31.39 -38.26 -60.29
CA LEU E 233 -31.93 -39.62 -60.29
C LEU E 233 -31.46 -40.42 -59.08
N THR E 234 -30.64 -39.79 -58.22
CA THR E 234 -30.14 -40.44 -57.00
C THR E 234 -31.33 -40.53 -56.03
N SER E 235 -32.30 -41.36 -56.39
CA SER E 235 -33.54 -41.59 -55.64
C SER E 235 -33.57 -41.28 -54.15
N VAL E 236 -32.51 -41.63 -53.41
CA VAL E 236 -32.54 -41.37 -51.98
C VAL E 236 -32.86 -39.91 -51.68
N LEU E 237 -32.29 -39.00 -52.47
CA LEU E 237 -32.48 -37.56 -52.30
C LEU E 237 -33.77 -36.95 -52.87
N VAL E 238 -34.49 -37.72 -53.68
CA VAL E 238 -35.74 -37.25 -54.26
C VAL E 238 -36.89 -38.05 -53.70
N LYS E 239 -37.96 -37.36 -53.34
CA LYS E 239 -39.14 -37.96 -52.77
C LYS E 239 -40.28 -37.98 -53.77
N LYS E 240 -40.48 -39.14 -54.37
CA LYS E 240 -41.56 -39.33 -55.34
C LYS E 240 -42.79 -39.88 -54.60
N GLY E 241 -43.98 -39.56 -55.08
CA GLY E 241 -45.17 -40.06 -54.43
C GLY E 241 -45.75 -39.19 -53.33
N ASP E 242 -46.54 -39.80 -52.45
CA ASP E 242 -47.19 -39.09 -51.37
C ASP E 242 -46.23 -38.78 -50.22
N VAL E 243 -46.01 -37.49 -49.99
CA VAL E 243 -45.10 -37.05 -48.94
C VAL E 243 -45.82 -36.78 -47.62
N LYS E 244 -47.14 -36.75 -47.67
CA LYS E 244 -47.94 -36.46 -46.49
C LYS E 244 -47.60 -37.33 -45.26
N PRO E 245 -47.22 -38.60 -45.46
CA PRO E 245 -46.89 -39.43 -44.29
C PRO E 245 -45.63 -38.99 -43.56
N LEU E 246 -44.66 -38.42 -44.27
CA LEU E 246 -43.44 -37.99 -43.61
C LEU E 246 -43.69 -36.68 -42.87
N ALA E 247 -44.55 -35.83 -43.43
CA ALA E 247 -44.86 -34.56 -42.79
C ALA E 247 -45.68 -34.82 -41.53
N GLU E 248 -46.45 -35.90 -41.55
CA GLU E 248 -47.28 -36.23 -40.39
C GLU E 248 -46.35 -36.76 -39.30
N GLN E 249 -45.45 -37.65 -39.69
CA GLN E 249 -44.52 -38.18 -38.71
C GLN E 249 -43.75 -37.03 -38.07
N ILE E 250 -43.26 -36.12 -38.88
CA ILE E 250 -42.51 -34.99 -38.35
C ILE E 250 -43.35 -34.13 -37.41
N ALA E 251 -44.56 -33.81 -37.80
CA ALA E 251 -45.41 -32.99 -36.95
C ALA E 251 -45.70 -33.69 -35.62
N ILE E 252 -46.05 -34.97 -35.67
CA ILE E 252 -46.34 -35.71 -34.45
C ILE E 252 -45.15 -35.60 -33.50
N THR E 253 -43.95 -35.85 -34.04
CA THR E 253 -42.73 -35.79 -33.26
C THR E 253 -42.43 -34.39 -32.76
N ALA E 254 -42.79 -33.38 -33.55
CA ALA E 254 -42.56 -32.00 -33.17
C ALA E 254 -43.56 -31.64 -32.09
N GLY E 255 -44.57 -32.50 -31.91
CA GLY E 255 -45.59 -32.26 -30.91
C GLY E 255 -46.82 -31.52 -31.45
N CYS E 256 -46.96 -31.51 -32.78
CA CYS E 256 -48.05 -30.82 -33.45
C CYS E 256 -49.22 -31.70 -33.84
N LYS E 257 -50.37 -31.09 -34.12
CA LYS E 257 -51.52 -31.88 -34.55
C LYS E 257 -51.37 -32.18 -36.03
N THR E 258 -52.28 -32.97 -36.57
CA THR E 258 -52.21 -33.33 -37.99
C THR E 258 -53.58 -33.11 -38.63
N THR E 259 -54.34 -32.20 -38.04
CA THR E 259 -55.67 -31.90 -38.52
C THR E 259 -55.71 -31.52 -39.99
N THR E 260 -54.90 -30.57 -40.41
CA THR E 260 -54.87 -30.15 -41.81
C THR E 260 -53.45 -29.85 -42.23
N SER E 261 -53.21 -29.68 -43.53
CA SER E 261 -51.87 -29.36 -43.95
C SER E 261 -51.54 -27.98 -43.38
N ALA E 262 -52.52 -27.07 -43.49
CA ALA E 262 -52.34 -25.72 -42.97
C ALA E 262 -52.03 -25.73 -41.47
N VAL E 263 -52.67 -26.62 -40.70
CA VAL E 263 -52.41 -26.68 -39.26
C VAL E 263 -50.98 -27.10 -38.90
N MET E 264 -50.54 -28.25 -39.40
CA MET E 264 -49.17 -28.72 -39.15
C MET E 264 -48.19 -27.60 -39.39
N VAL E 265 -48.17 -27.13 -40.64
CA VAL E 265 -47.28 -26.05 -41.04
C VAL E 265 -47.27 -24.95 -40.01
N HIS E 266 -48.46 -24.46 -39.68
CA HIS E 266 -48.59 -23.38 -38.71
C HIS E 266 -47.95 -23.71 -37.36
N CYS E 267 -48.26 -24.90 -36.82
CA CYS E 267 -47.73 -25.31 -35.53
C CYS E 267 -46.21 -25.50 -35.53
N LEU E 268 -45.71 -26.17 -36.57
CA LEU E 268 -44.28 -26.37 -36.70
C LEU E 268 -43.60 -25.02 -36.84
N ARG E 269 -44.29 -24.08 -37.49
CA ARG E 269 -43.76 -22.75 -37.73
C ARG E 269 -43.75 -21.90 -36.45
N GLN E 270 -44.25 -22.48 -35.36
CA GLN E 270 -44.30 -21.79 -34.08
C GLN E 270 -43.37 -22.41 -33.07
N LYS E 271 -42.76 -23.55 -33.40
CA LYS E 271 -41.83 -24.20 -32.49
C LYS E 271 -40.48 -23.50 -32.55
N THR E 272 -39.66 -23.60 -31.51
CA THR E 272 -38.37 -22.91 -31.54
C THR E 272 -37.38 -23.59 -32.45
N GLU E 273 -36.24 -22.94 -32.66
CA GLU E 273 -35.19 -23.52 -33.48
C GLU E 273 -34.84 -24.84 -32.80
N GLU E 274 -34.59 -24.75 -31.51
CA GLU E 274 -34.22 -25.91 -30.70
C GLU E 274 -35.24 -27.04 -30.76
N GLU E 275 -36.51 -26.71 -30.61
CA GLU E 275 -37.55 -27.74 -30.63
C GLU E 275 -37.51 -28.48 -31.95
N LEU E 276 -37.12 -27.79 -33.02
CA LEU E 276 -37.03 -28.41 -34.34
C LEU E 276 -35.75 -29.24 -34.46
N LEU E 277 -34.65 -28.73 -33.93
CA LEU E 277 -33.41 -29.48 -34.00
C LEU E 277 -33.66 -30.82 -33.29
N GLU E 278 -34.27 -30.77 -32.10
CA GLU E 278 -34.58 -31.96 -31.33
C GLU E 278 -35.41 -32.97 -32.11
N THR E 279 -36.29 -32.46 -32.96
CA THR E 279 -37.13 -33.31 -33.78
C THR E 279 -36.21 -34.03 -34.77
N THR E 280 -35.30 -33.28 -35.36
CA THR E 280 -34.34 -33.83 -36.32
C THR E 280 -33.58 -34.95 -35.65
N LEU E 281 -33.20 -34.73 -34.39
CA LEU E 281 -32.45 -35.73 -33.65
C LEU E 281 -33.31 -36.93 -33.36
N LYS E 282 -34.49 -36.71 -32.79
CA LYS E 282 -35.39 -37.83 -32.50
C LYS E 282 -35.72 -38.68 -33.74
N MET E 283 -35.88 -38.02 -34.90
CA MET E 283 -36.18 -38.74 -36.14
C MET E 283 -34.99 -39.60 -36.52
N LYS E 284 -33.85 -39.27 -35.95
CA LYS E 284 -32.62 -40.02 -36.21
C LYS E 284 -32.40 -40.20 -37.71
N PHE E 285 -32.45 -39.09 -38.44
CA PHE E 285 -32.25 -39.10 -39.88
C PHE E 285 -30.83 -39.53 -40.24
N LEU E 286 -30.62 -39.78 -41.52
CA LEU E 286 -29.32 -40.15 -42.02
C LEU E 286 -28.65 -41.34 -41.33
N SER E 287 -29.45 -42.33 -40.97
CA SER E 287 -28.92 -43.53 -40.34
C SER E 287 -29.72 -44.69 -40.89
N LEU E 288 -29.07 -45.82 -41.11
CA LEU E 288 -29.80 -46.97 -41.63
C LEU E 288 -30.71 -47.50 -40.54
N ASP E 289 -32.01 -47.51 -40.82
CA ASP E 289 -33.03 -47.98 -39.89
C ASP E 289 -33.03 -49.51 -39.88
N LEU E 290 -32.37 -50.06 -38.86
CA LEU E 290 -32.26 -51.50 -38.68
C LEU E 290 -33.55 -52.14 -38.21
N GLN E 291 -34.46 -51.33 -37.69
CA GLN E 291 -35.72 -51.86 -37.21
C GLN E 291 -36.93 -51.43 -38.03
N GLY E 292 -37.91 -52.32 -38.08
CA GLY E 292 -39.14 -52.05 -38.79
C GLY E 292 -39.15 -52.53 -40.23
N ASP E 293 -40.07 -51.98 -41.00
CA ASP E 293 -40.20 -52.29 -42.40
C ASP E 293 -39.32 -51.32 -43.16
N PRO E 294 -38.28 -51.83 -43.84
CA PRO E 294 -37.38 -50.98 -44.60
C PRO E 294 -38.10 -49.90 -45.40
N ARG E 295 -39.11 -50.33 -46.14
CA ARG E 295 -39.89 -49.43 -47.00
C ARG E 295 -40.40 -48.13 -46.39
N GLU E 296 -40.58 -48.08 -45.07
CA GLU E 296 -41.07 -46.87 -44.46
C GLU E 296 -40.01 -45.92 -43.93
N SER E 297 -38.87 -46.45 -43.47
CA SER E 297 -37.81 -45.60 -42.94
C SER E 297 -37.39 -44.48 -43.89
N GLN E 298 -37.44 -43.24 -43.40
CA GLN E 298 -37.05 -42.06 -44.19
C GLN E 298 -35.73 -41.55 -43.65
N PRO E 299 -34.61 -41.85 -44.33
CA PRO E 299 -33.29 -41.40 -43.90
C PRO E 299 -32.98 -39.95 -44.19
N LEU E 300 -33.71 -39.38 -45.14
CA LEU E 300 -33.53 -37.98 -45.56
C LEU E 300 -34.84 -37.25 -45.80
N LEU E 301 -34.80 -35.94 -45.65
CA LEU E 301 -35.95 -35.09 -45.91
C LEU E 301 -35.47 -34.34 -47.16
N GLY E 302 -35.76 -34.86 -48.35
CA GLY E 302 -35.25 -34.22 -49.54
C GLY E 302 -36.10 -33.44 -50.52
N THR E 303 -35.69 -33.50 -51.78
CA THR E 303 -36.38 -32.83 -52.88
C THR E 303 -37.74 -33.45 -53.11
N VAL E 304 -38.67 -32.67 -53.65
CA VAL E 304 -40.01 -33.16 -53.95
C VAL E 304 -40.47 -32.45 -55.22
N ILE E 305 -41.51 -33.00 -55.83
CA ILE E 305 -42.09 -32.44 -57.03
C ILE E 305 -43.07 -31.33 -56.61
N ASP E 306 -42.53 -30.23 -56.10
CA ASP E 306 -43.34 -29.11 -55.60
C ASP E 306 -44.32 -28.48 -56.60
N GLY E 307 -43.90 -28.36 -57.85
CA GLY E 307 -44.75 -27.76 -58.86
C GLY E 307 -44.26 -26.38 -59.29
N MET E 308 -43.27 -25.84 -58.58
CA MET E 308 -42.70 -24.53 -58.90
C MET E 308 -41.29 -24.71 -59.44
N LEU E 309 -40.48 -25.45 -58.67
CA LEU E 309 -39.10 -25.75 -59.04
C LEU E 309 -39.14 -26.92 -60.01
N LEU E 310 -39.76 -28.01 -59.58
CA LEU E 310 -39.89 -29.20 -60.41
C LEU E 310 -41.35 -29.47 -60.79
N LEU E 311 -41.66 -29.46 -62.08
CA LEU E 311 -43.03 -29.68 -62.51
C LEU E 311 -43.43 -31.13 -62.72
N LYS E 312 -42.46 -31.98 -63.01
CA LYS E 312 -42.70 -33.41 -63.20
C LYS E 312 -41.54 -34.14 -62.54
N THR E 313 -41.51 -35.47 -62.59
CA THR E 313 -40.39 -36.17 -61.97
C THR E 313 -39.12 -35.94 -62.78
N PRO E 314 -37.96 -35.97 -62.13
CA PRO E 314 -36.69 -35.76 -62.83
C PRO E 314 -36.66 -36.52 -64.15
N GLU E 315 -37.08 -37.78 -64.10
CA GLU E 315 -37.10 -38.66 -65.26
C GLU E 315 -37.93 -38.12 -66.43
N GLU E 316 -39.11 -37.61 -66.11
CA GLU E 316 -40.00 -37.05 -67.12
C GLU E 316 -39.43 -35.78 -67.74
N LEU E 317 -38.73 -34.99 -66.93
CA LEU E 317 -38.16 -33.73 -67.39
C LEU E 317 -36.99 -33.90 -68.34
N GLN E 318 -36.33 -35.05 -68.26
CA GLN E 318 -35.20 -35.34 -69.13
C GLN E 318 -35.66 -35.73 -70.53
N ALA E 319 -36.89 -36.22 -70.62
CA ALA E 319 -37.43 -36.63 -71.91
C ALA E 319 -37.63 -35.40 -72.78
N GLU E 320 -38.53 -34.52 -72.37
CA GLU E 320 -38.81 -33.31 -73.13
C GLU E 320 -37.50 -32.58 -73.41
N ARG E 321 -37.24 -32.25 -74.66
CA ARG E 321 -36.00 -31.58 -75.01
C ARG E 321 -36.16 -30.07 -75.12
N ASN E 322 -36.05 -29.39 -73.98
CA ASN E 322 -36.19 -27.94 -73.91
C ASN E 322 -35.17 -27.25 -74.82
N PHE E 323 -35.43 -25.98 -75.15
CA PHE E 323 -34.56 -25.22 -76.04
C PHE E 323 -33.43 -24.43 -75.39
N HIS E 324 -33.36 -24.45 -74.07
CA HIS E 324 -32.27 -23.76 -73.39
C HIS E 324 -31.42 -24.83 -72.73
N THR E 325 -30.23 -25.06 -73.28
CA THR E 325 -29.35 -26.09 -72.75
C THR E 325 -27.95 -25.54 -72.48
N VAL E 326 -27.20 -26.29 -71.68
CA VAL E 326 -25.85 -25.90 -71.33
C VAL E 326 -24.93 -27.12 -71.20
N PRO E 327 -23.60 -26.89 -71.24
CA PRO E 327 -22.65 -28.00 -71.11
C PRO E 327 -22.72 -28.57 -69.70
N TYR E 328 -23.01 -29.85 -69.61
CA TYR E 328 -23.12 -30.53 -68.33
C TYR E 328 -22.01 -31.56 -68.19
N MET E 329 -21.33 -31.52 -67.05
CA MET E 329 -20.27 -32.48 -66.70
C MET E 329 -20.83 -33.34 -65.58
N VAL E 330 -20.77 -34.66 -65.74
CA VAL E 330 -21.29 -35.57 -64.73
C VAL E 330 -20.22 -36.60 -64.40
N GLY E 331 -19.89 -36.73 -63.13
CA GLY E 331 -18.87 -37.69 -62.74
C GLY E 331 -19.11 -38.44 -61.44
N ILE E 332 -18.38 -39.54 -61.30
CA ILE E 332 -18.48 -40.40 -60.14
C ILE E 332 -17.08 -40.80 -59.70
N ASN E 333 -17.00 -41.52 -58.57
CA ASN E 333 -15.75 -41.99 -58.06
C ASN E 333 -15.75 -43.51 -58.14
N LYS E 334 -14.57 -44.11 -58.03
CA LYS E 334 -14.45 -45.56 -58.14
C LYS E 334 -15.15 -46.35 -57.02
N GLN E 335 -15.24 -45.77 -55.83
CA GLN E 335 -15.87 -46.48 -54.72
C GLN E 335 -16.83 -45.61 -53.93
N GLU E 336 -17.85 -45.11 -54.62
CA GLU E 336 -18.83 -44.25 -53.98
C GLU E 336 -19.27 -44.67 -52.59
N PHE E 337 -19.54 -45.95 -52.40
CA PHE E 337 -20.00 -46.45 -51.11
C PHE E 337 -18.87 -47.17 -50.38
N GLY E 338 -17.64 -46.78 -50.70
CA GLY E 338 -16.48 -47.40 -50.11
C GLY E 338 -16.37 -47.38 -48.61
N TRP E 339 -16.29 -46.17 -48.05
CA TRP E 339 -16.14 -46.01 -46.61
C TRP E 339 -16.94 -44.87 -45.99
N LEU E 340 -16.67 -43.65 -46.42
CA LEU E 340 -17.34 -42.45 -45.90
C LEU E 340 -18.83 -42.61 -45.62
N ILE E 341 -19.60 -42.77 -46.69
CA ILE E 341 -21.04 -42.91 -46.54
C ILE E 341 -21.49 -43.97 -45.53
N PRO E 342 -21.26 -45.26 -45.81
CA PRO E 342 -21.72 -46.23 -44.82
C PRO E 342 -21.17 -46.03 -43.40
N MET E 343 -19.97 -45.47 -43.30
CA MET E 343 -19.33 -45.22 -41.99
C MET E 343 -20.14 -44.21 -41.21
N LEU E 344 -20.60 -43.20 -41.93
CA LEU E 344 -21.36 -42.14 -41.32
C LEU E 344 -22.86 -42.45 -41.20
N MET E 345 -23.29 -43.59 -41.72
CA MET E 345 -24.69 -43.94 -41.61
C MET E 345 -24.88 -45.13 -40.69
N SER E 346 -23.80 -45.49 -39.99
CA SER E 346 -23.82 -46.60 -39.04
C SER E 346 -24.22 -47.92 -39.70
N TYR E 347 -23.61 -48.22 -40.83
CA TYR E 347 -23.93 -49.44 -41.55
C TYR E 347 -23.53 -50.69 -40.73
N PRO E 348 -24.42 -51.68 -40.66
CA PRO E 348 -24.27 -52.96 -39.95
C PRO E 348 -23.28 -53.89 -40.65
N LEU E 349 -22.40 -53.32 -41.46
CA LEU E 349 -21.40 -54.07 -42.19
C LEU E 349 -20.14 -53.91 -41.34
N SER E 350 -19.93 -54.83 -40.39
CA SER E 350 -18.79 -54.73 -39.50
C SER E 350 -17.82 -55.92 -39.50
N GLU E 351 -18.29 -57.09 -39.91
CA GLU E 351 -17.40 -58.25 -39.92
C GLU E 351 -16.60 -58.34 -41.20
N GLY E 352 -16.63 -57.27 -41.98
CA GLY E 352 -15.88 -57.22 -43.23
C GLY E 352 -16.16 -58.35 -44.20
N GLN E 353 -16.90 -59.36 -43.74
CA GLN E 353 -17.23 -60.50 -44.59
C GLN E 353 -18.69 -60.44 -44.97
N LEU E 354 -19.12 -61.35 -45.83
CA LEU E 354 -20.50 -61.35 -46.26
C LEU E 354 -20.84 -62.53 -47.14
N ASP E 355 -21.92 -63.22 -46.80
CA ASP E 355 -22.40 -64.36 -47.55
C ASP E 355 -23.68 -63.93 -48.25
N GLN E 356 -24.05 -64.67 -49.29
CA GLN E 356 -25.26 -64.38 -50.05
C GLN E 356 -26.45 -64.04 -49.16
N LYS E 357 -26.70 -64.87 -48.15
CA LYS E 357 -27.82 -64.67 -47.24
C LYS E 357 -27.77 -63.37 -46.45
N THR E 358 -26.60 -63.06 -45.91
CA THR E 358 -26.44 -61.85 -45.12
C THR E 358 -26.54 -60.62 -46.02
N ALA E 359 -26.05 -60.74 -47.25
CA ALA E 359 -26.10 -59.65 -48.21
C ALA E 359 -27.57 -59.35 -48.48
N MET E 360 -28.32 -60.38 -48.85
CA MET E 360 -29.73 -60.18 -49.12
C MET E 360 -30.43 -59.45 -47.99
N SER E 361 -30.10 -59.79 -46.76
CA SER E 361 -30.72 -59.14 -45.61
C SER E 361 -30.30 -57.68 -45.55
N LEU E 362 -29.03 -57.43 -45.85
CA LEU E 362 -28.53 -56.07 -45.82
C LEU E 362 -29.10 -55.22 -46.93
N LEU E 363 -29.32 -55.83 -48.09
CA LEU E 363 -29.84 -55.06 -49.21
C LEU E 363 -31.25 -54.59 -48.92
N TRP E 364 -32.08 -55.49 -48.38
CA TRP E 364 -33.46 -55.16 -48.06
C TRP E 364 -33.59 -53.93 -47.14
N LYS E 365 -32.84 -53.93 -46.04
CA LYS E 365 -32.86 -52.81 -45.10
C LYS E 365 -32.40 -51.55 -45.83
N SER E 366 -31.70 -51.73 -46.94
CA SER E 366 -31.18 -50.61 -47.71
C SER E 366 -32.21 -50.00 -48.62
N TYR E 367 -33.46 -50.46 -48.50
CA TYR E 367 -34.53 -49.97 -49.35
C TYR E 367 -34.52 -48.45 -49.48
N PRO E 368 -34.34 -47.73 -48.36
CA PRO E 368 -34.32 -46.28 -48.48
C PRO E 368 -33.22 -45.75 -49.40
N LEU E 369 -32.13 -46.49 -49.56
CA LEU E 369 -31.03 -46.05 -50.41
C LEU E 369 -31.08 -46.58 -51.84
N VAL E 370 -31.30 -47.89 -52.00
CA VAL E 370 -31.34 -48.51 -53.32
C VAL E 370 -32.73 -48.68 -53.93
N CYS E 371 -33.77 -48.64 -53.09
CA CYS E 371 -35.16 -48.82 -53.56
C CYS E 371 -35.38 -50.14 -54.30
N ILE E 372 -34.63 -51.19 -53.96
CA ILE E 372 -34.79 -52.47 -54.65
C ILE E 372 -35.86 -53.32 -53.98
N ALA E 373 -36.92 -53.64 -54.73
CA ALA E 373 -38.03 -54.45 -54.22
C ALA E 373 -37.53 -55.75 -53.61
N LYS E 374 -38.23 -56.22 -52.58
CA LYS E 374 -37.85 -57.46 -51.90
C LYS E 374 -37.80 -58.64 -52.85
N GLU E 375 -38.74 -58.66 -53.79
CA GLU E 375 -38.85 -59.74 -54.76
C GLU E 375 -37.66 -59.82 -55.70
N LEU E 376 -37.01 -58.68 -55.92
CA LEU E 376 -35.86 -58.62 -56.82
C LEU E 376 -34.50 -58.74 -56.12
N ILE E 377 -34.48 -58.69 -54.80
CA ILE E 377 -33.20 -58.76 -54.07
C ILE E 377 -32.29 -59.91 -54.51
N PRO E 378 -32.83 -61.13 -54.63
CA PRO E 378 -31.99 -62.26 -55.04
C PRO E 378 -31.29 -62.03 -56.38
N GLU E 379 -32.05 -61.67 -57.42
CA GLU E 379 -31.45 -61.41 -58.73
C GLU E 379 -30.28 -60.45 -58.60
N ALA E 380 -30.54 -59.31 -57.97
CA ALA E 380 -29.51 -58.30 -57.76
C ALA E 380 -28.35 -58.91 -57.02
N THR E 381 -28.62 -59.50 -55.86
CA THR E 381 -27.58 -60.10 -55.03
C THR E 381 -26.77 -61.20 -55.73
N GLU E 382 -27.43 -62.04 -56.53
CA GLU E 382 -26.72 -63.10 -57.23
C GLU E 382 -25.92 -62.54 -58.40
N LYS E 383 -26.52 -61.58 -59.10
CA LYS E 383 -25.89 -60.94 -60.25
C LYS E 383 -24.59 -60.27 -59.88
N TYR E 384 -24.42 -59.95 -58.60
CA TYR E 384 -23.21 -59.27 -58.12
C TYR E 384 -22.23 -60.08 -57.28
N LEU E 385 -22.72 -60.99 -56.44
CA LEU E 385 -21.80 -61.75 -55.60
C LEU E 385 -21.64 -63.21 -56.01
N GLY E 386 -22.45 -63.63 -56.98
CA GLY E 386 -22.36 -65.00 -57.44
C GLY E 386 -21.08 -65.29 -58.21
N GLY E 387 -20.32 -64.24 -58.50
CA GLY E 387 -19.07 -64.41 -59.24
C GLY E 387 -18.02 -65.18 -58.48
N THR E 388 -17.50 -64.58 -57.41
CA THR E 388 -16.46 -65.22 -56.61
C THR E 388 -17.08 -66.21 -55.64
N ASP E 389 -16.27 -66.71 -54.72
CA ASP E 389 -16.74 -67.67 -53.75
C ASP E 389 -16.44 -67.29 -52.31
N ASP E 390 -15.50 -66.38 -52.11
CA ASP E 390 -15.12 -65.97 -50.75
C ASP E 390 -15.88 -64.76 -50.22
N THR E 391 -16.25 -64.82 -48.95
CA THR E 391 -17.00 -63.75 -48.29
C THR E 391 -16.28 -62.40 -48.27
N VAL E 392 -15.06 -62.34 -48.82
CA VAL E 392 -14.33 -61.08 -48.84
C VAL E 392 -14.66 -60.31 -50.11
N LYS E 393 -14.48 -60.97 -51.26
CA LYS E 393 -14.80 -60.35 -52.54
C LYS E 393 -16.30 -60.14 -52.61
N LYS E 394 -17.05 -61.05 -52.01
CA LYS E 394 -18.50 -60.91 -52.01
C LYS E 394 -18.88 -59.58 -51.36
N LYS E 395 -18.22 -59.24 -50.27
CA LYS E 395 -18.52 -57.99 -49.60
C LYS E 395 -18.17 -56.78 -50.47
N ASP E 396 -17.00 -56.81 -51.10
CA ASP E 396 -16.58 -55.71 -51.97
C ASP E 396 -17.62 -55.46 -53.07
N LEU E 397 -18.11 -56.57 -53.63
CA LEU E 397 -19.10 -56.51 -54.69
C LEU E 397 -20.43 -55.96 -54.16
N PHE E 398 -20.70 -56.18 -52.87
CA PHE E 398 -21.94 -55.69 -52.27
C PHE E 398 -21.85 -54.17 -52.16
N LEU E 399 -20.67 -53.66 -51.83
CA LEU E 399 -20.52 -52.21 -51.76
C LEU E 399 -20.55 -51.61 -53.16
N ASP E 400 -20.35 -52.46 -54.18
CA ASP E 400 -20.38 -52.04 -55.57
C ASP E 400 -21.81 -51.96 -56.07
N LEU E 401 -22.63 -52.86 -55.57
CA LEU E 401 -24.03 -52.90 -55.95
C LEU E 401 -24.65 -51.57 -55.50
N ILE E 402 -24.56 -51.28 -54.20
CA ILE E 402 -25.09 -50.05 -53.64
C ILE E 402 -24.61 -48.82 -54.44
N ALA E 403 -23.30 -48.72 -54.59
CA ALA E 403 -22.71 -47.60 -55.32
C ALA E 403 -23.30 -47.42 -56.71
N ASP E 404 -23.51 -48.51 -57.43
CA ASP E 404 -24.06 -48.43 -58.77
C ASP E 404 -25.50 -47.98 -58.74
N VAL E 405 -26.23 -48.45 -57.75
CA VAL E 405 -27.63 -48.06 -57.63
C VAL E 405 -27.74 -46.60 -57.22
N MET E 406 -26.83 -46.17 -56.35
CA MET E 406 -26.87 -44.79 -55.86
C MET E 406 -26.29 -43.69 -56.76
N PHE E 407 -25.14 -43.95 -57.38
CA PHE E 407 -24.53 -42.94 -58.22
C PHE E 407 -24.15 -43.45 -59.59
N GLY E 408 -23.56 -44.64 -59.60
CA GLY E 408 -23.15 -45.22 -60.86
C GLY E 408 -24.18 -45.08 -61.95
N VAL E 409 -25.21 -45.92 -61.91
CA VAL E 409 -26.24 -45.88 -62.93
C VAL E 409 -26.98 -44.55 -63.00
N PRO E 410 -27.52 -44.08 -61.87
CA PRO E 410 -28.22 -42.79 -62.04
C PRO E 410 -27.40 -41.78 -62.83
N SER E 411 -26.15 -41.60 -62.46
CA SER E 411 -25.29 -40.65 -63.13
C SER E 411 -25.26 -40.82 -64.65
N VAL E 412 -24.86 -42.01 -65.09
CA VAL E 412 -24.75 -42.32 -66.50
C VAL E 412 -26.06 -42.17 -67.25
N ILE E 413 -27.17 -42.43 -66.58
CA ILE E 413 -28.45 -42.24 -67.25
C ILE E 413 -28.68 -40.76 -67.50
N VAL E 414 -28.28 -39.95 -66.53
CA VAL E 414 -28.43 -38.49 -66.63
C VAL E 414 -27.53 -37.92 -67.73
N ALA E 415 -26.31 -38.44 -67.81
CA ALA E 415 -25.37 -37.99 -68.83
C ALA E 415 -25.87 -38.29 -70.24
N ARG E 416 -26.33 -39.52 -70.45
CA ARG E 416 -26.83 -39.94 -71.77
C ARG E 416 -28.00 -39.11 -72.28
N ASN E 417 -28.95 -38.84 -71.38
CA ASN E 417 -30.12 -38.06 -71.71
C ASN E 417 -29.75 -36.64 -72.07
N HIS E 418 -28.74 -36.10 -71.40
CA HIS E 418 -28.29 -34.76 -71.68
C HIS E 418 -27.70 -34.79 -73.09
N ARG E 419 -26.88 -35.79 -73.35
CA ARG E 419 -26.26 -35.97 -74.66
C ARG E 419 -27.33 -36.02 -75.76
N ASP E 420 -28.31 -36.90 -75.59
CA ASP E 420 -29.38 -37.07 -76.57
C ASP E 420 -30.29 -35.85 -76.71
N ALA E 421 -30.08 -34.86 -75.84
CA ALA E 421 -30.87 -33.65 -75.89
C ALA E 421 -30.18 -32.60 -76.75
N GLY E 422 -28.90 -32.85 -77.07
CA GLY E 422 -28.17 -31.93 -77.93
C GLY E 422 -27.13 -31.05 -77.28
N ALA E 423 -26.95 -31.13 -75.98
CA ALA E 423 -25.96 -30.29 -75.34
C ALA E 423 -24.69 -31.07 -75.05
N PRO E 424 -23.56 -30.36 -74.87
CA PRO E 424 -22.23 -30.93 -74.58
C PRO E 424 -22.18 -31.61 -73.20
N THR E 425 -21.91 -32.91 -73.22
CA THR E 425 -21.85 -33.72 -72.00
C THR E 425 -20.47 -34.36 -71.84
N TYR E 426 -20.04 -34.48 -70.60
CA TYR E 426 -18.73 -35.07 -70.29
C TYR E 426 -18.84 -35.89 -69.00
N MET E 427 -18.08 -36.99 -68.93
CA MET E 427 -18.08 -37.81 -67.73
C MET E 427 -16.66 -38.13 -67.31
N TYR E 428 -16.52 -38.58 -66.06
CA TYR E 428 -15.23 -38.99 -65.51
C TYR E 428 -15.48 -39.92 -64.34
N GLU E 429 -14.46 -40.70 -64.01
CA GLU E 429 -14.52 -41.64 -62.89
C GLU E 429 -13.23 -41.35 -62.15
N PHE E 430 -13.35 -40.80 -60.95
CA PHE E 430 -12.19 -40.45 -60.16
C PHE E 430 -11.72 -41.65 -59.34
N GLN E 431 -10.46 -42.03 -59.55
CA GLN E 431 -9.86 -43.17 -58.89
C GLN E 431 -8.52 -42.78 -58.26
N TYR E 432 -8.54 -42.41 -56.97
CA TYR E 432 -7.33 -42.01 -56.27
C TYR E 432 -7.58 -41.93 -54.75
N ARG E 433 -6.56 -42.19 -53.95
CA ARG E 433 -6.73 -42.10 -52.50
C ARG E 433 -5.93 -40.92 -51.97
N PRO E 434 -6.57 -39.76 -51.81
CA PRO E 434 -5.88 -38.57 -51.30
C PRO E 434 -5.19 -38.82 -49.96
N SER E 435 -4.05 -38.17 -49.77
CA SER E 435 -3.26 -38.29 -48.56
C SER E 435 -4.01 -37.68 -47.40
N PHE E 436 -4.97 -36.83 -47.75
CA PHE E 436 -5.77 -36.13 -46.74
C PHE E 436 -6.91 -36.98 -46.19
N SER E 437 -6.89 -38.27 -46.48
CA SER E 437 -7.93 -39.17 -45.99
C SER E 437 -7.91 -39.24 -44.48
N SER E 438 -8.97 -39.80 -43.93
CA SER E 438 -9.15 -39.98 -42.49
C SER E 438 -8.33 -41.18 -41.95
N ASP E 439 -7.62 -40.95 -40.86
CA ASP E 439 -6.82 -42.01 -40.24
C ASP E 439 -7.57 -43.34 -40.16
N MET E 440 -8.86 -43.24 -39.84
CA MET E 440 -9.74 -44.41 -39.70
C MET E 440 -10.15 -45.03 -41.03
N LYS E 441 -9.79 -44.38 -42.13
CA LYS E 441 -10.15 -44.89 -43.45
C LYS E 441 -9.03 -45.86 -43.82
N PRO E 442 -9.37 -47.14 -44.07
CA PRO E 442 -8.31 -48.08 -44.42
C PRO E 442 -7.66 -47.74 -45.77
N LYS E 443 -6.35 -47.92 -45.84
CA LYS E 443 -5.59 -47.60 -47.06
C LYS E 443 -6.08 -48.31 -48.32
N THR E 444 -6.85 -49.38 -48.17
CA THR E 444 -7.34 -50.13 -49.33
C THR E 444 -8.43 -49.45 -50.15
N VAL E 445 -9.15 -48.50 -49.57
CA VAL E 445 -10.21 -47.84 -50.32
C VAL E 445 -9.69 -46.74 -51.24
N ILE E 446 -9.97 -46.85 -52.53
CA ILE E 446 -9.53 -45.84 -53.47
C ILE E 446 -10.69 -45.25 -54.24
N GLY E 447 -10.83 -43.93 -54.21
CA GLY E 447 -11.93 -43.30 -54.91
C GLY E 447 -13.21 -43.38 -54.11
N ASP E 448 -13.05 -43.20 -52.80
CA ASP E 448 -14.17 -43.22 -51.85
C ASP E 448 -14.99 -41.98 -52.19
N HIS E 449 -16.15 -41.86 -51.55
CA HIS E 449 -17.02 -40.73 -51.81
C HIS E 449 -16.37 -39.43 -51.36
N GLY E 450 -16.37 -38.43 -52.24
CA GLY E 450 -15.81 -37.14 -51.90
C GLY E 450 -14.31 -37.00 -52.04
N ASP E 451 -13.62 -38.09 -52.41
CA ASP E 451 -12.18 -38.02 -52.58
C ASP E 451 -11.70 -37.08 -53.66
N GLU E 452 -12.58 -36.67 -54.57
CA GLU E 452 -12.15 -35.78 -55.63
C GLU E 452 -12.04 -34.36 -55.09
N LEU E 453 -12.82 -34.05 -54.07
CA LEU E 453 -12.84 -32.70 -53.48
C LEU E 453 -11.46 -32.08 -53.24
N PHE E 454 -10.54 -32.86 -52.68
CA PHE E 454 -9.20 -32.35 -52.40
C PHE E 454 -8.45 -31.91 -53.65
N SER E 455 -8.82 -32.46 -54.79
CA SER E 455 -8.15 -32.12 -56.03
C SER E 455 -8.81 -30.86 -56.63
N VAL E 456 -10.14 -30.82 -56.56
CA VAL E 456 -10.89 -29.70 -57.11
C VAL E 456 -10.69 -28.39 -56.37
N PHE E 457 -10.29 -28.48 -55.09
CA PHE E 457 -10.05 -27.27 -54.31
C PHE E 457 -8.59 -27.03 -53.91
N GLY E 458 -7.69 -27.86 -54.40
CA GLY E 458 -6.28 -27.69 -54.12
C GLY E 458 -5.72 -27.82 -52.70
N ALA E 459 -6.21 -28.82 -51.97
CA ALA E 459 -5.72 -29.06 -50.60
C ALA E 459 -4.20 -29.15 -50.62
N PRO E 460 -3.63 -29.69 -51.71
CA PRO E 460 -2.17 -29.76 -51.74
C PRO E 460 -1.49 -28.39 -51.64
N PHE E 461 -2.25 -27.34 -51.87
CA PHE E 461 -1.68 -26.00 -51.78
C PHE E 461 -2.05 -25.31 -50.48
N LEU E 462 -2.84 -25.98 -49.66
CA LEU E 462 -3.29 -25.44 -48.39
C LEU E 462 -2.92 -26.36 -47.23
N LYS E 463 -3.11 -27.67 -47.41
CA LYS E 463 -2.75 -28.65 -46.39
C LYS E 463 -1.30 -29.12 -46.60
N GLU E 464 -0.69 -29.62 -45.53
CA GLU E 464 0.71 -30.07 -45.60
C GLU E 464 0.91 -31.50 -46.09
N GLY E 465 2.15 -31.83 -46.40
CA GLY E 465 2.53 -33.17 -46.84
C GLY E 465 1.93 -33.85 -48.05
N ALA E 466 1.75 -33.13 -49.15
CA ALA E 466 1.21 -33.73 -50.36
C ALA E 466 2.38 -34.12 -51.25
N SER E 467 2.33 -35.33 -51.80
CA SER E 467 3.42 -35.76 -52.68
C SER E 467 3.34 -34.94 -53.97
N GLU E 468 4.41 -34.95 -54.75
CA GLU E 468 4.41 -34.21 -56.00
C GLU E 468 3.29 -34.72 -56.91
N GLU E 469 3.08 -36.03 -56.91
CA GLU E 469 2.05 -36.64 -57.72
C GLU E 469 0.64 -36.10 -57.39
N GLU E 470 0.36 -36.00 -56.09
CA GLU E 470 -0.92 -35.49 -55.62
C GLU E 470 -1.06 -34.03 -56.06
N ILE E 471 0.03 -33.30 -55.94
CA ILE E 471 0.09 -31.89 -56.32
C ILE E 471 -0.11 -31.73 -57.82
N ARG E 472 0.21 -32.76 -58.58
CA ARG E 472 0.03 -32.69 -60.01
C ARG E 472 -1.44 -32.92 -60.29
N LEU E 473 -1.98 -33.99 -59.72
CA LEU E 473 -3.37 -34.35 -59.94
C LEU E 473 -4.34 -33.21 -59.64
N SER E 474 -4.00 -32.40 -58.64
CA SER E 474 -4.84 -31.28 -58.23
C SER E 474 -4.77 -30.17 -59.26
N LYS E 475 -3.56 -29.86 -59.70
CA LYS E 475 -3.35 -28.81 -60.70
C LYS E 475 -4.12 -29.17 -61.96
N MET E 476 -4.10 -30.44 -62.31
CA MET E 476 -4.79 -30.90 -63.51
C MET E 476 -6.30 -30.83 -63.38
N VAL E 477 -6.81 -31.37 -62.28
CA VAL E 477 -8.25 -31.35 -62.02
C VAL E 477 -8.76 -29.90 -62.07
N MET E 478 -8.10 -29.01 -61.35
CA MET E 478 -8.51 -27.61 -61.30
C MET E 478 -8.53 -26.96 -62.68
N LYS E 479 -7.47 -27.18 -63.44
CA LYS E 479 -7.39 -26.62 -64.78
C LYS E 479 -8.54 -27.21 -65.62
N PHE E 480 -8.78 -28.51 -65.49
CA PHE E 480 -9.87 -29.13 -66.24
C PHE E 480 -11.19 -28.49 -65.90
N TRP E 481 -11.41 -28.26 -64.60
CA TRP E 481 -12.64 -27.65 -64.13
C TRP E 481 -12.74 -26.22 -64.64
N ALA E 482 -11.62 -25.50 -64.63
CA ALA E 482 -11.60 -24.11 -65.07
C ALA E 482 -11.80 -23.98 -66.58
N ASN E 483 -11.12 -24.82 -67.35
CA ASN E 483 -11.27 -24.76 -68.80
C ASN E 483 -12.75 -24.96 -69.13
N PHE E 484 -13.41 -25.78 -68.32
CA PHE E 484 -14.82 -26.05 -68.53
C PHE E 484 -15.63 -24.84 -68.10
N ALA E 485 -15.23 -24.25 -66.99
CA ALA E 485 -15.93 -23.10 -66.45
C ALA E 485 -15.98 -21.97 -67.46
N ARG E 486 -15.03 -21.95 -68.38
CA ARG E 486 -15.00 -20.87 -69.35
C ARG E 486 -15.03 -21.32 -70.79
N ASN E 487 -15.52 -22.52 -71.05
CA ASN E 487 -15.59 -23.00 -72.42
C ASN E 487 -16.70 -24.00 -72.68
N GLY E 488 -17.12 -24.70 -71.63
CA GLY E 488 -18.13 -25.73 -71.79
C GLY E 488 -17.37 -26.95 -72.28
N ASN E 489 -16.05 -26.81 -72.35
CA ASN E 489 -15.12 -27.85 -72.78
C ASN E 489 -13.94 -27.83 -71.80
N PRO E 490 -13.63 -28.96 -71.15
CA PRO E 490 -12.52 -28.99 -70.19
C PRO E 490 -11.12 -29.09 -70.79
N ASN E 491 -11.03 -29.45 -72.06
CA ASN E 491 -9.74 -29.60 -72.71
C ASN E 491 -8.87 -28.34 -72.79
N GLY E 492 -7.56 -28.52 -72.70
CA GLY E 492 -6.63 -27.42 -72.75
C GLY E 492 -5.18 -27.84 -72.88
N GLU E 493 -4.32 -26.89 -73.22
CA GLU E 493 -2.91 -27.16 -73.40
C GLU E 493 -2.23 -27.73 -72.14
N GLY E 494 -1.61 -28.89 -72.29
CA GLY E 494 -0.91 -29.53 -71.17
C GLY E 494 -1.76 -30.48 -70.35
N LEU E 495 -2.84 -30.97 -70.93
CA LEU E 495 -3.72 -31.87 -70.21
C LEU E 495 -4.07 -33.12 -71.02
N PRO E 496 -4.15 -34.27 -70.36
CA PRO E 496 -4.50 -35.49 -71.10
C PRO E 496 -5.81 -35.21 -71.82
N HIS E 497 -6.11 -35.95 -72.89
CA HIS E 497 -7.35 -35.65 -73.60
C HIS E 497 -8.63 -36.21 -73.01
N TRP E 498 -9.63 -35.35 -72.91
CA TRP E 498 -10.93 -35.72 -72.39
C TRP E 498 -11.91 -35.74 -73.56
N PRO E 499 -12.40 -36.92 -73.94
CA PRO E 499 -13.35 -36.98 -75.06
C PRO E 499 -14.75 -36.52 -74.65
N GLU E 500 -15.48 -35.95 -75.60
CA GLU E 500 -16.85 -35.50 -75.33
C GLU E 500 -17.67 -36.77 -75.16
N TYR E 501 -18.60 -36.78 -74.22
CA TYR E 501 -19.45 -37.95 -74.00
C TYR E 501 -20.58 -38.01 -75.04
N ASN E 502 -20.32 -38.65 -76.17
CA ASN E 502 -21.31 -38.79 -77.20
C ASN E 502 -21.71 -40.24 -77.37
N GLN E 503 -22.15 -40.64 -78.55
CA GLN E 503 -22.59 -42.01 -78.75
C GLN E 503 -21.53 -43.08 -78.43
N LYS E 504 -20.27 -42.67 -78.36
CA LYS E 504 -19.20 -43.61 -78.07
C LYS E 504 -19.07 -43.81 -76.55
N GLU E 505 -19.71 -42.89 -75.82
CA GLU E 505 -19.69 -42.93 -74.37
C GLU E 505 -18.28 -42.84 -73.83
N GLY E 506 -17.48 -41.99 -74.48
CA GLY E 506 -16.10 -41.78 -74.06
C GLY E 506 -16.07 -40.91 -72.81
N TYR E 507 -15.25 -41.28 -71.85
CA TYR E 507 -15.17 -40.52 -70.60
C TYR E 507 -13.74 -40.53 -70.11
N LEU E 508 -13.41 -39.59 -69.24
CA LEU E 508 -12.05 -39.50 -68.71
C LEU E 508 -11.93 -40.19 -67.37
N GLN E 509 -10.83 -40.94 -67.22
CA GLN E 509 -10.52 -41.66 -65.99
C GLN E 509 -9.48 -40.84 -65.28
N ILE E 510 -9.88 -40.14 -64.23
CA ILE E 510 -8.95 -39.30 -63.51
C ILE E 510 -8.33 -40.04 -62.32
N GLY E 511 -7.03 -39.86 -62.14
CA GLY E 511 -6.32 -40.50 -61.05
C GLY E 511 -4.83 -40.31 -61.22
N ALA E 512 -4.03 -41.26 -60.72
CA ALA E 512 -2.59 -41.15 -60.87
C ALA E 512 -2.34 -41.04 -62.37
N ASN E 513 -2.85 -42.03 -63.09
CA ASN E 513 -2.72 -42.05 -64.54
C ASN E 513 -4.07 -41.68 -65.16
N THR E 514 -4.08 -40.60 -65.93
CA THR E 514 -5.31 -40.12 -66.53
C THR E 514 -5.41 -40.33 -68.05
N GLN E 515 -6.54 -40.88 -68.50
CA GLN E 515 -6.76 -41.12 -69.92
C GLN E 515 -8.19 -41.58 -70.25
N ALA E 516 -8.62 -41.28 -71.47
CA ALA E 516 -9.95 -41.63 -71.94
C ALA E 516 -10.25 -43.13 -71.87
N ALA E 517 -11.54 -43.44 -71.96
CA ALA E 517 -12.05 -44.80 -71.91
C ALA E 517 -13.48 -44.71 -72.44
N GLN E 518 -14.18 -45.84 -72.53
CA GLN E 518 -15.55 -45.85 -73.05
C GLN E 518 -16.58 -46.74 -72.33
N LYS E 519 -17.85 -46.42 -72.56
CA LYS E 519 -18.98 -47.16 -72.01
C LYS E 519 -19.01 -47.30 -70.50
N LEU E 520 -18.60 -46.25 -69.79
CA LEU E 520 -18.61 -46.27 -68.33
C LEU E 520 -19.91 -46.87 -67.77
N LYS E 521 -19.79 -47.83 -66.86
CA LYS E 521 -20.92 -48.51 -66.23
C LYS E 521 -21.96 -48.97 -67.24
N ASP E 522 -21.54 -49.22 -68.47
CA ASP E 522 -22.47 -49.64 -69.51
C ASP E 522 -23.35 -50.84 -69.20
N LYS E 523 -22.72 -51.96 -68.85
CA LYS E 523 -23.44 -53.19 -68.54
C LYS E 523 -24.30 -53.02 -67.30
N GLU E 524 -23.79 -52.27 -66.33
CA GLU E 524 -24.52 -52.02 -65.09
C GLU E 524 -25.86 -51.34 -65.42
N VAL E 525 -25.77 -50.19 -66.09
CA VAL E 525 -26.94 -49.42 -66.50
C VAL E 525 -27.94 -50.37 -67.16
N ALA E 526 -27.41 -51.38 -67.85
CA ALA E 526 -28.26 -52.34 -68.54
C ALA E 526 -28.96 -53.27 -67.56
N PHE E 527 -28.17 -53.98 -66.76
CA PHE E 527 -28.72 -54.93 -65.81
C PHE E 527 -29.77 -54.30 -64.89
N TRP E 528 -29.55 -53.04 -64.53
CA TRP E 528 -30.46 -52.36 -63.61
C TRP E 528 -31.74 -51.82 -64.25
N THR E 529 -31.63 -51.22 -65.43
CA THR E 529 -32.80 -50.69 -66.10
C THR E 529 -33.84 -51.81 -66.30
N ASN E 530 -33.38 -52.97 -66.76
CA ASN E 530 -34.27 -54.10 -66.98
C ASN E 530 -34.88 -54.61 -65.67
N LEU E 531 -34.02 -55.10 -64.77
CA LEU E 531 -34.47 -55.59 -63.48
C LEU E 531 -35.46 -54.64 -62.80
N PHE E 532 -35.21 -53.34 -62.91
CA PHE E 532 -36.07 -52.35 -62.28
C PHE E 532 -37.43 -52.26 -62.95
N ALA E 533 -37.58 -52.88 -64.11
CA ALA E 533 -38.86 -52.85 -64.80
C ALA E 533 -39.66 -54.16 -64.63
N LYS E 534 -39.34 -54.91 -63.57
CA LYS E 534 -40.03 -56.17 -63.29
C LYS E 534 -41.07 -56.03 -62.18
N SER F 4 -72.78 21.45 -27.42
CA SER F 4 -72.48 19.98 -27.42
C SER F 4 -71.01 19.75 -27.78
N PRO F 5 -70.50 18.53 -27.49
CA PRO F 5 -69.12 18.11 -27.74
C PRO F 5 -68.58 18.40 -29.13
N PRO F 6 -67.30 18.79 -29.21
CA PRO F 6 -66.62 19.09 -30.47
C PRO F 6 -66.30 17.81 -31.20
N VAL F 7 -66.56 17.80 -32.50
CA VAL F 7 -66.26 16.65 -33.32
C VAL F 7 -65.52 17.15 -34.55
N VAL F 8 -64.28 16.69 -34.72
CA VAL F 8 -63.46 17.09 -35.87
C VAL F 8 -63.32 15.94 -36.84
N ASP F 9 -63.37 16.26 -38.12
CA ASP F 9 -63.23 15.24 -39.13
C ASP F 9 -61.79 15.18 -39.61
N THR F 10 -61.07 14.17 -39.14
CA THR F 10 -59.67 13.97 -39.52
C THR F 10 -59.61 13.03 -40.71
N VAL F 11 -58.43 12.81 -41.26
CA VAL F 11 -58.33 11.93 -42.41
C VAL F 11 -58.79 10.50 -42.16
N HIS F 12 -58.46 9.95 -41.00
CA HIS F 12 -58.82 8.60 -40.66
C HIS F 12 -60.20 8.38 -40.05
N GLY F 13 -60.87 9.46 -39.69
CA GLY F 13 -62.19 9.33 -39.11
C GLY F 13 -62.53 10.51 -38.23
N LYS F 14 -63.73 10.52 -37.68
CA LYS F 14 -64.16 11.61 -36.83
C LYS F 14 -63.70 11.43 -35.39
N VAL F 15 -63.10 12.48 -34.84
CA VAL F 15 -62.64 12.44 -33.46
C VAL F 15 -63.58 13.29 -32.62
N LEU F 16 -63.80 12.85 -31.40
CA LEU F 16 -64.70 13.55 -30.48
C LEU F 16 -63.90 14.02 -29.28
N GLY F 17 -63.96 15.31 -29.00
CA GLY F 17 -63.23 15.84 -27.86
C GLY F 17 -64.14 16.35 -26.76
N LYS F 18 -63.72 17.44 -26.14
CA LYS F 18 -64.50 18.05 -25.08
C LYS F 18 -64.13 19.50 -24.94
N PHE F 19 -65.11 20.33 -24.58
CA PHE F 19 -64.90 21.75 -24.39
C PHE F 19 -64.53 22.09 -22.96
N VAL F 20 -63.48 22.89 -22.81
CA VAL F 20 -63.04 23.32 -21.50
C VAL F 20 -62.60 24.76 -21.58
N SER F 21 -63.32 25.64 -20.88
CA SER F 21 -62.97 27.05 -20.89
C SER F 21 -62.01 27.38 -19.75
N LEU F 22 -61.28 28.47 -19.91
CA LEU F 22 -60.33 28.88 -18.90
C LEU F 22 -60.66 30.30 -18.42
N GLU F 23 -60.44 30.52 -17.13
CA GLU F 23 -60.69 31.82 -16.51
C GLU F 23 -60.19 32.97 -17.37
N GLY F 24 -61.06 33.94 -17.61
CA GLY F 24 -60.64 35.07 -18.41
C GLY F 24 -60.72 34.77 -19.90
N PHE F 25 -61.43 33.70 -20.25
CA PHE F 25 -61.56 33.36 -21.65
C PHE F 25 -62.93 32.80 -22.00
N ALA F 26 -63.70 33.61 -22.73
CA ALA F 26 -65.04 33.26 -23.16
C ALA F 26 -64.99 32.02 -24.04
N GLN F 27 -64.08 32.03 -25.01
CA GLN F 27 -63.89 30.90 -25.93
C GLN F 27 -63.32 29.70 -25.15
N PRO F 28 -63.95 28.53 -25.30
CA PRO F 28 -63.43 27.36 -24.60
C PRO F 28 -62.42 26.68 -25.50
N VAL F 29 -61.39 26.10 -24.90
CA VAL F 29 -60.41 25.41 -25.68
C VAL F 29 -61.04 24.05 -25.97
N ALA F 30 -60.74 23.48 -27.13
CA ALA F 30 -61.26 22.17 -27.51
C ALA F 30 -60.15 21.16 -27.27
N ILE F 31 -60.34 20.28 -26.31
CA ILE F 31 -59.35 19.27 -25.96
C ILE F 31 -59.60 17.86 -26.52
N PHE F 32 -58.62 17.33 -27.25
CA PHE F 32 -58.74 15.99 -27.80
C PHE F 32 -57.66 15.12 -27.19
N LEU F 33 -58.08 14.19 -26.33
CA LEU F 33 -57.14 13.31 -25.65
C LEU F 33 -56.99 11.94 -26.32
N GLY F 34 -55.74 11.57 -26.63
CA GLY F 34 -55.46 10.29 -27.23
C GLY F 34 -55.72 10.02 -28.70
N ILE F 35 -55.32 10.93 -29.57
CA ILE F 35 -55.53 10.69 -31.01
C ILE F 35 -54.32 9.90 -31.48
N PRO F 36 -54.55 8.75 -32.16
CA PRO F 36 -53.47 7.91 -32.67
C PRO F 36 -52.91 8.40 -34.00
N PHE F 37 -51.59 8.44 -34.15
CA PHE F 37 -51.02 8.88 -35.42
C PHE F 37 -50.29 7.77 -36.16
N ALA F 38 -50.14 6.63 -35.48
CA ALA F 38 -49.47 5.48 -36.08
C ALA F 38 -50.11 4.16 -35.67
N LYS F 39 -49.83 3.12 -36.46
CA LYS F 39 -50.35 1.79 -36.17
C LYS F 39 -49.66 1.36 -34.88
N PRO F 40 -50.42 0.85 -33.89
CA PRO F 40 -49.78 0.43 -32.65
C PRO F 40 -48.58 -0.46 -32.96
N PRO F 41 -47.42 -0.12 -32.41
CA PRO F 41 -46.14 -0.83 -32.59
C PRO F 41 -46.03 -2.14 -31.81
N LEU F 42 -46.94 -3.06 -32.09
CA LEU F 42 -46.95 -4.35 -31.41
C LEU F 42 -46.34 -5.53 -32.16
N GLY F 43 -45.88 -6.51 -31.39
CA GLY F 43 -45.29 -7.71 -31.95
C GLY F 43 -44.27 -7.53 -33.06
N PRO F 44 -44.61 -7.94 -34.29
CA PRO F 44 -43.67 -7.81 -35.42
C PRO F 44 -43.30 -6.36 -35.75
N LEU F 45 -44.18 -5.42 -35.43
CA LEU F 45 -43.89 -4.03 -35.72
C LEU F 45 -42.93 -3.38 -34.73
N ARG F 46 -42.47 -4.18 -33.77
CA ARG F 46 -41.53 -3.73 -32.77
C ARG F 46 -40.14 -3.65 -33.37
N PHE F 47 -39.45 -2.54 -33.14
CA PHE F 47 -38.10 -2.31 -33.68
C PHE F 47 -38.10 -2.09 -35.18
N THR F 48 -39.10 -1.36 -35.65
CA THR F 48 -39.26 -1.02 -37.06
C THR F 48 -39.90 0.35 -37.14
N PRO F 49 -39.70 1.06 -38.25
CA PRO F 49 -40.29 2.40 -38.39
C PRO F 49 -41.80 2.34 -38.24
N PRO F 50 -42.42 3.44 -37.78
CA PRO F 50 -43.88 3.50 -37.58
C PRO F 50 -44.68 3.49 -38.88
N GLN F 51 -45.87 2.90 -38.82
CA GLN F 51 -46.72 2.83 -39.99
C GLN F 51 -48.00 3.63 -39.80
N PRO F 52 -48.60 4.09 -40.90
CA PRO F 52 -49.83 4.87 -40.78
C PRO F 52 -50.89 4.13 -40.01
N ALA F 53 -51.76 4.89 -39.34
CA ALA F 53 -52.83 4.31 -38.56
C ALA F 53 -54.02 3.93 -39.46
N GLU F 54 -54.72 2.87 -39.10
CA GLU F 54 -55.87 2.46 -39.87
C GLU F 54 -57.05 3.35 -39.53
N PRO F 55 -57.90 3.66 -40.53
CA PRO F 55 -59.06 4.52 -40.30
C PRO F 55 -60.18 3.80 -39.56
N TRP F 56 -61.13 4.57 -39.04
CA TRP F 56 -62.25 4.02 -38.30
C TRP F 56 -63.59 4.45 -38.91
N SER F 57 -64.63 3.66 -38.68
CA SER F 57 -65.95 3.94 -39.26
C SER F 57 -66.87 5.00 -38.66
N PHE F 58 -66.91 5.12 -37.33
CA PHE F 58 -67.80 6.12 -36.76
C PHE F 58 -67.09 7.30 -36.13
N VAL F 59 -67.41 7.58 -34.88
CA VAL F 59 -66.76 8.68 -34.19
C VAL F 59 -65.90 8.18 -33.05
N LYS F 60 -64.60 8.37 -33.18
CA LYS F 60 -63.64 7.95 -32.15
C LYS F 60 -63.78 8.91 -30.98
N ASN F 61 -63.89 8.34 -29.80
CA ASN F 61 -64.05 9.13 -28.59
C ASN F 61 -62.68 9.53 -28.04
N ALA F 62 -62.15 10.67 -28.48
CA ALA F 62 -60.84 11.14 -28.02
C ALA F 62 -60.91 12.00 -26.77
N THR F 63 -61.23 11.39 -25.63
CA THR F 63 -61.35 12.15 -24.39
C THR F 63 -60.82 11.41 -23.18
N SER F 64 -59.90 10.47 -23.42
CA SER F 64 -59.28 9.70 -22.35
C SER F 64 -57.78 9.72 -22.55
N TYR F 65 -57.04 9.98 -21.47
CA TYR F 65 -55.60 10.02 -21.56
C TYR F 65 -55.08 8.67 -22.03
N PRO F 66 -54.32 8.68 -23.11
CA PRO F 66 -53.77 7.46 -23.69
C PRO F 66 -52.72 6.91 -22.73
N PRO F 67 -52.33 5.64 -22.90
CA PRO F 67 -51.33 5.06 -21.99
C PRO F 67 -50.00 5.70 -22.31
N MET F 68 -49.06 5.66 -21.38
CA MET F 68 -47.76 6.24 -21.63
C MET F 68 -46.88 5.09 -22.10
N CYS F 69 -45.96 5.35 -23.04
CA CYS F 69 -45.08 4.31 -23.55
C CYS F 69 -44.40 3.55 -22.43
N THR F 70 -44.33 2.23 -22.56
CA THR F 70 -43.73 1.38 -21.55
C THR F 70 -42.44 2.03 -21.09
N GLN F 71 -42.18 1.97 -19.79
CA GLN F 71 -40.99 2.56 -19.19
C GLN F 71 -41.00 2.15 -17.75
N ASP F 72 -40.00 2.60 -17.01
CA ASP F 72 -39.95 2.29 -15.58
C ASP F 72 -41.20 2.95 -15.02
N PRO F 73 -42.09 2.17 -14.41
CA PRO F 73 -43.31 2.75 -13.86
C PRO F 73 -43.10 3.79 -12.73
N LYS F 74 -42.12 3.56 -11.87
CA LYS F 74 -41.86 4.50 -10.76
C LYS F 74 -41.11 5.73 -11.23
N ALA F 75 -40.24 5.56 -12.22
CA ALA F 75 -39.48 6.68 -12.74
C ALA F 75 -40.42 7.59 -13.49
N GLY F 76 -41.22 7.00 -14.37
CA GLY F 76 -42.16 7.81 -15.11
C GLY F 76 -42.97 8.67 -14.18
N GLN F 77 -43.64 8.04 -13.20
CA GLN F 77 -44.49 8.77 -12.28
C GLN F 77 -43.83 9.90 -11.50
N LEU F 78 -42.64 9.65 -10.95
CA LEU F 78 -41.93 10.67 -10.18
C LEU F 78 -41.67 11.87 -11.06
N LEU F 79 -41.03 11.61 -12.21
CA LEU F 79 -40.72 12.64 -13.17
C LEU F 79 -41.95 13.42 -13.60
N SER F 80 -43.04 12.71 -13.87
CA SER F 80 -44.26 13.36 -14.28
C SER F 80 -44.79 14.28 -13.19
N GLU F 81 -44.71 13.85 -11.93
CA GLU F 81 -45.18 14.68 -10.82
C GLU F 81 -44.36 15.97 -10.76
N LEU F 82 -43.06 15.86 -10.94
CA LEU F 82 -42.20 17.02 -10.91
C LEU F 82 -42.48 18.05 -11.99
N PHE F 83 -42.47 17.65 -13.26
CA PHE F 83 -42.70 18.60 -14.35
C PHE F 83 -44.15 18.94 -14.69
N THR F 84 -45.12 18.13 -14.26
CA THR F 84 -46.51 18.44 -14.60
C THR F 84 -46.83 19.86 -14.18
N ASN F 85 -47.65 20.54 -14.98
CA ASN F 85 -48.02 21.91 -14.67
C ASN F 85 -49.46 21.93 -14.21
N ARG F 86 -50.01 20.74 -13.97
CA ARG F 86 -51.40 20.60 -13.53
C ARG F 86 -51.55 20.73 -12.03
N LYS F 87 -52.80 20.87 -11.59
CA LYS F 87 -53.13 20.98 -10.18
C LYS F 87 -52.69 19.70 -9.45
N GLU F 88 -53.08 18.55 -10.01
CA GLU F 88 -52.74 17.22 -9.47
C GLU F 88 -52.19 16.36 -10.60
N ASN F 89 -51.17 15.54 -10.33
CA ASN F 89 -50.62 14.71 -11.39
C ASN F 89 -51.53 13.55 -11.75
N ILE F 90 -51.77 13.43 -13.07
CA ILE F 90 -52.62 12.40 -13.63
C ILE F 90 -51.89 11.07 -13.75
N PRO F 91 -52.39 10.05 -13.03
CA PRO F 91 -51.87 8.68 -12.97
C PRO F 91 -51.87 8.09 -14.37
N LEU F 92 -50.80 7.42 -14.77
CA LEU F 92 -50.79 6.83 -16.12
C LEU F 92 -50.59 5.31 -16.21
N LYS F 93 -51.21 4.71 -17.23
CA LYS F 93 -51.11 3.27 -17.47
C LYS F 93 -50.07 3.02 -18.58
N LEU F 94 -49.29 1.95 -18.42
CA LEU F 94 -48.23 1.60 -19.40
C LEU F 94 -48.69 0.74 -20.57
N SER F 95 -48.12 1.01 -21.73
CA SER F 95 -48.49 0.25 -22.93
C SER F 95 -47.49 0.47 -24.05
N GLU F 96 -47.42 -0.50 -24.97
CA GLU F 96 -46.54 -0.40 -26.12
C GLU F 96 -47.33 0.33 -27.20
N ASP F 97 -48.65 0.27 -27.05
CA ASP F 97 -49.59 0.96 -27.93
C ASP F 97 -49.66 2.31 -27.26
N CYS F 98 -48.73 3.19 -27.64
CA CYS F 98 -48.66 4.50 -27.02
C CYS F 98 -48.36 5.63 -28.00
N LEU F 99 -48.55 5.40 -29.29
CA LEU F 99 -48.27 6.45 -30.26
C LEU F 99 -49.50 7.33 -30.41
N TYR F 100 -49.70 8.17 -29.40
CA TYR F 100 -50.82 9.07 -29.38
C TYR F 100 -50.31 10.49 -29.18
N LEU F 101 -51.15 11.46 -29.51
CA LEU F 101 -50.82 12.85 -29.32
C LEU F 101 -52.09 13.55 -28.83
N ASN F 102 -51.92 14.60 -28.04
CA ASN F 102 -53.06 15.32 -27.52
C ASN F 102 -53.15 16.72 -28.12
N ILE F 103 -54.35 17.10 -28.55
CA ILE F 103 -54.55 18.43 -29.13
C ILE F 103 -55.33 19.39 -28.23
N TYR F 104 -54.80 20.60 -28.11
CA TYR F 104 -55.41 21.66 -27.32
C TYR F 104 -55.57 22.84 -28.27
N THR F 105 -56.78 23.12 -28.73
CA THR F 105 -56.95 24.22 -29.67
C THR F 105 -57.96 25.30 -29.29
N PRO F 106 -57.53 26.57 -29.31
CA PRO F 106 -58.38 27.72 -28.97
C PRO F 106 -59.24 28.14 -30.16
N ALA F 107 -58.78 27.76 -31.35
CA ALA F 107 -59.49 28.08 -32.60
C ALA F 107 -60.97 27.79 -32.53
N ASP F 108 -61.71 28.51 -33.37
CA ASP F 108 -63.15 28.35 -33.47
C ASP F 108 -63.37 27.29 -34.55
N LEU F 109 -63.72 26.09 -34.12
CA LEU F 109 -63.92 24.98 -35.04
C LEU F 109 -65.10 25.09 -36.00
N THR F 110 -66.02 26.00 -35.70
CA THR F 110 -67.17 26.20 -36.58
C THR F 110 -66.71 26.91 -37.85
N LYS F 111 -65.97 28.01 -37.69
CA LYS F 111 -65.42 28.75 -38.81
C LYS F 111 -64.22 27.99 -39.36
N LYS F 112 -63.27 28.71 -39.95
CA LYS F 112 -62.08 28.09 -40.53
C LYS F 112 -60.85 28.92 -40.22
N ASN F 113 -60.22 28.68 -39.07
CA ASN F 113 -59.03 29.45 -38.71
C ASN F 113 -57.77 28.75 -39.15
N ARG F 114 -56.63 29.38 -38.86
CA ARG F 114 -55.30 28.87 -39.18
C ARG F 114 -54.30 29.40 -38.14
N LEU F 115 -54.45 28.98 -36.89
CA LEU F 115 -53.56 29.45 -35.83
C LEU F 115 -52.24 28.69 -35.88
N PRO F 116 -51.14 29.32 -35.44
CA PRO F 116 -49.87 28.61 -35.47
C PRO F 116 -49.92 27.33 -34.60
N VAL F 117 -49.13 26.33 -34.98
CA VAL F 117 -49.12 25.06 -34.25
C VAL F 117 -47.81 24.84 -33.54
N MET F 118 -47.87 24.57 -32.24
CA MET F 118 -46.68 24.32 -31.45
C MET F 118 -46.68 22.88 -30.97
N VAL F 119 -45.72 22.10 -31.45
CA VAL F 119 -45.63 20.69 -31.10
C VAL F 119 -44.58 20.47 -30.01
N TRP F 120 -45.02 19.89 -28.91
CA TRP F 120 -44.15 19.63 -27.77
C TRP F 120 -43.69 18.18 -27.66
N ILE F 121 -42.38 18.01 -27.55
CA ILE F 121 -41.79 16.69 -27.42
C ILE F 121 -41.20 16.64 -26.03
N HIS F 122 -41.84 15.89 -25.14
CA HIS F 122 -41.38 15.80 -23.75
C HIS F 122 -39.97 15.28 -23.60
N GLY F 123 -39.38 15.57 -22.45
CA GLY F 123 -38.05 15.09 -22.14
C GLY F 123 -38.19 13.83 -21.29
N GLY F 124 -37.08 13.33 -20.76
CA GLY F 124 -37.16 12.12 -19.95
C GLY F 124 -36.06 11.12 -20.24
N GLY F 125 -35.18 11.46 -21.18
CA GLY F 125 -34.07 10.59 -21.52
C GLY F 125 -34.34 9.54 -22.55
N LEU F 126 -35.44 9.68 -23.28
CA LEU F 126 -35.74 8.66 -24.26
C LEU F 126 -35.93 7.37 -23.45
N MET F 127 -36.21 7.55 -22.15
CA MET F 127 -36.41 6.45 -21.21
C MET F 127 -37.75 6.55 -20.47
N VAL F 128 -38.11 7.76 -20.05
CA VAL F 128 -39.37 7.97 -19.35
C VAL F 128 -40.03 9.19 -19.96
N GLY F 129 -41.15 9.61 -19.37
CA GLY F 129 -41.86 10.75 -19.88
C GLY F 129 -43.19 10.38 -20.49
N ALA F 130 -44.08 11.36 -20.63
CA ALA F 130 -45.39 11.13 -21.20
C ALA F 130 -45.88 12.47 -21.72
N ALA F 131 -46.82 12.44 -22.67
CA ALA F 131 -47.32 13.69 -23.24
C ALA F 131 -48.32 14.32 -22.28
N SER F 132 -49.15 13.46 -21.68
CA SER F 132 -50.19 13.92 -20.77
C SER F 132 -49.66 14.69 -19.57
N THR F 133 -48.36 14.53 -19.30
CA THR F 133 -47.70 15.22 -18.19
C THR F 133 -47.88 16.72 -18.34
N TYR F 134 -47.97 17.15 -19.59
CA TYR F 134 -48.12 18.56 -19.93
C TYR F 134 -49.48 18.91 -20.50
N ASP F 135 -50.23 19.72 -19.75
CA ASP F 135 -51.54 20.20 -20.17
C ASP F 135 -51.38 21.50 -20.97
N GLY F 136 -51.87 21.50 -22.22
CA GLY F 136 -51.72 22.69 -23.05
C GLY F 136 -52.86 23.68 -23.10
N LEU F 137 -53.65 23.74 -22.03
CA LEU F 137 -54.79 24.65 -21.96
C LEU F 137 -54.36 26.13 -21.85
N ALA F 138 -53.68 26.46 -20.77
CA ALA F 138 -53.20 27.81 -20.54
C ALA F 138 -52.51 28.40 -21.77
N LEU F 139 -51.41 27.80 -22.21
CA LEU F 139 -50.70 28.32 -23.37
C LEU F 139 -51.63 28.53 -24.57
N ALA F 140 -52.45 27.53 -24.86
CA ALA F 140 -53.36 27.58 -25.99
C ALA F 140 -54.32 28.76 -25.87
N ALA F 141 -54.94 28.89 -24.70
CA ALA F 141 -55.88 29.97 -24.46
C ALA F 141 -55.20 31.34 -24.54
N HIS F 142 -54.22 31.57 -23.66
CA HIS F 142 -53.51 32.86 -23.60
C HIS F 142 -52.85 33.37 -24.87
N GLU F 143 -52.08 32.53 -25.56
CA GLU F 143 -51.42 32.99 -26.77
C GLU F 143 -52.16 32.65 -28.05
N ASN F 144 -53.31 32.02 -27.91
CA ASN F 144 -54.13 31.70 -29.06
C ASN F 144 -53.41 30.84 -30.11
N VAL F 145 -52.79 29.77 -29.66
CA VAL F 145 -52.08 28.86 -30.54
C VAL F 145 -52.54 27.41 -30.34
N VAL F 146 -52.33 26.56 -31.33
CA VAL F 146 -52.73 25.16 -31.19
C VAL F 146 -51.53 24.39 -30.67
N VAL F 147 -51.64 23.92 -29.42
CA VAL F 147 -50.59 23.16 -28.78
C VAL F 147 -50.82 21.67 -29.08
N VAL F 148 -49.74 20.93 -29.32
CA VAL F 148 -49.86 19.50 -29.58
C VAL F 148 -48.81 18.73 -28.81
N THR F 149 -49.24 17.87 -27.89
CA THR F 149 -48.31 17.06 -27.11
C THR F 149 -48.27 15.68 -27.76
N ILE F 150 -47.08 15.24 -28.16
CA ILE F 150 -46.93 13.95 -28.81
C ILE F 150 -46.08 12.97 -28.01
N GLN F 151 -46.29 11.68 -28.26
CA GLN F 151 -45.52 10.65 -27.59
C GLN F 151 -44.74 9.86 -28.62
N TYR F 152 -43.60 9.33 -28.20
CA TYR F 152 -42.72 8.57 -29.07
C TYR F 152 -42.22 7.36 -28.27
N ARG F 153 -41.72 6.32 -28.95
CA ARG F 153 -41.22 5.12 -28.25
C ARG F 153 -39.98 5.36 -27.38
N LEU F 154 -40.00 4.84 -26.15
CA LEU F 154 -38.87 5.04 -25.25
C LEU F 154 -38.05 3.76 -24.98
N GLY F 155 -36.92 3.92 -24.30
CA GLY F 155 -36.06 2.80 -23.96
C GLY F 155 -35.81 1.79 -25.05
N ILE F 156 -35.58 0.54 -24.65
CA ILE F 156 -35.33 -0.52 -25.60
C ILE F 156 -36.30 -0.43 -26.76
N TRP F 157 -37.59 -0.32 -26.45
CA TRP F 157 -38.64 -0.21 -27.46
C TRP F 157 -38.39 0.84 -28.53
N GLY F 158 -37.85 1.98 -28.14
CA GLY F 158 -37.64 3.02 -29.13
C GLY F 158 -36.24 3.33 -29.56
N PHE F 159 -35.23 2.75 -28.92
CA PHE F 159 -33.84 3.04 -29.28
C PHE F 159 -32.87 1.87 -29.32
N PHE F 160 -33.38 0.64 -29.35
CA PHE F 160 -32.49 -0.51 -29.39
C PHE F 160 -31.92 -0.62 -30.80
N SER F 161 -30.60 -0.62 -30.90
CA SER F 161 -29.93 -0.71 -32.19
C SER F 161 -28.87 -1.80 -32.28
N THR F 162 -28.72 -2.39 -33.47
CA THR F 162 -27.70 -3.41 -33.67
C THR F 162 -26.58 -2.82 -34.52
N GLY F 163 -26.77 -1.58 -34.96
CA GLY F 163 -25.77 -0.93 -35.77
C GLY F 163 -25.83 -1.28 -37.24
N ASP F 164 -26.83 -2.10 -37.62
CA ASP F 164 -26.96 -2.47 -39.01
C ASP F 164 -28.42 -2.46 -39.47
N GLU F 165 -28.68 -2.96 -40.68
CA GLU F 165 -30.03 -2.95 -41.23
C GLU F 165 -31.06 -3.77 -40.46
N HIS F 166 -30.60 -4.74 -39.67
CA HIS F 166 -31.49 -5.59 -38.88
C HIS F 166 -32.17 -4.84 -37.73
N SER F 167 -31.70 -3.65 -37.42
CA SER F 167 -32.29 -2.83 -36.34
C SER F 167 -31.52 -1.51 -36.18
N ARG F 168 -31.60 -0.68 -37.19
CA ARG F 168 -30.90 0.59 -37.19
C ARG F 168 -31.06 1.42 -35.92
N GLY F 169 -32.27 1.47 -35.38
CA GLY F 169 -32.51 2.25 -34.17
C GLY F 169 -33.32 3.51 -34.45
N ASN F 170 -33.36 4.41 -33.46
CA ASN F 170 -34.09 5.67 -33.56
C ASN F 170 -35.57 5.48 -33.90
N TRP F 171 -36.15 4.43 -33.37
CA TRP F 171 -37.55 4.15 -33.62
C TRP F 171 -38.34 5.30 -33.02
N GLY F 172 -37.89 5.77 -31.85
CA GLY F 172 -38.54 6.87 -31.16
C GLY F 172 -38.53 8.13 -31.99
N HIS F 173 -37.40 8.39 -32.65
CA HIS F 173 -37.29 9.57 -33.49
C HIS F 173 -38.15 9.46 -34.74
N LEU F 174 -38.17 8.29 -35.36
CA LEU F 174 -39.00 8.12 -36.56
C LEU F 174 -40.45 8.33 -36.19
N ASP F 175 -40.77 8.11 -34.90
CA ASP F 175 -42.13 8.31 -34.40
C ASP F 175 -42.44 9.80 -34.39
N GLN F 176 -41.52 10.58 -33.83
CA GLN F 176 -41.66 12.03 -33.76
C GLN F 176 -41.84 12.57 -35.20
N VAL F 177 -41.12 11.99 -36.15
CA VAL F 177 -41.27 12.42 -37.53
C VAL F 177 -42.69 12.09 -37.96
N ALA F 178 -43.11 10.85 -37.71
CA ALA F 178 -44.46 10.42 -38.06
C ALA F 178 -45.50 11.38 -37.47
N ALA F 179 -45.26 11.75 -36.20
CA ALA F 179 -46.13 12.67 -35.49
C ALA F 179 -46.22 13.99 -36.25
N LEU F 180 -45.08 14.56 -36.60
CA LEU F 180 -45.07 15.82 -37.35
C LEU F 180 -45.81 15.65 -38.67
N ARG F 181 -45.57 14.53 -39.34
CA ARG F 181 -46.24 14.26 -40.60
C ARG F 181 -47.75 14.13 -40.42
N TRP F 182 -48.18 13.62 -39.26
CA TRP F 182 -49.61 13.48 -39.00
C TRP F 182 -50.23 14.86 -38.83
N VAL F 183 -49.49 15.77 -38.20
CA VAL F 183 -49.93 17.13 -37.96
C VAL F 183 -50.00 17.91 -39.27
N GLN F 184 -49.03 17.67 -40.13
CA GLN F 184 -48.98 18.31 -41.45
C GLN F 184 -50.16 17.93 -42.32
N ASP F 185 -50.84 16.86 -41.97
CA ASP F 185 -51.97 16.35 -42.74
C ASP F 185 -53.33 16.61 -42.13
N ASN F 186 -53.40 16.72 -40.81
CA ASN F 186 -54.69 16.88 -40.15
C ASN F 186 -54.88 18.15 -39.33
N ILE F 187 -53.80 18.79 -38.91
CA ILE F 187 -53.92 19.96 -38.06
C ILE F 187 -54.89 21.03 -38.52
N ALA F 188 -55.03 21.23 -39.83
CA ALA F 188 -55.97 22.23 -40.32
C ALA F 188 -57.33 21.92 -39.72
N SER F 189 -57.69 20.64 -39.68
CA SER F 189 -58.98 20.23 -39.12
C SER F 189 -59.24 20.78 -37.73
N PHE F 190 -58.19 21.20 -37.02
CA PHE F 190 -58.33 21.73 -35.66
C PHE F 190 -58.06 23.23 -35.54
N GLY F 191 -58.05 23.91 -36.69
CA GLY F 191 -57.83 25.34 -36.69
C GLY F 191 -56.38 25.72 -36.67
N GLY F 192 -55.50 24.76 -36.89
CA GLY F 192 -54.09 25.05 -36.89
C GLY F 192 -53.65 25.24 -38.34
N ASN F 193 -52.59 26.02 -38.55
CA ASN F 193 -52.07 26.26 -39.88
C ASN F 193 -50.88 25.33 -40.12
N PRO F 194 -51.05 24.33 -41.00
CA PRO F 194 -49.96 23.41 -41.28
C PRO F 194 -48.73 24.09 -41.85
N GLY F 195 -48.89 25.34 -42.28
CA GLY F 195 -47.78 26.08 -42.83
C GLY F 195 -46.89 26.76 -41.79
N SER F 196 -47.25 26.62 -40.52
CA SER F 196 -46.48 27.22 -39.45
C SER F 196 -46.45 26.34 -38.18
N VAL F 197 -45.59 25.34 -38.19
CA VAL F 197 -45.45 24.42 -37.08
C VAL F 197 -44.13 24.64 -36.35
N THR F 198 -44.21 24.81 -35.05
CA THR F 198 -43.03 25.04 -34.25
C THR F 198 -42.83 23.84 -33.35
N ILE F 199 -41.64 23.25 -33.39
CA ILE F 199 -41.37 22.12 -32.53
C ILE F 199 -40.48 22.61 -31.38
N PHE F 200 -40.78 22.15 -30.17
CA PHE F 200 -40.01 22.54 -29.01
C PHE F 200 -40.09 21.48 -27.93
N GLY F 201 -39.06 21.42 -27.10
CA GLY F 201 -38.99 20.46 -26.02
C GLY F 201 -37.80 20.73 -25.11
N GLU F 202 -37.75 20.03 -23.99
CA GLU F 202 -36.66 20.18 -23.04
C GLU F 202 -36.04 18.82 -22.70
N SER F 203 -34.74 18.82 -22.42
CA SER F 203 -33.99 17.61 -22.12
C SER F 203 -34.08 16.73 -23.38
N ALA F 204 -34.34 15.44 -23.21
CA ALA F 204 -34.46 14.55 -24.36
C ALA F 204 -35.33 15.18 -25.45
N GLY F 205 -36.33 15.95 -25.05
CA GLY F 205 -37.20 16.61 -26.00
C GLY F 205 -36.43 17.63 -26.79
N GLY F 206 -35.59 18.40 -26.10
CA GLY F 206 -34.78 19.42 -26.76
C GLY F 206 -33.78 18.76 -27.69
N GLU F 207 -33.17 17.70 -27.19
CA GLU F 207 -32.18 16.93 -27.94
C GLU F 207 -32.83 16.42 -29.22
N SER F 208 -34.08 15.96 -29.11
CA SER F 208 -34.80 15.46 -30.27
C SER F 208 -35.07 16.59 -31.26
N VAL F 209 -35.52 17.73 -30.73
CA VAL F 209 -35.81 18.90 -31.57
C VAL F 209 -34.57 19.22 -32.36
N SER F 210 -33.43 19.18 -31.67
CA SER F 210 -32.16 19.46 -32.29
C SER F 210 -31.84 18.43 -33.35
N VAL F 211 -32.18 17.18 -33.12
CA VAL F 211 -31.91 16.11 -34.09
C VAL F 211 -32.80 16.29 -35.31
N LEU F 212 -34.05 16.69 -35.10
CA LEU F 212 -34.92 16.89 -36.24
C LEU F 212 -34.46 18.09 -37.11
N VAL F 213 -33.70 19.02 -36.53
CA VAL F 213 -33.22 20.16 -37.32
C VAL F 213 -32.14 19.64 -38.27
N LEU F 214 -31.51 18.55 -37.84
CA LEU F 214 -30.43 17.96 -38.61
C LEU F 214 -30.81 16.83 -39.57
N SER F 215 -32.02 16.31 -39.46
CA SER F 215 -32.42 15.21 -40.34
C SER F 215 -33.21 15.57 -41.56
N PRO F 216 -32.96 14.86 -42.67
CA PRO F 216 -33.64 15.08 -43.95
C PRO F 216 -35.11 14.58 -43.90
N LEU F 217 -35.36 13.58 -43.07
CA LEU F 217 -36.69 13.01 -42.92
C LEU F 217 -37.64 14.03 -42.28
N ALA F 218 -37.07 15.12 -41.77
CA ALA F 218 -37.87 16.15 -41.11
C ALA F 218 -38.06 17.44 -41.89
N LYS F 219 -37.41 17.58 -43.04
CA LYS F 219 -37.57 18.80 -43.80
C LYS F 219 -39.02 19.01 -44.23
N ASN F 220 -39.49 20.25 -44.13
CA ASN F 220 -40.85 20.67 -44.49
C ASN F 220 -41.93 20.28 -43.48
N LEU F 221 -41.52 19.71 -42.36
CA LEU F 221 -42.47 19.29 -41.34
C LEU F 221 -42.59 20.26 -40.19
N PHE F 222 -41.77 21.29 -40.20
CA PHE F 222 -41.78 22.30 -39.15
C PHE F 222 -41.08 23.53 -39.69
N HIS F 223 -41.35 24.71 -39.10
CA HIS F 223 -40.75 25.95 -39.60
C HIS F 223 -40.01 26.80 -38.58
N ARG F 224 -39.99 26.33 -37.34
CA ARG F 224 -39.32 27.03 -36.26
C ARG F 224 -39.01 25.98 -35.22
N ALA F 225 -37.91 26.15 -34.51
CA ALA F 225 -37.51 25.19 -33.49
C ALA F 225 -36.97 25.84 -32.25
N ILE F 226 -37.40 25.34 -31.10
CA ILE F 226 -36.95 25.83 -29.82
C ILE F 226 -36.34 24.65 -29.07
N SER F 227 -35.17 24.84 -28.49
CA SER F 227 -34.56 23.76 -27.75
C SER F 227 -34.33 24.19 -26.31
N GLU F 228 -35.16 23.67 -25.42
CA GLU F 228 -35.05 24.01 -24.01
C GLU F 228 -34.17 23.09 -23.17
N SER F 229 -32.92 23.48 -22.95
CA SER F 229 -32.01 22.69 -22.12
C SER F 229 -31.69 21.31 -22.70
N GLY F 230 -31.18 21.27 -23.93
CA GLY F 230 -30.83 20.00 -24.53
C GLY F 230 -30.66 20.12 -26.03
N VAL F 231 -29.56 19.57 -26.54
CA VAL F 231 -29.28 19.60 -27.96
C VAL F 231 -28.64 18.30 -28.42
N ALA F 232 -28.33 18.24 -29.72
CA ALA F 232 -27.73 17.07 -30.33
C ALA F 232 -26.26 16.89 -29.99
N LEU F 233 -25.73 17.80 -29.18
CA LEU F 233 -24.33 17.74 -28.76
C LEU F 233 -24.20 17.37 -27.28
N THR F 234 -25.34 17.12 -26.63
CA THR F 234 -25.35 16.70 -25.24
C THR F 234 -24.95 15.22 -25.36
N SER F 235 -23.66 14.99 -25.53
CA SER F 235 -23.12 13.64 -25.71
C SER F 235 -23.86 12.47 -25.06
N VAL F 236 -24.30 12.64 -23.81
CA VAL F 236 -24.97 11.55 -23.12
C VAL F 236 -26.14 10.89 -23.83
N LEU F 237 -26.91 11.68 -24.56
CA LEU F 237 -28.09 11.16 -25.29
C LEU F 237 -27.75 10.60 -26.66
N VAL F 238 -26.59 10.95 -27.19
CA VAL F 238 -26.21 10.46 -28.51
C VAL F 238 -25.11 9.42 -28.43
N LYS F 239 -25.38 8.25 -29.02
CA LYS F 239 -24.43 7.13 -29.02
C LYS F 239 -23.53 7.11 -30.26
N LYS F 240 -22.26 7.46 -30.07
CA LYS F 240 -21.28 7.46 -31.14
C LYS F 240 -20.50 6.14 -31.12
N GLY F 241 -19.81 5.83 -32.21
CA GLY F 241 -19.04 4.60 -32.27
C GLY F 241 -19.85 3.33 -32.04
N ASP F 242 -19.24 2.22 -32.43
CA ASP F 242 -19.83 0.88 -32.34
C ASP F 242 -20.76 0.64 -31.15
N VAL F 243 -22.03 0.36 -31.45
CA VAL F 243 -23.05 0.12 -30.44
C VAL F 243 -23.33 -1.35 -30.22
N LYS F 244 -22.77 -2.18 -31.09
CA LYS F 244 -22.96 -3.62 -31.03
C LYS F 244 -22.91 -4.17 -29.61
N PRO F 245 -21.87 -3.82 -28.84
CA PRO F 245 -21.71 -4.31 -27.46
C PRO F 245 -22.94 -4.09 -26.60
N LEU F 246 -23.55 -2.92 -26.73
CA LEU F 246 -24.71 -2.61 -25.92
C LEU F 246 -25.92 -3.44 -26.34
N ALA F 247 -26.03 -3.72 -27.62
CA ALA F 247 -27.14 -4.52 -28.10
C ALA F 247 -26.98 -5.91 -27.51
N GLU F 248 -25.74 -6.40 -27.52
CA GLU F 248 -25.43 -7.73 -26.99
C GLU F 248 -25.63 -7.81 -25.49
N GLN F 249 -25.30 -6.73 -24.81
CA GLN F 249 -25.43 -6.74 -23.36
C GLN F 249 -26.91 -6.86 -23.02
N ILE F 250 -27.75 -6.16 -23.79
CA ILE F 250 -29.18 -6.21 -23.55
C ILE F 250 -29.73 -7.56 -24.01
N ALA F 251 -29.39 -7.96 -25.23
CA ALA F 251 -29.86 -9.25 -25.73
C ALA F 251 -29.60 -10.30 -24.66
N ILE F 252 -28.34 -10.42 -24.24
CA ILE F 252 -27.99 -11.39 -23.21
C ILE F 252 -28.82 -11.24 -21.93
N THR F 253 -28.98 -10.02 -21.43
CA THR F 253 -29.77 -9.84 -20.23
C THR F 253 -31.22 -10.30 -20.45
N ALA F 254 -31.78 -10.03 -21.61
CA ALA F 254 -33.15 -10.44 -21.88
C ALA F 254 -33.21 -11.96 -22.06
N GLY F 255 -32.05 -12.60 -22.00
CA GLY F 255 -32.00 -14.04 -22.17
C GLY F 255 -32.25 -14.42 -23.61
N CYS F 256 -31.39 -13.89 -24.49
CA CYS F 256 -31.46 -14.14 -25.92
C CYS F 256 -30.06 -14.48 -26.41
N LYS F 257 -29.96 -15.35 -27.41
CA LYS F 257 -28.65 -15.68 -27.96
C LYS F 257 -28.09 -14.47 -28.75
N THR F 258 -26.80 -14.46 -29.06
CA THR F 258 -26.21 -13.33 -29.80
C THR F 258 -25.46 -13.78 -31.04
N THR F 259 -25.88 -14.90 -31.60
CA THR F 259 -25.22 -15.43 -32.79
C THR F 259 -25.13 -14.38 -33.90
N THR F 260 -26.21 -13.68 -34.19
CA THR F 260 -26.20 -12.65 -35.23
C THR F 260 -27.22 -11.58 -34.93
N SER F 261 -27.08 -10.44 -35.61
CA SER F 261 -28.00 -9.33 -35.44
C SER F 261 -29.43 -9.75 -35.70
N ALA F 262 -29.65 -10.42 -36.83
CA ALA F 262 -30.98 -10.86 -37.18
C ALA F 262 -31.55 -11.73 -36.08
N VAL F 263 -30.70 -12.52 -35.44
CA VAL F 263 -31.12 -13.43 -34.38
C VAL F 263 -31.49 -12.74 -33.06
N MET F 264 -30.74 -11.71 -32.71
CA MET F 264 -31.00 -10.96 -31.48
C MET F 264 -32.33 -10.22 -31.58
N VAL F 265 -32.49 -9.46 -32.67
CA VAL F 265 -33.70 -8.71 -32.86
C VAL F 265 -34.88 -9.66 -32.98
N HIS F 266 -34.64 -10.84 -33.55
CA HIS F 266 -35.75 -11.79 -33.69
C HIS F 266 -36.10 -12.37 -32.35
N CYS F 267 -35.11 -12.54 -31.51
CA CYS F 267 -35.37 -13.09 -30.20
C CYS F 267 -35.99 -12.04 -29.28
N LEU F 268 -35.64 -10.78 -29.52
CA LEU F 268 -36.17 -9.69 -28.70
C LEU F 268 -37.63 -9.36 -28.99
N ARG F 269 -38.09 -9.63 -30.22
CA ARG F 269 -39.48 -9.35 -30.56
C ARG F 269 -40.41 -10.40 -29.95
N GLN F 270 -39.83 -11.50 -29.49
CA GLN F 270 -40.54 -12.61 -28.88
C GLN F 270 -40.84 -12.34 -27.42
N LYS F 271 -40.02 -11.53 -26.79
CA LYS F 271 -40.21 -11.20 -25.39
C LYS F 271 -41.51 -10.45 -25.17
N THR F 272 -42.08 -10.59 -23.99
CA THR F 272 -43.33 -9.95 -23.66
C THR F 272 -43.01 -8.53 -23.25
N GLU F 273 -44.01 -7.66 -23.30
CA GLU F 273 -43.80 -6.28 -22.87
C GLU F 273 -43.22 -6.41 -21.49
N GLU F 274 -43.87 -7.25 -20.67
CA GLU F 274 -43.43 -7.46 -19.30
C GLU F 274 -41.97 -7.88 -19.27
N GLU F 275 -41.62 -8.86 -20.09
CA GLU F 275 -40.25 -9.35 -20.13
C GLU F 275 -39.23 -8.25 -20.36
N LEU F 276 -39.41 -7.50 -21.45
CA LEU F 276 -38.50 -6.42 -21.80
C LEU F 276 -38.39 -5.39 -20.69
N LEU F 277 -39.50 -5.13 -20.00
CA LEU F 277 -39.51 -4.17 -18.90
C LEU F 277 -38.58 -4.62 -17.80
N GLU F 278 -38.62 -5.92 -17.50
CA GLU F 278 -37.76 -6.48 -16.47
C GLU F 278 -36.29 -6.40 -16.83
N THR F 279 -35.99 -6.34 -18.13
CA THR F 279 -34.59 -6.24 -18.56
C THR F 279 -34.17 -4.78 -18.34
N THR F 280 -35.04 -3.87 -18.77
CA THR F 280 -34.83 -2.43 -18.63
C THR F 280 -34.56 -2.15 -17.16
N LEU F 281 -35.24 -2.89 -16.30
CA LEU F 281 -35.08 -2.73 -14.85
C LEU F 281 -33.74 -3.26 -14.37
N LYS F 282 -33.35 -4.43 -14.86
CA LYS F 282 -32.07 -5.06 -14.48
C LYS F 282 -30.88 -4.24 -14.93
N MET F 283 -31.03 -3.59 -16.08
CA MET F 283 -30.00 -2.75 -16.68
C MET F 283 -29.68 -1.50 -15.85
N LYS F 284 -30.63 -1.05 -15.05
CA LYS F 284 -30.41 0.13 -14.21
C LYS F 284 -30.01 1.36 -15.00
N PHE F 285 -30.82 1.75 -15.98
CA PHE F 285 -30.52 2.95 -16.75
C PHE F 285 -30.86 4.15 -15.86
N LEU F 286 -30.67 5.36 -16.39
CA LEU F 286 -30.96 6.59 -15.65
C LEU F 286 -30.44 6.54 -14.23
N SER F 287 -29.27 5.96 -14.04
CA SER F 287 -28.67 5.87 -12.72
C SER F 287 -27.18 5.72 -12.93
N LEU F 288 -26.38 6.42 -12.12
CA LEU F 288 -24.93 6.38 -12.24
C LEU F 288 -24.26 5.17 -11.54
N ASP F 289 -23.62 4.31 -12.32
CA ASP F 289 -22.94 3.13 -11.80
C ASP F 289 -21.67 3.53 -11.06
N LEU F 290 -21.53 3.04 -9.83
CA LEU F 290 -20.40 3.37 -9.00
C LEU F 290 -19.30 2.31 -8.93
N GLN F 291 -19.49 1.21 -9.66
CA GLN F 291 -18.49 0.15 -9.68
C GLN F 291 -18.10 -0.14 -11.12
N GLY F 292 -16.89 -0.68 -11.30
CA GLY F 292 -16.42 -1.00 -12.63
C GLY F 292 -15.83 0.21 -13.36
N ASP F 293 -15.66 0.06 -14.67
CA ASP F 293 -15.11 1.12 -15.48
C ASP F 293 -16.25 1.98 -16.00
N PRO F 294 -16.21 3.29 -15.70
CA PRO F 294 -17.23 4.26 -16.11
C PRO F 294 -17.41 4.30 -17.61
N ARG F 295 -16.36 3.95 -18.34
CA ARG F 295 -16.42 3.95 -19.79
C ARG F 295 -17.33 2.85 -20.30
N GLU F 296 -17.36 1.74 -19.57
CA GLU F 296 -18.19 0.61 -19.94
C GLU F 296 -19.63 0.75 -19.42
N SER F 297 -19.90 1.84 -18.73
CA SER F 297 -21.23 2.13 -18.20
C SER F 297 -22.04 2.85 -19.28
N GLN F 298 -23.35 2.61 -19.31
CA GLN F 298 -24.24 3.24 -20.30
C GLN F 298 -25.60 3.54 -19.66
N PRO F 299 -25.79 4.76 -19.14
CA PRO F 299 -27.00 5.23 -18.49
C PRO F 299 -28.30 5.20 -19.30
N LEU F 300 -28.20 5.26 -20.61
CA LEU F 300 -29.40 5.21 -21.42
C LEU F 300 -29.19 4.92 -22.90
N LEU F 301 -30.26 4.42 -23.51
CA LEU F 301 -30.27 4.08 -24.92
C LEU F 301 -30.71 5.33 -25.63
N GLY F 302 -29.86 5.89 -26.46
CA GLY F 302 -30.23 7.10 -27.16
C GLY F 302 -30.08 7.05 -28.66
N THR F 303 -30.10 8.23 -29.24
CA THR F 303 -29.99 8.42 -30.69
C THR F 303 -28.68 7.82 -31.24
N VAL F 304 -28.71 7.33 -32.47
CA VAL F 304 -27.53 6.76 -33.07
C VAL F 304 -27.50 7.20 -34.51
N ILE F 305 -26.41 6.93 -35.21
CA ILE F 305 -26.31 7.31 -36.62
C ILE F 305 -26.77 6.11 -37.43
N ASP F 306 -28.09 5.99 -37.58
CA ASP F 306 -28.71 4.89 -38.30
C ASP F 306 -28.43 4.87 -39.79
N GLY F 307 -28.33 6.06 -40.40
CA GLY F 307 -28.08 6.14 -41.82
C GLY F 307 -29.33 6.47 -42.62
N MET F 308 -30.40 6.78 -41.89
CA MET F 308 -31.69 7.13 -42.49
C MET F 308 -32.12 8.48 -41.93
N LEU F 309 -32.14 8.57 -40.61
CA LEU F 309 -32.52 9.77 -39.89
C LEU F 309 -31.29 10.67 -39.86
N LEU F 310 -30.23 10.17 -39.24
CA LEU F 310 -28.96 10.88 -39.16
C LEU F 310 -27.94 10.18 -40.06
N LEU F 311 -27.40 10.92 -41.02
CA LEU F 311 -26.44 10.36 -41.95
C LEU F 311 -24.97 10.45 -41.48
N LYS F 312 -24.75 11.13 -40.36
CA LYS F 312 -23.41 11.30 -39.77
C LYS F 312 -23.54 12.06 -38.47
N THR F 313 -22.52 11.98 -37.62
CA THR F 313 -22.55 12.67 -36.32
C THR F 313 -23.02 14.12 -36.46
N PRO F 314 -23.88 14.58 -35.53
CA PRO F 314 -24.36 15.96 -35.62
C PRO F 314 -23.22 16.93 -35.91
N GLU F 315 -22.11 16.76 -35.20
CA GLU F 315 -20.92 17.60 -35.37
C GLU F 315 -20.53 17.69 -36.85
N GLU F 316 -20.39 16.53 -37.48
CA GLU F 316 -20.03 16.43 -38.89
C GLU F 316 -21.07 17.11 -39.78
N LEU F 317 -22.32 17.12 -39.32
CA LEU F 317 -23.41 17.72 -40.07
C LEU F 317 -23.42 19.24 -40.00
N GLN F 318 -23.33 19.77 -38.78
CA GLN F 318 -23.33 21.21 -38.57
C GLN F 318 -22.23 21.83 -39.42
N ALA F 319 -21.07 21.18 -39.42
CA ALA F 319 -19.92 21.64 -40.18
C ALA F 319 -20.30 21.75 -41.66
N GLU F 320 -21.09 20.79 -42.14
CA GLU F 320 -21.54 20.78 -43.52
C GLU F 320 -22.53 21.91 -43.77
N ARG F 321 -22.98 22.56 -42.71
CA ARG F 321 -23.96 23.63 -42.86
C ARG F 321 -25.16 23.05 -43.61
N ASN F 322 -25.24 21.73 -43.60
CA ASN F 322 -26.32 21.02 -44.27
C ASN F 322 -27.42 20.63 -43.29
N PHE F 323 -28.39 21.53 -43.14
CA PHE F 323 -29.51 21.28 -42.24
C PHE F 323 -30.56 22.38 -42.38
N HIS F 324 -31.61 22.26 -41.57
CA HIS F 324 -32.73 23.19 -41.57
C HIS F 324 -32.38 24.55 -40.97
N THR F 325 -32.25 25.54 -41.84
CA THR F 325 -31.92 26.89 -41.43
C THR F 325 -33.17 27.66 -41.02
N VAL F 326 -33.98 27.03 -40.16
CA VAL F 326 -35.20 27.66 -39.67
C VAL F 326 -34.88 28.39 -38.38
N PRO F 327 -35.72 29.36 -37.99
CA PRO F 327 -35.47 30.09 -36.75
C PRO F 327 -35.26 29.05 -35.64
N TYR F 328 -34.22 29.22 -34.84
CA TYR F 328 -33.94 28.26 -33.78
C TYR F 328 -33.68 28.97 -32.46
N MET F 329 -34.36 28.54 -31.42
CA MET F 329 -34.19 29.14 -30.12
C MET F 329 -33.60 28.09 -29.20
N VAL F 330 -32.38 28.33 -28.75
CA VAL F 330 -31.71 27.40 -27.84
C VAL F 330 -31.56 28.11 -26.51
N GLY F 331 -31.76 27.40 -25.42
CA GLY F 331 -31.62 28.03 -24.13
C GLY F 331 -31.19 27.03 -23.08
N ILE F 332 -30.90 27.53 -21.88
CA ILE F 332 -30.50 26.67 -20.78
C ILE F 332 -30.96 27.31 -19.49
N ASN F 333 -30.71 26.64 -18.37
CA ASN F 333 -31.10 27.16 -17.08
C ASN F 333 -29.84 27.34 -16.25
N LYS F 334 -29.80 28.40 -15.46
CA LYS F 334 -28.65 28.73 -14.62
C LYS F 334 -27.94 27.56 -13.93
N GLN F 335 -28.71 26.59 -13.41
CA GLN F 335 -28.12 25.43 -12.74
C GLN F 335 -28.71 24.11 -13.22
N GLU F 336 -28.33 23.71 -14.43
CA GLU F 336 -28.83 22.47 -15.02
C GLU F 336 -28.61 21.23 -14.16
N PHE F 337 -27.64 21.30 -13.25
CA PHE F 337 -27.35 20.15 -12.38
C PHE F 337 -27.71 20.48 -10.93
N GLY F 338 -28.57 21.47 -10.76
CA GLY F 338 -28.98 21.92 -9.44
C GLY F 338 -29.43 20.93 -8.39
N TRP F 339 -30.29 19.98 -8.78
CA TRP F 339 -30.78 19.00 -7.82
C TRP F 339 -31.59 17.89 -8.48
N LEU F 340 -32.41 18.25 -9.46
CA LEU F 340 -33.23 17.29 -10.17
C LEU F 340 -32.47 16.06 -10.69
N ILE F 341 -31.68 16.29 -11.74
CA ILE F 341 -30.90 15.23 -12.35
C ILE F 341 -30.11 14.39 -11.34
N PRO F 342 -29.28 15.02 -10.52
CA PRO F 342 -28.49 14.29 -9.51
C PRO F 342 -29.35 13.46 -8.57
N MET F 343 -30.46 14.05 -8.14
CA MET F 343 -31.39 13.39 -7.23
C MET F 343 -32.07 12.23 -7.92
N LEU F 344 -32.26 12.36 -9.23
CA LEU F 344 -32.90 11.32 -10.02
C LEU F 344 -31.92 10.34 -10.65
N MET F 345 -30.64 10.46 -10.29
CA MET F 345 -29.62 9.57 -10.83
C MET F 345 -28.79 8.96 -9.72
N SER F 346 -29.27 9.11 -8.49
CA SER F 346 -28.60 8.59 -7.31
C SER F 346 -27.15 9.01 -7.21
N TYR F 347 -26.87 10.24 -7.63
CA TYR F 347 -25.54 10.80 -7.61
C TYR F 347 -24.93 10.82 -6.20
N PRO F 348 -23.67 10.37 -6.06
CA PRO F 348 -22.94 10.30 -4.78
C PRO F 348 -22.51 11.68 -4.26
N LEU F 349 -23.41 12.34 -3.55
CA LEU F 349 -23.13 13.66 -2.98
C LEU F 349 -24.00 13.89 -1.76
N SER F 350 -23.39 13.89 -0.58
CA SER F 350 -24.16 14.12 0.64
C SER F 350 -23.59 15.32 1.36
N GLU F 351 -22.31 15.24 1.71
CA GLU F 351 -21.67 16.34 2.40
C GLU F 351 -21.43 17.45 1.37
N GLY F 352 -21.84 18.67 1.70
CA GLY F 352 -21.63 19.78 0.79
C GLY F 352 -20.17 20.16 0.77
N GLN F 353 -19.37 19.38 1.50
CA GLN F 353 -17.93 19.61 1.57
C GLN F 353 -17.31 18.73 0.48
N LEU F 354 -16.60 19.34 -0.46
CA LEU F 354 -16.00 18.58 -1.56
C LEU F 354 -14.57 18.98 -1.90
N ASP F 355 -13.63 18.08 -1.60
CA ASP F 355 -12.20 18.28 -1.87
C ASP F 355 -11.85 17.85 -3.30
N GLN F 356 -10.88 18.51 -3.91
CA GLN F 356 -10.49 18.22 -5.28
C GLN F 356 -10.18 16.74 -5.54
N LYS F 357 -9.74 16.05 -4.50
CA LYS F 357 -9.43 14.62 -4.63
C LYS F 357 -10.74 13.87 -4.88
N THR F 358 -11.65 13.96 -3.91
CA THR F 358 -12.95 13.33 -4.02
C THR F 358 -13.65 13.84 -5.29
N ALA F 359 -13.39 15.09 -5.64
CA ALA F 359 -14.01 15.70 -6.82
C ALA F 359 -13.57 15.06 -8.11
N MET F 360 -12.30 14.68 -8.20
CA MET F 360 -11.77 14.05 -9.39
C MET F 360 -12.35 12.65 -9.58
N SER F 361 -12.70 12.01 -8.47
CA SER F 361 -13.28 10.67 -8.49
C SER F 361 -14.66 10.63 -9.11
N LEU F 362 -15.53 11.56 -8.74
CA LEU F 362 -16.87 11.57 -9.31
C LEU F 362 -16.81 11.97 -10.78
N LEU F 363 -16.00 12.98 -11.07
CA LEU F 363 -15.87 13.44 -12.45
C LEU F 363 -15.49 12.26 -13.35
N TRP F 364 -14.77 11.29 -12.77
CA TRP F 364 -14.38 10.10 -13.50
C TRP F 364 -15.60 9.19 -13.59
N LYS F 365 -16.19 8.86 -12.44
CA LYS F 365 -17.38 8.00 -12.39
C LYS F 365 -18.52 8.57 -13.22
N SER F 366 -18.41 9.85 -13.53
CA SER F 366 -19.43 10.55 -14.30
C SER F 366 -19.17 10.42 -15.78
N TYR F 367 -18.14 9.66 -16.12
CA TYR F 367 -17.78 9.48 -17.51
C TYR F 367 -18.96 9.39 -18.46
N PRO F 368 -19.92 8.50 -18.19
CA PRO F 368 -21.07 8.39 -19.09
C PRO F 368 -21.89 9.67 -19.32
N LEU F 369 -21.76 10.63 -18.42
CA LEU F 369 -22.50 11.88 -18.55
C LEU F 369 -21.67 12.95 -19.22
N VAL F 370 -20.46 13.15 -18.71
CA VAL F 370 -19.56 14.18 -19.20
C VAL F 370 -18.52 13.73 -20.23
N CYS F 371 -18.17 12.45 -20.19
CA CYS F 371 -17.19 11.87 -21.12
C CYS F 371 -15.90 12.69 -21.12
N ILE F 372 -15.09 12.52 -20.09
CA ILE F 372 -13.84 13.24 -19.98
C ILE F 372 -12.72 12.28 -19.63
N ALA F 373 -11.94 11.91 -20.64
CA ALA F 373 -10.83 10.99 -20.46
C ALA F 373 -10.10 11.25 -19.14
N LYS F 374 -9.83 10.16 -18.44
CA LYS F 374 -9.17 10.24 -17.14
C LYS F 374 -7.97 11.16 -17.02
N GLU F 375 -7.06 11.12 -17.99
CA GLU F 375 -5.87 11.98 -17.89
C GLU F 375 -6.16 13.45 -18.08
N LEU F 376 -7.44 13.78 -18.29
CA LEU F 376 -7.85 15.18 -18.47
C LEU F 376 -8.65 15.68 -17.27
N ILE F 377 -8.93 14.77 -16.32
CA ILE F 377 -9.69 15.15 -15.13
C ILE F 377 -9.01 16.19 -14.25
N PRO F 378 -7.69 16.08 -14.05
CA PRO F 378 -6.99 17.06 -13.21
C PRO F 378 -7.05 18.49 -13.75
N GLU F 379 -6.88 18.65 -15.06
CA GLU F 379 -6.95 19.97 -15.67
C GLU F 379 -8.36 20.54 -15.60
N ALA F 380 -9.35 19.67 -15.76
CA ALA F 380 -10.75 20.06 -15.69
C ALA F 380 -11.14 20.43 -14.26
N THR F 381 -10.80 19.56 -13.30
CA THR F 381 -11.15 19.82 -11.90
C THR F 381 -10.51 21.12 -11.42
N GLU F 382 -9.29 21.36 -11.88
CA GLU F 382 -8.56 22.55 -11.51
C GLU F 382 -9.24 23.82 -12.01
N LYS F 383 -9.39 23.92 -13.33
CA LYS F 383 -10.02 25.09 -13.95
C LYS F 383 -11.33 25.49 -13.27
N TYR F 384 -11.89 24.58 -12.48
CA TYR F 384 -13.16 24.88 -11.82
C TYR F 384 -13.06 25.02 -10.31
N LEU F 385 -12.58 23.97 -9.65
CA LEU F 385 -12.49 23.98 -8.20
C LEU F 385 -11.22 24.64 -7.66
N GLY F 386 -10.36 25.09 -8.56
CA GLY F 386 -9.13 25.74 -8.14
C GLY F 386 -9.35 27.10 -7.52
N GLY F 387 -10.58 27.60 -7.60
CA GLY F 387 -10.92 28.89 -7.05
C GLY F 387 -10.52 29.10 -5.60
N THR F 388 -11.47 28.96 -4.68
CA THR F 388 -11.18 29.15 -3.26
C THR F 388 -10.93 27.82 -2.55
N ASP F 389 -10.34 27.91 -1.37
CA ASP F 389 -10.02 26.75 -0.55
C ASP F 389 -11.29 26.31 0.17
N ASP F 390 -12.39 26.96 -0.19
CA ASP F 390 -13.68 26.66 0.42
C ASP F 390 -14.28 25.38 -0.13
N THR F 391 -14.23 24.32 0.66
CA THR F 391 -14.76 23.02 0.26
C THR F 391 -16.27 23.06 0.05
N VAL F 392 -16.91 24.12 0.56
CA VAL F 392 -18.35 24.29 0.42
C VAL F 392 -18.65 24.97 -0.90
N LYS F 393 -17.68 25.71 -1.41
CA LYS F 393 -17.83 26.43 -2.67
C LYS F 393 -17.39 25.57 -3.86
N LYS F 394 -16.55 24.57 -3.58
CA LYS F 394 -16.07 23.69 -4.63
C LYS F 394 -17.18 22.79 -5.17
N LYS F 395 -17.97 22.19 -4.28
CA LYS F 395 -19.04 21.31 -4.74
C LYS F 395 -20.05 22.07 -5.59
N ASP F 396 -20.31 23.32 -5.22
CA ASP F 396 -21.26 24.15 -5.97
C ASP F 396 -20.66 24.44 -7.34
N LEU F 397 -19.34 24.62 -7.38
CA LEU F 397 -18.62 24.89 -8.61
C LEU F 397 -18.48 23.60 -9.41
N PHE F 398 -18.44 22.48 -8.69
CA PHE F 398 -18.33 21.19 -9.35
C PHE F 398 -19.59 20.96 -10.15
N LEU F 399 -20.73 21.28 -9.54
CA LEU F 399 -22.02 21.12 -10.19
C LEU F 399 -22.08 21.98 -11.44
N ASP F 400 -21.43 23.14 -11.42
CA ASP F 400 -21.41 24.02 -12.60
C ASP F 400 -20.62 23.37 -13.71
N LEU F 401 -19.54 22.69 -13.31
CA LEU F 401 -18.68 21.98 -14.23
C LEU F 401 -19.51 21.05 -15.12
N ILE F 402 -20.28 20.17 -14.46
CA ILE F 402 -21.14 19.19 -15.13
C ILE F 402 -22.10 19.87 -16.09
N ALA F 403 -22.84 20.86 -15.58
CA ALA F 403 -23.82 21.61 -16.37
C ALA F 403 -23.22 22.21 -17.63
N ASP F 404 -22.04 22.79 -17.50
CA ASP F 404 -21.40 23.41 -18.65
C ASP F 404 -21.10 22.40 -19.74
N VAL F 405 -20.61 21.23 -19.33
CA VAL F 405 -20.29 20.18 -20.29
C VAL F 405 -21.56 19.60 -20.92
N MET F 406 -22.39 19.00 -20.08
CA MET F 406 -23.64 18.38 -20.52
C MET F 406 -24.55 19.26 -21.36
N PHE F 407 -24.82 20.48 -20.90
CA PHE F 407 -25.74 21.37 -21.61
C PHE F 407 -25.17 22.68 -22.10
N GLY F 408 -24.68 23.49 -21.16
CA GLY F 408 -24.13 24.79 -21.49
C GLY F 408 -23.29 24.92 -22.74
N VAL F 409 -22.10 24.34 -22.73
CA VAL F 409 -21.22 24.46 -23.87
C VAL F 409 -21.84 23.95 -25.16
N PRO F 410 -22.45 22.75 -25.14
CA PRO F 410 -23.08 22.20 -26.35
C PRO F 410 -24.07 23.17 -26.99
N SER F 411 -24.94 23.73 -26.16
CA SER F 411 -25.95 24.66 -26.63
C SER F 411 -25.35 25.79 -27.45
N VAL F 412 -24.40 26.52 -26.86
CA VAL F 412 -23.79 27.63 -27.54
C VAL F 412 -23.17 27.21 -28.86
N ILE F 413 -22.46 26.10 -28.85
CA ILE F 413 -21.83 25.61 -30.07
C ILE F 413 -22.87 25.40 -31.15
N VAL F 414 -24.00 24.81 -30.77
CA VAL F 414 -25.07 24.57 -31.73
C VAL F 414 -25.53 25.95 -32.19
N ALA F 415 -25.90 26.77 -31.21
CA ALA F 415 -26.36 28.13 -31.45
C ALA F 415 -25.45 28.85 -32.43
N ARG F 416 -24.15 28.74 -32.21
CA ARG F 416 -23.18 29.39 -33.09
C ARG F 416 -23.23 28.84 -34.51
N ASN F 417 -23.03 27.54 -34.67
CA ASN F 417 -23.05 26.96 -36.01
C ASN F 417 -24.35 27.26 -36.72
N HIS F 418 -25.48 27.14 -36.03
CA HIS F 418 -26.75 27.44 -36.71
C HIS F 418 -26.70 28.88 -37.19
N ARG F 419 -26.22 29.76 -36.31
CA ARG F 419 -26.08 31.19 -36.60
C ARG F 419 -25.29 31.36 -37.90
N ASP F 420 -24.09 30.82 -37.90
CA ASP F 420 -23.19 30.90 -39.04
C ASP F 420 -23.76 30.24 -40.28
N ALA F 421 -24.77 29.41 -40.10
CA ALA F 421 -25.41 28.74 -41.22
C ALA F 421 -26.35 29.71 -41.91
N GLY F 422 -26.26 30.99 -41.51
CA GLY F 422 -27.08 32.03 -42.11
C GLY F 422 -28.55 32.09 -41.73
N ALA F 423 -28.90 31.59 -40.55
CA ALA F 423 -30.29 31.59 -40.13
C ALA F 423 -30.53 32.33 -38.81
N PRO F 424 -31.79 32.71 -38.57
CA PRO F 424 -32.16 33.42 -37.35
C PRO F 424 -31.89 32.52 -36.15
N THR F 425 -31.13 33.02 -35.18
CA THR F 425 -30.83 32.23 -34.01
C THR F 425 -31.20 33.01 -32.76
N TYR F 426 -31.55 32.30 -31.69
CA TYR F 426 -31.91 32.97 -30.43
C TYR F 426 -31.44 32.16 -29.24
N MET F 427 -31.06 32.84 -28.17
CA MET F 427 -30.62 32.15 -26.98
C MET F 427 -31.17 32.80 -25.72
N TYR F 428 -31.14 32.06 -24.63
CA TYR F 428 -31.62 32.57 -23.36
C TYR F 428 -31.03 31.77 -22.23
N GLU F 429 -31.13 32.33 -21.04
CA GLU F 429 -30.66 31.68 -19.83
C GLU F 429 -31.76 31.92 -18.82
N PHE F 430 -32.42 30.85 -18.41
CA PHE F 430 -33.51 30.93 -17.46
C PHE F 430 -32.97 30.87 -16.05
N GLN F 431 -33.19 31.94 -15.29
CA GLN F 431 -32.70 31.99 -13.92
C GLN F 431 -33.85 32.35 -12.99
N TYR F 432 -34.67 31.36 -12.66
CA TYR F 432 -35.80 31.58 -11.76
C TYR F 432 -36.05 30.33 -10.93
N ARG F 433 -36.74 30.49 -9.80
CA ARG F 433 -37.03 29.37 -8.91
C ARG F 433 -38.52 29.32 -8.59
N PRO F 434 -39.29 28.53 -9.35
CA PRO F 434 -40.75 28.35 -9.19
C PRO F 434 -41.16 27.72 -7.85
N SER F 435 -42.34 28.10 -7.37
CA SER F 435 -42.84 27.59 -6.10
C SER F 435 -43.52 26.25 -6.26
N PHE F 436 -43.39 25.67 -7.44
CA PHE F 436 -43.97 24.37 -7.73
C PHE F 436 -42.88 23.33 -7.59
N SER F 437 -41.68 23.80 -7.22
CA SER F 437 -40.51 22.94 -7.02
C SER F 437 -40.79 22.03 -5.85
N SER F 438 -40.26 20.81 -5.91
CA SER F 438 -40.47 19.85 -4.84
C SER F 438 -39.99 20.39 -3.49
N ASP F 439 -40.65 19.97 -2.42
CA ASP F 439 -40.28 20.39 -1.07
C ASP F 439 -38.86 19.95 -0.77
N MET F 440 -38.51 18.76 -1.26
CA MET F 440 -37.20 18.18 -1.05
C MET F 440 -36.11 18.94 -1.79
N LYS F 441 -36.48 20.06 -2.39
CA LYS F 441 -35.53 20.87 -3.13
C LYS F 441 -35.10 22.08 -2.33
N PRO F 442 -33.78 22.22 -2.08
CA PRO F 442 -33.18 23.32 -1.34
C PRO F 442 -33.56 24.68 -1.93
N LYS F 443 -33.82 25.63 -1.04
CA LYS F 443 -34.23 26.97 -1.44
C LYS F 443 -33.19 27.74 -2.24
N THR F 444 -31.93 27.33 -2.13
CA THR F 444 -30.83 27.98 -2.83
C THR F 444 -30.78 27.66 -4.33
N VAL F 445 -31.19 26.44 -4.68
CA VAL F 445 -31.18 26.01 -6.08
C VAL F 445 -32.15 26.86 -6.90
N ILE F 446 -31.60 27.70 -7.76
CA ILE F 446 -32.42 28.57 -8.58
C ILE F 446 -32.08 28.38 -10.04
N GLY F 447 -33.07 27.96 -10.83
CA GLY F 447 -32.83 27.76 -12.24
C GLY F 447 -32.46 26.33 -12.55
N ASP F 448 -32.90 25.45 -11.67
CA ASP F 448 -32.65 24.02 -11.82
C ASP F 448 -33.25 23.54 -13.14
N HIS F 449 -32.97 22.28 -13.48
CA HIS F 449 -33.44 21.64 -14.70
C HIS F 449 -34.95 21.59 -14.73
N GLY F 450 -35.53 21.99 -15.85
CA GLY F 450 -36.96 21.97 -16.01
C GLY F 450 -37.72 23.08 -15.35
N ASP F 451 -37.03 24.08 -14.84
CA ASP F 451 -37.69 25.20 -14.19
C ASP F 451 -38.40 26.13 -15.16
N GLU F 452 -37.97 26.11 -16.43
CA GLU F 452 -38.56 26.98 -17.44
C GLU F 452 -39.91 26.42 -17.89
N LEU F 453 -40.18 25.18 -17.51
CA LEU F 453 -41.42 24.55 -17.91
C LEU F 453 -42.68 25.24 -17.39
N PHE F 454 -42.75 25.49 -16.08
CA PHE F 454 -43.94 26.13 -15.54
C PHE F 454 -44.28 27.45 -16.19
N SER F 455 -43.27 28.26 -16.51
CA SER F 455 -43.52 29.52 -17.17
C SER F 455 -44.04 29.23 -18.56
N VAL F 456 -43.24 28.52 -19.35
CA VAL F 456 -43.62 28.17 -20.72
C VAL F 456 -45.02 27.58 -20.82
N PHE F 457 -45.37 26.71 -19.88
CA PHE F 457 -46.69 26.08 -19.91
C PHE F 457 -47.75 26.66 -18.99
N GLY F 458 -47.61 27.94 -18.66
CA GLY F 458 -48.58 28.60 -17.81
C GLY F 458 -49.06 27.82 -16.61
N ALA F 459 -48.14 27.26 -15.83
CA ALA F 459 -48.54 26.52 -14.66
C ALA F 459 -49.38 27.44 -13.77
N PRO F 460 -48.91 28.67 -13.55
CA PRO F 460 -49.61 29.65 -12.71
C PRO F 460 -51.08 29.92 -13.01
N PHE F 461 -51.68 29.22 -13.95
CA PHE F 461 -53.09 29.45 -14.23
C PHE F 461 -53.80 28.13 -14.08
N LEU F 462 -53.03 27.08 -13.86
CA LEU F 462 -53.59 25.75 -13.71
C LEU F 462 -53.38 25.26 -12.30
N LYS F 463 -52.39 25.83 -11.62
CA LYS F 463 -52.07 25.47 -10.26
C LYS F 463 -52.42 26.59 -9.30
N GLU F 464 -52.71 26.21 -8.07
CA GLU F 464 -53.10 27.14 -7.02
C GLU F 464 -51.90 27.61 -6.23
N GLY F 465 -51.81 28.90 -5.93
CA GLY F 465 -50.71 29.37 -5.09
C GLY F 465 -49.54 30.17 -5.63
N ALA F 466 -49.48 30.42 -6.93
CA ALA F 466 -48.38 31.19 -7.50
C ALA F 466 -48.30 32.59 -6.91
N SER F 467 -47.15 33.23 -7.05
CA SER F 467 -46.98 34.59 -6.55
C SER F 467 -47.25 35.50 -7.74
N GLU F 468 -47.43 36.79 -7.48
CA GLU F 468 -47.66 37.74 -8.56
C GLU F 468 -46.49 37.73 -9.53
N GLU F 469 -45.29 37.59 -8.98
CA GLU F 469 -44.06 37.56 -9.77
C GLU F 469 -44.12 36.38 -10.76
N GLU F 470 -44.29 35.18 -10.24
CA GLU F 470 -44.37 33.97 -11.06
C GLU F 470 -45.38 34.14 -12.20
N ILE F 471 -46.58 34.58 -11.85
CA ILE F 471 -47.65 34.80 -12.82
C ILE F 471 -47.17 35.74 -13.91
N ARG F 472 -46.49 36.81 -13.49
CA ARG F 472 -45.96 37.80 -14.40
C ARG F 472 -44.97 37.14 -15.35
N LEU F 473 -44.07 36.35 -14.78
CA LEU F 473 -43.03 35.66 -15.55
C LEU F 473 -43.62 34.75 -16.62
N SER F 474 -44.55 33.90 -16.21
CA SER F 474 -45.20 32.98 -17.13
C SER F 474 -45.78 33.69 -18.35
N LYS F 475 -46.60 34.72 -18.09
CA LYS F 475 -47.24 35.47 -19.18
C LYS F 475 -46.19 35.91 -20.17
N MET F 476 -45.13 36.53 -19.64
CA MET F 476 -44.07 37.02 -20.49
C MET F 476 -43.45 35.88 -21.30
N VAL F 477 -43.05 34.82 -20.60
CA VAL F 477 -42.45 33.68 -21.27
C VAL F 477 -43.39 33.08 -22.32
N MET F 478 -44.66 32.91 -21.97
CA MET F 478 -45.58 32.36 -22.95
C MET F 478 -45.70 33.28 -24.14
N LYS F 479 -45.63 34.60 -23.89
CA LYS F 479 -45.73 35.62 -24.93
C LYS F 479 -44.60 35.50 -25.95
N PHE F 480 -43.38 35.41 -25.42
CA PHE F 480 -42.17 35.27 -26.23
C PHE F 480 -42.26 34.03 -27.09
N TRP F 481 -42.47 32.89 -26.44
CA TRP F 481 -42.57 31.60 -27.12
C TRP F 481 -43.60 31.62 -28.23
N ALA F 482 -44.75 32.24 -27.97
CA ALA F 482 -45.80 32.32 -28.97
C ALA F 482 -45.39 33.19 -30.16
N ASN F 483 -44.88 34.39 -29.90
CA ASN F 483 -44.44 35.30 -30.96
C ASN F 483 -43.52 34.56 -31.91
N PHE F 484 -42.47 33.96 -31.33
CA PHE F 484 -41.49 33.19 -32.08
C PHE F 484 -42.22 32.10 -32.86
N ALA F 485 -43.23 31.51 -32.24
CA ALA F 485 -43.99 30.47 -32.89
C ALA F 485 -44.64 30.96 -34.19
N ARG F 486 -44.99 32.24 -34.26
CA ARG F 486 -45.61 32.77 -35.47
C ARG F 486 -44.73 33.66 -36.33
N ASN F 487 -43.73 34.31 -35.73
CA ASN F 487 -42.84 35.19 -36.49
C ASN F 487 -41.43 34.68 -36.66
N GLY F 488 -41.01 33.81 -35.76
CA GLY F 488 -39.64 33.32 -35.81
C GLY F 488 -38.80 34.41 -35.16
N ASN F 489 -39.47 35.21 -34.34
CA ASN F 489 -38.84 36.30 -33.61
C ASN F 489 -39.64 36.54 -32.34
N PRO F 490 -39.05 36.21 -31.17
CA PRO F 490 -39.71 36.38 -29.87
C PRO F 490 -40.11 37.80 -29.50
N ASN F 491 -39.43 38.78 -30.09
CA ASN F 491 -39.72 40.17 -29.79
C ASN F 491 -41.15 40.60 -30.02
N GLY F 492 -41.61 41.49 -29.14
CA GLY F 492 -42.97 41.99 -29.22
C GLY F 492 -43.10 43.26 -28.39
N GLU F 493 -44.32 43.79 -28.31
CA GLU F 493 -44.58 45.00 -27.56
C GLU F 493 -44.77 44.70 -26.08
N GLY F 494 -44.21 45.54 -25.22
CA GLY F 494 -44.36 45.33 -23.79
C GLY F 494 -43.54 44.14 -23.31
N LEU F 495 -42.54 43.79 -24.10
CA LEU F 495 -41.67 42.67 -23.77
C LEU F 495 -40.22 43.13 -23.90
N PRO F 496 -39.41 42.90 -22.87
CA PRO F 496 -38.02 43.33 -23.02
C PRO F 496 -37.45 42.81 -24.35
N HIS F 497 -36.78 43.70 -25.08
CA HIS F 497 -36.20 43.36 -26.37
C HIS F 497 -35.27 42.14 -26.25
N TRP F 498 -35.43 41.20 -27.18
CA TRP F 498 -34.62 39.99 -27.21
C TRP F 498 -33.71 40.15 -28.42
N PRO F 499 -32.39 40.20 -28.19
CA PRO F 499 -31.44 40.36 -29.30
C PRO F 499 -31.24 39.10 -30.12
N GLU F 500 -31.26 39.23 -31.44
CA GLU F 500 -31.03 38.06 -32.27
C GLU F 500 -29.63 37.60 -31.87
N TYR F 501 -29.37 36.29 -31.94
CA TYR F 501 -28.05 35.80 -31.58
C TYR F 501 -27.16 35.88 -32.82
N ASN F 502 -26.39 36.97 -32.91
CA ASN F 502 -25.48 37.18 -34.03
C ASN F 502 -24.03 37.16 -33.52
N GLN F 503 -23.15 37.91 -34.15
CA GLN F 503 -21.76 37.92 -33.71
C GLN F 503 -21.59 38.60 -32.34
N LYS F 504 -22.58 39.41 -31.97
CA LYS F 504 -22.55 40.10 -30.68
C LYS F 504 -22.82 39.08 -29.57
N GLU F 505 -23.42 37.96 -29.97
CA GLU F 505 -23.77 36.87 -29.06
C GLU F 505 -24.65 37.34 -27.92
N GLY F 506 -25.75 38.00 -28.30
CA GLY F 506 -26.70 38.49 -27.33
C GLY F 506 -27.85 37.54 -27.13
N TYR F 507 -28.21 37.34 -25.87
CA TYR F 507 -29.30 36.46 -25.51
C TYR F 507 -30.14 37.16 -24.47
N LEU F 508 -31.26 36.55 -24.07
CA LEU F 508 -32.09 37.17 -23.08
C LEU F 508 -32.07 36.43 -21.75
N GLN F 509 -31.60 37.10 -20.70
CA GLN F 509 -31.58 36.48 -19.38
C GLN F 509 -33.03 36.53 -18.86
N ILE F 510 -33.71 35.39 -18.85
CA ILE F 510 -35.09 35.30 -18.40
C ILE F 510 -35.13 34.98 -16.92
N GLY F 511 -35.74 35.88 -16.15
CA GLY F 511 -35.83 35.68 -14.72
C GLY F 511 -36.72 36.73 -14.10
N ALA F 512 -36.69 36.85 -12.77
CA ALA F 512 -37.50 37.85 -12.08
C ALA F 512 -37.24 39.16 -12.80
N ASN F 513 -35.97 39.39 -13.10
CA ASN F 513 -35.53 40.56 -13.83
C ASN F 513 -35.07 39.99 -15.15
N THR F 514 -35.68 40.43 -16.24
CA THR F 514 -35.32 39.89 -17.55
C THR F 514 -34.70 40.92 -18.50
N GLN F 515 -33.38 41.02 -18.51
CA GLN F 515 -32.70 41.96 -19.41
C GLN F 515 -31.83 41.17 -20.39
N ALA F 516 -31.28 41.85 -21.39
CA ALA F 516 -30.41 41.20 -22.37
C ALA F 516 -28.97 41.22 -21.87
N ALA F 517 -28.16 40.30 -22.38
CA ALA F 517 -26.75 40.21 -22.00
C ALA F 517 -25.97 39.75 -23.23
N GLN F 518 -24.69 39.41 -23.07
CA GLN F 518 -23.90 38.94 -24.22
C GLN F 518 -22.74 38.03 -23.85
N LYS F 519 -22.35 37.17 -24.78
CA LYS F 519 -21.24 36.23 -24.59
C LYS F 519 -21.56 35.07 -23.66
N LEU F 520 -22.73 34.47 -23.79
CA LEU F 520 -23.10 33.35 -22.93
C LEU F 520 -22.02 32.28 -22.93
N LYS F 521 -21.57 31.87 -21.74
CA LYS F 521 -20.54 30.85 -21.57
C LYS F 521 -19.35 30.98 -22.52
N ASP F 522 -19.00 32.21 -22.89
CA ASP F 522 -17.89 32.44 -23.81
C ASP F 522 -16.58 31.74 -23.44
N LYS F 523 -16.23 31.75 -22.16
CA LYS F 523 -15.00 31.12 -21.73
C LYS F 523 -15.06 29.60 -21.64
N GLU F 524 -16.16 29.09 -21.08
CA GLU F 524 -16.30 27.65 -20.93
C GLU F 524 -16.26 26.97 -22.29
N VAL F 525 -16.88 27.58 -23.28
CA VAL F 525 -16.87 27.02 -24.62
C VAL F 525 -15.41 26.86 -25.03
N ALA F 526 -14.69 27.98 -25.03
CA ALA F 526 -13.27 27.99 -25.39
C ALA F 526 -12.46 27.00 -24.55
N PHE F 527 -12.66 27.02 -23.23
CA PHE F 527 -11.95 26.10 -22.36
C PHE F 527 -12.18 24.65 -22.73
N TRP F 528 -13.45 24.27 -22.84
CA TRP F 528 -13.80 22.91 -23.19
C TRP F 528 -13.41 22.56 -24.61
N THR F 529 -13.75 23.42 -25.56
CA THR F 529 -13.39 23.16 -26.95
C THR F 529 -11.90 22.83 -27.04
N ASN F 530 -11.11 23.41 -26.16
CA ASN F 530 -9.66 23.17 -26.14
C ASN F 530 -9.27 21.81 -25.53
N LEU F 531 -9.64 21.60 -24.27
CA LEU F 531 -9.32 20.36 -23.56
C LEU F 531 -9.71 19.09 -24.31
N PHE F 532 -10.91 19.06 -24.88
CA PHE F 532 -11.39 17.89 -25.64
C PHE F 532 -10.60 17.79 -26.95
N ALA F 533 -9.98 18.89 -27.34
CA ALA F 533 -9.17 18.95 -28.56
C ALA F 533 -7.77 18.47 -28.24
N LYS F 534 -7.59 18.00 -27.00
CA LYS F 534 -6.30 17.48 -26.54
C LYS F 534 -6.23 15.97 -26.73
N SER G 3 74.61 3.77 -20.81
CA SER G 3 73.58 3.50 -19.76
C SER G 3 72.82 4.77 -19.38
N SER G 4 73.28 5.90 -19.92
CA SER G 4 72.70 7.22 -19.66
C SER G 4 71.18 7.24 -19.55
N PRO G 5 70.65 7.36 -18.32
CA PRO G 5 69.20 7.40 -18.12
C PRO G 5 68.56 8.43 -19.03
N PRO G 6 67.30 8.22 -19.39
CA PRO G 6 66.62 9.16 -20.28
C PRO G 6 66.19 10.47 -19.62
N VAL G 7 66.60 11.59 -20.23
CA VAL G 7 66.23 12.92 -19.75
C VAL G 7 65.40 13.65 -20.79
N VAL G 8 64.09 13.67 -20.61
CA VAL G 8 63.17 14.34 -21.54
C VAL G 8 62.93 15.76 -21.05
N ASP G 9 62.47 16.61 -21.97
CA ASP G 9 62.20 18.01 -21.66
C ASP G 9 60.73 18.35 -21.83
N THR G 10 60.00 18.36 -20.71
CA THR G 10 58.58 18.68 -20.73
C THR G 10 58.46 20.20 -20.70
N VAL G 11 57.24 20.70 -20.90
CA VAL G 11 57.00 22.13 -20.92
C VAL G 11 57.30 22.80 -19.58
N HIS G 12 57.19 22.06 -18.50
CA HIS G 12 57.46 22.61 -17.18
C HIS G 12 58.88 22.33 -16.68
N GLY G 13 59.69 21.65 -17.49
CA GLY G 13 61.05 21.36 -17.08
C GLY G 13 61.54 19.99 -17.49
N LYS G 14 62.78 19.67 -17.12
CA LYS G 14 63.37 18.39 -17.47
C LYS G 14 63.06 17.31 -16.44
N VAL G 15 62.63 16.17 -16.95
CA VAL G 15 62.29 15.02 -16.11
C VAL G 15 63.30 13.94 -16.47
N LEU G 16 63.64 13.10 -15.50
CA LEU G 16 64.62 12.05 -15.72
C LEU G 16 64.11 10.69 -15.26
N GLY G 17 63.87 9.79 -16.22
CA GLY G 17 63.38 8.47 -15.86
C GLY G 17 64.50 7.44 -15.80
N LYS G 18 64.18 6.21 -16.17
CA LYS G 18 65.18 5.14 -16.18
C LYS G 18 64.84 4.19 -17.32
N PHE G 19 65.83 3.41 -17.76
CA PHE G 19 65.63 2.46 -18.83
C PHE G 19 65.41 1.05 -18.29
N VAL G 20 64.50 0.32 -18.92
CA VAL G 20 64.19 -1.05 -18.54
C VAL G 20 63.79 -1.84 -19.79
N SER G 21 64.25 -3.07 -19.87
CA SER G 21 63.96 -3.92 -21.01
C SER G 21 63.31 -5.21 -20.53
N LEU G 22 62.19 -5.53 -21.19
CA LEU G 22 61.42 -6.73 -20.91
C LEU G 22 62.07 -7.83 -21.74
N GLU G 23 62.40 -8.95 -21.10
CA GLU G 23 63.04 -10.03 -21.86
C GLU G 23 62.33 -10.35 -23.17
N GLY G 24 63.11 -10.57 -24.23
CA GLY G 24 62.55 -10.86 -25.53
C GLY G 24 62.50 -9.63 -26.41
N PHE G 25 62.64 -8.45 -25.80
CA PHE G 25 62.61 -7.21 -26.55
C PHE G 25 63.91 -6.43 -26.45
N ALA G 26 64.46 -6.12 -27.63
CA ALA G 26 65.73 -5.40 -27.74
C ALA G 26 65.58 -3.91 -27.51
N GLN G 27 64.39 -3.38 -27.75
CA GLN G 27 64.14 -1.96 -27.56
C GLN G 27 63.78 -1.66 -26.11
N PRO G 28 64.71 -1.06 -25.34
CA PRO G 28 64.42 -0.76 -23.93
C PRO G 28 63.31 0.28 -23.80
N VAL G 29 62.56 0.21 -22.71
CA VAL G 29 61.49 1.16 -22.46
C VAL G 29 61.93 2.17 -21.40
N ALA G 30 61.80 3.46 -21.74
CA ALA G 30 62.15 4.54 -20.82
C ALA G 30 60.91 4.73 -19.96
N ILE G 31 61.10 4.66 -18.65
CA ILE G 31 60.02 4.78 -17.70
C ILE G 31 60.16 5.99 -16.78
N PHE G 32 59.12 6.83 -16.76
CA PHE G 32 59.12 8.01 -15.93
C PHE G 32 58.01 7.88 -14.90
N LEU G 33 58.38 7.86 -13.62
CA LEU G 33 57.38 7.71 -12.57
C LEU G 33 57.19 8.96 -11.73
N GLY G 34 55.95 9.42 -11.63
CA GLY G 34 55.69 10.57 -10.81
C GLY G 34 55.66 11.95 -11.43
N ILE G 35 55.67 12.06 -12.76
CA ILE G 35 55.62 13.39 -13.35
C ILE G 35 54.32 14.06 -12.92
N PRO G 36 54.39 15.28 -12.37
CA PRO G 36 53.21 16.01 -11.93
C PRO G 36 52.52 16.71 -13.10
N PHE G 37 51.19 16.79 -13.07
CA PHE G 37 50.45 17.45 -14.15
C PHE G 37 49.57 18.59 -13.66
N ALA G 38 49.46 18.74 -12.34
CA ALA G 38 48.67 19.82 -11.76
C ALA G 38 49.26 20.24 -10.40
N LYS G 39 49.06 21.51 -10.03
CA LYS G 39 49.55 22.02 -8.76
C LYS G 39 48.78 21.29 -7.68
N PRO G 40 49.49 20.75 -6.65
CA PRO G 40 48.89 20.02 -5.54
C PRO G 40 47.69 20.69 -4.94
N PRO G 41 46.52 20.03 -5.01
CA PRO G 41 45.26 20.54 -4.48
C PRO G 41 45.24 20.55 -2.97
N LEU G 42 46.10 21.39 -2.39
CA LEU G 42 46.20 21.50 -0.94
C LEU G 42 45.53 22.76 -0.40
N GLY G 43 45.17 22.72 0.88
CA GLY G 43 44.56 23.86 1.53
C GLY G 43 43.43 24.49 0.74
N PRO G 44 43.50 25.80 0.46
CA PRO G 44 42.43 26.46 -0.31
C PRO G 44 42.11 25.79 -1.63
N LEU G 45 43.00 24.94 -2.13
CA LEU G 45 42.76 24.26 -3.40
C LEU G 45 41.88 23.02 -3.23
N ARG G 46 41.72 22.54 -1.99
CA ARG G 46 40.88 21.39 -1.76
C ARG G 46 39.49 21.75 -2.24
N PHE G 47 38.85 20.84 -2.96
CA PHE G 47 37.49 21.06 -3.47
C PHE G 47 37.37 22.14 -4.56
N THR G 48 38.36 22.21 -5.46
CA THR G 48 38.33 23.18 -6.55
C THR G 48 38.93 22.58 -7.82
N PRO G 49 38.76 23.23 -8.97
CA PRO G 49 39.35 22.67 -10.21
C PRO G 49 40.87 22.59 -10.10
N PRO G 50 41.48 21.64 -10.83
CA PRO G 50 42.95 21.53 -10.76
C PRO G 50 43.60 22.70 -11.48
N GLN G 51 44.82 23.04 -11.08
CA GLN G 51 45.55 24.15 -11.69
C GLN G 51 46.88 23.70 -12.27
N PRO G 52 47.36 24.38 -13.32
CA PRO G 52 48.65 24.01 -13.93
C PRO G 52 49.78 23.90 -12.89
N ALA G 53 50.51 22.79 -12.94
CA ALA G 53 51.63 22.56 -12.01
C ALA G 53 52.70 23.63 -12.23
N GLU G 54 53.33 24.07 -11.14
CA GLU G 54 54.37 25.09 -11.25
C GLU G 54 55.65 24.60 -11.94
N PRO G 55 56.17 25.37 -12.90
CA PRO G 55 57.39 25.01 -13.62
C PRO G 55 58.59 24.95 -12.67
N TRP G 56 59.51 24.03 -12.94
CA TRP G 56 60.70 23.86 -12.10
C TRP G 56 61.97 24.04 -12.88
N SER G 57 63.07 24.28 -12.17
CA SER G 57 64.39 24.45 -12.78
C SER G 57 65.20 23.16 -12.58
N PHE G 58 66.25 22.98 -13.37
CA PHE G 58 67.10 21.79 -13.29
C PHE G 58 66.35 20.53 -13.68
N VAL G 59 66.88 19.38 -13.31
CA VAL G 59 66.25 18.13 -13.66
C VAL G 59 65.50 17.52 -12.49
N LYS G 60 64.21 17.30 -12.71
CA LYS G 60 63.32 16.69 -11.73
C LYS G 60 63.44 15.19 -11.84
N ASN G 61 63.96 14.57 -10.79
CA ASN G 61 64.13 13.12 -10.81
C ASN G 61 62.77 12.45 -10.78
N ALA G 62 62.39 11.84 -11.90
CA ALA G 62 61.11 11.14 -12.00
C ALA G 62 61.38 9.64 -12.00
N THR G 63 61.91 9.14 -10.90
CA THR G 63 62.22 7.73 -10.80
C THR G 63 61.83 7.09 -9.47
N SER G 64 60.68 7.49 -8.95
CA SER G 64 60.12 6.96 -7.71
C SER G 64 58.63 6.96 -7.91
N TYR G 65 57.94 6.00 -7.32
CA TYR G 65 56.48 5.94 -7.45
C TYR G 65 55.84 7.06 -6.65
N PRO G 66 54.93 7.82 -7.28
CA PRO G 66 54.28 8.91 -6.55
C PRO G 66 53.35 8.32 -5.49
N PRO G 67 52.78 9.17 -4.62
CA PRO G 67 51.90 8.59 -3.62
C PRO G 67 50.52 8.42 -4.23
N MET G 68 49.65 7.68 -3.54
CA MET G 68 48.30 7.46 -4.04
C MET G 68 47.39 8.39 -3.22
N CYS G 69 46.41 9.02 -3.88
CA CYS G 69 45.47 9.94 -3.23
C CYS G 69 44.85 9.41 -1.95
N THR G 70 44.82 10.24 -0.93
CA THR G 70 44.26 9.82 0.34
C THR G 70 43.03 8.93 0.11
N GLN G 71 43.08 7.75 0.72
CA GLN G 71 42.00 6.79 0.60
C GLN G 71 42.08 5.84 1.77
N ASP G 72 41.25 4.80 1.75
CA ASP G 72 41.27 3.82 2.83
C ASP G 72 42.54 3.04 2.55
N PRO G 73 43.56 3.18 3.41
CA PRO G 73 44.80 2.45 3.17
C PRO G 73 44.60 0.95 2.98
N LYS G 74 43.86 0.33 3.90
CA LYS G 74 43.59 -1.10 3.81
C LYS G 74 42.94 -1.47 2.48
N ALA G 75 41.73 -0.95 2.28
CA ALA G 75 40.96 -1.19 1.06
C ALA G 75 41.76 -0.95 -0.21
N GLY G 76 42.50 0.15 -0.24
CA GLY G 76 43.29 0.48 -1.41
C GLY G 76 44.34 -0.56 -1.71
N GLN G 77 45.23 -0.78 -0.75
CA GLN G 77 46.29 -1.78 -0.91
C GLN G 77 45.73 -3.14 -1.29
N LEU G 78 44.59 -3.50 -0.70
CA LEU G 78 43.94 -4.77 -0.97
C LEU G 78 43.44 -4.84 -2.41
N LEU G 79 42.95 -3.71 -2.93
CA LEU G 79 42.47 -3.68 -4.32
C LEU G 79 43.67 -3.72 -5.25
N SER G 80 44.83 -3.33 -4.73
CA SER G 80 46.04 -3.31 -5.53
C SER G 80 46.66 -4.70 -5.60
N GLU G 81 46.73 -5.38 -4.46
CA GLU G 81 47.27 -6.73 -4.42
C GLU G 81 46.46 -7.64 -5.35
N LEU G 82 45.22 -7.23 -5.63
CA LEU G 82 44.32 -8.02 -6.46
C LEU G 82 44.27 -7.66 -7.94
N PHE G 83 44.57 -6.42 -8.29
CA PHE G 83 44.54 -6.01 -9.70
C PHE G 83 45.91 -5.90 -10.33
N THR G 84 46.91 -5.56 -9.51
CA THR G 84 48.26 -5.38 -10.01
C THR G 84 48.77 -6.49 -10.91
N ASN G 85 49.45 -6.11 -12.00
CA ASN G 85 49.98 -7.08 -12.93
C ASN G 85 51.47 -7.33 -12.72
N ARG G 86 52.12 -6.54 -11.87
CA ARG G 86 53.55 -6.73 -11.62
C ARG G 86 53.79 -7.91 -10.65
N LYS G 87 54.89 -8.63 -10.82
CA LYS G 87 55.19 -9.78 -9.96
C LYS G 87 54.93 -9.49 -8.49
N GLU G 88 55.53 -8.41 -8.00
CA GLU G 88 55.34 -8.03 -6.61
C GLU G 88 54.59 -6.72 -6.51
N ASN G 89 53.69 -6.65 -5.53
CA ASN G 89 52.88 -5.47 -5.32
C ASN G 89 53.71 -4.38 -4.64
N ILE G 90 53.61 -3.17 -5.16
CA ILE G 90 54.37 -2.06 -4.59
C ILE G 90 53.55 -1.35 -3.53
N PRO G 91 53.99 -1.37 -2.27
CA PRO G 91 53.24 -0.67 -1.24
C PRO G 91 53.36 0.84 -1.49
N LEU G 92 52.25 1.55 -1.43
CA LEU G 92 52.26 2.98 -1.67
C LEU G 92 52.02 3.80 -0.41
N LYS G 93 52.26 5.10 -0.53
CA LYS G 93 52.08 6.02 0.58
C LYS G 93 50.88 6.93 0.27
N LEU G 94 50.15 7.35 1.31
CA LEU G 94 48.97 8.20 1.14
C LEU G 94 49.25 9.71 1.21
N SER G 95 48.60 10.47 0.32
CA SER G 95 48.78 11.93 0.31
C SER G 95 47.73 12.64 -0.55
N GLU G 96 47.46 13.91 -0.23
CA GLU G 96 46.51 14.70 -0.99
C GLU G 96 47.27 15.19 -2.21
N ASP G 97 48.59 15.10 -2.11
CA ASP G 97 49.51 15.48 -3.18
C ASP G 97 49.64 14.16 -3.95
N CYS G 98 48.78 13.98 -4.94
CA CYS G 98 48.76 12.74 -5.69
C CYS G 98 48.45 12.88 -7.17
N LEU G 99 48.34 14.12 -7.65
CA LEU G 99 48.03 14.32 -9.06
C LEU G 99 49.27 14.19 -9.92
N TYR G 100 49.69 12.95 -10.12
CA TYR G 100 50.84 12.64 -10.95
C TYR G 100 50.42 11.57 -11.95
N LEU G 101 51.30 11.27 -12.89
CA LEU G 101 51.04 10.26 -13.88
C LEU G 101 52.37 9.60 -14.21
N ASN G 102 52.31 8.34 -14.59
CA ASN G 102 53.51 7.59 -14.95
C ASN G 102 53.50 7.35 -16.46
N ILE G 103 54.69 7.28 -17.04
CA ILE G 103 54.80 7.05 -18.48
C ILE G 103 55.70 5.84 -18.72
N TYR G 104 55.43 5.13 -19.81
CA TYR G 104 56.22 3.97 -20.22
C TYR G 104 56.26 4.06 -21.72
N THR G 105 57.40 4.46 -22.28
CA THR G 105 57.49 4.57 -23.74
C THR G 105 58.64 3.78 -24.36
N PRO G 106 58.34 3.05 -25.43
CA PRO G 106 59.31 2.23 -26.17
C PRO G 106 59.98 3.07 -27.26
N ALA G 107 59.44 4.25 -27.51
CA ALA G 107 59.98 5.11 -28.53
C ALA G 107 61.45 5.44 -28.25
N ASP G 108 62.20 5.59 -29.33
CA ASP G 108 63.60 5.96 -29.24
C ASP G 108 63.57 7.48 -29.24
N LEU G 109 63.69 8.05 -28.04
CA LEU G 109 63.64 9.49 -27.83
C LEU G 109 64.59 10.31 -28.69
N THR G 110 65.69 9.71 -29.13
CA THR G 110 66.67 10.41 -29.97
C THR G 110 66.08 10.68 -31.36
N LYS G 111 65.25 9.75 -31.85
CA LYS G 111 64.59 9.86 -33.15
C LYS G 111 63.17 10.41 -32.92
N LYS G 112 62.64 11.14 -33.88
CA LYS G 112 61.29 11.65 -33.72
C LYS G 112 60.32 10.46 -33.85
N ASN G 113 59.49 10.26 -32.84
CA ASN G 113 58.52 9.16 -32.86
C ASN G 113 57.14 9.67 -32.53
N ARG G 114 56.12 9.09 -33.17
CA ARG G 114 54.74 9.49 -32.92
C ARG G 114 53.86 8.26 -32.73
N LEU G 115 54.24 7.43 -31.76
CA LEU G 115 53.52 6.21 -31.45
C LEU G 115 52.17 6.52 -30.80
N PRO G 116 51.21 5.58 -30.90
CA PRO G 116 49.90 5.78 -30.30
C PRO G 116 50.00 5.87 -28.79
N VAL G 117 49.11 6.64 -28.18
CA VAL G 117 49.14 6.80 -26.73
C VAL G 117 47.89 6.18 -26.12
N MET G 118 48.07 5.51 -24.99
CA MET G 118 46.96 4.86 -24.29
C MET G 118 46.95 5.26 -22.83
N VAL G 119 46.11 6.23 -22.51
CA VAL G 119 46.01 6.73 -21.15
C VAL G 119 45.11 5.84 -20.31
N TRP G 120 45.64 5.32 -19.21
CA TRP G 120 44.88 4.45 -18.32
C TRP G 120 44.23 5.11 -17.11
N ILE G 121 42.97 4.77 -16.86
CA ILE G 121 42.25 5.29 -15.71
C ILE G 121 41.87 4.08 -14.83
N HIS G 122 42.44 4.01 -13.63
CA HIS G 122 42.17 2.89 -12.74
C HIS G 122 40.77 2.88 -12.15
N GLY G 123 40.38 1.70 -11.68
CA GLY G 123 39.07 1.57 -11.06
C GLY G 123 39.20 1.73 -9.57
N GLY G 124 38.14 1.42 -8.84
CA GLY G 124 38.19 1.56 -7.39
C GLY G 124 37.05 2.44 -6.88
N GLY G 125 35.91 2.41 -7.57
CA GLY G 125 34.75 3.18 -7.17
C GLY G 125 35.00 4.65 -6.83
N LEU G 126 35.94 5.27 -7.53
CA LEU G 126 36.29 6.67 -7.28
C LEU G 126 36.53 6.88 -5.78
N MET G 127 36.91 5.81 -5.10
CA MET G 127 37.15 5.89 -3.66
C MET G 127 38.50 5.34 -3.24
N VAL G 128 39.04 4.44 -4.05
CA VAL G 128 40.33 3.83 -3.79
C VAL G 128 40.96 3.59 -5.15
N GLY G 129 42.25 3.29 -5.18
CA GLY G 129 42.89 3.05 -6.45
C GLY G 129 44.23 3.75 -6.54
N ALA G 130 45.00 3.40 -7.57
CA ALA G 130 46.30 4.00 -7.78
C ALA G 130 46.73 3.71 -9.21
N ALA G 131 47.48 4.62 -9.81
CA ALA G 131 47.94 4.44 -11.18
C ALA G 131 49.20 3.58 -11.23
N SER G 132 49.96 3.59 -10.15
CA SER G 132 51.20 2.83 -10.07
C SER G 132 50.96 1.34 -10.06
N THR G 133 49.78 0.93 -9.58
CA THR G 133 49.42 -0.48 -9.51
C THR G 133 49.59 -1.15 -10.87
N TYR G 134 49.24 -0.41 -11.93
CA TYR G 134 49.32 -0.89 -13.31
C TYR G 134 50.66 -0.61 -14.00
N ASP G 135 51.52 -1.62 -14.09
CA ASP G 135 52.83 -1.51 -14.76
C ASP G 135 52.64 -1.58 -16.26
N GLY G 136 53.01 -0.52 -16.97
CA GLY G 136 52.80 -0.49 -18.40
C GLY G 136 53.86 -1.01 -19.36
N LEU G 137 54.98 -1.51 -18.83
CA LEU G 137 56.08 -2.04 -19.64
C LEU G 137 55.68 -3.08 -20.68
N ALA G 138 55.03 -4.15 -20.22
CA ALA G 138 54.57 -5.24 -21.07
C ALA G 138 53.82 -4.71 -22.27
N LEU G 139 52.67 -4.08 -22.02
CA LEU G 139 51.86 -3.54 -23.09
C LEU G 139 52.71 -2.69 -24.02
N ALA G 140 53.45 -1.73 -23.46
CA ALA G 140 54.29 -0.86 -24.29
C ALA G 140 55.25 -1.66 -25.15
N ALA G 141 56.08 -2.46 -24.49
CA ALA G 141 57.08 -3.28 -25.19
C ALA G 141 56.45 -4.10 -26.32
N HIS G 142 55.48 -4.93 -25.94
CA HIS G 142 54.80 -5.82 -26.88
C HIS G 142 54.11 -5.12 -28.03
N GLU G 143 53.26 -4.15 -27.72
CA GLU G 143 52.54 -3.46 -28.79
C GLU G 143 53.12 -2.15 -29.31
N ASN G 144 54.25 -1.74 -28.74
CA ASN G 144 54.90 -0.52 -29.19
C ASN G 144 54.03 0.74 -29.09
N VAL G 145 53.45 0.95 -27.91
CA VAL G 145 52.62 2.12 -27.65
C VAL G 145 53.16 2.90 -26.45
N VAL G 146 52.59 4.08 -26.21
CA VAL G 146 53.01 4.90 -25.11
C VAL G 146 51.97 4.79 -24.03
N VAL G 147 52.19 3.91 -23.06
CA VAL G 147 51.23 3.74 -21.99
C VAL G 147 51.42 4.84 -20.94
N VAL G 148 50.33 5.51 -20.58
CA VAL G 148 50.37 6.60 -19.61
C VAL G 148 49.40 6.41 -18.45
N THR G 149 49.85 5.82 -17.34
CA THR G 149 48.98 5.64 -16.19
C THR G 149 48.79 6.97 -15.45
N ILE G 150 47.54 7.32 -15.14
CA ILE G 150 47.23 8.59 -14.46
C ILE G 150 46.51 8.45 -13.11
N GLN G 151 46.59 9.49 -12.30
CA GLN G 151 45.91 9.49 -11.01
C GLN G 151 44.96 10.68 -10.88
N TYR G 152 43.90 10.49 -10.10
CA TYR G 152 42.92 11.55 -9.93
C TYR G 152 42.39 11.57 -8.51
N ARG G 153 41.99 12.74 -8.03
CA ARG G 153 41.46 12.85 -6.68
C ARG G 153 40.31 11.87 -6.48
N LEU G 154 40.28 11.22 -5.32
CA LEU G 154 39.26 10.24 -5.01
C LEU G 154 38.42 10.62 -3.82
N GLY G 155 37.32 9.89 -3.65
CA GLY G 155 36.39 10.11 -2.55
C GLY G 155 36.08 11.55 -2.21
N ILE G 156 36.05 11.84 -0.91
CA ILE G 156 35.76 13.19 -0.47
C ILE G 156 36.55 14.25 -1.24
N TRP G 157 37.86 14.11 -1.24
CA TRP G 157 38.72 15.06 -1.94
C TRP G 157 38.36 15.22 -3.42
N GLY G 158 37.95 14.13 -4.05
CA GLY G 158 37.68 14.21 -5.47
C GLY G 158 36.25 14.34 -5.93
N PHE G 159 35.29 14.12 -5.04
CA PHE G 159 33.88 14.21 -5.45
C PHE G 159 32.89 14.86 -4.49
N PHE G 160 33.35 15.48 -3.41
CA PHE G 160 32.43 16.12 -2.49
C PHE G 160 31.67 17.25 -3.16
N SER G 161 30.37 17.31 -2.94
CA SER G 161 29.54 18.36 -3.53
C SER G 161 28.41 18.86 -2.63
N THR G 162 28.00 20.11 -2.89
CA THR G 162 26.92 20.73 -2.12
C THR G 162 25.65 20.91 -2.94
N GLY G 163 25.76 20.75 -4.26
CA GLY G 163 24.62 20.91 -5.13
C GLY G 163 24.64 22.24 -5.84
N ASP G 164 25.51 23.15 -5.39
CA ASP G 164 25.60 24.48 -6.00
C ASP G 164 27.03 24.90 -6.38
N GLU G 165 27.19 26.18 -6.69
CA GLU G 165 28.47 26.72 -7.11
C GLU G 165 29.60 26.78 -6.06
N HIS G 166 29.29 26.47 -4.80
CA HIS G 166 30.32 26.51 -3.77
C HIS G 166 31.16 25.25 -3.70
N SER G 167 30.68 24.21 -4.37
CA SER G 167 31.36 22.92 -4.45
C SER G 167 30.57 22.05 -5.43
N ARG G 168 30.64 22.41 -6.71
CA ARG G 168 29.96 21.67 -7.75
C ARG G 168 30.28 20.20 -7.63
N GLY G 169 31.55 19.86 -7.66
CA GLY G 169 31.96 18.47 -7.57
C GLY G 169 32.69 17.99 -8.81
N ASN G 170 32.86 16.68 -8.92
CA ASN G 170 33.55 16.06 -10.04
C ASN G 170 35.01 16.48 -10.13
N TRP G 171 35.60 16.78 -8.98
CA TRP G 171 36.99 17.20 -8.95
C TRP G 171 37.85 16.16 -9.63
N GLY G 172 37.63 14.91 -9.27
CA GLY G 172 38.38 13.80 -9.83
C GLY G 172 38.40 13.80 -11.35
N HIS G 173 37.23 13.98 -11.96
CA HIS G 173 37.12 14.01 -13.42
C HIS G 173 37.85 15.23 -13.99
N LEU G 174 37.74 16.37 -13.31
CA LEU G 174 38.42 17.56 -13.77
C LEU G 174 39.92 17.28 -13.80
N ASP G 175 40.43 16.58 -12.78
CA ASP G 175 41.84 16.21 -12.71
C ASP G 175 42.14 15.38 -13.96
N GLN G 176 41.32 14.35 -14.17
CA GLN G 176 41.47 13.46 -15.33
C GLN G 176 41.61 14.26 -16.61
N VAL G 177 40.69 15.21 -16.82
CA VAL G 177 40.76 16.04 -18.01
C VAL G 177 42.10 16.76 -18.01
N ALA G 178 42.46 17.33 -16.87
CA ALA G 178 43.73 18.04 -16.78
C ALA G 178 44.88 17.17 -17.30
N ALA G 179 44.92 15.92 -16.84
CA ALA G 179 45.97 14.98 -17.25
C ALA G 179 45.99 14.79 -18.76
N LEU G 180 44.80 14.72 -19.36
CA LEU G 180 44.71 14.58 -20.81
C LEU G 180 45.19 15.86 -21.52
N ARG G 181 45.01 17.01 -20.86
CA ARG G 181 45.48 18.25 -21.47
C ARG G 181 46.98 18.35 -21.29
N TRP G 182 47.53 17.61 -20.32
CA TRP G 182 48.97 17.59 -20.08
C TRP G 182 49.57 16.73 -21.19
N VAL G 183 49.01 15.53 -21.34
CA VAL G 183 49.43 14.57 -22.35
C VAL G 183 49.45 15.25 -23.72
N GLN G 184 48.48 16.12 -23.95
CA GLN G 184 48.38 16.84 -25.22
C GLN G 184 49.61 17.69 -25.54
N ASP G 185 49.96 18.56 -24.60
CA ASP G 185 51.06 19.48 -24.80
C ASP G 185 52.43 18.93 -24.40
N ASN G 186 52.46 17.68 -23.95
CA ASN G 186 53.73 17.09 -23.52
C ASN G 186 54.15 15.75 -24.12
N ILE G 187 53.19 14.85 -24.34
CA ILE G 187 53.48 13.51 -24.85
C ILE G 187 54.43 13.43 -26.06
N ALA G 188 54.44 14.45 -26.90
CA ALA G 188 55.30 14.45 -28.08
C ALA G 188 56.78 14.28 -27.69
N SER G 189 57.14 14.79 -26.52
CA SER G 189 58.52 14.70 -26.04
C SER G 189 58.87 13.32 -25.52
N PHE G 190 57.87 12.43 -25.46
CA PHE G 190 58.12 11.06 -25.02
C PHE G 190 57.86 10.09 -26.16
N GLY G 191 57.83 10.62 -27.38
CA GLY G 191 57.61 9.80 -28.56
C GLY G 191 56.16 9.51 -28.87
N GLY G 192 55.25 10.10 -28.11
CA GLY G 192 53.84 9.86 -28.36
C GLY G 192 53.31 10.77 -29.45
N ASN G 193 52.09 10.51 -29.87
CA ASN G 193 51.45 11.32 -30.91
C ASN G 193 50.15 11.86 -30.34
N PRO G 194 50.17 13.13 -29.88
CA PRO G 194 48.98 13.77 -29.32
C PRO G 194 47.75 13.67 -30.21
N GLY G 195 47.98 13.50 -31.51
CA GLY G 195 46.89 13.40 -32.46
C GLY G 195 46.14 12.07 -32.39
N SER G 196 46.69 11.13 -31.63
CA SER G 196 46.05 9.82 -31.49
C SER G 196 46.18 9.33 -30.05
N VAL G 197 45.20 9.64 -29.22
CA VAL G 197 45.22 9.23 -27.83
C VAL G 197 43.99 8.39 -27.48
N THR G 198 44.23 7.20 -26.96
CA THR G 198 43.14 6.30 -26.60
C THR G 198 43.02 6.21 -25.08
N ILE G 199 41.87 6.58 -24.54
CA ILE G 199 41.68 6.48 -23.11
C ILE G 199 40.92 5.20 -22.85
N PHE G 200 41.10 4.63 -21.68
CA PHE G 200 40.44 3.38 -21.36
C PHE G 200 40.62 3.08 -19.89
N GLY G 201 39.61 2.48 -19.28
CA GLY G 201 39.68 2.15 -17.88
C GLY G 201 38.78 0.99 -17.55
N GLU G 202 38.71 0.65 -16.28
CA GLU G 202 37.90 -0.47 -15.84
C GLU G 202 37.17 -0.07 -14.55
N SER G 203 35.90 -0.47 -14.45
CA SER G 203 35.09 -0.12 -13.28
C SER G 203 34.91 1.39 -13.31
N ALA G 204 35.06 2.00 -12.13
CA ALA G 204 34.92 3.45 -11.99
C ALA G 204 35.75 4.17 -13.06
N GLY G 205 36.83 3.52 -13.50
CA GLY G 205 37.69 4.10 -14.52
C GLY G 205 37.02 3.95 -15.86
N GLY G 206 36.30 2.84 -16.03
CA GLY G 206 35.59 2.60 -17.25
C GLY G 206 34.49 3.65 -17.30
N GLU G 207 33.80 3.78 -16.16
CA GLU G 207 32.72 4.75 -16.00
C GLU G 207 33.25 6.17 -16.27
N SER G 208 34.47 6.43 -15.81
CA SER G 208 35.15 7.70 -15.99
C SER G 208 35.37 7.99 -17.46
N VAL G 209 35.74 6.96 -18.22
CA VAL G 209 35.97 7.13 -19.65
C VAL G 209 34.65 7.43 -20.36
N SER G 210 33.58 6.80 -19.89
CA SER G 210 32.26 7.00 -20.47
C SER G 210 31.81 8.42 -20.18
N VAL G 211 32.18 8.94 -19.01
CA VAL G 211 31.81 10.30 -18.64
C VAL G 211 32.61 11.32 -19.46
N LEU G 212 33.80 10.93 -19.89
CA LEU G 212 34.64 11.83 -20.67
C LEU G 212 34.15 11.94 -22.11
N VAL G 213 33.53 10.88 -22.61
CA VAL G 213 33.02 10.88 -23.98
C VAL G 213 31.82 11.81 -24.03
N LEU G 214 31.04 11.81 -22.95
CA LEU G 214 29.86 12.66 -22.86
C LEU G 214 30.16 14.12 -22.50
N SER G 215 31.34 14.36 -21.91
CA SER G 215 31.71 15.72 -21.49
C SER G 215 32.27 16.66 -22.54
N PRO G 216 31.79 17.91 -22.54
CA PRO G 216 32.23 18.95 -23.48
C PRO G 216 33.70 19.26 -23.25
N LEU G 217 34.08 19.33 -21.96
CA LEU G 217 35.44 19.65 -21.52
C LEU G 217 36.55 18.73 -22.04
N ALA G 218 36.17 17.55 -22.52
CA ALA G 218 37.16 16.62 -23.02
C ALA G 218 37.38 16.88 -24.51
N LYS G 219 36.67 17.88 -25.03
CA LYS G 219 36.75 18.25 -26.44
C LYS G 219 38.16 18.20 -27.00
N ASN G 220 38.41 17.25 -27.89
CA ASN G 220 39.72 17.09 -28.52
C ASN G 220 40.84 16.61 -27.62
N LEU G 221 40.51 15.83 -26.60
CA LEU G 221 41.54 15.33 -25.70
C LEU G 221 41.92 13.86 -25.91
N PHE G 222 41.00 13.08 -26.46
CA PHE G 222 41.24 11.68 -26.76
C PHE G 222 40.67 11.39 -28.15
N HIS G 223 41.04 10.27 -28.75
CA HIS G 223 40.54 9.97 -30.08
C HIS G 223 39.83 8.64 -30.19
N ARG G 224 39.95 7.82 -29.15
CA ARG G 224 39.29 6.52 -29.05
C ARG G 224 39.06 6.30 -27.58
N ALA G 225 38.06 5.51 -27.24
CA ALA G 225 37.75 5.22 -25.86
C ALA G 225 37.47 3.73 -25.67
N ILE G 226 37.75 3.23 -24.48
CA ILE G 226 37.53 1.84 -24.14
C ILE G 226 37.07 1.72 -22.68
N SER G 227 35.80 1.41 -22.48
CA SER G 227 35.26 1.26 -21.13
C SER G 227 35.11 -0.21 -20.76
N GLU G 228 35.93 -0.65 -19.81
CA GLU G 228 35.91 -2.04 -19.36
C GLU G 228 35.16 -2.20 -18.03
N SER G 229 34.02 -2.86 -18.08
CA SER G 229 33.21 -3.11 -16.90
C SER G 229 32.83 -1.84 -16.13
N GLY G 230 32.26 -0.87 -16.85
CA GLY G 230 31.86 0.37 -16.21
C GLY G 230 31.50 1.45 -17.22
N VAL G 231 30.37 2.13 -16.99
CA VAL G 231 29.91 3.20 -17.87
C VAL G 231 28.99 4.16 -17.13
N ALA G 232 28.68 5.29 -17.78
CA ALA G 232 27.83 6.35 -17.23
C ALA G 232 26.42 5.96 -16.80
N LEU G 233 25.94 4.77 -17.16
CA LEU G 233 24.60 4.33 -16.77
C LEU G 233 24.69 3.30 -15.65
N THR G 234 25.88 3.18 -15.06
CA THR G 234 26.12 2.25 -13.97
C THR G 234 25.61 2.92 -12.67
N SER G 235 24.34 3.32 -12.69
CA SER G 235 23.69 4.00 -11.58
C SER G 235 24.46 4.13 -10.26
N VAL G 236 25.02 3.04 -9.75
CA VAL G 236 25.76 3.09 -8.49
C VAL G 236 26.86 4.16 -8.36
N LEU G 237 27.47 4.55 -9.48
CA LEU G 237 28.56 5.55 -9.45
C LEU G 237 28.15 6.96 -9.78
N VAL G 238 26.96 7.15 -10.33
CA VAL G 238 26.48 8.49 -10.68
C VAL G 238 25.40 8.92 -9.71
N LYS G 239 25.49 10.16 -9.24
CA LYS G 239 24.49 10.68 -8.32
C LYS G 239 23.58 11.66 -9.02
N LYS G 240 22.30 11.31 -9.05
CA LYS G 240 21.29 12.16 -9.65
C LYS G 240 20.33 12.53 -8.51
N GLY G 241 19.79 13.73 -8.54
CA GLY G 241 18.88 14.13 -7.48
C GLY G 241 19.48 15.15 -6.53
N ASP G 242 18.97 15.20 -5.30
CA ASP G 242 19.47 16.13 -4.30
C ASP G 242 20.60 15.48 -3.51
N VAL G 243 21.82 15.93 -3.77
CA VAL G 243 23.00 15.41 -3.12
C VAL G 243 23.17 16.08 -1.78
N LYS G 244 22.41 17.16 -1.58
CA LYS G 244 22.46 17.93 -0.36
C LYS G 244 22.45 17.07 0.90
N PRO G 245 21.57 16.06 0.96
CA PRO G 245 21.55 15.23 2.16
C PRO G 245 22.88 14.55 2.44
N LEU G 246 23.61 14.19 1.40
CA LEU G 246 24.89 13.55 1.57
C LEU G 246 25.93 14.57 2.05
N ALA G 247 25.95 15.73 1.41
CA ALA G 247 26.90 16.76 1.79
C ALA G 247 26.81 17.05 3.31
N GLU G 248 25.59 17.12 3.83
CA GLU G 248 25.39 17.38 5.24
C GLU G 248 25.72 16.15 6.05
N GLN G 249 25.46 15.00 5.45
CA GLN G 249 25.74 13.73 6.10
C GLN G 249 27.24 13.72 6.45
N ILE G 250 28.07 14.01 5.46
CA ILE G 250 29.52 14.06 5.61
C ILE G 250 29.93 15.20 6.54
N ALA G 251 29.50 16.41 6.16
CA ALA G 251 29.81 17.61 6.93
C ALA G 251 29.54 17.36 8.40
N ILE G 252 28.31 16.98 8.72
CA ILE G 252 27.93 16.72 10.09
C ILE G 252 28.85 15.71 10.76
N THR G 253 29.23 14.67 10.02
CA THR G 253 30.11 13.64 10.56
C THR G 253 31.48 14.17 10.96
N ALA G 254 32.03 15.10 10.17
CA ALA G 254 33.35 15.64 10.45
C ALA G 254 33.41 16.76 11.50
N GLY G 255 32.30 17.03 12.17
CA GLY G 255 32.30 18.08 13.18
C GLY G 255 31.98 19.47 12.65
N CYS G 256 31.33 19.53 11.49
CA CYS G 256 30.98 20.79 10.86
C CYS G 256 29.51 21.16 11.02
N LYS G 257 29.19 22.38 10.62
CA LYS G 257 27.82 22.83 10.68
C LYS G 257 27.30 22.69 9.26
N THR G 258 26.03 23.00 9.05
CA THR G 258 25.44 22.92 7.73
C THR G 258 24.56 24.14 7.50
N THR G 259 24.94 25.23 8.16
CA THR G 259 24.22 26.50 8.05
C THR G 259 23.91 26.81 6.59
N THR G 260 24.93 26.80 5.74
CA THR G 260 24.76 27.07 4.32
C THR G 260 25.67 26.13 3.55
N SER G 261 25.73 26.27 2.23
CA SER G 261 26.59 25.43 1.42
C SER G 261 28.03 25.93 1.52
N ALA G 262 28.17 27.22 1.76
CA ALA G 262 29.49 27.82 1.86
C ALA G 262 30.11 27.53 3.20
N VAL G 263 29.32 27.67 4.25
CA VAL G 263 29.80 27.40 5.59
C VAL G 263 30.32 25.97 5.64
N MET G 264 29.66 25.06 4.93
CA MET G 264 30.07 23.64 4.89
C MET G 264 31.44 23.42 4.22
N VAL G 265 31.66 24.06 3.07
CA VAL G 265 32.92 23.91 2.34
C VAL G 265 34.10 24.56 3.09
N HIS G 266 33.82 25.67 3.76
CA HIS G 266 34.84 26.39 4.50
C HIS G 266 35.30 25.54 5.68
N CYS G 267 34.37 24.80 6.28
CA CYS G 267 34.71 23.97 7.42
C CYS G 267 35.53 22.76 7.00
N LEU G 268 35.13 22.09 5.92
CA LEU G 268 35.88 20.93 5.46
C LEU G 268 37.27 21.32 4.95
N ARG G 269 37.38 22.47 4.28
CA ARG G 269 38.67 22.90 3.77
C ARG G 269 39.69 23.07 4.90
N GLN G 270 39.23 23.24 6.13
CA GLN G 270 40.13 23.42 7.26
C GLN G 270 40.39 22.19 8.11
N LYS G 271 39.85 21.05 7.69
CA LYS G 271 40.05 19.79 8.41
C LYS G 271 41.32 19.15 7.85
N THR G 272 42.12 18.52 8.71
CA THR G 272 43.36 17.90 8.28
C THR G 272 43.10 16.69 7.40
N GLU G 273 44.14 16.27 6.67
CA GLU G 273 44.01 15.11 5.81
C GLU G 273 43.51 13.93 6.63
N GLU G 274 44.03 13.80 7.85
CA GLU G 274 43.65 12.72 8.77
C GLU G 274 42.18 12.75 9.20
N GLU G 275 41.66 13.93 9.47
CA GLU G 275 40.26 14.03 9.88
C GLU G 275 39.36 13.67 8.70
N LEU G 276 39.69 14.17 7.51
CA LEU G 276 38.90 13.86 6.32
C LEU G 276 38.95 12.36 6.05
N LEU G 277 40.00 11.71 6.52
CA LEU G 277 40.13 10.27 6.34
C LEU G 277 39.31 9.58 7.41
N GLU G 278 39.42 10.03 8.66
CA GLU G 278 38.64 9.43 9.74
C GLU G 278 37.16 9.54 9.43
N THR G 279 36.82 10.58 8.67
CA THR G 279 35.44 10.77 8.27
C THR G 279 35.09 9.69 7.26
N THR G 280 35.95 9.52 6.25
CA THR G 280 35.71 8.50 5.23
C THR G 280 35.49 7.14 5.90
N LEU G 281 36.31 6.83 6.90
CA LEU G 281 36.21 5.57 7.62
C LEU G 281 34.90 5.47 8.38
N LYS G 282 34.55 6.53 9.11
CA LYS G 282 33.30 6.53 9.86
C LYS G 282 32.07 6.36 8.96
N MET G 283 32.13 6.87 7.73
CA MET G 283 31.02 6.77 6.77
C MET G 283 30.88 5.36 6.22
N LYS G 284 31.88 4.51 6.46
CA LYS G 284 31.89 3.12 6.00
C LYS G 284 31.45 3.00 4.54
N PHE G 285 32.26 3.54 3.64
CA PHE G 285 31.95 3.52 2.22
C PHE G 285 32.24 2.19 1.52
N LEU G 286 31.64 2.02 0.35
CA LEU G 286 31.80 0.82 -0.47
C LEU G 286 31.56 -0.48 0.26
N SER G 287 30.60 -0.47 1.18
CA SER G 287 30.27 -1.66 1.94
C SER G 287 28.75 -1.68 2.04
N LEU G 288 28.16 -2.86 1.98
CA LEU G 288 26.70 -2.99 2.05
C LEU G 288 26.16 -2.73 3.44
N ASP G 289 25.22 -1.80 3.57
CA ASP G 289 24.63 -1.49 4.88
C ASP G 289 23.46 -2.41 5.15
N LEU G 290 23.63 -3.27 6.16
CA LEU G 290 22.62 -4.24 6.54
C LEU G 290 21.60 -3.68 7.53
N GLN G 291 21.85 -2.46 8.01
CA GLN G 291 20.96 -1.84 8.98
C GLN G 291 20.43 -0.49 8.46
N GLY G 292 19.14 -0.27 8.61
CA GLY G 292 18.54 0.98 8.15
C GLY G 292 17.84 0.86 6.82
N ASP G 293 17.32 1.99 6.34
CA ASP G 293 16.62 2.03 5.06
C ASP G 293 17.62 2.04 3.91
N PRO G 294 17.48 1.09 2.97
CA PRO G 294 18.33 0.93 1.79
C PRO G 294 18.35 2.14 0.86
N ARG G 295 17.25 2.88 0.81
CA ARG G 295 17.18 4.06 -0.03
C ARG G 295 17.97 5.23 0.54
N GLU G 296 18.31 5.16 1.83
CA GLU G 296 19.04 6.25 2.44
C GLU G 296 20.54 5.99 2.57
N SER G 297 20.92 4.72 2.50
CA SER G 297 22.33 4.35 2.61
C SER G 297 23.12 4.78 1.38
N GLN G 298 24.32 5.30 1.60
CA GLN G 298 25.20 5.78 0.53
C GLN G 298 26.53 5.01 0.51
N PRO G 299 26.76 4.18 -0.51
CA PRO G 299 27.96 3.37 -0.68
C PRO G 299 29.20 4.14 -1.12
N LEU G 300 29.00 5.28 -1.77
CA LEU G 300 30.11 6.10 -2.25
C LEU G 300 29.69 7.42 -2.88
N LEU G 301 30.65 8.32 -3.00
CA LEU G 301 30.40 9.61 -3.63
C LEU G 301 30.90 9.42 -5.05
N GLY G 302 30.14 9.89 -6.01
CA GLY G 302 30.58 9.72 -7.37
C GLY G 302 30.29 10.93 -8.21
N THR G 303 30.20 10.72 -9.51
CA THR G 303 29.92 11.75 -10.49
C THR G 303 28.60 12.47 -10.17
N VAL G 304 28.50 13.73 -10.57
CA VAL G 304 27.26 14.49 -10.37
C VAL G 304 27.05 15.37 -11.59
N ILE G 305 25.84 15.87 -11.76
CA ILE G 305 25.56 16.72 -12.88
C ILE G 305 25.78 18.13 -12.39
N ASP G 306 27.03 18.57 -12.51
CA ASP G 306 27.48 19.87 -12.06
C ASP G 306 27.21 21.03 -13.00
N GLY G 307 27.07 20.74 -14.29
CA GLY G 307 26.82 21.79 -15.25
C GLY G 307 28.08 22.21 -15.99
N MET G 308 29.24 21.86 -15.44
CA MET G 308 30.52 22.18 -16.05
C MET G 308 31.06 20.97 -16.83
N LEU G 309 31.23 19.86 -16.12
CA LEU G 309 31.72 18.61 -16.72
C LEU G 309 30.55 17.88 -17.36
N LEU G 310 29.39 17.95 -16.72
CA LEU G 310 28.19 17.30 -17.22
C LEU G 310 27.01 18.27 -17.25
N LEU G 311 26.67 18.72 -18.45
CA LEU G 311 25.56 19.65 -18.64
C LEU G 311 24.21 19.07 -18.20
N LYS G 312 23.89 17.87 -18.67
CA LYS G 312 22.63 17.20 -18.33
C LYS G 312 22.93 15.76 -17.91
N THR G 313 22.01 15.09 -17.23
CA THR G 313 22.28 13.71 -16.83
C THR G 313 22.59 12.86 -18.05
N PRO G 314 23.37 11.78 -17.87
CA PRO G 314 23.78 10.84 -18.91
C PRO G 314 22.72 10.42 -19.94
N GLU G 315 21.57 9.92 -19.47
CA GLU G 315 20.51 9.48 -20.37
C GLU G 315 20.09 10.55 -21.39
N GLU G 316 19.97 11.79 -20.91
CA GLU G 316 19.57 12.89 -21.77
C GLU G 316 20.61 13.18 -22.85
N LEU G 317 21.85 13.36 -22.42
CA LEU G 317 22.95 13.67 -23.33
C LEU G 317 23.02 12.73 -24.53
N GLN G 318 22.90 11.43 -24.27
CA GLN G 318 22.96 10.47 -25.36
C GLN G 318 21.63 10.35 -26.10
N ALA G 319 20.53 10.68 -25.42
CA ALA G 319 19.22 10.62 -26.05
C ALA G 319 19.24 11.62 -27.20
N GLU G 320 20.06 12.65 -27.04
CA GLU G 320 20.19 13.66 -28.06
C GLU G 320 21.66 13.63 -28.50
N ARG G 321 21.94 12.80 -29.50
CA ARG G 321 23.29 12.64 -30.03
C ARG G 321 24.12 13.92 -29.92
N ASN G 322 24.79 14.08 -28.80
CA ASN G 322 25.62 15.27 -28.58
C ASN G 322 26.88 14.89 -27.80
N PHE G 323 27.71 14.06 -28.41
CA PHE G 323 28.95 13.63 -27.79
C PHE G 323 30.02 13.28 -28.82
N HIS G 324 31.17 12.83 -28.35
CA HIS G 324 32.27 12.49 -29.24
C HIS G 324 32.05 11.23 -30.08
N THR G 325 31.92 11.44 -31.39
CA THR G 325 31.70 10.37 -32.35
C THR G 325 32.99 9.59 -32.58
N VAL G 326 33.68 9.23 -31.50
CA VAL G 326 34.94 8.50 -31.62
C VAL G 326 34.77 7.00 -31.41
N PRO G 327 35.64 6.20 -32.03
CA PRO G 327 35.56 4.74 -31.87
C PRO G 327 35.48 4.41 -30.38
N TYR G 328 34.46 3.69 -29.97
CA TYR G 328 34.29 3.37 -28.57
C TYR G 328 34.13 1.87 -28.40
N MET G 329 34.93 1.30 -27.52
CA MET G 329 34.87 -0.11 -27.24
C MET G 329 34.22 -0.26 -25.87
N VAL G 330 33.20 -1.10 -25.76
CA VAL G 330 32.53 -1.30 -24.48
C VAL G 330 32.51 -2.79 -24.24
N GLY G 331 32.98 -3.22 -23.06
CA GLY G 331 33.00 -4.65 -22.77
C GLY G 331 32.70 -5.02 -21.33
N ILE G 332 32.20 -6.23 -21.14
CA ILE G 332 31.86 -6.74 -19.81
C ILE G 332 32.46 -8.13 -19.56
N ASN G 333 32.44 -8.56 -18.31
CA ASN G 333 32.97 -9.88 -17.93
C ASN G 333 31.89 -10.84 -17.44
N LYS G 334 31.94 -12.05 -17.97
CA LYS G 334 30.98 -13.10 -17.66
C LYS G 334 30.29 -12.96 -16.31
N GLN G 335 31.09 -12.86 -15.25
CA GLN G 335 30.56 -12.72 -13.90
C GLN G 335 30.97 -11.44 -13.21
N GLU G 336 30.38 -10.31 -13.62
CA GLU G 336 30.72 -9.04 -13.02
C GLU G 336 30.55 -9.07 -11.50
N PHE G 337 29.65 -9.90 -11.01
CA PHE G 337 29.42 -9.97 -9.58
C PHE G 337 29.73 -11.36 -9.02
N GLY G 338 30.66 -12.04 -9.69
CA GLY G 338 31.05 -13.39 -9.30
C GLY G 338 31.70 -13.58 -7.95
N TRP G 339 32.84 -12.94 -7.73
CA TRP G 339 33.55 -13.08 -6.46
C TRP G 339 34.21 -11.83 -5.88
N LEU G 340 34.79 -11.00 -6.74
CA LEU G 340 35.50 -9.81 -6.29
C LEU G 340 34.69 -8.74 -5.58
N ILE G 341 33.75 -8.14 -6.31
CA ILE G 341 32.93 -7.07 -5.77
C ILE G 341 32.13 -7.42 -4.52
N PRO G 342 31.61 -8.65 -4.43
CA PRO G 342 30.85 -8.97 -3.23
C PRO G 342 31.80 -9.11 -2.05
N MET G 343 32.84 -9.90 -2.27
CA MET G 343 33.84 -10.15 -1.25
C MET G 343 34.31 -8.84 -0.63
N LEU G 344 34.55 -7.85 -1.48
CA LEU G 344 35.02 -6.55 -1.07
C LEU G 344 33.99 -5.63 -0.42
N MET G 345 32.70 -5.86 -0.69
CA MET G 345 31.65 -5.03 -0.12
C MET G 345 30.95 -5.71 1.06
N SER G 346 31.58 -6.75 1.59
CA SER G 346 31.05 -7.49 2.73
C SER G 346 29.61 -7.94 2.51
N TYR G 347 29.38 -8.70 1.44
CA TYR G 347 28.05 -9.19 1.13
C TYR G 347 27.65 -10.33 2.06
N PRO G 348 26.39 -10.35 2.52
CA PRO G 348 25.89 -11.40 3.42
C PRO G 348 25.56 -12.73 2.75
N LEU G 349 26.57 -13.41 2.21
CA LEU G 349 26.32 -14.67 1.55
C LEU G 349 27.18 -15.80 2.12
N SER G 350 27.33 -15.81 3.44
CA SER G 350 28.11 -16.81 4.14
C SER G 350 27.93 -18.23 3.62
N GLU G 351 26.73 -18.78 3.76
CA GLU G 351 26.44 -20.15 3.32
C GLU G 351 26.74 -20.38 1.84
N GLY G 352 25.93 -19.82 0.96
CA GLY G 352 26.14 -20.01 -0.46
C GLY G 352 24.90 -20.65 -1.04
N GLN G 353 23.84 -20.62 -0.25
CA GLN G 353 22.54 -21.16 -0.64
C GLN G 353 21.64 -19.93 -0.58
N LEU G 354 20.56 -19.92 -1.36
CA LEU G 354 19.68 -18.76 -1.37
C LEU G 354 18.27 -19.07 -1.81
N ASP G 355 17.34 -19.01 -0.86
CA ASP G 355 15.92 -19.27 -1.12
C ASP G 355 15.14 -18.01 -1.43
N GLN G 356 14.38 -18.06 -2.52
CA GLN G 356 13.56 -16.93 -2.97
C GLN G 356 13.28 -15.88 -1.91
N LYS G 357 12.86 -16.32 -0.72
CA LYS G 357 12.56 -15.40 0.38
C LYS G 357 13.73 -14.51 0.76
N THR G 358 14.89 -15.11 1.01
CA THR G 358 16.08 -14.34 1.35
C THR G 358 16.41 -13.44 0.18
N ALA G 359 16.81 -14.05 -0.94
CA ALA G 359 17.16 -13.32 -2.16
C ALA G 359 16.44 -12.00 -2.36
N MET G 360 15.14 -11.95 -2.06
CA MET G 360 14.41 -10.70 -2.23
C MET G 360 14.87 -9.66 -1.21
N SER G 361 14.93 -10.06 0.06
CA SER G 361 15.34 -9.18 1.13
C SER G 361 16.77 -8.70 0.94
N LEU G 362 17.59 -9.53 0.29
CA LEU G 362 18.98 -9.18 0.02
C LEU G 362 19.05 -8.26 -1.19
N LEU G 363 18.15 -8.46 -2.15
CA LEU G 363 18.13 -7.60 -3.32
C LEU G 363 17.61 -6.24 -2.88
N TRP G 364 16.97 -6.24 -1.71
CA TRP G 364 16.44 -5.04 -1.11
C TRP G 364 17.60 -4.21 -0.61
N LYS G 365 18.37 -4.77 0.32
CA LYS G 365 19.54 -4.10 0.87
C LYS G 365 20.41 -3.60 -0.27
N SER G 366 20.29 -4.28 -1.40
CA SER G 366 21.06 -3.95 -2.60
C SER G 366 20.56 -2.72 -3.30
N TYR G 367 19.68 -1.95 -2.66
CA TYR G 367 19.13 -0.76 -3.30
C TYR G 367 20.17 0.26 -3.75
N PRO G 368 21.27 0.41 -3.01
CA PRO G 368 22.25 1.39 -3.48
C PRO G 368 23.09 0.84 -4.65
N LEU G 369 23.13 -0.49 -4.77
CA LEU G 369 23.88 -1.17 -5.82
C LEU G 369 23.08 -1.32 -7.10
N VAL G 370 21.80 -1.68 -6.96
CA VAL G 370 20.92 -1.88 -8.11
C VAL G 370 19.87 -0.75 -8.32
N CYS G 371 19.37 -0.17 -7.23
CA CYS G 371 18.39 0.92 -7.26
C CYS G 371 17.00 0.50 -7.76
N ILE G 372 16.51 -0.64 -7.28
CA ILE G 372 15.21 -1.15 -7.70
C ILE G 372 14.12 -1.05 -6.63
N ALA G 373 12.93 -0.64 -7.07
CA ALA G 373 11.76 -0.48 -6.20
C ALA G 373 11.46 -1.72 -5.38
N LYS G 374 11.22 -1.52 -4.08
CA LYS G 374 10.92 -2.61 -3.16
C LYS G 374 9.72 -3.44 -3.61
N GLU G 375 8.88 -2.83 -4.46
CA GLU G 375 7.68 -3.50 -4.95
C GLU G 375 7.97 -4.26 -6.25
N LEU G 376 9.10 -3.97 -6.86
CA LEU G 376 9.49 -4.65 -8.10
C LEU G 376 10.33 -5.87 -7.76
N ILE G 377 10.93 -5.85 -6.57
CA ILE G 377 11.79 -6.93 -6.11
C ILE G 377 11.28 -8.33 -6.45
N PRO G 378 10.16 -8.77 -5.85
CA PRO G 378 9.65 -10.11 -6.15
C PRO G 378 9.42 -10.40 -7.63
N GLU G 379 9.07 -9.38 -8.39
CA GLU G 379 8.80 -9.54 -9.81
C GLU G 379 10.04 -9.86 -10.65
N ALA G 380 11.17 -9.30 -10.24
CA ALA G 380 12.44 -9.53 -10.93
C ALA G 380 13.11 -10.75 -10.30
N THR G 381 13.00 -10.86 -8.98
CA THR G 381 13.59 -11.99 -8.25
C THR G 381 13.05 -13.30 -8.84
N GLU G 382 11.80 -13.28 -9.31
CA GLU G 382 11.18 -14.45 -9.90
C GLU G 382 11.68 -14.63 -11.33
N LYS G 383 11.68 -13.54 -12.10
CA LYS G 383 12.15 -13.59 -13.49
C LYS G 383 13.59 -14.11 -13.60
N TYR G 384 14.29 -14.19 -12.47
CA TYR G 384 15.67 -14.65 -12.47
C TYR G 384 15.90 -15.95 -11.71
N LEU G 385 15.25 -16.11 -10.56
CA LEU G 385 15.41 -17.33 -9.75
C LEU G 385 14.22 -18.28 -9.83
N GLY G 386 13.20 -17.89 -10.59
CA GLY G 386 12.01 -18.72 -10.71
C GLY G 386 12.18 -19.97 -11.55
N GLY G 387 13.34 -20.12 -12.19
CA GLY G 387 13.57 -21.29 -13.00
C GLY G 387 13.91 -22.51 -12.16
N THR G 388 15.19 -22.76 -11.99
CA THR G 388 15.65 -23.90 -11.20
C THR G 388 15.12 -23.84 -9.78
N ASP G 389 15.15 -24.99 -9.11
CA ASP G 389 14.68 -25.09 -7.73
C ASP G 389 15.85 -25.52 -6.85
N ASP G 390 17.06 -25.16 -7.27
CA ASP G 390 18.28 -25.50 -6.53
C ASP G 390 18.72 -24.27 -5.74
N THR G 391 19.09 -24.47 -4.46
CA THR G 391 19.52 -23.35 -3.62
C THR G 391 20.81 -22.71 -4.15
N VAL G 392 21.69 -23.54 -4.72
CA VAL G 392 22.96 -23.08 -5.28
C VAL G 392 22.74 -22.38 -6.61
N LYS G 393 21.97 -23.02 -7.49
CA LYS G 393 21.68 -22.46 -8.80
C LYS G 393 20.89 -21.17 -8.65
N LYS G 394 20.06 -21.12 -7.60
CA LYS G 394 19.25 -19.94 -7.35
C LYS G 394 20.14 -18.82 -6.79
N LYS G 395 21.32 -19.18 -6.31
CA LYS G 395 22.26 -18.21 -5.76
C LYS G 395 23.14 -17.64 -6.86
N ASP G 396 23.64 -18.52 -7.72
CA ASP G 396 24.50 -18.11 -8.81
C ASP G 396 23.76 -17.15 -9.74
N LEU G 397 22.43 -17.30 -9.79
CA LEU G 397 21.61 -16.46 -10.63
C LEU G 397 21.31 -15.10 -9.99
N PHE G 398 21.42 -15.03 -8.67
CA PHE G 398 21.16 -13.78 -7.97
C PHE G 398 22.26 -12.80 -8.30
N LEU G 399 23.43 -13.33 -8.65
CA LEU G 399 24.59 -12.53 -9.01
C LEU G 399 24.44 -11.97 -10.42
N ASP G 400 24.05 -12.81 -11.37
CA ASP G 400 23.86 -12.35 -12.74
C ASP G 400 22.78 -11.30 -12.63
N LEU G 401 21.86 -11.51 -11.69
CA LEU G 401 20.77 -10.59 -11.46
C LEU G 401 21.33 -9.18 -11.29
N ILE G 402 22.16 -9.02 -10.28
CA ILE G 402 22.78 -7.73 -9.98
C ILE G 402 23.72 -7.31 -11.10
N ALA G 403 24.64 -8.21 -11.47
CA ALA G 403 25.59 -7.93 -12.53
C ALA G 403 24.91 -7.38 -13.77
N ASP G 404 23.83 -8.04 -14.19
CA ASP G 404 23.08 -7.63 -15.38
C ASP G 404 22.61 -6.18 -15.31
N VAL G 405 22.25 -5.74 -14.11
CA VAL G 405 21.77 -4.39 -13.89
C VAL G 405 22.91 -3.36 -13.81
N MET G 406 23.95 -3.68 -13.05
CA MET G 406 25.07 -2.77 -12.88
C MET G 406 26.02 -2.65 -14.07
N PHE G 407 26.25 -3.74 -14.79
CA PHE G 407 27.18 -3.71 -15.90
C PHE G 407 26.62 -4.10 -17.24
N GLY G 408 26.16 -5.35 -17.34
CA GLY G 408 25.60 -5.86 -18.58
C GLY G 408 24.67 -4.92 -19.32
N VAL G 409 23.47 -4.73 -18.78
CA VAL G 409 22.47 -3.85 -19.37
C VAL G 409 23.01 -2.46 -19.76
N PRO G 410 23.47 -1.68 -18.76
CA PRO G 410 24.00 -0.33 -19.03
C PRO G 410 24.96 -0.28 -20.22
N SER G 411 25.91 -1.20 -20.23
CA SER G 411 26.91 -1.29 -21.29
C SER G 411 26.26 -1.38 -22.66
N VAL G 412 25.19 -2.17 -22.76
CA VAL G 412 24.51 -2.30 -24.04
C VAL G 412 23.79 -1.00 -24.40
N ILE G 413 22.97 -0.49 -23.50
CA ILE G 413 22.25 0.75 -23.79
C ILE G 413 23.27 1.79 -24.28
N VAL G 414 24.38 1.93 -23.56
CA VAL G 414 25.41 2.89 -23.95
C VAL G 414 25.87 2.53 -25.35
N ALA G 415 26.50 1.37 -25.48
CA ALA G 415 27.01 0.88 -26.76
C ALA G 415 26.04 1.21 -27.89
N ARG G 416 24.79 0.80 -27.71
CA ARG G 416 23.75 1.05 -28.69
C ARG G 416 23.70 2.52 -29.07
N ASN G 417 23.41 3.39 -28.11
CA ASN G 417 23.34 4.80 -28.43
C ASN G 417 24.60 5.31 -29.13
N HIS G 418 25.76 4.83 -28.72
CA HIS G 418 26.98 5.29 -29.38
C HIS G 418 26.87 4.82 -30.83
N ARG G 419 26.36 3.60 -30.99
CA ARG G 419 26.17 2.99 -32.30
C ARG G 419 25.21 3.82 -33.13
N ASP G 420 24.05 4.08 -32.55
CA ASP G 420 23.02 4.88 -33.21
C ASP G 420 23.40 6.35 -33.23
N ALA G 421 24.67 6.64 -32.97
CA ALA G 421 25.15 8.01 -32.98
C ALA G 421 25.96 8.22 -34.23
N GLY G 422 26.31 7.12 -34.89
CA GLY G 422 27.08 7.20 -36.11
C GLY G 422 28.57 7.16 -35.86
N ALA G 423 28.97 6.46 -34.81
CA ALA G 423 30.38 6.34 -34.46
C ALA G 423 30.78 4.88 -34.25
N PRO G 424 31.83 4.43 -34.92
CA PRO G 424 32.30 3.04 -34.80
C PRO G 424 32.27 2.54 -33.36
N THR G 425 31.38 1.58 -33.08
CA THR G 425 31.26 1.03 -31.75
C THR G 425 31.68 -0.43 -31.75
N TYR G 426 32.23 -0.90 -30.64
CA TYR G 426 32.66 -2.28 -30.54
C TYR G 426 32.35 -2.81 -29.16
N MET G 427 31.99 -4.09 -29.09
CA MET G 427 31.69 -4.69 -27.81
C MET G 427 32.37 -6.02 -27.64
N TYR G 428 32.38 -6.50 -26.41
CA TYR G 428 33.00 -7.78 -26.13
C TYR G 428 32.56 -8.25 -24.76
N GLU G 429 32.78 -9.53 -24.50
CA GLU G 429 32.43 -10.11 -23.22
C GLU G 429 33.56 -11.05 -22.83
N PHE G 430 34.28 -10.68 -21.77
CA PHE G 430 35.40 -11.48 -21.30
C PHE G 430 34.92 -12.64 -20.45
N GLN G 431 35.61 -13.75 -20.55
CA GLN G 431 35.25 -14.95 -19.81
C GLN G 431 36.46 -15.85 -19.80
N TYR G 432 37.13 -15.91 -18.66
CA TYR G 432 38.33 -16.72 -18.50
C TYR G 432 38.69 -16.65 -17.03
N ARG G 433 39.45 -17.62 -16.54
CA ARG G 433 39.87 -17.60 -15.15
C ARG G 433 41.39 -17.63 -15.05
N PRO G 434 42.01 -16.45 -14.98
CA PRO G 434 43.47 -16.26 -14.88
C PRO G 434 44.10 -16.93 -13.68
N SER G 435 45.36 -17.35 -13.85
CA SER G 435 46.11 -17.99 -12.78
C SER G 435 46.56 -16.95 -11.75
N PHE G 436 46.29 -15.69 -12.05
CA PHE G 436 46.67 -14.61 -11.16
C PHE G 436 45.53 -14.28 -10.21
N SER G 437 44.51 -15.13 -10.21
CA SER G 437 43.35 -14.96 -9.34
C SER G 437 43.75 -15.07 -7.88
N SER G 438 42.89 -14.58 -7.00
CA SER G 438 43.15 -14.65 -5.58
C SER G 438 43.04 -16.10 -5.13
N ASP G 439 43.95 -16.51 -4.25
CA ASP G 439 43.95 -17.87 -3.72
C ASP G 439 42.61 -18.16 -3.02
N MET G 440 41.89 -17.10 -2.66
CA MET G 440 40.61 -17.24 -1.96
C MET G 440 39.41 -17.26 -2.90
N LYS G 441 39.66 -17.23 -4.20
CA LYS G 441 38.59 -17.26 -5.17
C LYS G 441 38.38 -18.69 -5.66
N PRO G 442 37.23 -19.30 -5.31
CA PRO G 442 36.98 -20.67 -5.76
C PRO G 442 37.08 -20.89 -7.27
N LYS G 443 37.76 -21.97 -7.63
CA LYS G 443 38.02 -22.38 -9.02
C LYS G 443 36.87 -22.17 -9.98
N THR G 444 35.65 -22.11 -9.45
CA THR G 444 34.46 -21.96 -10.27
C THR G 444 34.15 -20.57 -10.77
N VAL G 445 34.75 -19.56 -10.15
CA VAL G 445 34.47 -18.18 -10.56
C VAL G 445 35.18 -17.76 -11.85
N ILE G 446 34.60 -18.10 -13.00
CA ILE G 446 35.21 -17.75 -14.28
C ILE G 446 34.72 -16.40 -14.78
N GLY G 447 35.67 -15.51 -15.08
CA GLY G 447 35.33 -14.20 -15.60
C GLY G 447 34.84 -13.20 -14.57
N ASP G 448 35.49 -13.19 -13.41
CA ASP G 448 35.14 -12.29 -12.31
C ASP G 448 35.46 -10.84 -12.70
N HIS G 449 35.11 -9.90 -11.83
CA HIS G 449 35.36 -8.50 -12.10
C HIS G 449 36.86 -8.18 -12.07
N GLY G 450 37.36 -7.59 -13.16
CA GLY G 450 38.76 -7.24 -13.25
C GLY G 450 39.66 -8.31 -13.84
N ASP G 451 39.11 -9.49 -14.09
CA ASP G 451 39.86 -10.62 -14.64
C ASP G 451 40.49 -10.38 -16.01
N GLU G 452 40.04 -9.35 -16.72
CA GLU G 452 40.58 -9.05 -18.03
C GLU G 452 41.81 -8.14 -17.93
N LEU G 453 41.95 -7.51 -16.77
CA LEU G 453 43.08 -6.61 -16.55
C LEU G 453 44.37 -7.37 -16.81
N PHE G 454 44.52 -8.51 -16.13
CA PHE G 454 45.71 -9.33 -16.27
C PHE G 454 46.14 -9.60 -17.69
N SER G 455 45.17 -9.69 -18.59
CA SER G 455 45.48 -9.95 -20.00
C SER G 455 45.71 -8.63 -20.69
N VAL G 456 44.92 -7.61 -20.33
CA VAL G 456 45.08 -6.32 -20.97
C VAL G 456 46.44 -5.69 -20.69
N PHE G 457 47.02 -6.02 -19.54
CA PHE G 457 48.32 -5.46 -19.18
C PHE G 457 49.49 -6.44 -19.19
N GLY G 458 49.40 -7.48 -20.01
CA GLY G 458 50.47 -8.46 -20.12
C GLY G 458 51.00 -9.08 -18.85
N ALA G 459 50.12 -9.30 -17.86
CA ALA G 459 50.55 -9.89 -16.59
C ALA G 459 51.37 -11.18 -16.77
N PRO G 460 51.02 -12.02 -17.77
CA PRO G 460 51.74 -13.27 -18.03
C PRO G 460 53.21 -13.06 -18.33
N PHE G 461 53.56 -11.85 -18.74
CA PHE G 461 54.95 -11.54 -19.06
C PHE G 461 55.72 -10.91 -17.90
N LEU G 462 55.08 -10.80 -16.73
CA LEU G 462 55.76 -10.23 -15.58
C LEU G 462 55.58 -11.17 -14.38
N LYS G 463 54.45 -11.86 -14.34
CA LYS G 463 54.18 -12.79 -13.25
C LYS G 463 54.53 -14.22 -13.63
N GLU G 464 55.03 -14.96 -12.66
CA GLU G 464 55.43 -16.35 -12.87
C GLU G 464 54.27 -17.35 -13.00
N GLY G 465 54.54 -18.45 -13.69
CA GLY G 465 53.58 -19.53 -13.88
C GLY G 465 52.29 -19.30 -14.64
N ALA G 466 52.38 -19.06 -15.94
CA ALA G 466 51.19 -18.83 -16.77
C ALA G 466 51.10 -19.85 -17.90
N SER G 467 50.05 -20.65 -17.89
CA SER G 467 49.84 -21.67 -18.92
C SER G 467 50.00 -21.07 -20.30
N GLU G 468 50.63 -21.80 -21.21
CA GLU G 468 50.84 -21.31 -22.58
C GLU G 468 49.55 -20.72 -23.18
N GLU G 469 48.43 -21.06 -22.56
CA GLU G 469 47.12 -20.58 -23.00
C GLU G 469 46.89 -19.13 -22.58
N GLU G 470 47.31 -18.81 -21.37
CA GLU G 470 47.17 -17.46 -20.83
C GLU G 470 47.99 -16.46 -21.63
N ILE G 471 49.23 -16.82 -21.93
CA ILE G 471 50.12 -15.95 -22.70
C ILE G 471 49.50 -15.70 -24.06
N ARG G 472 49.10 -16.78 -24.72
CA ARG G 472 48.49 -16.72 -26.05
C ARG G 472 47.34 -15.72 -26.00
N LEU G 473 46.54 -15.82 -24.94
CA LEU G 473 45.40 -14.95 -24.73
C LEU G 473 45.85 -13.48 -24.64
N SER G 474 46.62 -13.17 -23.60
CA SER G 474 47.13 -11.83 -23.37
C SER G 474 47.62 -11.13 -24.65
N LYS G 475 48.45 -11.83 -25.42
CA LYS G 475 49.01 -11.28 -26.66
C LYS G 475 47.90 -10.80 -27.58
N MET G 476 46.86 -11.61 -27.68
CA MET G 476 45.72 -11.28 -28.53
C MET G 476 45.04 -10.02 -28.03
N VAL G 477 44.70 -10.04 -26.74
CA VAL G 477 44.05 -8.92 -26.09
C VAL G 477 44.81 -7.64 -26.43
N MET G 478 46.05 -7.59 -25.97
CA MET G 478 46.90 -6.43 -26.20
C MET G 478 46.82 -6.01 -27.65
N LYS G 479 47.04 -6.96 -28.57
CA LYS G 479 46.96 -6.65 -29.99
C LYS G 479 45.65 -5.93 -30.27
N PHE G 480 44.55 -6.55 -29.89
CA PHE G 480 43.24 -5.97 -30.10
C PHE G 480 43.15 -4.54 -29.58
N TRP G 481 43.46 -4.35 -28.30
CA TRP G 481 43.42 -3.02 -27.70
C TRP G 481 44.31 -2.05 -28.46
N ALA G 482 45.56 -2.43 -28.69
CA ALA G 482 46.52 -1.59 -29.41
C ALA G 482 46.07 -1.24 -30.83
N ASN G 483 45.54 -2.22 -31.56
CA ASN G 483 45.08 -1.97 -32.92
C ASN G 483 44.03 -0.90 -32.85
N PHE G 484 43.21 -1.00 -31.81
CA PHE G 484 42.13 -0.04 -31.58
C PHE G 484 42.72 1.34 -31.44
N ALA G 485 43.73 1.48 -30.59
CA ALA G 485 44.36 2.77 -30.38
C ALA G 485 44.89 3.34 -31.69
N ARG G 486 45.54 2.48 -32.48
CA ARG G 486 46.14 2.86 -33.76
C ARG G 486 45.17 3.21 -34.90
N ASN G 487 44.12 2.41 -35.08
CA ASN G 487 43.17 2.65 -36.17
C ASN G 487 41.72 2.83 -35.74
N GLY G 488 41.41 2.53 -34.48
CA GLY G 488 40.03 2.66 -34.03
C GLY G 488 39.24 1.44 -34.42
N ASN G 489 39.96 0.36 -34.67
CA ASN G 489 39.37 -0.92 -35.05
C ASN G 489 40.29 -2.02 -34.54
N PRO G 490 39.81 -2.84 -33.59
CA PRO G 490 40.57 -3.94 -32.99
C PRO G 490 41.11 -4.98 -33.96
N ASN G 491 40.39 -5.21 -35.05
CA ASN G 491 40.76 -6.20 -36.06
C ASN G 491 42.20 -6.04 -36.59
N GLY G 492 42.77 -7.14 -37.10
CA GLY G 492 44.12 -7.14 -37.64
C GLY G 492 44.59 -8.52 -38.07
N GLU G 493 45.66 -8.58 -38.87
CA GLU G 493 46.18 -9.86 -39.35
C GLU G 493 46.81 -10.77 -38.28
N GLY G 494 46.04 -11.77 -37.87
CA GLY G 494 46.50 -12.72 -36.86
C GLY G 494 45.53 -12.74 -35.70
N LEU G 495 44.39 -12.10 -35.88
CA LEU G 495 43.40 -12.01 -34.82
C LEU G 495 42.00 -12.33 -35.32
N PRO G 496 41.21 -13.09 -34.53
CA PRO G 496 39.85 -13.44 -34.91
C PRO G 496 39.11 -12.21 -35.40
N HIS G 497 38.05 -12.41 -36.17
CA HIS G 497 37.31 -11.27 -36.67
C HIS G 497 36.53 -10.66 -35.51
N TRP G 498 36.41 -9.34 -35.52
CA TRP G 498 35.69 -8.62 -34.48
C TRP G 498 34.65 -7.76 -35.16
N PRO G 499 33.37 -8.17 -35.10
CA PRO G 499 32.23 -7.46 -35.70
C PRO G 499 31.91 -6.16 -34.97
N GLU G 500 31.74 -5.08 -35.72
CA GLU G 500 31.41 -3.78 -35.13
C GLU G 500 29.96 -3.78 -34.66
N TYR G 501 29.71 -3.59 -33.36
CA TYR G 501 28.34 -3.56 -32.87
C TYR G 501 27.62 -2.59 -33.77
N ASN G 502 27.00 -3.14 -34.83
CA ASN G 502 26.28 -2.38 -35.84
C ASN G 502 24.80 -2.75 -35.81
N GLN G 503 24.14 -2.63 -36.96
CA GLN G 503 22.73 -2.97 -37.07
C GLN G 503 22.57 -4.31 -36.36
N LYS G 504 23.45 -5.26 -36.72
CA LYS G 504 23.47 -6.57 -36.09
C LYS G 504 24.21 -6.30 -34.79
N GLU G 505 23.73 -6.86 -33.69
CA GLU G 505 24.39 -6.62 -32.43
C GLU G 505 25.45 -7.69 -32.13
N GLY G 506 26.44 -7.76 -33.02
CA GLY G 506 27.49 -8.73 -32.86
C GLY G 506 28.66 -8.21 -32.04
N TYR G 507 29.09 -9.03 -31.08
CA TYR G 507 30.20 -8.67 -30.22
C TYR G 507 31.28 -9.73 -30.38
N LEU G 508 32.25 -9.78 -29.47
CA LEU G 508 33.33 -10.75 -29.54
C LEU G 508 33.57 -11.47 -28.21
N GLN G 509 33.11 -12.71 -28.10
CA GLN G 509 33.32 -13.46 -26.88
C GLN G 509 34.83 -13.68 -26.76
N ILE G 510 35.40 -13.29 -25.62
CA ILE G 510 36.83 -13.44 -25.38
C ILE G 510 37.17 -14.44 -24.28
N GLY G 511 38.17 -15.28 -24.55
CA GLY G 511 38.60 -16.28 -23.60
C GLY G 511 39.39 -17.34 -24.33
N ALA G 512 39.43 -18.55 -23.79
CA ALA G 512 40.15 -19.65 -24.43
C ALA G 512 39.67 -19.82 -25.87
N ASN G 513 38.37 -19.59 -26.09
CA ASN G 513 37.75 -19.68 -27.42
C ASN G 513 37.20 -18.32 -27.83
N THR G 514 38.04 -17.53 -28.48
CA THR G 514 37.66 -16.20 -28.90
C THR G 514 37.00 -16.14 -30.27
N GLN G 515 35.66 -16.22 -30.27
CA GLN G 515 34.89 -16.16 -31.51
C GLN G 515 33.75 -15.16 -31.32
N ALA G 516 33.26 -14.62 -32.42
CA ALA G 516 32.17 -13.66 -32.35
C ALA G 516 30.91 -14.32 -31.79
N ALA G 517 29.83 -13.57 -31.77
CA ALA G 517 28.52 -14.00 -31.29
C ALA G 517 27.63 -12.80 -31.55
N GLN G 518 26.35 -12.87 -31.20
CA GLN G 518 25.49 -11.72 -31.44
C GLN G 518 24.43 -11.43 -30.36
N LYS G 519 23.82 -10.25 -30.47
CA LYS G 519 22.80 -9.79 -29.54
C LYS G 519 23.21 -10.03 -28.09
N LEU G 520 24.24 -9.31 -27.66
CA LEU G 520 24.74 -9.44 -26.30
C LEU G 520 23.73 -8.92 -25.28
N LYS G 521 23.38 -9.78 -24.33
CA LYS G 521 22.44 -9.43 -23.28
C LYS G 521 21.24 -8.66 -23.84
N ASP G 522 20.48 -9.27 -24.75
CA ASP G 522 19.32 -8.62 -25.35
C ASP G 522 18.07 -8.77 -24.49
N LYS G 523 17.91 -9.97 -23.91
CA LYS G 523 16.75 -10.25 -23.07
C LYS G 523 16.77 -9.50 -21.75
N GLU G 524 17.94 -9.39 -21.13
CA GLU G 524 18.03 -8.67 -19.86
C GLU G 524 17.75 -7.20 -20.09
N VAL G 525 18.26 -6.66 -21.21
CA VAL G 525 18.02 -5.26 -21.51
C VAL G 525 16.51 -5.06 -21.67
N ALA G 526 15.86 -6.01 -22.35
CA ALA G 526 14.42 -5.95 -22.57
C ALA G 526 13.65 -5.97 -21.25
N PHE G 527 13.90 -7.00 -20.44
CA PHE G 527 13.23 -7.15 -19.14
C PHE G 527 13.48 -5.98 -18.19
N TRP G 528 14.69 -5.45 -18.21
CA TRP G 528 15.01 -4.34 -17.34
C TRP G 528 14.51 -3.02 -17.90
N THR G 529 14.75 -2.75 -19.17
CA THR G 529 14.29 -1.48 -19.75
C THR G 529 12.80 -1.34 -19.44
N ASN G 530 12.14 -2.47 -19.25
CA ASN G 530 10.71 -2.51 -18.96
C ASN G 530 10.39 -2.43 -17.45
N LEU G 531 11.03 -3.28 -16.65
CA LEU G 531 10.80 -3.28 -15.21
C LEU G 531 11.15 -1.92 -14.57
N PHE G 532 11.74 -1.04 -15.36
CA PHE G 532 12.11 0.28 -14.86
C PHE G 532 11.21 1.37 -15.41
N ALA G 533 10.60 1.12 -16.56
CA ALA G 533 9.69 2.10 -17.16
C ALA G 533 8.31 1.94 -16.53
N LYS G 534 8.30 1.63 -15.23
CA LYS G 534 7.09 1.41 -14.45
C LYS G 534 6.48 0.04 -14.73
N SER H 4 56.57 70.73 12.36
CA SER H 4 56.91 70.71 10.91
C SER H 4 58.00 69.69 10.54
N PRO H 5 57.82 68.43 10.95
CA PRO H 5 58.79 67.38 10.63
C PRO H 5 58.68 67.01 9.15
N PRO H 6 59.70 66.34 8.58
CA PRO H 6 59.67 65.97 7.17
C PRO H 6 58.58 64.99 6.73
N VAL H 7 57.91 65.32 5.63
CA VAL H 7 56.87 64.44 5.08
C VAL H 7 57.10 64.21 3.58
N VAL H 8 57.51 63.00 3.25
CA VAL H 8 57.81 62.62 1.87
C VAL H 8 56.66 61.85 1.22
N ASP H 9 56.61 61.92 -0.09
CA ASP H 9 55.54 61.28 -0.85
C ASP H 9 56.06 60.08 -1.63
N THR H 10 56.00 58.90 -1.02
CA THR H 10 56.46 57.70 -1.72
C THR H 10 55.36 57.33 -2.69
N VAL H 11 55.60 56.34 -3.54
CA VAL H 11 54.60 55.94 -4.52
C VAL H 11 53.40 55.27 -3.84
N HIS H 12 53.65 54.62 -2.72
CA HIS H 12 52.59 53.93 -2.00
C HIS H 12 51.90 54.83 -0.98
N GLY H 13 52.46 56.01 -0.75
CA GLY H 13 51.85 56.92 0.20
C GLY H 13 52.81 57.94 0.80
N LYS H 14 52.28 58.77 1.68
CA LYS H 14 53.06 59.80 2.35
C LYS H 14 53.68 59.28 3.64
N VAL H 15 54.97 59.50 3.83
CA VAL H 15 55.65 59.07 5.05
C VAL H 15 56.10 60.28 5.86
N LEU H 16 55.88 60.24 7.17
CA LEU H 16 56.28 61.32 8.06
C LEU H 16 57.36 60.86 9.01
N GLY H 17 58.46 61.59 9.05
CA GLY H 17 59.55 61.24 9.93
C GLY H 17 59.86 62.34 10.91
N LYS H 18 61.10 62.36 11.39
CA LYS H 18 61.58 63.34 12.34
C LYS H 18 62.98 63.77 11.97
N PHE H 19 63.32 65.02 12.28
CA PHE H 19 64.66 65.55 11.99
C PHE H 19 65.53 65.34 13.20
N VAL H 20 66.78 65.00 12.95
CA VAL H 20 67.75 64.82 14.04
C VAL H 20 68.98 65.61 13.70
N SER H 21 69.50 66.33 14.67
CA SER H 21 70.68 67.14 14.41
C SER H 21 71.90 66.42 14.94
N LEU H 22 73.01 66.56 14.23
CA LEU H 22 74.25 65.95 14.66
C LEU H 22 75.16 67.12 15.04
N GLU H 23 75.58 67.15 16.30
CA GLU H 23 76.45 68.22 16.80
C GLU H 23 77.47 68.67 15.77
N GLY H 24 77.40 69.95 15.38
CA GLY H 24 78.34 70.48 14.41
C GLY H 24 77.87 70.42 12.97
N PHE H 25 76.58 70.17 12.78
CA PHE H 25 76.04 70.11 11.43
C PHE H 25 74.78 70.95 11.24
N ALA H 26 74.89 71.96 10.39
CA ALA H 26 73.79 72.88 10.10
C ALA H 26 72.53 72.18 9.59
N GLN H 27 72.65 71.47 8.47
CA GLN H 27 71.50 70.76 7.92
C GLN H 27 71.15 69.56 8.80
N PRO H 28 69.91 69.52 9.32
CA PRO H 28 69.49 68.40 10.17
C PRO H 28 69.26 67.19 9.27
N VAL H 29 69.31 66.00 9.84
CA VAL H 29 69.12 64.80 9.04
C VAL H 29 67.69 64.27 9.14
N ALA H 30 67.10 63.98 7.99
CA ALA H 30 65.74 63.47 7.92
C ALA H 30 65.79 61.96 8.08
N ILE H 31 65.13 61.48 9.14
CA ILE H 31 65.10 60.08 9.44
C ILE H 31 63.71 59.47 9.39
N PHE H 32 63.59 58.36 8.66
CA PHE H 32 62.31 57.68 8.53
C PHE H 32 62.56 56.23 8.95
N LEU H 33 61.71 55.71 9.83
CA LEU H 33 61.87 54.36 10.33
C LEU H 33 60.69 53.47 9.99
N GLY H 34 60.99 52.24 9.57
CA GLY H 34 59.95 51.29 9.28
C GLY H 34 59.05 51.51 8.07
N ILE H 35 59.64 51.87 6.93
CA ILE H 35 58.86 52.05 5.72
C ILE H 35 58.85 50.68 5.08
N PRO H 36 57.64 50.14 4.79
CA PRO H 36 57.51 48.82 4.18
C PRO H 36 57.92 48.83 2.71
N PHE H 37 58.66 47.82 2.29
CA PHE H 37 59.08 47.73 0.89
C PHE H 37 58.51 46.47 0.26
N ALA H 38 57.62 45.81 1.00
CA ALA H 38 56.98 44.59 0.54
C ALA H 38 55.87 44.19 1.49
N LYS H 39 54.88 43.48 0.93
CA LYS H 39 53.74 43.00 1.69
C LYS H 39 54.19 42.04 2.80
N PRO H 40 53.68 42.21 4.04
CA PRO H 40 54.07 41.33 5.16
C PRO H 40 53.97 39.86 4.76
N PRO H 41 55.10 39.15 4.72
CA PRO H 41 55.16 37.72 4.35
C PRO H 41 54.51 36.75 5.33
N LEU H 42 53.21 36.96 5.57
CA LEU H 42 52.47 36.12 6.51
C LEU H 42 51.58 35.07 5.84
N GLY H 43 51.26 34.03 6.60
CA GLY H 43 50.42 32.96 6.10
C GLY H 43 50.89 32.32 4.82
N PRO H 44 50.02 32.29 3.79
CA PRO H 44 50.24 31.72 2.47
C PRO H 44 51.55 32.15 1.87
N LEU H 45 51.85 33.44 2.04
CA LEU H 45 53.07 34.04 1.51
C LEU H 45 54.39 33.54 2.11
N ARG H 46 54.33 32.84 3.25
CA ARG H 46 55.53 32.30 3.84
C ARG H 46 56.20 31.42 2.76
N PHE H 47 57.51 31.55 2.62
CA PHE H 47 58.26 30.78 1.61
C PHE H 47 57.86 31.17 0.20
N THR H 48 57.84 32.46 -0.10
CA THR H 48 57.48 32.90 -1.44
C THR H 48 58.19 34.21 -1.74
N PRO H 49 58.34 34.56 -3.03
CA PRO H 49 59.02 35.82 -3.38
C PRO H 49 58.28 36.98 -2.70
N PRO H 50 59.02 38.01 -2.25
CA PRO H 50 58.29 39.11 -1.60
C PRO H 50 57.37 39.78 -2.61
N GLN H 51 56.29 40.38 -2.12
CA GLN H 51 55.36 41.04 -3.02
C GLN H 51 55.19 42.53 -2.78
N PRO H 52 54.73 43.25 -3.80
CA PRO H 52 54.53 44.69 -3.70
C PRO H 52 53.76 45.07 -2.46
N ALA H 53 54.22 46.12 -1.78
CA ALA H 53 53.55 46.59 -0.57
C ALA H 53 52.28 47.29 -1.02
N GLU H 54 51.16 46.96 -0.41
CA GLU H 54 49.90 47.60 -0.76
C GLU H 54 49.94 49.06 -0.30
N PRO H 55 49.47 49.98 -1.16
CA PRO H 55 49.42 51.42 -0.92
C PRO H 55 48.50 51.79 0.22
N TRP H 56 48.94 52.75 1.03
CA TRP H 56 48.17 53.20 2.17
C TRP H 56 47.53 54.55 1.91
N SER H 57 46.69 54.99 2.84
CA SER H 57 46.00 56.26 2.71
C SER H 57 46.53 57.23 3.74
N PHE H 58 46.44 58.52 3.43
CA PHE H 58 46.88 59.55 4.35
C PHE H 58 48.37 59.50 4.57
N VAL H 59 48.79 59.92 5.75
CA VAL H 59 50.20 59.95 6.11
C VAL H 59 50.64 58.84 7.05
N LYS H 60 51.61 58.05 6.60
CA LYS H 60 52.16 56.96 7.38
C LYS H 60 53.20 57.54 8.32
N ASN H 61 53.03 57.27 9.60
CA ASN H 61 53.93 57.77 10.63
C ASN H 61 55.17 56.89 10.82
N ALA H 62 56.14 57.03 9.92
CA ALA H 62 57.37 56.26 9.98
C ALA H 62 58.38 56.86 10.96
N THR H 63 58.12 56.76 12.26
CA THR H 63 59.02 57.34 13.25
C THR H 63 59.36 56.43 14.41
N SER H 64 59.14 55.14 14.26
CA SER H 64 59.48 54.18 15.31
C SER H 64 60.08 52.88 14.70
N TYR H 65 61.14 52.37 15.34
CA TYR H 65 61.82 51.17 14.89
C TYR H 65 60.93 49.98 14.60
N PRO H 66 61.12 49.35 13.44
CA PRO H 66 60.31 48.19 13.06
C PRO H 66 60.69 46.95 13.85
N PRO H 67 59.98 45.84 13.62
CA PRO H 67 60.38 44.65 14.37
C PRO H 67 61.55 44.07 13.60
N MET H 68 62.21 43.09 14.18
CA MET H 68 63.29 42.45 13.47
C MET H 68 62.70 41.07 13.13
N CYS H 69 63.15 40.45 12.04
CA CYS H 69 62.61 39.15 11.68
C CYS H 69 62.84 38.12 12.79
N THR H 70 61.94 37.15 12.87
CA THR H 70 62.00 36.10 13.87
C THR H 70 63.40 35.47 13.83
N GLN H 71 63.94 35.22 15.01
CA GLN H 71 65.28 34.68 15.16
C GLN H 71 65.47 34.44 16.65
N ASP H 72 66.54 33.75 16.99
CA ASP H 72 66.87 33.47 18.38
C ASP H 72 66.83 34.84 19.10
N PRO H 73 65.87 35.03 20.01
CA PRO H 73 65.73 36.29 20.75
C PRO H 73 67.01 36.72 21.44
N LYS H 74 67.64 35.79 22.15
CA LYS H 74 68.87 36.04 22.88
C LYS H 74 70.04 36.30 21.93
N ALA H 75 70.23 35.40 20.98
CA ALA H 75 71.31 35.54 20.03
C ALA H 75 71.14 36.83 19.24
N GLY H 76 69.89 37.19 18.96
CA GLY H 76 69.65 38.40 18.21
C GLY H 76 70.05 39.66 18.96
N GLN H 77 69.68 39.73 20.23
CA GLN H 77 69.98 40.89 21.06
C GLN H 77 71.46 41.02 21.39
N LEU H 78 72.09 39.89 21.66
CA LEU H 78 73.51 39.85 21.99
C LEU H 78 74.36 40.33 20.83
N LEU H 79 73.93 40.00 19.61
CA LEU H 79 74.67 40.40 18.42
C LEU H 79 74.45 41.88 18.14
N SER H 80 73.23 42.35 18.35
CA SER H 80 72.92 43.75 18.11
C SER H 80 73.76 44.59 19.07
N GLU H 81 73.78 44.20 20.34
CA GLU H 81 74.54 44.92 21.33
C GLU H 81 76.03 44.98 21.01
N LEU H 82 76.48 44.11 20.09
CA LEU H 82 77.88 44.06 19.71
C LEU H 82 78.24 44.74 18.41
N PHE H 83 77.26 45.26 17.68
CA PHE H 83 77.57 45.95 16.42
C PHE H 83 77.02 47.37 16.39
N THR H 84 75.94 47.61 17.13
CA THR H 84 75.34 48.93 17.15
C THR H 84 76.36 50.01 17.37
N ASN H 85 76.14 51.16 16.73
CA ASN H 85 77.02 52.30 16.87
C ASN H 85 76.26 53.35 17.69
N ARG H 86 75.12 52.93 18.22
CA ARG H 86 74.25 53.77 19.04
C ARG H 86 74.79 53.82 20.48
N LYS H 87 74.55 54.91 21.18
CA LYS H 87 75.04 55.00 22.55
C LYS H 87 74.48 53.82 23.32
N GLU H 88 73.17 53.77 23.45
CA GLU H 88 72.55 52.67 24.16
C GLU H 88 71.82 51.85 23.11
N ASN H 89 72.12 50.56 23.03
CA ASN H 89 71.46 49.72 22.05
C ASN H 89 69.93 49.80 22.18
N ILE H 90 69.24 49.57 21.07
CA ILE H 90 67.78 49.61 21.06
C ILE H 90 67.17 48.22 20.94
N PRO H 91 66.38 47.82 21.95
CA PRO H 91 65.72 46.50 21.97
C PRO H 91 64.62 46.44 20.90
N LEU H 92 64.48 45.29 20.26
CA LEU H 92 63.48 45.11 19.20
C LEU H 92 62.49 43.99 19.47
N LYS H 93 61.42 43.97 18.69
CA LYS H 93 60.41 42.93 18.80
C LYS H 93 60.56 41.95 17.65
N LEU H 94 59.94 40.78 17.79
CA LEU H 94 59.99 39.74 16.77
C LEU H 94 58.71 39.62 15.98
N SER H 95 58.82 39.53 14.68
CA SER H 95 57.65 39.40 13.87
C SER H 95 58.00 38.85 12.50
N GLU H 96 57.10 38.05 11.95
CA GLU H 96 57.30 37.49 10.62
C GLU H 96 57.16 38.66 9.67
N ASP H 97 56.49 39.69 10.18
CA ASP H 97 56.25 40.94 9.46
C ASP H 97 57.45 41.79 9.80
N CYS H 98 58.45 41.79 8.92
CA CYS H 98 59.69 42.52 9.16
C CYS H 98 60.35 43.12 7.92
N LEU H 99 59.67 43.07 6.77
CA LEU H 99 60.26 43.62 5.57
C LEU H 99 60.15 45.13 5.51
N TYR H 100 60.84 45.79 6.43
CA TYR H 100 60.86 47.23 6.48
C TYR H 100 62.28 47.71 6.20
N LEU H 101 62.46 49.02 6.18
CA LEU H 101 63.76 49.61 5.92
C LEU H 101 63.76 51.02 6.52
N ASN H 102 64.92 51.48 6.98
CA ASN H 102 65.03 52.81 7.55
C ASN H 102 65.84 53.74 6.64
N ILE H 103 65.34 54.97 6.44
CA ILE H 103 66.02 55.95 5.57
C ILE H 103 66.68 57.06 6.40
N TYR H 104 67.85 57.53 5.95
CA TYR H 104 68.60 58.61 6.59
C TYR H 104 69.05 59.56 5.48
N THR H 105 68.42 60.73 5.36
CA THR H 105 68.83 61.63 4.30
C THR H 105 69.31 63.00 4.79
N PRO H 106 70.61 63.29 4.57
CA PRO H 106 71.26 64.55 4.96
C PRO H 106 70.80 65.67 4.08
N ALA H 107 70.12 65.31 3.00
CA ALA H 107 69.61 66.26 2.03
C ALA H 107 68.54 67.21 2.56
N ASP H 108 68.44 68.36 1.90
CA ASP H 108 67.43 69.37 2.22
C ASP H 108 66.26 69.04 1.28
N LEU H 109 65.25 68.37 1.83
CA LEU H 109 64.08 67.96 1.07
C LEU H 109 63.32 69.07 0.35
N THR H 110 63.44 70.31 0.82
CA THR H 110 62.76 71.44 0.19
C THR H 110 63.29 71.72 -1.22
N LYS H 111 64.56 71.44 -1.44
CA LYS H 111 65.17 71.63 -2.75
C LYS H 111 65.14 70.29 -3.47
N LYS H 112 65.93 70.17 -4.52
CA LYS H 112 66.05 68.93 -5.27
C LYS H 112 67.48 68.44 -5.20
N ASN H 113 67.70 67.35 -4.49
CA ASN H 113 69.02 66.78 -4.36
C ASN H 113 69.04 65.43 -5.07
N ARG H 114 70.23 64.95 -5.39
CA ARG H 114 70.40 63.66 -6.05
C ARG H 114 71.66 63.02 -5.50
N LEU H 115 71.73 62.96 -4.18
CA LEU H 115 72.87 62.40 -3.47
C LEU H 115 73.03 60.90 -3.69
N PRO H 116 74.27 60.39 -3.49
CA PRO H 116 74.52 58.94 -3.66
C PRO H 116 73.87 58.13 -2.53
N VAL H 117 73.25 57.00 -2.90
CA VAL H 117 72.54 56.11 -1.96
C VAL H 117 73.31 54.86 -1.57
N MET H 118 73.38 54.59 -0.27
CA MET H 118 74.11 53.42 0.22
C MET H 118 73.18 52.50 1.00
N VAL H 119 73.04 51.27 0.53
CA VAL H 119 72.16 50.31 1.17
C VAL H 119 72.94 49.35 2.02
N TRP H 120 72.63 49.30 3.31
CA TRP H 120 73.31 48.43 4.26
C TRP H 120 72.61 47.10 4.50
N ILE H 121 73.25 46.01 4.06
CA ILE H 121 72.69 44.69 4.27
C ILE H 121 73.41 44.09 5.48
N HIS H 122 72.78 44.18 6.64
CA HIS H 122 73.37 43.68 7.90
C HIS H 122 73.73 42.20 7.85
N GLY H 123 74.61 41.80 8.78
CA GLY H 123 75.04 40.43 8.88
C GLY H 123 74.37 39.74 10.05
N GLY H 124 74.80 38.52 10.33
CA GLY H 124 74.23 37.73 11.41
C GLY H 124 73.99 36.30 10.93
N GLY H 125 74.81 35.85 9.99
CA GLY H 125 74.71 34.49 9.49
C GLY H 125 73.41 34.10 8.80
N LEU H 126 72.65 35.07 8.35
CA LEU H 126 71.40 34.76 7.68
C LEU H 126 70.47 34.07 8.66
N MET H 127 70.77 34.21 9.95
CA MET H 127 69.95 33.63 11.03
C MET H 127 69.46 34.72 12.00
N VAL H 128 70.29 35.74 12.23
CA VAL H 128 69.93 36.83 13.11
C VAL H 128 70.32 38.15 12.47
N GLY H 129 70.03 39.25 13.18
CA GLY H 129 70.37 40.56 12.68
C GLY H 129 69.15 41.46 12.62
N ALA H 130 69.39 42.74 12.32
CA ALA H 130 68.30 43.72 12.22
C ALA H 130 68.89 44.99 11.62
N ALA H 131 68.09 45.72 10.84
CA ALA H 131 68.59 46.96 10.23
C ALA H 131 68.77 48.02 11.33
N SER H 132 67.74 48.16 12.15
CA SER H 132 67.74 49.12 13.25
C SER H 132 69.02 49.10 14.10
N THR H 133 69.72 47.97 14.12
CA THR H 133 70.97 47.82 14.88
C THR H 133 71.96 48.90 14.48
N TYR H 134 71.86 49.33 13.21
CA TYR H 134 72.76 50.33 12.66
C TYR H 134 72.11 51.70 12.53
N ASP H 135 72.75 52.70 13.14
CA ASP H 135 72.27 54.08 13.10
C ASP H 135 73.06 54.77 11.99
N GLY H 136 72.38 55.32 11.00
CA GLY H 136 73.08 55.96 9.89
C GLY H 136 73.20 57.46 9.91
N LEU H 137 72.90 58.06 11.06
CA LEU H 137 72.96 59.50 11.21
C LEU H 137 74.33 60.11 10.90
N ALA H 138 75.37 59.56 11.51
CA ALA H 138 76.73 60.05 11.36
C ALA H 138 77.33 59.93 9.96
N LEU H 139 77.19 58.75 9.37
CA LEU H 139 77.72 58.56 8.03
C LEU H 139 77.07 59.57 7.11
N ALA H 140 75.75 59.47 6.93
CA ALA H 140 75.00 60.38 6.09
C ALA H 140 75.34 61.87 6.35
N ALA H 141 75.41 62.25 7.63
CA ALA H 141 75.72 63.63 7.98
C ALA H 141 77.13 64.06 7.60
N HIS H 142 78.11 63.21 7.88
CA HIS H 142 79.50 63.49 7.56
C HIS H 142 79.83 63.43 6.06
N GLU H 143 79.22 62.49 5.34
CA GLU H 143 79.49 62.33 3.92
C GLU H 143 78.47 62.82 2.91
N ASN H 144 77.34 63.33 3.39
CA ASN H 144 76.30 63.86 2.53
C ASN H 144 75.82 62.80 1.55
N VAL H 145 75.52 61.62 2.08
CA VAL H 145 75.00 60.52 1.27
C VAL H 145 73.74 60.02 1.99
N VAL H 146 72.79 59.51 1.22
CA VAL H 146 71.54 59.02 1.78
C VAL H 146 71.76 57.58 2.21
N VAL H 147 71.63 57.33 3.52
CA VAL H 147 71.86 55.98 4.03
C VAL H 147 70.60 55.15 4.29
N VAL H 148 70.57 53.96 3.70
CA VAL H 148 69.44 53.04 3.86
C VAL H 148 69.86 51.72 4.51
N THR H 149 69.19 51.31 5.57
CA THR H 149 69.49 50.03 6.20
C THR H 149 68.28 49.17 5.88
N ILE H 150 68.52 47.95 5.38
CA ILE H 150 67.40 47.08 5.04
C ILE H 150 67.37 45.76 5.82
N GLN H 151 66.18 45.15 5.84
CA GLN H 151 65.95 43.86 6.50
C GLN H 151 65.49 42.83 5.49
N TYR H 152 65.64 41.57 5.88
CA TYR H 152 65.26 40.48 5.01
C TYR H 152 64.94 39.26 5.88
N ARG H 153 64.09 38.40 5.35
CA ARG H 153 63.70 37.21 6.09
C ARG H 153 64.95 36.42 6.49
N LEU H 154 64.95 35.88 7.71
CA LEU H 154 66.06 35.10 8.20
C LEU H 154 65.71 33.61 8.38
N GLY H 155 66.70 32.83 8.78
CA GLY H 155 66.53 31.40 9.00
C GLY H 155 65.51 30.68 8.13
N ILE H 156 64.73 29.82 8.76
CA ILE H 156 63.69 29.05 8.08
C ILE H 156 62.84 29.91 7.13
N TRP H 157 62.35 31.02 7.66
CA TRP H 157 61.50 31.92 6.90
C TRP H 157 62.09 32.48 5.61
N GLY H 158 63.38 32.80 5.64
CA GLY H 158 63.98 33.37 4.45
C GLY H 158 64.84 32.41 3.68
N PHE H 159 65.13 31.25 4.26
CA PHE H 159 65.99 30.33 3.55
C PHE H 159 65.61 28.88 3.41
N PHE H 160 64.46 28.49 3.95
CA PHE H 160 64.04 27.10 3.82
C PHE H 160 63.88 26.75 2.34
N SER H 161 64.48 25.62 1.95
CA SER H 161 64.40 25.17 0.58
C SER H 161 64.18 23.67 0.50
N THR H 162 63.49 23.22 -0.56
CA THR H 162 63.22 21.81 -0.75
C THR H 162 63.94 21.28 -1.98
N GLY H 163 64.92 22.03 -2.46
CA GLY H 163 65.66 21.60 -3.64
C GLY H 163 64.83 21.65 -4.92
N ASP H 164 63.55 22.00 -4.79
CA ASP H 164 62.67 22.05 -5.95
C ASP H 164 61.73 23.24 -5.99
N GLU H 165 60.86 23.25 -6.99
CA GLU H 165 59.90 24.34 -7.21
C GLU H 165 58.93 24.59 -6.05
N HIS H 166 58.61 23.56 -5.27
CA HIS H 166 57.70 23.71 -4.14
C HIS H 166 58.28 24.65 -3.09
N SER H 167 59.58 24.96 -3.23
CA SER H 167 60.28 25.85 -2.32
C SER H 167 61.74 25.92 -2.73
N ARG H 168 62.05 26.85 -3.64
CA ARG H 168 63.40 27.00 -4.14
C ARG H 168 64.38 27.56 -3.14
N GLY H 169 63.87 28.39 -2.22
CA GLY H 169 64.73 28.98 -1.21
C GLY H 169 65.28 30.32 -1.62
N ASN H 170 66.17 30.88 -0.81
CA ASN H 170 66.77 32.18 -1.06
C ASN H 170 65.70 33.26 -0.91
N TRP H 171 64.84 33.10 0.08
CA TRP H 171 63.75 34.05 0.31
C TRP H 171 64.29 35.41 0.75
N GLY H 172 65.27 35.38 1.66
CA GLY H 172 65.85 36.63 2.14
C GLY H 172 66.47 37.40 1.00
N HIS H 173 67.25 36.71 0.18
CA HIS H 173 67.92 37.36 -0.95
C HIS H 173 66.91 38.02 -1.88
N LEU H 174 65.75 37.38 -2.04
CA LEU H 174 64.73 37.94 -2.91
C LEU H 174 64.19 39.21 -2.25
N ASP H 175 64.17 39.22 -0.92
CA ASP H 175 63.73 40.40 -0.18
C ASP H 175 64.70 41.56 -0.49
N GLN H 176 65.98 41.29 -0.28
CA GLN H 176 67.02 42.27 -0.51
C GLN H 176 66.88 42.88 -1.91
N VAL H 177 66.51 42.06 -2.89
CA VAL H 177 66.34 42.56 -4.25
C VAL H 177 65.10 43.46 -4.34
N ALA H 178 64.03 43.04 -3.69
CA ALA H 178 62.80 43.81 -3.71
C ALA H 178 63.02 45.16 -3.06
N ALA H 179 63.87 45.20 -2.05
CA ALA H 179 64.13 46.46 -1.38
C ALA H 179 64.91 47.34 -2.34
N LEU H 180 65.98 46.80 -2.93
CA LEU H 180 66.80 47.58 -3.87
C LEU H 180 65.94 48.13 -4.99
N ARG H 181 64.88 47.42 -5.32
CA ARG H 181 63.95 47.83 -6.38
C ARG H 181 63.12 49.00 -5.84
N TRP H 182 62.72 48.90 -4.58
CA TRP H 182 61.93 49.96 -3.93
C TRP H 182 62.71 51.26 -3.98
N VAL H 183 64.00 51.17 -3.64
CA VAL H 183 64.89 52.32 -3.65
C VAL H 183 64.89 52.95 -5.05
N GLN H 184 65.01 52.12 -6.07
CA GLN H 184 65.02 52.60 -7.45
C GLN H 184 63.80 53.44 -7.79
N ASP H 185 62.65 53.05 -7.26
CA ASP H 185 61.39 53.73 -7.58
C ASP H 185 60.96 54.83 -6.62
N ASN H 186 61.61 54.93 -5.46
CA ASN H 186 61.23 55.93 -4.48
C ASN H 186 62.33 56.91 -4.09
N ILE H 187 63.46 56.35 -3.66
CA ILE H 187 64.60 57.11 -3.17
C ILE H 187 64.78 58.55 -3.67
N ALA H 188 64.39 58.84 -4.91
CA ALA H 188 64.54 60.19 -5.44
C ALA H 188 63.77 61.21 -4.59
N SER H 189 62.72 60.74 -3.92
CA SER H 189 61.89 61.58 -3.08
C SER H 189 62.61 61.90 -1.77
N PHE H 190 63.65 61.13 -1.47
CA PHE H 190 64.39 61.35 -0.24
C PHE H 190 65.70 62.09 -0.44
N GLY H 191 65.89 62.60 -1.66
CA GLY H 191 67.09 63.34 -1.96
C GLY H 191 68.23 62.50 -2.47
N GLY H 192 67.90 61.31 -2.99
CA GLY H 192 68.94 60.43 -3.48
C GLY H 192 68.91 60.15 -4.96
N ASN H 193 70.07 59.76 -5.52
CA ASN H 193 70.15 59.46 -6.93
C ASN H 193 70.02 57.97 -7.22
N PRO H 194 68.92 57.56 -7.84
CA PRO H 194 68.75 56.13 -8.15
C PRO H 194 69.83 55.69 -9.13
N GLY H 195 70.49 56.67 -9.74
CA GLY H 195 71.56 56.38 -10.68
C GLY H 195 72.89 56.09 -10.00
N SER H 196 72.91 56.13 -8.67
CA SER H 196 74.14 55.87 -7.95
C SER H 196 73.88 55.14 -6.64
N VAL H 197 73.47 53.88 -6.77
CA VAL H 197 73.18 53.08 -5.58
C VAL H 197 74.32 52.14 -5.26
N THR H 198 74.76 52.18 -4.01
CA THR H 198 75.87 51.36 -3.54
C THR H 198 75.36 50.41 -2.47
N ILE H 199 75.53 49.12 -2.70
CA ILE H 199 75.11 48.15 -1.70
C ILE H 199 76.38 47.77 -0.95
N PHE H 200 76.27 47.60 0.35
CA PHE H 200 77.42 47.19 1.14
C PHE H 200 76.94 46.54 2.40
N GLY H 201 77.72 45.58 2.89
CA GLY H 201 77.35 44.88 4.11
C GLY H 201 78.49 44.04 4.64
N GLU H 202 78.33 43.43 5.80
CA GLU H 202 79.41 42.60 6.29
C GLU H 202 78.98 41.19 6.71
N SER H 203 79.89 40.25 6.50
CA SER H 203 79.67 38.85 6.80
C SER H 203 78.55 38.31 5.91
N ALA H 204 77.47 37.78 6.47
CA ALA H 204 76.41 37.30 5.59
C ALA H 204 75.99 38.50 4.75
N GLY H 205 76.04 39.68 5.34
CA GLY H 205 75.68 40.90 4.61
C GLY H 205 76.65 41.04 3.46
N GLY H 206 77.95 40.93 3.78
CA GLY H 206 78.99 41.02 2.77
C GLY H 206 78.81 39.95 1.70
N GLU H 207 78.44 38.74 2.11
CA GLU H 207 78.21 37.67 1.15
C GLU H 207 77.00 38.02 0.30
N SER H 208 75.90 38.40 0.96
CA SER H 208 74.67 38.77 0.25
C SER H 208 74.99 39.72 -0.89
N VAL H 209 75.90 40.65 -0.62
CA VAL H 209 76.34 41.63 -1.60
C VAL H 209 77.12 40.88 -2.69
N SER H 210 77.86 39.86 -2.27
CA SER H 210 78.64 39.05 -3.19
C SER H 210 77.68 38.33 -4.13
N VAL H 211 76.60 37.79 -3.56
CA VAL H 211 75.56 37.08 -4.32
C VAL H 211 74.77 37.98 -5.30
N LEU H 212 74.40 39.18 -4.87
CA LEU H 212 73.67 40.09 -5.75
C LEU H 212 74.55 40.54 -6.92
N VAL H 213 75.85 40.59 -6.69
CA VAL H 213 76.79 40.99 -7.73
C VAL H 213 76.73 39.97 -8.87
N LEU H 214 76.43 38.73 -8.52
CA LEU H 214 76.34 37.64 -9.48
C LEU H 214 74.95 37.44 -10.06
N SER H 215 73.90 37.62 -9.25
CA SER H 215 72.51 37.44 -9.69
C SER H 215 71.96 38.41 -10.72
N PRO H 216 71.52 37.89 -11.88
CA PRO H 216 70.95 38.72 -12.95
C PRO H 216 69.67 39.45 -12.52
N LEU H 217 69.04 38.97 -11.46
CA LEU H 217 67.83 39.59 -10.94
C LEU H 217 68.10 40.97 -10.32
N ALA H 218 69.36 41.20 -9.96
CA ALA H 218 69.77 42.46 -9.33
C ALA H 218 70.26 43.45 -10.38
N LYS H 219 70.47 42.94 -11.58
CA LYS H 219 70.94 43.74 -12.72
C LYS H 219 70.29 45.12 -12.77
N ASN H 220 71.12 46.16 -12.76
CA ASN H 220 70.63 47.53 -12.83
C ASN H 220 70.02 48.08 -11.55
N LEU H 221 70.13 47.33 -10.45
CA LEU H 221 69.60 47.77 -9.17
C LEU H 221 70.66 48.48 -8.33
N PHE H 222 71.92 48.40 -8.74
CA PHE H 222 73.00 49.08 -8.02
C PHE H 222 74.16 49.44 -8.97
N HIS H 223 75.08 50.28 -8.51
CA HIS H 223 76.15 50.72 -9.37
C HIS H 223 77.55 50.61 -8.78
N ARG H 224 77.63 50.16 -7.53
CA ARG H 224 78.90 49.95 -6.82
C ARG H 224 78.57 48.88 -5.81
N ALA H 225 79.59 48.32 -5.17
CA ALA H 225 79.41 47.26 -4.19
C ALA H 225 80.60 47.13 -3.26
N ILE H 226 80.34 46.69 -2.03
CA ILE H 226 81.37 46.51 -1.02
C ILE H 226 81.09 45.31 -0.11
N SER H 227 82.02 44.37 -0.07
CA SER H 227 81.86 43.22 0.80
C SER H 227 82.87 43.34 1.92
N GLU H 228 82.37 43.41 3.15
CA GLU H 228 83.25 43.54 4.30
C GLU H 228 83.33 42.24 5.08
N SER H 229 84.40 41.48 4.88
CA SER H 229 84.58 40.23 5.60
C SER H 229 83.44 39.26 5.31
N GLY H 230 83.36 38.80 4.05
CA GLY H 230 82.33 37.87 3.64
C GLY H 230 81.96 38.00 2.17
N VAL H 231 82.02 36.87 1.45
CA VAL H 231 81.69 36.82 0.04
C VAL H 231 80.99 35.51 -0.33
N ALA H 232 80.46 35.44 -1.54
CA ALA H 232 79.74 34.27 -1.99
C ALA H 232 80.53 32.97 -1.95
N LEU H 233 81.84 33.06 -1.73
CA LEU H 233 82.66 31.85 -1.67
C LEU H 233 82.87 31.39 -0.24
N THR H 234 82.27 32.11 0.71
CA THR H 234 82.39 31.76 2.12
C THR H 234 81.44 30.59 2.40
N SER H 235 81.81 29.44 1.83
CA SER H 235 81.07 28.18 1.88
C SER H 235 80.02 27.91 2.97
N VAL H 236 80.35 28.14 4.23
CA VAL H 236 79.37 27.87 5.29
C VAL H 236 78.00 28.54 5.05
N LEU H 237 77.99 29.63 4.28
CA LEU H 237 76.77 30.35 3.99
C LEU H 237 76.12 29.95 2.67
N VAL H 238 76.79 29.13 1.87
CA VAL H 238 76.23 28.71 0.59
C VAL H 238 76.18 27.20 0.41
N LYS H 239 74.99 26.64 0.51
CA LYS H 239 74.81 25.19 0.37
C LYS H 239 74.85 24.70 -1.09
N LYS H 240 75.89 23.95 -1.40
CA LYS H 240 76.04 23.40 -2.72
C LYS H 240 75.74 21.90 -2.57
N GLY H 241 74.97 21.34 -3.50
CA GLY H 241 74.63 19.93 -3.41
C GLY H 241 73.15 19.73 -3.16
N ASP H 242 72.80 18.60 -2.57
CA ASP H 242 71.41 18.27 -2.27
C ASP H 242 71.02 18.99 -0.99
N VAL H 243 69.86 19.66 -0.99
CA VAL H 243 69.41 20.38 0.20
C VAL H 243 68.23 19.73 0.90
N LYS H 244 67.70 18.68 0.27
CA LYS H 244 66.54 17.94 0.78
C LYS H 244 66.73 17.30 2.17
N PRO H 245 67.91 16.72 2.45
CA PRO H 245 68.13 16.10 3.77
C PRO H 245 67.89 17.08 4.91
N LEU H 246 68.39 18.32 4.76
CA LEU H 246 68.20 19.35 5.78
C LEU H 246 66.72 19.75 5.81
N ALA H 247 66.16 20.08 4.65
CA ALA H 247 64.76 20.46 4.57
C ALA H 247 63.95 19.37 5.28
N GLU H 248 64.32 18.12 5.05
CA GLU H 248 63.62 17.01 5.69
C GLU H 248 63.87 16.95 7.20
N GLN H 249 65.06 17.38 7.64
CA GLN H 249 65.37 17.36 9.06
C GLN H 249 64.50 18.38 9.80
N ILE H 250 64.35 19.55 9.19
CA ILE H 250 63.55 20.62 9.78
C ILE H 250 62.10 20.16 9.91
N ALA H 251 61.51 19.77 8.79
CA ALA H 251 60.12 19.30 8.79
C ALA H 251 59.86 18.31 9.92
N ILE H 252 60.70 17.28 10.03
CA ILE H 252 60.52 16.29 11.08
C ILE H 252 60.59 16.96 12.44
N THR H 253 61.55 17.89 12.59
CA THR H 253 61.74 18.61 13.85
C THR H 253 60.54 19.50 14.14
N ALA H 254 59.93 20.02 13.07
CA ALA H 254 58.76 20.88 13.18
C ALA H 254 57.50 20.04 13.47
N GLY H 255 57.65 18.72 13.39
CA GLY H 255 56.53 17.83 13.65
C GLY H 255 55.70 17.56 12.40
N CYS H 256 56.36 17.61 11.26
CA CYS H 256 55.70 17.41 9.98
C CYS H 256 56.02 16.12 9.26
N LYS H 257 55.10 15.72 8.39
CA LYS H 257 55.29 14.54 7.60
C LYS H 257 56.23 14.99 6.48
N THR H 258 56.99 14.06 5.91
CA THR H 258 57.92 14.40 4.83
C THR H 258 57.61 13.52 3.63
N THR H 259 56.33 13.32 3.37
CA THR H 259 55.91 12.48 2.27
C THR H 259 56.42 12.99 0.93
N THR H 260 56.17 14.27 0.66
CA THR H 260 56.62 14.91 -0.59
C THR H 260 56.95 16.36 -0.26
N SER H 261 57.71 17.03 -1.13
CA SER H 261 58.06 18.43 -0.91
C SER H 261 56.82 19.27 -0.60
N ALA H 262 55.82 19.16 -1.45
CA ALA H 262 54.58 19.92 -1.29
C ALA H 262 54.00 19.73 0.10
N VAL H 263 54.01 18.50 0.60
CA VAL H 263 53.47 18.21 1.92
C VAL H 263 54.27 18.93 3.00
N MET H 264 55.59 18.89 2.91
CA MET H 264 56.43 19.56 3.89
C MET H 264 56.15 21.05 3.92
N VAL H 265 56.30 21.69 2.75
CA VAL H 265 56.09 23.14 2.59
C VAL H 265 54.73 23.63 3.09
N HIS H 266 53.75 22.75 3.04
CA HIS H 266 52.38 23.04 3.46
C HIS H 266 52.25 22.92 4.97
N CYS H 267 52.83 21.87 5.53
CA CYS H 267 52.78 21.66 6.96
C CYS H 267 53.57 22.73 7.69
N LEU H 268 54.70 23.12 7.10
CA LEU H 268 55.55 24.14 7.70
C LEU H 268 55.01 25.55 7.48
N ARG H 269 54.06 25.66 6.55
CA ARG H 269 53.45 26.95 6.24
C ARG H 269 52.24 27.18 7.13
N GLN H 270 51.75 26.10 7.74
CA GLN H 270 50.60 26.13 8.65
C GLN H 270 51.02 26.41 10.10
N LYS H 271 52.29 26.14 10.41
CA LYS H 271 52.81 26.37 11.75
C LYS H 271 52.78 27.86 12.02
N THR H 272 52.78 28.22 13.30
CA THR H 272 52.75 29.62 13.72
C THR H 272 54.18 30.10 13.86
N GLU H 273 54.34 31.42 13.87
CA GLU H 273 55.66 32.01 14.02
C GLU H 273 56.40 31.33 15.16
N GLU H 274 55.73 31.19 16.30
CA GLU H 274 56.35 30.59 17.45
C GLU H 274 56.74 29.14 17.28
N GLU H 275 55.86 28.33 16.73
CA GLU H 275 56.22 26.93 16.52
C GLU H 275 57.56 26.83 15.81
N LEU H 276 57.67 27.48 14.66
CA LEU H 276 58.93 27.45 13.89
C LEU H 276 60.12 27.96 14.70
N LEU H 277 59.88 28.92 15.59
CA LEU H 277 60.94 29.47 16.42
C LEU H 277 61.46 28.40 17.38
N GLU H 278 60.59 27.46 17.77
CA GLU H 278 60.98 26.37 18.65
C GLU H 278 61.69 25.32 17.80
N THR H 279 61.38 25.27 16.51
CA THR H 279 62.02 24.33 15.59
C THR H 279 63.42 24.87 15.35
N THR H 280 63.50 26.18 15.17
CA THR H 280 64.78 26.84 14.94
C THR H 280 65.68 26.59 16.17
N LEU H 281 65.09 26.74 17.36
CA LEU H 281 65.82 26.54 18.61
C LEU H 281 66.36 25.13 18.80
N LYS H 282 65.57 24.11 18.44
CA LYS H 282 66.03 22.74 18.60
C LYS H 282 67.11 22.37 17.58
N MET H 283 67.09 23.00 16.40
CA MET H 283 68.09 22.73 15.37
C MET H 283 69.43 23.30 15.85
N LYS H 284 69.37 24.02 16.97
CA LYS H 284 70.53 24.66 17.57
C LYS H 284 71.54 25.17 16.57
N PHE H 285 71.08 25.98 15.63
CA PHE H 285 71.96 26.55 14.61
C PHE H 285 72.98 27.46 15.28
N LEU H 286 73.94 27.94 14.50
CA LEU H 286 74.91 28.87 15.02
C LEU H 286 75.80 28.35 16.14
N SER H 287 75.73 27.05 16.38
CA SER H 287 76.53 26.43 17.43
C SER H 287 77.33 25.29 16.79
N LEU H 288 78.60 25.17 17.14
CA LEU H 288 79.43 24.11 16.57
C LEU H 288 79.10 22.79 17.23
N ASP H 289 78.36 21.96 16.53
CA ASP H 289 77.95 20.65 17.01
C ASP H 289 79.16 19.74 17.23
N LEU H 290 79.51 19.52 18.50
CA LEU H 290 80.65 18.66 18.82
C LEU H 290 80.17 17.23 18.78
N GLN H 291 78.90 17.05 19.16
CA GLN H 291 78.25 15.76 19.22
C GLN H 291 77.99 15.16 17.85
N GLY H 292 78.37 13.89 17.67
CA GLY H 292 78.14 13.23 16.40
C GLY H 292 79.07 13.61 15.25
N ASP H 293 78.85 13.01 14.09
CA ASP H 293 79.68 13.26 12.92
C ASP H 293 79.59 14.69 12.38
N PRO H 294 80.75 15.32 12.13
CA PRO H 294 80.92 16.69 11.62
C PRO H 294 80.23 16.98 10.31
N ARG H 295 80.50 16.14 9.30
CA ARG H 295 79.90 16.28 7.99
C ARG H 295 78.38 16.39 8.05
N GLU H 296 77.74 15.51 8.82
CA GLU H 296 76.28 15.53 8.97
C GLU H 296 75.93 16.50 10.10
N SER H 297 76.12 17.78 9.82
CA SER H 297 75.85 18.85 10.78
C SER H 297 75.70 20.17 10.03
N GLN H 298 74.52 20.77 10.13
CA GLN H 298 74.25 22.05 9.46
C GLN H 298 74.23 23.21 10.45
N PRO H 299 75.22 24.11 10.34
CA PRO H 299 75.40 25.30 11.19
C PRO H 299 74.35 26.38 11.02
N LEU H 300 73.76 26.46 9.83
CA LEU H 300 72.73 27.45 9.54
C LEU H 300 72.07 27.16 8.20
N LEU H 301 70.98 27.86 7.92
CA LEU H 301 70.29 27.69 6.64
C LEU H 301 70.81 28.81 5.74
N GLY H 302 71.71 28.49 4.82
CA GLY H 302 72.23 29.54 3.97
C GLY H 302 71.68 29.54 2.56
N THR H 303 72.36 30.29 1.70
CA THR H 303 72.04 30.46 0.28
C THR H 303 72.09 29.12 -0.47
N VAL H 304 71.21 28.94 -1.45
CA VAL H 304 71.23 27.74 -2.26
C VAL H 304 71.22 28.21 -3.70
N ILE H 305 71.25 27.25 -4.63
CA ILE H 305 71.25 27.52 -6.06
C ILE H 305 69.83 27.28 -6.58
N ASP H 306 68.88 28.10 -6.11
CA ASP H 306 67.46 27.97 -6.48
C ASP H 306 67.14 27.89 -7.97
N GLY H 307 67.93 28.57 -8.80
CA GLY H 307 67.67 28.54 -10.23
C GLY H 307 66.99 29.82 -10.69
N MET H 308 66.73 30.69 -9.73
CA MET H 308 66.11 31.98 -9.97
C MET H 308 67.16 33.05 -9.71
N LEU H 309 67.55 33.16 -8.44
CA LEU H 309 68.57 34.12 -7.98
C LEU H 309 69.96 33.73 -8.50
N LEU H 310 70.29 32.45 -8.40
CA LEU H 310 71.57 31.92 -8.86
C LEU H 310 71.29 30.81 -9.85
N LEU H 311 71.74 31.01 -11.07
CA LEU H 311 71.54 30.02 -12.13
C LEU H 311 72.55 28.87 -12.05
N LYS H 312 73.76 29.14 -11.57
CA LYS H 312 74.81 28.12 -11.41
C LYS H 312 75.42 28.28 -10.02
N THR H 313 76.58 27.70 -9.77
CA THR H 313 77.22 27.85 -8.45
C THR H 313 78.10 29.10 -8.50
N PRO H 314 78.40 29.70 -7.35
CA PRO H 314 79.24 30.91 -7.41
C PRO H 314 80.53 30.69 -8.21
N GLU H 315 81.24 29.61 -7.92
CA GLU H 315 82.49 29.34 -8.63
C GLU H 315 82.30 29.25 -10.14
N GLU H 316 81.22 28.58 -10.58
CA GLU H 316 80.93 28.43 -12.01
C GLU H 316 80.60 29.77 -12.66
N LEU H 317 79.86 30.60 -11.94
CA LEU H 317 79.48 31.90 -12.43
C LEU H 317 80.73 32.76 -12.61
N GLN H 318 81.65 32.66 -11.67
CA GLN H 318 82.88 33.44 -11.77
C GLN H 318 83.76 32.98 -12.92
N ALA H 319 83.74 31.68 -13.18
CA ALA H 319 84.52 31.13 -14.27
C ALA H 319 84.10 31.87 -15.54
N GLU H 320 82.85 32.32 -15.53
CA GLU H 320 82.28 33.06 -16.66
C GLU H 320 82.49 34.55 -16.42
N ARG H 321 81.89 35.38 -17.27
CA ARG H 321 82.05 36.82 -17.11
C ARG H 321 80.72 37.53 -17.33
N ASN H 322 79.64 36.90 -16.92
CA ASN H 322 78.33 37.50 -17.10
C ASN H 322 77.84 38.31 -15.91
N PHE H 323 78.39 38.06 -14.72
CA PHE H 323 77.98 38.83 -13.55
C PHE H 323 78.28 40.29 -13.91
N HIS H 324 77.50 41.23 -13.40
CA HIS H 324 77.77 42.60 -13.82
C HIS H 324 78.94 43.36 -13.18
N THR H 325 79.88 43.63 -14.07
CA THR H 325 81.13 44.29 -13.79
C THR H 325 81.03 45.73 -13.30
N VAL H 326 80.80 45.88 -12.00
CA VAL H 326 80.71 47.21 -11.40
C VAL H 326 81.82 47.36 -10.37
N PRO H 327 82.32 48.58 -10.16
CA PRO H 327 83.37 48.77 -9.16
C PRO H 327 83.00 48.07 -7.86
N TYR H 328 83.78 47.06 -7.52
CA TYR H 328 83.58 46.21 -6.35
C TYR H 328 84.76 46.34 -5.38
N MET H 329 84.44 46.48 -4.09
CA MET H 329 85.47 46.58 -3.06
C MET H 329 85.28 45.41 -2.10
N VAL H 330 86.31 44.61 -1.93
CA VAL H 330 86.25 43.46 -1.03
C VAL H 330 87.31 43.63 0.02
N GLY H 331 86.97 43.33 1.27
CA GLY H 331 87.96 43.46 2.32
C GLY H 331 87.80 42.48 3.46
N ILE H 332 88.90 42.26 4.18
CA ILE H 332 88.92 41.37 5.34
C ILE H 332 89.60 42.05 6.51
N ASN H 333 89.35 41.53 7.71
CA ASN H 333 89.94 42.08 8.93
C ASN H 333 91.10 41.17 9.34
N LYS H 334 92.02 41.75 10.10
CA LYS H 334 93.20 41.06 10.57
C LYS H 334 92.92 39.71 11.24
N GLN H 335 91.96 39.68 12.16
CA GLN H 335 91.67 38.43 12.86
C GLN H 335 90.19 38.03 12.79
N GLU H 336 89.74 37.65 11.60
CA GLU H 336 88.35 37.25 11.35
C GLU H 336 87.79 36.26 12.35
N PHE H 337 88.61 35.32 12.80
CA PHE H 337 88.15 34.33 13.77
C PHE H 337 88.88 34.53 15.08
N GLY H 338 89.17 35.77 15.41
CA GLY H 338 89.89 36.07 16.65
C GLY H 338 89.15 35.72 17.91
N TRP H 339 88.03 36.40 18.14
CA TRP H 339 87.26 36.18 19.34
C TRP H 339 85.75 36.08 19.12
N LEU H 340 85.20 37.07 18.43
CA LEU H 340 83.76 37.13 18.17
C LEU H 340 83.07 35.86 17.66
N ILE H 341 83.38 35.45 16.43
CA ILE H 341 82.72 34.27 15.88
C ILE H 341 82.82 33.05 16.81
N PRO H 342 84.04 32.54 17.05
CA PRO H 342 84.17 31.39 17.93
C PRO H 342 83.41 31.56 19.25
N MET H 343 83.53 32.75 19.84
CA MET H 343 82.83 33.05 21.10
C MET H 343 81.33 32.84 20.89
N LEU H 344 80.83 33.27 19.73
CA LEU H 344 79.42 33.16 19.40
C LEU H 344 78.97 31.76 18.98
N MET H 345 79.90 30.83 18.91
CA MET H 345 79.55 29.48 18.51
C MET H 345 79.97 28.46 19.55
N SER H 346 80.32 28.94 20.74
CA SER H 346 80.75 28.07 21.83
C SER H 346 81.92 27.20 21.40
N TYR H 347 82.75 27.74 20.53
CA TYR H 347 83.92 27.03 20.03
C TYR H 347 84.78 26.65 21.23
N PRO H 348 85.18 25.36 21.34
CA PRO H 348 85.99 24.87 22.45
C PRO H 348 87.43 25.38 22.44
N LEU H 349 87.73 26.29 23.36
CA LEU H 349 89.08 26.89 23.47
C LEU H 349 89.22 27.53 24.85
N SER H 350 89.77 26.80 25.82
CA SER H 350 89.93 27.35 27.17
C SER H 350 91.38 27.45 27.57
N GLU H 351 92.23 26.70 26.88
CA GLU H 351 93.65 26.66 27.18
C GLU H 351 94.57 27.62 26.44
N GLY H 352 94.24 27.95 25.20
CA GLY H 352 95.13 28.82 24.45
C GLY H 352 96.38 28.00 24.17
N GLN H 353 96.36 26.78 24.70
CA GLN H 353 97.42 25.80 24.54
C GLN H 353 96.89 24.92 23.42
N LEU H 354 97.69 24.70 22.38
CA LEU H 354 97.22 23.85 21.30
C LEU H 354 98.34 22.98 20.76
N ASP H 355 98.08 21.67 20.67
CA ASP H 355 99.06 20.74 20.15
C ASP H 355 98.56 20.10 18.86
N GLN H 356 99.50 19.93 17.92
CA GLN H 356 99.26 19.34 16.61
C GLN H 356 98.13 18.32 16.58
N LYS H 357 97.95 17.61 17.68
CA LYS H 357 96.91 16.60 17.76
C LYS H 357 95.51 17.18 17.95
N THR H 358 95.31 17.87 19.08
CA THR H 358 94.01 18.46 19.39
C THR H 358 93.54 19.46 18.33
N ALA H 359 94.47 20.01 17.56
CA ALA H 359 94.11 21.00 16.54
C ALA H 359 93.50 20.33 15.31
N MET H 360 93.80 19.05 15.11
CA MET H 360 93.25 18.29 13.99
C MET H 360 91.87 17.81 14.41
N SER H 361 91.74 17.60 15.71
CA SER H 361 90.50 17.14 16.30
C SER H 361 89.45 18.25 16.22
N LEU H 362 89.89 19.50 16.27
CA LEU H 362 88.96 20.61 16.19
C LEU H 362 88.71 21.05 14.75
N LEU H 363 89.73 20.96 13.91
CA LEU H 363 89.55 21.36 12.52
C LEU H 363 88.56 20.39 11.90
N TRP H 364 88.62 19.13 12.34
CA TRP H 364 87.70 18.12 11.80
C TRP H 364 86.30 18.46 12.28
N LYS H 365 86.15 18.62 13.59
CA LYS H 365 84.86 18.96 14.17
C LYS H 365 84.34 20.21 13.51
N SER H 366 85.27 21.10 13.13
CA SER H 366 84.90 22.35 12.48
C SER H 366 84.75 22.21 10.96
N TYR H 367 84.20 21.07 10.54
CA TYR H 367 83.98 20.81 9.12
C TYR H 367 82.96 21.77 8.55
N PRO H 368 81.81 21.90 9.21
CA PRO H 368 80.76 22.81 8.71
C PRO H 368 81.21 24.24 8.45
N LEU H 369 82.38 24.61 8.95
CA LEU H 369 82.92 25.96 8.75
C LEU H 369 83.95 26.06 7.61
N VAL H 370 84.96 25.19 7.65
CA VAL H 370 86.03 25.19 6.67
C VAL H 370 85.90 24.13 5.58
N CYS H 371 85.09 23.12 5.83
CA CYS H 371 84.89 22.03 4.88
C CYS H 371 86.21 21.46 4.40
N ILE H 372 86.88 20.71 5.27
CA ILE H 372 88.17 20.09 4.95
C ILE H 372 88.11 18.59 5.24
N ALA H 373 88.12 17.78 4.17
CA ALA H 373 88.06 16.33 4.30
C ALA H 373 89.09 15.83 5.32
N LYS H 374 88.69 14.89 6.16
CA LYS H 374 89.59 14.38 7.19
C LYS H 374 90.94 13.96 6.61
N GLU H 375 90.95 13.60 5.33
CA GLU H 375 92.17 13.16 4.67
C GLU H 375 93.17 14.30 4.45
N LEU H 376 92.74 15.54 4.70
CA LEU H 376 93.61 16.69 4.49
C LEU H 376 94.04 17.41 5.78
N ILE H 377 93.33 17.14 6.87
CA ILE H 377 93.63 17.78 8.14
C ILE H 377 95.12 17.84 8.50
N PRO H 378 95.81 16.70 8.52
CA PRO H 378 97.22 16.77 8.87
C PRO H 378 98.02 17.75 8.00
N GLU H 379 97.72 17.78 6.70
CA GLU H 379 98.41 18.67 5.77
C GLU H 379 98.26 20.14 6.14
N ALA H 380 97.00 20.57 6.25
CA ALA H 380 96.70 21.96 6.59
C ALA H 380 97.30 22.27 7.95
N THR H 381 96.92 21.48 8.95
CA THR H 381 97.42 21.68 10.31
C THR H 381 98.94 21.84 10.31
N GLU H 382 99.64 20.91 9.67
CA GLU H 382 101.09 21.00 9.58
C GLU H 382 101.48 22.35 8.97
N LYS H 383 100.85 22.68 7.84
CA LYS H 383 101.14 23.93 7.16
C LYS H 383 101.08 25.16 8.05
N TYR H 384 100.16 25.18 9.01
CA TYR H 384 100.01 26.33 9.88
C TYR H 384 100.75 26.25 11.22
N LEU H 385 100.61 25.14 11.93
CA LEU H 385 101.27 25.00 13.22
C LEU H 385 102.60 24.26 13.10
N GLY H 386 102.99 23.98 11.86
CA GLY H 386 104.22 23.24 11.61
C GLY H 386 105.54 23.89 12.00
N GLY H 387 105.70 25.17 11.65
CA GLY H 387 106.94 25.88 11.97
C GLY H 387 106.90 26.59 13.31
N THR H 388 106.68 25.85 14.38
CA THR H 388 106.63 26.43 15.72
C THR H 388 106.43 25.31 16.73
N ASP H 389 107.20 25.35 17.82
CA ASP H 389 107.10 24.32 18.86
C ASP H 389 106.39 24.82 20.11
N ASP H 390 105.85 26.03 20.05
CA ASP H 390 105.14 26.63 21.18
C ASP H 390 103.62 26.53 21.02
N THR H 391 103.00 25.90 22.01
CA THR H 391 101.56 25.69 22.03
C THR H 391 100.78 26.99 22.17
N VAL H 392 101.49 28.10 22.07
CA VAL H 392 100.85 29.40 22.17
C VAL H 392 100.73 29.94 20.75
N LYS H 393 101.87 30.27 20.14
CA LYS H 393 101.87 30.77 18.76
C LYS H 393 101.14 29.74 17.89
N LYS H 394 101.05 28.51 18.39
CA LYS H 394 100.39 27.46 17.65
C LYS H 394 98.87 27.61 17.71
N LYS H 395 98.36 28.07 18.84
CA LYS H 395 96.93 28.26 19.02
C LYS H 395 96.40 29.40 18.13
N ASP H 396 97.17 30.49 18.06
CA ASP H 396 96.78 31.62 17.25
C ASP H 396 96.92 31.29 15.77
N LEU H 397 98.01 30.62 15.42
CA LEU H 397 98.23 30.24 14.04
C LEU H 397 97.10 29.33 13.58
N PHE H 398 96.43 28.72 14.54
CA PHE H 398 95.32 27.83 14.23
C PHE H 398 94.07 28.65 13.91
N LEU H 399 93.98 29.83 14.51
CA LEU H 399 92.83 30.69 14.27
C LEU H 399 93.00 31.33 12.90
N ASP H 400 94.22 31.77 12.60
CA ASP H 400 94.50 32.37 11.30
C ASP H 400 94.13 31.39 10.20
N LEU H 401 94.14 30.11 10.54
CA LEU H 401 93.78 29.07 9.59
C LEU H 401 92.30 29.16 9.24
N ILE H 402 91.44 29.20 10.24
CA ILE H 402 90.01 29.28 10.01
C ILE H 402 89.64 30.52 9.20
N ALA H 403 90.17 31.66 9.62
CA ALA H 403 89.91 32.95 8.94
C ALA H 403 90.26 32.90 7.44
N ASP H 404 91.46 32.42 7.15
CA ASP H 404 91.94 32.31 5.77
C ASP H 404 90.98 31.44 4.95
N VAL H 405 90.53 30.34 5.54
CA VAL H 405 89.61 29.44 4.86
C VAL H 405 88.27 30.15 4.64
N MET H 406 87.62 30.53 5.75
CA MET H 406 86.33 31.21 5.72
C MET H 406 86.25 32.55 4.99
N PHE H 407 87.22 33.45 5.21
CA PHE H 407 87.19 34.74 4.55
C PHE H 407 88.38 35.08 3.66
N GLY H 408 89.56 35.09 4.26
CA GLY H 408 90.78 35.43 3.54
C GLY H 408 90.92 34.94 2.12
N VAL H 409 91.01 33.63 1.96
CA VAL H 409 91.15 33.03 0.66
C VAL H 409 89.96 33.28 -0.28
N PRO H 410 88.72 33.06 0.21
CA PRO H 410 87.54 33.29 -0.62
C PRO H 410 87.50 34.72 -1.16
N SER H 411 87.71 35.67 -0.27
CA SER H 411 87.70 37.08 -0.63
C SER H 411 88.67 37.45 -1.75
N VAL H 412 89.94 37.12 -1.58
CA VAL H 412 90.95 37.41 -2.59
C VAL H 412 90.63 36.70 -3.90
N ILE H 413 90.18 35.45 -3.80
CA ILE H 413 89.84 34.71 -5.01
C ILE H 413 88.81 35.55 -5.75
N VAL H 414 87.77 35.95 -5.02
CA VAL H 414 86.69 36.78 -5.56
C VAL H 414 87.20 38.08 -6.18
N ALA H 415 88.01 38.80 -5.42
CA ALA H 415 88.59 40.06 -5.87
C ALA H 415 89.36 39.88 -7.20
N ARG H 416 90.09 38.77 -7.30
CA ARG H 416 90.85 38.48 -8.50
C ARG H 416 89.97 38.26 -9.72
N ASN H 417 88.93 37.44 -9.59
CA ASN H 417 88.03 37.21 -10.71
C ASN H 417 87.37 38.50 -11.20
N HIS H 418 86.86 39.28 -10.25
CA HIS H 418 86.20 40.53 -10.58
C HIS H 418 87.20 41.38 -11.36
N ARG H 419 88.44 41.36 -10.89
CA ARG H 419 89.51 42.13 -11.51
C ARG H 419 89.70 41.74 -12.96
N ASP H 420 89.76 40.43 -13.19
CA ASP H 420 89.96 39.90 -14.53
C ASP H 420 88.75 40.02 -15.45
N ALA H 421 87.61 40.42 -14.91
CA ALA H 421 86.42 40.60 -15.71
C ALA H 421 86.43 42.04 -16.24
N GLY H 422 87.48 42.78 -15.86
CA GLY H 422 87.65 44.16 -16.31
C GLY H 422 86.94 45.24 -15.52
N ALA H 423 86.53 44.93 -14.30
CA ALA H 423 85.82 45.89 -13.46
C ALA H 423 86.74 46.51 -12.42
N PRO H 424 86.50 47.76 -12.06
CA PRO H 424 87.35 48.42 -11.07
C PRO H 424 87.27 47.63 -9.75
N THR H 425 88.41 47.24 -9.19
CA THR H 425 88.37 46.49 -7.95
C THR H 425 89.33 47.03 -6.90
N TYR H 426 88.89 47.03 -5.65
CA TYR H 426 89.68 47.50 -4.54
C TYR H 426 89.63 46.51 -3.40
N MET H 427 90.72 46.40 -2.65
CA MET H 427 90.78 45.50 -1.51
C MET H 427 91.34 46.22 -0.29
N TYR H 428 91.11 45.64 0.89
CA TYR H 428 91.59 46.24 2.11
C TYR H 428 91.71 45.21 3.20
N GLU H 429 92.64 45.46 4.12
CA GLU H 429 92.79 44.59 5.27
C GLU H 429 92.67 45.54 6.43
N PHE H 430 91.64 45.34 7.25
CA PHE H 430 91.42 46.20 8.39
C PHE H 430 92.07 45.56 9.60
N GLN H 431 92.82 46.36 10.36
CA GLN H 431 93.52 45.88 11.55
C GLN H 431 93.49 46.94 12.62
N TYR H 432 92.43 46.96 13.42
CA TYR H 432 92.32 47.95 14.48
C TYR H 432 91.53 47.30 15.60
N ARG H 433 91.62 47.84 16.79
CA ARG H 433 90.83 47.32 17.89
C ARG H 433 90.00 48.43 18.49
N PRO H 434 88.71 48.47 18.16
CA PRO H 434 87.85 49.52 18.71
C PRO H 434 87.64 49.47 20.21
N SER H 435 87.58 50.65 20.82
CA SER H 435 87.35 50.76 22.25
C SER H 435 85.87 50.52 22.49
N PHE H 436 85.20 50.03 21.47
CA PHE H 436 83.77 49.75 21.53
C PHE H 436 83.51 48.24 21.61
N SER H 437 84.59 47.47 21.57
CA SER H 437 84.47 46.02 21.65
C SER H 437 84.20 45.58 23.09
N SER H 438 83.55 44.43 23.25
CA SER H 438 83.18 43.87 24.56
C SER H 438 84.33 43.88 25.60
N ASP H 439 83.97 43.98 26.88
CA ASP H 439 84.97 43.98 27.96
C ASP H 439 85.61 42.61 28.06
N MET H 440 84.82 41.57 27.75
CA MET H 440 85.22 40.16 27.80
C MET H 440 86.10 39.78 26.61
N LYS H 441 86.59 40.78 25.91
CA LYS H 441 87.44 40.57 24.76
C LYS H 441 88.86 40.97 25.18
N PRO H 442 89.80 40.01 25.12
CA PRO H 442 91.19 40.27 25.51
C PRO H 442 91.96 41.22 24.60
N LYS H 443 92.58 42.22 25.21
CA LYS H 443 93.37 43.25 24.52
C LYS H 443 94.22 42.79 23.34
N THR H 444 94.68 41.54 23.37
CA THR H 444 95.51 40.99 22.30
C THR H 444 94.84 40.86 20.94
N VAL H 445 93.50 40.79 20.94
CA VAL H 445 92.74 40.65 19.71
C VAL H 445 92.56 41.97 18.97
N ILE H 446 93.18 42.06 17.81
CA ILE H 446 93.10 43.27 17.00
C ILE H 446 92.64 42.91 15.60
N GLY H 447 91.65 43.64 15.09
CA GLY H 447 91.13 43.37 13.77
C GLY H 447 90.17 42.20 13.75
N ASP H 448 89.44 42.04 14.85
CA ASP H 448 88.49 40.96 14.99
C ASP H 448 87.29 41.24 14.12
N HIS H 449 86.61 40.17 13.74
CA HIS H 449 85.42 40.25 12.90
C HIS H 449 84.40 41.29 13.39
N GLY H 450 83.92 42.11 12.44
CA GLY H 450 82.95 43.14 12.74
C GLY H 450 83.52 44.49 13.13
N ASP H 451 84.80 44.51 13.50
CA ASP H 451 85.50 45.72 13.97
C ASP H 451 85.50 46.97 13.11
N GLU H 452 85.54 46.83 11.78
CA GLU H 452 85.55 47.99 10.90
C GLU H 452 84.22 48.70 10.88
N LEU H 453 83.18 48.05 11.41
CA LEU H 453 81.86 48.64 11.43
C LEU H 453 81.87 49.95 12.19
N PHE H 454 82.33 49.92 13.44
CA PHE H 454 82.38 51.14 14.22
C PHE H 454 82.97 52.30 13.43
N SER H 455 83.95 52.02 12.57
CA SER H 455 84.58 53.06 11.75
C SER H 455 83.62 53.49 10.66
N VAL H 456 83.11 52.51 9.91
CA VAL H 456 82.19 52.76 8.80
C VAL H 456 80.96 53.57 9.19
N PHE H 457 80.35 53.24 10.32
CA PHE H 457 79.14 53.93 10.76
C PHE H 457 79.40 55.02 11.79
N GLY H 458 80.63 55.50 11.83
CA GLY H 458 81.01 56.57 12.73
C GLY H 458 80.60 56.44 14.19
N ALA H 459 80.83 55.29 14.79
CA ALA H 459 80.48 55.12 16.19
C ALA H 459 81.12 56.24 17.05
N PRO H 460 82.32 56.70 16.67
CA PRO H 460 82.96 57.75 17.45
C PRO H 460 82.14 59.02 17.64
N PHE H 461 81.06 59.17 16.88
CA PHE H 461 80.23 60.37 17.00
C PHE H 461 78.90 60.13 17.69
N LEU H 462 78.54 58.86 17.87
CA LEU H 462 77.29 58.52 18.52
C LEU H 462 77.51 58.00 19.93
N LYS H 463 78.76 57.64 20.21
CA LYS H 463 79.15 57.12 21.52
C LYS H 463 80.18 58.05 22.13
N GLU H 464 80.26 58.04 23.46
CA GLU H 464 81.24 58.88 24.12
C GLU H 464 82.40 57.96 24.49
N GLY H 465 83.60 58.51 24.57
CA GLY H 465 84.76 57.71 24.93
C GLY H 465 85.78 57.45 23.84
N ALA H 466 85.43 57.76 22.59
CA ALA H 466 86.34 57.54 21.48
C ALA H 466 87.62 58.35 21.66
N SER H 467 88.74 57.84 21.16
CA SER H 467 89.99 58.56 21.29
C SER H 467 90.13 59.49 20.11
N GLU H 468 91.17 60.31 20.10
CA GLU H 468 91.39 61.24 19.02
C GLU H 468 91.91 60.54 17.77
N GLU H 469 92.37 59.30 17.96
CA GLU H 469 92.89 58.51 16.87
C GLU H 469 91.78 57.67 16.27
N GLU H 470 90.86 57.23 17.11
CA GLU H 470 89.74 56.41 16.66
C GLU H 470 88.78 57.29 15.85
N ILE H 471 88.74 58.57 16.19
CA ILE H 471 87.87 59.52 15.50
C ILE H 471 88.36 59.87 14.11
N ARG H 472 89.68 59.94 13.94
CA ARG H 472 90.23 60.25 12.63
C ARG H 472 90.00 59.06 11.72
N LEU H 473 90.15 57.88 12.30
CA LEU H 473 90.00 56.64 11.57
C LEU H 473 88.63 56.46 10.92
N SER H 474 87.55 56.82 11.64
CA SER H 474 86.21 56.68 11.08
C SER H 474 86.02 57.66 9.94
N LYS H 475 86.33 58.92 10.19
CA LYS H 475 86.19 59.97 9.19
C LYS H 475 86.90 59.53 7.93
N MET H 476 88.08 58.99 8.09
CA MET H 476 88.85 58.54 6.95
C MET H 476 88.13 57.40 6.25
N VAL H 477 87.73 56.40 7.05
CA VAL H 477 87.03 55.22 6.56
C VAL H 477 85.69 55.59 5.93
N MET H 478 84.97 56.53 6.55
CA MET H 478 83.69 56.95 6.02
C MET H 478 83.92 57.72 4.73
N LYS H 479 84.97 58.51 4.69
CA LYS H 479 85.23 59.27 3.49
C LYS H 479 85.66 58.36 2.35
N PHE H 480 86.34 57.28 2.69
CA PHE H 480 86.79 56.30 1.69
C PHE H 480 85.56 55.63 1.08
N TRP H 481 84.67 55.13 1.94
CA TRP H 481 83.44 54.48 1.50
C TRP H 481 82.54 55.41 0.66
N ALA H 482 82.19 56.57 1.21
CA ALA H 482 81.35 57.53 0.49
C ALA H 482 82.01 58.04 -0.80
N ASN H 483 83.34 58.08 -0.83
CA ASN H 483 84.05 58.51 -2.03
C ASN H 483 83.75 57.43 -3.06
N PHE H 484 83.81 56.19 -2.57
CA PHE H 484 83.55 55.03 -3.40
C PHE H 484 82.14 55.05 -3.93
N ALA H 485 81.19 55.45 -3.10
CA ALA H 485 79.81 55.52 -3.53
C ALA H 485 79.62 56.53 -4.66
N ARG H 486 80.28 57.68 -4.59
CA ARG H 486 80.10 58.67 -5.63
C ARG H 486 81.12 58.75 -6.75
N ASN H 487 81.94 57.72 -6.91
CA ASN H 487 82.95 57.75 -7.95
C ASN H 487 83.38 56.37 -8.43
N GLY H 488 83.14 55.36 -7.60
CA GLY H 488 83.55 54.00 -7.94
C GLY H 488 85.05 53.91 -7.75
N ASN H 489 85.55 54.74 -6.85
CA ASN H 489 86.98 54.84 -6.53
C ASN H 489 87.09 55.65 -5.22
N PRO H 490 87.66 55.04 -4.17
CA PRO H 490 87.86 55.62 -2.84
C PRO H 490 88.89 56.71 -2.63
N ASN H 491 89.57 57.15 -3.68
CA ASN H 491 90.61 58.15 -3.52
C ASN H 491 90.19 59.61 -3.54
N GLY H 492 90.90 60.43 -2.77
CA GLY H 492 90.61 61.84 -2.71
C GLY H 492 91.64 62.63 -1.90
N GLU H 493 91.66 63.94 -2.06
CA GLU H 493 92.61 64.77 -1.35
C GLU H 493 92.52 64.66 0.16
N GLY H 494 93.67 64.54 0.81
CA GLY H 494 93.69 64.42 2.26
C GLY H 494 93.72 62.99 2.75
N LEU H 495 93.25 62.06 1.92
CA LEU H 495 93.23 60.64 2.27
C LEU H 495 94.45 59.94 1.68
N PRO H 496 94.98 58.95 2.40
CA PRO H 496 96.15 58.21 1.91
C PRO H 496 95.76 57.45 0.63
N HIS H 497 96.67 57.38 -0.33
CA HIS H 497 96.40 56.69 -1.60
C HIS H 497 96.11 55.22 -1.45
N TRP H 498 95.07 54.78 -2.16
CA TRP H 498 94.63 53.39 -2.14
C TRP H 498 94.63 52.89 -3.58
N PRO H 499 95.64 52.07 -3.93
CA PRO H 499 95.82 51.51 -5.28
C PRO H 499 94.73 50.54 -5.67
N GLU H 500 94.45 50.50 -6.97
CA GLU H 500 93.42 49.59 -7.45
C GLU H 500 93.97 48.18 -7.42
N TYR H 501 93.12 47.21 -7.15
CA TYR H 501 93.57 45.84 -7.10
C TYR H 501 93.74 45.23 -8.49
N ASN H 502 94.65 45.78 -9.28
CA ASN H 502 94.89 45.23 -10.60
C ASN H 502 95.92 44.09 -10.54
N GLN H 503 96.71 43.94 -11.59
CA GLN H 503 97.71 42.88 -11.66
C GLN H 503 98.78 42.94 -10.56
N LYS H 504 98.96 44.12 -9.97
CA LYS H 504 99.94 44.32 -8.91
C LYS H 504 99.45 43.86 -7.55
N GLU H 505 98.12 43.75 -7.43
CA GLU H 505 97.50 43.29 -6.19
C GLU H 505 97.71 44.22 -5.00
N GLY H 506 97.51 45.51 -5.22
CA GLY H 506 97.68 46.46 -4.15
C GLY H 506 96.41 46.66 -3.36
N TYR H 507 96.53 46.68 -2.04
CA TYR H 507 95.37 46.88 -1.19
C TYR H 507 95.73 47.91 -0.15
N LEU H 508 94.75 48.28 0.68
CA LEU H 508 95.02 49.27 1.69
C LEU H 508 94.96 48.66 3.08
N GLN H 509 96.01 48.88 3.87
CA GLN H 509 96.03 48.36 5.23
C GLN H 509 95.47 49.46 6.08
N ILE H 510 94.24 49.28 6.54
CA ILE H 510 93.56 50.26 7.35
C ILE H 510 93.73 49.99 8.83
N GLY H 511 94.11 51.03 9.57
CA GLY H 511 94.32 50.90 11.00
C GLY H 511 94.95 52.14 11.62
N ALA H 512 95.57 51.99 12.77
CA ALA H 512 96.23 53.09 13.46
C ALA H 512 97.18 53.82 12.51
N ASN H 513 97.77 53.06 11.60
CA ASN H 513 98.68 53.58 10.59
C ASN H 513 98.18 52.94 9.30
N THR H 514 97.78 53.76 8.35
CA THR H 514 97.25 53.27 7.09
C THR H 514 98.19 53.45 5.90
N GLN H 515 98.41 52.38 5.14
CA GLN H 515 99.27 52.46 3.98
C GLN H 515 98.96 51.34 2.99
N ALA H 516 99.40 51.53 1.75
CA ALA H 516 99.19 50.55 0.70
C ALA H 516 100.17 49.41 0.84
N ALA H 517 99.88 48.33 0.12
CA ALA H 517 100.72 47.15 0.15
C ALA H 517 100.45 46.38 -1.14
N GLN H 518 100.77 45.10 -1.14
CA GLN H 518 100.56 44.25 -2.32
C GLN H 518 100.54 42.78 -1.93
N LYS H 519 99.94 41.96 -2.79
CA LYS H 519 99.85 40.52 -2.56
C LYS H 519 99.16 40.14 -1.25
N LEU H 520 97.88 40.45 -1.12
CA LEU H 520 97.14 40.12 0.11
C LEU H 520 96.83 38.63 0.13
N LYS H 521 97.17 37.96 1.23
CA LYS H 521 96.94 36.53 1.40
C LYS H 521 97.37 35.69 0.19
N ASP H 522 98.37 36.18 -0.54
CA ASP H 522 98.87 35.50 -1.73
C ASP H 522 99.30 34.04 -1.55
N LYS H 523 100.07 33.74 -0.51
CA LYS H 523 100.52 32.37 -0.27
C LYS H 523 99.38 31.43 0.14
N GLU H 524 98.51 31.91 1.02
CA GLU H 524 97.37 31.12 1.50
C GLU H 524 96.50 30.67 0.32
N VAL H 525 96.15 31.63 -0.54
CA VAL H 525 95.34 31.35 -1.72
C VAL H 525 96.02 30.22 -2.47
N ALA H 526 97.31 30.37 -2.72
CA ALA H 526 98.07 29.36 -3.45
C ALA H 526 98.04 28.00 -2.74
N PHE H 527 98.36 27.99 -1.46
CA PHE H 527 98.38 26.76 -0.68
C PHE H 527 97.01 26.10 -0.64
N TRP H 528 95.97 26.89 -0.38
CA TRP H 528 94.63 26.34 -0.30
C TRP H 528 94.02 25.90 -1.62
N THR H 529 94.36 26.61 -2.70
CA THR H 529 93.83 26.24 -4.01
C THR H 529 94.35 24.87 -4.41
N ASN H 530 95.65 24.67 -4.29
CA ASN H 530 96.28 23.40 -4.63
C ASN H 530 95.73 22.31 -3.72
N LEU H 531 95.55 22.66 -2.44
CA LEU H 531 95.07 21.70 -1.46
C LEU H 531 93.69 21.14 -1.74
N PHE H 532 92.71 22.01 -1.88
CA PHE H 532 91.33 21.59 -2.14
C PHE H 532 91.18 20.96 -3.50
N ALA H 533 92.13 21.23 -4.39
CA ALA H 533 92.12 20.71 -5.75
C ALA H 533 92.30 19.19 -5.85
N LYS H 534 92.39 18.52 -4.71
CA LYS H 534 92.55 17.07 -4.66
C LYS H 534 91.20 16.38 -4.46
N SER I 4 2.23 29.28 -11.52
CA SER I 4 3.55 28.63 -11.33
C SER I 4 4.56 29.61 -10.77
N PRO I 5 5.42 29.16 -9.83
CA PRO I 5 6.45 29.98 -9.18
C PRO I 5 7.18 30.95 -10.10
N PRO I 6 7.60 32.11 -9.55
CA PRO I 6 8.33 33.17 -10.23
C PRO I 6 9.77 32.77 -10.48
N VAL I 7 10.30 33.07 -11.67
CA VAL I 7 11.69 32.71 -11.99
C VAL I 7 12.39 33.78 -12.82
N VAL I 8 13.26 34.55 -12.17
CA VAL I 8 14.01 35.61 -12.86
C VAL I 8 15.42 35.15 -13.23
N ASP I 9 16.02 35.85 -14.19
CA ASP I 9 17.34 35.48 -14.65
C ASP I 9 18.43 36.51 -14.35
N THR I 10 19.15 36.34 -13.24
CA THR I 10 20.22 37.27 -12.88
C THR I 10 21.45 37.01 -13.73
N VAL I 11 22.36 37.98 -13.73
CA VAL I 11 23.59 37.87 -14.51
C VAL I 11 24.38 36.60 -14.12
N HIS I 12 24.25 36.20 -12.86
CA HIS I 12 24.96 35.02 -12.38
C HIS I 12 24.17 33.71 -12.51
N GLY I 13 22.86 33.80 -12.71
CA GLY I 13 22.07 32.58 -12.84
C GLY I 13 20.58 32.71 -12.59
N LYS I 14 19.89 31.57 -12.58
CA LYS I 14 18.45 31.54 -12.37
C LYS I 14 17.99 31.50 -10.92
N VAL I 15 17.05 32.38 -10.59
CA VAL I 15 16.51 32.48 -9.25
C VAL I 15 15.04 32.04 -9.24
N LEU I 16 14.68 31.19 -8.27
CA LEU I 16 13.32 30.69 -8.15
C LEU I 16 12.69 31.18 -6.87
N GLY I 17 11.77 32.13 -7.01
CA GLY I 17 11.11 32.67 -5.83
C GLY I 17 9.72 32.11 -5.68
N LYS I 18 8.87 32.85 -4.97
CA LYS I 18 7.50 32.43 -4.73
C LYS I 18 6.52 33.58 -4.97
N PHE I 19 5.24 33.22 -5.03
CA PHE I 19 4.16 34.17 -5.26
C PHE I 19 3.27 34.32 -4.03
N VAL I 20 3.16 35.54 -3.53
CA VAL I 20 2.32 35.82 -2.37
C VAL I 20 1.28 36.87 -2.75
N SER I 21 0.17 36.90 -2.02
CA SER I 21 -0.87 37.85 -2.30
C SER I 21 -1.22 38.70 -1.09
N LEU I 22 -1.79 39.88 -1.34
CA LEU I 22 -2.17 40.79 -0.30
C LEU I 22 -3.60 41.25 -0.53
N GLU I 23 -4.35 41.44 0.56
CA GLU I 23 -5.74 41.90 0.48
C GLU I 23 -5.83 43.23 -0.24
N GLY I 24 -6.73 43.29 -1.22
CA GLY I 24 -6.93 44.52 -1.95
C GLY I 24 -6.32 44.52 -3.34
N PHE I 25 -5.40 43.58 -3.58
CA PHE I 25 -4.72 43.50 -4.88
C PHE I 25 -4.84 42.10 -5.47
N ALA I 26 -4.96 42.04 -6.78
CA ALA I 26 -5.09 40.78 -7.48
C ALA I 26 -3.72 40.31 -7.99
N GLN I 27 -2.88 41.26 -8.36
CA GLN I 27 -1.53 40.95 -8.85
C GLN I 27 -0.65 40.52 -7.68
N PRO I 28 -0.26 39.23 -7.63
CA PRO I 28 0.58 38.73 -6.55
C PRO I 28 1.99 39.32 -6.59
N VAL I 29 2.59 39.50 -5.41
CA VAL I 29 3.94 40.04 -5.34
C VAL I 29 4.92 38.87 -5.46
N ALA I 30 5.94 39.02 -6.31
CA ALA I 30 6.94 37.97 -6.45
C ALA I 30 8.00 38.24 -5.40
N ILE I 31 8.25 37.25 -4.55
CA ILE I 31 9.23 37.39 -3.49
C ILE I 31 10.45 36.44 -3.61
N PHE I 32 11.65 36.99 -3.47
CA PHE I 32 12.89 36.20 -3.52
C PHE I 32 13.68 36.37 -2.21
N LEU I 33 13.86 35.27 -1.48
CA LEU I 33 14.58 35.33 -0.22
C LEU I 33 15.98 34.71 -0.27
N GLY I 34 16.98 35.51 0.09
CA GLY I 34 18.35 35.03 0.10
C GLY I 34 19.09 35.04 -1.23
N ILE I 35 19.04 36.14 -1.98
CA ILE I 35 19.80 36.19 -3.21
C ILE I 35 21.14 36.79 -2.81
N PRO I 36 22.24 36.05 -3.03
CA PRO I 36 23.57 36.53 -2.68
C PRO I 36 24.07 37.60 -3.67
N PHE I 37 24.73 38.62 -3.16
CA PHE I 37 25.25 39.67 -4.03
C PHE I 37 26.75 39.77 -3.89
N ALA I 38 27.36 38.75 -3.30
CA ALA I 38 28.80 38.72 -3.11
C ALA I 38 29.32 37.39 -2.56
N LYS I 39 30.58 37.08 -2.86
CA LYS I 39 31.22 35.85 -2.40
C LYS I 39 31.25 35.91 -0.88
N PRO I 40 30.90 34.81 -0.20
CA PRO I 40 30.91 34.77 1.27
C PRO I 40 32.25 35.20 1.87
N PRO I 41 32.25 36.30 2.64
CA PRO I 41 33.43 36.87 3.29
C PRO I 41 33.93 35.90 4.34
N LEU I 42 34.52 34.81 3.86
CA LEU I 42 35.02 33.77 4.72
C LEU I 42 36.55 33.66 4.73
N GLY I 43 37.10 33.31 5.90
CA GLY I 43 38.54 33.14 6.03
C GLY I 43 39.41 34.30 5.56
N PRO I 44 40.06 34.15 4.41
CA PRO I 44 40.94 35.16 3.81
C PRO I 44 40.22 36.40 3.34
N LEU I 45 38.90 36.29 3.16
CA LEU I 45 38.14 37.46 2.73
C LEU I 45 37.59 38.25 3.93
N ARG I 46 37.80 37.74 5.14
CA ARG I 46 37.35 38.44 6.34
C ARG I 46 38.19 39.72 6.39
N PHE I 47 37.56 40.84 6.70
CA PHE I 47 38.24 42.14 6.74
C PHE I 47 38.76 42.55 5.36
N THR I 48 37.97 42.32 4.31
CA THR I 48 38.36 42.69 2.95
C THR I 48 37.12 43.14 2.21
N PRO I 49 37.28 43.99 1.18
CA PRO I 49 36.09 44.42 0.44
C PRO I 49 35.42 43.21 -0.15
N PRO I 50 34.10 43.28 -0.31
CA PRO I 50 33.29 42.18 -0.87
C PRO I 50 33.61 41.88 -2.33
N GLN I 51 33.66 40.60 -2.66
CA GLN I 51 33.96 40.18 -4.03
C GLN I 51 32.73 39.62 -4.72
N PRO I 52 32.56 39.93 -6.01
CA PRO I 52 31.38 39.42 -6.74
C PRO I 52 31.17 37.93 -6.56
N ALA I 53 29.91 37.53 -6.40
CA ALA I 53 29.57 36.12 -6.22
C ALA I 53 29.84 35.35 -7.49
N GLU I 54 29.95 34.04 -7.35
CA GLU I 54 30.21 33.18 -8.49
C GLU I 54 28.91 32.80 -9.20
N PRO I 55 29.01 32.44 -10.48
CA PRO I 55 27.81 32.06 -11.21
C PRO I 55 27.44 30.62 -10.82
N TRP I 56 26.15 30.31 -10.85
CA TRP I 56 25.70 28.97 -10.49
C TRP I 56 24.92 28.37 -11.65
N SER I 57 25.16 27.09 -11.91
CA SER I 57 24.44 26.40 -12.98
C SER I 57 23.03 26.07 -12.49
N PHE I 58 22.06 26.06 -13.40
CA PHE I 58 20.68 25.71 -13.05
C PHE I 58 19.93 26.76 -12.23
N VAL I 59 18.87 26.32 -11.55
CA VAL I 59 18.02 27.21 -10.76
C VAL I 59 18.38 27.30 -9.28
N LYS I 60 18.49 28.52 -8.76
CA LYS I 60 18.80 28.71 -7.35
C LYS I 60 17.50 28.96 -6.58
N ASN I 61 17.24 28.09 -5.61
CA ASN I 61 16.03 28.14 -4.76
C ASN I 61 16.02 29.34 -3.82
N ALA I 62 15.53 30.47 -4.31
CA ALA I 62 15.47 31.69 -3.51
C ALA I 62 14.21 31.80 -2.67
N THR I 63 13.85 30.74 -1.94
CA THR I 63 12.66 30.80 -1.12
C THR I 63 12.88 30.68 0.38
N SER I 64 14.13 30.65 0.79
CA SER I 64 14.42 30.53 2.22
C SER I 64 15.14 31.79 2.70
N TYR I 65 14.84 32.18 3.92
CA TYR I 65 15.44 33.37 4.53
C TYR I 65 16.92 33.18 4.77
N PRO I 66 17.74 34.16 4.36
CA PRO I 66 19.18 34.07 4.56
C PRO I 66 19.48 34.30 6.02
N PRO I 67 20.57 33.72 6.54
CA PRO I 67 20.89 33.94 7.95
C PRO I 67 21.37 35.37 8.15
N MET I 68 21.51 35.79 9.40
CA MET I 68 21.98 37.16 9.65
C MET I 68 23.46 37.06 9.97
N CYS I 69 24.16 38.18 9.93
CA CYS I 69 25.59 38.15 10.22
C CYS I 69 25.82 37.99 11.71
N THR I 70 26.83 37.20 12.04
CA THR I 70 27.19 36.93 13.41
C THR I 70 26.99 38.18 14.26
N GLN I 71 26.25 38.00 15.35
CA GLN I 71 25.95 39.08 16.28
C GLN I 71 25.48 38.42 17.56
N ASP I 72 25.32 39.20 18.63
CA ASP I 72 24.83 38.60 19.85
C ASP I 72 23.49 38.04 19.43
N PRO I 73 23.35 36.70 19.50
CA PRO I 73 22.11 36.02 19.12
C PRO I 73 20.84 36.58 19.78
N LYS I 74 20.92 36.81 21.09
CA LYS I 74 19.78 37.34 21.84
C LYS I 74 19.49 38.80 21.52
N ALA I 75 20.53 39.65 21.56
CA ALA I 75 20.36 41.07 21.28
C ALA I 75 19.73 41.29 19.92
N GLY I 76 20.14 40.50 18.94
CA GLY I 76 19.59 40.64 17.61
C GLY I 76 18.17 40.14 17.58
N GLN I 77 17.92 39.04 18.29
CA GLN I 77 16.59 38.45 18.32
C GLN I 77 15.58 39.36 19.01
N LEU I 78 16.06 40.17 19.95
CA LEU I 78 15.17 41.08 20.67
C LEU I 78 14.85 42.30 19.82
N LEU I 79 15.78 42.68 18.97
CA LEU I 79 15.57 43.84 18.11
C LEU I 79 14.65 43.53 16.95
N SER I 80 14.76 42.31 16.42
CA SER I 80 13.91 41.93 15.30
C SER I 80 12.43 42.08 15.71
N GLU I 81 12.09 41.52 16.86
CA GLU I 81 10.72 41.57 17.36
C GLU I 81 10.18 43.00 17.49
N LEU I 82 10.88 43.82 18.26
CA LEU I 82 10.50 45.21 18.49
C LEU I 82 10.36 46.04 17.22
N PHE I 83 10.95 45.56 16.12
CA PHE I 83 10.91 46.29 14.85
C PHE I 83 10.11 45.66 13.73
N THR I 84 10.12 44.32 13.69
CA THR I 84 9.43 43.58 12.65
C THR I 84 7.94 43.89 12.51
N ASN I 85 7.53 44.03 11.26
CA ASN I 85 6.15 44.31 10.94
C ASN I 85 5.39 43.00 10.72
N ARG I 86 6.11 41.90 10.60
CA ARG I 86 5.47 40.60 10.40
C ARG I 86 4.57 40.25 11.58
N LYS I 87 3.58 39.40 11.32
CA LYS I 87 2.63 38.97 12.34
C LYS I 87 3.39 38.17 13.39
N GLU I 88 4.34 37.35 12.93
CA GLU I 88 5.17 36.56 13.82
C GLU I 88 6.62 36.76 13.41
N ASN I 89 7.47 37.13 14.36
CA ASN I 89 8.86 37.35 14.03
C ASN I 89 9.48 36.05 13.57
N ILE I 90 10.40 36.15 12.62
CA ILE I 90 11.07 34.98 12.05
C ILE I 90 12.40 34.63 12.74
N PRO I 91 12.55 33.36 13.16
CA PRO I 91 13.77 32.90 13.83
C PRO I 91 14.88 32.85 12.80
N LEU I 92 15.98 33.52 13.09
CA LEU I 92 17.08 33.51 12.14
C LEU I 92 18.29 32.78 12.72
N LYS I 93 19.12 32.27 11.82
CA LYS I 93 20.34 31.57 12.18
C LYS I 93 21.54 32.52 11.98
N LEU I 94 22.56 32.38 12.81
CA LEU I 94 23.75 33.23 12.70
C LEU I 94 24.74 32.65 11.68
N SER I 95 25.51 33.52 11.05
CA SER I 95 26.49 33.07 10.07
C SER I 95 27.33 34.16 9.39
N GLU I 96 28.61 33.87 9.20
CA GLU I 96 29.51 34.79 8.55
C GLU I 96 29.09 34.91 7.09
N ASP I 97 28.51 33.84 6.58
CA ASP I 97 28.02 33.82 5.21
C ASP I 97 26.66 34.51 5.27
N CYS I 98 26.67 35.84 5.17
CA CYS I 98 25.45 36.62 5.28
C CYS I 98 25.19 37.65 4.20
N LEU I 99 26.07 37.78 3.21
CA LEU I 99 25.87 38.80 2.18
C LEU I 99 24.79 38.44 1.17
N TYR I 100 23.54 38.69 1.58
CA TYR I 100 22.36 38.43 0.74
C TYR I 100 21.39 39.62 0.76
N LEU I 101 20.41 39.57 -0.14
CA LEU I 101 19.36 40.58 -0.21
C LEU I 101 18.02 39.94 -0.59
N ASN I 102 16.95 40.41 0.03
CA ASN I 102 15.63 39.89 -0.27
C ASN I 102 14.87 40.87 -1.19
N ILE I 103 14.21 40.33 -2.20
CA ILE I 103 13.48 41.17 -3.14
C ILE I 103 11.97 41.02 -3.03
N TYR I 104 11.26 42.12 -3.16
CA TYR I 104 9.81 42.13 -3.13
C TYR I 104 9.34 43.01 -4.28
N THR I 105 9.05 42.40 -5.42
CA THR I 105 8.59 43.15 -6.59
C THR I 105 7.14 42.81 -6.95
N PRO I 106 6.31 43.84 -7.17
CA PRO I 106 4.91 43.60 -7.52
C PRO I 106 4.72 43.57 -9.04
N ALA I 107 5.69 44.08 -9.77
CA ALA I 107 5.62 44.13 -11.23
C ALA I 107 5.31 42.77 -11.82
N ASP I 108 4.64 42.77 -12.97
CA ASP I 108 4.31 41.54 -13.65
C ASP I 108 5.52 41.16 -14.49
N LEU I 109 6.26 40.17 -14.00
CA LEU I 109 7.48 39.71 -14.62
C LEU I 109 7.35 39.19 -16.05
N THR I 110 6.11 39.00 -16.50
CA THR I 110 5.89 38.51 -17.85
C THR I 110 5.69 39.63 -18.87
N LYS I 111 5.92 40.87 -18.45
CA LYS I 111 5.78 42.03 -19.35
C LYS I 111 7.01 42.92 -19.26
N LYS I 112 6.81 44.21 -19.48
CA LYS I 112 7.89 45.19 -19.41
C LYS I 112 7.59 46.08 -18.20
N ASN I 113 8.57 46.26 -17.32
CA ASN I 113 8.35 47.06 -16.12
C ASN I 113 9.57 47.88 -15.72
N ARG I 114 9.34 48.99 -15.02
CA ARG I 114 10.42 49.85 -14.57
C ARG I 114 9.99 50.58 -13.30
N LEU I 115 9.56 49.84 -12.29
CA LEU I 115 9.12 50.45 -11.04
C LEU I 115 10.31 50.99 -10.24
N PRO I 116 10.17 52.18 -9.63
CA PRO I 116 11.30 52.71 -8.86
C PRO I 116 11.72 51.67 -7.82
N VAL I 117 13.00 51.68 -7.44
CA VAL I 117 13.46 50.70 -6.48
C VAL I 117 13.85 51.34 -5.16
N MET I 118 13.37 50.76 -4.07
CA MET I 118 13.68 51.28 -2.76
C MET I 118 14.45 50.21 -2.00
N VAL I 119 15.74 50.47 -1.77
CA VAL I 119 16.59 49.54 -1.08
C VAL I 119 16.67 49.87 0.41
N TRP I 120 16.32 48.90 1.25
CA TRP I 120 16.34 49.10 2.68
C TRP I 120 17.61 48.62 3.40
N ILE I 121 18.17 49.51 4.22
CA ILE I 121 19.37 49.22 4.98
C ILE I 121 18.96 49.27 6.44
N HIS I 122 18.86 48.11 7.09
CA HIS I 122 18.43 48.04 8.49
C HIS I 122 19.29 48.75 9.52
N GLY I 123 18.68 48.99 10.67
CA GLY I 123 19.37 49.65 11.76
C GLY I 123 19.84 48.60 12.75
N GLY I 124 20.76 48.97 13.63
CA GLY I 124 21.29 48.03 14.58
C GLY I 124 22.65 48.49 15.11
N GLY I 125 22.98 49.76 14.86
CA GLY I 125 24.24 50.32 15.31
C GLY I 125 25.45 49.69 14.64
N LEU I 126 25.21 48.98 13.56
CA LEU I 126 26.29 48.31 12.85
C LEU I 126 26.78 47.15 13.72
N MET I 127 26.01 46.83 14.75
CA MET I 127 26.33 45.76 15.69
C MET I 127 25.34 44.60 15.61
N VAL I 128 24.10 44.89 15.24
CA VAL I 128 23.09 43.85 15.15
C VAL I 128 22.10 44.15 14.03
N GLY I 129 21.14 43.26 13.80
CA GLY I 129 20.16 43.47 12.77
C GLY I 129 20.17 42.48 11.62
N ALA I 130 19.04 42.33 10.94
CA ALA I 130 18.87 41.42 9.81
C ALA I 130 17.92 42.01 8.76
N ALA I 131 17.97 41.50 7.54
CA ALA I 131 17.11 42.02 6.48
C ALA I 131 15.71 41.39 6.50
N SER I 132 15.66 40.12 6.84
CA SER I 132 14.40 39.38 6.87
C SER I 132 13.42 39.89 7.93
N THR I 133 13.90 40.79 8.78
CA THR I 133 13.10 41.39 9.86
C THR I 133 11.96 42.23 9.28
N TYR I 134 12.29 42.98 8.23
CA TYR I 134 11.37 43.88 7.55
C TYR I 134 10.79 43.26 6.27
N ASP I 135 9.49 42.96 6.30
CA ASP I 135 8.78 42.38 5.15
C ASP I 135 8.29 43.51 4.21
N GLY I 136 8.76 43.48 2.96
CA GLY I 136 8.38 44.52 2.01
C GLY I 136 7.09 44.32 1.24
N LEU I 137 6.45 43.16 1.45
CA LEU I 137 5.21 42.81 0.78
C LEU I 137 4.17 43.94 0.73
N ALA I 138 3.86 44.52 1.89
CA ALA I 138 2.88 45.62 1.99
C ALA I 138 3.28 46.83 1.16
N LEU I 139 4.33 47.53 1.58
CA LEU I 139 4.82 48.72 0.86
C LEU I 139 4.86 48.46 -0.63
N ALA I 140 5.55 47.40 -1.03
CA ALA I 140 5.66 47.05 -2.43
C ALA I 140 4.30 47.05 -3.11
N ALA I 141 3.34 46.37 -2.50
CA ALA I 141 1.99 46.30 -3.07
C ALA I 141 1.33 47.67 -3.12
N HIS I 142 0.92 48.18 -1.95
CA HIS I 142 0.27 49.46 -1.87
C HIS I 142 0.80 50.55 -2.78
N GLU I 143 2.09 50.85 -2.67
CA GLU I 143 2.70 51.91 -3.46
C GLU I 143 3.21 51.50 -4.84
N ASN I 144 3.17 50.21 -5.12
CA ASN I 144 3.63 49.72 -6.41
C ASN I 144 5.08 50.15 -6.74
N VAL I 145 6.03 49.61 -5.97
CA VAL I 145 7.47 49.87 -6.11
C VAL I 145 8.18 48.59 -5.70
N VAL I 146 9.43 48.41 -6.14
CA VAL I 146 10.20 47.20 -5.78
C VAL I 146 10.95 47.46 -4.50
N VAL I 147 10.71 46.61 -3.51
CA VAL I 147 11.37 46.76 -2.22
C VAL I 147 12.48 45.73 -2.07
N VAL I 148 13.69 46.22 -1.80
CA VAL I 148 14.85 45.34 -1.60
C VAL I 148 15.41 45.53 -0.19
N THR I 149 15.63 44.45 0.54
CA THR I 149 16.21 44.59 1.87
C THR I 149 17.57 43.93 1.81
N ILE I 150 18.61 44.67 2.18
CA ILE I 150 19.97 44.16 2.12
C ILE I 150 20.56 43.89 3.48
N GLN I 151 21.68 43.19 3.46
CA GLN I 151 22.43 42.87 4.66
C GLN I 151 23.86 43.33 4.41
N TYR I 152 24.61 43.56 5.49
CA TYR I 152 25.99 43.99 5.38
C TYR I 152 26.68 43.52 6.64
N ARG I 153 27.95 43.13 6.52
CA ARG I 153 28.67 42.64 7.69
C ARG I 153 28.56 43.56 8.91
N LEU I 154 28.25 42.97 10.06
CA LEU I 154 28.12 43.74 11.29
C LEU I 154 29.31 43.58 12.23
N GLY I 155 29.35 44.44 13.24
CA GLY I 155 30.41 44.41 14.23
C GLY I 155 31.83 44.27 13.75
N ILE I 156 32.59 43.45 14.47
CA ILE I 156 33.97 43.21 14.13
C ILE I 156 34.09 42.86 12.65
N TRP I 157 33.37 41.82 12.23
CA TRP I 157 33.41 41.36 10.84
C TRP I 157 33.12 42.49 9.87
N GLY I 158 32.28 43.43 10.29
CA GLY I 158 31.94 44.53 9.42
C GLY I 158 32.78 45.78 9.46
N PHE I 159 33.25 46.17 10.65
CA PHE I 159 34.01 47.41 10.77
C PHE I 159 35.31 47.39 11.56
N PHE I 160 35.98 46.24 11.67
CA PHE I 160 37.24 46.19 12.42
C PHE I 160 38.27 47.01 11.66
N SER I 161 38.83 48.00 12.32
CA SER I 161 39.82 48.86 11.67
C SER I 161 41.11 49.04 12.47
N THR I 162 42.25 48.89 11.81
CA THR I 162 43.55 49.05 12.45
C THR I 162 44.15 50.42 12.17
N GLY I 163 43.38 51.28 11.50
CA GLY I 163 43.86 52.62 11.22
C GLY I 163 44.70 52.81 9.98
N ASP I 164 44.97 51.73 9.26
CA ASP I 164 45.79 51.82 8.05
C ASP I 164 45.40 50.81 6.98
N GLU I 165 46.21 50.76 5.92
CA GLU I 165 45.98 49.86 4.81
C GLU I 165 45.84 48.41 5.17
N HIS I 166 46.38 47.99 6.32
CA HIS I 166 46.30 46.59 6.70
C HIS I 166 44.90 46.11 7.08
N SER I 167 44.02 47.07 7.36
CA SER I 167 42.62 46.84 7.70
C SER I 167 41.94 48.22 7.88
N ARG I 168 41.66 48.88 6.76
CA ARG I 168 41.02 50.20 6.76
C ARG I 168 39.75 50.18 7.58
N GLY I 169 38.79 49.37 7.16
CA GLY I 169 37.52 49.28 7.85
C GLY I 169 36.36 49.57 6.92
N ASN I 170 35.17 49.76 7.50
CA ASN I 170 33.95 50.06 6.74
C ASN I 170 33.59 48.92 5.77
N TRP I 171 33.92 47.69 6.11
CA TRP I 171 33.61 46.58 5.25
C TRP I 171 32.12 46.60 5.00
N GLY I 172 31.36 46.85 6.08
CA GLY I 172 29.91 46.92 5.99
C GLY I 172 29.41 47.92 4.97
N HIS I 173 29.95 49.13 5.03
CA HIS I 173 29.55 50.16 4.09
C HIS I 173 29.95 49.77 2.66
N LEU I 174 31.07 49.09 2.51
CA LEU I 174 31.54 48.62 1.20
C LEU I 174 30.57 47.55 0.70
N ASP I 175 29.99 46.80 1.64
CA ASP I 175 29.01 45.76 1.31
C ASP I 175 27.73 46.41 0.79
N GLN I 176 27.24 47.42 1.51
CA GLN I 176 26.04 48.12 1.11
C GLN I 176 26.22 48.69 -0.29
N VAL I 177 27.44 49.09 -0.61
CA VAL I 177 27.72 49.64 -1.94
C VAL I 177 27.75 48.51 -2.97
N ALA I 178 28.19 47.33 -2.55
CA ALA I 178 28.24 46.17 -3.43
C ALA I 178 26.82 45.78 -3.84
N ALA I 179 25.97 45.60 -2.83
CA ALA I 179 24.58 45.24 -3.06
C ALA I 179 24.03 46.26 -4.04
N LEU I 180 24.20 47.55 -3.71
CA LEU I 180 23.71 48.63 -4.58
C LEU I 180 24.16 48.47 -6.02
N ARG I 181 25.35 47.93 -6.23
CA ARG I 181 25.85 47.74 -7.58
C ARG I 181 25.16 46.54 -8.20
N TRP I 182 24.69 45.63 -7.36
CA TRP I 182 24.01 44.44 -7.85
C TRP I 182 22.65 44.86 -8.38
N VAL I 183 22.07 45.84 -7.72
CA VAL I 183 20.77 46.37 -8.09
C VAL I 183 20.88 47.18 -9.37
N GLN I 184 22.08 47.66 -9.68
CA GLN I 184 22.24 48.45 -10.89
C GLN I 184 22.31 47.58 -12.11
N ASP I 185 22.72 46.33 -11.92
CA ASP I 185 22.88 45.41 -13.04
C ASP I 185 21.94 44.20 -13.06
N ASN I 186 21.04 44.12 -12.09
CA ASN I 186 20.14 42.99 -12.02
C ASN I 186 18.69 43.42 -11.88
N ILE I 187 18.44 44.32 -10.94
CA ILE I 187 17.10 44.79 -10.63
C ILE I 187 16.11 44.87 -11.80
N ALA I 188 16.59 45.22 -12.99
CA ALA I 188 15.73 45.30 -14.16
C ALA I 188 14.99 43.98 -14.32
N SER I 189 15.75 42.89 -14.33
CA SER I 189 15.23 41.53 -14.47
C SER I 189 14.00 41.26 -13.61
N PHE I 190 13.89 41.96 -12.48
CA PHE I 190 12.75 41.77 -11.57
C PHE I 190 11.67 42.84 -11.79
N GLY I 191 11.66 43.45 -12.97
CA GLY I 191 10.68 44.49 -13.24
C GLY I 191 11.01 45.70 -12.40
N GLY I 192 12.24 46.17 -12.53
CA GLY I 192 12.66 47.32 -11.76
C GLY I 192 13.44 48.28 -12.62
N ASN I 193 13.45 49.53 -12.22
CA ASN I 193 14.17 50.54 -12.97
C ASN I 193 15.43 50.96 -12.24
N PRO I 194 16.59 50.69 -12.85
CA PRO I 194 17.88 51.03 -12.26
C PRO I 194 18.07 52.56 -12.26
N GLY I 195 17.48 53.23 -13.23
CA GLY I 195 17.63 54.67 -13.31
C GLY I 195 17.02 55.46 -12.14
N SER I 196 16.34 54.76 -11.23
CA SER I 196 15.72 55.44 -10.10
C SER I 196 15.70 54.56 -8.85
N VAL I 197 16.81 54.54 -8.13
CA VAL I 197 16.92 53.74 -6.92
C VAL I 197 17.00 54.63 -5.69
N THR I 198 16.23 54.29 -4.66
CA THR I 198 16.21 55.08 -3.43
C THR I 198 16.73 54.28 -2.24
N ILE I 199 17.78 54.79 -1.60
CA ILE I 199 18.36 54.12 -0.44
C ILE I 199 17.85 54.73 0.86
N PHE I 200 17.02 54.00 1.58
CA PHE I 200 16.53 54.50 2.86
C PHE I 200 16.89 53.54 4.00
N GLY I 201 16.80 54.01 5.23
CA GLY I 201 17.11 53.18 6.37
C GLY I 201 17.06 53.98 7.65
N GLU I 202 16.96 53.29 8.77
CA GLU I 202 16.89 53.96 10.05
C GLU I 202 18.10 53.71 10.95
N SER I 203 18.20 54.43 12.06
CA SER I 203 19.30 54.29 13.01
C SER I 203 20.65 54.19 12.29
N ALA I 204 21.39 53.11 12.54
CA ALA I 204 22.67 52.90 11.89
C ALA I 204 22.46 52.82 10.38
N GLY I 205 21.32 52.28 9.96
CA GLY I 205 21.02 52.19 8.55
C GLY I 205 20.76 53.58 7.98
N GLY I 206 20.23 54.47 8.81
CA GLY I 206 19.96 55.83 8.38
C GLY I 206 21.31 56.53 8.29
N GLU I 207 22.16 56.27 9.27
CA GLU I 207 23.49 56.85 9.27
C GLU I 207 24.25 56.33 8.07
N SER I 208 23.95 55.08 7.70
CA SER I 208 24.58 54.45 6.55
C SER I 208 24.22 55.22 5.30
N VAL I 209 22.92 55.44 5.12
CA VAL I 209 22.47 56.17 3.94
C VAL I 209 23.16 57.51 3.91
N SER I 210 23.31 58.14 5.06
CA SER I 210 23.99 59.42 5.10
C SER I 210 25.41 59.25 4.53
N VAL I 211 26.11 58.19 4.97
CA VAL I 211 27.47 57.94 4.48
C VAL I 211 27.50 57.74 2.97
N LEU I 212 26.68 56.83 2.45
CA LEU I 212 26.68 56.62 1.01
C LEU I 212 26.42 57.93 0.25
N VAL I 213 25.62 58.81 0.84
CA VAL I 213 25.30 60.07 0.21
C VAL I 213 26.57 60.93 0.07
N LEU I 214 27.56 60.66 0.90
CA LEU I 214 28.82 61.42 0.89
C LEU I 214 30.03 60.61 0.41
N SER I 215 29.79 59.40 -0.08
CA SER I 215 30.89 58.54 -0.56
C SER I 215 31.04 58.55 -2.08
N PRO I 216 32.22 58.94 -2.58
CA PRO I 216 32.43 58.96 -4.03
C PRO I 216 32.23 57.57 -4.62
N LEU I 217 32.31 56.56 -3.76
CA LEU I 217 32.14 55.17 -4.18
C LEU I 217 30.72 54.78 -4.54
N ALA I 218 29.74 55.60 -4.17
CA ALA I 218 28.36 55.26 -4.46
C ALA I 218 27.74 56.12 -5.53
N LYS I 219 28.47 57.13 -6.00
CA LYS I 219 27.92 57.99 -7.05
C LYS I 219 27.37 57.11 -8.15
N ASN I 220 26.25 57.53 -8.72
CA ASN I 220 25.59 56.80 -9.78
C ASN I 220 24.91 55.53 -9.29
N LEU I 221 25.20 55.10 -8.07
CA LEU I 221 24.58 53.89 -7.57
C LEU I 221 23.17 54.10 -7.02
N PHE I 222 22.79 55.36 -6.83
CA PHE I 222 21.44 55.65 -6.35
C PHE I 222 20.98 57.01 -6.88
N HIS I 223 19.74 57.40 -6.56
CA HIS I 223 19.20 58.67 -7.06
C HIS I 223 18.41 59.51 -6.06
N ARG I 224 18.00 58.89 -4.95
CA ARG I 224 17.25 59.57 -3.91
C ARG I 224 17.64 58.87 -2.62
N ALA I 225 17.63 59.60 -1.51
CA ALA I 225 18.03 58.99 -0.26
C ALA I 225 17.18 59.43 0.90
N ILE I 226 16.84 58.49 1.77
CA ILE I 226 16.03 58.79 2.95
C ILE I 226 16.73 58.26 4.19
N SER I 227 17.00 59.13 5.15
CA SER I 227 17.62 58.67 6.39
C SER I 227 16.66 58.95 7.54
N GLU I 228 16.20 57.89 8.18
CA GLU I 228 15.26 57.97 9.28
C GLU I 228 15.92 57.83 10.65
N SER I 229 15.80 58.86 11.49
CA SER I 229 16.40 58.83 12.83
C SER I 229 17.87 58.43 12.86
N GLY I 230 18.71 59.14 12.12
CA GLY I 230 20.12 58.82 12.10
C GLY I 230 20.84 59.36 10.88
N VAL I 231 22.05 59.88 11.08
CA VAL I 231 22.85 60.44 10.01
C VAL I 231 24.35 60.31 10.31
N ALA I 232 25.16 60.58 9.28
CA ALA I 232 26.62 60.50 9.35
C ALA I 232 27.19 61.36 10.48
N LEU I 233 26.34 62.25 11.03
CA LEU I 233 26.76 63.13 12.10
C LEU I 233 26.46 62.57 13.48
N THR I 234 25.66 61.51 13.57
CA THR I 234 25.40 60.92 14.87
C THR I 234 26.80 60.43 15.30
N SER I 235 27.42 61.15 16.22
CA SER I 235 28.77 60.83 16.66
C SER I 235 29.06 59.47 17.32
N VAL I 236 28.05 58.70 17.66
CA VAL I 236 28.34 57.41 18.28
C VAL I 236 28.64 56.38 17.20
N LEU I 237 28.06 56.59 16.03
CA LEU I 237 28.24 55.71 14.89
C LEU I 237 29.49 56.04 14.06
N VAL I 238 30.10 57.21 14.29
CA VAL I 238 31.28 57.62 13.52
C VAL I 238 32.53 57.74 14.40
N LYS I 239 33.56 56.97 14.07
CA LYS I 239 34.81 57.01 14.81
C LYS I 239 35.78 57.99 14.18
N LYS I 240 36.02 59.08 14.90
CA LYS I 240 36.94 60.13 14.50
C LYS I 240 38.19 60.02 15.36
N GLY I 241 39.35 60.19 14.74
CA GLY I 241 40.58 60.11 15.50
C GLY I 241 41.35 58.82 15.27
N ASP I 242 42.14 58.42 16.26
CA ASP I 242 42.95 57.22 16.18
C ASP I 242 42.18 56.00 16.66
N VAL I 243 41.94 55.07 15.74
CA VAL I 243 41.19 53.86 16.07
C VAL I 243 42.09 52.79 16.70
N LYS I 244 43.36 52.86 16.36
CA LYS I 244 44.36 51.92 16.84
C LYS I 244 44.15 51.41 18.28
N PRO I 245 43.82 52.30 19.23
CA PRO I 245 43.63 51.81 20.59
C PRO I 245 42.47 50.82 20.69
N LEU I 246 41.48 50.96 19.82
CA LEU I 246 40.35 50.05 19.82
C LEU I 246 40.78 48.70 19.25
N ALA I 247 41.60 48.75 18.19
CA ALA I 247 42.12 47.56 17.54
C ALA I 247 42.86 46.70 18.53
N GLU I 248 43.83 47.30 19.20
CA GLU I 248 44.62 46.56 20.18
C GLU I 248 43.74 45.93 21.26
N GLN I 249 42.76 46.68 21.75
CA GLN I 249 41.85 46.20 22.78
C GLN I 249 41.14 44.93 22.30
N ILE I 250 40.56 45.02 21.12
CA ILE I 250 39.88 43.88 20.51
C ILE I 250 40.87 42.74 20.33
N ALA I 251 41.95 42.99 19.60
CA ALA I 251 42.96 41.96 19.39
C ALA I 251 43.34 41.32 20.72
N ILE I 252 43.77 42.12 21.69
CA ILE I 252 44.16 41.55 22.98
C ILE I 252 43.04 40.68 23.56
N THR I 253 41.80 41.16 23.48
CA THR I 253 40.65 40.43 23.99
C THR I 253 40.43 39.12 23.22
N ALA I 254 41.13 38.95 22.10
CA ALA I 254 40.97 37.74 21.30
C ALA I 254 42.17 36.83 21.42
N GLY I 255 43.11 37.20 22.28
CA GLY I 255 44.29 36.37 22.44
C GLY I 255 45.26 36.53 21.31
N CYS I 256 45.28 37.75 20.74
CA CYS I 256 46.17 38.12 19.63
C CYS I 256 47.22 39.13 20.08
N LYS I 257 48.39 39.09 19.45
CA LYS I 257 49.47 40.01 19.80
C LYS I 257 49.25 41.34 19.09
N THR I 258 49.82 42.42 19.61
CA THR I 258 49.63 43.72 18.98
C THR I 258 50.94 44.29 18.41
N THR I 259 51.82 43.39 18.01
CA THR I 259 53.11 43.79 17.47
C THR I 259 52.98 44.75 16.30
N THR I 260 52.19 44.39 15.29
CA THR I 260 52.01 45.26 14.11
C THR I 260 50.56 45.17 13.64
N SER I 261 50.17 46.09 12.78
CA SER I 261 48.80 46.10 12.24
C SER I 261 48.52 44.81 11.50
N ALA I 262 49.50 44.37 10.70
CA ALA I 262 49.39 43.15 9.92
C ALA I 262 49.38 41.92 10.81
N VAL I 263 50.10 41.96 11.93
CA VAL I 263 50.12 40.85 12.88
C VAL I 263 48.73 40.69 13.51
N MET I 264 48.10 41.80 13.89
CA MET I 264 46.75 41.77 14.46
C MET I 264 45.73 41.20 13.45
N VAL I 265 45.71 41.78 12.25
CA VAL I 265 44.79 41.31 11.24
C VAL I 265 44.95 39.82 10.99
N HIS I 266 46.15 39.41 10.60
CA HIS I 266 46.42 38.00 10.33
C HIS I 266 45.96 37.15 11.49
N CYS I 267 46.28 37.59 12.70
CA CYS I 267 45.89 36.83 13.87
C CYS I 267 44.38 36.68 14.06
N LEU I 268 43.60 37.72 13.82
CA LEU I 268 42.15 37.62 13.99
C LEU I 268 41.52 36.79 12.89
N ARG I 269 42.00 36.98 11.67
CA ARG I 269 41.45 36.22 10.54
C ARG I 269 41.55 34.73 10.79
N GLN I 270 42.30 34.35 11.82
CA GLN I 270 42.50 32.94 12.18
C GLN I 270 41.51 32.49 13.25
N LYS I 271 41.10 33.41 14.12
CA LYS I 271 40.15 33.03 15.16
C LYS I 271 38.87 32.60 14.46
N THR I 272 38.07 31.77 15.11
CA THR I 272 36.83 31.29 14.50
C THR I 272 35.69 32.27 14.64
N GLU I 273 34.55 31.90 14.07
CA GLU I 273 33.36 32.74 14.14
C GLU I 273 33.00 32.86 15.61
N GLU I 274 32.94 31.73 16.32
CA GLU I 274 32.58 31.78 17.73
C GLU I 274 33.66 32.38 18.59
N GLU I 275 34.92 32.27 18.15
CA GLU I 275 36.01 32.84 18.90
C GLU I 275 35.78 34.36 18.89
N LEU I 276 35.44 34.90 17.72
CA LEU I 276 35.19 36.33 17.60
C LEU I 276 33.91 36.69 18.35
N LEU I 277 32.94 35.80 18.32
CA LEU I 277 31.67 36.03 19.01
C LEU I 277 31.93 36.17 20.51
N GLU I 278 32.90 35.42 21.02
CA GLU I 278 33.28 35.46 22.43
C GLU I 278 33.94 36.81 22.75
N THR I 279 34.58 37.40 21.75
CA THR I 279 35.21 38.69 21.96
C THR I 279 34.08 39.71 21.87
N THR I 280 33.21 39.54 20.90
CA THR I 280 32.08 40.45 20.74
C THR I 280 31.20 40.44 22.01
N LEU I 281 31.53 39.56 22.95
CA LEU I 281 30.77 39.44 24.19
C LEU I 281 31.52 40.06 25.36
N LYS I 282 32.82 39.84 25.41
CA LYS I 282 33.64 40.36 26.48
C LYS I 282 33.78 41.88 26.44
N MET I 283 33.76 42.44 25.23
CA MET I 283 33.88 43.88 25.03
C MET I 283 32.59 44.57 25.49
N LYS I 284 31.59 43.78 25.82
CA LYS I 284 30.32 44.32 26.27
C LYS I 284 29.85 45.49 25.42
N PHE I 285 29.90 45.35 24.09
CA PHE I 285 29.44 46.43 23.23
C PHE I 285 27.95 46.58 23.43
N LEU I 286 27.36 47.53 22.69
CA LEU I 286 25.92 47.76 22.72
C LEU I 286 25.41 48.15 24.10
N SER I 287 26.31 48.37 25.04
CA SER I 287 25.90 48.72 26.39
C SER I 287 26.81 49.76 27.05
N LEU I 288 26.22 50.62 27.87
CA LEU I 288 26.96 51.69 28.53
C LEU I 288 27.77 51.27 29.75
N ASP I 289 29.07 51.57 29.72
CA ASP I 289 29.98 51.24 30.81
C ASP I 289 29.77 52.20 31.98
N LEU I 290 29.68 51.66 33.19
CA LEU I 290 29.46 52.47 34.38
C LEU I 290 30.69 52.70 35.26
N GLN I 291 31.79 52.01 34.97
CA GLN I 291 33.00 52.19 35.76
C GLN I 291 34.19 52.55 34.90
N GLY I 292 35.10 53.32 35.47
CA GLY I 292 36.28 53.71 34.73
C GLY I 292 36.14 55.06 34.06
N ASP I 293 36.77 55.20 32.90
CA ASP I 293 36.73 56.45 32.15
C ASP I 293 35.77 56.39 30.98
N PRO I 294 34.71 57.20 31.02
CA PRO I 294 33.69 57.28 29.97
C PRO I 294 34.27 57.60 28.60
N ARG I 295 35.50 58.12 28.58
CA ARG I 295 36.14 58.48 27.33
C ARG I 295 36.88 57.32 26.70
N GLU I 296 37.02 56.24 27.46
CA GLU I 296 37.68 55.04 26.95
C GLU I 296 36.63 54.01 26.54
N SER I 297 35.37 54.32 26.84
CA SER I 297 34.27 53.43 26.52
C SER I 297 33.88 53.55 25.05
N GLN I 298 33.76 52.41 24.40
CA GLN I 298 33.38 52.38 23.00
C GLN I 298 32.37 51.26 22.81
N PRO I 299 31.08 51.56 22.93
CA PRO I 299 30.03 50.53 22.77
C PRO I 299 29.59 50.21 21.34
N LEU I 300 30.24 50.83 20.36
CA LEU I 300 29.95 50.59 18.94
C LEU I 300 31.25 50.52 18.14
N LEU I 301 31.21 49.77 17.05
CA LEU I 301 32.36 49.66 16.17
C LEU I 301 31.91 50.34 14.89
N GLY I 302 31.55 51.61 15.00
CA GLY I 302 31.06 52.35 13.85
C GLY I 302 31.94 52.58 12.62
N THR I 303 31.52 53.57 11.85
CA THR I 303 32.20 53.99 10.64
C THR I 303 33.54 54.64 10.98
N VAL I 304 34.42 54.73 9.99
CA VAL I 304 35.72 55.35 10.19
C VAL I 304 36.11 56.06 8.89
N ILE I 305 37.06 56.98 8.98
CA ILE I 305 37.53 57.72 7.81
C ILE I 305 38.59 56.81 7.18
N ASP I 306 38.15 55.85 6.38
CA ASP I 306 39.06 54.90 5.77
C ASP I 306 39.96 55.41 4.65
N GLY I 307 39.49 56.37 3.87
CA GLY I 307 40.30 56.88 2.77
C GLY I 307 39.89 56.27 1.44
N MET I 308 38.78 55.53 1.47
CA MET I 308 38.23 54.87 0.28
C MET I 308 36.75 55.18 0.22
N LEU I 309 36.04 54.94 1.32
CA LEU I 309 34.60 55.22 1.43
C LEU I 309 34.38 56.69 1.82
N LEU I 310 35.19 57.16 2.76
CA LEU I 310 35.13 58.52 3.23
C LEU I 310 36.57 59.05 3.18
N LEU I 311 36.79 60.12 2.43
CA LEU I 311 38.11 60.69 2.30
C LEU I 311 38.44 61.68 3.43
N LYS I 312 37.40 62.05 4.17
CA LYS I 312 37.53 62.97 5.30
C LYS I 312 36.22 62.92 6.11
N THR I 313 36.19 63.61 7.25
CA THR I 313 35.00 63.58 8.11
C THR I 313 33.73 64.09 7.46
N PRO I 314 32.57 63.54 7.86
CA PRO I 314 31.31 63.98 7.29
C PRO I 314 31.23 65.50 7.32
N GLU I 315 31.56 66.07 8.48
CA GLU I 315 31.54 67.50 8.69
C GLU I 315 32.27 68.28 7.60
N GLU I 316 33.46 67.82 7.24
CA GLU I 316 34.23 68.49 6.21
C GLU I 316 33.66 68.22 4.83
N LEU I 317 33.05 67.05 4.65
CA LEU I 317 32.49 66.68 3.37
C LEU I 317 31.23 67.42 2.97
N GLN I 318 30.72 68.22 3.91
CA GLN I 318 29.52 68.99 3.64
C GLN I 318 29.90 70.41 3.21
N ALA I 319 30.84 71.01 3.95
CA ALA I 319 31.31 72.35 3.65
C ALA I 319 32.03 72.39 2.30
N GLU I 320 32.21 71.22 1.70
CA GLU I 320 32.89 71.14 0.41
C GLU I 320 31.94 70.87 -0.74
N ARG I 321 30.66 70.70 -0.44
CA ARG I 321 29.70 70.39 -1.49
C ARG I 321 30.21 69.11 -2.13
N ASN I 322 31.01 68.38 -1.34
CA ASN I 322 31.62 67.13 -1.73
C ASN I 322 30.61 65.98 -1.58
N PHE I 323 29.57 66.07 -2.41
CA PHE I 323 28.48 65.10 -2.50
C PHE I 323 27.49 65.74 -3.48
N HIS I 324 27.56 65.32 -4.74
CA HIS I 324 26.70 65.88 -5.76
C HIS I 324 25.20 65.74 -5.49
N THR I 325 24.52 66.87 -5.61
CA THR I 325 23.09 67.00 -5.38
C THR I 325 22.19 65.83 -5.82
N VAL I 326 21.33 65.42 -4.89
CA VAL I 326 20.33 64.37 -5.11
C VAL I 326 19.31 64.55 -4.00
N PRO I 327 18.03 64.34 -4.30
CA PRO I 327 17.02 64.51 -3.26
C PRO I 327 17.37 63.64 -2.05
N TYR I 328 17.10 64.14 -0.86
CA TYR I 328 17.41 63.43 0.38
C TYR I 328 16.42 63.84 1.46
N MET I 329 15.73 62.86 2.04
CA MET I 329 14.78 63.13 3.11
C MET I 329 15.43 62.83 4.46
N VAL I 330 15.36 63.78 5.37
CA VAL I 330 15.95 63.58 6.69
C VAL I 330 14.90 63.78 7.78
N GLY I 331 14.65 62.72 8.57
CA GLY I 331 13.65 62.84 9.63
C GLY I 331 14.10 62.32 10.99
N ILE I 332 13.29 62.59 12.00
CA ILE I 332 13.56 62.15 13.37
C ILE I 332 12.26 61.94 14.14
N ASN I 333 12.34 61.38 15.33
CA ASN I 333 11.14 61.13 16.12
C ASN I 333 11.05 62.00 17.37
N LYS I 334 9.82 62.19 17.85
CA LYS I 334 9.56 63.01 19.02
C LYS I 334 10.47 62.69 20.19
N GLN I 335 10.43 61.45 20.66
CA GLN I 335 11.26 61.02 21.78
C GLN I 335 12.20 59.92 21.31
N GLU I 336 13.34 60.33 20.74
CA GLU I 336 14.34 59.40 20.25
C GLU I 336 14.93 58.50 21.33
N PHE I 337 15.13 59.07 22.51
CA PHE I 337 15.72 58.33 23.63
C PHE I 337 14.61 58.03 24.64
N GLY I 338 13.39 57.89 24.13
CA GLY I 338 12.27 57.61 24.99
C GLY I 338 12.43 56.39 25.86
N TRP I 339 12.54 55.22 25.24
CA TRP I 339 12.67 53.97 25.97
C TRP I 339 13.55 52.95 25.27
N LEU I 340 13.26 52.68 24.00
CA LEU I 340 14.01 51.72 23.20
C LEU I 340 15.52 51.71 23.40
N ILE I 341 16.19 52.81 23.07
CA ILE I 341 17.64 52.88 23.22
C ILE I 341 18.14 52.69 24.66
N PRO I 342 17.60 53.45 25.62
CA PRO I 342 18.06 53.29 27.00
C PRO I 342 17.85 51.85 27.50
N MET I 343 16.82 51.21 26.97
CA MET I 343 16.46 49.86 27.34
C MET I 343 17.46 48.84 26.80
N LEU I 344 17.90 49.02 25.56
CA LEU I 344 18.87 48.12 24.92
C LEU I 344 20.30 48.56 25.20
N MET I 345 20.52 49.20 26.34
CA MET I 345 21.84 49.67 26.74
C MET I 345 22.02 49.68 28.23
N SER I 346 21.03 49.20 28.97
CA SER I 346 21.11 49.18 30.42
C SER I 346 21.39 50.58 30.95
N TYR I 347 20.74 51.58 30.36
CA TYR I 347 20.94 52.93 30.84
C TYR I 347 20.47 52.98 32.30
N PRO I 348 21.32 53.50 33.20
CA PRO I 348 21.10 53.63 34.64
C PRO I 348 19.99 54.57 35.14
N LEU I 349 18.98 54.82 34.31
CA LEU I 349 17.88 55.69 34.71
C LEU I 349 16.63 54.87 35.05
N SER I 350 16.22 54.88 36.31
CA SER I 350 15.04 54.12 36.73
C SER I 350 14.18 54.89 37.73
N GLU I 351 14.20 56.21 37.63
CA GLU I 351 13.44 57.07 38.52
C GLU I 351 12.86 58.26 37.74
N GLY I 352 11.65 58.67 38.08
CA GLY I 352 11.02 59.79 37.41
C GLY I 352 11.47 61.11 38.03
N GLN I 353 12.50 61.02 38.88
CA GLN I 353 13.04 62.18 39.55
C GLN I 353 14.54 62.26 39.27
N LEU I 354 15.00 63.41 38.81
CA LEU I 354 16.43 63.58 38.50
C LEU I 354 16.95 64.96 38.87
N ASP I 355 17.94 64.98 39.77
CA ASP I 355 18.56 66.22 40.21
C ASP I 355 19.76 66.54 39.31
N GLN I 356 20.20 67.80 39.31
CA GLN I 356 21.31 68.19 38.47
C GLN I 356 22.64 67.55 38.82
N LYS I 357 22.82 67.22 40.10
CA LYS I 357 24.05 66.59 40.56
C LYS I 357 24.20 65.26 39.83
N THR I 358 23.11 64.49 39.83
CA THR I 358 23.02 63.19 39.19
C THR I 358 22.99 63.32 37.67
N ALA I 359 22.45 64.44 37.19
CA ALA I 359 22.35 64.73 35.76
C ALA I 359 23.72 64.78 35.13
N MET I 360 24.57 65.64 35.70
CA MET I 360 25.93 65.79 35.23
C MET I 360 26.66 64.45 35.30
N SER I 361 26.60 63.80 36.46
CA SER I 361 27.26 62.50 36.69
C SER I 361 26.94 61.45 35.63
N LEU I 362 25.68 61.39 35.22
CA LEU I 362 25.27 60.43 34.21
C LEU I 362 25.63 60.89 32.80
N LEU I 363 25.39 62.16 32.49
CA LEU I 363 25.71 62.66 31.17
C LEU I 363 27.18 62.45 30.87
N TRP I 364 28.00 62.39 31.92
CA TRP I 364 29.43 62.15 31.74
C TRP I 364 29.64 60.68 31.35
N LYS I 365 28.93 59.78 32.03
CA LYS I 365 29.05 58.36 31.71
C LYS I 365 28.62 58.16 30.27
N SER I 366 27.63 58.95 29.85
CA SER I 366 27.09 58.89 28.50
C SER I 366 28.00 59.58 27.50
N TYR I 367 29.24 59.83 27.89
CA TYR I 367 30.15 60.51 27.00
C TYR I 367 30.14 59.91 25.60
N PRO I 368 30.38 58.59 25.47
CA PRO I 368 30.39 57.97 24.15
C PRO I 368 29.16 58.24 23.30
N LEU I 369 28.01 58.40 23.96
CA LEU I 369 26.76 58.66 23.26
C LEU I 369 26.60 60.11 22.79
N VAL I 370 27.07 61.07 23.59
CA VAL I 370 26.93 62.47 23.22
C VAL I 370 28.25 63.19 22.98
N CYS I 371 29.30 62.72 23.64
CA CYS I 371 30.64 63.29 23.49
C CYS I 371 30.72 64.75 23.98
N ILE I 372 30.33 64.97 25.22
CA ILE I 372 30.38 66.31 25.80
C ILE I 372 31.52 66.42 26.79
N ALA I 373 32.53 67.23 26.47
CA ALA I 373 33.66 67.40 27.36
C ALA I 373 33.11 67.57 28.76
N LYS I 374 33.83 67.03 29.74
CA LYS I 374 33.40 67.09 31.13
C LYS I 374 33.24 68.53 31.62
N GLU I 375 33.99 69.45 31.03
CA GLU I 375 33.94 70.85 31.44
C GLU I 375 32.78 71.62 30.83
N LEU I 376 31.96 70.96 30.01
CA LEU I 376 30.82 71.62 29.39
C LEU I 376 29.53 71.04 29.97
N ILE I 377 29.66 69.98 30.75
CA ILE I 377 28.53 69.30 31.38
C ILE I 377 27.61 70.25 32.16
N PRO I 378 28.19 71.15 32.96
CA PRO I 378 27.34 72.08 33.71
C PRO I 378 26.47 72.99 32.81
N GLU I 379 27.06 73.53 31.74
CA GLU I 379 26.31 74.40 30.83
C GLU I 379 25.17 73.61 30.20
N ALA I 380 25.52 72.47 29.63
CA ALA I 380 24.55 71.59 28.99
C ALA I 380 23.37 71.34 29.92
N THR I 381 23.68 70.91 31.14
CA THR I 381 22.67 70.62 32.14
C THR I 381 21.79 71.82 32.50
N GLU I 382 22.37 72.90 33.00
CA GLU I 382 21.60 74.08 33.38
C GLU I 382 20.65 74.51 32.25
N LYS I 383 21.16 74.49 31.02
CA LYS I 383 20.39 74.88 29.84
C LYS I 383 19.11 74.06 29.63
N TYR I 384 19.17 72.76 29.96
CA TYR I 384 18.02 71.88 29.81
C TYR I 384 17.28 71.56 31.11
N LEU I 385 18.01 71.49 32.22
CA LEU I 385 17.40 71.15 33.50
C LEU I 385 17.27 72.32 34.47
N GLY I 386 17.68 73.51 34.03
CA GLY I 386 17.57 74.67 34.90
C GLY I 386 16.21 75.33 34.73
N GLY I 387 15.50 74.90 33.69
CA GLY I 387 14.19 75.45 33.40
C GLY I 387 13.22 75.36 34.55
N THR I 388 12.91 74.13 34.97
CA THR I 388 11.96 73.94 36.05
C THR I 388 12.61 73.48 37.35
N ASP I 389 11.79 73.37 38.39
CA ASP I 389 12.24 72.91 39.71
C ASP I 389 11.67 71.51 39.94
N ASP I 390 10.70 71.14 39.10
CA ASP I 390 10.05 69.83 39.17
C ASP I 390 11.02 68.73 38.75
N THR I 391 11.61 68.04 39.73
CA THR I 391 12.57 66.97 39.46
C THR I 391 12.04 65.87 38.54
N VAL I 392 10.72 65.81 38.37
CA VAL I 392 10.14 64.80 37.51
C VAL I 392 10.32 65.24 36.06
N LYS I 393 9.96 66.48 35.77
CA LYS I 393 10.08 67.02 34.42
C LYS I 393 11.56 67.22 34.10
N LYS I 394 12.39 67.23 35.15
CA LYS I 394 13.84 67.40 35.00
C LYS I 394 14.46 66.16 34.41
N LYS I 395 13.91 65.00 34.74
CA LYS I 395 14.42 63.75 34.21
C LYS I 395 13.86 63.60 32.81
N ASP I 396 12.70 64.22 32.59
CA ASP I 396 12.03 64.16 31.29
C ASP I 396 12.77 65.00 30.25
N LEU I 397 13.33 66.12 30.68
CA LEU I 397 14.05 67.01 29.79
C LEU I 397 15.46 66.49 29.55
N PHE I 398 15.98 65.73 30.50
CA PHE I 398 17.31 65.15 30.37
C PHE I 398 17.31 64.18 29.20
N LEU I 399 16.15 63.61 28.91
CA LEU I 399 16.02 62.67 27.82
C LEU I 399 16.02 63.43 26.50
N ASP I 400 15.35 64.58 26.50
CA ASP I 400 15.30 65.39 25.30
C ASP I 400 16.71 65.84 24.95
N LEU I 401 17.51 66.04 25.99
CA LEU I 401 18.91 66.44 25.81
C LEU I 401 19.63 65.37 24.99
N ILE I 402 19.77 64.18 25.55
CA ILE I 402 20.44 63.10 24.85
C ILE I 402 19.90 62.96 23.43
N ALA I 403 18.60 62.89 23.28
CA ALA I 403 18.01 62.76 21.95
C ALA I 403 18.39 63.88 20.99
N ASP I 404 18.50 65.11 21.48
CA ASP I 404 18.83 66.23 20.60
C ASP I 404 20.27 66.12 20.11
N VAL I 405 21.18 65.74 21.02
CA VAL I 405 22.59 65.60 20.69
C VAL I 405 22.86 64.41 19.78
N MET I 406 22.06 63.37 19.89
CA MET I 406 22.27 62.19 19.06
C MET I 406 21.59 62.21 17.69
N PHE I 407 20.40 62.80 17.60
CA PHE I 407 19.69 62.82 16.33
C PHE I 407 19.21 64.18 15.88
N GLY I 408 18.55 64.89 16.79
CA GLY I 408 18.01 66.19 16.44
C GLY I 408 19.02 67.12 15.80
N VAL I 409 19.86 67.70 16.64
CA VAL I 409 20.86 68.64 16.18
C VAL I 409 21.59 68.13 14.95
N PRO I 410 22.20 66.95 15.05
CA PRO I 410 22.94 66.40 13.90
C PRO I 410 22.10 66.29 12.62
N SER I 411 20.85 65.84 12.76
CA SER I 411 20.00 65.69 11.59
C SER I 411 19.73 67.03 10.92
N VAL I 412 19.24 67.98 11.70
CA VAL I 412 18.92 69.31 11.18
C VAL I 412 20.14 69.91 10.47
N ILE I 413 21.31 69.70 11.05
CA ILE I 413 22.51 70.23 10.44
C ILE I 413 22.66 69.68 9.04
N VAL I 414 22.74 68.35 8.93
CA VAL I 414 22.93 67.70 7.65
C VAL I 414 21.90 68.17 6.65
N ALA I 415 20.63 68.10 7.04
CA ALA I 415 19.56 68.54 6.15
C ALA I 415 19.91 69.93 5.65
N ARG I 416 20.35 70.79 6.58
CA ARG I 416 20.73 72.15 6.26
C ARG I 416 21.80 72.23 5.17
N ASN I 417 23.01 71.78 5.48
CA ASN I 417 24.09 71.83 4.49
C ASN I 417 23.69 71.21 3.16
N HIS I 418 22.72 70.32 3.17
CA HIS I 418 22.28 69.69 1.92
C HIS I 418 21.49 70.73 1.10
N ARG I 419 20.66 71.49 1.81
CA ARG I 419 19.85 72.55 1.21
C ARG I 419 20.75 73.62 0.60
N ASP I 420 21.81 73.97 1.34
CA ASP I 420 22.74 75.00 0.92
C ASP I 420 23.60 74.57 -0.27
N ALA I 421 23.55 73.29 -0.60
CA ALA I 421 24.32 72.76 -1.72
C ALA I 421 23.42 72.71 -2.95
N GLY I 422 22.30 73.43 -2.88
CA GLY I 422 21.39 73.46 -4.01
C GLY I 422 20.75 72.13 -4.35
N ALA I 423 20.66 71.25 -3.37
CA ALA I 423 20.05 69.95 -3.60
C ALA I 423 18.76 69.96 -2.80
N PRO I 424 17.68 69.40 -3.36
CA PRO I 424 16.40 69.36 -2.66
C PRO I 424 16.54 68.72 -1.28
N THR I 425 15.71 69.14 -0.34
CA THR I 425 15.77 68.56 1.00
C THR I 425 14.37 68.56 1.59
N TYR I 426 14.09 67.56 2.44
CA TYR I 426 12.81 67.43 3.09
C TYR I 426 13.02 66.85 4.47
N MET I 427 12.53 67.53 5.50
CA MET I 427 12.65 67.03 6.87
C MET I 427 11.29 66.66 7.40
N TYR I 428 11.28 65.90 8.50
CA TYR I 428 10.04 65.50 9.12
C TYR I 428 10.36 65.07 10.53
N GLU I 429 9.36 65.13 11.39
CA GLU I 429 9.52 64.71 12.77
C GLU I 429 8.35 63.83 13.10
N PHE I 430 8.62 62.53 13.25
CA PHE I 430 7.57 61.59 13.58
C PHE I 430 7.18 61.70 15.04
N GLN I 431 5.88 61.75 15.29
CA GLN I 431 5.37 61.87 16.63
C GLN I 431 4.06 61.07 16.71
N TYR I 432 4.18 59.82 17.10
CA TYR I 432 3.04 58.92 17.23
C TYR I 432 3.49 57.68 18.01
N ARG I 433 2.55 56.94 18.57
CA ARG I 433 2.86 55.74 19.34
C ARG I 433 2.08 54.58 18.74
N PRO I 434 2.77 53.66 18.04
CA PRO I 434 2.10 52.52 17.43
C PRO I 434 1.56 51.48 18.42
N SER I 435 0.43 50.87 18.06
CA SER I 435 -0.22 49.86 18.89
C SER I 435 0.65 48.61 18.94
N PHE I 436 1.68 48.61 18.10
CA PHE I 436 2.61 47.50 17.98
C PHE I 436 3.73 47.56 19.00
N SER I 437 3.84 48.66 19.72
CA SER I 437 4.89 48.83 20.72
C SER I 437 4.92 47.67 21.73
N SER I 438 5.99 47.64 22.52
CA SER I 438 6.21 46.63 23.53
C SER I 438 5.31 46.84 24.76
N ASP I 439 4.96 45.75 25.43
CA ASP I 439 4.11 45.81 26.62
C ASP I 439 4.89 46.45 27.74
N MET I 440 6.20 46.21 27.72
CA MET I 440 7.11 46.73 28.75
C MET I 440 7.40 48.21 28.54
N LYS I 441 6.70 48.81 27.57
CA LYS I 441 6.87 50.23 27.24
C LYS I 441 5.74 51.07 27.81
N PRO I 442 6.08 52.18 28.48
CA PRO I 442 5.07 53.07 29.05
C PRO I 442 4.15 53.67 27.98
N LYS I 443 2.90 53.91 28.34
CA LYS I 443 1.94 54.49 27.39
C LYS I 443 2.23 55.98 27.18
N THR I 444 2.99 56.55 28.10
CA THR I 444 3.39 57.95 28.07
C THR I 444 4.56 58.27 27.13
N VAL I 445 5.05 57.25 26.44
CA VAL I 445 6.17 57.41 25.50
C VAL I 445 5.62 57.35 24.10
N ILE I 446 5.70 58.48 23.41
CA ILE I 446 5.20 58.57 22.05
C ILE I 446 6.29 59.02 21.11
N GLY I 447 6.47 58.28 20.02
CA GLY I 447 7.48 58.62 19.05
C GLY I 447 8.88 58.19 19.50
N ASP I 448 8.97 57.01 20.10
CA ASP I 448 10.25 56.49 20.54
C ASP I 448 11.03 56.24 19.26
N HIS I 449 12.30 55.91 19.41
CA HIS I 449 13.17 55.63 18.29
C HIS I 449 12.66 54.41 17.52
N GLY I 450 12.28 54.59 16.26
CA GLY I 450 11.81 53.46 15.47
C GLY I 450 10.30 53.29 15.32
N ASP I 451 9.52 54.20 15.90
CA ASP I 451 8.08 54.14 15.81
C ASP I 451 7.54 54.30 14.40
N GLU I 452 8.25 55.08 13.59
CA GLU I 452 7.82 55.33 12.21
C GLU I 452 7.92 54.11 11.30
N LEU I 453 8.65 53.09 11.77
CA LEU I 453 8.86 51.88 10.99
C LEU I 453 7.62 51.07 10.66
N PHE I 454 6.73 50.91 11.65
CA PHE I 454 5.51 50.15 11.44
C PHE I 454 4.67 50.83 10.37
N SER I 455 4.73 52.15 10.34
CA SER I 455 4.00 52.90 9.34
C SER I 455 4.66 52.68 7.97
N VAL I 456 5.87 53.22 7.80
CA VAL I 456 6.58 53.08 6.53
C VAL I 456 6.50 51.70 5.89
N PHE I 457 6.39 50.65 6.70
CA PHE I 457 6.33 49.30 6.15
C PHE I 457 4.98 48.62 6.15
N GLY I 458 3.94 49.39 6.47
CA GLY I 458 2.59 48.85 6.48
C GLY I 458 2.34 47.77 7.51
N ALA I 459 2.80 47.99 8.73
CA ALA I 459 2.59 47.02 9.80
C ALA I 459 1.09 46.80 10.02
N PRO I 460 0.27 47.84 9.77
CA PRO I 460 -1.18 47.75 9.95
C PRO I 460 -1.91 46.85 8.93
N PHE I 461 -1.20 46.39 7.91
CA PHE I 461 -1.82 45.54 6.91
C PHE I 461 -1.32 44.12 6.98
N LEU I 462 -0.30 43.91 7.82
CA LEU I 462 0.28 42.58 8.00
C LEU I 462 0.03 42.15 9.44
N LYS I 463 0.05 43.13 10.34
CA LYS I 463 -0.18 42.89 11.76
C LYS I 463 -1.62 43.26 12.09
N GLU I 464 -2.20 42.53 13.04
CA GLU I 464 -3.58 42.74 13.45
C GLU I 464 -3.81 43.71 14.61
N GLY I 465 -5.04 44.20 14.70
CA GLY I 465 -5.40 45.11 15.76
C GLY I 465 -5.11 46.57 15.51
N ALA I 466 -4.59 46.87 14.33
CA ALA I 466 -4.29 48.25 14.00
C ALA I 466 -5.59 49.02 13.87
N SER I 467 -5.63 50.21 14.44
CA SER I 467 -6.83 51.04 14.39
C SER I 467 -6.89 51.81 13.07
N GLU I 468 -8.02 52.45 12.81
CA GLU I 468 -8.19 53.23 11.59
C GLU I 468 -7.20 54.40 11.55
N GLU I 469 -7.10 55.13 12.65
CA GLU I 469 -6.20 56.26 12.77
C GLU I 469 -4.80 55.82 12.35
N GLU I 470 -4.35 54.71 12.92
CA GLU I 470 -3.03 54.18 12.61
C GLU I 470 -2.92 53.63 11.19
N ILE I 471 -3.96 52.96 10.72
CA ILE I 471 -3.94 52.43 9.36
C ILE I 471 -3.80 53.61 8.41
N ARG I 472 -4.74 54.55 8.50
CA ARG I 472 -4.73 55.73 7.64
C ARG I 472 -3.33 56.37 7.60
N LEU I 473 -2.76 56.57 8.79
CA LEU I 473 -1.43 57.16 8.94
C LEU I 473 -0.40 56.42 8.11
N SER I 474 -0.33 55.11 8.34
CA SER I 474 0.60 54.24 7.64
C SER I 474 0.40 54.33 6.13
N LYS I 475 -0.85 54.50 5.72
CA LYS I 475 -1.18 54.61 4.30
C LYS I 475 -0.61 55.91 3.77
N MET I 476 -0.80 56.97 4.54
CA MET I 476 -0.28 58.27 4.17
C MET I 476 1.26 58.21 4.07
N VAL I 477 1.89 57.66 5.10
CA VAL I 477 3.35 57.54 5.15
C VAL I 477 3.96 56.82 3.96
N MET I 478 3.48 55.61 3.66
CA MET I 478 4.00 54.86 2.54
C MET I 478 3.85 55.63 1.22
N LYS I 479 2.83 56.48 1.14
CA LYS I 479 2.58 57.29 -0.05
C LYS I 479 3.75 58.23 -0.28
N PHE I 480 4.03 59.03 0.73
CA PHE I 480 5.13 59.99 0.72
C PHE I 480 6.42 59.33 0.29
N TRP I 481 6.84 58.31 1.03
CA TRP I 481 8.08 57.58 0.71
C TRP I 481 8.14 57.12 -0.74
N ALA I 482 7.08 56.45 -1.19
CA ALA I 482 7.03 55.98 -2.56
C ALA I 482 7.02 57.15 -3.53
N ASN I 483 6.33 58.23 -3.16
CA ASN I 483 6.28 59.42 -4.00
C ASN I 483 7.69 60.00 -4.10
N PHE I 484 8.35 60.08 -2.96
CA PHE I 484 9.71 60.60 -2.92
C PHE I 484 10.55 59.69 -3.81
N ALA I 485 10.31 58.39 -3.69
CA ALA I 485 11.04 57.40 -4.44
C ALA I 485 10.93 57.57 -5.97
N ARG I 486 9.78 58.00 -6.44
CA ARG I 486 9.63 58.16 -7.88
C ARG I 486 9.85 59.57 -8.40
N ASN I 487 9.64 60.57 -7.55
CA ASN I 487 9.80 61.96 -7.99
C ASN I 487 10.87 62.79 -7.30
N GLY I 488 11.21 62.46 -6.07
CA GLY I 488 12.22 63.25 -5.37
C GLY I 488 11.52 64.37 -4.64
N ASN I 489 10.22 64.18 -4.44
CA ASN I 489 9.35 65.12 -3.76
C ASN I 489 8.18 64.30 -3.22
N PRO I 490 8.03 64.26 -1.90
CA PRO I 490 6.95 63.50 -1.24
C PRO I 490 5.50 63.87 -1.56
N ASN I 491 5.28 65.05 -2.13
CA ASN I 491 3.93 65.52 -2.44
C ASN I 491 3.16 64.80 -3.54
N GLY I 492 1.84 64.82 -3.39
CA GLY I 492 0.93 64.18 -4.32
C GLY I 492 -0.52 64.38 -3.88
N GLU I 493 -1.44 63.85 -4.66
CA GLU I 493 -2.88 63.97 -4.38
C GLU I 493 -3.32 63.17 -3.16
N GLY I 494 -4.12 63.80 -2.29
CA GLY I 494 -4.60 63.12 -1.10
C GLY I 494 -3.68 63.22 0.09
N LEU I 495 -2.51 63.80 -0.10
CA LEU I 495 -1.56 63.92 0.98
C LEU I 495 -1.31 65.38 1.34
N PRO I 496 -1.21 65.70 2.64
CA PRO I 496 -0.97 67.08 3.07
C PRO I 496 0.27 67.65 2.39
N HIS I 497 0.32 68.97 2.22
CA HIS I 497 1.48 69.57 1.56
C HIS I 497 2.72 69.50 2.43
N TRP I 498 3.80 69.00 1.83
CA TRP I 498 5.07 68.87 2.52
C TRP I 498 6.01 69.95 1.97
N PRO I 499 6.23 71.00 2.75
CA PRO I 499 7.12 72.09 2.33
C PRO I 499 8.59 71.70 2.28
N GLU I 500 9.28 72.18 1.24
CA GLU I 500 10.70 71.88 1.10
C GLU I 500 11.48 72.49 2.26
N TYR I 501 12.67 71.95 2.53
CA TYR I 501 13.46 72.50 3.61
C TYR I 501 14.28 73.64 3.04
N ASN I 502 13.59 74.67 2.55
CA ASN I 502 14.24 75.84 1.99
C ASN I 502 14.82 76.69 3.11
N GLN I 503 15.06 77.96 2.82
CA GLN I 503 15.62 78.86 3.81
C GLN I 503 14.71 79.07 5.00
N LYS I 504 13.41 78.82 4.80
CA LYS I 504 12.43 78.99 5.86
C LYS I 504 12.43 77.79 6.81
N GLU I 505 13.16 76.74 6.45
CA GLU I 505 13.29 75.53 7.26
C GLU I 505 11.94 74.83 7.50
N GLY I 506 11.13 74.79 6.45
CA GLY I 506 9.83 74.16 6.54
C GLY I 506 9.89 72.65 6.51
N TYR I 507 9.25 72.03 7.49
CA TYR I 507 9.22 70.57 7.60
C TYR I 507 7.82 70.10 7.92
N LEU I 508 7.52 68.87 7.56
CA LEU I 508 6.20 68.30 7.83
C LEU I 508 6.17 67.56 9.15
N GLN I 509 5.17 67.85 9.99
CA GLN I 509 5.02 67.16 11.27
C GLN I 509 4.12 65.97 11.01
N ILE I 510 4.61 64.78 11.32
CA ILE I 510 3.85 63.59 11.06
C ILE I 510 3.33 62.92 12.34
N GLY I 511 2.03 62.61 12.33
CA GLY I 511 1.38 61.98 13.47
C GLY I 511 -0.12 61.85 13.27
N ALA I 512 -0.87 61.77 14.37
CA ALA I 512 -2.33 61.67 14.29
C ALA I 512 -2.74 62.81 13.37
N ASN I 513 -2.46 64.03 13.83
CA ASN I 513 -2.77 65.23 13.05
C ASN I 513 -1.48 65.56 12.31
N THR I 514 -1.59 65.75 11.01
CA THR I 514 -0.42 66.05 10.20
C THR I 514 -0.49 67.41 9.55
N GLN I 515 0.48 68.27 9.91
CA GLN I 515 0.56 69.62 9.35
C GLN I 515 1.99 70.13 9.33
N ALA I 516 2.32 70.95 8.33
CA ALA I 516 3.66 71.52 8.20
C ALA I 516 4.10 72.29 9.44
N ALA I 517 5.24 72.98 9.32
CA ALA I 517 5.80 73.76 10.41
C ALA I 517 7.12 74.38 9.95
N GLN I 518 7.90 74.94 10.87
CA GLN I 518 9.18 75.57 10.50
C GLN I 518 10.19 75.59 11.63
N LYS I 519 11.43 75.94 11.27
CA LYS I 519 12.54 76.06 12.19
C LYS I 519 12.64 74.91 13.20
N LEU I 520 12.75 73.68 12.69
CA LEU I 520 12.86 72.50 13.53
C LEU I 520 14.15 72.47 14.35
N LYS I 521 14.02 72.32 15.65
CA LYS I 521 15.18 72.27 16.53
C LYS I 521 16.11 73.47 16.29
N ASP I 522 15.59 74.51 15.65
CA ASP I 522 16.39 75.68 15.35
C ASP I 522 17.05 76.26 16.61
N LYS I 523 16.33 76.21 17.72
CA LYS I 523 16.84 76.70 18.98
C LYS I 523 17.90 75.73 19.53
N GLU I 524 17.51 74.46 19.65
CA GLU I 524 18.39 73.42 20.15
C GLU I 524 19.73 73.45 19.44
N VAL I 525 19.69 73.39 18.11
CA VAL I 525 20.90 73.40 17.32
C VAL I 525 21.86 74.52 17.68
N ALA I 526 21.35 75.75 17.68
CA ALA I 526 22.19 76.89 18.01
C ALA I 526 22.97 76.75 19.33
N PHE I 527 22.31 76.25 20.38
CA PHE I 527 22.94 76.09 21.69
C PHE I 527 24.14 75.16 21.65
N TRP I 528 23.97 74.04 20.97
CA TRP I 528 25.03 73.06 20.86
C TRP I 528 26.13 73.53 19.93
N THR I 529 25.76 74.10 18.80
CA THR I 529 26.75 74.59 17.87
C THR I 529 27.74 75.45 18.65
N ASN I 530 27.22 76.29 19.53
CA ASN I 530 28.09 77.17 20.30
C ASN I 530 28.83 76.45 21.42
N LEU I 531 28.08 75.81 22.33
CA LEU I 531 28.69 75.11 23.45
C LEU I 531 29.84 74.17 23.04
N PHE I 532 29.64 73.41 21.98
CA PHE I 532 30.66 72.48 21.49
C PHE I 532 31.89 73.22 20.97
N ALA I 533 31.70 74.47 20.56
CA ALA I 533 32.79 75.29 20.05
C ALA I 533 33.76 75.69 21.17
N LYS I 534 33.37 75.47 22.42
CA LYS I 534 34.20 75.80 23.57
C LYS I 534 35.06 74.60 23.98
N SER J 3 58.82 49.14 65.28
CA SER J 3 57.60 48.30 65.06
C SER J 3 57.92 47.02 64.28
N SER J 4 57.81 45.88 64.97
CA SER J 4 58.07 44.59 64.36
C SER J 4 56.74 43.95 63.97
N PRO J 5 56.57 43.59 62.69
CA PRO J 5 55.34 42.96 62.21
C PRO J 5 54.81 41.85 63.12
N PRO J 6 53.48 41.70 63.17
CA PRO J 6 52.88 40.66 64.02
C PRO J 6 52.95 39.28 63.38
N VAL J 7 53.67 38.37 64.04
CA VAL J 7 53.77 37.02 63.53
C VAL J 7 52.87 36.15 64.40
N VAL J 8 51.97 35.43 63.77
CA VAL J 8 51.07 34.57 64.51
C VAL J 8 51.27 33.10 64.16
N ASP J 9 51.09 32.26 65.17
CA ASP J 9 51.22 30.82 64.99
C ASP J 9 49.87 30.19 64.75
N THR J 10 49.78 29.38 63.71
CA THR J 10 48.55 28.70 63.39
C THR J 10 48.85 27.21 63.30
N VAL J 11 47.81 26.40 63.41
CA VAL J 11 47.97 24.96 63.33
C VAL J 11 48.78 24.60 62.09
N HIS J 12 48.35 25.11 60.94
CA HIS J 12 49.04 24.81 59.70
C HIS J 12 50.36 25.57 59.47
N GLY J 13 50.64 26.60 60.27
CA GLY J 13 51.88 27.32 60.09
C GLY J 13 51.90 28.79 60.48
N LYS J 14 53.09 29.38 60.44
CA LYS J 14 53.30 30.80 60.79
C LYS J 14 52.76 31.77 59.77
N VAL J 15 52.16 32.85 60.26
CA VAL J 15 51.64 33.89 59.38
C VAL J 15 52.22 35.24 59.81
N LEU J 16 52.77 35.96 58.84
CA LEU J 16 53.35 37.25 59.09
C LEU J 16 52.29 38.28 58.73
N GLY J 17 51.97 39.16 59.67
CA GLY J 17 50.94 40.16 59.41
C GLY J 17 51.47 41.57 59.24
N LYS J 18 50.62 42.56 59.51
CA LYS J 18 51.04 43.95 59.39
C LYS J 18 50.13 44.84 60.20
N PHE J 19 50.78 45.75 60.94
CA PHE J 19 50.08 46.70 61.79
C PHE J 19 49.58 47.89 60.99
N VAL J 20 48.42 48.41 61.40
CA VAL J 20 47.81 49.57 60.78
C VAL J 20 47.16 50.38 61.90
N SER J 21 47.55 51.65 62.03
CA SER J 21 47.01 52.49 63.09
C SER J 21 45.83 53.32 62.62
N LEU J 22 44.93 53.62 63.53
CA LEU J 22 43.76 54.43 63.21
C LEU J 22 43.79 55.68 64.09
N GLU J 23 43.73 56.85 63.43
CA GLU J 23 43.76 58.13 64.11
C GLU J 23 42.86 58.03 65.34
N GLY J 24 43.43 58.28 66.52
CA GLY J 24 42.64 58.22 67.74
C GLY J 24 42.60 56.89 68.49
N PHE J 25 43.57 56.01 68.21
CA PHE J 25 43.64 54.73 68.90
C PHE J 25 45.09 54.40 69.20
N ALA J 26 45.40 54.20 70.48
CA ALA J 26 46.78 53.91 70.92
C ALA J 26 47.32 52.69 70.23
N GLN J 27 46.81 51.53 70.65
CA GLN J 27 47.21 50.27 70.08
C GLN J 27 46.72 50.15 68.63
N PRO J 28 47.59 49.70 67.73
CA PRO J 28 47.24 49.54 66.31
C PRO J 28 46.53 48.21 66.12
N VAL J 29 46.02 47.98 64.92
CA VAL J 29 45.31 46.73 64.59
C VAL J 29 46.17 45.86 63.70
N ALA J 30 46.27 44.59 64.06
CA ALA J 30 47.04 43.64 63.29
C ALA J 30 46.14 43.20 62.16
N ILE J 31 46.70 43.11 60.97
CA ILE J 31 45.94 42.69 59.80
C ILE J 31 46.69 41.61 59.03
N PHE J 32 46.01 40.48 58.81
CA PHE J 32 46.59 39.36 58.07
C PHE J 32 45.72 39.17 56.85
N LEU J 33 46.33 39.25 55.67
CA LEU J 33 45.62 39.09 54.42
C LEU J 33 45.93 37.81 53.68
N GLY J 34 44.89 37.21 53.11
CA GLY J 34 45.05 36.01 52.32
C GLY J 34 45.56 34.77 53.03
N ILE J 35 44.95 34.43 54.16
CA ILE J 35 45.34 33.22 54.88
C ILE J 35 44.46 32.11 54.33
N PRO J 36 45.09 31.06 53.73
CA PRO J 36 44.33 29.93 53.16
C PRO J 36 43.59 29.12 54.23
N PHE J 37 42.27 28.98 54.08
CA PHE J 37 41.51 28.22 55.06
C PHE J 37 41.17 26.81 54.54
N ALA J 38 41.59 26.52 53.31
CA ALA J 38 41.34 25.20 52.71
C ALA J 38 42.31 24.96 51.56
N LYS J 39 42.26 23.75 51.01
CA LYS J 39 43.13 23.40 49.90
C LYS J 39 42.48 23.82 48.58
N PRO J 40 43.25 24.49 47.70
CA PRO J 40 42.77 24.97 46.40
C PRO J 40 41.92 24.00 45.59
N PRO J 41 40.62 24.29 45.44
CA PRO J 41 39.66 23.46 44.71
C PRO J 41 39.92 23.43 43.19
N LEU J 42 41.14 23.09 42.82
CA LEU J 42 41.53 22.99 41.42
C LEU J 42 41.43 21.55 40.90
N GLY J 43 41.52 21.40 39.58
CA GLY J 43 41.47 20.08 38.96
C GLY J 43 40.34 19.19 39.46
N PRO J 44 40.68 17.98 39.95
CA PRO J 44 39.70 17.03 40.46
C PRO J 44 39.00 17.52 41.70
N LEU J 45 39.55 18.53 42.34
CA LEU J 45 38.92 19.05 43.55
C LEU J 45 37.72 19.96 43.22
N ARG J 46 37.66 20.42 41.97
CA ARG J 46 36.58 21.28 41.51
C ARG J 46 35.31 20.45 41.64
N PHE J 47 34.27 21.03 42.23
CA PHE J 47 33.00 20.34 42.43
C PHE J 47 33.07 19.25 43.52
N THR J 48 33.95 19.42 44.50
CA THR J 48 34.04 18.47 45.59
C THR J 48 34.20 19.27 46.86
N PRO J 49 33.80 18.70 47.99
CA PRO J 49 33.95 19.44 49.25
C PRO J 49 35.33 20.06 49.43
N PRO J 50 35.44 21.12 50.25
CA PRO J 50 36.70 21.81 50.51
C PRO J 50 37.56 21.00 51.47
N GLN J 51 38.83 20.80 51.14
CA GLN J 51 39.66 20.03 52.03
C GLN J 51 40.68 20.84 52.82
N PRO J 52 41.10 20.30 53.97
CA PRO J 52 42.07 20.98 54.84
C PRO J 52 43.26 21.53 54.05
N ALA J 53 43.77 22.66 54.49
CA ALA J 53 44.91 23.27 53.83
C ALA J 53 46.18 22.53 54.24
N GLU J 54 47.11 22.39 53.30
CA GLU J 54 48.36 21.71 53.57
C GLU J 54 49.21 22.63 54.44
N PRO J 55 49.86 22.07 55.47
CA PRO J 55 50.68 22.93 56.33
C PRO J 55 51.94 23.40 55.60
N TRP J 56 52.50 24.51 56.06
CA TRP J 56 53.69 25.06 55.45
C TRP J 56 54.84 25.15 56.45
N SER J 57 56.05 25.27 55.93
CA SER J 57 57.27 25.28 56.72
C SER J 57 57.66 26.49 57.53
N PHE J 58 58.05 27.56 56.85
CA PHE J 58 58.50 28.75 57.56
C PHE J 58 57.40 29.75 57.82
N VAL J 59 57.71 31.04 57.79
CA VAL J 59 56.67 32.05 58.03
C VAL J 59 55.99 32.41 56.72
N LYS J 60 54.67 32.26 56.66
CA LYS J 60 53.91 32.60 55.45
C LYS J 60 53.54 34.06 55.56
N ASN J 61 53.81 34.83 54.51
CA ASN J 61 53.50 36.24 54.56
C ASN J 61 52.07 36.54 54.15
N ALA J 62 51.27 37.02 55.10
CA ALA J 62 49.86 37.34 54.85
C ALA J 62 49.63 38.86 54.66
N THR J 63 50.41 39.47 53.77
CA THR J 63 50.29 40.91 53.57
C THR J 63 49.91 41.34 52.17
N SER J 64 49.09 40.53 51.52
CA SER J 64 48.62 40.82 50.17
C SER J 64 47.18 40.32 50.06
N TYR J 65 46.35 41.09 49.38
CA TYR J 65 44.96 40.71 49.22
C TYR J 65 44.91 39.45 48.36
N PRO J 66 44.14 38.45 48.79
CA PRO J 66 44.08 37.24 47.96
C PRO J 66 43.24 37.49 46.70
N PRO J 67 43.21 36.52 45.76
CA PRO J 67 42.40 36.71 44.55
C PRO J 67 40.94 36.49 44.92
N MET J 68 40.02 36.97 44.09
CA MET J 68 38.60 36.74 44.40
C MET J 68 38.14 35.61 43.49
N CYS J 69 37.25 34.71 43.99
CA CYS J 69 36.77 33.59 43.19
C CYS J 69 36.31 33.96 41.78
N THR J 70 36.80 33.21 40.80
CA THR J 70 36.48 33.44 39.40
C THR J 70 35.02 33.79 39.25
N GLN J 71 34.78 34.92 38.61
CA GLN J 71 33.44 35.46 38.40
C GLN J 71 33.56 36.44 37.24
N ASP J 72 32.41 36.99 36.83
CA ASP J 72 32.37 38.00 35.77
C ASP J 72 33.29 39.11 36.30
N PRO J 73 34.44 39.29 35.66
CA PRO J 73 35.40 40.32 36.09
C PRO J 73 34.78 41.71 36.25
N LYS J 74 33.93 42.12 35.31
CA LYS J 74 33.30 43.44 35.36
C LYS J 74 32.26 43.57 36.48
N ALA J 75 31.31 42.67 36.54
CA ALA J 75 30.28 42.73 37.58
C ALA J 75 30.85 42.68 39.00
N GLY J 76 31.95 41.95 39.20
CA GLY J 76 32.53 41.84 40.52
C GLY J 76 33.24 43.11 40.95
N GLN J 77 33.85 43.78 39.98
CA GLN J 77 34.57 45.02 40.22
C GLN J 77 33.61 46.17 40.48
N LEU J 78 32.47 46.14 39.80
CA LEU J 78 31.48 47.19 39.96
C LEU J 78 30.82 47.03 41.30
N LEU J 79 30.59 45.80 41.73
CA LEU J 79 29.97 45.55 43.02
C LEU J 79 30.97 45.94 44.12
N SER J 80 32.24 45.74 43.85
CA SER J 80 33.27 46.11 44.82
C SER J 80 33.24 47.64 45.00
N GLU J 81 33.36 48.38 43.89
CA GLU J 81 33.32 49.84 43.91
C GLU J 81 32.12 50.33 44.73
N LEU J 82 30.97 49.71 44.49
CA LEU J 82 29.76 50.09 45.17
C LEU J 82 29.56 49.60 46.60
N PHE J 83 30.45 48.74 47.12
CA PHE J 83 30.28 48.23 48.49
C PHE J 83 31.45 48.44 49.43
N THR J 84 32.64 48.68 48.91
CA THR J 84 33.79 48.88 49.76
C THR J 84 33.59 50.03 50.74
N ASN J 85 34.44 50.07 51.76
CA ASN J 85 34.33 51.12 52.75
C ASN J 85 35.64 51.84 52.92
N ARG J 86 36.62 51.51 52.08
CA ARG J 86 37.94 52.17 52.14
C ARG J 86 38.05 53.23 51.06
N LYS J 87 39.06 54.10 51.19
CA LYS J 87 39.27 55.19 50.23
C LYS J 87 39.32 54.71 48.78
N GLU J 88 40.48 54.29 48.33
CA GLU J 88 40.62 53.79 46.97
C GLU J 88 40.15 52.35 46.94
N ASN J 89 39.65 51.90 45.79
CA ASN J 89 39.20 50.53 45.69
C ASN J 89 40.39 49.65 45.31
N ILE J 90 40.43 48.45 45.87
CA ILE J 90 41.51 47.51 45.61
C ILE J 90 41.16 46.64 44.41
N PRO J 91 41.84 46.85 43.28
CA PRO J 91 41.53 46.01 42.12
C PRO J 91 41.96 44.58 42.43
N LEU J 92 41.07 43.62 42.21
CA LEU J 92 41.38 42.23 42.51
C LEU J 92 41.65 41.34 41.31
N LYS J 93 42.31 40.23 41.59
CA LYS J 93 42.68 39.23 40.61
C LYS J 93 41.71 38.05 40.72
N LEU J 94 41.45 37.38 39.60
CA LEU J 94 40.55 36.23 39.59
C LEU J 94 41.32 34.91 39.64
N SER J 95 40.85 33.98 40.46
CA SER J 95 41.49 32.69 40.55
C SER J 95 40.58 31.66 41.18
N GLU J 96 40.72 30.41 40.71
CA GLU J 96 39.93 29.33 41.26
C GLU J 96 40.54 29.09 42.64
N ASP J 97 41.72 29.68 42.82
CA ASP J 97 42.44 29.60 44.10
C ASP J 97 42.05 30.84 44.90
N CYS J 98 40.86 30.77 45.49
CA CYS J 98 40.31 31.87 46.25
C CYS J 98 39.91 31.53 47.67
N LEU J 99 39.99 30.26 48.05
CA LEU J 99 39.57 29.90 49.40
C LEU J 99 40.46 30.45 50.46
N TYR J 100 40.34 31.75 50.69
CA TYR J 100 41.13 32.45 51.69
C TYR J 100 40.25 33.25 52.63
N LEU J 101 40.86 33.86 53.64
CA LEU J 101 40.13 34.68 54.60
C LEU J 101 41.09 35.71 55.21
N ASN J 102 40.57 36.89 55.52
CA ASN J 102 41.41 37.93 56.11
C ASN J 102 40.98 38.23 57.52
N ILE J 103 41.93 38.64 58.35
CA ILE J 103 41.61 38.94 59.74
C ILE J 103 42.07 40.30 60.23
N TYR J 104 41.19 40.99 60.97
CA TYR J 104 41.52 42.29 61.55
C TYR J 104 41.28 42.14 63.06
N THR J 105 42.35 42.25 63.83
CA THR J 105 42.28 42.08 65.28
C THR J 105 42.99 43.20 66.05
N PRO J 106 42.25 43.87 66.94
CA PRO J 106 42.77 44.97 67.76
C PRO J 106 43.41 44.40 69.01
N ALA J 107 43.19 43.11 69.22
CA ALA J 107 43.73 42.42 70.38
C ALA J 107 45.23 42.55 70.41
N ASP J 108 45.77 42.72 71.61
CA ASP J 108 47.21 42.82 71.76
C ASP J 108 47.72 41.39 71.78
N LEU J 109 48.39 41.01 70.70
CA LEU J 109 48.91 39.65 70.55
C LEU J 109 50.06 39.31 71.49
N THR J 110 50.63 40.31 72.16
CA THR J 110 51.73 40.07 73.10
C THR J 110 51.10 39.50 74.37
N LYS J 111 49.91 40.00 74.70
CA LYS J 111 49.17 39.53 75.87
C LYS J 111 48.20 38.46 75.40
N LYS J 112 47.32 38.01 76.30
CA LYS J 112 46.34 36.99 75.96
C LYS J 112 44.96 37.65 75.92
N ASN J 113 44.19 37.34 74.88
CA ASN J 113 42.86 37.91 74.70
C ASN J 113 41.85 36.88 74.22
N ARG J 114 40.58 37.19 74.44
CA ARG J 114 39.47 36.33 74.01
C ARG J 114 38.39 37.25 73.50
N LEU J 115 38.75 38.08 72.52
CA LEU J 115 37.81 39.01 71.94
C LEU J 115 36.85 38.27 71.07
N PRO J 116 35.59 38.73 71.04
CA PRO J 116 34.56 38.07 70.22
C PRO J 116 34.90 38.18 68.74
N VAL J 117 34.50 37.18 67.97
CA VAL J 117 34.81 37.15 66.55
C VAL J 117 33.57 37.29 65.65
N MET J 118 33.65 38.17 64.67
CA MET J 118 32.55 38.38 63.73
C MET J 118 33.04 37.93 62.34
N VAL J 119 32.34 36.97 61.76
CA VAL J 119 32.74 36.46 60.47
C VAL J 119 31.79 36.99 59.40
N TRP J 120 32.37 37.72 58.45
CA TRP J 120 31.61 38.32 57.36
C TRP J 120 31.64 37.49 56.08
N ILE J 121 30.46 37.20 55.58
CA ILE J 121 30.28 36.44 54.36
C ILE J 121 29.68 37.43 53.38
N HIS J 122 30.48 37.84 52.40
CA HIS J 122 30.03 38.83 51.44
C HIS J 122 28.80 38.46 50.63
N GLY J 123 28.19 39.49 50.05
CA GLY J 123 27.01 39.28 49.24
C GLY J 123 27.32 39.33 47.74
N GLY J 124 26.27 39.22 46.92
CA GLY J 124 26.47 39.24 45.50
C GLY J 124 25.76 38.08 44.82
N GLY J 125 24.65 37.65 45.42
CA GLY J 125 23.87 36.57 44.82
C GLY J 125 24.60 35.27 44.48
N LEU J 126 25.69 35.00 45.20
CA LEU J 126 26.47 33.78 45.00
C LEU J 126 27.14 33.73 43.63
N MET J 127 27.11 34.84 42.89
CA MET J 127 27.72 34.89 41.56
C MET J 127 29.02 35.70 41.52
N VAL J 128 29.04 36.85 42.20
CA VAL J 128 30.22 37.70 42.25
C VAL J 128 30.44 38.01 43.73
N GLY J 129 31.37 38.92 44.02
CA GLY J 129 31.62 39.26 45.41
C GLY J 129 33.03 38.90 45.80
N ALA J 130 33.55 39.55 46.84
CA ALA J 130 34.93 39.33 47.32
C ALA J 130 35.10 39.80 48.76
N ALA J 131 35.90 39.09 49.56
CA ALA J 131 36.11 39.49 50.94
C ALA J 131 36.95 40.76 51.08
N SER J 132 38.01 40.85 50.27
CA SER J 132 38.91 42.01 50.29
C SER J 132 38.16 43.33 50.11
N THR J 133 36.94 43.27 49.58
CA THR J 133 36.13 44.47 49.39
C THR J 133 35.87 45.14 50.75
N TYR J 134 35.56 44.33 51.76
CA TYR J 134 35.27 44.82 53.10
C TYR J 134 36.48 44.87 54.03
N ASP J 135 36.77 46.06 54.55
CA ASP J 135 37.87 46.30 55.48
C ASP J 135 37.34 46.28 56.91
N GLY J 136 37.91 45.44 57.76
CA GLY J 136 37.42 45.37 59.13
C GLY J 136 38.16 46.25 60.10
N LEU J 137 39.06 47.05 59.57
CA LEU J 137 39.88 47.94 60.38
C LEU J 137 39.14 48.80 61.39
N ALA J 138 38.07 49.47 60.94
CA ALA J 138 37.31 50.37 61.81
C ALA J 138 36.34 49.69 62.79
N LEU J 139 35.64 48.63 62.34
CA LEU J 139 34.71 47.92 63.22
C LEU J 139 35.50 47.21 64.33
N ALA J 140 36.59 46.56 63.94
CA ALA J 140 37.44 45.86 64.89
C ALA J 140 38.08 46.82 65.87
N ALA J 141 38.61 47.92 65.35
CA ALA J 141 39.27 48.92 66.19
C ALA J 141 38.29 49.66 67.09
N HIS J 142 37.17 50.10 66.52
CA HIS J 142 36.17 50.84 67.28
C HIS J 142 35.44 50.03 68.34
N GLU J 143 34.87 48.89 67.97
CA GLU J 143 34.13 48.08 68.93
C GLU J 143 34.97 47.03 69.64
N ASN J 144 36.27 47.02 69.36
CA ASN J 144 37.18 46.06 69.99
C ASN J 144 36.72 44.61 69.82
N VAL J 145 36.70 44.15 68.58
CA VAL J 145 36.30 42.80 68.21
C VAL J 145 37.21 42.30 67.09
N VAL J 146 37.26 40.98 66.88
CA VAL J 146 38.08 40.42 65.81
C VAL J 146 37.19 40.23 64.63
N VAL J 147 37.51 40.91 63.52
CA VAL J 147 36.69 40.80 62.32
C VAL J 147 37.34 39.84 61.33
N VAL J 148 36.55 38.92 60.81
CA VAL J 148 37.04 37.94 59.85
C VAL J 148 36.21 37.93 58.56
N THR J 149 36.84 38.32 57.45
CA THR J 149 36.13 38.30 56.18
C THR J 149 36.56 37.06 55.41
N ILE J 150 35.58 36.23 55.03
CA ILE J 150 35.86 34.99 54.33
C ILE J 150 35.37 34.99 52.90
N GLN J 151 35.90 34.07 52.11
CA GLN J 151 35.49 33.91 50.74
C GLN J 151 34.96 32.51 50.57
N TYR J 152 34.33 32.28 49.42
CA TYR J 152 33.76 30.99 49.11
C TYR J 152 33.52 30.94 47.63
N ARG J 153 33.50 29.73 47.09
CA ARG J 153 33.28 29.55 45.66
C ARG J 153 31.95 30.09 45.19
N LEU J 154 31.99 30.83 44.09
CA LEU J 154 30.82 31.47 43.49
C LEU J 154 30.57 30.92 42.10
N GLY J 155 29.38 31.23 41.59
CA GLY J 155 29.03 30.80 40.25
C GLY J 155 29.09 29.30 40.10
N ILE J 156 29.26 28.87 38.85
CA ILE J 156 29.34 27.45 38.52
C ILE J 156 30.27 26.69 39.48
N TRP J 157 31.43 27.27 39.75
CA TRP J 157 32.42 26.65 40.63
C TRP J 157 31.90 26.28 42.00
N GLY J 158 31.07 27.13 42.59
CA GLY J 158 30.60 26.85 43.94
C GLY J 158 29.21 26.31 44.11
N PHE J 159 28.43 26.31 43.03
CA PHE J 159 27.07 25.83 43.14
C PHE J 159 26.54 24.93 42.04
N PHE J 160 27.37 24.57 41.06
CA PHE J 160 26.90 23.69 39.99
C PHE J 160 26.37 22.38 40.58
N SER J 161 25.25 21.90 40.06
CA SER J 161 24.65 20.68 40.58
C SER J 161 23.91 19.84 39.55
N THR J 162 24.10 18.54 39.64
CA THR J 162 23.43 17.60 38.74
C THR J 162 22.24 16.98 39.45
N GLY J 163 22.02 17.40 40.70
CA GLY J 163 20.90 16.90 41.47
C GLY J 163 21.09 15.55 42.15
N ASP J 164 22.24 14.91 41.94
CA ASP J 164 22.51 13.60 42.51
C ASP J 164 23.93 13.52 43.05
N GLU J 165 24.28 12.36 43.60
CA GLU J 165 25.60 12.10 44.20
C GLU J 165 26.82 12.47 43.38
N HIS J 166 26.65 12.59 42.06
CA HIS J 166 27.77 12.91 41.19
C HIS J 166 28.27 14.35 41.30
N SER J 167 27.49 15.21 41.96
CA SER J 167 27.83 16.61 42.16
C SER J 167 26.67 17.27 42.89
N ARG J 168 26.58 17.00 44.19
CA ARG J 168 25.51 17.52 45.04
C ARG J 168 25.19 19.01 44.95
N GLY J 169 26.25 19.84 44.90
CA GLY J 169 26.07 21.29 44.87
C GLY J 169 26.33 21.91 46.24
N ASN J 170 26.23 23.23 46.36
CA ASN J 170 26.46 23.94 47.63
C ASN J 170 27.94 23.98 48.03
N TRP J 171 28.80 23.90 47.04
CA TRP J 171 30.24 23.93 47.27
C TRP J 171 30.62 25.21 47.99
N GLY J 172 29.87 26.27 47.74
CA GLY J 172 30.16 27.55 48.38
C GLY J 172 29.86 27.58 49.87
N HIS J 173 28.75 26.96 50.26
CA HIS J 173 28.36 26.93 51.66
C HIS J 173 29.26 25.99 52.46
N LEU J 174 29.77 24.96 51.79
CA LEU J 174 30.67 24.04 52.45
C LEU J 174 31.99 24.78 52.69
N ASP J 175 32.40 25.62 51.74
CA ASP J 175 33.60 26.43 51.91
C ASP J 175 33.43 27.37 53.12
N GLN J 176 32.22 27.87 53.35
CA GLN J 176 31.96 28.77 54.47
C GLN J 176 32.07 27.99 55.76
N VAL J 177 31.35 26.87 55.81
CA VAL J 177 31.39 26.00 56.96
C VAL J 177 32.85 25.76 57.29
N ALA J 178 33.60 25.32 56.29
CA ALA J 178 35.02 25.06 56.44
C ALA J 178 35.74 26.26 57.09
N ALA J 179 35.45 27.46 56.60
CA ALA J 179 36.07 28.65 57.15
C ALA J 179 35.67 28.82 58.61
N LEU J 180 34.40 28.59 58.94
CA LEU J 180 33.95 28.72 60.32
C LEU J 180 34.67 27.68 61.16
N ARG J 181 35.00 26.55 60.54
CA ARG J 181 35.71 25.50 61.24
C ARG J 181 37.16 25.89 61.47
N TRP J 182 37.76 26.57 60.50
CA TRP J 182 39.15 27.03 60.63
C TRP J 182 39.24 28.06 61.77
N VAL J 183 38.18 28.87 61.91
CA VAL J 183 38.10 29.90 62.94
C VAL J 183 38.14 29.23 64.30
N GLN J 184 37.48 28.08 64.38
CA GLN J 184 37.42 27.31 65.61
C GLN J 184 38.75 26.75 66.06
N ASP J 185 39.64 26.43 65.12
CA ASP J 185 40.92 25.87 65.53
C ASP J 185 42.05 26.88 65.46
N ASN J 186 41.75 28.09 65.03
CA ASN J 186 42.82 29.06 64.88
C ASN J 186 42.61 30.45 65.44
N ILE J 187 41.35 30.90 65.46
CA ILE J 187 41.07 32.26 65.89
C ILE J 187 41.67 32.70 67.24
N ALA J 188 41.90 31.74 68.13
CA ALA J 188 42.47 32.03 69.44
C ALA J 188 43.88 32.63 69.36
N SER J 189 44.65 32.19 68.36
CA SER J 189 46.02 32.68 68.18
C SER J 189 46.06 34.13 67.78
N PHE J 190 44.91 34.69 67.38
CA PHE J 190 44.81 36.09 66.99
C PHE J 190 44.06 36.91 68.04
N GLY J 191 43.88 36.31 69.22
CA GLY J 191 43.18 36.99 70.31
C GLY J 191 41.67 36.81 70.25
N GLY J 192 41.20 35.93 69.37
CA GLY J 192 39.78 35.71 69.24
C GLY J 192 39.27 34.63 70.18
N ASN J 193 37.95 34.64 70.42
CA ASN J 193 37.35 33.66 71.31
C ASN J 193 36.43 32.75 70.51
N PRO J 194 36.85 31.48 70.31
CA PRO J 194 36.10 30.47 69.57
C PRO J 194 34.72 30.18 70.15
N GLY J 195 34.52 30.57 71.40
CA GLY J 195 33.24 30.34 72.03
C GLY J 195 32.28 31.50 71.90
N SER J 196 32.65 32.52 71.12
CA SER J 196 31.80 33.69 70.90
C SER J 196 31.87 34.18 69.46
N VAL J 197 31.74 33.25 68.52
CA VAL J 197 31.79 33.59 67.12
C VAL J 197 30.43 33.96 66.54
N THR J 198 30.34 35.16 65.98
CA THR J 198 29.11 35.64 65.38
C THR J 198 29.30 35.66 63.86
N ILE J 199 28.26 35.30 63.10
CA ILE J 199 28.38 35.35 61.67
C ILE J 199 27.36 36.34 61.12
N PHE J 200 27.74 37.07 60.08
CA PHE J 200 26.85 38.02 59.46
C PHE J 200 27.20 38.23 58.01
N GLY J 201 26.17 38.40 57.21
CA GLY J 201 26.38 38.61 55.80
C GLY J 201 25.30 39.53 55.34
N GLU J 202 25.45 39.99 54.11
CA GLU J 202 24.48 40.89 53.55
C GLU J 202 24.05 40.26 52.24
N SER J 203 22.76 40.36 51.92
CA SER J 203 22.26 39.80 50.65
C SER J 203 22.37 38.28 50.63
N ALA J 204 23.23 37.76 49.76
CA ALA J 204 23.43 36.34 49.64
C ALA J 204 24.28 35.90 50.82
N GLY J 205 24.95 36.87 51.45
CA GLY J 205 25.74 36.55 52.61
C GLY J 205 24.73 36.18 53.67
N GLY J 206 23.72 37.04 53.84
CA GLY J 206 22.67 36.83 54.81
C GLY J 206 21.89 35.56 54.53
N GLU J 207 21.62 35.30 53.25
CA GLU J 207 20.91 34.09 52.89
C GLU J 207 21.79 32.93 53.27
N SER J 208 23.11 33.14 53.21
CA SER J 208 24.09 32.12 53.57
C SER J 208 24.03 31.91 55.07
N VAL J 209 24.05 33.01 55.81
CA VAL J 209 23.95 32.98 57.27
C VAL J 209 22.69 32.22 57.64
N SER J 210 21.60 32.59 56.99
CA SER J 210 20.29 31.97 57.19
C SER J 210 20.37 30.46 56.89
N VAL J 211 21.01 30.10 55.79
CA VAL J 211 21.14 28.69 55.44
C VAL J 211 22.00 27.91 56.44
N LEU J 212 22.97 28.55 57.06
CA LEU J 212 23.81 27.84 58.03
C LEU J 212 23.06 27.66 59.35
N VAL J 213 22.25 28.64 59.70
CA VAL J 213 21.48 28.57 60.93
C VAL J 213 20.52 27.38 60.92
N LEU J 214 20.23 26.83 59.75
CA LEU J 214 19.31 25.71 59.63
C LEU J 214 20.02 24.40 59.31
N SER J 215 21.28 24.48 58.87
CA SER J 215 22.07 23.28 58.52
C SER J 215 22.70 22.54 59.69
N PRO J 216 22.73 21.21 59.62
CA PRO J 216 23.31 20.37 60.66
C PRO J 216 24.84 20.52 60.71
N LEU J 217 25.44 20.70 59.53
CA LEU J 217 26.89 20.84 59.41
C LEU J 217 27.52 21.99 60.17
N ALA J 218 26.78 23.09 60.34
CA ALA J 218 27.30 24.27 61.02
C ALA J 218 27.05 24.20 62.50
N LYS J 219 26.33 23.18 62.94
CA LYS J 219 26.04 23.04 64.36
C LYS J 219 27.30 23.31 65.15
N ASN J 220 27.15 24.12 66.19
CA ASN J 220 28.26 24.48 67.08
C ASN J 220 29.44 25.12 66.38
N LEU J 221 29.17 25.94 65.36
CA LEU J 221 30.23 26.64 64.65
C LEU J 221 30.16 28.16 64.85
N PHE J 222 29.03 28.65 65.35
CA PHE J 222 28.85 30.07 65.66
C PHE J 222 27.94 30.16 66.90
N HIS J 223 27.77 31.35 67.45
CA HIS J 223 26.96 31.52 68.67
C HIS J 223 25.92 32.62 68.60
N ARG J 224 25.98 33.40 67.52
CA ARG J 224 25.06 34.51 67.31
C ARG J 224 25.00 34.55 65.80
N ALA J 225 23.93 35.11 65.25
CA ALA J 225 23.82 35.19 63.81
C ALA J 225 23.07 36.44 63.36
N ILE J 226 23.53 37.03 62.27
CA ILE J 226 22.93 38.25 61.73
C ILE J 226 22.70 38.22 60.21
N SER J 227 21.44 38.31 59.79
CA SER J 227 21.14 38.33 58.38
C SER J 227 20.65 39.71 58.01
N GLU J 228 21.27 40.31 57.01
CA GLU J 228 20.88 41.64 56.57
C GLU J 228 20.48 41.57 55.12
N SER J 229 19.18 41.74 54.85
CA SER J 229 18.67 41.70 53.47
C SER J 229 18.88 40.35 52.81
N GLY J 230 18.51 39.27 53.51
CA GLY J 230 18.67 37.95 52.95
C GLY J 230 18.45 36.81 53.91
N VAL J 231 17.66 35.83 53.46
CA VAL J 231 17.34 34.64 54.25
C VAL J 231 17.15 33.44 53.32
N ALA J 232 17.02 32.25 53.89
CA ALA J 232 16.85 31.04 53.09
C ALA J 232 15.48 30.96 52.40
N LEU J 233 14.63 31.93 52.68
CA LEU J 233 13.31 31.99 52.06
C LEU J 233 13.29 33.01 50.91
N THR J 234 14.46 33.29 50.37
CA THR J 234 14.61 34.23 49.26
C THR J 234 14.67 33.41 47.97
N SER J 235 13.56 32.75 47.68
CA SER J 235 13.36 31.89 46.53
C SER J 235 14.26 32.04 45.30
N VAL J 236 14.76 33.23 45.02
CA VAL J 236 15.62 33.36 43.84
C VAL J 236 16.99 32.74 44.13
N LEU J 237 17.34 32.70 45.41
CA LEU J 237 18.62 32.14 45.83
C LEU J 237 18.55 30.67 46.21
N VAL J 238 17.35 30.12 46.33
CA VAL J 238 17.20 28.72 46.70
C VAL J 238 16.45 27.94 45.62
N LYS J 239 17.09 26.89 45.09
CA LYS J 239 16.49 26.09 44.02
C LYS J 239 15.84 24.81 44.49
N LYS J 240 14.52 24.73 44.36
CA LYS J 240 13.80 23.52 44.73
C LYS J 240 13.32 22.84 43.45
N GLY J 241 12.85 21.61 43.57
CA GLY J 241 12.37 20.87 42.42
C GLY J 241 13.54 20.23 41.71
N ASP J 242 13.36 19.82 40.45
CA ASP J 242 14.44 19.21 39.72
C ASP J 242 15.37 20.27 39.18
N VAL J 243 16.64 20.19 39.55
CA VAL J 243 17.66 21.14 39.14
C VAL J 243 18.45 20.66 37.92
N LYS J 244 18.19 19.43 37.50
CA LYS J 244 18.89 18.84 36.37
C LYS J 244 18.88 19.68 35.08
N PRO J 245 17.70 20.21 34.70
CA PRO J 245 17.56 21.03 33.49
C PRO J 245 18.56 22.19 33.37
N LEU J 246 18.96 22.77 34.50
CA LEU J 246 19.92 23.88 34.50
C LEU J 246 21.31 23.28 34.30
N ALA J 247 21.52 22.11 34.88
CA ALA J 247 22.80 21.40 34.79
C ALA J 247 23.13 21.14 33.34
N GLU J 248 22.17 20.58 32.61
CA GLU J 248 22.33 20.27 31.20
C GLU J 248 22.57 21.54 30.39
N GLN J 249 21.86 22.61 30.76
CA GLN J 249 22.02 23.86 30.05
C GLN J 249 23.46 24.32 30.09
N ILE J 250 23.98 24.49 31.31
CA ILE J 250 25.36 24.90 31.52
C ILE J 250 26.36 23.96 30.80
N ALA J 251 26.10 22.66 30.86
CA ALA J 251 26.98 21.68 30.22
C ALA J 251 26.97 21.82 28.71
N ILE J 252 25.78 22.04 28.15
CA ILE J 252 25.66 22.21 26.72
C ILE J 252 26.39 23.49 26.32
N THR J 253 26.16 24.58 27.06
CA THR J 253 26.82 25.84 26.75
C THR J 253 28.33 25.63 26.73
N ALA J 254 28.82 24.93 27.75
CA ALA J 254 30.25 24.63 27.90
C ALA J 254 30.75 23.65 26.83
N GLY J 255 29.81 23.00 26.16
CA GLY J 255 30.16 22.05 25.12
C GLY J 255 30.45 20.69 25.72
N CYS J 256 29.44 20.08 26.34
CA CYS J 256 29.60 18.78 26.95
C CYS J 256 28.35 17.96 26.72
N LYS J 257 28.53 16.70 26.31
CA LYS J 257 27.39 15.84 26.09
C LYS J 257 26.66 15.81 27.44
N THR J 258 25.38 15.53 27.41
CA THR J 258 24.62 15.49 28.65
C THR J 258 24.15 14.08 28.91
N THR J 259 24.92 13.09 28.46
CA THR J 259 24.56 11.70 28.63
C THR J 259 24.12 11.33 30.04
N THR J 260 25.04 11.46 30.99
CA THR J 260 24.76 11.14 32.38
C THR J 260 25.34 12.22 33.26
N SER J 261 25.03 12.16 34.56
CA SER J 261 25.56 13.14 35.50
C SER J 261 27.09 13.08 35.52
N ALA J 262 27.62 11.87 35.62
CA ALA J 262 29.06 11.68 35.66
C ALA J 262 29.75 12.22 34.41
N VAL J 263 29.20 11.95 33.22
CA VAL J 263 29.81 12.45 31.97
C VAL J 263 29.81 13.98 31.99
N MET J 264 28.75 14.55 32.56
CA MET J 264 28.63 16.00 32.66
C MET J 264 29.69 16.55 33.60
N VAL J 265 29.67 16.11 34.85
CA VAL J 265 30.64 16.55 35.83
C VAL J 265 32.09 16.32 35.37
N HIS J 266 32.31 15.28 34.58
CA HIS J 266 33.66 15.00 34.13
C HIS J 266 34.09 15.99 33.09
N CYS J 267 33.31 16.13 32.03
CA CYS J 267 33.63 17.05 30.96
C CYS J 267 33.76 18.49 31.47
N LEU J 268 33.00 18.84 32.51
CA LEU J 268 33.06 20.17 33.09
C LEU J 268 34.32 20.40 33.94
N ARG J 269 34.91 19.32 34.45
CA ARG J 269 36.12 19.48 35.23
C ARG J 269 37.29 19.55 34.29
N GLN J 270 37.05 19.14 33.05
CA GLN J 270 38.10 19.16 32.05
C GLN J 270 38.32 20.58 31.55
N LYS J 271 37.26 21.36 31.57
CA LYS J 271 37.26 22.74 31.10
C LYS J 271 38.21 23.65 31.90
N THR J 272 38.83 24.60 31.22
CA THR J 272 39.76 25.53 31.85
C THR J 272 38.98 26.59 32.61
N GLU J 273 39.65 27.29 33.51
CA GLU J 273 39.00 28.35 34.25
C GLU J 273 38.31 29.28 33.26
N GLU J 274 39.08 29.78 32.29
CA GLU J 274 38.60 30.71 31.26
C GLU J 274 37.45 30.16 30.42
N GLU J 275 37.51 28.87 30.11
CA GLU J 275 36.44 28.27 29.33
C GLU J 275 35.14 28.38 30.12
N LEU J 276 35.19 28.07 31.41
CA LEU J 276 34.01 28.17 32.27
C LEU J 276 33.55 29.62 32.39
N LEU J 277 34.50 30.53 32.60
CA LEU J 277 34.18 31.94 32.71
C LEU J 277 33.37 32.37 31.49
N GLU J 278 33.75 31.87 30.32
CA GLU J 278 33.04 32.20 29.08
C GLU J 278 31.62 31.66 29.08
N THR J 279 31.40 30.58 29.80
CA THR J 279 30.07 29.99 29.90
C THR J 279 29.27 30.93 30.79
N THR J 280 29.81 31.23 31.96
CA THR J 280 29.15 32.12 32.90
C THR J 280 28.66 33.35 32.12
N LEU J 281 29.57 34.00 31.40
CA LEU J 281 29.23 35.18 30.61
C LEU J 281 28.11 34.94 29.61
N LYS J 282 28.12 33.76 28.98
CA LYS J 282 27.09 33.45 27.99
C LYS J 282 25.73 33.11 28.62
N MET J 283 25.76 32.64 29.87
CA MET J 283 24.53 32.30 30.57
C MET J 283 23.79 33.59 30.93
N LYS J 284 24.53 34.70 30.92
CA LYS J 284 24.01 36.02 31.26
C LYS J 284 23.22 36.00 32.56
N PHE J 285 23.94 35.70 33.64
CA PHE J 285 23.37 35.63 34.98
C PHE J 285 23.26 37.06 35.55
N LEU J 286 22.44 37.20 36.58
CA LEU J 286 22.23 38.49 37.24
C LEU J 286 21.67 39.56 36.32
N SER J 287 20.95 39.13 35.29
CA SER J 287 20.37 40.06 34.36
C SER J 287 18.95 39.60 34.08
N LEU J 288 18.03 40.54 33.95
CA LEU J 288 16.63 40.19 33.71
C LEU J 288 16.39 39.79 32.25
N ASP J 289 16.05 38.50 32.08
CA ASP J 289 15.79 37.92 30.78
C ASP J 289 14.46 38.49 30.30
N LEU J 290 14.53 39.38 29.32
CA LEU J 290 13.34 40.00 28.75
C LEU J 290 12.68 39.08 27.76
N GLN J 291 13.51 38.50 26.90
CA GLN J 291 13.06 37.61 25.84
C GLN J 291 12.74 36.19 26.26
N GLY J 292 11.62 35.68 25.75
CA GLY J 292 11.20 34.32 26.04
C GLY J 292 10.38 34.14 27.30
N ASP J 293 9.98 32.89 27.52
CA ASP J 293 9.18 32.50 28.68
C ASP J 293 9.95 32.73 29.97
N PRO J 294 9.49 33.66 30.79
CA PRO J 294 10.11 34.00 32.07
C PRO J 294 10.34 32.82 32.99
N ARG J 295 9.35 31.95 33.09
CA ARG J 295 9.44 30.78 33.95
C ARG J 295 10.58 29.84 33.57
N GLU J 296 11.38 30.24 32.59
CA GLU J 296 12.49 29.41 32.15
C GLU J 296 13.78 30.22 32.07
N SER J 297 14.12 30.90 33.15
CA SER J 297 15.31 31.72 33.22
C SER J 297 16.02 31.50 34.54
N GLN J 298 17.30 31.15 34.49
CA GLN J 298 18.06 30.96 35.72
C GLN J 298 18.95 32.19 35.90
N PRO J 299 18.48 33.19 36.66
CA PRO J 299 19.26 34.40 36.89
C PRO J 299 20.60 34.15 37.56
N LEU J 300 20.69 33.02 38.27
CA LEU J 300 21.91 32.66 38.97
C LEU J 300 21.85 31.25 39.56
N LEU J 301 23.02 30.63 39.72
CA LEU J 301 23.07 29.30 40.29
C LEU J 301 23.07 29.52 41.80
N GLY J 302 22.29 28.74 42.51
CA GLY J 302 22.25 28.93 43.95
C GLY J 302 22.24 27.67 44.80
N THR J 303 21.74 27.85 46.01
CA THR J 303 21.64 26.78 46.98
C THR J 303 20.74 25.69 46.45
N VAL J 304 20.87 24.49 47.00
CA VAL J 304 20.04 23.38 46.57
C VAL J 304 19.89 22.47 47.78
N ILE J 305 18.87 21.63 47.77
CA ILE J 305 18.68 20.69 48.88
C ILE J 305 19.59 19.50 48.57
N ASP J 306 20.87 19.67 48.85
CA ASP J 306 21.87 18.66 48.57
C ASP J 306 21.77 17.35 49.35
N GLY J 307 21.32 17.43 50.60
CA GLY J 307 21.21 16.21 51.40
C GLY J 307 22.30 16.09 52.44
N MET J 308 23.29 16.98 52.34
CA MET J 308 24.41 17.02 53.28
C MET J 308 24.27 18.25 54.17
N LEU J 309 24.12 19.40 53.52
CA LEU J 309 23.98 20.71 54.17
C LEU J 309 22.52 20.94 54.57
N LEU J 310 21.62 20.71 53.61
CA LEU J 310 20.18 20.88 53.82
C LEU J 310 19.51 19.56 53.47
N LEU J 311 18.92 18.91 54.47
CA LEU J 311 18.26 17.61 54.25
C LEU J 311 16.85 17.79 53.69
N LYS J 312 16.20 18.89 54.02
CA LYS J 312 14.84 19.20 53.57
C LYS J 312 14.83 20.67 53.11
N THR J 313 13.69 21.23 52.75
CA THR J 313 13.68 22.64 52.31
C THR J 313 13.66 23.60 53.49
N PRO J 314 14.17 24.82 53.29
CA PRO J 314 14.18 25.80 54.37
C PRO J 314 12.81 25.88 55.06
N GLU J 315 11.76 25.80 54.25
CA GLU J 315 10.38 25.87 54.72
C GLU J 315 10.05 24.71 55.65
N GLU J 316 10.48 23.51 55.28
CA GLU J 316 10.23 22.32 56.08
C GLU J 316 11.12 22.30 57.31
N LEU J 317 12.28 22.94 57.22
CA LEU J 317 13.23 22.96 58.32
C LEU J 317 12.84 23.84 59.49
N GLN J 318 12.15 24.94 59.23
CA GLN J 318 11.74 25.82 60.33
C GLN J 318 10.36 25.42 60.83
N ALA J 319 9.62 24.70 59.99
CA ALA J 319 8.29 24.23 60.37
C ALA J 319 8.55 23.22 61.48
N GLU J 320 9.46 22.30 61.22
CA GLU J 320 9.85 21.32 62.20
C GLU J 320 11.14 21.89 62.78
N ARG J 321 10.99 22.68 63.84
CA ARG J 321 12.13 23.32 64.47
C ARG J 321 13.36 22.42 64.64
N ASN J 322 14.37 22.67 63.82
CA ASN J 322 15.60 21.91 63.87
C ASN J 322 16.80 22.82 64.13
N PHE J 323 16.84 23.95 63.42
CA PHE J 323 17.91 24.93 63.50
C PHE J 323 18.39 25.32 64.89
N HIS J 324 19.70 25.50 65.04
CA HIS J 324 20.29 25.89 66.31
C HIS J 324 19.70 27.22 66.73
N THR J 325 18.97 27.18 67.82
CA THR J 325 18.30 28.34 68.37
C THR J 325 19.23 29.44 68.87
N VAL J 326 20.26 29.78 68.09
CA VAL J 326 21.20 30.84 68.49
C VAL J 326 20.52 32.18 68.32
N PRO J 327 21.01 33.21 69.03
CA PRO J 327 20.41 34.54 68.90
C PRO J 327 20.55 35.02 67.43
N TYR J 328 19.42 35.38 66.82
CA TYR J 328 19.41 35.78 65.42
C TYR J 328 18.81 37.17 65.20
N MET J 329 19.54 38.01 64.48
CA MET J 329 19.09 39.38 64.17
C MET J 329 18.84 39.48 62.68
N VAL J 330 17.59 39.71 62.29
CA VAL J 330 17.28 39.86 60.88
C VAL J 330 17.01 41.33 60.59
N GLY J 331 17.32 41.78 59.39
CA GLY J 331 17.07 43.18 59.09
C GLY J 331 16.99 43.47 57.61
N ILE J 332 16.16 44.44 57.27
CA ILE J 332 16.00 44.82 55.87
C ILE J 332 16.12 46.33 55.72
N ASN J 333 16.29 46.78 54.49
CA ASN J 333 16.42 48.20 54.20
C ASN J 333 15.11 48.82 53.72
N LYS J 334 14.92 50.11 53.98
CA LYS J 334 13.70 50.80 53.60
C LYS J 334 13.28 50.56 52.16
N GLN J 335 14.26 50.52 51.26
CA GLN J 335 14.01 50.29 49.83
C GLN J 335 14.98 49.26 49.28
N GLU J 336 14.75 47.99 49.60
CA GLU J 336 15.62 46.92 49.12
C GLU J 336 15.77 46.91 47.61
N PHE J 337 14.71 47.31 46.90
CA PHE J 337 14.77 47.30 45.45
C PHE J 337 14.76 48.71 44.84
N GLY J 338 15.19 49.69 45.62
CA GLY J 338 15.19 51.07 45.17
C GLY J 338 16.05 51.49 43.99
N TRP J 339 17.26 50.95 43.89
CA TRP J 339 18.10 51.37 42.79
C TRP J 339 19.21 50.36 42.40
N LEU J 340 20.15 50.12 43.32
CA LEU J 340 21.27 49.21 43.07
C LEU J 340 20.91 47.93 42.31
N ILE J 341 20.08 47.08 42.91
CA ILE J 341 19.71 45.83 42.28
C ILE J 341 19.17 45.96 40.86
N PRO J 342 17.99 46.58 40.67
CA PRO J 342 17.49 46.70 39.30
C PRO J 342 18.52 47.34 38.37
N MET J 343 19.31 48.26 38.89
CA MET J 343 20.33 48.92 38.08
C MET J 343 21.34 47.87 37.63
N LEU J 344 21.76 47.03 38.56
CA LEU J 344 22.73 45.98 38.27
C LEU J 344 22.12 44.86 37.45
N MET J 345 20.81 44.77 37.40
CA MET J 345 20.14 43.73 36.64
C MET J 345 19.56 44.16 35.31
N SER J 346 19.82 45.40 34.91
CA SER J 346 19.32 45.94 33.64
C SER J 346 17.79 45.84 33.51
N TYR J 347 17.07 46.61 34.31
CA TYR J 347 15.61 46.63 34.27
C TYR J 347 15.23 47.71 33.27
N PRO J 348 14.14 47.51 32.51
CA PRO J 348 13.71 48.51 31.53
C PRO J 348 12.82 49.56 32.19
N LEU J 349 13.43 50.48 32.92
CA LEU J 349 12.68 51.52 33.63
C LEU J 349 13.25 52.90 33.36
N SER J 350 13.63 53.16 32.11
CA SER J 350 14.21 54.46 31.75
C SER J 350 13.23 55.61 31.92
N GLU J 351 11.96 55.39 31.60
CA GLU J 351 10.95 56.45 31.71
C GLU J 351 10.52 56.81 33.13
N GLY J 352 11.06 56.11 34.12
CA GLY J 352 10.73 56.39 35.51
C GLY J 352 9.24 56.40 35.87
N GLN J 353 8.39 56.20 34.87
CA GLN J 353 6.94 56.20 35.10
C GLN J 353 6.44 54.79 34.86
N LEU J 354 5.24 54.48 35.34
CA LEU J 354 4.73 53.12 35.16
C LEU J 354 3.21 53.00 35.27
N ASP J 355 2.59 52.49 34.22
CA ASP J 355 1.14 52.29 34.17
C ASP J 355 0.80 50.84 34.47
N GLN J 356 -0.17 50.63 35.35
CA GLN J 356 -0.60 49.29 35.76
C GLN J 356 -0.47 48.16 34.74
N LYS J 357 -0.61 48.48 33.46
CA LYS J 357 -0.51 47.49 32.39
C LYS J 357 0.95 47.12 32.11
N THR J 358 1.82 48.13 32.08
CA THR J 358 3.24 47.88 31.83
C THR J 358 3.84 47.23 33.09
N ALA J 359 3.26 47.56 34.23
CA ALA J 359 3.71 47.01 35.51
C ALA J 359 3.49 45.50 35.55
N MET J 360 2.33 45.05 35.08
CA MET J 360 2.05 43.63 35.09
C MET J 360 2.96 42.87 34.14
N SER J 361 3.21 43.43 32.95
CA SER J 361 4.07 42.74 31.99
C SER J 361 5.45 42.62 32.60
N LEU J 362 5.94 43.69 33.23
CA LEU J 362 7.25 43.63 33.87
C LEU J 362 7.23 42.61 35.00
N LEU J 363 6.25 42.70 35.89
CA LEU J 363 6.19 41.76 37.01
C LEU J 363 6.27 40.33 36.50
N TRP J 364 5.76 40.11 35.30
CA TRP J 364 5.79 38.78 34.71
C TRP J 364 7.23 38.42 34.31
N LYS J 365 7.88 39.27 33.51
CA LYS J 365 9.24 38.99 33.09
C LYS J 365 10.14 38.79 34.32
N SER J 366 9.73 39.34 35.45
CA SER J 366 10.51 39.21 36.67
C SER J 366 10.13 37.97 37.48
N TYR J 367 9.49 37.02 36.80
CA TYR J 367 9.07 35.78 37.44
C TYR J 367 10.20 35.12 38.24
N PRO J 368 11.39 34.98 37.63
CA PRO J 368 12.51 34.36 38.33
C PRO J 368 12.91 35.05 39.63
N LEU J 369 12.31 36.20 39.92
CA LEU J 369 12.64 36.91 41.14
C LEU J 369 11.55 36.87 42.21
N VAL J 370 10.30 37.03 41.79
CA VAL J 370 9.17 37.04 42.72
C VAL J 370 8.34 35.77 42.70
N CYS J 371 8.54 34.94 41.66
CA CYS J 371 7.81 33.69 41.49
C CYS J 371 6.29 33.86 41.61
N ILE J 372 5.72 34.75 40.81
CA ILE J 372 4.28 34.97 40.85
C ILE J 372 3.62 34.41 39.60
N ALA J 373 2.75 33.42 39.79
CA ALA J 373 2.03 32.81 38.66
C ALA J 373 1.44 33.91 37.80
N LYS J 374 1.27 33.63 36.51
CA LYS J 374 0.71 34.64 35.61
C LYS J 374 -0.74 34.95 35.96
N GLU J 375 -1.37 34.04 36.71
CA GLU J 375 -2.76 34.21 37.10
C GLU J 375 -2.88 35.25 38.19
N LEU J 376 -1.98 35.17 39.16
CA LEU J 376 -1.99 36.09 40.29
C LEU J 376 -1.35 37.46 40.03
N ILE J 377 -0.76 37.63 38.85
CA ILE J 377 -0.12 38.90 38.50
C ILE J 377 -1.06 40.11 38.62
N PRO J 378 -2.20 40.12 37.90
CA PRO J 378 -3.11 41.26 37.98
C PRO J 378 -3.56 41.59 39.42
N GLU J 379 -3.74 40.54 40.22
CA GLU J 379 -4.17 40.68 41.60
C GLU J 379 -3.13 41.41 42.46
N ALA J 380 -1.89 40.92 42.45
CA ALA J 380 -0.81 41.52 43.22
C ALA J 380 -0.55 42.95 42.75
N THR J 381 -0.60 43.16 41.44
CA THR J 381 -0.36 44.47 40.85
C THR J 381 -1.38 45.49 41.34
N GLU J 382 -2.65 45.11 41.41
CA GLU J 382 -3.70 46.03 41.88
C GLU J 382 -3.55 46.34 43.37
N LYS J 383 -3.24 45.32 44.16
CA LYS J 383 -3.07 45.47 45.60
C LYS J 383 -2.01 46.50 45.96
N TYR J 384 -1.06 46.70 45.06
CA TYR J 384 0.02 47.65 45.30
C TYR J 384 -0.08 48.99 44.55
N LEU J 385 -0.18 48.93 43.22
CA LEU J 385 -0.23 50.16 42.44
C LEU J 385 -1.59 50.85 42.43
N GLY J 386 -2.66 50.08 42.62
CA GLY J 386 -4.00 50.66 42.60
C GLY J 386 -4.29 51.76 43.60
N GLY J 387 -3.39 51.98 44.55
CA GLY J 387 -3.61 53.02 45.54
C GLY J 387 -3.69 54.45 45.04
N THR J 388 -3.02 54.74 43.93
CA THR J 388 -3.01 56.10 43.40
C THR J 388 -3.07 56.13 41.87
N ASP J 389 -3.26 57.31 41.32
CA ASP J 389 -3.34 57.49 39.87
C ASP J 389 -2.07 58.12 39.32
N ASP J 390 -1.06 58.22 40.17
CA ASP J 390 0.23 58.82 39.80
C ASP J 390 1.18 57.77 39.19
N THR J 391 1.50 57.91 37.91
CA THR J 391 2.38 56.96 37.21
C THR J 391 3.77 56.84 37.85
N VAL J 392 4.29 57.96 38.33
CA VAL J 392 5.59 57.97 38.97
C VAL J 392 5.50 57.29 40.34
N LYS J 393 4.35 57.41 41.00
CA LYS J 393 4.18 56.79 42.30
C LYS J 393 3.93 55.30 42.10
N LYS J 394 3.33 54.93 40.98
CA LYS J 394 3.10 53.52 40.70
C LYS J 394 4.47 52.88 40.52
N LYS J 395 5.34 53.54 39.77
CA LYS J 395 6.67 53.02 39.54
C LYS J 395 7.39 52.78 40.86
N ASP J 396 7.12 53.61 41.85
CA ASP J 396 7.77 53.44 43.13
C ASP J 396 7.05 52.40 43.96
N LEU J 397 5.75 52.28 43.73
CA LEU J 397 4.95 51.30 44.47
C LEU J 397 5.28 49.91 43.92
N PHE J 398 5.60 49.87 42.64
CA PHE J 398 5.93 48.63 41.96
C PHE J 398 7.18 48.01 42.56
N LEU J 399 8.16 48.86 42.83
CA LEU J 399 9.39 48.41 43.40
C LEU J 399 9.13 47.92 44.83
N ASP J 400 8.25 48.61 45.57
CA ASP J 400 7.90 48.21 46.93
C ASP J 400 7.41 46.78 46.89
N LEU J 401 6.72 46.44 45.80
CA LEU J 401 6.19 45.10 45.60
C LEU J 401 7.36 44.11 45.56
N ILE J 402 8.18 44.24 44.54
CA ILE J 402 9.33 43.36 44.35
C ILE J 402 10.15 43.14 45.61
N ALA J 403 10.44 44.23 46.34
CA ALA J 403 11.23 44.13 47.57
C ALA J 403 10.51 43.45 48.75
N ASP J 404 9.20 43.59 48.86
CA ASP J 404 8.50 42.95 49.97
C ASP J 404 8.53 41.44 49.77
N VAL J 405 8.46 41.02 48.49
CA VAL J 405 8.47 39.61 48.14
C VAL J 405 9.84 38.95 48.31
N MET J 406 10.90 39.70 48.05
CA MET J 406 12.23 39.15 48.16
C MET J 406 12.88 39.26 49.53
N PHE J 407 12.72 40.41 50.17
CA PHE J 407 13.36 40.62 51.47
C PHE J 407 12.44 40.83 52.66
N GLY J 408 11.52 41.77 52.55
CA GLY J 408 10.62 42.04 53.66
C GLY J 408 9.83 40.86 54.23
N VAL J 409 8.87 40.36 53.45
CA VAL J 409 8.04 39.22 53.85
C VAL J 409 8.88 38.01 54.29
N PRO J 410 9.79 37.56 53.41
CA PRO J 410 10.65 36.42 53.73
C PRO J 410 11.39 36.63 55.06
N SER J 411 11.97 37.81 55.23
CA SER J 411 12.68 38.10 56.46
C SER J 411 11.76 38.04 57.68
N VAL J 412 10.55 38.56 57.53
CA VAL J 412 9.61 38.58 58.66
C VAL J 412 9.18 37.16 59.03
N ILE J 413 8.90 36.37 58.02
CA ILE J 413 8.50 35.01 58.28
C ILE J 413 9.67 34.34 58.99
N VAL J 414 10.84 34.38 58.38
CA VAL J 414 12.02 33.76 58.99
C VAL J 414 12.20 34.26 60.42
N ALA J 415 11.83 35.50 60.64
CA ALA J 415 11.97 36.11 61.94
C ALA J 415 11.00 35.53 62.95
N ARG J 416 9.80 35.26 62.48
CA ARG J 416 8.76 34.72 63.33
C ARG J 416 8.98 33.27 63.74
N ASN J 417 9.40 32.43 62.79
CA ASN J 417 9.66 31.05 63.12
C ASN J 417 10.80 30.95 64.14
N HIS J 418 11.86 31.75 63.94
CA HIS J 418 12.98 31.72 64.86
C HIS J 418 12.49 32.15 66.24
N ARG J 419 11.69 33.20 66.26
CA ARG J 419 11.16 33.69 67.53
C ARG J 419 10.36 32.60 68.22
N ASP J 420 9.44 31.99 67.49
CA ASP J 420 8.59 30.93 68.04
C ASP J 420 9.31 29.62 68.36
N ALA J 421 10.61 29.52 68.04
CA ALA J 421 11.36 28.31 68.34
C ALA J 421 11.95 28.42 69.74
N GLY J 422 11.91 29.63 70.30
CA GLY J 422 12.42 29.84 71.64
C GLY J 422 13.78 30.48 71.66
N ALA J 423 14.15 31.14 70.58
CA ALA J 423 15.46 31.80 70.48
C ALA J 423 15.32 33.32 70.48
N PRO J 424 16.36 34.03 70.94
CA PRO J 424 16.33 35.50 70.96
C PRO J 424 16.29 36.02 69.53
N THR J 425 15.40 36.96 69.25
CA THR J 425 15.28 37.47 67.90
C THR J 425 15.14 38.97 67.86
N TYR J 426 15.92 39.59 66.98
CA TYR J 426 15.89 41.04 66.81
C TYR J 426 15.74 41.38 65.34
N MET J 427 14.92 42.39 65.04
CA MET J 427 14.71 42.80 63.66
C MET J 427 14.86 44.30 63.54
N TYR J 428 15.14 44.75 62.32
CA TYR J 428 15.29 46.18 62.10
C TYR J 428 14.92 46.56 60.67
N GLU J 429 14.67 47.85 60.47
CA GLU J 429 14.36 48.39 59.15
C GLU J 429 15.25 49.64 58.99
N PHE J 430 16.37 49.47 58.28
CA PHE J 430 17.34 50.55 58.06
C PHE J 430 16.87 51.56 57.02
N GLN J 431 16.92 52.83 57.40
CA GLN J 431 16.50 53.90 56.50
C GLN J 431 17.41 55.13 56.56
N TYR J 432 18.37 55.19 55.65
CA TYR J 432 19.29 56.31 55.58
C TYR J 432 20.00 56.28 54.24
N ARG J 433 20.20 57.43 53.61
CA ARG J 433 20.89 57.46 52.32
C ARG J 433 22.36 57.86 52.49
N PRO J 434 23.27 56.88 52.46
CA PRO J 434 24.69 57.20 52.63
C PRO J 434 25.26 58.07 51.50
N SER J 435 26.19 58.95 51.86
CA SER J 435 26.81 59.84 50.90
C SER J 435 27.73 59.05 49.98
N PHE J 436 28.13 57.88 50.44
CA PHE J 436 29.02 57.04 49.68
C PHE J 436 28.30 56.31 48.55
N SER J 437 27.02 56.62 48.36
CA SER J 437 26.22 56.03 47.29
C SER J 437 26.81 56.50 45.96
N SER J 438 26.36 55.90 44.87
CA SER J 438 26.86 56.26 43.55
C SER J 438 26.42 57.68 43.14
N ASP J 439 27.04 58.21 42.10
CA ASP J 439 26.69 59.52 41.60
C ASP J 439 25.54 59.32 40.65
N MET J 440 25.46 58.11 40.11
CA MET J 440 24.42 57.72 39.16
C MET J 440 23.08 57.44 39.84
N LYS J 441 23.12 57.31 41.16
CA LYS J 441 21.93 57.04 41.96
C LYS J 441 21.31 58.37 42.38
N PRO J 442 20.05 58.60 41.99
CA PRO J 442 19.37 59.85 42.35
C PRO J 442 19.40 60.12 43.87
N LYS J 443 18.90 61.29 44.26
CA LYS J 443 18.88 61.66 45.67
C LYS J 443 17.64 61.19 46.43
N THR J 444 16.61 60.79 45.69
CA THR J 444 15.36 60.33 46.29
C THR J 444 15.46 58.95 46.97
N VAL J 445 16.34 58.08 46.45
CA VAL J 445 16.54 56.72 46.97
C VAL J 445 17.17 56.68 48.34
N ILE J 446 16.39 56.30 49.34
CA ILE J 446 16.86 56.25 50.72
C ILE J 446 16.67 54.86 51.29
N GLY J 447 17.74 54.27 51.80
CA GLY J 447 17.64 52.92 52.36
C GLY J 447 17.68 51.88 51.26
N ASP J 448 18.48 52.17 50.23
CA ASP J 448 18.62 51.26 49.09
C ASP J 448 19.28 49.98 49.53
N HIS J 449 19.21 48.97 48.67
CA HIS J 449 19.83 47.70 49.01
C HIS J 449 21.31 47.89 49.29
N GLY J 450 21.78 47.29 50.39
CA GLY J 450 23.19 47.39 50.75
C GLY J 450 23.61 48.71 51.36
N ASP J 451 22.69 49.67 51.44
CA ASP J 451 23.01 50.98 52.01
C ASP J 451 23.44 50.96 53.47
N GLU J 452 23.12 49.89 54.19
CA GLU J 452 23.48 49.81 55.60
C GLU J 452 24.95 49.45 55.85
N LEU J 453 25.56 48.79 54.88
CA LEU J 453 26.95 48.36 55.00
C LEU J 453 27.89 49.43 55.53
N PHE J 454 27.88 50.60 54.90
CA PHE J 454 28.76 51.70 55.30
C PHE J 454 28.66 52.03 56.78
N SER J 455 27.46 51.89 57.34
CA SER J 455 27.32 52.17 58.74
C SER J 455 27.95 51.00 59.49
N VAL J 456 27.56 49.78 59.13
CA VAL J 456 28.09 48.57 59.77
C VAL J 456 29.61 48.40 59.73
N PHE J 457 30.25 48.87 58.68
CA PHE J 457 31.69 48.74 58.58
C PHE J 457 32.49 50.01 58.83
N GLY J 458 31.85 51.01 59.41
CA GLY J 458 32.49 52.27 59.71
C GLY J 458 33.09 53.05 58.55
N ALA J 459 32.39 53.15 57.43
CA ALA J 459 32.91 53.90 56.28
C ALA J 459 33.20 55.35 56.68
N PRO J 460 32.38 55.93 57.57
CA PRO J 460 32.58 57.30 58.01
C PRO J 460 33.92 57.54 58.69
N PHE J 461 34.67 56.46 58.90
CA PHE J 461 35.99 56.56 59.53
C PHE J 461 37.13 56.14 58.61
N LEU J 462 36.79 55.69 57.40
CA LEU J 462 37.80 55.26 56.45
C LEU J 462 37.72 56.11 55.23
N LYS J 463 36.51 56.31 54.72
CA LYS J 463 36.35 57.15 53.53
C LYS J 463 36.33 58.58 54.01
N GLU J 464 36.61 59.51 53.10
CA GLU J 464 36.68 60.91 53.44
C GLU J 464 35.36 61.69 53.35
N GLY J 465 35.24 62.71 54.20
CA GLY J 465 34.09 63.60 54.20
C GLY J 465 32.69 63.14 54.57
N ALA J 466 32.57 62.27 55.57
CA ALA J 466 31.26 61.84 55.99
C ALA J 466 30.74 62.94 56.91
N SER J 467 29.46 63.27 56.82
CA SER J 467 28.89 64.32 57.66
C SER J 467 28.95 63.92 59.13
N GLU J 468 28.75 64.89 60.01
CA GLU J 468 28.76 64.66 61.44
C GLU J 468 27.67 63.65 61.78
N GLU J 469 26.57 63.77 61.06
CA GLU J 469 25.43 62.89 61.24
C GLU J 469 25.76 61.43 60.87
N GLU J 470 26.35 61.21 59.69
CA GLU J 470 26.73 59.87 59.24
C GLU J 470 27.64 59.17 60.25
N ILE J 471 28.62 59.91 60.76
CA ILE J 471 29.57 59.37 61.71
C ILE J 471 28.89 58.89 62.99
N ARG J 472 27.89 59.62 63.47
CA ARG J 472 27.17 59.27 64.69
C ARG J 472 26.45 57.94 64.50
N LEU J 473 25.75 57.84 63.38
CA LEU J 473 24.98 56.67 63.00
C LEU J 473 25.80 55.40 62.84
N SER J 474 27.03 55.55 62.36
CA SER J 474 27.88 54.39 62.18
C SER J 474 28.36 53.93 63.56
N LYS J 475 28.68 54.88 64.42
CA LYS J 475 29.14 54.56 65.77
C LYS J 475 28.02 53.82 66.46
N MET J 476 26.80 54.25 66.18
CA MET J 476 25.63 53.61 66.79
C MET J 476 25.42 52.20 66.26
N VAL J 477 25.37 52.08 64.93
CA VAL J 477 25.16 50.78 64.29
C VAL J 477 26.22 49.78 64.73
N MET J 478 27.47 50.25 64.85
CA MET J 478 28.55 49.36 65.25
C MET J 478 28.41 48.85 66.69
N LYS J 479 28.06 49.72 67.64
CA LYS J 479 27.87 49.28 69.03
C LYS J 479 26.85 48.17 69.03
N PHE J 480 25.66 48.50 68.54
CA PHE J 480 24.56 47.57 68.43
C PHE J 480 25.03 46.20 67.91
N TRP J 481 25.64 46.20 66.72
CA TRP J 481 26.14 44.97 66.10
C TRP J 481 27.18 44.27 66.98
N ALA J 482 28.09 45.03 67.59
CA ALA J 482 29.11 44.45 68.44
C ALA J 482 28.54 44.00 69.79
N ASN J 483 27.61 44.76 70.32
CA ASN J 483 27.02 44.37 71.60
C ASN J 483 26.28 43.08 71.35
N PHE J 484 25.79 42.91 70.13
CA PHE J 484 25.06 41.68 69.78
C PHE J 484 26.07 40.53 69.75
N ALA J 485 27.20 40.75 69.07
CA ALA J 485 28.23 39.73 68.98
C ALA J 485 28.70 39.45 70.39
N ARG J 486 28.48 40.40 71.28
CA ARG J 486 28.88 40.30 72.68
C ARG J 486 27.93 39.47 73.54
N ASN J 487 26.67 39.89 73.65
CA ASN J 487 25.73 39.17 74.50
C ASN J 487 24.41 38.69 73.90
N GLY J 488 24.31 38.57 72.58
CA GLY J 488 23.08 38.09 71.99
C GLY J 488 21.96 39.08 72.19
N ASN J 489 22.33 40.29 72.57
CA ASN J 489 21.41 41.38 72.79
C ASN J 489 22.17 42.64 72.40
N PRO J 490 21.65 43.39 71.41
CA PRO J 490 22.31 44.61 70.95
C PRO J 490 22.28 45.80 71.90
N ASN J 491 21.25 45.84 72.74
CA ASN J 491 21.04 46.91 73.70
C ASN J 491 22.20 47.25 74.62
N GLY J 492 22.40 48.56 74.83
CA GLY J 492 23.47 49.05 75.68
C GLY J 492 23.30 50.48 76.20
N GLU J 493 24.32 50.97 76.90
CA GLU J 493 24.33 52.31 77.45
C GLU J 493 24.49 53.33 76.35
N GLY J 494 23.66 54.37 76.38
CA GLY J 494 23.72 55.41 75.37
C GLY J 494 23.38 54.90 73.99
N LEU J 495 22.41 54.00 73.94
CA LEU J 495 21.93 53.41 72.69
C LEU J 495 20.42 53.34 72.83
N PRO J 496 19.68 53.69 71.77
CA PRO J 496 18.22 53.63 71.82
C PRO J 496 17.78 52.21 72.16
N HIS J 497 16.63 52.08 72.82
CA HIS J 497 16.15 50.77 73.18
C HIS J 497 15.67 49.95 71.99
N TRP J 498 16.26 48.78 71.82
CA TRP J 498 15.93 47.88 70.73
C TRP J 498 15.07 46.75 71.29
N PRO J 499 13.75 46.80 71.05
CA PRO J 499 12.77 45.81 71.53
C PRO J 499 12.99 44.41 70.98
N GLU J 500 12.92 43.40 71.84
CA GLU J 500 13.11 42.01 71.38
C GLU J 500 11.91 41.66 70.51
N TYR J 501 12.16 40.98 69.39
CA TYR J 501 11.08 40.62 68.48
C TYR J 501 10.32 39.40 68.98
N ASN J 502 9.42 39.64 69.94
CA ASN J 502 8.60 38.58 70.50
C ASN J 502 7.19 38.64 69.90
N GLN J 503 6.16 38.53 70.72
CA GLN J 503 4.82 38.56 70.18
C GLN J 503 4.36 39.96 69.79
N LYS J 504 4.89 40.97 70.46
CA LYS J 504 4.51 42.35 70.16
C LYS J 504 5.07 42.79 68.82
N GLU J 505 6.09 42.07 68.36
CA GLU J 505 6.71 42.33 67.06
C GLU J 505 7.48 43.66 67.00
N GLY J 506 8.11 44.01 68.12
CA GLY J 506 8.89 45.22 68.17
C GLY J 506 10.18 45.03 67.38
N TYR J 507 10.65 46.09 66.75
CA TYR J 507 11.87 46.06 65.97
C TYR J 507 12.37 47.46 65.96
N LEU J 508 13.60 47.64 65.54
CA LEU J 508 14.19 48.97 65.53
C LEU J 508 14.27 49.60 64.15
N GLN J 509 13.96 50.89 64.09
CA GLN J 509 14.07 51.61 62.82
C GLN J 509 15.38 52.36 62.97
N ILE J 510 16.31 52.12 62.06
CA ILE J 510 17.62 52.75 62.15
C ILE J 510 17.83 53.80 61.06
N GLY J 511 18.29 54.98 61.47
CA GLY J 511 18.54 56.04 60.52
C GLY J 511 18.78 57.36 61.19
N ALA J 512 18.42 58.45 60.51
CA ALA J 512 18.58 59.78 61.07
C ALA J 512 17.93 59.78 62.44
N ASN J 513 16.78 59.12 62.51
CA ASN J 513 16.08 58.99 63.77
C ASN J 513 15.94 57.50 64.01
N THR J 514 16.43 57.05 65.16
CA THR J 514 16.35 55.65 65.50
C THR J 514 15.45 55.48 66.71
N GLN J 515 14.33 54.79 66.50
CA GLN J 515 13.40 54.56 67.58
C GLN J 515 12.70 53.23 67.37
N ALA J 516 12.38 52.57 68.48
CA ALA J 516 11.70 51.28 68.42
C ALA J 516 10.35 51.42 67.72
N ALA J 517 9.95 50.36 67.02
CA ALA J 517 8.68 50.34 66.31
C ALA J 517 8.05 48.96 66.48
N GLN J 518 6.93 48.69 65.80
CA GLN J 518 6.28 47.40 65.94
C GLN J 518 5.39 46.98 64.77
N LYS J 519 5.27 45.67 64.59
CA LYS J 519 4.45 45.08 63.54
C LYS J 519 5.05 45.40 62.18
N LEU J 520 6.30 45.02 62.00
CA LEU J 520 7.01 45.27 60.75
C LEU J 520 6.49 44.41 59.59
N LYS J 521 6.15 45.05 58.49
CA LYS J 521 5.64 44.36 57.31
C LYS J 521 4.56 43.35 57.68
N ASP J 522 3.84 43.63 58.76
CA ASP J 522 2.79 42.74 59.23
C ASP J 522 1.76 42.44 58.13
N LYS J 523 1.15 43.49 57.61
CA LYS J 523 0.14 43.33 56.55
C LYS J 523 0.70 42.67 55.32
N GLU J 524 1.86 43.12 54.86
CA GLU J 524 2.47 42.54 53.66
C GLU J 524 2.65 41.04 53.80
N VAL J 525 2.98 40.60 55.02
CA VAL J 525 3.17 39.19 55.27
C VAL J 525 1.86 38.45 55.13
N ALA J 526 0.80 38.99 55.74
CA ALA J 526 -0.51 38.34 55.64
C ALA J 526 -1.01 38.25 54.20
N PHE J 527 -0.89 39.34 53.44
CA PHE J 527 -1.34 39.36 52.06
C PHE J 527 -0.61 38.35 51.17
N TRP J 528 0.72 38.44 51.09
CA TRP J 528 1.46 37.50 50.26
C TRP J 528 1.30 36.07 50.74
N THR J 529 1.41 35.85 52.04
CA THR J 529 1.26 34.52 52.61
C THR J 529 0.03 33.85 52.02
N ASN J 530 -0.98 34.65 51.74
CA ASN J 530 -2.23 34.16 51.18
C ASN J 530 -2.21 34.04 49.67
N LEU J 531 -1.83 35.11 48.98
CA LEU J 531 -1.79 35.11 47.52
C LEU J 531 -0.96 33.94 47.00
N PHE J 532 0.17 33.71 47.66
CA PHE J 532 1.07 32.61 47.29
C PHE J 532 0.41 31.27 47.57
N ALA J 533 -0.33 31.18 48.67
CA ALA J 533 -1.04 29.95 49.03
C ALA J 533 -2.31 29.88 48.18
N LYS J 534 -2.20 30.40 46.96
CA LYS J 534 -3.30 30.42 45.99
C LYS J 534 -4.63 30.85 46.64
N SER K 4 71.58 -20.77 33.97
CA SER K 4 70.45 -19.88 33.59
C SER K 4 70.56 -18.51 34.27
N PRO K 5 70.24 -17.42 33.53
CA PRO K 5 70.31 -16.06 34.07
C PRO K 5 69.77 -15.95 35.50
N PRO K 6 70.33 -15.02 36.29
CA PRO K 6 69.93 -14.79 37.68
C PRO K 6 68.52 -14.19 37.85
N VAL K 7 67.78 -14.74 38.80
CA VAL K 7 66.41 -14.31 39.09
C VAL K 7 66.21 -14.11 40.59
N VAL K 8 66.17 -12.83 41.01
CA VAL K 8 66.02 -12.47 42.42
C VAL K 8 64.58 -12.10 42.80
N ASP K 9 64.31 -12.12 44.10
CA ASP K 9 62.99 -11.78 44.62
C ASP K 9 63.02 -10.57 45.53
N THR K 10 62.34 -9.51 45.12
CA THR K 10 62.28 -8.29 45.93
C THR K 10 60.89 -8.24 46.54
N VAL K 11 60.67 -7.33 47.48
CA VAL K 11 59.35 -7.24 48.08
C VAL K 11 58.29 -7.17 46.99
N HIS K 12 58.49 -6.26 46.04
CA HIS K 12 57.55 -6.06 44.95
C HIS K 12 57.55 -7.13 43.86
N GLY K 13 58.30 -8.21 44.05
CA GLY K 13 58.28 -9.27 43.06
C GLY K 13 59.59 -9.68 42.42
N LYS K 14 59.50 -10.71 41.58
CA LYS K 14 60.64 -11.30 40.86
C LYS K 14 61.29 -10.43 39.79
N VAL K 15 62.61 -10.50 39.74
CA VAL K 15 63.41 -9.76 38.77
C VAL K 15 64.31 -10.74 38.01
N LEU K 16 64.54 -10.46 36.73
CA LEU K 16 65.37 -11.32 35.89
C LEU K 16 66.54 -10.55 35.32
N GLY K 17 67.74 -10.78 35.87
CA GLY K 17 68.92 -10.09 35.40
C GLY K 17 69.75 -10.85 34.37
N LYS K 18 71.07 -10.83 34.53
CA LYS K 18 71.98 -11.52 33.62
C LYS K 18 73.36 -11.72 34.25
N PHE K 19 74.05 -12.78 33.83
CA PHE K 19 75.38 -13.12 34.33
C PHE K 19 76.52 -12.68 33.41
N VAL K 20 77.12 -11.54 33.69
CA VAL K 20 78.24 -11.09 32.87
C VAL K 20 79.51 -11.24 33.67
N SER K 21 80.45 -12.04 33.16
CA SER K 21 81.72 -12.27 33.84
C SER K 21 82.87 -11.45 33.25
N LEU K 22 83.77 -10.99 34.12
CA LEU K 22 84.91 -10.19 33.69
C LEU K 22 86.20 -11.00 33.72
N GLU K 23 87.20 -10.56 32.95
CA GLU K 23 88.50 -11.23 32.87
C GLU K 23 89.27 -11.07 34.18
N GLY K 24 89.80 -12.19 34.67
CA GLY K 24 90.53 -12.16 35.92
C GLY K 24 89.69 -12.60 37.10
N PHE K 25 88.38 -12.74 36.88
CA PHE K 25 87.47 -13.16 37.96
C PHE K 25 86.56 -14.32 37.58
N ALA K 26 86.47 -15.28 38.49
CA ALA K 26 85.69 -16.50 38.30
C ALA K 26 84.19 -16.32 38.26
N GLN K 27 83.61 -16.02 39.43
CA GLN K 27 82.17 -15.83 39.57
C GLN K 27 81.66 -14.66 38.72
N PRO K 28 80.83 -14.94 37.70
CA PRO K 28 80.32 -13.87 36.86
C PRO K 28 79.46 -12.97 37.75
N VAL K 29 79.40 -11.69 37.41
CA VAL K 29 78.60 -10.74 38.19
C VAL K 29 77.16 -10.73 37.68
N ALA K 30 76.21 -10.74 38.61
CA ALA K 30 74.81 -10.69 38.25
C ALA K 30 74.49 -9.23 37.93
N ILE K 31 73.92 -8.97 36.76
CA ILE K 31 73.58 -7.61 36.35
C ILE K 31 72.09 -7.37 36.15
N PHE K 32 71.52 -6.47 36.95
CA PHE K 32 70.12 -6.11 36.86
C PHE K 32 70.01 -4.69 36.30
N LEU K 33 69.15 -4.51 35.30
CA LEU K 33 68.97 -3.22 34.67
C LEU K 33 67.51 -2.76 34.58
N GLY K 34 67.23 -1.57 35.10
CA GLY K 34 65.88 -1.03 35.02
C GLY K 34 64.90 -1.44 36.09
N ILE K 35 65.36 -1.60 37.31
CA ILE K 35 64.47 -1.99 38.39
C ILE K 35 63.86 -0.72 38.97
N PRO K 36 62.52 -0.63 38.97
CA PRO K 36 61.78 0.53 39.49
C PRO K 36 61.77 0.56 41.02
N PHE K 37 62.09 1.72 41.60
CA PHE K 37 62.10 1.85 43.05
C PHE K 37 61.01 2.78 43.60
N ALA K 38 60.17 3.30 42.70
CA ALA K 38 59.08 4.18 43.07
C ALA K 38 58.07 4.19 41.93
N LYS K 39 56.86 4.67 42.19
CA LYS K 39 55.84 4.74 41.15
C LYS K 39 56.24 5.89 40.24
N PRO K 40 56.02 5.75 38.92
CA PRO K 40 56.38 6.83 37.99
C PRO K 40 55.74 8.17 38.34
N PRO K 41 56.55 9.24 38.39
CA PRO K 41 56.13 10.62 38.71
C PRO K 41 55.39 11.27 37.54
N LEU K 42 54.48 10.51 36.95
CA LEU K 42 53.69 10.98 35.82
C LEU K 42 52.46 11.77 36.26
N GLY K 43 52.07 12.73 35.41
CA GLY K 43 50.90 13.57 35.66
C GLY K 43 50.73 14.24 37.02
N PRO K 44 49.83 13.71 37.88
CA PRO K 44 49.50 14.20 39.23
C PRO K 44 50.68 14.14 40.19
N LEU K 45 51.51 13.12 39.99
CA LEU K 45 52.68 12.90 40.83
C LEU K 45 53.82 13.87 40.53
N ARG K 46 53.74 14.56 39.38
CA ARG K 46 54.78 15.52 39.03
C ARG K 46 54.81 16.58 40.12
N PHE K 47 56.01 17.04 40.45
CA PHE K 47 56.20 18.02 41.51
C PHE K 47 55.69 17.51 42.85
N THR K 48 55.99 16.25 43.20
CA THR K 48 55.56 15.70 44.49
C THR K 48 56.48 14.58 45.02
N PRO K 49 56.47 14.35 46.34
CA PRO K 49 57.31 13.29 46.90
C PRO K 49 57.18 12.00 46.10
N PRO K 50 58.26 11.21 46.01
CA PRO K 50 58.17 9.96 45.26
C PRO K 50 57.30 8.92 45.99
N GLN K 51 56.54 8.16 45.20
CA GLN K 51 55.64 7.13 45.73
C GLN K 51 56.25 5.74 45.63
N PRO K 52 55.81 4.80 46.48
CA PRO K 52 56.34 3.44 46.45
C PRO K 52 55.90 2.77 45.14
N ALA K 53 56.70 1.84 44.62
CA ALA K 53 56.34 1.17 43.37
C ALA K 53 55.23 0.15 43.57
N GLU K 54 54.54 -0.16 42.47
CA GLU K 54 53.45 -1.11 42.49
C GLU K 54 53.97 -2.53 42.44
N PRO K 55 53.32 -3.45 43.17
CA PRO K 55 53.80 -4.84 43.12
C PRO K 55 53.48 -5.40 41.75
N TRP K 56 54.31 -6.32 41.27
CA TRP K 56 54.08 -6.92 39.96
C TRP K 56 54.13 -8.44 40.00
N SER K 57 53.22 -9.05 39.26
CA SER K 57 53.13 -10.49 39.20
C SER K 57 54.25 -11.05 38.34
N PHE K 58 54.36 -12.37 38.31
CA PHE K 58 55.36 -13.06 37.51
C PHE K 58 56.79 -12.52 37.66
N VAL K 59 57.59 -12.72 36.61
CA VAL K 59 58.97 -12.30 36.60
C VAL K 59 59.18 -11.02 35.81
N LYS K 60 59.83 -10.04 36.42
CA LYS K 60 60.07 -8.76 35.78
C LYS K 60 61.42 -8.73 35.09
N ASN K 61 61.40 -8.68 33.77
CA ASN K 61 62.62 -8.68 33.00
C ASN K 61 63.48 -7.42 33.23
N ALA K 62 64.63 -7.58 33.88
CA ALA K 62 65.52 -6.46 34.16
C ALA K 62 66.83 -6.62 33.40
N THR K 63 66.75 -6.65 32.08
CA THR K 63 67.95 -6.83 31.27
C THR K 63 68.24 -5.77 30.24
N SER K 64 67.49 -4.68 30.27
CA SER K 64 67.72 -3.58 29.35
C SER K 64 67.72 -2.28 30.13
N TYR K 65 68.53 -1.34 29.66
CA TYR K 65 68.67 -0.05 30.29
C TYR K 65 67.39 0.78 30.37
N PRO K 66 67.18 1.44 31.52
CA PRO K 66 66.00 2.28 31.74
C PRO K 66 66.29 3.59 31.07
N PRO K 67 65.27 4.45 30.94
CA PRO K 67 65.55 5.72 30.28
C PRO K 67 66.13 6.73 31.29
N MET K 68 66.64 7.85 30.78
CA MET K 68 67.17 8.87 31.66
C MET K 68 66.04 9.87 31.80
N CYS K 69 66.05 10.66 32.88
CA CYS K 69 64.99 11.65 33.11
C CYS K 69 65.05 12.76 32.07
N THR K 70 63.88 13.25 31.67
CA THR K 70 63.79 14.31 30.67
C THR K 70 64.87 15.32 30.99
N GLN K 71 65.67 15.63 29.98
CA GLN K 71 66.78 16.56 30.14
C GLN K 71 67.23 16.93 28.75
N ASP K 72 67.93 18.05 28.62
CA ASP K 72 68.40 18.45 27.30
C ASP K 72 69.04 17.21 26.68
N PRO K 73 68.50 16.75 25.55
CA PRO K 73 68.99 15.57 24.84
C PRO K 73 70.47 15.63 24.47
N LYS K 74 70.84 16.59 23.64
CA LYS K 74 72.23 16.72 23.23
C LYS K 74 73.15 16.82 24.45
N ALA K 75 72.85 17.78 25.33
CA ALA K 75 73.65 17.99 26.53
C ALA K 75 73.88 16.70 27.32
N GLY K 76 72.78 16.03 27.68
CA GLY K 76 72.88 14.79 28.44
C GLY K 76 73.77 13.71 27.84
N GLN K 77 73.70 13.55 26.52
CA GLN K 77 74.50 12.54 25.87
C GLN K 77 75.98 12.92 25.79
N LEU K 78 76.24 14.20 25.49
CA LEU K 78 77.61 14.71 25.39
C LEU K 78 78.33 14.40 26.69
N LEU K 79 77.60 14.47 27.79
CA LEU K 79 78.18 14.19 29.09
C LEU K 79 78.26 12.69 29.33
N SER K 80 77.31 11.94 28.78
CA SER K 80 77.30 10.49 28.95
C SER K 80 78.47 9.86 28.23
N GLU K 81 79.02 10.56 27.25
CA GLU K 81 80.15 10.05 26.51
C GLU K 81 81.46 10.44 27.18
N LEU K 82 81.53 11.68 27.65
CA LEU K 82 82.73 12.17 28.31
C LEU K 82 82.92 11.63 29.73
N PHE K 83 81.88 11.04 30.32
CA PHE K 83 81.97 10.52 31.68
C PHE K 83 81.83 9.00 31.81
N THR K 84 81.36 8.35 30.76
CA THR K 84 81.18 6.90 30.81
C THR K 84 82.50 6.15 30.91
N ASN K 85 82.43 4.93 31.43
CA ASN K 85 83.60 4.08 31.58
C ASN K 85 83.32 2.81 30.76
N ARG K 86 82.52 2.95 29.71
CA ARG K 86 82.16 1.84 28.85
C ARG K 86 82.98 1.88 27.57
N LYS K 87 83.08 0.72 26.92
CA LYS K 87 83.82 0.63 25.67
C LYS K 87 83.15 1.62 24.73
N GLU K 88 81.85 1.47 24.54
CA GLU K 88 81.10 2.37 23.66
C GLU K 88 79.94 2.97 24.45
N ASN K 89 79.59 4.22 24.18
CA ASN K 89 78.51 4.86 24.91
C ASN K 89 77.12 4.39 24.46
N ILE K 90 76.28 4.05 25.43
CA ILE K 90 74.94 3.58 25.16
C ILE K 90 73.98 4.75 25.08
N PRO K 91 73.40 4.99 23.89
CA PRO K 91 72.45 6.09 23.69
C PRO K 91 71.20 5.78 24.49
N LEU K 92 70.55 6.81 25.04
CA LEU K 92 69.36 6.57 25.86
C LEU K 92 68.15 7.47 25.59
N LYS K 93 66.97 6.88 25.72
CA LYS K 93 65.70 7.56 25.54
C LYS K 93 65.40 8.44 26.73
N LEU K 94 64.65 9.51 26.51
CA LEU K 94 64.28 10.43 27.58
C LEU K 94 62.84 10.11 27.97
N SER K 95 62.50 10.32 29.24
CA SER K 95 61.16 10.02 29.73
C SER K 95 60.94 10.45 31.17
N GLU K 96 59.66 10.65 31.53
CA GLU K 96 59.33 11.04 32.88
C GLU K 96 59.35 9.80 33.77
N ASP K 97 59.33 8.65 33.11
CA ASP K 97 59.37 7.36 33.78
C ASP K 97 60.84 7.03 33.87
N CYS K 98 61.53 7.63 34.83
CA CYS K 98 62.97 7.41 34.99
C CYS K 98 63.43 6.97 36.38
N LEU K 99 62.50 6.75 37.30
CA LEU K 99 62.88 6.35 38.65
C LEU K 99 63.34 4.91 38.77
N TYR K 100 64.46 4.61 38.13
CA TYR K 100 65.03 3.27 38.16
C TYR K 100 66.42 3.27 38.76
N LEU K 101 66.93 2.07 39.02
CA LEU K 101 68.28 1.89 39.55
C LEU K 101 68.83 0.59 38.97
N ASN K 102 70.13 0.58 38.65
CA ASN K 102 70.76 -0.63 38.12
C ASN K 102 71.62 -1.29 39.20
N ILE K 103 71.57 -2.62 39.29
CA ILE K 103 72.37 -3.32 40.29
C ILE K 103 73.43 -4.26 39.69
N TYR K 104 74.63 -4.20 40.27
CA TYR K 104 75.75 -5.04 39.87
C TYR K 104 76.22 -5.74 41.13
N THR K 105 75.82 -7.00 41.30
CA THR K 105 76.22 -7.75 42.49
C THR K 105 77.13 -8.94 42.11
N PRO K 106 78.34 -9.00 42.69
CA PRO K 106 79.29 -10.08 42.41
C PRO K 106 79.13 -11.30 43.31
N ALA K 107 78.44 -11.13 44.44
CA ALA K 107 78.22 -12.22 45.37
C ALA K 107 77.50 -13.36 44.66
N ASP K 108 77.74 -14.61 45.06
CA ASP K 108 77.05 -15.73 44.42
C ASP K 108 75.67 -15.82 45.07
N LEU K 109 74.66 -15.44 44.31
CA LEU K 109 73.28 -15.43 44.78
C LEU K 109 72.84 -16.80 45.29
N THR K 110 73.32 -17.84 44.64
CA THR K 110 72.98 -19.22 45.02
C THR K 110 73.30 -19.43 46.49
N LYS K 111 74.32 -18.73 46.97
CA LYS K 111 74.73 -18.83 48.35
C LYS K 111 74.39 -17.53 49.06
N LYS K 112 74.37 -17.55 50.39
CA LYS K 112 74.06 -16.35 51.18
C LYS K 112 75.28 -15.43 51.30
N ASN K 113 75.06 -14.14 51.08
CA ASN K 113 76.14 -13.16 51.16
C ASN K 113 75.65 -11.88 51.82
N ARG K 114 76.60 -11.07 52.28
CA ARG K 114 76.31 -9.79 52.93
C ARG K 114 77.37 -8.77 52.57
N LEU K 115 77.68 -8.68 51.28
CA LEU K 115 78.69 -7.75 50.78
C LEU K 115 78.36 -6.30 51.10
N PRO K 116 79.38 -5.43 51.15
CA PRO K 116 79.09 -4.03 51.44
C PRO K 116 78.46 -3.40 50.18
N VAL K 117 77.52 -2.48 50.40
CA VAL K 117 76.81 -1.83 49.30
C VAL K 117 77.25 -0.39 49.01
N MET K 118 77.40 -0.08 47.72
CA MET K 118 77.80 1.25 47.28
C MET K 118 76.84 1.86 46.27
N VAL K 119 76.05 2.82 46.74
CA VAL K 119 75.08 3.52 45.93
C VAL K 119 75.73 4.71 45.21
N TRP K 120 75.68 4.71 43.88
CA TRP K 120 76.27 5.77 43.08
C TRP K 120 75.30 6.84 42.55
N ILE K 121 75.47 8.08 43.01
CA ILE K 121 74.62 9.17 42.57
C ILE K 121 75.42 10.00 41.57
N HIS K 122 74.97 10.00 40.32
CA HIS K 122 75.67 10.72 39.25
C HIS K 122 75.57 12.24 39.26
N GLY K 123 76.45 12.83 38.46
CA GLY K 123 76.48 14.28 38.34
C GLY K 123 75.68 14.72 37.13
N GLY K 124 75.90 15.95 36.69
CA GLY K 124 75.14 16.48 35.56
C GLY K 124 74.51 17.80 35.93
N GLY K 125 74.84 18.32 37.12
CA GLY K 125 74.31 19.59 37.57
C GLY K 125 72.82 19.61 37.90
N LEU K 126 72.28 18.44 38.26
CA LEU K 126 70.86 18.31 38.59
C LEU K 126 70.02 18.74 37.39
N MET K 127 70.63 18.73 36.21
CA MET K 127 69.95 19.12 34.98
C MET K 127 70.02 18.01 33.93
N VAL K 128 71.15 17.31 33.87
CA VAL K 128 71.33 16.21 32.92
C VAL K 128 71.97 15.02 33.64
N GLY K 129 72.24 13.95 32.90
CA GLY K 129 72.86 12.77 33.49
C GLY K 129 72.00 11.52 33.55
N ALA K 130 72.65 10.37 33.71
CA ALA K 130 71.94 9.09 33.77
C ALA K 130 72.72 8.06 34.60
N ALA K 131 72.03 7.09 35.19
CA ALA K 131 72.70 6.07 35.99
C ALA K 131 73.44 5.12 35.07
N SER K 132 72.79 4.75 33.97
CA SER K 132 73.34 3.83 32.97
C SER K 132 74.77 4.16 32.59
N THR K 133 75.03 5.44 32.31
CA THR K 133 76.34 5.97 31.93
C THR K 133 77.49 5.29 32.66
N TYR K 134 77.27 4.93 33.92
CA TYR K 134 78.32 4.30 34.71
C TYR K 134 78.09 2.81 34.93
N ASP K 135 78.93 1.99 34.30
CA ASP K 135 78.89 0.53 34.41
C ASP K 135 79.64 0.11 35.67
N GLY K 136 78.95 -0.62 36.56
CA GLY K 136 79.60 -1.02 37.79
C GLY K 136 80.18 -2.42 37.76
N LEU K 137 80.52 -2.92 36.58
CA LEU K 137 81.06 -4.27 36.43
C LEU K 137 82.39 -4.50 37.16
N ALA K 138 83.40 -3.74 36.77
CA ALA K 138 84.74 -3.85 37.37
C ALA K 138 84.76 -3.62 38.88
N LEU K 139 84.27 -2.46 39.31
CA LEU K 139 84.26 -2.16 40.74
C LEU K 139 83.63 -3.28 41.54
N ALA K 140 82.55 -3.84 41.01
CA ALA K 140 81.87 -4.93 41.71
C ALA K 140 82.83 -6.12 41.81
N ALA K 141 83.30 -6.58 40.66
CA ALA K 141 84.23 -7.71 40.62
C ALA K 141 85.52 -7.43 41.39
N HIS K 142 86.25 -6.42 40.96
CA HIS K 142 87.52 -6.04 41.57
C HIS K 142 87.61 -5.84 43.08
N GLU K 143 86.52 -5.48 43.73
CA GLU K 143 86.58 -5.29 45.19
C GLU K 143 85.50 -6.06 45.90
N ASN K 144 84.81 -6.90 45.13
CA ASN K 144 83.76 -7.76 45.62
C ASN K 144 82.62 -6.97 46.29
N VAL K 145 82.12 -5.95 45.60
CA VAL K 145 81.05 -5.14 46.17
C VAL K 145 79.82 -4.97 45.30
N VAL K 146 78.69 -4.69 45.95
CA VAL K 146 77.44 -4.46 45.26
C VAL K 146 77.36 -2.99 44.87
N VAL K 147 77.44 -2.75 43.57
CA VAL K 147 77.39 -1.42 43.01
C VAL K 147 75.95 -1.09 42.58
N VAL K 148 75.40 0.02 43.07
CA VAL K 148 74.04 0.40 42.67
C VAL K 148 73.99 1.81 42.06
N THR K 149 73.86 1.91 40.74
CA THR K 149 73.80 3.22 40.08
C THR K 149 72.33 3.70 39.99
N ILE K 150 71.93 4.64 40.83
CA ILE K 150 70.54 5.12 40.82
C ILE K 150 70.32 6.39 40.03
N GLN K 151 69.04 6.66 39.74
CA GLN K 151 68.60 7.85 39.00
C GLN K 151 67.58 8.65 39.81
N TYR K 152 67.57 9.98 39.62
CA TYR K 152 66.66 10.88 40.33
C TYR K 152 66.08 11.93 39.38
N ARG K 153 64.89 12.46 39.68
CA ARG K 153 64.27 13.47 38.83
C ARG K 153 65.20 14.68 38.66
N LEU K 154 65.40 15.11 37.43
CA LEU K 154 66.28 16.23 37.15
C LEU K 154 65.55 17.45 36.57
N GLY K 155 66.26 18.58 36.52
CA GLY K 155 65.70 19.80 35.99
C GLY K 155 64.38 20.22 36.62
N ILE K 156 63.56 20.91 35.84
CA ILE K 156 62.25 21.38 36.28
C ILE K 156 61.47 20.27 37.00
N TRP K 157 61.61 19.06 36.47
CA TRP K 157 60.95 17.89 37.00
C TRP K 157 61.41 17.54 38.40
N GLY K 158 62.68 17.80 38.67
CA GLY K 158 63.24 17.47 39.96
C GLY K 158 63.46 18.58 40.94
N PHE K 159 63.43 19.83 40.50
CA PHE K 159 63.65 20.94 41.43
C PHE K 159 62.77 22.20 41.34
N PHE K 160 61.62 22.10 40.68
CA PHE K 160 60.74 23.25 40.60
C PHE K 160 60.22 23.56 42.00
N SER K 161 60.47 24.78 42.46
CA SER K 161 60.06 25.20 43.79
C SER K 161 59.47 26.61 43.81
N THR K 162 58.29 26.74 44.43
CA THR K 162 57.61 28.02 44.52
C THR K 162 57.86 28.59 45.91
N GLY K 163 58.67 27.90 46.69
CA GLY K 163 58.99 28.37 48.03
C GLY K 163 57.93 28.18 49.10
N ASP K 164 56.98 27.26 48.87
CA ASP K 164 55.92 27.00 49.83
C ASP K 164 55.33 25.60 49.68
N GLU K 165 54.40 25.26 50.55
CA GLU K 165 53.80 23.93 50.51
C GLU K 165 53.30 23.48 49.13
N HIS K 166 52.87 24.45 48.31
CA HIS K 166 52.36 24.15 46.98
C HIS K 166 53.35 23.43 46.09
N SER K 167 54.63 23.57 46.39
CA SER K 167 55.72 22.94 45.65
C SER K 167 57.05 23.29 46.30
N ARG K 168 57.40 22.52 47.32
CA ARG K 168 58.64 22.73 48.07
C ARG K 168 59.90 22.62 47.23
N GLY K 169 60.07 21.52 46.50
CA GLY K 169 61.26 21.36 45.69
C GLY K 169 62.14 20.22 46.19
N ASN K 170 63.27 20.01 45.52
CA ASN K 170 64.19 18.94 45.89
C ASN K 170 63.49 17.61 45.72
N TRP K 171 62.70 17.47 44.67
CA TRP K 171 61.98 16.24 44.44
C TRP K 171 63.03 15.20 44.10
N GLY K 172 64.08 15.65 43.42
CA GLY K 172 65.16 14.77 43.03
C GLY K 172 65.80 14.13 44.25
N HIS K 173 66.15 14.94 45.25
CA HIS K 173 66.78 14.44 46.47
C HIS K 173 65.83 13.49 47.19
N LEU K 174 64.54 13.77 47.09
CA LEU K 174 63.55 12.90 47.71
C LEU K 174 63.58 11.53 47.01
N ASP K 175 63.90 11.54 45.72
CA ASP K 175 63.97 10.31 44.94
C ASP K 175 65.20 9.52 45.36
N GLN K 176 66.26 10.23 45.70
CA GLN K 176 67.50 9.60 46.12
C GLN K 176 67.23 8.99 47.49
N VAL K 177 66.58 9.74 48.36
CA VAL K 177 66.26 9.21 49.67
C VAL K 177 65.34 8.00 49.47
N ALA K 178 64.60 7.98 48.37
CA ALA K 178 63.68 6.90 48.10
C ALA K 178 64.43 5.65 47.63
N ALA K 179 65.36 5.82 46.70
CA ALA K 179 66.13 4.69 46.21
C ALA K 179 66.77 4.01 47.40
N LEU K 180 67.38 4.80 48.27
CA LEU K 180 68.06 4.30 49.46
C LEU K 180 67.13 3.43 50.31
N ARG K 181 65.96 3.97 50.65
CA ARG K 181 64.99 3.25 51.45
C ARG K 181 64.69 1.90 50.79
N TRP K 182 64.73 1.87 49.45
CA TRP K 182 64.46 0.65 48.70
C TRP K 182 65.62 -0.32 48.90
N VAL K 183 66.83 0.23 48.90
CA VAL K 183 68.02 -0.58 49.11
C VAL K 183 67.87 -1.28 50.45
N GLN K 184 67.48 -0.52 51.47
CA GLN K 184 67.29 -1.09 52.79
C GLN K 184 66.41 -2.31 52.67
N ASP K 185 65.22 -2.10 52.11
CA ASP K 185 64.24 -3.15 51.97
C ASP K 185 64.49 -4.22 50.93
N ASN K 186 65.54 -4.09 50.12
CA ASN K 186 65.74 -5.09 49.07
C ASN K 186 67.15 -5.53 48.70
N ILE K 187 68.18 -4.95 49.32
CA ILE K 187 69.54 -5.31 48.95
C ILE K 187 69.97 -6.70 49.41
N ALA K 188 69.47 -7.14 50.55
CA ALA K 188 69.83 -8.46 51.06
C ALA K 188 69.54 -9.56 50.03
N SER K 189 68.60 -9.29 49.12
CA SER K 189 68.24 -10.25 48.10
C SER K 189 69.29 -10.29 47.00
N PHE K 190 70.26 -9.39 47.11
CA PHE K 190 71.32 -9.32 46.10
C PHE K 190 72.71 -9.51 46.69
N GLY K 191 72.77 -10.20 47.82
CA GLY K 191 74.06 -10.44 48.46
C GLY K 191 74.65 -9.17 49.03
N GLY K 192 73.77 -8.21 49.31
CA GLY K 192 74.22 -6.94 49.87
C GLY K 192 73.92 -6.84 51.34
N ASN K 193 74.61 -5.94 52.02
CA ASN K 193 74.40 -5.74 53.43
C ASN K 193 73.75 -4.40 53.69
N PRO K 194 72.48 -4.42 54.12
CA PRO K 194 71.71 -3.21 54.41
C PRO K 194 72.26 -2.46 55.62
N GLY K 195 73.26 -3.03 56.27
CA GLY K 195 73.84 -2.38 57.42
C GLY K 195 75.13 -1.66 57.06
N SER K 196 75.52 -1.77 55.79
CA SER K 196 76.73 -1.14 55.32
C SER K 196 76.53 -0.57 53.93
N VAL K 197 75.87 0.58 53.86
CA VAL K 197 75.61 1.23 52.59
C VAL K 197 76.42 2.53 52.47
N THR K 198 77.19 2.63 51.40
CA THR K 198 78.01 3.80 51.15
C THR K 198 77.47 4.56 49.96
N ILE K 199 77.14 5.82 50.16
CA ILE K 199 76.63 6.61 49.07
C ILE K 199 77.81 7.41 48.58
N PHE K 200 77.93 7.53 47.26
CA PHE K 200 79.03 8.28 46.67
C PHE K 200 78.69 8.79 45.28
N GLY K 201 79.12 10.01 45.00
CA GLY K 201 78.88 10.60 43.70
C GLY K 201 79.83 11.75 43.46
N GLU K 202 79.90 12.22 42.23
CA GLU K 202 80.77 13.34 41.92
C GLU K 202 79.91 14.51 41.44
N SER K 203 80.28 15.74 41.83
CA SER K 203 79.54 16.91 41.41
C SER K 203 78.17 17.03 42.07
N ALA K 204 77.12 17.05 41.25
CA ALA K 204 75.78 17.14 41.78
C ALA K 204 75.58 15.87 42.61
N GLY K 205 76.19 14.78 42.16
CA GLY K 205 76.10 13.54 42.91
C GLY K 205 76.84 13.78 44.20
N GLY K 206 77.99 14.44 44.07
CA GLY K 206 78.80 14.78 45.22
C GLY K 206 78.08 15.76 46.12
N GLU K 207 77.35 16.69 45.51
CA GLU K 207 76.59 17.66 46.25
C GLU K 207 75.48 16.87 46.91
N SER K 208 74.68 16.22 46.07
CA SER K 208 73.57 15.41 46.55
C SER K 208 73.99 14.59 47.77
N VAL K 209 75.05 13.79 47.61
CA VAL K 209 75.51 12.98 48.73
C VAL K 209 75.78 13.89 49.94
N SER K 210 76.43 15.02 49.69
CA SER K 210 76.72 15.96 50.77
C SER K 210 75.43 16.44 51.43
N VAL K 211 74.38 16.61 50.63
CA VAL K 211 73.09 17.08 51.16
C VAL K 211 72.46 16.00 52.02
N LEU K 212 72.55 14.76 51.57
CA LEU K 212 71.97 13.66 52.34
C LEU K 212 72.62 13.53 53.73
N VAL K 213 73.91 13.87 53.82
CA VAL K 213 74.63 13.81 55.09
C VAL K 213 73.99 14.71 56.15
N LEU K 214 73.45 15.83 55.67
CA LEU K 214 72.81 16.85 56.51
C LEU K 214 71.32 16.71 56.76
N SER K 215 70.63 15.91 55.94
CA SER K 215 69.19 15.75 56.10
C SER K 215 68.75 14.62 57.01
N PRO K 216 67.73 14.88 57.85
CA PRO K 216 67.21 13.88 58.77
C PRO K 216 66.36 12.86 58.02
N LEU K 217 65.93 13.21 56.81
CA LEU K 217 65.11 12.31 56.01
C LEU K 217 65.92 11.08 55.63
N ALA K 218 67.24 11.21 55.65
CA ALA K 218 68.12 10.12 55.29
C ALA K 218 68.76 9.49 56.52
N LYS K 219 68.37 9.98 57.70
CA LYS K 219 68.89 9.51 58.98
C LYS K 219 69.68 8.21 59.00
N ASN K 220 68.99 7.08 58.94
CA ASN K 220 69.69 5.80 59.03
C ASN K 220 69.75 4.98 57.75
N LEU K 221 69.77 5.65 56.61
CA LEU K 221 69.80 4.93 55.34
C LEU K 221 71.20 4.66 54.78
N PHE K 222 72.22 5.30 55.35
CA PHE K 222 73.58 5.08 54.87
C PHE K 222 74.55 5.12 56.06
N HIS K 223 75.73 4.56 55.88
CA HIS K 223 76.73 4.52 56.95
C HIS K 223 78.07 5.12 56.51
N ARG K 224 78.17 5.44 55.22
CA ARG K 224 79.36 6.05 54.66
C ARG K 224 78.98 6.91 53.45
N ALA K 225 79.76 7.96 53.23
CA ALA K 225 79.48 8.86 52.11
C ALA K 225 80.78 9.31 51.46
N ILE K 226 80.73 9.49 50.15
CA ILE K 226 81.88 9.95 49.41
C ILE K 226 81.46 11.06 48.45
N SER K 227 82.03 12.24 48.65
CA SER K 227 81.75 13.37 47.78
C SER K 227 82.99 13.60 46.94
N GLU K 228 82.79 13.67 45.62
CA GLU K 228 83.89 13.89 44.68
C GLU K 228 83.66 15.15 43.85
N SER K 229 84.24 16.27 44.26
CA SER K 229 84.11 17.53 43.52
C SER K 229 82.73 18.17 43.63
N GLY K 230 82.31 18.46 44.84
CA GLY K 230 81.00 19.08 45.02
C GLY K 230 80.38 18.77 46.37
N VAL K 231 80.15 19.82 47.15
CA VAL K 231 79.55 19.67 48.47
C VAL K 231 78.37 20.61 48.64
N ALA K 232 77.68 20.43 49.77
CA ALA K 232 76.49 21.20 50.10
C ALA K 232 76.70 22.70 50.05
N LEU K 233 77.96 23.13 50.14
CA LEU K 233 78.25 24.56 50.10
C LEU K 233 78.59 25.03 48.70
N THR K 234 78.52 24.14 47.72
CA THR K 234 78.81 24.52 46.35
C THR K 234 77.63 25.37 45.88
N SER K 235 77.58 26.61 46.38
CA SER K 235 76.53 27.59 46.09
C SER K 235 75.85 27.57 44.73
N VAL K 236 76.59 27.28 43.66
CA VAL K 236 75.97 27.26 42.34
C VAL K 236 74.86 26.21 42.24
N LEU K 237 74.76 25.34 43.26
CA LEU K 237 73.74 24.28 43.26
C LEU K 237 72.68 24.43 44.34
N VAL K 238 72.94 25.26 45.34
CA VAL K 238 71.98 25.46 46.43
C VAL K 238 71.41 26.88 46.41
N LYS K 239 70.12 26.99 46.10
CA LYS K 239 69.47 28.30 46.08
C LYS K 239 69.16 28.68 47.51
N LYS K 240 69.77 29.77 47.94
CA LYS K 240 69.59 30.30 49.28
C LYS K 240 68.99 31.70 49.09
N GLY K 241 67.75 31.88 49.52
CA GLY K 241 67.09 33.16 49.38
C GLY K 241 65.65 33.01 48.96
N ASP K 242 65.20 33.84 48.02
CA ASP K 242 63.82 33.77 47.54
C ASP K 242 63.83 33.09 46.18
N VAL K 243 63.18 31.94 46.10
CA VAL K 243 63.12 31.16 44.87
C VAL K 243 61.99 31.55 43.94
N LYS K 244 60.98 32.22 44.50
CA LYS K 244 59.81 32.63 43.73
C LYS K 244 60.07 33.39 42.43
N PRO K 245 61.06 34.29 42.40
CA PRO K 245 61.31 35.02 41.15
C PRO K 245 61.59 34.06 40.00
N LEU K 246 62.14 32.91 40.33
CA LEU K 246 62.48 31.90 39.34
C LEU K 246 61.25 31.10 38.93
N ALA K 247 60.46 30.70 39.92
CA ALA K 247 59.25 29.93 39.64
C ALA K 247 58.43 30.66 38.56
N GLU K 248 58.45 31.99 38.60
CA GLU K 248 57.72 32.80 37.64
C GLU K 248 58.40 32.87 36.28
N GLN K 249 59.73 32.87 36.26
CA GLN K 249 60.45 32.93 35.00
C GLN K 249 60.10 31.66 34.23
N ILE K 250 59.94 30.57 34.97
CA ILE K 250 59.62 29.29 34.37
C ILE K 250 58.16 29.29 33.94
N ALA K 251 57.28 29.60 34.89
CA ALA K 251 55.85 29.64 34.61
C ALA K 251 55.58 30.54 33.39
N ILE K 252 56.03 31.78 33.46
CA ILE K 252 55.80 32.69 32.34
C ILE K 252 56.37 32.10 31.05
N THR K 253 57.60 31.61 31.10
CA THR K 253 58.22 31.01 29.93
C THR K 253 57.38 29.87 29.37
N ALA K 254 56.93 29.00 30.26
CA ALA K 254 56.12 27.83 29.89
C ALA K 254 54.70 28.16 29.49
N GLY K 255 54.35 29.44 29.55
CA GLY K 255 53.02 29.89 29.18
C GLY K 255 51.96 29.77 30.26
N CYS K 256 52.32 30.13 31.49
CA CYS K 256 51.41 30.04 32.63
C CYS K 256 51.18 31.37 33.29
N LYS K 257 50.11 31.44 34.08
CA LYS K 257 49.80 32.67 34.81
C LYS K 257 50.50 32.55 36.16
N THR K 258 50.94 33.68 36.71
CA THR K 258 51.64 33.68 38.00
C THR K 258 50.77 34.24 39.12
N THR K 259 49.46 34.06 39.00
CA THR K 259 48.53 34.59 40.00
C THR K 259 48.84 34.10 41.40
N THR K 260 48.92 32.79 41.60
CA THR K 260 49.25 32.24 42.92
C THR K 260 50.18 31.04 42.75
N SER K 261 50.83 30.62 43.84
CA SER K 261 51.73 29.50 43.77
C SER K 261 51.02 28.23 43.36
N ALA K 262 49.82 28.04 43.90
CA ALA K 262 49.03 26.86 43.57
C ALA K 262 48.62 26.87 42.09
N VAL K 263 48.43 28.08 41.54
CA VAL K 263 48.03 28.24 40.13
C VAL K 263 49.14 27.91 39.14
N MET K 264 50.38 28.24 39.50
CA MET K 264 51.52 27.96 38.63
C MET K 264 51.72 26.45 38.54
N VAL K 265 51.82 25.83 39.70
CA VAL K 265 52.01 24.39 39.79
C VAL K 265 50.94 23.67 38.99
N HIS K 266 49.68 24.05 39.20
CA HIS K 266 48.59 23.40 38.49
C HIS K 266 48.80 23.48 36.98
N CYS K 267 49.15 24.66 36.49
CA CYS K 267 49.36 24.87 35.05
C CYS K 267 50.48 24.00 34.48
N LEU K 268 51.60 23.94 35.20
CA LEU K 268 52.73 23.15 34.77
C LEU K 268 52.36 21.67 34.73
N ARG K 269 51.67 21.21 35.76
CA ARG K 269 51.26 19.82 35.80
C ARG K 269 50.38 19.46 34.62
N GLN K 270 49.90 20.48 33.93
CA GLN K 270 49.03 20.28 32.77
C GLN K 270 49.86 20.34 31.50
N LYS K 271 51.07 20.86 31.61
CA LYS K 271 51.99 20.96 30.47
C LYS K 271 52.45 19.56 30.10
N THR K 272 52.87 19.36 28.86
CA THR K 272 53.33 18.04 28.46
C THR K 272 54.84 17.95 28.67
N GLU K 273 55.38 16.73 28.65
CA GLU K 273 56.82 16.55 28.82
C GLU K 273 57.54 17.46 27.84
N GLU K 274 57.20 17.32 26.57
CA GLU K 274 57.80 18.11 25.50
C GLU K 274 57.67 19.61 25.78
N GLU K 275 56.52 20.02 26.30
CA GLU K 275 56.32 21.43 26.60
C GLU K 275 57.23 21.92 27.71
N LEU K 276 57.49 21.07 28.70
CA LEU K 276 58.40 21.44 29.78
C LEU K 276 59.85 21.30 29.30
N LEU K 277 60.05 20.65 28.16
CA LEU K 277 61.39 20.49 27.64
C LEU K 277 61.73 21.73 26.83
N GLU K 278 60.80 22.18 26.00
CA GLU K 278 61.00 23.37 25.17
C GLU K 278 61.28 24.54 26.11
N THR K 279 60.69 24.49 27.30
CA THR K 279 60.88 25.53 28.31
C THR K 279 62.33 25.43 28.80
N THR K 280 62.74 24.23 29.19
CA THR K 280 64.09 23.99 29.67
C THR K 280 65.08 24.46 28.60
N LEU K 281 64.72 24.24 27.35
CA LEU K 281 65.54 24.62 26.20
C LEU K 281 65.57 26.12 25.96
N LYS K 282 64.54 26.80 26.45
CA LYS K 282 64.45 28.25 26.27
C LYS K 282 65.02 29.08 27.43
N MET K 283 65.24 28.44 28.58
CA MET K 283 65.82 29.13 29.72
C MET K 283 67.32 29.10 29.50
N LYS K 284 67.76 28.11 28.74
CA LYS K 284 69.17 27.92 28.43
C LYS K 284 70.02 27.77 29.68
N PHE K 285 69.67 26.80 30.51
CA PHE K 285 70.43 26.55 31.73
C PHE K 285 71.80 26.03 31.32
N LEU K 286 72.67 25.84 32.31
CA LEU K 286 74.01 25.30 32.07
C LEU K 286 74.91 26.15 31.18
N SER K 287 74.43 27.33 30.78
CA SER K 287 75.24 28.20 29.95
C SER K 287 75.49 29.52 30.67
N LEU K 288 76.61 30.16 30.37
CA LEU K 288 76.94 31.43 31.00
C LEU K 288 76.27 32.54 30.22
N ASP K 289 75.33 33.24 30.88
CA ASP K 289 74.60 34.34 30.26
C ASP K 289 75.47 35.58 30.08
N LEU K 290 76.05 35.70 28.89
CA LEU K 290 76.91 36.82 28.57
C LEU K 290 76.15 38.13 28.49
N GLN K 291 74.83 38.06 28.58
CA GLN K 291 74.01 39.27 28.49
C GLN K 291 73.12 39.53 29.70
N GLY K 292 72.97 40.81 30.03
CA GLY K 292 72.14 41.21 31.15
C GLY K 292 72.85 41.33 32.47
N ASP K 293 72.08 41.40 33.55
CA ASP K 293 72.66 41.50 34.87
C ASP K 293 72.98 40.09 35.33
N PRO K 294 74.26 39.85 35.68
CA PRO K 294 74.70 38.53 36.14
C PRO K 294 73.99 38.09 37.41
N ARG K 295 73.72 39.06 38.29
CA ARG K 295 73.05 38.75 39.56
C ARG K 295 71.68 38.11 39.37
N GLU K 296 71.00 38.46 38.28
CA GLU K 296 69.68 37.90 38.02
C GLU K 296 69.65 36.89 36.86
N SER K 297 70.64 36.01 36.82
CA SER K 297 70.71 34.97 35.79
C SER K 297 70.82 33.62 36.48
N GLN K 298 69.84 32.76 36.22
CA GLN K 298 69.80 31.43 36.82
C GLN K 298 70.21 30.37 35.83
N PRO K 299 71.37 29.71 36.04
CA PRO K 299 71.83 28.67 35.13
C PRO K 299 71.36 27.28 35.57
N LEU K 300 70.71 27.21 36.73
CA LEU K 300 70.22 25.94 37.28
C LEU K 300 68.95 26.04 38.11
N LEU K 301 68.55 24.86 38.60
CA LEU K 301 67.40 24.68 39.47
C LEU K 301 67.89 23.66 40.49
N GLY K 302 68.68 24.11 41.46
CA GLY K 302 69.22 23.21 42.45
C GLY K 302 68.43 22.98 43.73
N THR K 303 69.15 22.56 44.76
CA THR K 303 68.59 22.30 46.08
C THR K 303 68.00 23.61 46.59
N VAL K 304 67.09 23.53 47.55
CA VAL K 304 66.51 24.73 48.16
C VAL K 304 66.23 24.33 49.60
N ILE K 305 65.99 25.32 50.45
CA ILE K 305 65.69 25.03 51.85
C ILE K 305 64.18 24.79 51.94
N ASP K 306 63.76 23.64 51.44
CA ASP K 306 62.36 23.26 51.41
C ASP K 306 61.66 23.13 52.76
N GLY K 307 62.41 22.77 53.80
CA GLY K 307 61.79 22.63 55.10
C GLY K 307 61.52 21.18 55.44
N MET K 308 61.71 20.31 54.45
CA MET K 308 61.51 18.87 54.63
C MET K 308 62.87 18.16 54.61
N LEU K 309 63.62 18.32 53.52
CA LEU K 309 64.93 17.70 53.39
C LEU K 309 65.93 18.46 54.26
N LEU K 310 66.11 19.74 53.96
CA LEU K 310 67.03 20.57 54.73
C LEU K 310 66.16 21.49 55.59
N LEU K 311 66.57 21.68 56.84
CA LEU K 311 65.81 22.56 57.72
C LEU K 311 66.40 23.96 57.74
N LYS K 312 67.72 24.05 57.87
CA LYS K 312 68.44 25.32 57.83
C LYS K 312 69.31 25.21 56.59
N THR K 313 69.98 26.29 56.21
CA THR K 313 70.86 26.24 55.04
C THR K 313 72.05 25.35 55.42
N PRO K 314 72.77 24.81 54.42
CA PRO K 314 73.90 23.96 54.81
C PRO K 314 74.84 24.64 55.82
N GLU K 315 75.29 25.85 55.49
CA GLU K 315 76.18 26.62 56.35
C GLU K 315 75.78 26.60 57.82
N GLU K 316 74.49 26.69 58.08
CA GLU K 316 73.97 26.69 59.45
C GLU K 316 73.75 25.29 59.97
N LEU K 317 73.44 24.36 59.06
CA LEU K 317 73.23 22.98 59.46
C LEU K 317 74.54 22.34 59.87
N GLN K 318 75.64 22.97 59.48
CA GLN K 318 76.99 22.50 59.81
C GLN K 318 77.50 23.16 61.07
N ALA K 319 76.77 23.04 62.16
CA ALA K 319 77.19 23.63 63.42
C ALA K 319 76.84 22.65 64.53
N GLU K 320 75.58 22.24 64.54
CA GLU K 320 75.06 21.32 65.55
C GLU K 320 75.68 19.93 65.54
N ARG K 321 76.88 19.86 66.13
CA ARG K 321 77.63 18.61 66.24
C ARG K 321 77.14 17.86 67.48
N ASN K 322 76.10 17.05 67.29
CA ASN K 322 75.53 16.28 68.39
C ASN K 322 74.48 15.33 67.83
N PHE K 323 74.44 15.25 66.51
CA PHE K 323 73.49 14.39 65.81
C PHE K 323 74.13 13.06 65.39
N HIS K 324 73.41 12.32 64.55
CA HIS K 324 73.86 11.03 64.04
C HIS K 324 74.82 11.32 62.90
N THR K 325 76.01 10.73 62.95
CA THR K 325 77.02 10.95 61.92
C THR K 325 77.68 9.66 61.40
N VAL K 326 78.38 9.82 60.29
CA VAL K 326 79.09 8.71 59.66
C VAL K 326 80.43 9.17 59.11
N PRO K 327 81.24 8.23 58.62
CA PRO K 327 82.56 8.54 58.05
C PRO K 327 82.37 9.25 56.70
N TYR K 328 82.91 10.45 56.58
CA TYR K 328 82.74 11.23 55.36
C TYR K 328 84.07 11.53 54.65
N MET K 329 84.19 11.04 53.41
CA MET K 329 85.38 11.26 52.60
C MET K 329 85.11 12.39 51.61
N VAL K 330 85.98 13.39 51.56
CA VAL K 330 85.77 14.53 50.64
C VAL K 330 87.00 14.92 49.85
N GLY K 331 86.92 14.84 48.52
CA GLY K 331 88.06 15.19 47.71
C GLY K 331 87.73 16.09 46.54
N ILE K 332 88.75 16.46 45.78
CA ILE K 332 88.59 17.34 44.63
C ILE K 332 89.67 17.02 43.60
N ASN K 333 89.69 17.75 42.50
CA ASN K 333 90.68 17.50 41.47
C ASN K 333 91.58 18.72 41.29
N LYS K 334 92.73 18.51 40.66
CA LYS K 334 93.71 19.54 40.43
C LYS K 334 93.16 20.71 39.60
N GLN K 335 92.64 20.39 38.42
CA GLN K 335 92.09 21.42 37.54
C GLN K 335 90.57 21.27 37.34
N GLU K 336 89.83 21.58 38.40
CA GLU K 336 88.39 21.48 38.36
C GLU K 336 87.79 22.20 37.16
N PHE K 337 87.99 23.51 37.10
CA PHE K 337 87.47 24.33 36.00
C PHE K 337 88.48 24.24 34.85
N GLY K 338 89.20 23.12 34.80
CA GLY K 338 90.20 22.91 33.78
C GLY K 338 89.77 23.08 32.35
N TRP K 339 88.95 22.16 31.86
CA TRP K 339 88.47 22.16 30.49
C TRP K 339 87.02 21.73 30.31
N LEU K 340 86.62 20.64 30.96
CA LEU K 340 85.25 20.13 30.83
C LEU K 340 84.13 21.11 31.19
N ILE K 341 84.08 21.56 32.44
CA ILE K 341 83.05 22.49 32.91
C ILE K 341 82.89 23.76 32.06
N PRO K 342 83.97 24.54 31.90
CA PRO K 342 83.85 25.75 31.09
C PRO K 342 83.48 25.37 29.66
N MET K 343 84.02 24.25 29.18
CA MET K 343 83.76 23.76 27.83
C MET K 343 82.28 23.58 27.58
N LEU K 344 81.58 23.07 28.58
CA LEU K 344 80.15 22.84 28.45
C LEU K 344 79.22 24.00 28.78
N MET K 345 79.79 25.15 29.13
CA MET K 345 78.94 26.29 29.45
C MET K 345 79.19 27.42 28.48
N SER K 346 80.05 27.17 27.49
CA SER K 346 80.36 28.15 26.48
C SER K 346 81.06 29.40 27.01
N TYR K 347 82.12 29.19 27.78
CA TYR K 347 82.91 30.30 28.30
C TYR K 347 83.62 30.94 27.13
N PRO K 348 83.80 32.27 27.17
CA PRO K 348 84.49 32.96 26.07
C PRO K 348 85.99 33.08 26.29
N LEU K 349 86.71 31.95 26.24
CA LEU K 349 88.15 31.97 26.43
C LEU K 349 88.93 31.47 25.23
N SER K 350 88.49 31.86 24.05
CA SER K 350 89.13 31.46 22.79
C SER K 350 90.56 31.94 22.66
N GLU K 351 91.11 32.55 23.70
CA GLU K 351 92.48 33.07 23.64
C GLU K 351 93.48 32.56 24.68
N GLY K 352 93.00 32.04 25.80
CA GLY K 352 93.92 31.56 26.80
C GLY K 352 94.78 32.71 27.32
N GLN K 353 94.56 33.90 26.77
CA GLN K 353 95.29 35.10 27.19
C GLN K 353 94.31 35.91 28.01
N LEU K 354 94.68 36.27 29.24
CA LEU K 354 93.76 37.04 30.05
C LEU K 354 94.44 38.23 30.70
N ASP K 355 93.82 39.39 30.54
CA ASP K 355 94.31 40.62 31.12
C ASP K 355 93.41 40.96 32.30
N GLN K 356 93.94 41.68 33.28
CA GLN K 356 93.18 42.06 34.47
C GLN K 356 91.78 42.57 34.12
N LYS K 357 91.71 43.47 33.15
CA LYS K 357 90.45 44.06 32.70
C LYS K 357 89.48 42.98 32.30
N THR K 358 89.88 42.14 31.36
CA THR K 358 89.05 41.04 30.89
C THR K 358 88.70 40.12 32.05
N ALA K 359 89.69 39.80 32.88
CA ALA K 359 89.46 38.93 34.03
C ALA K 359 88.34 39.48 34.90
N MET K 360 88.52 40.67 35.45
CA MET K 360 87.50 41.27 36.30
C MET K 360 86.13 41.25 35.64
N SER K 361 86.09 41.26 34.32
CA SER K 361 84.83 41.26 33.57
C SER K 361 84.22 39.88 33.42
N LEU K 362 85.06 38.87 33.28
CA LEU K 362 84.54 37.52 33.16
C LEU K 362 84.10 37.03 34.52
N LEU K 363 84.77 37.51 35.57
CA LEU K 363 84.43 37.10 36.92
C LEU K 363 83.04 37.61 37.34
N TRP K 364 82.69 38.80 36.91
CA TRP K 364 81.40 39.38 37.22
C TRP K 364 80.30 38.59 36.54
N LYS K 365 80.43 38.38 35.23
CA LYS K 365 79.44 37.61 34.46
C LYS K 365 79.31 36.23 35.10
N SER K 366 80.39 35.78 35.72
CA SER K 366 80.43 34.48 36.37
C SER K 366 79.72 34.48 37.71
N TYR K 367 79.08 35.59 38.03
CA TYR K 367 78.38 35.72 39.31
C TYR K 367 77.62 34.48 39.78
N PRO K 368 76.83 33.85 38.91
CA PRO K 368 76.11 32.67 39.37
C PRO K 368 77.01 31.52 39.80
N LEU K 369 78.11 31.33 39.10
CA LEU K 369 79.05 30.27 39.45
C LEU K 369 79.79 30.54 40.75
N VAL K 370 80.44 31.69 40.86
CA VAL K 370 81.21 32.07 42.04
C VAL K 370 80.49 32.91 43.09
N CYS K 371 79.63 33.82 42.63
CA CYS K 371 78.86 34.70 43.53
C CYS K 371 79.68 35.86 44.07
N ILE K 372 80.87 36.06 43.51
CA ILE K 372 81.73 37.14 43.98
C ILE K 372 81.05 38.49 43.73
N ALA K 373 81.04 39.35 44.75
CA ALA K 373 80.41 40.67 44.62
C ALA K 373 81.28 41.56 43.74
N LYS K 374 80.68 42.52 43.05
CA LYS K 374 81.42 43.41 42.17
C LYS K 374 82.53 44.16 42.91
N GLU K 375 82.20 44.69 44.07
CA GLU K 375 83.14 45.43 44.91
C GLU K 375 84.35 44.58 45.27
N LEU K 376 84.13 43.28 45.47
CA LEU K 376 85.19 42.35 45.86
C LEU K 376 85.93 41.77 44.66
N ILE K 377 85.32 41.88 43.49
CA ILE K 377 85.88 41.38 42.23
C ILE K 377 87.36 41.68 42.07
N PRO K 378 87.77 42.95 42.24
CA PRO K 378 89.18 43.31 42.09
C PRO K 378 90.09 42.69 43.15
N GLU K 379 89.64 42.63 44.39
CA GLU K 379 90.48 42.06 45.45
C GLU K 379 90.90 40.64 45.10
N ALA K 380 89.95 39.84 44.64
CA ALA K 380 90.23 38.45 44.27
C ALA K 380 90.98 38.38 42.95
N THR K 381 90.57 39.17 41.97
CA THR K 381 91.23 39.17 40.67
C THR K 381 92.71 39.34 40.88
N GLU K 382 93.06 40.36 41.64
CA GLU K 382 94.45 40.67 41.93
C GLU K 382 95.09 39.49 42.65
N LYS K 383 94.58 39.16 43.82
CA LYS K 383 95.10 38.05 44.61
C LYS K 383 95.59 36.90 43.73
N TYR K 384 94.78 36.47 42.78
CA TYR K 384 95.15 35.36 41.91
C TYR K 384 95.96 35.70 40.64
N LEU K 385 95.70 36.85 40.03
CA LEU K 385 96.40 37.20 38.81
C LEU K 385 97.51 38.22 38.96
N GLY K 386 97.45 39.02 40.01
CA GLY K 386 98.48 40.02 40.24
C GLY K 386 99.82 39.40 40.61
N GLY K 387 99.92 38.09 40.45
CA GLY K 387 101.15 37.38 40.78
C GLY K 387 102.21 37.52 39.70
N THR K 388 101.79 37.40 38.45
CA THR K 388 102.71 37.50 37.32
C THR K 388 102.21 38.47 36.24
N ASP K 389 103.00 38.63 35.19
CA ASP K 389 102.65 39.51 34.09
C ASP K 389 102.71 38.79 32.76
N ASP K 390 101.89 37.77 32.61
CA ASP K 390 101.82 36.97 31.39
C ASP K 390 100.36 36.57 31.15
N THR K 391 99.77 37.11 30.09
CA THR K 391 98.36 36.82 29.76
C THR K 391 98.05 35.32 29.78
N VAL K 392 99.02 34.50 29.40
CA VAL K 392 98.85 33.05 29.38
C VAL K 392 98.72 32.52 30.81
N LYS K 393 99.76 32.72 31.60
CA LYS K 393 99.79 32.26 32.98
C LYS K 393 98.66 32.86 33.82
N LYS K 394 98.23 34.08 33.50
CA LYS K 394 97.15 34.72 34.26
C LYS K 394 95.82 34.00 34.01
N LYS K 395 95.58 33.58 32.79
CA LYS K 395 94.34 32.86 32.48
C LYS K 395 94.25 31.61 33.35
N ASP K 396 95.33 30.84 33.40
CA ASP K 396 95.35 29.62 34.21
C ASP K 396 94.92 29.94 35.65
N LEU K 397 95.57 30.94 36.24
CA LEU K 397 95.28 31.37 37.60
C LEU K 397 93.82 31.75 37.73
N PHE K 398 93.27 32.34 36.68
CA PHE K 398 91.87 32.73 36.67
C PHE K 398 91.00 31.49 36.76
N LEU K 399 91.37 30.46 36.01
CA LEU K 399 90.63 29.21 36.02
C LEU K 399 90.78 28.54 37.39
N ASP K 400 91.81 28.96 38.13
CA ASP K 400 92.04 28.42 39.47
C ASP K 400 91.15 29.18 40.44
N LEU K 401 90.91 30.45 40.15
CA LEU K 401 90.06 31.29 40.97
C LEU K 401 88.66 30.65 41.07
N ILE K 402 88.01 30.54 39.90
CA ILE K 402 86.67 29.95 39.79
C ILE K 402 86.68 28.58 40.43
N ALA K 403 87.58 27.72 39.94
CA ALA K 403 87.71 26.35 40.45
C ALA K 403 87.92 26.28 41.96
N ASP K 404 88.56 27.28 42.55
CA ASP K 404 88.79 27.27 43.99
C ASP K 404 87.55 27.64 44.78
N VAL K 405 86.79 28.59 44.24
CA VAL K 405 85.57 29.06 44.88
C VAL K 405 84.43 28.08 44.76
N MET K 406 84.45 27.28 43.69
CA MET K 406 83.38 26.30 43.45
C MET K 406 83.48 24.99 44.23
N PHE K 407 84.67 24.37 44.27
CA PHE K 407 84.84 23.11 44.98
C PHE K 407 86.02 23.08 45.95
N GLY K 408 86.97 24.00 45.76
CA GLY K 408 88.14 24.04 46.61
C GLY K 408 87.85 24.40 48.04
N VAL K 409 87.69 25.69 48.31
CA VAL K 409 87.40 26.16 49.66
C VAL K 409 86.19 25.42 50.22
N PRO K 410 85.11 25.34 49.42
CA PRO K 410 83.89 24.64 49.86
C PRO K 410 84.13 23.26 50.49
N SER K 411 84.89 22.41 49.80
CA SER K 411 85.16 21.07 50.31
C SER K 411 85.89 21.09 51.64
N VAL K 412 87.07 21.70 51.62
CA VAL K 412 87.92 21.81 52.80
C VAL K 412 87.11 22.27 54.00
N ILE K 413 86.13 23.15 53.74
CA ILE K 413 85.28 23.69 54.78
C ILE K 413 84.33 22.61 55.28
N VAL K 414 83.56 22.04 54.36
CA VAL K 414 82.60 20.99 54.73
C VAL K 414 83.32 19.95 55.58
N ALA K 415 84.44 19.45 55.05
CA ALA K 415 85.27 18.46 55.73
C ALA K 415 85.65 18.93 57.13
N ARG K 416 86.23 20.12 57.21
CA ARG K 416 86.64 20.67 58.50
C ARG K 416 85.55 20.57 59.57
N ASN K 417 84.35 21.04 59.25
CA ASN K 417 83.26 21.00 60.21
C ASN K 417 82.87 19.58 60.57
N HIS K 418 83.00 18.69 59.58
CA HIS K 418 82.67 17.30 59.80
C HIS K 418 83.63 16.73 60.83
N ARG K 419 84.89 17.15 60.72
CA ARG K 419 85.94 16.72 61.63
C ARG K 419 85.62 17.15 63.05
N ASP K 420 85.37 18.45 63.21
CA ASP K 420 85.05 19.06 64.50
C ASP K 420 83.81 18.49 65.17
N ALA K 421 82.99 17.78 64.41
CA ALA K 421 81.80 17.16 64.96
C ALA K 421 82.26 15.83 65.55
N GLY K 422 83.56 15.62 65.51
CA GLY K 422 84.15 14.40 66.04
C GLY K 422 83.88 13.18 65.20
N ALA K 423 83.68 13.38 63.91
CA ALA K 423 83.40 12.26 63.02
C ALA K 423 84.59 11.98 62.13
N PRO K 424 84.78 10.72 61.74
CA PRO K 424 85.90 10.34 60.87
C PRO K 424 85.78 11.04 59.53
N THR K 425 86.85 11.70 59.12
CA THR K 425 86.90 12.43 57.86
C THR K 425 88.17 12.11 57.11
N TYR K 426 88.11 12.20 55.78
CA TYR K 426 89.26 11.92 54.92
C TYR K 426 89.19 12.86 53.73
N MET K 427 90.35 13.26 53.23
CA MET K 427 90.40 14.14 52.08
C MET K 427 91.48 13.73 51.12
N TYR K 428 91.27 14.06 49.85
CA TYR K 428 92.26 13.78 48.80
C TYR K 428 92.22 14.89 47.76
N GLU K 429 93.13 14.81 46.81
CA GLU K 429 93.18 15.77 45.72
C GLU K 429 93.68 14.95 44.55
N PHE K 430 92.82 14.74 43.57
CA PHE K 430 93.19 13.96 42.41
C PHE K 430 93.96 14.76 41.38
N GLN K 431 95.05 14.17 40.92
CA GLN K 431 95.91 14.79 39.92
C GLN K 431 96.35 13.69 38.99
N TYR K 432 95.84 13.73 37.77
CA TYR K 432 96.16 12.74 36.74
C TYR K 432 95.31 13.04 35.52
N ARG K 433 95.88 12.86 34.32
CA ARG K 433 95.13 13.09 33.10
C ARG K 433 94.84 11.72 32.48
N PRO K 434 93.66 11.16 32.76
CA PRO K 434 93.29 9.86 32.22
C PRO K 434 93.40 9.84 30.71
N SER K 435 93.81 8.70 30.17
CA SER K 435 94.01 8.52 28.73
C SER K 435 92.70 8.52 27.93
N PHE K 436 91.57 8.45 28.64
CA PHE K 436 90.25 8.40 28.01
C PHE K 436 89.63 9.79 27.85
N SER K 437 90.46 10.81 27.94
CA SER K 437 90.01 12.19 27.79
C SER K 437 89.47 12.47 26.38
N SER K 438 88.64 13.49 26.25
CA SER K 438 88.10 13.86 24.94
C SER K 438 89.23 14.35 24.06
N ASP K 439 89.30 13.83 22.84
CA ASP K 439 90.35 14.21 21.91
C ASP K 439 90.41 15.71 21.67
N MET K 440 89.33 16.40 22.04
CA MET K 440 89.25 17.85 21.89
C MET K 440 89.89 18.55 23.08
N LYS K 441 90.46 17.76 23.98
CA LYS K 441 91.10 18.28 25.17
C LYS K 441 92.61 18.33 24.97
N PRO K 442 93.24 19.46 25.34
CA PRO K 442 94.70 19.63 25.21
C PRO K 442 95.43 18.83 26.27
N LYS K 443 96.68 18.48 25.99
CA LYS K 443 97.49 17.69 26.91
C LYS K 443 97.89 18.41 28.20
N THR K 444 97.72 19.72 28.25
CA THR K 444 98.10 20.50 29.42
C THR K 444 97.09 20.47 30.55
N VAL K 445 96.00 19.73 30.38
CA VAL K 445 95.00 19.66 31.43
C VAL K 445 95.13 18.34 32.19
N ILE K 446 95.33 18.44 33.49
CA ILE K 446 95.49 17.28 34.34
C ILE K 446 94.55 17.42 35.53
N GLY K 447 94.03 16.31 36.01
CA GLY K 447 93.14 16.34 37.16
C GLY K 447 91.94 17.23 36.90
N ASP K 448 91.50 17.26 35.64
CA ASP K 448 90.35 18.05 35.23
C ASP K 448 89.15 17.53 35.99
N HIS K 449 88.02 18.20 35.82
CA HIS K 449 86.81 17.79 36.47
C HIS K 449 86.36 16.42 35.95
N GLY K 450 86.06 15.51 36.86
CA GLY K 450 85.62 14.19 36.48
C GLY K 450 86.71 13.20 36.12
N ASP K 451 87.94 13.68 35.96
CA ASP K 451 89.04 12.79 35.60
C ASP K 451 89.27 11.63 36.55
N GLU K 452 88.76 11.73 37.77
CA GLU K 452 88.95 10.67 38.75
C GLU K 452 87.91 9.56 38.55
N LEU K 453 86.87 9.87 37.78
CA LEU K 453 85.82 8.91 37.51
C LEU K 453 86.30 7.65 36.81
N PHE K 454 87.17 7.80 35.82
CA PHE K 454 87.68 6.63 35.09
C PHE K 454 88.42 5.65 36.00
N SER K 455 89.08 6.18 37.03
CA SER K 455 89.82 5.33 37.97
C SER K 455 88.87 4.63 38.94
N VAL K 456 87.95 5.39 39.53
CA VAL K 456 86.98 4.86 40.50
C VAL K 456 86.09 3.76 39.96
N PHE K 457 85.75 3.82 38.67
CA PHE K 457 84.91 2.80 38.08
C PHE K 457 85.68 1.82 37.19
N GLY K 458 86.99 1.77 37.36
CA GLY K 458 87.83 0.86 36.61
C GLY K 458 87.77 0.97 35.09
N ALA K 459 87.77 2.19 34.58
CA ALA K 459 87.73 2.43 33.14
C ALA K 459 88.84 1.73 32.35
N PRO K 460 90.02 1.52 32.97
CA PRO K 460 91.15 0.85 32.31
C PRO K 460 90.92 -0.65 32.07
N PHE K 461 89.87 -1.18 32.70
CA PHE K 461 89.52 -2.61 32.59
C PHE K 461 88.31 -2.88 31.71
N LEU K 462 87.64 -1.83 31.25
CA LEU K 462 86.48 -1.97 30.38
C LEU K 462 86.78 -1.34 29.03
N LYS K 463 87.64 -0.32 29.03
CA LYS K 463 88.04 0.38 27.81
C LYS K 463 89.40 -0.13 27.31
N GLU K 464 89.71 0.16 26.06
CA GLU K 464 90.95 -0.28 25.45
C GLU K 464 92.07 0.73 25.63
N GLY K 465 93.27 0.39 25.15
CA GLY K 465 94.41 1.28 25.24
C GLY K 465 94.77 1.77 26.63
N ALA K 466 94.43 1.00 27.65
CA ALA K 466 94.73 1.38 29.02
C ALA K 466 96.20 1.11 29.35
N SER K 467 96.96 2.16 29.66
CA SER K 467 98.38 2.01 29.99
C SER K 467 98.55 1.22 31.28
N GLU K 468 99.80 0.96 31.69
CA GLU K 468 100.03 0.22 32.91
C GLU K 468 100.05 1.15 34.11
N GLU K 469 100.50 2.37 33.89
CA GLU K 469 100.55 3.38 34.95
C GLU K 469 99.11 3.74 35.34
N GLU K 470 98.21 3.67 34.36
CA GLU K 470 96.81 3.98 34.55
C GLU K 470 96.06 2.82 35.21
N ILE K 471 96.38 1.60 34.78
CA ILE K 471 95.77 0.40 35.35
C ILE K 471 96.16 0.29 36.81
N ARG K 472 97.42 0.55 37.11
CA ARG K 472 97.88 0.46 38.49
C ARG K 472 97.02 1.43 39.30
N LEU K 473 96.95 2.66 38.82
CA LEU K 473 96.20 3.73 39.47
C LEU K 473 94.74 3.34 39.77
N SER K 474 94.01 2.96 38.73
CA SER K 474 92.62 2.56 38.86
C SER K 474 92.42 1.48 39.91
N LYS K 475 93.31 0.51 39.90
CA LYS K 475 93.23 -0.60 40.83
C LYS K 475 93.43 -0.14 42.27
N MET K 476 94.20 0.93 42.43
CA MET K 476 94.47 1.48 43.77
C MET K 476 93.29 2.26 44.33
N VAL K 477 92.70 3.12 43.52
CA VAL K 477 91.55 3.93 43.92
C VAL K 477 90.37 3.02 44.24
N MET K 478 90.14 2.03 43.39
CA MET K 478 89.02 1.12 43.60
C MET K 478 89.09 0.48 44.97
N LYS K 479 90.22 -0.18 45.26
CA LYS K 479 90.40 -0.84 46.54
C LYS K 479 90.28 0.22 47.62
N PHE K 480 90.95 1.34 47.42
CA PHE K 480 90.91 2.46 48.35
C PHE K 480 89.44 2.79 48.72
N TRP K 481 88.65 3.13 47.71
CA TRP K 481 87.24 3.45 47.89
C TRP K 481 86.50 2.33 48.62
N ALA K 482 86.66 1.11 48.13
CA ALA K 482 86.01 -0.07 48.71
C ALA K 482 86.38 -0.41 50.16
N ASN K 483 87.60 -0.08 50.55
CA ASN K 483 88.02 -0.36 51.92
C ASN K 483 87.29 0.62 52.84
N PHE K 484 86.97 1.79 52.29
CA PHE K 484 86.24 2.81 53.04
C PHE K 484 84.81 2.32 53.15
N ALA K 485 84.26 1.89 52.03
CA ALA K 485 82.91 1.39 51.98
C ALA K 485 82.57 0.39 53.08
N ARG K 486 83.57 -0.33 53.59
CA ARG K 486 83.29 -1.31 54.63
C ARG K 486 83.84 -1.00 56.00
N ASN K 487 84.91 -0.24 56.06
CA ASN K 487 85.51 0.09 57.37
C ASN K 487 85.48 1.57 57.75
N GLY K 488 85.04 2.42 56.83
CA GLY K 488 85.00 3.85 57.10
C GLY K 488 86.41 4.36 57.23
N ASN K 489 87.31 3.69 56.51
CA ASN K 489 88.74 4.01 56.51
C ASN K 489 89.28 3.44 55.20
N PRO K 490 89.79 4.30 54.30
CA PRO K 490 90.32 3.83 53.02
C PRO K 490 91.59 2.98 53.14
N ASN K 491 92.24 3.04 54.30
CA ASN K 491 93.48 2.31 54.51
C ASN K 491 93.39 0.79 54.38
N GLY K 492 94.52 0.20 54.05
CA GLY K 492 94.65 -1.23 53.86
C GLY K 492 96.04 -1.52 53.30
N GLU K 493 96.52 -2.75 53.48
CA GLU K 493 97.83 -3.14 52.98
C GLU K 493 97.95 -3.00 51.46
N GLY K 494 99.18 -2.95 50.96
CA GLY K 494 99.39 -2.81 49.53
C GLY K 494 98.98 -1.46 48.97
N LEU K 495 98.51 -0.57 49.86
CA LEU K 495 98.08 0.77 49.48
C LEU K 495 98.79 1.83 50.32
N PRO K 496 99.24 2.93 49.69
CA PRO K 496 99.94 4.00 50.41
C PRO K 496 99.09 4.50 51.57
N HIS K 497 99.71 5.15 52.56
CA HIS K 497 98.97 5.63 53.71
C HIS K 497 98.12 6.86 53.44
N TRP K 498 96.94 6.87 54.06
CA TRP K 498 95.99 7.97 53.93
C TRP K 498 95.64 8.41 55.35
N PRO K 499 96.21 9.53 55.80
CA PRO K 499 95.94 10.04 57.15
C PRO K 499 94.56 10.65 57.29
N GLU K 500 93.89 10.31 58.40
CA GLU K 500 92.57 10.83 58.69
C GLU K 500 92.67 12.34 58.66
N TYR K 501 91.55 13.02 58.37
CA TYR K 501 91.55 14.47 58.33
C TYR K 501 91.25 14.99 59.74
N ASN K 502 92.31 15.05 60.55
CA ASN K 502 92.24 15.54 61.93
C ASN K 502 92.79 16.96 61.95
N GLN K 503 93.06 17.48 63.14
CA GLN K 503 93.58 18.83 63.24
C GLN K 503 94.86 19.00 62.45
N LYS K 504 95.72 17.99 62.48
CA LYS K 504 96.97 18.08 61.74
C LYS K 504 96.64 18.32 60.27
N GLU K 505 95.40 17.99 59.89
CA GLU K 505 94.90 18.16 58.53
C GLU K 505 95.63 17.35 57.46
N GLY K 506 95.82 16.07 57.69
CA GLY K 506 96.48 15.26 56.69
C GLY K 506 95.48 14.87 55.61
N TYR K 507 95.93 14.82 54.35
CA TYR K 507 95.05 14.45 53.24
C TYR K 507 95.87 13.69 52.20
N LEU K 508 95.22 12.78 51.47
CA LEU K 508 95.93 12.01 50.46
C LEU K 508 96.00 12.73 49.13
N GLN K 509 97.20 12.76 48.57
CA GLN K 509 97.48 13.42 47.30
C GLN K 509 97.55 12.35 46.21
N ILE K 510 96.39 11.89 45.74
CA ILE K 510 96.31 10.83 44.74
C ILE K 510 96.59 11.22 43.28
N GLY K 511 97.37 10.38 42.60
CA GLY K 511 97.71 10.65 41.21
C GLY K 511 98.70 9.62 40.68
N ALA K 512 99.64 10.07 39.85
CA ALA K 512 100.65 9.17 39.31
C ALA K 512 101.46 8.62 40.48
N ASN K 513 101.94 9.52 41.32
CA ASN K 513 102.71 9.15 42.50
C ASN K 513 101.87 9.53 43.72
N THR K 514 101.12 8.56 44.20
CA THR K 514 100.23 8.76 45.35
C THR K 514 100.89 8.75 46.72
N GLN K 515 100.80 9.89 47.42
CA GLN K 515 101.35 10.02 48.78
C GLN K 515 100.61 11.08 49.59
N ALA K 516 100.67 10.95 50.92
CA ALA K 516 99.99 11.88 51.81
C ALA K 516 100.60 13.28 51.79
N ALA K 517 99.78 14.25 52.16
CA ALA K 517 100.16 15.65 52.23
C ALA K 517 99.42 16.19 53.43
N GLN K 518 99.50 17.49 53.66
CA GLN K 518 98.82 18.04 54.83
C GLN K 518 97.69 19.04 54.63
N LYS K 519 98.00 20.32 54.80
CA LYS K 519 97.01 21.37 54.67
C LYS K 519 96.62 21.60 53.20
N LEU K 520 95.34 21.37 52.90
CA LEU K 520 94.86 21.53 51.53
C LEU K 520 94.08 22.83 51.37
N LYS K 521 94.53 23.66 50.44
CA LYS K 521 93.87 24.94 50.17
C LYS K 521 93.67 25.73 51.46
N ASP K 522 94.61 25.63 52.38
CA ASP K 522 94.49 26.34 53.64
C ASP K 522 94.54 27.85 53.48
N LYS K 523 95.43 28.34 52.62
CA LYS K 523 95.57 29.77 52.39
C LYS K 523 94.34 30.33 51.65
N GLU K 524 93.89 29.60 50.63
CA GLU K 524 92.74 30.00 49.84
C GLU K 524 91.50 30.08 50.73
N VAL K 525 91.32 29.09 51.58
CA VAL K 525 90.18 29.05 52.49
C VAL K 525 90.19 30.29 53.37
N ALA K 526 91.39 30.76 53.66
CA ALA K 526 91.55 31.95 54.48
C ALA K 526 91.22 33.19 53.67
N PHE K 527 91.90 33.37 52.53
CA PHE K 527 91.65 34.53 51.70
C PHE K 527 90.19 34.73 51.35
N TRP K 528 89.51 33.63 51.06
CA TRP K 528 88.10 33.68 50.69
C TRP K 528 87.12 33.88 51.84
N THR K 529 87.25 33.10 52.91
CA THR K 529 86.34 33.28 54.04
C THR K 529 86.49 34.71 54.56
N ASN K 530 87.69 35.26 54.39
CA ASN K 530 87.99 36.61 54.83
C ASN K 530 87.42 37.66 53.88
N LEU K 531 87.43 37.36 52.59
CA LEU K 531 86.92 38.30 51.60
C LEU K 531 85.40 38.34 51.59
N PHE K 532 84.75 37.18 51.70
CA PHE K 532 83.30 37.16 51.72
C PHE K 532 82.82 37.84 52.99
N ALA K 533 83.77 38.33 53.78
CA ALA K 533 83.45 39.02 55.03
C ALA K 533 82.88 40.40 54.73
N LYS K 534 83.25 40.98 53.59
CA LYS K 534 82.75 42.29 53.23
C LYS K 534 81.46 42.18 52.41
N SER L 4 1.39 3.12 42.76
CA SER L 4 2.69 3.69 43.23
C SER L 4 3.88 2.77 42.96
N PRO L 5 4.91 3.28 42.27
CA PRO L 5 6.12 2.54 41.92
C PRO L 5 6.80 1.88 43.11
N PRO L 6 7.62 0.83 42.85
CA PRO L 6 8.35 0.09 43.89
C PRO L 6 9.63 0.79 44.31
N VAL L 7 9.79 1.02 45.60
CA VAL L 7 11.00 1.65 46.10
C VAL L 7 11.74 0.71 47.06
N VAL L 8 12.99 0.42 46.73
CA VAL L 8 13.85 -0.48 47.48
C VAL L 8 15.06 0.25 48.04
N ASP L 9 15.57 -0.24 49.17
CA ASP L 9 16.71 0.35 49.84
C ASP L 9 18.02 -0.39 49.61
N THR L 10 18.82 0.06 48.66
CA THR L 10 20.11 -0.58 48.44
C THR L 10 21.06 -0.02 49.50
N VAL L 11 22.26 -0.57 49.57
CA VAL L 11 23.22 -0.11 50.56
C VAL L 11 23.58 1.37 50.36
N HIS L 12 23.54 1.82 49.11
CA HIS L 12 23.89 3.19 48.81
C HIS L 12 22.72 4.18 48.80
N GLY L 13 21.49 3.69 48.70
CA GLY L 13 20.35 4.59 48.68
C GLY L 13 19.04 3.91 48.35
N LYS L 14 18.04 4.70 47.92
CA LYS L 14 16.74 4.15 47.57
C LYS L 14 16.51 4.21 46.07
N VAL L 15 16.22 3.06 45.47
CA VAL L 15 15.98 3.01 44.05
C VAL L 15 14.48 3.00 43.77
N LEU L 16 14.09 3.63 42.68
CA LEU L 16 12.69 3.71 42.31
C LEU L 16 12.54 3.11 40.92
N GLY L 17 11.78 2.02 40.82
CA GLY L 17 11.60 1.36 39.55
C GLY L 17 10.15 1.35 39.08
N LYS L 18 9.81 0.40 38.22
CA LYS L 18 8.45 0.32 37.72
C LYS L 18 7.88 -1.10 37.67
N PHE L 19 6.55 -1.16 37.65
CA PHE L 19 5.83 -2.41 37.59
C PHE L 19 5.41 -2.79 36.17
N VAL L 20 5.47 -4.08 35.87
CA VAL L 20 5.04 -4.58 34.56
C VAL L 20 4.46 -5.96 34.74
N SER L 21 3.34 -6.22 34.07
CA SER L 21 2.66 -7.50 34.18
C SER L 21 2.71 -8.29 32.88
N LEU L 22 2.55 -9.61 33.01
CA LEU L 22 2.58 -10.46 31.84
C LEU L 22 1.36 -11.38 31.84
N GLU L 23 0.61 -11.35 30.73
CA GLU L 23 -0.59 -12.16 30.58
C GLU L 23 -0.42 -13.59 31.15
N GLY L 24 -1.00 -13.83 32.33
CA GLY L 24 -0.89 -15.15 32.90
C GLY L 24 -0.17 -15.16 34.23
N PHE L 25 0.14 -13.97 34.72
CA PHE L 25 0.83 -13.82 35.99
C PHE L 25 0.24 -12.64 36.74
N ALA L 26 -0.59 -12.96 37.72
CA ALA L 26 -1.25 -11.96 38.54
C ALA L 26 -0.25 -10.96 39.08
N GLN L 27 0.81 -11.48 39.69
CA GLN L 27 1.86 -10.65 40.28
C GLN L 27 2.66 -9.86 39.25
N PRO L 28 2.75 -8.54 39.44
CA PRO L 28 3.52 -7.73 38.49
C PRO L 28 4.99 -7.92 38.82
N VAL L 29 5.86 -7.64 37.86
CA VAL L 29 7.28 -7.78 38.10
C VAL L 29 7.89 -6.41 38.34
N ALA L 30 8.69 -6.31 39.39
CA ALA L 30 9.36 -5.06 39.75
C ALA L 30 10.63 -4.89 38.92
N ILE L 31 10.58 -4.00 37.93
CA ILE L 31 11.72 -3.75 37.06
C ILE L 31 12.50 -2.50 37.44
N PHE L 32 13.83 -2.62 37.46
CA PHE L 32 14.69 -1.50 37.79
C PHE L 32 15.76 -1.40 36.72
N LEU L 33 15.90 -0.22 36.13
CA LEU L 33 16.89 -0.01 35.08
C LEU L 33 17.98 0.98 35.46
N GLY L 34 19.23 0.65 35.14
CA GLY L 34 20.34 1.54 35.42
C GLY L 34 20.81 1.72 36.85
N ILE L 35 20.86 0.66 37.66
CA ILE L 35 21.34 0.83 39.02
C ILE L 35 22.85 0.77 38.92
N PRO L 36 23.57 1.75 39.50
CA PRO L 36 25.03 1.80 39.46
C PRO L 36 25.70 0.82 40.43
N PHE L 37 26.60 -0.01 39.94
CA PHE L 37 27.26 -0.94 40.84
C PHE L 37 28.74 -0.62 41.04
N ALA L 38 29.19 0.53 40.54
CA ALA L 38 30.58 0.93 40.69
C ALA L 38 30.87 2.35 40.20
N LYS L 39 31.75 3.05 40.92
CA LYS L 39 32.14 4.40 40.55
C LYS L 39 32.46 4.46 39.06
N PRO L 40 31.88 5.43 38.34
CA PRO L 40 32.16 5.54 36.90
C PRO L 40 33.65 5.45 36.63
N PRO L 41 34.06 4.57 35.73
CA PRO L 41 35.46 4.34 35.34
C PRO L 41 36.01 5.42 34.42
N LEU L 42 35.90 6.68 34.84
CA LEU L 42 36.35 7.80 34.03
C LEU L 42 37.71 8.41 34.39
N GLY L 43 38.24 9.19 33.44
CA GLY L 43 39.51 9.87 33.63
C GLY L 43 40.69 9.00 34.04
N PRO L 44 41.12 9.09 35.32
CA PRO L 44 42.24 8.32 35.85
C PRO L 44 41.86 6.89 36.27
N LEU L 45 40.57 6.63 36.43
CA LEU L 45 40.13 5.29 36.82
C LEU L 45 40.12 4.36 35.59
N ARG L 46 40.27 4.95 34.42
CA ARG L 46 40.33 4.19 33.19
C ARG L 46 41.52 3.24 33.31
N PHE L 47 41.32 1.98 32.94
CA PHE L 47 42.37 0.97 33.01
C PHE L 47 42.77 0.68 34.44
N THR L 48 41.79 0.62 35.35
CA THR L 48 42.06 0.31 36.75
C THR L 48 40.85 -0.46 37.27
N PRO L 49 41.06 -1.35 38.24
CA PRO L 49 39.94 -2.12 38.78
C PRO L 49 38.76 -1.24 39.16
N PRO L 50 37.54 -1.77 39.06
CA PRO L 50 36.35 -1.01 39.41
C PRO L 50 36.36 -0.61 40.88
N GLN L 51 35.60 0.41 41.23
CA GLN L 51 35.55 0.87 42.62
C GLN L 51 34.12 1.04 43.09
N PRO L 52 33.88 0.78 44.38
CA PRO L 52 32.53 0.91 44.93
C PRO L 52 31.87 2.23 44.62
N ALA L 53 30.58 2.16 44.27
CA ALA L 53 29.80 3.35 43.94
C ALA L 53 29.62 4.23 45.18
N GLU L 54 29.29 5.50 44.93
CA GLU L 54 29.08 6.47 46.01
C GLU L 54 27.58 6.46 46.35
N PRO L 55 27.24 6.44 47.65
CA PRO L 55 25.83 6.44 48.03
C PRO L 55 25.16 7.78 47.70
N TRP L 56 23.85 7.76 47.47
CA TRP L 56 23.12 8.98 47.17
C TRP L 56 22.32 9.42 48.38
N SER L 57 21.65 10.55 48.24
CA SER L 57 20.91 11.08 49.37
C SER L 57 19.44 10.71 49.44
N PHE L 58 18.74 10.84 48.33
CA PHE L 58 17.32 10.56 48.35
C PHE L 58 16.90 9.30 47.65
N VAL L 59 16.05 9.44 46.64
CA VAL L 59 15.59 8.28 45.91
C VAL L 59 16.04 8.34 44.46
N LYS L 60 16.83 7.35 44.06
CA LYS L 60 17.35 7.25 42.72
C LYS L 60 16.30 6.74 41.74
N ASN L 61 16.04 7.53 40.70
CA ASN L 61 15.09 7.14 39.70
C ASN L 61 15.84 6.17 38.79
N ALA L 62 15.42 4.91 38.81
CA ALA L 62 16.04 3.86 38.01
C ALA L 62 14.99 3.33 37.07
N THR L 63 14.48 4.21 36.21
CA THR L 63 13.41 3.83 35.30
C THR L 63 13.73 4.15 33.85
N SER L 64 15.00 4.33 33.55
CA SER L 64 15.40 4.60 32.18
C SER L 64 16.64 3.74 31.93
N TYR L 65 16.81 3.31 30.69
CA TYR L 65 17.93 2.45 30.36
C TYR L 65 19.25 3.16 30.51
N PRO L 66 20.28 2.44 30.95
CA PRO L 66 21.58 3.07 31.10
C PRO L 66 22.24 3.04 29.73
N PRO L 67 23.38 3.75 29.59
CA PRO L 67 24.07 3.74 28.30
C PRO L 67 24.90 2.47 28.24
N MET L 68 25.35 2.10 27.06
CA MET L 68 26.18 0.91 26.92
C MET L 68 27.62 1.37 26.81
N CYS L 69 28.57 0.55 27.25
CA CYS L 69 29.97 0.91 27.18
C CYS L 69 30.35 1.29 25.76
N THR L 70 31.31 2.19 25.66
CA THR L 70 31.76 2.62 24.35
C THR L 70 32.12 1.37 23.57
N GLN L 71 31.77 1.38 22.29
CA GLN L 71 32.03 0.25 21.40
C GLN L 71 31.68 0.81 20.03
N ASP L 72 31.88 0.01 18.99
CA ASP L 72 31.49 0.50 17.67
C ASP L 72 29.97 0.65 17.79
N PRO L 73 29.46 1.85 17.50
CA PRO L 73 28.01 2.07 17.58
C PRO L 73 27.16 1.31 16.56
N LYS L 74 27.66 1.23 15.34
CA LYS L 74 26.93 0.55 14.28
C LYS L 74 26.93 -0.95 14.55
N ALA L 75 28.02 -1.43 15.14
CA ALA L 75 28.14 -2.83 15.45
C ALA L 75 27.21 -3.15 16.61
N GLY L 76 27.45 -2.51 17.74
CA GLY L 76 26.63 -2.74 18.91
C GLY L 76 25.13 -2.75 18.61
N GLN L 77 24.69 -1.81 17.79
CA GLN L 77 23.28 -1.70 17.44
C GLN L 77 22.77 -2.91 16.69
N LEU L 78 23.52 -3.33 15.67
CA LEU L 78 23.16 -4.49 14.88
C LEU L 78 23.14 -5.74 15.74
N LEU L 79 24.22 -5.97 16.51
CA LEU L 79 24.25 -7.14 17.38
C LEU L 79 23.10 -7.10 18.39
N SER L 80 22.49 -5.94 18.55
CA SER L 80 21.38 -5.81 19.48
C SER L 80 20.07 -6.19 18.80
N GLU L 81 19.93 -5.82 17.53
CA GLU L 81 18.72 -6.15 16.77
C GLU L 81 18.60 -7.66 16.59
N LEU L 82 19.73 -8.30 16.32
CA LEU L 82 19.74 -9.73 16.12
C LEU L 82 19.53 -10.55 17.39
N PHE L 83 20.12 -10.11 18.49
CA PHE L 83 20.00 -10.87 19.73
C PHE L 83 18.93 -10.45 20.72
N THR L 84 18.37 -9.26 20.56
CA THR L 84 17.33 -8.82 21.51
C THR L 84 16.11 -9.70 21.39
N ASN L 85 15.41 -9.88 22.50
CA ASN L 85 14.23 -10.72 22.53
C ASN L 85 12.98 -9.88 22.67
N ARG L 86 13.15 -8.59 22.94
CA ARG L 86 12.03 -7.66 23.09
C ARG L 86 11.21 -7.53 21.81
N LYS L 87 10.08 -6.83 21.90
CA LYS L 87 9.19 -6.61 20.75
C LYS L 87 9.79 -5.55 19.85
N GLU L 88 10.34 -4.52 20.48
CA GLU L 88 10.97 -3.39 19.79
C GLU L 88 12.42 -3.30 20.27
N ASN L 89 13.35 -3.08 19.34
CA ASN L 89 14.74 -2.96 19.76
C ASN L 89 14.88 -1.58 20.38
N ILE L 90 15.56 -1.52 21.52
CA ILE L 90 15.76 -0.27 22.22
C ILE L 90 17.08 0.41 21.90
N PRO L 91 17.05 1.61 21.32
CA PRO L 91 18.25 2.38 20.96
C PRO L 91 19.02 2.75 22.23
N LEU L 92 20.34 2.71 22.17
CA LEU L 92 21.15 3.02 23.36
C LEU L 92 22.28 4.02 23.09
N LYS L 93 22.58 4.84 24.09
CA LYS L 93 23.62 5.84 23.96
C LYS L 93 24.97 5.28 24.45
N LEU L 94 26.04 5.58 23.71
CA LEU L 94 27.37 5.11 24.07
C LEU L 94 28.10 6.04 25.03
N SER L 95 28.24 5.63 26.28
CA SER L 95 28.96 6.43 27.26
C SER L 95 30.09 5.60 27.86
N GLU L 96 31.00 6.27 28.57
CA GLU L 96 32.12 5.59 29.20
C GLU L 96 31.63 5.20 30.58
N ASP L 97 30.47 5.76 30.91
CA ASP L 97 29.77 5.53 32.16
C ASP L 97 28.77 4.44 31.84
N CYS L 98 29.19 3.19 31.98
CA CYS L 98 28.31 2.07 31.66
C CYS L 98 28.21 0.95 32.69
N LEU L 99 28.80 1.13 33.86
CA LEU L 99 28.74 0.07 34.86
C LEU L 99 27.44 0.05 35.65
N TYR L 100 26.39 -0.34 34.93
CA TYR L 100 25.05 -0.42 35.49
C TYR L 100 24.50 -1.83 35.37
N LEU L 101 23.37 -2.07 36.05
CA LEU L 101 22.70 -3.35 35.99
C LEU L 101 21.19 -3.16 36.08
N ASN L 102 20.42 -4.02 35.40
CA ASN L 102 18.95 -3.94 35.42
C ASN L 102 18.31 -5.14 36.09
N ILE L 103 17.60 -4.90 37.19
CA ILE L 103 16.93 -5.97 37.91
C ILE L 103 15.58 -6.28 37.28
N TYR L 104 15.10 -7.50 37.51
CA TYR L 104 13.78 -7.94 37.05
C TYR L 104 13.38 -8.95 38.12
N THR L 105 12.70 -8.49 39.15
CA THR L 105 12.29 -9.37 40.23
C THR L 105 10.78 -9.61 40.23
N PRO L 106 10.38 -10.89 40.23
CA PRO L 106 8.96 -11.27 40.24
C PRO L 106 8.41 -11.36 41.66
N ALA L 107 9.30 -11.49 42.64
CA ALA L 107 8.88 -11.60 44.02
C ALA L 107 7.95 -10.45 44.41
N ASP L 108 7.27 -10.62 45.53
CA ASP L 108 6.35 -9.61 46.04
C ASP L 108 7.11 -8.83 47.11
N LEU L 109 7.76 -7.76 46.67
CA LEU L 109 8.59 -6.93 47.55
C LEU L 109 7.97 -6.49 48.87
N THR L 110 6.72 -6.86 49.10
CA THR L 110 6.06 -6.49 50.36
C THR L 110 6.41 -7.52 51.43
N LYS L 111 6.66 -8.76 51.00
CA LYS L 111 7.04 -9.84 51.91
C LYS L 111 8.52 -10.15 51.71
N LYS L 112 9.08 -11.02 52.55
CA LYS L 112 10.49 -11.40 52.45
C LYS L 112 10.63 -12.58 51.48
N ASN L 113 11.29 -12.37 50.35
CA ASN L 113 11.45 -13.44 49.39
C ASN L 113 12.90 -13.93 49.23
N ARG L 114 13.06 -15.23 49.07
CA ARG L 114 14.37 -15.83 48.90
C ARG L 114 14.40 -16.50 47.53
N LEU L 115 14.11 -15.73 46.48
CA LEU L 115 14.10 -16.28 45.14
C LEU L 115 15.47 -16.53 44.56
N PRO L 116 15.60 -17.51 43.66
CA PRO L 116 16.91 -17.78 43.07
C PRO L 116 17.26 -16.60 42.16
N VAL L 117 18.55 -16.29 42.06
CA VAL L 117 19.02 -15.16 41.24
C VAL L 117 19.85 -15.59 40.04
N MET L 118 19.52 -15.08 38.86
CA MET L 118 20.27 -15.43 37.66
C MET L 118 20.92 -14.21 37.06
N VAL L 119 22.25 -14.16 37.06
CA VAL L 119 22.99 -13.04 36.50
C VAL L 119 23.48 -13.34 35.09
N TRP L 120 23.09 -12.49 34.16
CA TRP L 120 23.44 -12.65 32.77
C TRP L 120 24.58 -11.76 32.26
N ILE L 121 25.51 -12.37 31.54
CA ILE L 121 26.66 -11.69 30.96
C ILE L 121 26.42 -11.78 29.46
N HIS L 122 26.10 -10.64 28.85
CA HIS L 122 25.73 -10.54 27.43
C HIS L 122 26.56 -11.10 26.29
N GLY L 123 27.86 -10.86 26.26
CA GLY L 123 28.61 -11.38 25.15
C GLY L 123 28.47 -10.47 23.96
N GLY L 124 29.55 -10.40 23.17
CA GLY L 124 29.61 -9.54 22.01
C GLY L 124 31.08 -9.43 21.68
N GLY L 125 31.83 -10.44 22.11
CA GLY L 125 33.26 -10.49 21.85
C GLY L 125 34.06 -9.60 22.76
N LEU L 126 33.47 -9.21 23.89
CA LEU L 126 34.16 -8.33 24.80
C LEU L 126 34.51 -7.08 23.98
N MET L 127 33.62 -6.72 23.05
CA MET L 127 33.81 -5.56 22.19
C MET L 127 32.50 -4.81 21.96
N VAL L 128 31.41 -5.55 21.82
CA VAL L 128 30.10 -4.94 21.61
C VAL L 128 29.08 -5.58 22.54
N GLY L 129 27.88 -5.01 22.61
CA GLY L 129 26.86 -5.58 23.47
C GLY L 129 26.41 -4.63 24.55
N ALA L 130 25.35 -5.02 25.27
CA ALA L 130 24.76 -4.19 26.31
C ALA L 130 23.80 -5.04 27.12
N ALA L 131 23.59 -4.69 28.38
CA ALA L 131 22.70 -5.48 29.23
C ALA L 131 21.22 -5.31 28.91
N SER L 132 20.88 -4.21 28.26
CA SER L 132 19.49 -3.90 27.93
C SER L 132 18.94 -4.63 26.74
N THR L 133 19.80 -5.29 25.98
CA THR L 133 19.39 -6.04 24.80
C THR L 133 18.54 -7.22 25.25
N TYR L 134 18.60 -7.52 26.53
CA TYR L 134 17.88 -8.64 27.08
C TYR L 134 16.84 -8.19 28.11
N ASP L 135 15.59 -8.61 27.91
CA ASP L 135 14.53 -8.28 28.84
C ASP L 135 14.24 -9.51 29.69
N GLY L 136 14.41 -9.37 31.00
CA GLY L 136 14.19 -10.48 31.91
C GLY L 136 12.79 -10.65 32.48
N LEU L 137 11.83 -9.93 31.91
CA LEU L 137 10.45 -9.99 32.36
C LEU L 137 9.93 -11.44 32.28
N ALA L 138 9.90 -11.94 31.05
CA ALA L 138 9.44 -13.28 30.75
C ALA L 138 10.00 -14.37 31.66
N LEU L 139 11.32 -14.49 31.70
CA LEU L 139 11.96 -15.50 32.54
C LEU L 139 11.71 -15.26 34.04
N ALA L 140 11.72 -14.00 34.45
CA ALA L 140 11.49 -13.72 35.86
C ALA L 140 10.05 -14.09 36.26
N ALA L 141 9.08 -13.62 35.48
CA ALA L 141 7.69 -13.92 35.75
C ALA L 141 7.38 -15.40 35.61
N HIS L 142 7.86 -16.00 34.53
CA HIS L 142 7.63 -17.41 34.27
C HIS L 142 8.29 -18.32 35.31
N GLU L 143 9.60 -18.48 35.22
CA GLU L 143 10.27 -19.36 36.14
C GLU L 143 10.35 -18.91 37.58
N ASN L 144 9.85 -17.71 37.87
CA ASN L 144 9.85 -17.20 39.24
C ASN L 144 11.24 -17.00 39.84
N VAL L 145 12.12 -16.33 39.11
CA VAL L 145 13.48 -16.08 39.58
C VAL L 145 13.82 -14.59 39.43
N VAL L 146 14.88 -14.14 40.08
CA VAL L 146 15.31 -12.75 39.99
C VAL L 146 16.33 -12.66 38.86
N VAL L 147 15.97 -11.99 37.78
CA VAL L 147 16.85 -11.87 36.64
C VAL L 147 17.64 -10.57 36.71
N VAL L 148 18.96 -10.68 36.69
CA VAL L 148 19.83 -9.51 36.73
C VAL L 148 20.72 -9.47 35.49
N THR L 149 20.66 -8.39 34.72
CA THR L 149 21.52 -8.28 33.53
C THR L 149 22.57 -7.22 33.81
N ILE L 150 23.85 -7.61 33.79
CA ILE L 150 24.94 -6.67 34.07
C ILE L 150 25.74 -6.23 32.85
N GLN L 151 26.51 -5.16 33.03
CA GLN L 151 27.35 -4.63 31.97
C GLN L 151 28.78 -4.54 32.46
N TYR L 152 29.72 -4.73 31.55
CA TYR L 152 31.13 -4.68 31.93
C TYR L 152 31.86 -3.96 30.83
N ARG L 153 33.01 -3.37 31.17
CA ARG L 153 33.82 -2.66 30.18
C ARG L 153 34.12 -3.54 28.95
N LEU L 154 34.17 -2.92 27.78
CA LEU L 154 34.42 -3.64 26.54
C LEU L 154 35.51 -2.94 25.76
N GLY L 155 36.12 -3.66 24.82
CA GLY L 155 37.17 -3.11 23.99
C GLY L 155 38.37 -2.52 24.73
N ILE L 156 38.92 -1.46 24.16
CA ILE L 156 40.06 -0.81 24.79
C ILE L 156 39.79 -0.53 26.26
N TRP L 157 38.72 0.21 26.55
CA TRP L 157 38.37 0.54 27.93
C TRP L 157 38.23 -0.68 28.83
N GLY L 158 38.28 -1.87 28.25
CA GLY L 158 38.09 -3.04 29.08
C GLY L 158 39.17 -4.10 29.12
N PHE L 159 39.98 -4.19 28.07
CA PHE L 159 41.00 -5.21 28.04
C PHE L 159 42.37 -4.77 27.56
N PHE L 160 42.68 -3.48 27.65
CA PHE L 160 43.99 -3.03 27.21
C PHE L 160 44.99 -3.55 28.23
N SER L 161 46.03 -4.21 27.74
CA SER L 161 47.04 -4.78 28.62
C SER L 161 48.45 -4.52 28.13
N THR L 162 49.31 -4.13 29.06
CA THR L 162 50.71 -3.86 28.76
C THR L 162 51.55 -5.08 29.13
N GLY L 163 50.90 -6.05 29.77
CA GLY L 163 51.58 -7.27 30.15
C GLY L 163 52.23 -7.16 31.50
N ASP L 164 52.13 -6.00 32.13
CA ASP L 164 52.76 -5.80 33.43
C ASP L 164 51.87 -5.23 34.53
N GLU L 165 52.48 -4.58 35.49
CA GLU L 165 51.76 -4.02 36.63
C GLU L 165 51.14 -2.65 36.36
N HIS L 166 51.63 -1.97 35.34
CA HIS L 166 51.10 -0.64 35.01
C HIS L 166 49.72 -0.72 34.37
N SER L 167 49.43 -1.84 33.71
CA SER L 167 48.13 -2.04 33.07
C SER L 167 47.92 -3.53 32.82
N ARG L 168 47.67 -4.25 33.91
CA ARG L 168 47.45 -5.69 33.86
C ARG L 168 46.44 -6.13 32.80
N GLY L 169 45.20 -5.65 32.93
CA GLY L 169 44.16 -6.01 31.99
C GLY L 169 43.00 -6.70 32.70
N ASN L 170 42.04 -7.22 31.93
CA ASN L 170 40.88 -7.91 32.49
C ASN L 170 39.96 -6.93 33.23
N TRP L 171 39.95 -5.68 32.76
CA TRP L 171 39.13 -4.64 33.39
C TRP L 171 37.65 -5.01 33.29
N GLY L 172 37.26 -5.59 32.16
CA GLY L 172 35.88 -5.99 31.98
C GLY L 172 35.48 -7.10 32.94
N HIS L 173 36.38 -8.06 33.15
CA HIS L 173 36.10 -9.16 34.06
C HIS L 173 36.04 -8.69 35.51
N LEU L 174 36.97 -7.83 35.92
CA LEU L 174 36.92 -7.36 37.29
C LEU L 174 35.56 -6.73 37.52
N ASP L 175 35.09 -5.98 36.51
CA ASP L 175 33.77 -5.32 36.58
C ASP L 175 32.73 -6.37 36.92
N GLN L 176 32.69 -7.41 36.10
CA GLN L 176 31.75 -8.50 36.30
C GLN L 176 31.80 -9.00 37.75
N VAL L 177 33.00 -9.19 38.26
CA VAL L 177 33.16 -9.63 39.62
C VAL L 177 32.52 -8.63 40.59
N ALA L 178 32.87 -7.36 40.46
CA ALA L 178 32.31 -6.34 41.36
C ALA L 178 30.79 -6.34 41.23
N ALA L 179 30.31 -6.58 40.02
CA ALA L 179 28.87 -6.62 39.79
C ALA L 179 28.32 -7.71 40.69
N LEU L 180 28.95 -8.88 40.67
CA LEU L 180 28.52 -10.01 41.49
C LEU L 180 28.57 -9.68 42.97
N ARG L 181 29.58 -8.92 43.38
CA ARG L 181 29.70 -8.55 44.78
C ARG L 181 28.62 -7.56 45.14
N TRP L 182 28.15 -6.81 44.15
CA TRP L 182 27.09 -5.86 44.42
C TRP L 182 25.81 -6.67 44.59
N VAL L 183 25.69 -7.74 43.83
CA VAL L 183 24.52 -8.60 43.91
C VAL L 183 24.55 -9.33 45.25
N GLN L 184 25.74 -9.73 45.67
CA GLN L 184 25.90 -10.44 46.93
C GLN L 184 25.41 -9.65 48.14
N ASP L 185 25.47 -8.33 48.05
CA ASP L 185 25.10 -7.46 49.17
C ASP L 185 23.77 -6.76 49.06
N ASN L 186 23.20 -6.69 47.87
CA ASN L 186 21.95 -5.97 47.71
C ASN L 186 20.73 -6.73 47.20
N ILE L 187 20.96 -7.75 46.38
CA ILE L 187 19.85 -8.47 45.81
C ILE L 187 18.79 -8.82 46.84
N ALA L 188 19.23 -9.09 48.07
CA ALA L 188 18.31 -9.42 49.16
C ALA L 188 17.13 -8.46 49.21
N SER L 189 17.38 -7.18 48.94
CA SER L 189 16.32 -6.17 48.96
C SER L 189 15.37 -6.20 47.75
N PHE L 190 15.71 -6.99 46.74
CA PHE L 190 14.85 -7.09 45.57
C PHE L 190 14.08 -8.41 45.58
N GLY L 191 14.22 -9.17 46.67
CA GLY L 191 13.54 -10.44 46.78
C GLY L 191 14.32 -11.67 46.33
N GLY L 192 15.63 -11.50 46.15
CA GLY L 192 16.46 -12.61 45.72
C GLY L 192 17.28 -13.17 46.87
N ASN L 193 17.87 -14.35 46.66
CA ASN L 193 18.67 -14.99 47.69
C ASN L 193 20.14 -15.02 47.26
N PRO L 194 20.99 -14.22 47.92
CA PRO L 194 22.41 -14.18 47.57
C PRO L 194 23.13 -15.53 47.66
N GLY L 195 22.47 -16.54 48.21
CA GLY L 195 23.09 -17.85 48.35
C GLY L 195 22.69 -18.80 47.24
N SER L 196 22.07 -18.24 46.20
CA SER L 196 21.60 -18.99 45.04
C SER L 196 21.78 -18.14 43.79
N VAL L 197 23.02 -17.74 43.52
CA VAL L 197 23.30 -16.91 42.35
C VAL L 197 23.88 -17.71 41.19
N THR L 198 23.09 -17.86 40.14
CA THR L 198 23.51 -18.60 38.95
C THR L 198 23.97 -17.62 37.88
N ILE L 199 25.27 -17.55 37.64
CA ILE L 199 25.77 -16.67 36.59
C ILE L 199 25.66 -17.42 35.29
N PHE L 200 25.20 -16.76 34.24
CA PHE L 200 25.10 -17.44 32.96
C PHE L 200 25.25 -16.42 31.86
N GLY L 201 25.89 -16.82 30.77
CA GLY L 201 26.11 -15.93 29.65
C GLY L 201 26.31 -16.69 28.34
N GLU L 202 26.36 -15.97 27.24
CA GLU L 202 26.53 -16.62 25.96
C GLU L 202 27.64 -15.93 25.17
N SER L 203 28.30 -16.68 24.28
CA SER L 203 29.41 -16.16 23.49
C SER L 203 30.47 -15.65 24.46
N ALA L 204 30.99 -14.44 24.23
CA ALA L 204 31.98 -13.89 25.16
C ALA L 204 31.40 -13.94 26.59
N GLY L 205 30.08 -13.97 26.69
CA GLY L 205 29.44 -14.03 27.99
C GLY L 205 29.69 -15.34 28.72
N GLY L 206 29.72 -16.44 27.96
CA GLY L 206 29.97 -17.74 28.56
C GLY L 206 31.45 -17.82 28.79
N GLU L 207 32.19 -17.26 27.84
CA GLU L 207 33.64 -17.23 27.93
C GLU L 207 34.00 -16.53 29.25
N SER L 208 33.21 -15.54 29.63
CA SER L 208 33.43 -14.81 30.88
C SER L 208 33.04 -15.71 32.04
N VAL L 209 31.90 -16.41 31.87
CA VAL L 209 31.39 -17.32 32.89
C VAL L 209 32.38 -18.45 33.13
N SER L 210 33.03 -18.88 32.06
CA SER L 210 34.02 -19.94 32.13
C SER L 210 35.14 -19.38 32.98
N VAL L 211 35.66 -18.23 32.56
CA VAL L 211 36.75 -17.53 33.27
C VAL L 211 36.42 -17.32 34.75
N LEU L 212 35.18 -16.97 35.05
CA LEU L 212 34.78 -16.76 36.44
C LEU L 212 34.81 -18.06 37.24
N VAL L 213 34.52 -19.18 36.59
CA VAL L 213 34.54 -20.47 37.25
C VAL L 213 36.00 -20.83 37.54
N LEU L 214 36.92 -20.20 36.81
CA LEU L 214 38.34 -20.46 36.97
C LEU L 214 39.13 -19.36 37.68
N SER L 215 38.43 -18.40 38.29
CA SER L 215 39.12 -17.31 38.99
C SER L 215 38.89 -17.32 40.49
N PRO L 216 39.93 -17.00 41.28
CA PRO L 216 39.85 -16.97 42.74
C PRO L 216 39.08 -15.75 43.22
N LEU L 217 39.05 -14.70 42.40
CA LEU L 217 38.36 -13.47 42.75
C LEU L 217 36.85 -13.59 42.86
N ALA L 218 36.31 -14.72 42.40
CA ALA L 218 34.87 -14.93 42.42
C ALA L 218 34.40 -15.99 43.41
N LYS L 219 35.28 -16.38 44.32
CA LYS L 219 34.89 -17.39 45.30
C LYS L 219 33.73 -16.88 46.13
N ASN L 220 32.72 -17.73 46.28
CA ASN L 220 31.52 -17.42 47.05
C ASN L 220 30.59 -16.39 46.40
N LEU L 221 30.88 -15.97 45.17
CA LEU L 221 30.03 -15.00 44.48
C LEU L 221 28.95 -15.64 43.62
N PHE L 222 29.07 -16.95 43.36
CA PHE L 222 28.06 -17.69 42.58
C PHE L 222 28.02 -19.15 43.02
N HIS L 223 26.95 -19.86 42.65
CA HIS L 223 26.77 -21.25 43.05
C HIS L 223 26.41 -22.20 41.91
N ARG L 224 26.18 -21.63 40.73
CA ARG L 224 25.84 -22.39 39.53
C ARG L 224 26.51 -21.65 38.37
N ALA L 225 26.43 -22.21 37.17
CA ALA L 225 27.04 -21.58 36.01
C ALA L 225 26.64 -22.23 34.70
N ILE L 226 26.38 -21.40 33.70
CA ILE L 226 25.97 -21.88 32.40
C ILE L 226 26.75 -21.13 31.33
N SER L 227 27.41 -21.89 30.46
CA SER L 227 28.17 -21.29 29.38
C SER L 227 27.53 -21.69 28.06
N GLU L 228 26.99 -20.70 27.36
CA GLU L 228 26.32 -20.94 26.09
C GLU L 228 27.18 -20.61 24.89
N SER L 229 27.68 -21.65 24.24
CA SER L 229 28.54 -21.50 23.08
C SER L 229 29.68 -20.51 23.31
N GLY L 230 30.47 -20.76 24.33
CA GLY L 230 31.59 -19.90 24.64
C GLY L 230 32.23 -20.29 25.97
N VAL L 231 33.49 -20.72 25.92
CA VAL L 231 34.22 -21.10 27.12
C VAL L 231 35.64 -20.52 27.12
N ALA L 232 36.33 -20.71 28.24
CA ALA L 232 37.69 -20.19 28.43
C ALA L 232 38.72 -20.74 27.45
N LEU L 233 38.42 -21.87 26.81
CA LEU L 233 39.38 -22.44 25.86
C LEU L 233 39.14 -21.98 24.44
N THR L 234 38.24 -21.01 24.25
CA THR L 234 37.95 -20.47 22.93
C THR L 234 39.05 -19.47 22.63
N SER L 235 40.13 -19.97 22.02
CA SER L 235 41.31 -19.18 21.68
C SER L 235 41.07 -17.69 21.43
N VAL L 236 40.46 -17.37 20.30
CA VAL L 236 40.20 -15.99 19.91
C VAL L 236 39.85 -15.01 21.04
N LEU L 237 39.20 -15.50 22.10
CA LEU L 237 38.82 -14.62 23.21
C LEU L 237 39.87 -14.54 24.34
N VAL L 238 40.90 -15.39 24.29
CA VAL L 238 41.94 -15.42 25.31
C VAL L 238 43.36 -15.26 24.77
N LYS L 239 44.06 -14.25 25.27
CA LYS L 239 45.42 -13.95 24.84
C LYS L 239 46.50 -14.69 25.60
N LYS L 240 47.03 -15.72 24.96
CA LYS L 240 48.09 -16.50 25.55
C LYS L 240 49.36 -15.89 24.98
N GLY L 241 50.36 -15.66 25.82
CA GLY L 241 51.61 -15.11 25.32
C GLY L 241 51.95 -13.65 25.57
N ASP L 242 52.75 -13.12 24.65
CA ASP L 242 53.23 -11.75 24.71
C ASP L 242 52.26 -10.71 24.15
N VAL L 243 51.48 -10.10 25.03
CA VAL L 243 50.50 -9.09 24.65
C VAL L 243 51.13 -7.73 24.38
N LYS L 244 52.35 -7.54 24.85
CA LYS L 244 53.02 -6.26 24.65
C LYS L 244 52.87 -5.71 23.23
N PRO L 245 53.11 -6.53 22.20
CA PRO L 245 53.00 -6.07 20.81
C PRO L 245 51.65 -5.46 20.42
N LEU L 246 50.57 -5.97 20.99
CA LEU L 246 49.24 -5.44 20.69
C LEU L 246 49.10 -4.11 21.40
N ALA L 247 49.66 -4.04 22.61
CA ALA L 247 49.61 -2.81 23.38
C ALA L 247 50.28 -1.74 22.53
N GLU L 248 51.41 -2.11 21.93
CA GLU L 248 52.20 -1.22 21.08
C GLU L 248 51.36 -0.72 19.91
N GLN L 249 50.70 -1.63 19.20
CA GLN L 249 49.88 -1.24 18.07
C GLN L 249 48.86 -0.18 18.50
N ILE L 250 48.03 -0.51 19.49
CA ILE L 250 47.03 0.43 20.00
C ILE L 250 47.65 1.80 20.32
N ALA L 251 48.58 1.82 21.26
CA ALA L 251 49.24 3.06 21.65
C ALA L 251 49.71 3.82 20.41
N ILE L 252 50.52 3.16 19.58
CA ILE L 252 51.05 3.77 18.38
C ILE L 252 49.94 4.30 17.48
N THR L 253 48.81 3.60 17.44
CA THR L 253 47.68 4.05 16.63
C THR L 253 47.05 5.28 17.29
N ALA L 254 46.84 5.19 18.59
CA ALA L 254 46.24 6.28 19.36
C ALA L 254 47.04 7.59 19.29
N GLY L 255 48.27 7.51 18.81
CA GLY L 255 49.09 8.71 18.72
C GLY L 255 49.90 8.88 19.99
N CYS L 256 50.27 7.75 20.60
CA CYS L 256 51.05 7.75 21.83
C CYS L 256 52.45 7.20 21.57
N LYS L 257 53.36 7.45 22.50
CA LYS L 257 54.72 6.96 22.37
C LYS L 257 54.81 5.60 23.05
N THR L 258 55.74 4.77 22.61
CA THR L 258 55.89 3.43 23.19
C THR L 258 57.16 3.29 24.01
N THR L 259 57.60 4.41 24.59
CA THR L 259 58.82 4.44 25.40
C THR L 259 58.81 3.41 26.53
N THR L 260 57.72 3.37 27.30
CA THR L 260 57.60 2.40 28.39
C THR L 260 56.13 2.13 28.68
N SER L 261 55.86 1.01 29.34
CA SER L 261 54.48 0.65 29.68
C SER L 261 53.76 1.77 30.42
N ALA L 262 54.36 2.23 31.52
CA ALA L 262 53.78 3.29 32.31
C ALA L 262 53.55 4.55 31.49
N VAL L 263 54.27 4.69 30.38
CA VAL L 263 54.12 5.87 29.54
C VAL L 263 52.97 5.74 28.55
N MET L 264 52.73 4.54 28.05
CA MET L 264 51.64 4.32 27.12
C MET L 264 50.33 4.48 27.89
N VAL L 265 50.24 3.80 29.03
CA VAL L 265 49.07 3.86 29.87
C VAL L 265 48.68 5.31 30.15
N HIS L 266 49.65 6.11 30.56
CA HIS L 266 49.40 7.51 30.86
C HIS L 266 48.92 8.25 29.63
N CYS L 267 49.68 8.16 28.54
CA CYS L 267 49.30 8.86 27.33
C CYS L 267 47.92 8.43 26.89
N LEU L 268 47.56 7.18 27.17
CA LEU L 268 46.25 6.69 26.78
C LEU L 268 45.14 7.24 27.67
N ARG L 269 45.38 7.32 28.97
CA ARG L 269 44.33 7.83 29.86
C ARG L 269 43.93 9.26 29.49
N GLN L 270 44.89 10.03 28.96
CA GLN L 270 44.67 11.41 28.55
C GLN L 270 43.71 11.43 27.39
N LYS L 271 43.72 10.35 26.61
CA LYS L 271 42.86 10.23 25.44
C LYS L 271 41.37 10.42 25.75
N THR L 272 40.65 10.98 24.79
CA THR L 272 39.22 11.24 24.95
C THR L 272 38.43 10.01 24.50
N GLU L 273 37.31 9.74 25.15
CA GLU L 273 36.51 8.59 24.78
C GLU L 273 36.42 8.51 23.26
N GLU L 274 36.13 9.65 22.66
CA GLU L 274 36.00 9.73 21.21
C GLU L 274 37.28 9.36 20.46
N GLU L 275 38.43 9.80 20.98
CA GLU L 275 39.71 9.50 20.33
C GLU L 275 40.02 8.00 20.41
N LEU L 276 39.69 7.40 21.54
CA LEU L 276 39.91 5.97 21.76
C LEU L 276 38.98 5.18 20.86
N LEU L 277 37.83 5.76 20.53
CA LEU L 277 36.86 5.10 19.67
C LEU L 277 37.33 5.14 18.22
N GLU L 278 38.03 6.20 17.83
CA GLU L 278 38.53 6.32 16.46
C GLU L 278 39.63 5.29 16.28
N THR L 279 40.33 5.03 17.39
CA THR L 279 41.40 4.06 17.41
C THR L 279 40.77 2.67 17.28
N THR L 280 39.83 2.37 18.16
CA THR L 280 39.14 1.08 18.08
C THR L 280 38.71 0.90 16.63
N LEU L 281 38.08 1.92 16.07
CA LEU L 281 37.60 1.88 14.69
C LEU L 281 38.71 1.63 13.67
N LYS L 282 39.89 2.22 13.89
CA LYS L 282 41.01 2.05 12.96
C LYS L 282 41.74 0.72 13.17
N MET L 283 41.50 0.08 14.31
CA MET L 283 42.09 -1.21 14.61
C MET L 283 41.30 -2.27 13.86
N LYS L 284 40.25 -1.82 13.16
CA LYS L 284 39.38 -2.70 12.37
C LYS L 284 39.05 -4.01 13.05
N PHE L 285 38.90 -3.96 14.37
CA PHE L 285 38.56 -5.14 15.16
C PHE L 285 37.36 -5.90 14.64
N LEU L 286 37.15 -7.10 15.18
CA LEU L 286 36.01 -7.93 14.82
C LEU L 286 35.82 -8.25 13.34
N SER L 287 36.91 -8.18 12.57
CA SER L 287 36.88 -8.46 11.14
C SER L 287 38.00 -9.45 10.82
N LEU L 288 37.91 -10.11 9.66
CA LEU L 288 38.94 -11.05 9.27
C LEU L 288 39.89 -10.37 8.29
N ASP L 289 41.13 -10.12 8.73
CA ASP L 289 42.13 -9.47 7.89
C ASP L 289 42.50 -10.35 6.71
N LEU L 290 42.49 -9.79 5.51
CA LEU L 290 42.78 -10.55 4.31
C LEU L 290 44.17 -10.32 3.73
N GLN L 291 44.94 -9.42 4.35
CA GLN L 291 46.29 -9.09 3.87
C GLN L 291 47.39 -9.51 4.84
N GLY L 292 48.60 -9.66 4.32
CA GLY L 292 49.73 -10.03 5.16
C GLY L 292 49.63 -11.36 5.87
N ASP L 293 50.39 -11.48 6.96
CA ASP L 293 50.40 -12.71 7.72
C ASP L 293 49.32 -12.75 8.79
N PRO L 294 48.49 -13.80 8.77
CA PRO L 294 47.39 -14.03 9.70
C PRO L 294 47.81 -14.07 11.17
N ARG L 295 49.03 -14.53 11.44
CA ARG L 295 49.53 -14.61 12.81
C ARG L 295 49.67 -13.24 13.43
N GLU L 296 49.68 -12.22 12.57
CA GLU L 296 49.80 -10.84 13.05
C GLU L 296 48.41 -10.25 13.29
N SER L 297 47.40 -10.89 12.70
CA SER L 297 46.02 -10.46 12.86
C SER L 297 45.53 -10.63 14.29
N GLN L 298 44.82 -9.61 14.76
CA GLN L 298 44.28 -9.63 16.11
C GLN L 298 42.87 -9.05 16.08
N PRO L 299 41.87 -9.87 15.66
CA PRO L 299 40.47 -9.48 15.57
C PRO L 299 39.79 -9.10 16.88
N LEU L 300 40.21 -9.75 17.96
CA LEU L 300 39.64 -9.47 19.27
C LEU L 300 40.67 -9.02 20.30
N LEU L 301 40.21 -8.15 21.18
CA LEU L 301 41.03 -7.62 22.24
C LEU L 301 40.37 -8.26 23.46
N GLY L 302 41.03 -9.24 24.08
CA GLY L 302 40.40 -9.91 25.19
C GLY L 302 41.15 -10.25 26.47
N THR L 303 40.66 -11.29 27.14
CA THR L 303 41.20 -11.77 28.42
C THR L 303 42.68 -12.13 28.39
N VAL L 304 43.34 -11.97 29.53
CA VAL L 304 44.76 -12.29 29.61
C VAL L 304 45.10 -12.89 30.97
N ILE L 305 46.32 -13.44 31.06
CA ILE L 305 46.80 -14.03 32.30
C ILE L 305 47.45 -12.89 33.06
N ASP L 306 46.63 -12.14 33.80
CA ASP L 306 47.06 -10.97 34.55
C ASP L 306 47.81 -11.26 35.86
N GLY L 307 47.48 -12.38 36.50
CA GLY L 307 48.14 -12.71 37.74
C GLY L 307 47.31 -12.23 38.92
N MET L 308 46.11 -11.74 38.61
CA MET L 308 45.17 -11.24 39.62
C MET L 308 43.88 -12.03 39.50
N LEU L 309 43.30 -12.01 38.29
CA LEU L 309 42.06 -12.70 37.98
C LEU L 309 42.35 -14.14 37.59
N LEU L 310 43.30 -14.34 36.69
CA LEU L 310 43.71 -15.67 36.26
C LEU L 310 45.19 -15.81 36.57
N LEU L 311 45.51 -16.72 37.47
CA LEU L 311 46.89 -16.96 37.88
C LEU L 311 47.69 -17.59 36.74
N LYS L 312 47.08 -18.54 36.04
CA LYS L 312 47.73 -19.19 34.90
C LYS L 312 46.69 -19.51 33.85
N THR L 313 47.14 -19.83 32.64
CA THR L 313 46.24 -20.14 31.55
C THR L 313 45.03 -20.98 31.97
N PRO L 314 43.90 -20.81 31.27
CA PRO L 314 42.72 -21.60 31.64
C PRO L 314 43.07 -23.08 31.73
N GLU L 315 43.66 -23.61 30.67
CA GLU L 315 44.05 -25.02 30.59
C GLU L 315 44.77 -25.49 31.85
N GLU L 316 45.95 -24.91 32.06
CA GLU L 316 46.77 -25.25 33.20
C GLU L 316 45.95 -25.30 34.48
N LEU L 317 44.99 -24.39 34.60
CA LEU L 317 44.14 -24.35 35.78
C LEU L 317 43.23 -25.56 35.86
N GLN L 318 42.59 -25.87 34.74
CA GLN L 318 41.67 -27.01 34.64
C GLN L 318 42.30 -28.30 35.10
N ALA L 319 43.55 -28.50 34.72
CA ALA L 319 44.26 -29.71 35.10
C ALA L 319 44.51 -29.68 36.60
N GLU L 320 44.86 -28.51 37.10
CA GLU L 320 45.17 -28.34 38.52
C GLU L 320 43.98 -28.64 39.43
N ARG L 321 42.80 -28.82 38.86
CA ARG L 321 41.61 -29.08 39.67
C ARG L 321 41.60 -28.11 40.85
N ASN L 322 42.13 -26.91 40.60
CA ASN L 322 42.20 -25.85 41.60
C ASN L 322 41.26 -24.72 41.21
N PHE L 323 39.96 -25.03 41.13
CA PHE L 323 38.95 -24.05 40.77
C PHE L 323 37.62 -24.26 41.50
N HIS L 324 36.65 -23.40 41.20
CA HIS L 324 35.33 -23.46 41.81
C HIS L 324 34.50 -24.65 41.33
N THR L 325 34.51 -25.73 42.10
CA THR L 325 33.71 -26.88 41.71
C THR L 325 32.27 -26.54 42.05
N VAL L 326 31.49 -26.22 41.03
CA VAL L 326 30.08 -25.87 41.21
C VAL L 326 29.28 -26.40 40.01
N PRO L 327 27.99 -26.73 40.22
CA PRO L 327 27.20 -27.22 39.09
C PRO L 327 27.43 -26.29 37.90
N TYR L 328 27.76 -26.87 36.75
CA TYR L 328 28.07 -26.08 35.58
C TYR L 328 27.47 -26.73 34.34
N MET L 329 26.76 -25.92 33.54
CA MET L 329 26.11 -26.40 32.34
C MET L 329 26.72 -25.84 31.07
N VAL L 330 27.42 -26.67 30.31
CA VAL L 330 28.03 -26.21 29.07
C VAL L 330 27.25 -26.70 27.86
N GLY L 331 26.85 -25.78 27.00
CA GLY L 331 26.09 -26.16 25.83
C GLY L 331 26.58 -25.45 24.60
N ILE L 332 26.14 -25.92 23.43
CA ILE L 332 26.52 -25.35 22.15
C ILE L 332 25.37 -25.51 21.15
N ASN L 333 25.45 -24.78 20.04
CA ASN L 333 24.42 -24.87 19.01
C ASN L 333 24.89 -25.75 17.87
N LYS L 334 23.94 -26.24 17.07
CA LYS L 334 24.23 -27.12 15.96
C LYS L 334 25.06 -26.49 14.83
N GLN L 335 25.15 -25.17 14.81
CA GLN L 335 25.94 -24.52 13.76
C GLN L 335 26.53 -23.18 14.19
N GLU L 336 27.31 -23.19 15.26
CA GLU L 336 27.94 -21.98 15.79
C GLU L 336 28.46 -20.98 14.76
N PHE L 337 29.08 -21.49 13.70
CA PHE L 337 29.66 -20.64 12.66
C PHE L 337 28.89 -20.74 11.35
N GLY L 338 27.58 -20.87 11.45
CA GLY L 338 26.73 -21.00 10.27
C GLY L 338 26.41 -19.73 9.51
N TRP L 339 26.07 -18.67 10.23
CA TRP L 339 25.74 -17.41 9.59
C TRP L 339 26.19 -16.19 10.38
N LEU L 340 25.53 -15.93 11.50
CA LEU L 340 25.84 -14.79 12.36
C LEU L 340 27.29 -14.36 12.37
N ILE L 341 28.15 -15.14 13.00
CA ILE L 341 29.55 -14.77 13.09
C ILE L 341 30.15 -14.40 11.74
N PRO L 342 30.09 -15.29 10.74
CA PRO L 342 30.65 -14.97 9.43
C PRO L 342 30.13 -13.67 8.86
N MET L 343 28.81 -13.50 8.89
CA MET L 343 28.17 -12.29 8.37
C MET L 343 28.70 -11.08 9.13
N LEU L 344 28.94 -11.27 10.41
CA LEU L 344 29.42 -10.23 11.28
C LEU L 344 30.91 -9.94 11.19
N MET L 345 31.66 -10.86 10.60
CA MET L 345 33.09 -10.67 10.47
C MET L 345 33.57 -10.55 9.04
N SER L 346 32.63 -10.19 8.17
CA SER L 346 32.95 -10.00 6.76
C SER L 346 33.72 -11.16 6.16
N TYR L 347 33.48 -12.34 6.68
CA TYR L 347 34.14 -13.55 6.20
C TYR L 347 33.92 -13.71 4.69
N PRO L 348 34.96 -14.11 3.93
CA PRO L 348 34.97 -14.32 2.48
C PRO L 348 34.22 -15.54 1.92
N LEU L 349 32.91 -15.45 1.80
CA LEU L 349 32.13 -16.57 1.26
C LEU L 349 30.92 -16.08 0.48
N SER L 350 30.96 -16.20 -0.84
CA SER L 350 29.84 -15.78 -1.68
C SER L 350 29.29 -16.97 -2.45
N GLU L 351 30.07 -18.05 -2.49
CA GLU L 351 29.68 -19.25 -3.21
C GLU L 351 29.45 -20.41 -2.23
N GLY L 352 28.54 -21.31 -2.58
CA GLY L 352 28.28 -22.46 -1.75
C GLY L 352 29.19 -23.55 -2.26
N GLN L 353 30.10 -23.14 -3.14
CA GLN L 353 31.07 -24.03 -3.77
C GLN L 353 32.42 -23.74 -3.12
N LEU L 354 33.09 -24.79 -2.65
CA LEU L 354 34.38 -24.62 -1.99
C LEU L 354 35.35 -25.73 -2.33
N ASP L 355 36.38 -25.41 -3.11
CA ASP L 355 37.39 -26.39 -3.51
C ASP L 355 38.34 -26.51 -2.32
N GLN L 356 38.77 -27.71 -1.97
CA GLN L 356 39.67 -27.87 -0.84
C GLN L 356 40.88 -26.95 -0.92
N LYS L 357 41.21 -26.50 -2.13
CA LYS L 357 42.35 -25.60 -2.32
C LYS L 357 41.98 -24.26 -1.68
N THR L 358 40.89 -23.68 -2.17
CA THR L 358 40.42 -22.41 -1.62
C THR L 358 40.15 -22.62 -0.15
N ALA L 359 39.78 -23.85 0.19
CA ALA L 359 39.49 -24.20 1.58
C ALA L 359 40.70 -24.01 2.47
N MET L 360 41.86 -24.45 2.00
CA MET L 360 43.08 -24.30 2.79
C MET L 360 43.53 -22.84 2.87
N SER L 361 43.11 -22.04 1.90
CA SER L 361 43.45 -20.62 1.91
C SER L 361 42.82 -20.00 3.13
N LEU L 362 41.48 -20.07 3.17
CA LEU L 362 40.73 -19.51 4.27
C LEU L 362 41.11 -20.02 5.66
N LEU L 363 41.33 -21.32 5.79
CA LEU L 363 41.67 -21.87 7.10
C LEU L 363 42.95 -21.23 7.61
N TRP L 364 43.84 -20.87 6.69
CA TRP L 364 45.07 -20.21 7.09
C TRP L 364 44.65 -18.79 7.49
N LYS L 365 44.02 -18.06 6.57
CA LYS L 365 43.56 -16.71 6.83
C LYS L 365 42.79 -16.67 8.15
N SER L 366 41.98 -17.69 8.40
CA SER L 366 41.19 -17.76 9.62
C SER L 366 42.04 -17.99 10.84
N TYR L 367 43.35 -17.88 10.69
CA TYR L 367 44.23 -18.12 11.82
C TYR L 367 43.79 -17.45 13.12
N PRO L 368 43.49 -16.14 13.10
CA PRO L 368 43.07 -15.44 14.32
C PRO L 368 41.92 -16.05 15.12
N LEU L 369 41.21 -17.01 14.52
CA LEU L 369 40.08 -17.65 15.18
C LEU L 369 40.37 -19.09 15.58
N VAL L 370 40.97 -19.83 14.67
CA VAL L 370 41.27 -21.24 14.90
C VAL L 370 42.69 -21.52 15.40
N CYS L 371 43.61 -20.62 15.07
CA CYS L 371 45.01 -20.76 15.48
C CYS L 371 45.59 -22.11 15.05
N ILE L 372 45.47 -22.43 13.76
CA ILE L 372 45.99 -23.68 13.24
C ILE L 372 47.24 -23.44 12.43
N ALA L 373 48.33 -24.09 12.80
CA ALA L 373 49.61 -23.93 12.10
C ALA L 373 49.47 -24.20 10.60
N LYS L 374 50.25 -23.49 9.80
CA LYS L 374 50.22 -23.63 8.35
C LYS L 374 50.42 -25.08 7.91
N GLU L 375 51.38 -25.76 8.53
CA GLU L 375 51.69 -27.14 8.19
C GLU L 375 50.59 -28.12 8.60
N LEU L 376 49.64 -27.66 9.40
CA LEU L 376 48.56 -28.52 9.86
C LEU L 376 47.30 -28.33 9.03
N ILE L 377 47.31 -27.37 8.11
CA ILE L 377 46.14 -27.09 7.28
C ILE L 377 45.72 -28.24 6.35
N PRO L 378 46.67 -28.95 5.73
CA PRO L 378 46.31 -30.06 4.83
C PRO L 378 45.61 -31.21 5.55
N GLU L 379 46.05 -31.50 6.77
CA GLU L 379 45.49 -32.57 7.57
C GLU L 379 44.09 -32.27 8.09
N ALA L 380 43.89 -31.05 8.55
CA ALA L 380 42.60 -30.62 9.07
C ALA L 380 41.59 -30.48 7.94
N THR L 381 41.97 -29.76 6.89
CA THR L 381 41.09 -29.56 5.75
C THR L 381 40.71 -30.92 5.17
N GLU L 382 41.68 -31.82 5.10
CA GLU L 382 41.44 -33.16 4.57
C GLU L 382 40.49 -33.93 5.46
N LYS L 383 40.81 -33.99 6.75
CA LYS L 383 39.98 -34.69 7.71
C LYS L 383 38.50 -34.29 7.70
N TYR L 384 38.18 -33.08 7.26
CA TYR L 384 36.78 -32.62 7.22
C TYR L 384 36.17 -32.54 5.82
N LEU L 385 36.95 -32.09 4.84
CA LEU L 385 36.41 -31.95 3.49
C LEU L 385 36.68 -33.14 2.57
N GLY L 386 37.56 -34.04 3.01
CA GLY L 386 37.89 -35.22 2.21
C GLY L 386 36.86 -36.33 2.28
N GLY L 387 35.61 -35.93 2.56
CA GLY L 387 34.53 -36.89 2.65
C GLY L 387 33.90 -37.10 1.29
N THR L 388 33.30 -36.05 0.73
CA THR L 388 32.67 -36.14 -0.59
C THR L 388 33.42 -35.28 -1.59
N ASP L 389 32.80 -35.06 -2.75
CA ASP L 389 33.37 -34.24 -3.80
C ASP L 389 32.36 -33.19 -4.22
N ASP L 390 31.37 -32.96 -3.35
CA ASP L 390 30.34 -31.97 -3.62
C ASP L 390 30.80 -30.63 -3.06
N THR L 391 31.21 -29.72 -3.94
CA THR L 391 31.69 -28.41 -3.52
C THR L 391 30.72 -27.69 -2.57
N VAL L 392 29.47 -28.13 -2.55
CA VAL L 392 28.47 -27.53 -1.68
C VAL L 392 28.51 -28.23 -0.32
N LYS L 393 28.80 -29.53 -0.34
CA LYS L 393 28.89 -30.33 0.87
C LYS L 393 30.22 -29.98 1.54
N LYS L 394 31.11 -29.37 0.77
CA LYS L 394 32.43 -28.98 1.24
C LYS L 394 32.37 -27.75 2.13
N LYS L 395 31.95 -26.63 1.55
CA LYS L 395 31.86 -25.38 2.31
C LYS L 395 31.00 -25.55 3.55
N ASP L 396 30.17 -26.59 3.55
CA ASP L 396 29.29 -26.85 4.70
C ASP L 396 30.12 -27.51 5.79
N LEU L 397 30.90 -28.52 5.40
CA LEU L 397 31.77 -29.23 6.32
C LEU L 397 32.85 -28.28 6.80
N PHE L 398 33.27 -27.39 5.90
CA PHE L 398 34.30 -26.42 6.24
C PHE L 398 33.81 -25.57 7.39
N LEU L 399 32.58 -25.07 7.28
CA LEU L 399 32.01 -24.25 8.34
C LEU L 399 31.89 -25.12 9.59
N ASP L 400 31.71 -26.42 9.39
CA ASP L 400 31.61 -27.37 10.50
C ASP L 400 32.96 -27.40 11.20
N LEU L 401 34.01 -27.31 10.40
CA LEU L 401 35.36 -27.30 10.93
C LEU L 401 35.45 -26.15 11.92
N ILE L 402 35.47 -24.91 11.40
CA ILE L 402 35.56 -23.71 12.23
C ILE L 402 34.76 -23.88 13.52
N ALA L 403 33.49 -24.25 13.34
CA ALA L 403 32.55 -24.45 14.45
C ALA L 403 33.12 -25.24 15.62
N ASP L 404 33.56 -26.47 15.34
CA ASP L 404 34.11 -27.36 16.36
C ASP L 404 35.36 -26.84 17.07
N VAL L 405 36.32 -26.33 16.30
CA VAL L 405 37.57 -25.82 16.86
C VAL L 405 37.34 -24.70 17.87
N MET L 406 36.49 -23.75 17.50
CA MET L 406 36.15 -22.62 18.35
C MET L 406 35.20 -22.94 19.50
N PHE L 407 34.17 -23.74 19.25
CA PHE L 407 33.20 -24.02 20.30
C PHE L 407 33.08 -25.47 20.72
N GLY L 408 32.74 -26.32 19.76
CA GLY L 408 32.57 -27.73 20.04
C GLY L 408 33.66 -28.31 20.91
N VAL L 409 34.82 -28.53 20.31
CA VAL L 409 35.95 -29.11 21.02
C VAL L 409 36.18 -28.48 22.40
N PRO L 410 36.37 -27.14 22.44
CA PRO L 410 36.62 -26.43 23.71
C PRO L 410 35.59 -26.70 24.81
N SER L 411 34.32 -26.63 24.44
CA SER L 411 33.24 -26.86 25.39
C SER L 411 33.32 -28.24 26.02
N VAL L 412 33.48 -29.26 25.16
CA VAL L 412 33.55 -30.64 25.63
C VAL L 412 34.73 -30.88 26.56
N ILE L 413 35.92 -30.45 26.13
CA ILE L 413 37.09 -30.62 27.00
C ILE L 413 36.78 -29.97 28.35
N VAL L 414 36.25 -28.75 28.34
CA VAL L 414 35.92 -28.05 29.58
C VAL L 414 34.96 -28.89 30.43
N ALA L 415 33.87 -29.34 29.82
CA ALA L 415 32.91 -30.16 30.54
C ALA L 415 33.61 -31.36 31.15
N ARG L 416 34.46 -32.03 30.37
CA ARG L 416 35.17 -33.18 30.90
C ARG L 416 35.99 -32.77 32.13
N ASN L 417 37.00 -31.91 31.95
CA ASN L 417 37.84 -31.47 33.07
C ASN L 417 37.02 -31.11 34.30
N HIS L 418 35.86 -30.48 34.07
CA HIS L 418 35.00 -30.11 35.17
C HIS L 418 34.48 -31.39 35.82
N ARG L 419 33.96 -32.27 34.99
CA ARG L 419 33.45 -33.56 35.43
C ARG L 419 34.54 -34.21 36.25
N ASP L 420 35.64 -34.54 35.59
CA ASP L 420 36.76 -35.21 36.24
C ASP L 420 37.15 -34.55 37.57
N ALA L 421 36.79 -33.29 37.76
CA ALA L 421 37.15 -32.61 38.99
C ALA L 421 36.19 -32.99 40.13
N GLY L 422 35.11 -33.66 39.77
CA GLY L 422 34.14 -34.10 40.77
C GLY L 422 32.92 -33.24 40.97
N ALA L 423 32.61 -32.38 40.01
CA ALA L 423 31.45 -31.49 40.13
C ALA L 423 30.33 -31.84 39.14
N PRO L 424 29.08 -31.62 39.54
CA PRO L 424 27.90 -31.90 38.72
C PRO L 424 27.94 -31.19 37.36
N THR L 425 28.16 -31.96 36.31
CA THR L 425 28.25 -31.42 34.96
C THR L 425 27.04 -31.75 34.09
N TYR L 426 26.75 -30.87 33.14
CA TYR L 426 25.62 -31.04 32.22
C TYR L 426 25.93 -30.39 30.88
N MET L 427 25.45 -31.00 29.80
CA MET L 427 25.68 -30.45 28.46
C MET L 427 24.44 -30.57 27.59
N TYR L 428 24.37 -29.74 26.56
CA TYR L 428 23.26 -29.78 25.64
C TYR L 428 23.75 -29.31 24.29
N GLU L 429 22.89 -29.50 23.29
CA GLU L 429 23.17 -29.08 21.94
C GLU L 429 21.84 -28.52 21.45
N PHE L 430 21.82 -27.21 21.19
CA PHE L 430 20.61 -26.54 20.73
C PHE L 430 20.51 -26.68 19.21
N GLN L 431 19.47 -27.37 18.74
CA GLN L 431 19.28 -27.59 17.32
C GLN L 431 17.91 -27.11 16.89
N TYR L 432 17.77 -25.80 16.70
CA TYR L 432 16.49 -25.23 16.29
C TYR L 432 16.71 -23.93 15.53
N ARG L 433 15.69 -23.46 14.84
CA ARG L 433 15.80 -22.21 14.09
C ARG L 433 14.62 -21.29 14.35
N PRO L 434 14.80 -20.26 15.20
CA PRO L 434 13.74 -19.31 15.54
C PRO L 434 13.19 -18.50 14.37
N SER L 435 11.89 -18.21 14.44
CA SER L 435 11.23 -17.44 13.41
C SER L 435 11.67 -15.98 13.52
N PHE L 436 12.47 -15.72 14.55
CA PHE L 436 12.97 -14.37 14.83
C PHE L 436 14.29 -14.04 14.15
N SER L 437 14.84 -15.00 13.42
CA SER L 437 16.11 -14.80 12.72
C SER L 437 15.97 -13.72 11.65
N SER L 438 17.11 -13.20 11.19
CA SER L 438 17.12 -12.17 10.18
C SER L 438 16.59 -12.64 8.82
N ASP L 439 15.97 -11.73 8.07
CA ASP L 439 15.44 -12.08 6.76
C ASP L 439 16.56 -12.60 5.88
N MET L 440 17.77 -12.12 6.15
CA MET L 440 18.94 -12.48 5.37
C MET L 440 19.54 -13.83 5.73
N LYS L 441 19.05 -14.44 6.81
CA LYS L 441 19.55 -15.72 7.24
C LYS L 441 18.89 -16.86 6.45
N PRO L 442 19.66 -17.59 5.62
CA PRO L 442 19.11 -18.69 4.83
C PRO L 442 18.31 -19.67 5.68
N LYS L 443 17.13 -20.05 5.19
CA LYS L 443 16.24 -20.95 5.90
C LYS L 443 16.89 -22.29 6.25
N THR L 444 18.02 -22.58 5.62
CA THR L 444 18.73 -23.83 5.84
C THR L 444 19.66 -23.84 7.05
N VAL L 445 19.64 -22.76 7.82
CA VAL L 445 20.52 -22.67 8.97
C VAL L 445 19.79 -22.89 10.29
N ILE L 446 19.87 -24.13 10.77
CA ILE L 446 19.24 -24.48 12.01
C ILE L 446 20.31 -24.50 13.09
N GLY L 447 20.06 -23.81 14.19
CA GLY L 447 21.01 -23.79 15.28
C GLY L 447 22.23 -22.90 15.09
N ASP L 448 22.02 -21.73 14.49
CA ASP L 448 23.11 -20.77 14.29
C ASP L 448 23.44 -20.17 15.65
N HIS L 449 24.57 -19.47 15.74
CA HIS L 449 24.98 -18.89 17.01
C HIS L 449 23.85 -18.05 17.61
N GLY L 450 23.69 -18.16 18.93
CA GLY L 450 22.68 -17.39 19.61
C GLY L 450 21.23 -17.81 19.45
N ASP L 451 20.95 -18.71 18.51
CA ASP L 451 19.56 -19.14 18.30
C ASP L 451 18.88 -19.58 19.58
N GLU L 452 19.66 -20.09 20.53
CA GLU L 452 19.15 -20.56 21.81
C GLU L 452 18.68 -19.45 22.74
N LEU L 453 19.07 -18.21 22.47
CA LEU L 453 18.70 -17.08 23.31
C LEU L 453 17.20 -16.80 23.31
N PHE L 454 16.59 -16.77 22.13
CA PHE L 454 15.18 -16.48 22.08
C PHE L 454 14.39 -17.36 23.02
N SER L 455 14.76 -18.63 23.09
CA SER L 455 14.07 -19.57 23.98
C SER L 455 14.39 -19.27 25.43
N VAL L 456 15.68 -19.13 25.74
CA VAL L 456 16.10 -18.87 27.11
C VAL L 456 15.37 -17.66 27.71
N PHE L 457 15.44 -16.52 27.06
CA PHE L 457 14.80 -15.31 27.58
C PHE L 457 13.34 -15.13 27.20
N GLY L 458 12.69 -16.21 26.80
CA GLY L 458 11.28 -16.15 26.45
C GLY L 458 10.87 -15.20 25.34
N ALA L 459 11.62 -15.16 24.25
CA ALA L 459 11.29 -14.30 23.13
C ALA L 459 9.83 -14.49 22.73
N PRO L 460 9.38 -15.76 22.66
CA PRO L 460 8.00 -16.10 22.29
C PRO L 460 6.91 -15.45 23.12
N PHE L 461 7.29 -14.74 24.17
CA PHE L 461 6.29 -14.11 25.01
C PHE L 461 6.34 -12.60 24.96
N LEU L 462 7.27 -12.06 24.18
CA LEU L 462 7.39 -10.62 24.07
C LEU L 462 7.34 -10.14 22.63
N LYS L 463 7.55 -11.06 21.68
CA LYS L 463 7.52 -10.71 20.26
C LYS L 463 6.31 -11.33 19.57
N GLU L 464 5.56 -10.52 18.83
CA GLU L 464 4.38 -11.02 18.12
C GLU L 464 4.76 -11.91 16.94
N GLY L 465 4.23 -13.12 16.91
CA GLY L 465 4.50 -14.01 15.79
C GLY L 465 5.04 -15.41 16.06
N ALA L 466 5.30 -15.72 17.33
CA ALA L 466 5.83 -17.03 17.69
C ALA L 466 4.92 -18.19 17.27
N SER L 467 5.55 -19.29 16.85
CA SER L 467 4.80 -20.48 16.45
C SER L 467 4.48 -21.24 17.72
N GLU L 468 3.47 -22.11 17.66
CA GLU L 468 3.08 -22.90 18.84
C GLU L 468 4.23 -23.75 19.37
N GLU L 469 5.12 -24.16 18.47
CA GLU L 469 6.25 -24.99 18.85
C GLU L 469 7.33 -24.13 19.49
N GLU L 470 7.65 -23.01 18.85
CA GLU L 470 8.65 -22.09 19.35
C GLU L 470 8.22 -21.64 20.75
N ILE L 471 6.91 -21.45 20.93
CA ILE L 471 6.38 -21.04 22.24
C ILE L 471 6.54 -22.17 23.27
N ARG L 472 6.28 -23.39 22.79
CA ARG L 472 6.39 -24.58 23.61
C ARG L 472 7.86 -24.80 24.01
N LEU L 473 8.74 -24.62 23.03
CA LEU L 473 10.17 -24.80 23.22
C LEU L 473 10.74 -23.88 24.30
N SER L 474 10.34 -22.62 24.24
CA SER L 474 10.82 -21.64 25.19
C SER L 474 10.37 -21.93 26.63
N LYS L 475 9.15 -22.45 26.81
CA LYS L 475 8.65 -22.75 28.15
C LYS L 475 9.50 -23.81 28.82
N MET L 476 9.87 -24.81 28.03
CA MET L 476 10.68 -25.92 28.52
C MET L 476 12.08 -25.50 28.94
N VAL L 477 12.73 -24.70 28.10
CA VAL L 477 14.09 -24.20 28.35
C VAL L 477 14.21 -23.37 29.61
N MET L 478 13.31 -22.41 29.77
CA MET L 478 13.34 -21.56 30.93
C MET L 478 13.16 -22.44 32.16
N LYS L 479 12.26 -23.42 32.07
CA LYS L 479 12.02 -24.36 33.17
C LYS L 479 13.37 -24.97 33.57
N PHE L 480 14.06 -25.51 32.57
CA PHE L 480 15.36 -26.11 32.77
C PHE L 480 16.30 -25.15 33.48
N TRP L 481 16.73 -24.08 32.81
CA TRP L 481 17.66 -23.11 33.40
C TRP L 481 17.28 -22.73 34.82
N ALA L 482 15.98 -22.53 35.05
CA ALA L 482 15.48 -22.17 36.38
C ALA L 482 15.62 -23.30 37.40
N ASN L 483 15.36 -24.52 36.96
CA ASN L 483 15.51 -25.66 37.87
C ASN L 483 16.97 -25.74 38.23
N PHE L 484 17.82 -25.65 37.20
CA PHE L 484 19.25 -25.69 37.38
C PHE L 484 19.61 -24.59 38.36
N ALA L 485 18.99 -23.44 38.14
CA ALA L 485 19.20 -22.27 38.97
C ALA L 485 18.97 -22.55 40.45
N ARG L 486 17.93 -23.32 40.76
CA ARG L 486 17.63 -23.61 42.15
C ARG L 486 18.02 -24.97 42.69
N ASN L 487 18.44 -25.90 41.83
CA ASN L 487 18.82 -27.20 42.35
C ASN L 487 20.16 -27.74 41.88
N GLY L 488 20.75 -27.09 40.87
CA GLY L 488 22.02 -27.55 40.34
C GLY L 488 21.76 -28.76 39.47
N ASN L 489 20.49 -28.94 39.14
CA ASN L 489 20.01 -30.05 38.31
C ASN L 489 18.87 -29.51 37.46
N PRO L 490 19.00 -29.54 36.12
CA PRO L 490 17.95 -29.03 35.24
C PRO L 490 16.70 -29.89 35.12
N ASN L 491 16.74 -31.12 35.64
CA ASN L 491 15.60 -32.02 35.53
C ASN L 491 14.41 -31.68 36.43
N GLY L 492 13.21 -31.98 35.92
CA GLY L 492 11.98 -31.71 36.66
C GLY L 492 10.78 -32.42 36.03
N GLU L 493 9.65 -32.42 36.73
CA GLU L 493 8.46 -33.07 36.23
C GLU L 493 8.00 -32.40 34.95
N GLY L 494 7.41 -33.18 34.06
CA GLY L 494 6.90 -32.64 32.80
C GLY L 494 7.95 -32.28 31.75
N LEU L 495 9.22 -32.53 32.05
CA LEU L 495 10.29 -32.19 31.11
C LEU L 495 11.06 -33.44 30.75
N PRO L 496 11.58 -33.53 29.51
CA PRO L 496 12.33 -34.72 29.15
C PRO L 496 13.53 -34.86 30.09
N HIS L 497 14.09 -36.07 30.18
CA HIS L 497 15.21 -36.34 31.08
C HIS L 497 16.54 -35.85 30.55
N TRP L 498 17.24 -35.10 31.38
CA TRP L 498 18.55 -34.57 31.05
C TRP L 498 19.55 -35.35 31.91
N PRO L 499 20.41 -36.16 31.28
CA PRO L 499 21.41 -36.94 32.01
C PRO L 499 22.59 -36.10 32.46
N GLU L 500 23.22 -36.49 33.57
CA GLU L 500 24.38 -35.78 34.06
C GLU L 500 25.50 -36.09 33.08
N TYR L 501 26.35 -35.12 32.79
CA TYR L 501 27.45 -35.37 31.89
C TYR L 501 28.49 -36.10 32.73
N ASN L 502 28.47 -37.42 32.64
CA ASN L 502 29.40 -38.25 33.41
C ASN L 502 30.22 -39.14 32.49
N GLN L 503 30.53 -40.34 32.97
CA GLN L 503 31.31 -41.30 32.21
C GLN L 503 30.73 -41.52 30.83
N LYS L 504 29.48 -41.94 30.77
CA LYS L 504 28.81 -42.22 29.50
C LYS L 504 28.77 -40.95 28.63
N GLU L 505 28.98 -39.80 29.28
CA GLU L 505 28.99 -38.51 28.60
C GLU L 505 27.66 -38.17 27.93
N GLY L 506 26.59 -38.38 28.66
CA GLY L 506 25.26 -38.09 28.15
C GLY L 506 25.00 -36.60 28.14
N TYR L 507 24.21 -36.16 27.16
CA TYR L 507 23.89 -34.75 27.04
C TYR L 507 22.49 -34.62 26.45
N LEU L 508 21.93 -33.41 26.48
CA LEU L 508 20.60 -33.21 25.95
C LEU L 508 20.56 -32.49 24.59
N GLN L 509 19.88 -33.09 23.62
CA GLN L 509 19.76 -32.48 22.30
C GLN L 509 18.47 -31.69 22.39
N ILE L 510 18.58 -30.37 22.53
CA ILE L 510 17.39 -29.52 22.64
C ILE L 510 16.90 -29.03 21.29
N GLY L 511 15.62 -29.22 21.02
CA GLY L 511 15.08 -28.78 19.75
C GLY L 511 13.64 -29.18 19.53
N ALA L 512 13.21 -29.12 18.27
CA ALA L 512 11.85 -29.49 17.91
C ALA L 512 11.50 -30.71 18.73
N ASN L 513 12.39 -31.70 18.69
CA ASN L 513 12.25 -32.94 19.44
C ASN L 513 13.44 -33.02 20.36
N THR L 514 13.21 -33.20 21.65
CA THR L 514 14.31 -33.25 22.60
C THR L 514 14.45 -34.63 23.21
N GLN L 515 15.69 -35.11 23.27
CA GLN L 515 16.01 -36.41 23.85
C GLN L 515 17.48 -36.41 24.23
N ALA L 516 17.87 -37.32 25.11
CA ALA L 516 19.26 -37.42 25.54
C ALA L 516 20.10 -38.12 24.46
N ALA L 517 21.41 -37.93 24.53
CA ALA L 517 22.33 -38.56 23.60
C ALA L 517 23.62 -38.87 24.37
N GLN L 518 24.66 -39.35 23.68
CA GLN L 518 25.91 -39.67 24.35
C GLN L 518 27.18 -39.21 23.64
N LYS L 519 28.19 -38.85 24.45
CA LYS L 519 29.49 -38.40 23.96
C LYS L 519 29.36 -37.37 22.84
N LEU L 520 29.14 -36.12 23.24
CA LEU L 520 28.94 -35.00 22.33
C LEU L 520 29.78 -34.94 21.04
N LYS L 521 30.91 -34.25 21.07
CA LYS L 521 31.75 -34.16 19.88
C LYS L 521 32.93 -35.13 20.05
N ASP L 522 32.64 -36.28 20.66
CA ASP L 522 33.64 -37.30 20.94
C ASP L 522 34.76 -37.42 19.92
N LYS L 523 34.41 -37.70 18.67
CA LYS L 523 35.40 -37.84 17.62
C LYS L 523 36.16 -36.57 17.25
N GLU L 524 35.47 -35.43 17.19
CA GLU L 524 36.13 -34.17 16.84
C GLU L 524 37.15 -33.80 17.93
N VAL L 525 36.73 -33.93 19.17
CA VAL L 525 37.57 -33.62 20.31
C VAL L 525 38.89 -34.41 20.26
N ALA L 526 38.81 -35.69 19.94
CA ALA L 526 40.01 -36.53 19.86
C ALA L 526 40.86 -36.19 18.63
N PHE L 527 40.22 -35.93 17.48
CA PHE L 527 40.98 -35.59 16.28
C PHE L 527 41.74 -34.28 16.43
N TRP L 528 41.11 -33.31 17.08
CA TRP L 528 41.76 -32.02 17.28
C TRP L 528 42.74 -32.08 18.42
N THR L 529 42.32 -32.68 19.52
CA THR L 529 43.21 -32.81 20.67
C THR L 529 44.47 -33.44 20.10
N ASN L 530 44.28 -34.27 19.08
CA ASN L 530 45.36 -34.97 18.40
C ASN L 530 46.25 -34.06 17.55
N LEU L 531 45.66 -33.46 16.52
CA LEU L 531 46.39 -32.57 15.60
C LEU L 531 47.20 -31.43 16.25
N PHE L 532 46.59 -30.73 17.20
CA PHE L 532 47.25 -29.63 17.87
C PHE L 532 48.45 -30.07 18.70
N ALA L 533 48.34 -31.25 19.30
CA ALA L 533 49.40 -31.79 20.13
C ALA L 533 50.56 -32.35 19.32
N LYS L 534 50.96 -31.65 18.27
CA LYS L 534 52.08 -32.09 17.44
C LYS L 534 53.26 -31.13 17.48
C1 NAG M . -10.67 -30.26 -5.50
C2 NAG M . -11.52 -29.03 -5.87
C3 NAG M . -10.63 -28.00 -6.59
C4 NAG M . -9.45 -27.64 -5.70
C5 NAG M . -8.68 -28.92 -5.32
C6 NAG M . -7.55 -28.62 -4.36
C7 NAG M . -13.84 -29.63 -6.22
C8 NAG M . -14.43 -31.03 -6.37
N2 NAG M . -12.63 -29.42 -6.73
O3 NAG M . -11.37 -26.83 -6.89
O4 NAG M . -8.59 -26.74 -6.39
O5 NAG M . -9.55 -29.87 -4.67
O6 NAG M . -7.79 -27.44 -3.61
O7 NAG M . -14.49 -28.75 -5.64
C1 NAG N . -7.14 -24.94 -7.64
C2 NAG N . -6.57 -23.95 -8.67
C3 NAG N . -5.48 -23.09 -8.01
C4 NAG N . -6.05 -22.40 -6.75
C5 NAG N . -6.66 -23.46 -5.82
C6 NAG N . -7.32 -22.87 -4.57
C7 NAG N . -6.84 -25.32 -10.64
C8 NAG N . -6.55 -26.79 -10.88
N2 NAG N . -6.03 -24.65 -9.81
O3 NAG N . -4.99 -22.11 -8.92
O4 NAG N . -5.03 -21.68 -6.07
O5 NAG N . -7.67 -24.24 -6.51
O6 NAG N . -8.39 -22.00 -4.90
O7 NAG N . -7.80 -24.78 -11.21
O1 NLX O . -25.21 -1.84 7.68
O2 NLX O . -27.85 -1.88 6.15
O3 NLX O . -30.03 0.10 6.83
O4 NLX O . -29.71 0.13 2.31
N1 NLX O . -27.46 -1.27 0.64
C1 NLX O . -24.27 -0.47 4.37
C2 NLX O . -24.18 -0.93 5.72
C3 NLX O . -25.32 -1.43 6.40
C4 NLX O . -26.59 -1.48 5.73
C5 NLX O . -28.84 -1.27 5.21
C6 NLX O . -29.43 0.10 5.75
C7 NLX O . -29.32 1.45 4.96
C8 NLX O . -28.28 1.46 3.77
C9 NLX O . -27.25 0.02 1.57
C10 NLX O . -25.74 0.06 2.22
C11 NLX O . -25.51 -0.50 3.68
C12 NLX O . -26.67 -1.04 4.37
C13 NLX O . -28.09 -1.16 3.80
C14 NLX O . -28.36 0.14 2.85
C15 NLX O . -28.16 -2.53 2.94
C16 NLX O . -27.44 -2.57 1.50
C17 NLX O . -26.39 -1.43 -0.51
C18 NLX O . -26.19 -0.34 -1.59
C19 NLX O . -26.63 -0.37 -2.86
C20 NLX O . -28.78 -1.19 -0.16
C1 NAG P . -56.56 -58.19 -15.43
C2 NAG P . -57.84 -58.38 -16.25
C3 NAG P . -57.48 -59.00 -17.62
C4 NAG P . -56.37 -58.18 -18.31
C5 NAG P . -55.18 -58.02 -17.37
C6 NAG P . -54.06 -57.18 -17.94
C7 NAG P . -59.39 -58.79 -14.44
C8 NAG P . -59.02 -59.47 -13.13
N2 NAG P . -58.77 -59.23 -15.54
O3 NAG P . -58.63 -59.03 -18.46
O4 NAG P . -55.95 -58.84 -19.50
O5 NAG P . -55.61 -57.39 -16.14
O6 NAG P . -54.55 -55.96 -18.48
O7 NAG P . -60.22 -57.89 -14.45
O1 NLX Q . -26.87 -54.76 -24.96
O2 NLX Q . -24.04 -54.93 -23.87
O3 NLX Q . -21.94 -56.52 -25.46
O4 NLX Q . -19.95 -52.72 -24.35
N1 NLX Q . -21.34 -50.23 -23.28
C1 NLX Q . -25.45 -51.40 -25.76
C2 NLX Q . -26.37 -52.49 -25.66
C3 NLX Q . -25.98 -53.72 -25.03
C4 NLX Q . -24.67 -53.86 -24.49
C5 NLX Q . -22.55 -54.67 -24.00
C6 NLX Q . -21.89 -55.33 -25.29
C7 NLX Q . -21.15 -54.51 -26.37
C8 NLX Q . -21.33 -52.97 -26.33
C9 NLX Q . -21.52 -50.77 -24.76
C10 NLX Q . -23.01 -50.44 -25.38
C11 NLX Q . -24.14 -51.52 -25.25
C12 NLX Q . -23.77 -52.76 -24.58
C13 NLX Q . -22.39 -53.09 -23.95
C14 NLX Q . -21.26 -52.40 -24.87
C15 NLX Q . -22.32 -52.57 -22.43
C16 NLX Q . -22.17 -51.00 -22.24
C17 NLX Q . -21.68 -48.73 -23.19
C18 NLX Q . -21.01 -47.69 -24.10
C19 NLX Q . -21.66 -46.68 -24.67
C20 NLX Q . -19.87 -50.30 -22.84
C1 NAG R . -58.15 -9.77 15.16
C2 NAG R . -57.18 -9.11 14.18
C3 NAG R . -57.23 -7.60 14.40
C4 NAG R . -58.66 -7.10 14.19
C5 NAG R . -59.65 -7.88 15.07
C6 NAG R . -61.09 -7.57 14.72
C7 NAG R . -55.33 -10.54 13.53
C8 NAG R . -54.63 -11.73 14.16
N2 NAG R . -55.83 -9.62 14.36
O3 NAG R . -56.35 -6.95 13.49
O4 NAG R . -58.73 -5.72 14.50
O5 NAG R . -59.49 -9.31 14.90
O6 NAG R . -61.37 -7.92 13.36
O7 NAG R . -55.42 -10.45 12.30
O1 NLX S . -78.03 -30.91 -3.60
O2 NLX S . -76.40 -33.57 -4.00
O3 NLX S . -77.20 -36.17 -2.64
O4 NLX S . -76.39 -37.24 -6.98
N1 NLX S . -75.87 -35.13 -9.51
C1 NLX S . -78.87 -31.94 -7.12
C2 NLX S . -78.82 -31.21 -5.89
C3 NLX S . -78.03 -31.65 -4.78
C4 NLX S . -77.23 -32.88 -4.91
C5 NLX S . -76.26 -35.00 -4.54
C6 NLX S . -77.24 -36.02 -3.86
C7 NLX S . -78.25 -36.85 -4.70
C8 NLX S . -78.50 -36.37 -6.21
C9 NLX S . -77.30 -35.46 -8.67
C10 NLX S . -78.22 -34.09 -8.57
C11 NLX S . -78.13 -33.14 -7.27
C12 NLX S . -77.28 -33.58 -6.15
C13 NLX S . -76.39 -34.87 -6.14
C14 NLX S . -77.15 -36.02 -6.99
C15 NLX S . -75.04 -34.55 -6.89
C16 NLX S . -75.16 -34.30 -8.43
C17 NLX S . -76.32 -34.77 -11.03
C18 NLX S . -76.72 -35.97 -11.82
C19 NLX S . -76.19 -37.15 -11.57
C20 NLX S . -75.79 -33.63 -9.92
C1 NAG T . -57.01 -38.72 -53.52
C2 NAG T . -55.49 -38.75 -53.40
C3 NAG T . -54.91 -39.86 -54.29
C4 NAG T . -55.62 -41.20 -54.03
C5 NAG T . -57.13 -41.02 -54.10
C6 NAG T . -57.89 -42.29 -53.75
C7 NAG T . -54.64 -36.56 -52.86
C8 NAG T . -54.66 -35.11 -53.31
N2 NAG T . -54.93 -37.48 -53.79
O3 NAG T . -53.52 -39.99 -54.04
O4 NAG T . -55.19 -42.15 -54.99
O5 NAG T . -57.57 -39.99 -53.20
O6 NAG T . -57.85 -42.55 -52.35
O7 NAG T . -54.38 -36.84 -51.69
O1 NLX U . -80.63 -23.04 -35.32
O2 NLX U . -79.59 -21.11 -33.18
O3 NLX U . -81.32 -18.91 -32.04
O4 NLX U . -79.30 -20.79 -28.55
N1 NLX U . -77.53 -23.33 -28.64
C1 NLX U . -80.35 -25.18 -32.27
C2 NLX U . -80.60 -24.76 -33.61
C3 NLX U . -80.36 -23.41 -34.02
C4 NLX U . -79.87 -22.46 -33.07
C5 NLX U . -79.54 -20.54 -31.80
C6 NLX U . -80.90 -19.85 -31.38
C7 NLX U . -81.72 -20.31 -30.14
C8 NLX U . -81.29 -21.71 -29.54
C9 NLX U . -79.13 -23.38 -28.81
C10 NLX U . -79.64 -24.59 -29.78
C11 NLX U . -79.87 -24.26 -31.31
C12 NLX U . -79.60 -22.89 -31.74
C13 NLX U . -79.07 -21.74 -30.88
C14 NLX U . -79.73 -21.89 -29.41
C15 NLX U . -77.48 -21.85 -30.83
C16 NLX U . -76.84 -22.99 -29.97
C17 NLX U . -76.81 -24.63 -28.14
C18 NLX U . -77.13 -25.30 -26.80
C19 NLX U . -76.23 -25.93 -26.04
C20 NLX U . -77.20 -22.31 -27.58
C1 NAG V . -13.84 -6.30 -38.79
C2 NAG V . -13.29 -5.73 -37.49
C3 NAG V . -12.20 -6.67 -36.96
C4 NAG V . -12.79 -8.07 -36.76
C5 NAG V . -13.48 -8.56 -38.05
C6 NAG V . -14.25 -9.85 -37.83
C7 NAG V . -13.51 -3.33 -37.37
C8 NAG V . -13.09 -1.99 -37.95
N2 NAG V . -12.77 -4.39 -37.69
O3 NAG V . -11.69 -6.16 -35.73
O4 NAG V . -11.76 -8.97 -36.38
O5 NAG V . -14.44 -7.58 -38.52
O6 NAG V . -14.91 -9.87 -36.57
O7 NAG V . -14.50 -3.40 -36.63
O1 NLX W . -25.66 -39.26 -51.44
O2 NLX W . -23.18 -39.03 -49.64
O3 NLX W . -21.29 -36.61 -49.86
O4 NLX W . -21.98 -37.20 -45.53
N1 NLX W . -24.02 -39.10 -44.22
C1 NLX W . -27.08 -38.45 -48.09
C2 NLX W . -26.98 -38.76 -49.49
C3 NLX W . -25.72 -38.98 -50.10
C4 NLX W . -24.52 -38.89 -49.31
C5 NLX W . -22.39 -38.36 -48.54
C6 NLX W . -21.97 -36.86 -48.87
C7 NLX W . -22.40 -35.65 -47.99
C8 NLX W . -23.50 -35.97 -46.91
C9 NLX W . -24.42 -37.76 -45.01
C10 NLX W . -25.87 -37.89 -45.77
C11 NLX W . -25.90 -38.34 -47.29
C12 NLX W . -24.63 -38.59 -47.92
C13 NLX W . -23.25 -38.53 -47.23
C14 NLX W . -23.27 -37.34 -46.15
C15 NLX W . -23.00 -39.95 -46.52
C16 NLX W . -23.82 -40.27 -45.22
C17 NLX W . -25.04 -39.55 -43.14
C18 NLX W . -25.38 -38.61 -41.97
C19 NLX W . -25.19 -38.85 -40.67
C20 NLX W . -22.74 -38.86 -43.42
C1 NAG X . -68.37 8.77 -26.13
C2 NAG X . -68.83 7.37 -25.75
C3 NAG X . -70.10 7.47 -24.91
C4 NAG X . -69.86 8.40 -23.70
C5 NAG X . -69.23 9.74 -24.11
C6 NAG X . -68.75 10.54 -22.90
C7 NAG X . -68.07 5.94 -27.52
C8 NAG X . -67.72 6.35 -28.95
N2 NAG X . -69.07 6.58 -26.95
O3 NAG X . -70.46 6.17 -24.45
O4 NAG X . -71.11 8.65 -23.04
O5 NAG X . -68.07 9.52 -24.95
O6 NAG X . -68.20 9.70 -21.89
O7 NAG X . -67.43 5.06 -26.96
O1 NLX Y . -27.35 11.88 -18.84
O2 NLX Y . -29.38 14.02 -18.75
O3 NLX Y . -30.90 15.02 -21.26
O4 NLX Y . -34.17 14.24 -17.92
N1 NLX Y . -33.45 12.99 -15.32
C1 NLX Y . -30.18 10.11 -17.29
C2 NLX Y . -28.92 10.33 -17.82
C3 NLX Y . -28.56 11.65 -18.31
C4 NLX Y . -29.47 12.73 -18.28
C5 NLX Y . -30.82 14.52 -18.87
C6 NLX Y . -31.47 14.46 -20.30
C7 NLX Y . -32.83 13.74 -20.53
C8 NLX Y . -33.26 12.66 -19.41
C9 NLX Y . -33.55 12.20 -16.73
C10 NLX Y . -32.57 10.92 -16.71
C11 NLX Y . -31.12 11.13 -17.23
C12 NLX Y . -30.74 12.51 -17.72
C13 NLX Y . -31.63 13.79 -17.72
C14 NLX Y . -33.13 13.21 -17.95
C15 NLX Y . -31.34 14.43 -16.34
C16 NLX Y . -32.13 13.81 -15.11
C17 NLX Y . -34.27 12.10 -14.31
C18 NLX Y . -35.69 11.54 -14.89
C19 NLX Y . -36.95 12.21 -14.80
C20 NLX Y . -32.54 12.18 -14.28
C1 NAG Z . 67.22 11.64 -7.59
C2 NAG Z . 68.51 12.46 -7.44
C3 NAG Z . 69.64 11.89 -8.31
C4 NAG Z . 69.75 10.37 -8.15
C5 NAG Z . 68.39 9.73 -8.37
C6 NAG Z . 68.41 8.21 -8.21
C7 NAG Z . 67.19 14.48 -7.41
C8 NAG Z . 66.39 15.27 -8.44
N2 NAG Z . 68.28 13.84 -7.82
O3 NAG Z . 70.87 12.50 -7.92
O4 NAG Z . 70.69 9.88 -9.11
O5 NAG Z . 67.45 10.25 -7.42
O6 NAG Z . 68.33 7.83 -6.85
O7 NAG Z . 66.82 14.46 -6.23
O1 NLX AA . 35.94 -2.63 -10.23
O2 NLX AA . 34.87 -0.61 -8.26
O3 NLX AA . 31.84 -0.20 -7.99
O4 NLX AA . 33.47 -0.42 -3.80
N1 NLX AA . 36.37 -1.37 -3.03
C1 NLX AA . 36.43 -4.33 -6.95
C2 NLX AA . 36.44 -4.07 -8.36
C3 NLX AA . 35.95 -2.84 -8.89
C4 NLX AA . 35.44 -1.84 -8.00
C5 NLX AA . 34.09 -0.27 -7.03
C6 NLX AA . 32.53 -0.65 -7.09
C7 NLX AA . 31.83 -1.58 -6.04
C8 NLX AA . 32.81 -2.36 -5.08
C9 NLX AA . 35.17 -2.32 -3.59
C10 NLX AA . 35.79 -3.54 -4.49
C11 NLX AA . 35.93 -3.35 -6.05
C12 NLX AA . 35.46 -2.10 -6.61
C13 NLX AA . 34.90 -0.93 -5.82
C14 NLX AA . 34.05 -1.51 -4.55
C15 NLX AA . 36.16 -0.06 -5.34
C16 NLX AA . 37.08 -0.64 -4.19
C17 NLX AA . 37.42 -2.19 -2.17
C18 NLX AA . 36.99 -3.03 -0.93
C19 NLX AA . 36.75 -2.55 0.31
C20 NLX AA . 35.90 -0.27 -2.07
C1 NAG BA . 54.16 59.65 15.65
C2 NAG BA . 53.32 60.49 16.60
C3 NAG BA . 54.09 60.81 17.90
C4 NAG BA . 54.77 59.55 18.48
C5 NAG BA . 55.55 58.82 17.40
C6 NAG BA . 56.20 57.54 17.87
C7 NAG BA . 52.06 61.74 14.96
C8 NAG BA . 52.56 62.07 13.55
N2 NAG BA . 52.96 61.73 15.93
O3 NAG BA . 53.19 61.34 18.86
O4 NAG BA . 55.65 59.94 19.53
O5 NAG BA . 54.66 58.48 16.32
O6 NAG BA . 55.32 56.43 17.76
O7 NAG BA . 50.87 61.53 15.13
O1 NLX CA . 77.78 38.79 10.09
O2 NLX CA . 77.62 35.72 10.12
O3 NLX CA . 79.92 33.95 9.25
O4 NLX CA . 78.45 32.22 13.15
N1 NLX CA . 76.31 33.54 14.98
C1 NLX CA . 77.90 38.00 13.68
C2 NLX CA . 77.88 38.72 12.47
C3 NLX CA . 77.78 38.05 11.22
C4 NLX CA . 77.69 36.61 11.19
C5 NLX CA . 77.99 34.36 10.66
C6 NLX CA . 79.50 33.98 10.40
C7 NLX CA . 80.48 33.67 11.57
C8 NLX CA . 79.98 34.08 13.02
C9 NLX CA . 77.80 34.10 14.81
C10 NLX CA . 77.87 35.71 14.97
C11 NLX CA . 77.80 36.59 13.68
C12 NLX CA . 77.68 35.91 12.40
C13 NLX CA . 77.55 34.38 12.19
C14 NLX CA . 78.48 33.66 13.31
C15 NLX CA . 76.01 33.97 12.36
C16 NLX CA . 75.41 33.97 13.80
C17 NLX CA . 75.51 33.97 16.27
C18 NLX CA . 75.96 33.70 17.68
C19 NLX CA . 75.18 33.19 18.64
C20 NLX CA . 76.38 32.02 15.08
C1 NAG DA . 12.19 24.87 -2.32
C2 NAG DA . 12.16 23.35 -2.44
C3 NAG DA . 10.83 22.83 -1.89
C4 NAG DA . 10.60 23.33 -0.46
C5 NAG DA . 10.83 24.86 -0.36
C6 NAG DA . 10.87 25.32 1.08
C7 NAG DA . 13.53 22.64 -4.28
C8 NAG DA . 13.98 23.30 -5.58
N2 NAG DA . 12.32 22.96 -3.83
O3 NAG DA . 10.83 21.42 -1.89
O4 NAG DA . 9.29 23.02 -0.05
O5 NAG DA . 12.10 25.23 -0.94
O6 NAG DA . 12.16 25.14 1.65
O7 NAG DA . 14.27 21.86 -3.70
O1 NLX EA . 19.62 55.29 16.06
O2 NLX EA . 19.22 53.00 18.08
O3 NLX EA . 18.27 50.25 17.11
O4 NLX EA . 21.66 49.47 19.98
N1 NLX EA . 23.58 51.65 21.08
C1 NLX EA . 23.10 54.30 16.97
C2 NLX EA . 22.01 54.98 16.36
C3 NLX EA . 20.66 54.63 16.68
C4 NLX EA . 20.40 53.56 17.63
C5 NLX EA . 19.56 51.65 18.64
C6 NLX EA . 19.36 50.44 17.63
C7 NLX EA . 20.52 49.47 17.27
C8 NLX EA . 21.95 49.97 17.64
C9 NLX EA . 23.55 51.17 19.55
C10 NLX EA . 23.99 52.37 18.52
C11 NLX EA . 22.87 53.25 17.89
C12 NLX EA . 21.50 52.91 18.23
C13 NLX EA . 21.03 51.80 19.22
C14 NLX EA . 22.05 50.55 19.09
C15 NLX EA . 21.03 52.40 20.70
C16 NLX EA . 22.43 52.62 21.42
C17 NLX EA . 24.89 52.36 21.50
C18 NLX EA . 26.28 51.76 21.33
C19 NLX EA . 27.35 52.53 21.15
C20 NLX EA . 23.50 50.42 22.01
C1 NAG FA . 56.30 39.91 52.51
C2 NAG FA . 57.11 41.20 52.49
C3 NAG FA . 56.26 42.41 52.03
C4 NAG FA . 55.44 42.08 50.78
C5 NAG FA . 54.70 40.77 50.97
C6 NAG FA . 53.89 40.36 49.74
C7 NAG FA . 58.46 40.58 54.40
C8 NAG FA . 58.56 40.62 55.92
N2 NAG FA . 57.63 41.46 53.82
O3 NAG FA . 57.13 43.50 51.76
O4 NAG FA . 54.51 43.13 50.53
O5 NAG FA . 55.63 39.71 51.25
O6 NAG FA . 54.63 40.51 48.54
O7 NAG FA . 59.11 39.75 53.77
O1 NLX GA . 21.11 40.40 47.58
O2 NLX GA . 21.36 39.09 44.84
O3 NLX GA . 18.96 38.75 43.09
O4 NLX GA . 22.18 40.40 40.40
N1 NLX GA . 24.98 41.44 41.36
C1 NLX GA . 22.96 42.96 45.58
C2 NLX GA . 22.32 42.29 46.66
C3 NLX GA . 21.76 41.00 46.52
C4 NLX GA . 21.84 40.33 45.25
C5 NLX GA . 21.33 39.14 43.34
C6 NLX GA . 19.90 39.49 42.80
C7 NLX GA . 19.63 40.73 41.89
C8 NLX GA . 20.80 41.80 41.81
C9 NLX GA . 23.59 42.19 41.62
C10 NLX GA . 23.61 43.02 43.04
C11 NLX GA . 23.04 42.34 44.32
C12 NLX GA . 22.50 40.99 44.18
C13 NLX GA . 22.50 40.15 42.90
C14 NLX GA . 22.25 41.15 41.64
C15 NLX GA . 23.92 39.42 42.77
C16 NLX GA . 25.19 40.29 42.37
C17 NLX GA . 26.24 42.37 41.43
C18 NLX GA . 26.39 43.60 40.53
C19 NLX GA . 27.26 43.72 39.53
C20 NLX GA . 25.06 40.87 39.95
C1 NAG HA . 63.39 -9.97 27.48
C2 NAG HA . 63.09 -8.61 26.86
C3 NAG HA . 63.93 -8.44 25.60
C4 NAG HA . 65.42 -8.60 25.95
C5 NAG HA . 65.66 -9.92 26.69
C6 NAG HA . 67.08 -10.04 27.22
C7 NAG HA . 60.83 -8.05 27.48
C8 NAG HA . 59.79 -9.04 27.97
N2 NAG HA . 61.69 -8.48 26.55
O3 NAG HA . 63.71 -7.16 25.03
O4 NAG HA . 66.19 -8.59 24.75
O5 NAG HA . 64.78 -10.05 27.84
O6 NAG HA . 67.64 -8.75 27.49
O7 NAG HA . 60.89 -6.91 27.96
O1 NLX IA . 78.62 23.61 39.62
O2 NLX IA . 80.02 21.76 37.69
O3 NLX IA . 80.37 18.84 38.44
O4 NLX IA . 79.02 18.83 34.20
N1 NLX IA . 77.94 21.27 32.65
C1 NLX IA . 76.09 23.11 36.89
C2 NLX IA . 76.71 23.58 38.10
C3 NLX IA . 78.03 23.18 38.45
C4 NLX IA . 78.76 22.30 37.57
C5 NLX IA . 80.03 20.57 36.77
C6 NLX IA . 79.68 19.21 37.49
C7 NLX IA . 78.51 18.27 37.04
C8 NLX IA . 77.49 18.92 36.06
C9 NLX IA . 77.15 20.54 33.84
C10 NLX IA . 76.21 21.58 34.70
C11 NLX IA . 76.80 22.24 36.01
C12 NLX IA . 78.15 21.86 36.37
C13 NLX IA . 79.07 20.95 35.57
C14 NLX IA . 78.17 19.77 34.91
C15 NLX IA . 79.82 21.83 34.47
C16 NLX IA . 78.97 22.29 33.21
C17 NLX IA . 77.02 22.04 31.64
C18 NLX IA . 75.91 21.30 30.89
C19 NLX IA . 75.83 21.15 29.56
C20 NLX IA . 78.69 20.24 31.78
C1 NAG JA . 3.75 16.17 33.07
C2 NAG JA . 4.31 17.53 32.60
C3 NAG JA . 3.18 18.36 31.98
C4 NAG JA . 2.46 17.56 30.87
C5 NAG JA . 2.01 16.20 31.43
C6 NAG JA . 1.36 15.31 30.37
C7 NAG JA . 6.23 18.15 33.93
C8 NAG JA . 6.68 17.91 35.37
N2 NAG JA . 4.92 18.24 33.71
O3 NAG JA . 3.71 19.57 31.44
O4 NAG JA . 1.34 18.29 30.40
O5 NAG JA . 3.13 15.48 31.97
O6 NAG JA . 2.08 15.34 29.15
O7 NAG JA . 7.07 18.23 33.03
O1 NLX KA . 33.12 -15.75 18.95
O2 NLX KA . 30.60 -14.71 17.57
O3 NLX KA . 27.89 -14.94 18.96
O4 NLX KA . 28.05 -10.79 17.29
N1 NLX KA . 30.57 -9.42 16.10
C1 NLX KA . 33.45 -12.06 19.16
C2 NLX KA . 33.73 -13.45 19.30
C3 NLX KA . 32.84 -14.42 18.79
C4 NLX KA . 31.64 -13.99 18.12
C5 NLX KA . 29.43 -13.77 17.47
C6 NLX KA . 28.43 -13.86 18.71
C7 NLX KA . 28.06 -12.65 19.61
C8 NLX KA . 28.98 -11.39 19.43
C9 NLX KA . 30.37 -9.75 17.66
C10 NLX KA . 31.80 -10.09 18.41
C11 NLX KA . 32.25 -11.61 18.52
C12 NLX KA . 31.37 -12.60 17.98
C13 NLX KA . 30.05 -12.33 17.23
C14 NLX KA . 29.32 -11.05 17.92
C15 NLX KA . 30.40 -12.05 15.68
C16 NLX KA . 31.06 -10.65 15.32
C17 NLX KA . 31.58 -8.26 15.85
C18 NLX KA . 31.39 -6.87 16.46
C19 NLX KA . 31.46 -5.73 15.76
C20 NLX KA . 29.28 -8.85 15.48
#